data_8ZOB
#
_entry.id   8ZOB
#
_cell.length_a   1.00
_cell.length_b   1.00
_cell.length_c   1.00
_cell.angle_alpha   90.00
_cell.angle_beta   90.00
_cell.angle_gamma   90.00
#
_symmetry.space_group_name_H-M   'P 1'
#
loop_
_entity.id
_entity.type
_entity.pdbx_description
1 polymer VCPI-5
2 polymer VCPI-4
3 polymer VCPI-3
4 polymer VCPI-2
5 polymer VCPI-1
6 polymer 'Photosystem I P700 chlorophyll a apoprotein A1'
7 polymer 'Photosystem I P700 chlorophyll a apoprotein A2'
8 polymer 'Photosystem I reaction center subunit II'
9 polymer 'Photosystem I reaction center subunit IV'
10 polymer 'Photosystem I reaction center subunit III'
11 polymer 'Photosystem I reaction center subunit VIII'
12 polymer 'Photosystem I reaction center subunit IX'
13 polymer 'PSI subunit V'
14 polymer PsaM
15 polymer PsaS
16 polymer 'Photosystem I iron-sulfur center'
17 non-polymer "(3S,5R,6S,3'S,5'R,6'S)-5,6,5',6'-DIEPOXY-5,6,5',6'- TETRAHYDRO-BETA,BETA-CAROTENE-3,3'-DIOL"
18 non-polymer (1~{R},3~{S})-6-[(3~{E},5~{E},7~{E},9~{E},11~{E},13~{E},15~{Z},17~{E})-16-(hydroxymethyl)-3,7,12-trimethyl-18-[(1~{S},4~{S},6~{R})-2,2,6-trimethyl-4-oxidanyl-7-oxabicyclo[4.1.0]heptan-1-yl]octadeca-1,3,5,7,9,11,13,15,17-nonaenylidene]-1,5,5-trimethyl-cyclohexane-1,3-diol
19 non-polymer 'CHLOROPHYLL A'
20 non-polymer 1,2-DI-O-ACYL-3-O-[6-DEOXY-6-SULFO-ALPHA-D-GLUCOPYRANOSYL]-SN-GLYCEROL
21 non-polymer 'DIGALACTOSYL DIACYL GLYCEROL (DGDG)'
22 non-polymer 1,2-DISTEAROYL-MONOGALACTOSYL-DIGLYCERIDE
23 non-polymer '[(2~{Z},4~{E},6~{E},8~{E},10~{E},12~{E},14~{E})-17-[(4~{S},6~{R})-4-acetyloxy-2,2,6-trimethyl-6-oxidanyl-cyclohexylidene]-6,11,15-trimethyl-2-[(~{E})-2-[(1~{S},4~{S},6~{R})-2,2,6-trimethyl-4-oxidanyl-7-oxabicyclo[4.1.0]heptan-1-yl]ethenyl]heptadeca-2,4,6,8,10,12,14,16-octaenyl] octanoate'
24 non-polymer PHYLLOQUINONE
25 non-polymer 1,2-DIPALMITOYL-PHOSPHATIDYL-GLYCEROLE
26 non-polymer BETA-CAROTENE
27 non-polymer 'IRON/SULFUR CLUSTER'
#
loop_
_entity_poly.entity_id
_entity_poly.type
_entity_poly.pdbx_seq_one_letter_code
_entity_poly.pdbx_strand_id
1 'polypeptide(L)'
;MFRKLALALLCSSAVAFQVPAPLTRGSVRLHAEGKPAAPPAAAPPAAAPAAAAPAAAAPAAAAVKPPPPPPPPKVFSKSV
PFLLKPAGLDGMVGDVGFDPLGFATFIDIRWLREAELKNGRVAMLAFLGFIVQEFIRLPGDLYSEPNGVKAFFQVGPQPL
LQIFLFCGFLEFNMHKGKLTQVDMFEDGKREPGNFGFDPLGFGKDPAKRERYALAELKNGRLAMIAIGGLVHHALVTGHA
TFSS
;
5
2 'polypeptide(L)'
;MKLLSFACLLGAATAFVPSMPTTTRTRGAVRMMAEKSKAVPFLPRPAALDGSVVGDVGFDPVGFTSWLPLSYLQEAEIKH
CRIAMLATLGWIVADFVHLPGAVHEVSSLAAHDVAVKSGALAQILIWTSIAEAISVIAISQMLEGSGRQPGDFKFDPLNF
AKDEKSLKKMQLSELKNGRLAMLAFSGIVTQAALTGHAFPYM
;
4
3 'polypeptide(L)'
;MKISFALAALLPCAAAFVAPAIPSVTSSTGTAAARGRTVMMAERSKSLPFLMKPKNLDGSMAGDVGFDPLGLSEINDVGV
DLYWLREAELKHCRLGMMAAAGILFVEILGPAPGFPAGKSQMDVFWKVYAEKPSLIGASLAAIAILEVISGVATTQGRQN
GDRAPGDYNFDPLGFGKDPAKFKDLQLKEVKNGRLAMIAAAGMILQGVSTHQGALENLSG
;
3
4 'polypeptide(L)'
;MRSITIVLAATAALSSAFVMPSTPKAPATQLSVKSKAVPFLEAPKALDGSLPADVGFDPLGLSDIGFDFTYLMVPTKWDE
SRTGLSALKWFREAEIKHGRFAMLAVLGWVAVDMGLRLPVAKYAGYNAVQAHDVFVKSGDMTVGLLAIGFLEVVMGAAIY
EMSKGSDRAAGEFSFDPLGLGKDPSKYARYQVSEIKNGRLAMLAFGGIATQAVLTNSGFPYYQ
;
2
5 'polypeptide(L)'
;MVGIHKTLLVAAVTMASVSAFVPPAPAAPRTRGVMKMGLDGMIGSSAPFKNFDPLGFAAKADQKTLNKYRESELKHGRVA
MLAVLGWIVQEFWHPLYDGKLSSNPLKALTEVPLIGWAQIFVAINVIEYLQNKIKELPGYRPGDYLGTWEWVEQSDEGWD
SYQTKELNNGRLAMVAIAGLIVQDLITGQAALEQITAGNTGVFSGLGK
;
1
6 'polypeptide(L)'
;MSTTRKSTIVDFNPVETSFEKWAKPGQFSRTLAKGPKTTTWIWNLHADAHDFDIQTNSLQEVSRKIFSAHFGQLAVIFLW
LSGMHFHGAYFSNYSAWLTNPTSTKPSAQIVWPIVGQEVLNADVGGNFQGIQITSGFFQLWRAEGITSEVELYWTAVGGL
VASFLMLFAGWFHYHKAAPKLEWFQNVESMLNHHLAGLLGLGSLSWAGHQIHIALPINKLLDLGVSPEEIPLPYEFILNR
DLIAQLYPSFNKGLTPFFTLNWGEYSDFLTFKGGLNPVTGGLWLTDTAHHHLAIAVLFIVAGHMYKTNWFLGHSIKTILE
AHKGPFTGEGHKGLYEVLTTSWHAQLAINLALFGSLSIIVAHHMYAMPPYPYIAIDYPTQLSLFTHHVWIGGFCIVGGAA
HGAIFFVRDYNAANNYNNLIDRVIRHRDAIISHLNWVCIFLGCHSFGLYVHNDTMRALGRSQDLFSDNAIALKPIFAQFI
QNLHTLAPGSTAPNALTTVSYAFGGDVISVGSKIAMMPISLGTADFLVHHIHAFTIHVTVLILLKGVLYSRNSRLIPDKA
NLGFRFPCDGPGRGGTCQVSAWDHVFLGLFWMYNSISIVIFHFSWKMQSDVWGTVSPTGAVSHITGGNFAQSSITINGWL
RDFLWSQAAQVVQSYGSSLSAYGLIFLGAHFIWAFSLMFLFSGRGYWQELIESIVWAHNKLKVAPSIQPRALSITQGRAV
GVAHYLLGGIGTTWAFFLARIISVG
;
a
7 'polypeptide(L)'
;MVYKFPKFSKALAEDPSTRRIWYGIATAHDFESHDAMTESKLYQKIFASHFGHIAIIFLWTAGNLFHVAWQGNFEAWILN
PLKVRPIAHAIWDPHFGQAAYKAFLKTSSPANLALSGVYEWWYTIGMRTNNDLYQGSFFLILLSSLLLFAGWLHLQPSFR
PSLDWFKANEYRLNHHLSGLFGVSSLAWTGHLVHVAIPESRGIHVGWDNFLTVLPHPEGLTPFFSGNWKAYAQNPDTASH
IFGSGEGSGTAILTFLGGFHPQTKSLWLTDMAHHHLAIAVLFIVAGHMYRTNWLIGHQMKLILEAHRPPGGRLGIGHIGL
YETITNSLHFQLGLALAALGVATSLTAQHMYALPPYAFLASNFPTQAALYTHHQYIAGFLMVGAFAHGAIFFVRDYDPAV
NTRNGEKNVLARMLEHKEAIISHLSWVSLFLGFHTLGIYVHNDVVVAFGQPEKQILVEPLFAEWIQAASGKTLYNFDLLL
ASSNSPASVASSQLWLPGWLSAINDGKNSLFLPIGPGDFLVHHAIALGLHTTTLILVKGALDARGSKLMPDKKDFGYSFP
CDGPGRGGTCDISAWDAFYLAMFWMLNTIGWVTFYWHWKHLTLWQGNQVQFNESSNYIMGWLRDYLWLNSSPLINGYNPF
GMNSLSVWAWMFLFGHLVWATGFMFLISWRGYWQELIETIVWAHERTPLANLVRWKDKPVALSIVQARLVGLAHFTIGYV
LTYAAFVIASTIGKLGY
;
b
8 'polypeptide(L)'
;MNLKLKQSDFPKFEGSTGGWLSAAKNEEKYVIIWTSKDASLFEMPTGGTAKMNAGNNVAYFARKEQCLALGSQLRGFKIT
NYKIFRIYPPLDITLLHPFDGVFPEKVNQGRSPVGKRDASIGGNPNPASLKFQSNT
;
d
9 'polypeptide(L)' MIQKGSTVRILRKESYWYNESGTVVVVDQSKVRYPVLVRFTKVNYAGTNTNNFGLNEVEEVVTKKSS e
10 'polypeptide(L)'
;MTKIVKFAFLPLLTFLGLPMISNADIGGLNPCKDSEVFQKRLAKTVKKLENRLKKYEEGTPPQIAIQQQITQTKQRFTRY
ADSNLLCGNDGLPHLITDGRWSHGSEFLLPSILFLYISGWIGWVGRKYIRTVGQTSNPTEKEIIIDVPLAISIMTSGFLW
PFAAWQEFLSGDLIASDETITTSPK
;
f
11 'polypeptide(L)' MSLDLLPSFFVPLVGLVLPLFSIIGLFLYIEKENREVFDPTTYKF i
12 'polypeptide(L)' MKDFLKYLSTAPVLLTAWLTFTAGFVIEINRFYPDALTFPF j
13 'polypeptide(L)'
;MVSFIKPYRQDPFVGHLATPITTSAFTRAYLKVLPAYRPGLTPLSRGAEIGFTHGYFLIGPFYTYGPLRSVEFSLTSLAA
GLLAAITLLLILTVGLSIYGQVTYDVYDNALIVKLVRQMVGSERTQDLPQIKGTSELDTVLGWQKFSEGFFSGGLIGSIV
AAVGIALYSTYL
;
l
14 'polypeptide(L)' MIYDSQVYIALVIAVVASVLAIRLGATLYN m
15 'polypeptide(L)'
;(UNK)(UNK)(UNK)(UNK)(UNK)(UNK)(UNK)(UNK)(UNK)(UNK)(UNK)(UNK)(UNK)(UNK)(UNK)(UNK)
(UNK)(UNK)(UNK)(UNK)(UNK)(UNK)(UNK)(UNK)(UNK)(UNK)(UNK)(UNK)(UNK)(UNK)(UNK)(UNK)
(UNK)(UNK)(UNK)(UNK)(UNK)(UNK)(UNK)(UNK)(UNK)(UNK)(UNK)(UNK)(UNK)(UNK)(UNK)(UNK)
(UNK)(UNK)(UNK)(UNK)(UNK)(UNK)(UNK)
;
g
16 'polypeptide(L)'
;MSHTVKIYDTCIGCTQCVRACPTDVLEMVPWDGCKAGQIASAPRTEDCVGCKRCETACPTDFLSVRVYLGGETTRSLGLA
Y
;
c
#
loop_
_chem_comp.id
_chem_comp.type
_chem_comp.name
_chem_comp.formula
A1L1F non-polymer '[(2~{Z},4~{E},6~{E},8~{E},10~{E},12~{E},14~{E})-17-[(4~{S},6~{R})-4-acetyloxy-2,2,6-trimethyl-6-oxidanyl-cyclohexylidene]-6,11,15-trimethyl-2-[(~{E})-2-[(1~{S},4~{S},6~{R})-2,2,6-trimethyl-4-oxidanyl-7-oxabicyclo[4.1.0]heptan-1-yl]ethenyl]heptadeca-2,4,6,8,10,12,14,16-octaenyl] octanoate' 'C50 H72 O7'
A1L1G non-polymer (1~{R},3~{S})-6-[(3~{E},5~{E},7~{E},9~{E},11~{E},13~{E},15~{Z},17~{E})-16-(hydroxymethyl)-3,7,12-trimethyl-18-[(1~{S},4~{S},6~{R})-2,2,6-trimethyl-4-oxidanyl-7-oxabicyclo[4.1.0]heptan-1-yl]octadeca-1,3,5,7,9,11,13,15,17-nonaenylidene]-1,5,5-trimethyl-cyclohexane-1,3-diol 'C40 H56 O5'
BCR non-polymer BETA-CAROTENE 'C40 H56'
CLA non-polymer 'CHLOROPHYLL A' 'C55 H72 Mg N4 O5'
DGD saccharide 'DIGALACTOSYL DIACYL GLYCEROL (DGDG)' 'C51 H96 O15'
LHG non-polymer 1,2-DIPALMITOYL-PHOSPHATIDYL-GLYCEROLE 'C38 H75 O10 P'
LMG non-polymer 1,2-DISTEAROYL-MONOGALACTOSYL-DIGLYCERIDE 'C45 H86 O10'
PQN non-polymer PHYLLOQUINONE 'C31 H46 O2'
SF4 non-polymer 'IRON/SULFUR CLUSTER' 'Fe4 S4'
SQD non-polymer 1,2-DI-O-ACYL-3-O-[6-DEOXY-6-SULFO-ALPHA-D-GLUCOPYRANOSYL]-SN-GLYCEROL 'C41 H78 O12 S'
XAT non-polymer '(3S,5R,6S,3'S,5'R,6'S)-5,6,5',6'-DIEPOXY-5,6,5',6'- TETRAHYDRO-BETA,BETA-CAROTENE-3,3'-DIOL' 'C40 H56 O4'
#
# COMPACT_ATOMS: atom_id res chain seq x y z
N LYS A 74 30.22 40.73 33.41
CA LYS A 74 30.08 40.84 31.97
C LYS A 74 30.58 42.21 31.48
N VAL A 75 31.13 42.23 30.27
CA VAL A 75 31.77 43.45 29.76
C VAL A 75 30.78 44.33 29.02
N PHE A 76 30.01 43.74 28.10
CA PHE A 76 29.07 44.44 27.23
C PHE A 76 29.79 45.28 26.19
N SER A 77 29.26 45.33 24.97
CA SER A 77 29.94 45.99 23.87
C SER A 77 29.92 47.51 24.06
N LYS A 78 30.91 48.17 23.45
CA LYS A 78 30.98 49.62 23.49
C LYS A 78 30.07 50.25 22.44
N SER A 79 29.96 49.64 21.27
CA SER A 79 29.07 50.16 20.25
C SER A 79 27.62 49.86 20.59
N VAL A 80 27.26 48.59 20.70
CA VAL A 80 25.93 48.18 21.09
C VAL A 80 25.93 47.93 22.59
N PRO A 81 25.54 48.91 23.41
CA PRO A 81 25.79 48.81 24.86
C PRO A 81 24.93 47.77 25.56
N PHE A 82 23.84 47.32 24.96
CA PHE A 82 22.97 46.32 25.58
C PHE A 82 23.32 44.90 25.16
N LEU A 83 24.43 44.71 24.44
CA LEU A 83 24.85 43.40 23.99
C LEU A 83 26.22 43.07 24.56
N LEU A 84 26.45 41.77 24.79
CA LEU A 84 27.74 41.32 25.30
C LEU A 84 28.83 41.59 24.27
N LYS A 85 30.05 41.77 24.76
CA LYS A 85 31.17 42.08 23.89
C LYS A 85 31.46 40.91 22.97
N PRO A 86 31.48 41.12 21.65
CA PRO A 86 31.78 40.02 20.73
C PRO A 86 33.22 39.56 20.85
N ALA A 87 33.45 38.30 20.51
CA ALA A 87 34.77 37.69 20.62
C ALA A 87 35.47 37.67 19.26
N GLY A 88 36.79 37.61 19.32
CA GLY A 88 37.61 37.50 18.13
C GLY A 88 37.99 38.81 17.45
N LEU A 89 37.58 39.95 18.01
CA LEU A 89 37.88 41.25 17.42
C LEU A 89 39.00 42.00 18.14
N ASP A 90 39.62 41.38 19.14
CA ASP A 90 40.44 42.11 20.11
C ASP A 90 41.54 42.92 19.43
N GLY A 91 42.48 42.24 18.77
CA GLY A 91 43.63 42.93 18.22
C GLY A 91 43.40 43.44 16.80
N MET A 92 42.46 44.38 16.64
CA MET A 92 42.14 44.90 15.33
C MET A 92 42.20 46.42 15.36
N VAL A 93 42.17 47.03 14.17
CA VAL A 93 42.37 48.47 14.02
C VAL A 93 41.04 49.19 13.79
N GLY A 94 39.93 48.53 14.02
CA GLY A 94 38.63 49.17 13.90
C GLY A 94 37.66 48.68 14.95
N ASP A 95 38.19 48.05 16.00
CA ASP A 95 37.37 47.41 17.02
C ASP A 95 36.57 48.48 17.78
N VAL A 96 35.25 48.49 17.56
CA VAL A 96 34.33 49.17 18.45
C VAL A 96 33.36 48.20 19.09
N GLY A 97 33.63 46.89 18.97
CA GLY A 97 32.75 45.89 19.53
C GLY A 97 31.47 45.68 18.76
N PHE A 98 31.45 45.99 17.47
CA PHE A 98 30.25 45.90 16.65
C PHE A 98 30.24 44.55 15.93
N ASP A 99 29.51 43.59 16.51
CA ASP A 99 29.24 42.31 15.86
C ASP A 99 28.05 41.65 16.52
N PRO A 100 26.85 42.23 16.42
CA PRO A 100 25.68 41.62 17.07
C PRO A 100 25.37 40.23 16.56
N LEU A 101 25.57 39.97 15.27
CA LEU A 101 25.27 38.67 14.70
C LEU A 101 26.42 37.67 14.88
N GLY A 102 27.55 38.10 15.43
CA GLY A 102 28.65 37.19 15.68
C GLY A 102 29.24 36.58 14.43
N PHE A 103 29.37 37.36 13.36
CA PHE A 103 29.95 36.85 12.12
C PHE A 103 31.40 36.45 12.30
N ALA A 104 32.11 37.04 13.26
CA ALA A 104 33.50 36.70 13.51
C ALA A 104 33.66 35.37 14.23
N THR A 105 32.57 34.76 14.71
CA THR A 105 32.68 33.50 15.43
C THR A 105 32.71 32.32 14.47
N PHE A 106 31.91 32.34 13.42
CA PHE A 106 31.85 31.25 12.46
C PHE A 106 32.53 31.58 11.13
N ILE A 107 33.18 32.74 11.04
CA ILE A 107 33.99 33.10 9.87
C ILE A 107 35.32 33.64 10.40
N ASP A 108 36.41 33.29 9.71
CA ASP A 108 37.73 33.74 10.13
C ASP A 108 37.79 35.26 10.14
N ILE A 109 38.30 35.83 11.24
CA ILE A 109 38.35 37.27 11.37
C ILE A 109 39.34 37.89 10.38
N ARG A 110 40.44 37.19 10.10
CA ARG A 110 41.39 37.69 9.11
C ARG A 110 40.75 37.77 7.73
N TRP A 111 40.01 36.73 7.34
CA TRP A 111 39.31 36.77 6.06
C TRP A 111 38.26 37.86 6.05
N LEU A 112 37.57 38.05 7.18
CA LEU A 112 36.56 39.09 7.25
C LEU A 112 37.16 40.47 7.08
N ARG A 113 38.32 40.72 7.70
CA ARG A 113 38.96 42.02 7.53
C ARG A 113 39.49 42.19 6.11
N GLU A 114 40.05 41.13 5.52
CA GLU A 114 40.49 41.22 4.14
C GLU A 114 39.34 41.56 3.21
N ALA A 115 38.20 40.91 3.42
CA ALA A 115 37.03 41.17 2.59
C ALA A 115 36.48 42.57 2.83
N GLU A 116 36.45 43.02 4.09
CA GLU A 116 35.97 44.36 4.36
C GLU A 116 36.86 45.41 3.71
N LEU A 117 38.18 45.24 3.81
CA LEU A 117 39.10 46.20 3.21
C LEU A 117 38.97 46.20 1.69
N LYS A 118 38.88 45.02 1.07
CA LYS A 118 38.77 44.98 -0.39
C LYS A 118 37.45 45.58 -0.86
N ASN A 119 36.35 45.24 -0.18
CA ASN A 119 35.05 45.83 -0.54
C ASN A 119 35.09 47.34 -0.37
N GLY A 120 35.70 47.82 0.71
CA GLY A 120 35.79 49.26 0.92
C GLY A 120 36.60 49.95 -0.15
N ARG A 121 37.76 49.39 -0.48
CA ARG A 121 38.60 50.01 -1.50
C ARG A 121 37.91 50.02 -2.86
N VAL A 122 37.26 48.91 -3.22
CA VAL A 122 36.53 48.85 -4.49
C VAL A 122 35.41 49.87 -4.49
N ALA A 123 34.70 50.01 -3.37
CA ALA A 123 33.60 50.97 -3.28
C ALA A 123 34.10 52.40 -3.40
N MET A 124 35.23 52.72 -2.76
CA MET A 124 35.81 54.05 -2.89
C MET A 124 36.19 54.35 -4.33
N LEU A 125 36.88 53.42 -4.99
CA LEU A 125 37.24 53.63 -6.38
C LEU A 125 36.02 53.78 -7.25
N ALA A 126 34.96 53.02 -6.96
CA ALA A 126 33.76 53.07 -7.78
C ALA A 126 32.97 54.36 -7.57
N PHE A 127 32.96 54.88 -6.34
CA PHE A 127 32.32 56.16 -6.08
C PHE A 127 33.06 57.29 -6.80
N LEU A 128 34.39 57.29 -6.69
CA LEU A 128 35.18 58.26 -7.44
C LEU A 128 34.94 58.11 -8.94
N GLY A 129 34.79 56.86 -9.40
CA GLY A 129 34.49 56.62 -10.80
C GLY A 129 33.17 57.22 -11.22
N PHE A 130 32.13 57.07 -10.39
CA PHE A 130 30.87 57.75 -10.67
C PHE A 130 31.06 59.24 -10.84
N ILE A 131 31.68 59.87 -9.85
CA ILE A 131 31.74 61.33 -9.84
C ILE A 131 32.55 61.84 -11.03
N VAL A 132 33.64 61.13 -11.37
CA VAL A 132 34.44 61.54 -12.52
C VAL A 132 33.71 61.26 -13.83
N GLN A 133 33.05 60.09 -13.93
CA GLN A 133 32.38 59.71 -15.17
C GLN A 133 31.30 60.70 -15.54
N GLU A 134 30.47 61.10 -14.57
CA GLU A 134 29.41 62.05 -14.90
C GLU A 134 29.97 63.41 -15.25
N PHE A 135 31.17 63.74 -14.75
CA PHE A 135 31.81 65.02 -15.02
C PHE A 135 32.67 64.99 -16.28
N ILE A 136 33.68 64.11 -16.31
CA ILE A 136 34.74 64.21 -17.30
C ILE A 136 34.42 63.39 -18.55
N ARG A 137 34.32 62.07 -18.38
CA ARG A 137 34.12 61.12 -19.48
C ARG A 137 35.29 61.12 -20.46
N LEU A 138 35.34 60.10 -21.34
CA LEU A 138 36.36 59.94 -22.36
C LEU A 138 35.81 60.33 -23.72
N PRO A 139 36.68 60.75 -24.65
CA PRO A 139 36.22 60.97 -26.03
C PRO A 139 35.77 59.68 -26.68
N GLY A 140 34.77 59.79 -27.54
CA GLY A 140 34.23 58.63 -28.23
C GLY A 140 32.74 58.46 -28.05
N ASP A 141 32.09 57.79 -29.00
CA ASP A 141 30.66 57.59 -28.91
C ASP A 141 30.29 56.64 -27.78
N LEU A 142 31.10 55.61 -27.56
CA LEU A 142 30.80 54.65 -26.49
C LEU A 142 30.84 55.31 -25.12
N TYR A 143 31.82 56.16 -24.88
CA TYR A 143 32.01 56.77 -23.57
C TYR A 143 31.36 58.14 -23.53
N SER A 144 30.02 58.13 -23.58
CA SER A 144 29.26 59.37 -23.65
C SER A 144 28.01 59.32 -22.78
N GLU A 145 28.01 58.50 -21.74
CA GLU A 145 26.84 58.41 -20.86
C GLU A 145 27.17 58.97 -19.49
N PRO A 146 26.58 60.09 -19.08
CA PRO A 146 26.82 60.60 -17.72
C PRO A 146 26.30 59.68 -16.64
N ASN A 147 25.36 58.79 -16.94
CA ASN A 147 24.81 57.87 -15.95
C ASN A 147 25.66 56.60 -15.92
N GLY A 148 26.14 56.25 -14.72
CA GLY A 148 26.99 55.07 -14.61
C GLY A 148 26.27 53.78 -14.95
N VAL A 149 25.02 53.65 -14.51
CA VAL A 149 24.26 52.43 -14.76
C VAL A 149 24.03 52.25 -16.25
N LYS A 150 23.66 53.32 -16.96
CA LYS A 150 23.47 53.22 -18.39
C LYS A 150 24.81 53.12 -19.11
N ALA A 151 25.87 53.70 -18.55
CA ALA A 151 27.20 53.54 -19.12
C ALA A 151 27.66 52.10 -19.07
N PHE A 152 27.22 51.35 -18.04
CA PHE A 152 27.57 49.94 -17.97
C PHE A 152 27.05 49.17 -19.16
N PHE A 153 25.91 49.59 -19.72
CA PHE A 153 25.33 48.91 -20.88
C PHE A 153 25.82 49.48 -22.19
N GLN A 154 25.97 50.81 -22.29
CA GLN A 154 26.39 51.42 -23.54
C GLN A 154 27.81 51.03 -23.89
N VAL A 155 28.68 50.89 -22.89
CA VAL A 155 30.09 50.62 -23.14
C VAL A 155 30.28 49.27 -23.83
N GLY A 156 29.33 48.35 -23.68
CA GLY A 156 29.42 47.06 -24.31
C GLY A 156 30.17 46.06 -23.45
N PRO A 157 30.18 44.79 -23.86
CA PRO A 157 30.82 43.76 -23.05
C PRO A 157 32.34 43.73 -23.20
N GLN A 158 32.84 44.16 -24.36
CA GLN A 158 34.28 44.09 -24.60
C GLN A 158 35.10 44.92 -23.62
N PRO A 159 34.81 46.21 -23.38
CA PRO A 159 35.59 46.94 -22.36
C PRO A 159 35.41 46.39 -20.96
N LEU A 160 34.21 45.89 -20.62
CA LEU A 160 33.98 45.39 -19.27
C LEU A 160 34.72 44.08 -19.04
N LEU A 161 34.73 43.18 -20.02
CA LEU A 161 35.41 41.91 -19.86
C LEU A 161 36.91 42.10 -19.71
N GLN A 162 37.49 43.11 -20.37
CA GLN A 162 38.90 43.41 -20.17
C GLN A 162 39.17 43.86 -18.74
N ILE A 163 38.28 44.68 -18.18
CA ILE A 163 38.40 45.07 -16.77
C ILE A 163 38.30 43.85 -15.87
N PHE A 164 37.38 42.94 -16.19
CA PHE A 164 37.22 41.72 -15.40
C PHE A 164 38.50 40.89 -15.43
N LEU A 165 39.09 40.71 -16.61
CA LEU A 165 40.30 39.91 -16.73
C LEU A 165 41.48 40.59 -16.05
N PHE A 166 41.58 41.92 -16.16
CA PHE A 166 42.66 42.63 -15.50
C PHE A 166 42.53 42.54 -13.99
N CYS A 167 41.30 42.66 -13.47
CA CYS A 167 41.09 42.50 -12.04
C CYS A 167 41.43 41.09 -11.59
N GLY A 168 41.12 40.09 -12.42
CA GLY A 168 41.52 38.72 -12.10
C GLY A 168 43.02 38.54 -12.06
N PHE A 169 43.73 39.10 -13.04
CA PHE A 169 45.19 39.06 -13.04
C PHE A 169 45.74 39.72 -11.78
N LEU A 170 45.20 40.88 -11.42
CA LEU A 170 45.61 41.54 -10.19
C LEU A 170 45.36 40.65 -8.98
N GLU A 171 44.17 40.06 -8.89
CA GLU A 171 43.85 39.21 -7.75
C GLU A 171 44.85 38.07 -7.64
N PHE A 172 45.15 37.40 -8.76
CA PHE A 172 46.09 36.29 -8.74
C PHE A 172 47.48 36.74 -8.27
N ASN A 173 48.01 37.83 -8.84
CA ASN A 173 49.39 38.20 -8.55
C ASN A 173 49.54 38.84 -7.17
N MET A 174 48.52 39.54 -6.68
CA MET A 174 48.61 40.20 -5.38
C MET A 174 48.53 39.22 -4.22
N HIS A 175 47.70 38.18 -4.34
CA HIS A 175 47.63 37.17 -3.29
C HIS A 175 48.57 35.99 -3.53
N LYS A 176 49.27 35.98 -4.66
CA LYS A 176 50.29 34.97 -4.95
C LYS A 176 49.70 33.56 -4.89
N GLY A 177 48.67 33.34 -5.69
CA GLY A 177 48.05 32.03 -5.81
C GLY A 177 46.97 31.69 -4.81
N LYS A 178 47.25 31.86 -3.52
CA LYS A 178 46.30 31.53 -2.48
C LYS A 178 45.19 32.57 -2.48
N LEU A 179 44.05 32.24 -3.11
CA LEU A 179 42.97 33.18 -3.31
C LEU A 179 41.69 32.86 -2.57
N THR A 180 41.57 31.66 -2.00
CA THR A 180 40.31 31.21 -1.44
C THR A 180 40.29 31.37 0.09
N GLN A 181 39.11 31.16 0.66
CA GLN A 181 38.95 31.31 2.10
C GLN A 181 39.75 30.25 2.85
N VAL A 182 39.85 29.04 2.30
CA VAL A 182 40.58 27.98 2.99
C VAL A 182 42.08 28.07 2.69
N ASP A 183 42.46 28.61 1.53
CA ASP A 183 43.88 28.67 1.18
C ASP A 183 44.57 29.89 1.77
N MET A 184 43.93 31.06 1.70
CA MET A 184 44.48 32.25 2.32
C MET A 184 44.50 32.09 3.83
N PHE A 185 45.54 32.63 4.47
CA PHE A 185 45.74 32.59 5.90
C PHE A 185 45.92 31.16 6.43
N GLU A 186 46.12 30.20 5.54
CA GLU A 186 46.40 28.83 5.99
C GLU A 186 47.76 28.76 6.67
N ASP A 187 48.75 29.45 6.14
CA ASP A 187 50.09 29.51 6.73
C ASP A 187 50.28 30.72 7.64
N GLY A 188 49.26 31.54 7.81
CA GLY A 188 49.44 32.77 8.58
C GLY A 188 50.33 33.74 7.83
N LYS A 189 51.19 34.43 8.58
CA LYS A 189 52.17 35.40 8.08
C LYS A 189 51.59 36.30 6.99
N ARG A 190 50.36 36.76 7.20
CA ARG A 190 49.67 37.59 6.20
C ARG A 190 48.73 38.53 6.96
N GLU A 191 49.16 39.77 7.14
CA GLU A 191 48.30 40.76 7.78
C GLU A 191 47.11 41.06 6.88
N PRO A 192 45.89 41.00 7.39
CA PRO A 192 44.71 41.20 6.54
C PRO A 192 44.73 42.57 5.86
N GLY A 193 44.62 42.55 4.53
CA GLY A 193 44.65 43.76 3.74
C GLY A 193 46.01 44.32 3.43
N ASN A 194 47.08 43.64 3.84
CA ASN A 194 48.45 44.14 3.68
C ASN A 194 49.05 43.57 2.41
N PHE A 195 48.92 44.32 1.31
CA PHE A 195 49.55 43.96 0.05
C PHE A 195 50.94 44.54 -0.10
N GLY A 196 51.40 45.33 0.86
CA GLY A 196 52.68 45.99 0.72
C GLY A 196 52.69 47.15 -0.25
N PHE A 197 51.52 47.57 -0.73
CA PHE A 197 51.42 48.64 -1.72
C PHE A 197 51.58 49.98 -1.02
N ASP A 198 52.73 50.62 -1.24
CA ASP A 198 53.01 51.93 -0.66
C ASP A 198 54.13 52.62 -1.42
N PRO A 199 53.91 52.97 -2.70
CA PRO A 199 55.00 53.60 -3.46
C PRO A 199 55.30 55.03 -3.02
N LEU A 200 54.27 55.79 -2.68
CA LEU A 200 54.48 57.18 -2.28
C LEU A 200 55.09 57.32 -0.89
N GLY A 201 55.18 56.23 -0.14
CA GLY A 201 55.86 56.25 1.14
C GLY A 201 55.04 56.71 2.32
N PHE A 202 53.75 57.01 2.14
CA PHE A 202 52.90 57.39 3.26
C PHE A 202 52.70 56.18 4.17
N GLY A 203 53.18 56.28 5.41
CA GLY A 203 53.04 55.17 6.33
C GLY A 203 54.35 54.69 6.92
N LYS A 204 55.44 55.40 6.60
CA LYS A 204 56.72 55.07 7.23
C LYS A 204 56.68 55.29 8.73
N ASP A 205 56.07 56.37 9.17
CA ASP A 205 55.94 56.64 10.59
C ASP A 205 54.86 55.74 11.18
N PRO A 206 55.19 54.91 12.18
CA PRO A 206 54.16 54.02 12.75
C PRO A 206 53.14 54.75 13.62
N ALA A 207 53.43 55.98 14.06
CA ALA A 207 52.49 56.70 14.90
C ALA A 207 51.20 57.02 14.15
N LYS A 208 51.32 57.50 12.92
CA LYS A 208 50.16 57.81 12.09
C LYS A 208 49.63 56.61 11.32
N ARG A 209 50.31 55.46 11.40
CA ARG A 209 49.88 54.29 10.66
C ARG A 209 48.53 53.78 11.15
N GLU A 210 48.34 53.73 12.47
CA GLU A 210 47.07 53.27 13.02
C GLU A 210 45.93 54.21 12.64
N ARG A 211 46.18 55.52 12.70
CA ARG A 211 45.17 56.48 12.30
C ARG A 211 44.83 56.33 10.82
N TYR A 212 45.84 56.11 9.98
CA TYR A 212 45.58 55.91 8.56
C TYR A 212 44.76 54.65 8.32
N ALA A 213 45.06 53.57 9.06
CA ALA A 213 44.29 52.33 8.91
C ALA A 213 42.84 52.54 9.31
N LEU A 214 42.61 53.22 10.43
CA LEU A 214 41.24 53.48 10.86
C LEU A 214 40.52 54.38 9.87
N ALA A 215 41.19 55.39 9.34
CA ALA A 215 40.59 56.27 8.36
C ALA A 215 40.23 55.51 7.09
N GLU A 216 41.12 54.61 6.65
CA GLU A 216 40.83 53.79 5.47
C GLU A 216 39.61 52.92 5.71
N LEU A 217 39.52 52.29 6.88
CA LEU A 217 38.38 51.44 7.18
C LEU A 217 37.07 52.23 7.19
N LYS A 218 37.07 53.39 7.86
CA LYS A 218 35.86 54.19 7.94
C LYS A 218 35.45 54.72 6.56
N ASN A 219 36.43 55.17 5.78
CA ASN A 219 36.13 55.65 4.44
C ASN A 219 35.61 54.52 3.55
N GLY A 220 36.17 53.31 3.72
CA GLY A 220 35.68 52.19 2.95
C GLY A 220 34.23 51.84 3.28
N ARG A 221 33.88 51.84 4.55
CA ARG A 221 32.50 51.56 4.94
C ARG A 221 31.56 52.64 4.42
N LEU A 222 31.94 53.90 4.60
CA LEU A 222 31.13 55.00 4.08
C LEU A 222 30.97 54.90 2.57
N ALA A 223 32.02 54.45 1.88
CA ALA A 223 31.97 54.34 0.43
C ALA A 223 31.13 53.15 -0.01
N MET A 224 31.08 52.08 0.78
CA MET A 224 30.13 51.00 0.48
C MET A 224 28.70 51.51 0.56
N ILE A 225 28.38 52.24 1.63
CA ILE A 225 27.03 52.78 1.76
C ILE A 225 26.73 53.74 0.60
N ALA A 226 27.71 54.60 0.27
CA ALA A 226 27.49 55.60 -0.77
C ALA A 226 27.45 54.97 -2.16
N ILE A 227 28.19 53.89 -2.39
CA ILE A 227 28.16 53.23 -3.69
C ILE A 227 26.80 52.60 -3.91
N GLY A 228 26.25 51.97 -2.87
CA GLY A 228 24.88 51.49 -2.96
C GLY A 228 23.90 52.61 -3.21
N GLY A 229 24.07 53.73 -2.50
CA GLY A 229 23.17 54.86 -2.67
C GLY A 229 23.19 55.41 -4.08
N LEU A 230 24.38 55.62 -4.63
CA LEU A 230 24.48 56.18 -5.98
C LEU A 230 23.91 55.22 -7.02
N VAL A 231 24.24 53.93 -6.91
CA VAL A 231 23.72 52.96 -7.87
C VAL A 231 22.20 52.95 -7.84
N HIS A 232 21.61 52.97 -6.64
CA HIS A 232 20.16 52.90 -6.55
C HIS A 232 19.48 54.22 -6.91
N HIS A 233 20.16 55.35 -6.72
CA HIS A 233 19.63 56.62 -7.23
C HIS A 233 19.55 56.59 -8.75
N ALA A 234 20.60 56.07 -9.40
CA ALA A 234 20.57 55.99 -10.86
C ALA A 234 19.47 55.06 -11.36
N LEU A 235 19.12 54.05 -10.55
CA LEU A 235 18.09 53.10 -10.98
C LEU A 235 16.68 53.67 -10.83
N VAL A 236 16.44 54.45 -9.77
CA VAL A 236 15.09 54.95 -9.51
C VAL A 236 14.80 56.26 -10.24
N THR A 237 15.83 56.99 -10.67
CA THR A 237 15.65 58.25 -11.39
C THR A 237 16.08 58.12 -12.85
N GLY A 238 17.32 57.70 -13.10
CA GLY A 238 17.79 57.41 -14.43
C GLY A 238 18.68 58.47 -15.05
N HIS A 239 18.70 59.68 -14.50
CA HIS A 239 19.45 60.76 -15.16
C HIS A 239 20.93 60.71 -14.79
N ALA A 240 21.25 60.97 -13.53
CA ALA A 240 22.64 61.10 -13.07
C ALA A 240 22.62 61.25 -11.55
N THR A 241 23.80 61.51 -10.97
CA THR A 241 23.91 61.81 -9.55
C THR A 241 23.92 63.31 -9.28
N PHE A 242 24.66 64.08 -10.08
CA PHE A 242 24.81 65.52 -9.89
C PHE A 242 25.34 65.87 -8.51
N GLU B 35 1.03 34.63 49.06
CA GLU B 35 -0.39 34.34 49.22
C GLU B 35 -1.21 35.62 49.17
N LYS B 36 -2.40 35.55 48.58
CA LYS B 36 -3.35 36.65 48.53
C LYS B 36 -2.73 37.86 47.82
N SER B 37 -2.51 37.69 46.52
CA SER B 37 -1.90 38.71 45.68
C SER B 37 -2.55 40.07 45.89
N LYS B 38 -1.77 41.12 45.69
CA LYS B 38 -2.22 42.47 45.99
C LYS B 38 -3.39 42.88 45.10
N ALA B 39 -3.25 42.67 43.78
CA ALA B 39 -4.27 43.09 42.84
C ALA B 39 -5.59 42.38 43.13
N VAL B 40 -5.62 41.07 42.93
CA VAL B 40 -6.83 40.31 43.22
C VAL B 40 -6.69 39.75 44.63
N PRO B 41 -7.33 40.37 45.63
CA PRO B 41 -7.07 39.96 47.02
C PRO B 41 -7.57 38.58 47.37
N PHE B 42 -8.51 38.01 46.60
CA PHE B 42 -9.02 36.68 46.87
C PHE B 42 -8.31 35.60 46.06
N LEU B 43 -7.38 35.97 45.19
CA LEU B 43 -6.61 35.00 44.45
C LEU B 43 -5.23 34.83 45.08
N PRO B 44 -4.65 33.64 44.99
CA PRO B 44 -3.29 33.43 45.52
C PRO B 44 -2.26 34.21 44.70
N ARG B 45 -1.14 34.48 45.34
CA ARG B 45 -0.05 35.14 44.64
C ARG B 45 0.43 34.27 43.50
N PRO B 46 0.72 34.84 42.33
CA PRO B 46 1.05 34.02 41.15
C PRO B 46 2.28 33.14 41.30
N ALA B 47 2.96 33.23 42.45
CA ALA B 47 4.09 32.38 42.84
C ALA B 47 5.34 32.63 42.00
N ALA B 48 5.27 33.48 40.98
CA ALA B 48 6.44 33.86 40.22
C ALA B 48 6.74 35.35 40.29
N LEU B 49 5.86 36.14 40.91
CA LEU B 49 5.99 37.59 41.02
C LEU B 49 5.94 37.93 42.51
N ASP B 50 7.09 37.89 43.19
CA ASP B 50 7.05 38.13 44.63
C ASP B 50 7.01 39.62 44.95
N GLY B 51 8.13 40.32 44.75
CA GLY B 51 8.11 41.78 44.76
C GLY B 51 9.12 42.43 43.85
N SER B 52 10.04 41.65 43.29
CA SER B 52 11.26 42.22 42.71
C SER B 52 11.14 42.48 41.22
N VAL B 53 10.05 43.13 40.82
CA VAL B 53 9.84 43.58 39.45
C VAL B 53 9.08 44.89 39.52
N VAL B 54 9.45 45.84 38.65
CA VAL B 54 8.73 47.11 38.56
C VAL B 54 7.34 46.86 38.00
N GLY B 55 6.34 47.50 38.59
CA GLY B 55 4.96 47.28 38.19
C GLY B 55 4.45 45.90 38.49
N ASP B 56 4.73 45.38 39.68
CA ASP B 56 4.36 44.03 40.09
C ASP B 56 3.33 44.13 41.20
N VAL B 57 2.05 44.15 40.82
CA VAL B 57 0.96 44.10 41.78
C VAL B 57 0.40 42.69 41.92
N GLY B 58 1.13 41.68 41.47
CA GLY B 58 0.68 40.31 41.55
C GLY B 58 -0.53 40.00 40.71
N PHE B 59 -0.58 40.53 39.48
CA PHE B 59 -1.72 40.32 38.59
C PHE B 59 -1.35 39.29 37.54
N ASP B 60 -1.72 38.04 37.80
CA ASP B 60 -1.60 36.95 36.82
C ASP B 60 -2.60 35.87 37.16
N PRO B 61 -3.90 36.14 37.03
CA PRO B 61 -4.90 35.13 37.41
C PRO B 61 -4.80 33.83 36.64
N VAL B 62 -4.47 33.89 35.35
CA VAL B 62 -4.47 32.70 34.51
C VAL B 62 -3.07 32.10 34.47
N GLY B 63 -2.17 32.62 35.29
CA GLY B 63 -0.86 32.01 35.49
C GLY B 63 0.01 31.93 34.25
N PHE B 64 0.10 33.02 33.49
CA PHE B 64 0.99 33.01 32.33
C PHE B 64 2.44 32.86 32.73
N THR B 65 2.82 33.38 33.91
CA THR B 65 4.18 33.28 34.40
C THR B 65 4.54 31.89 34.91
N SER B 66 3.57 30.99 35.02
CA SER B 66 3.84 29.66 35.54
C SER B 66 4.47 28.74 34.50
N TRP B 67 4.38 29.08 33.22
CA TRP B 67 4.97 28.25 32.17
C TRP B 67 5.74 29.06 31.13
N LEU B 68 5.94 30.36 31.37
CA LEU B 68 6.75 31.18 30.49
C LEU B 68 7.78 31.95 31.30
N PRO B 69 8.94 32.23 30.73
CA PRO B 69 9.95 32.99 31.46
C PRO B 69 9.44 34.38 31.81
N LEU B 70 9.78 34.84 33.02
CA LEU B 70 9.35 36.16 33.45
C LEU B 70 10.00 37.26 32.63
N SER B 71 11.30 37.11 32.34
CA SER B 71 12.00 38.11 31.55
C SER B 71 11.41 38.23 30.15
N TYR B 72 11.04 37.10 29.55
CA TYR B 72 10.43 37.12 28.22
C TYR B 72 9.12 37.90 28.22
N LEU B 73 8.26 37.62 29.20
CA LEU B 73 6.98 38.32 29.30
C LEU B 73 7.19 39.80 29.58
N GLN B 74 8.15 40.13 30.44
CA GLN B 74 8.43 41.54 30.72
C GLN B 74 8.90 42.28 29.47
N GLU B 75 9.78 41.65 28.69
CA GLU B 75 10.24 42.25 27.45
C GLU B 75 9.09 42.45 26.47
N ALA B 76 8.22 41.44 26.36
CA ALA B 76 7.07 41.56 25.47
C ALA B 76 6.15 42.70 25.91
N GLU B 77 5.89 42.80 27.21
CA GLU B 77 5.02 43.86 27.71
C GLU B 77 5.61 45.23 27.46
N ILE B 78 6.91 45.40 27.70
CA ILE B 78 7.53 46.70 27.51
C ILE B 78 7.56 47.07 26.04
N LYS B 79 7.84 46.09 25.16
CA LYS B 79 7.80 46.34 23.73
C LYS B 79 6.41 46.78 23.29
N HIS B 80 5.37 46.09 23.78
CA HIS B 80 4.00 46.48 23.46
C HIS B 80 3.71 47.88 23.97
N CYS B 81 4.16 48.19 25.18
CA CYS B 81 3.92 49.51 25.76
C CYS B 81 4.51 50.61 24.86
N ARG B 82 5.78 50.45 24.48
CA ARG B 82 6.42 51.48 23.67
C ARG B 82 5.77 51.59 22.29
N ILE B 83 5.51 50.44 21.65
CA ILE B 83 4.91 50.45 20.32
C ILE B 83 3.55 51.14 20.35
N ALA B 84 2.73 50.81 21.35
CA ALA B 84 1.39 51.36 21.40
C ALA B 84 1.40 52.83 21.82
N MET B 85 2.37 53.25 22.63
CA MET B 85 2.47 54.67 22.93
C MET B 85 2.78 55.46 21.67
N LEU B 86 3.78 55.01 20.90
CA LEU B 86 4.09 55.66 19.63
C LEU B 86 2.88 55.62 18.70
N ALA B 87 2.16 54.49 18.68
CA ALA B 87 1.04 54.34 17.76
C ALA B 87 -0.12 55.26 18.13
N THR B 88 -0.45 55.37 19.42
CA THR B 88 -1.51 56.26 19.84
C THR B 88 -1.17 57.71 19.53
N LEU B 89 0.06 58.12 19.86
CA LEU B 89 0.45 59.49 19.55
C LEU B 89 0.41 59.75 18.06
N GLY B 90 0.88 58.80 17.26
CA GLY B 90 0.88 58.99 15.82
C GLY B 90 -0.51 59.04 15.22
N TRP B 91 -1.39 58.15 15.68
CA TRP B 91 -2.77 58.17 15.20
C TRP B 91 -3.43 59.50 15.50
N ILE B 92 -3.33 59.96 16.75
CA ILE B 92 -3.97 61.22 17.13
C ILE B 92 -3.37 62.38 16.37
N VAL B 93 -2.04 62.43 16.24
CA VAL B 93 -1.38 63.56 15.59
C VAL B 93 -1.69 63.58 14.09
N ALA B 94 -1.56 62.42 13.43
CA ALA B 94 -1.81 62.34 12.00
C ALA B 94 -3.27 62.60 11.66
N ASP B 95 -4.18 62.57 12.59
CA ASP B 95 -5.54 62.92 12.24
C ASP B 95 -5.65 64.42 12.34
N PHE B 96 -4.63 65.08 12.86
CA PHE B 96 -4.63 66.53 12.91
C PHE B 96 -3.66 67.12 11.89
N VAL B 97 -2.40 66.73 11.93
CA VAL B 97 -1.34 67.30 11.10
C VAL B 97 -0.96 66.28 10.04
N HIS B 98 -0.84 66.73 8.79
CA HIS B 98 -0.48 65.89 7.67
C HIS B 98 0.85 66.34 7.08
N LEU B 99 1.67 65.38 6.68
CA LEU B 99 2.88 65.72 5.95
C LEU B 99 2.51 66.29 4.58
N PRO B 100 3.34 67.16 4.02
CA PRO B 100 3.06 67.70 2.70
C PRO B 100 2.96 66.58 1.66
N GLY B 101 2.01 66.72 0.73
CA GLY B 101 1.79 65.72 -0.27
C GLY B 101 0.36 65.19 -0.30
N ALA B 102 -0.08 64.72 -1.48
CA ALA B 102 -1.44 64.24 -1.60
C ALA B 102 -1.62 62.87 -0.96
N VAL B 103 -0.56 62.07 -0.86
CA VAL B 103 -0.67 60.74 -0.28
C VAL B 103 -0.96 60.83 1.21
N HIS B 104 -0.49 61.87 1.88
CA HIS B 104 -0.67 62.04 3.31
C HIS B 104 -1.96 62.76 3.68
N GLU B 105 -2.96 62.74 2.80
CA GLU B 105 -4.21 63.45 3.00
C GLU B 105 -5.36 62.50 3.27
N VAL B 106 -5.11 61.46 4.06
CA VAL B 106 -6.11 60.47 4.42
C VAL B 106 -6.16 60.36 5.93
N SER B 107 -7.29 59.86 6.44
CA SER B 107 -7.42 59.62 7.86
C SER B 107 -6.54 58.45 8.28
N SER B 108 -6.21 58.42 9.58
CA SER B 108 -5.37 57.35 10.11
C SER B 108 -6.02 55.99 9.92
N LEU B 109 -7.35 55.93 9.91
CA LEU B 109 -8.04 54.66 9.69
C LEU B 109 -7.77 54.12 8.30
N ALA B 110 -7.78 54.99 7.29
CA ALA B 110 -7.52 54.60 5.92
C ALA B 110 -6.06 54.79 5.51
N ALA B 111 -5.20 55.23 6.42
CA ALA B 111 -3.82 55.50 6.07
C ALA B 111 -3.00 54.24 5.84
N HIS B 112 -3.44 53.09 6.38
CA HIS B 112 -2.66 51.88 6.23
C HIS B 112 -2.60 51.42 4.77
N ASP B 113 -3.75 51.43 4.09
CA ASP B 113 -3.78 50.96 2.70
C ASP B 113 -3.09 51.94 1.77
N VAL B 114 -3.08 53.23 2.12
CA VAL B 114 -2.38 54.21 1.30
C VAL B 114 -0.87 54.15 1.53
N ALA B 115 -0.46 54.07 2.80
CA ALA B 115 0.97 54.04 3.10
C ALA B 115 1.64 52.76 2.61
N VAL B 116 0.94 51.63 2.65
CA VAL B 116 1.52 50.39 2.15
C VAL B 116 1.69 50.45 0.64
N LYS B 117 0.77 51.11 -0.07
CA LYS B 117 0.89 51.21 -1.52
C LYS B 117 2.02 52.15 -1.92
N SER B 118 2.16 53.28 -1.21
CA SER B 118 3.22 54.23 -1.50
C SER B 118 4.60 53.75 -1.07
N GLY B 119 4.68 52.66 -0.32
CA GLY B 119 5.94 52.19 0.20
C GLY B 119 6.40 52.87 1.47
N ALA B 120 5.57 53.73 2.06
CA ALA B 120 5.95 54.39 3.30
C ALA B 120 6.11 53.39 4.43
N LEU B 121 5.20 52.42 4.53
CA LEU B 121 5.31 51.42 5.58
C LEU B 121 6.41 50.41 5.31
N ALA B 122 6.89 50.32 4.06
CA ALA B 122 7.99 49.41 3.76
C ALA B 122 9.28 49.84 4.45
N GLN B 123 9.55 51.15 4.49
CA GLN B 123 10.74 51.65 5.17
C GLN B 123 10.68 51.36 6.66
N ILE B 124 9.52 51.62 7.26
CA ILE B 124 9.32 51.33 8.67
C ILE B 124 9.50 49.84 8.93
N LEU B 125 8.98 49.00 8.02
CA LEU B 125 9.13 47.56 8.17
C LEU B 125 10.60 47.15 8.11
N ILE B 126 11.36 47.74 7.18
CA ILE B 126 12.78 47.38 7.04
C ILE B 126 13.54 47.74 8.31
N TRP B 127 13.39 48.98 8.78
CA TRP B 127 14.18 49.39 9.93
C TRP B 127 13.70 48.72 11.22
N THR B 128 12.38 48.48 11.34
CA THR B 128 11.87 47.73 12.47
C THR B 128 12.37 46.30 12.46
N SER B 129 12.50 45.70 11.27
CA SER B 129 13.04 44.34 11.18
C SER B 129 14.51 44.31 11.59
N ILE B 130 15.28 45.32 11.21
CA ILE B 130 16.68 45.40 11.65
C ILE B 130 16.73 45.48 13.18
N ALA B 131 15.94 46.39 13.74
CA ALA B 131 15.90 46.55 15.19
C ALA B 131 15.45 45.27 15.87
N GLU B 132 14.52 44.54 15.26
CA GLU B 132 13.99 43.33 15.87
C GLU B 132 14.94 42.16 15.74
N ALA B 133 15.79 42.13 14.71
CA ALA B 133 16.85 41.12 14.68
C ALA B 133 17.88 41.38 15.77
N ILE B 134 18.29 42.64 15.92
CA ILE B 134 19.16 42.97 17.04
C ILE B 134 18.47 42.63 18.36
N SER B 135 17.14 42.78 18.41
CA SER B 135 16.38 42.39 19.59
C SER B 135 16.39 40.89 19.79
N VAL B 136 16.33 40.11 18.70
CA VAL B 136 16.44 38.66 18.82
C VAL B 136 17.74 38.31 19.54
N ILE B 137 18.83 38.92 19.09
CA ILE B 137 20.12 38.68 19.73
C ILE B 137 20.08 39.10 21.20
N ALA B 138 19.51 40.27 21.47
CA ALA B 138 19.51 40.81 22.83
C ALA B 138 18.70 39.95 23.79
N ILE B 139 17.49 39.55 23.38
CA ILE B 139 16.64 38.73 24.23
C ILE B 139 17.22 37.34 24.42
N SER B 140 17.86 36.79 23.38
CA SER B 140 18.55 35.52 23.55
C SER B 140 19.65 35.63 24.60
N GLN B 141 20.47 36.68 24.51
CA GLN B 141 21.55 36.86 25.49
C GLN B 141 20.99 37.06 26.89
N MET B 142 19.91 37.84 27.02
CA MET B 142 19.31 38.06 28.33
C MET B 142 18.78 36.76 28.91
N LEU B 143 18.13 35.93 28.10
CA LEU B 143 17.61 34.66 28.59
C LEU B 143 18.71 33.69 28.96
N GLU B 144 19.85 33.75 28.26
CA GLU B 144 20.97 32.83 28.52
C GLU B 144 22.03 33.46 29.40
N GLY B 145 21.64 34.29 30.36
CA GLY B 145 22.60 34.89 31.26
C GLY B 145 22.72 36.39 31.09
N SER B 146 23.89 36.85 30.65
CA SER B 146 24.14 38.26 30.37
C SER B 146 23.90 39.11 31.62
N GLY B 147 22.70 39.66 31.74
CA GLY B 147 22.38 40.54 32.85
C GLY B 147 21.55 41.72 32.41
N ARG B 148 21.25 41.77 31.10
CA ARG B 148 20.42 42.85 30.56
C ARG B 148 19.00 42.73 31.11
N GLN B 149 18.53 43.80 31.74
CA GLN B 149 17.17 43.81 32.24
C GLN B 149 16.18 43.79 31.07
N PRO B 150 15.01 43.20 31.24
CA PRO B 150 14.03 43.16 30.16
C PRO B 150 13.64 44.57 29.73
N GLY B 151 13.75 44.83 28.43
CA GLY B 151 13.45 46.14 27.88
C GLY B 151 14.56 47.15 28.02
N ASP B 152 15.69 46.79 28.63
CA ASP B 152 16.80 47.72 28.86
C ASP B 152 17.72 47.66 27.65
N PHE B 153 17.58 48.64 26.76
CA PHE B 153 18.48 48.81 25.63
C PHE B 153 19.56 49.84 25.91
N LYS B 154 19.65 50.34 27.14
CA LYS B 154 20.59 51.35 27.57
C LYS B 154 20.47 52.65 26.79
N PHE B 155 19.37 52.83 26.06
CA PHE B 155 19.16 54.06 25.30
C PHE B 155 18.79 55.18 26.26
N ASP B 156 19.71 56.12 26.45
CA ASP B 156 19.51 57.19 27.41
C ASP B 156 20.42 58.36 27.06
N PRO B 157 20.13 59.12 25.99
CA PRO B 157 20.98 60.26 25.65
C PRO B 157 20.99 61.30 26.75
N LEU B 158 19.81 61.79 27.11
CA LEU B 158 19.66 62.50 28.37
C LEU B 158 19.70 61.50 29.51
N ASN B 159 19.69 61.99 30.74
CA ASN B 159 19.80 61.07 31.88
C ASN B 159 18.42 60.64 32.36
N PHE B 160 17.65 61.57 32.90
CA PHE B 160 16.26 61.34 33.32
C PHE B 160 16.17 60.24 34.38
N ALA B 161 17.31 59.63 34.72
CA ALA B 161 17.37 58.54 35.68
C ALA B 161 18.81 58.45 36.17
N LYS B 162 19.07 59.00 37.35
CA LYS B 162 20.44 59.10 37.86
C LYS B 162 20.80 57.99 38.83
N ASP B 163 19.88 57.59 39.71
CA ASP B 163 20.14 56.54 40.67
C ASP B 163 19.10 55.42 40.50
N GLU B 164 19.15 54.44 41.41
CA GLU B 164 18.23 53.32 41.34
C GLU B 164 16.79 53.77 41.57
N LYS B 165 16.56 54.68 42.52
CA LYS B 165 15.21 55.11 42.85
C LYS B 165 14.55 55.81 41.67
N SER B 166 15.28 56.73 41.02
CA SER B 166 14.73 57.41 39.87
C SER B 166 14.45 56.44 38.73
N LEU B 167 15.34 55.48 38.52
CA LEU B 167 15.14 54.49 37.47
C LEU B 167 13.89 53.65 37.75
N LYS B 168 13.70 53.23 38.99
CA LYS B 168 12.51 52.45 39.33
C LYS B 168 11.24 53.26 39.14
N LYS B 169 11.24 54.51 39.60
CA LYS B 169 10.06 55.36 39.45
C LYS B 169 9.73 55.57 37.97
N MET B 170 10.76 55.81 37.15
CA MET B 170 10.51 56.06 35.74
C MET B 170 10.12 54.79 35.01
N GLN B 171 10.62 53.64 35.45
CA GLN B 171 10.17 52.37 34.90
C GLN B 171 8.70 52.14 35.20
N LEU B 172 8.28 52.44 36.43
CA LEU B 172 6.87 52.31 36.77
C LEU B 172 6.01 53.26 35.95
N SER B 173 6.49 54.51 35.77
CA SER B 173 5.76 55.45 34.94
C SER B 173 5.66 54.96 33.50
N GLU B 174 6.76 54.43 32.96
CA GLU B 174 6.74 53.91 31.59
C GLU B 174 5.77 52.76 31.46
N LEU B 175 5.76 51.84 32.42
CA LEU B 175 4.86 50.69 32.34
C LEU B 175 3.40 51.13 32.43
N LYS B 176 3.08 52.03 33.36
CA LYS B 176 1.70 52.47 33.50
C LYS B 176 1.24 53.24 32.27
N ASN B 177 2.07 54.16 31.78
CA ASN B 177 1.72 54.91 30.59
C ASN B 177 1.59 54.00 29.38
N GLY B 178 2.44 52.98 29.28
CA GLY B 178 2.34 52.06 28.16
C GLY B 178 1.09 51.22 28.19
N ARG B 179 0.71 50.72 29.37
CA ARG B 179 -0.54 49.98 29.48
C ARG B 179 -1.73 50.86 29.14
N LEU B 180 -1.73 52.10 29.66
CA LEU B 180 -2.80 53.03 29.34
C LEU B 180 -2.86 53.31 27.85
N ALA B 181 -1.71 53.45 27.21
CA ALA B 181 -1.69 53.74 25.78
C ALA B 181 -2.10 52.53 24.96
N MET B 182 -1.78 51.32 25.41
CA MET B 182 -2.24 50.13 24.72
C MET B 182 -3.76 50.05 24.73
N LEU B 183 -4.36 50.24 25.92
CA LEU B 183 -5.82 50.24 26.00
C LEU B 183 -6.42 51.41 25.21
N ALA B 184 -5.75 52.56 25.22
CA ALA B 184 -6.24 53.74 24.51
C ALA B 184 -6.21 53.54 23.02
N PHE B 185 -5.13 52.96 22.48
CA PHE B 185 -5.07 52.67 21.05
C PHE B 185 -6.11 51.63 20.67
N SER B 186 -6.31 50.63 21.53
CA SER B 186 -7.36 49.65 21.28
C SER B 186 -8.71 50.33 21.14
N GLY B 187 -9.05 51.19 22.10
CA GLY B 187 -10.32 51.90 22.03
C GLY B 187 -10.42 52.82 20.82
N ILE B 188 -9.32 53.52 20.52
CA ILE B 188 -9.32 54.44 19.38
C ILE B 188 -9.60 53.70 18.09
N VAL B 189 -8.88 52.60 17.86
CA VAL B 189 -9.05 51.85 16.62
C VAL B 189 -10.46 51.25 16.55
N THR B 190 -10.94 50.66 17.65
CA THR B 190 -12.26 50.05 17.62
C THR B 190 -13.35 51.08 17.35
N GLN B 191 -13.26 52.24 18.01
CA GLN B 191 -14.27 53.28 17.79
C GLN B 191 -14.19 53.86 16.39
N ALA B 192 -12.97 54.11 15.89
CA ALA B 192 -12.83 54.67 14.55
C ALA B 192 -13.33 53.71 13.49
N ALA B 193 -13.07 52.41 13.67
CA ALA B 193 -13.60 51.42 12.74
C ALA B 193 -15.11 51.32 12.82
N LEU B 194 -15.66 51.35 14.05
CA LEU B 194 -17.10 51.30 14.21
C LEU B 194 -17.76 52.53 13.59
N THR B 195 -17.28 53.72 13.97
CA THR B 195 -17.80 54.98 13.45
C THR B 195 -16.63 55.76 12.85
N GLY B 196 -16.71 56.02 11.55
CA GLY B 196 -15.63 56.68 10.85
C GLY B 196 -15.54 58.16 11.17
N HIS B 197 -15.33 58.48 12.44
CA HIS B 197 -15.28 59.87 12.90
C HIS B 197 -13.85 60.38 12.95
N ALA B 198 -13.71 61.69 13.13
CA ALA B 198 -12.42 62.34 13.27
C ALA B 198 -11.92 62.12 14.71
N PHE B 199 -10.89 62.86 15.11
CA PHE B 199 -10.21 62.66 16.40
C PHE B 199 -11.14 62.34 17.57
N PRO B 200 -12.25 63.04 17.79
CA PRO B 200 -13.20 62.53 18.78
C PRO B 200 -13.91 61.30 18.22
N TYR B 201 -13.51 60.12 18.68
CA TYR B 201 -14.01 58.87 18.12
C TYR B 201 -15.27 58.39 18.81
N MET B 202 -15.92 59.25 19.60
CA MET B 202 -17.20 58.95 20.21
C MET B 202 -18.23 58.71 19.12
N GLU C 43 -29.89 13.68 64.46
CA GLU C 43 -29.72 12.69 63.41
C GLU C 43 -30.67 12.96 62.25
N ARG C 44 -31.83 13.53 62.56
CA ARG C 44 -32.81 13.90 61.54
C ARG C 44 -32.59 15.33 61.10
N SER C 45 -32.80 15.59 59.81
CA SER C 45 -32.66 16.94 59.29
C SER C 45 -33.71 17.85 59.91
N LYS C 46 -33.29 19.08 60.26
CA LYS C 46 -34.20 20.01 60.90
C LYS C 46 -35.37 20.38 59.98
N SER C 47 -35.08 20.64 58.70
CA SER C 47 -36.15 21.00 57.78
C SER C 47 -37.07 19.82 57.52
N LEU C 48 -36.52 18.66 57.20
CA LEU C 48 -37.32 17.49 56.88
C LEU C 48 -37.17 16.45 57.99
N PRO C 49 -38.09 16.40 58.95
CA PRO C 49 -37.93 15.47 60.08
C PRO C 49 -37.98 14.01 59.67
N PHE C 50 -38.53 13.68 58.51
CA PHE C 50 -38.59 12.31 58.03
C PHE C 50 -37.32 11.89 57.30
N LEU C 51 -36.30 12.75 57.29
CA LEU C 51 -35.06 12.49 56.58
C LEU C 51 -33.88 12.59 57.55
N MET C 52 -32.91 11.71 57.38
CA MET C 52 -31.71 11.78 58.20
C MET C 52 -30.87 12.99 57.82
N LYS C 53 -30.05 13.44 58.77
CA LYS C 53 -29.26 14.65 58.58
C LYS C 53 -28.26 14.44 57.44
N PRO C 54 -28.24 15.31 56.44
CA PRO C 54 -27.25 15.18 55.37
C PRO C 54 -25.83 15.30 55.91
N LYS C 55 -24.99 14.31 55.57
CA LYS C 55 -23.71 14.15 56.25
C LYS C 55 -22.82 15.38 56.09
N ASN C 56 -22.80 15.98 54.89
CA ASN C 56 -21.87 17.07 54.63
C ASN C 56 -22.36 18.42 55.15
N LEU C 57 -23.64 18.55 55.52
CA LEU C 57 -24.20 19.81 56.01
C LEU C 57 -24.40 19.68 57.51
N ASP C 58 -23.41 20.11 58.29
CA ASP C 58 -23.55 20.00 59.74
C ASP C 58 -24.32 21.17 60.32
N GLY C 59 -23.68 22.34 60.39
CA GLY C 59 -24.38 23.58 60.71
C GLY C 59 -23.74 24.83 60.14
N SER C 60 -22.61 24.66 59.45
CA SER C 60 -21.68 25.78 59.27
C SER C 60 -22.25 26.85 58.35
N MET C 61 -22.76 26.46 57.19
CA MET C 61 -23.13 27.42 56.17
C MET C 61 -24.43 28.14 56.56
N ALA C 62 -24.50 29.43 56.26
CA ALA C 62 -25.68 30.20 56.57
C ALA C 62 -26.88 29.69 55.77
N GLY C 63 -28.02 29.62 56.43
CA GLY C 63 -29.21 29.07 55.81
C GLY C 63 -29.31 27.56 55.87
N ASP C 64 -28.43 26.90 56.59
CA ASP C 64 -28.42 25.44 56.67
C ASP C 64 -29.57 24.98 57.57
N VAL C 65 -30.54 24.29 56.99
CA VAL C 65 -31.61 23.65 57.74
C VAL C 65 -31.70 22.15 57.44
N GLY C 66 -30.71 21.61 56.73
CA GLY C 66 -30.72 20.21 56.38
C GLY C 66 -31.56 19.84 55.19
N PHE C 67 -32.00 20.83 54.39
CA PHE C 67 -32.85 20.55 53.23
C PHE C 67 -31.98 20.09 52.07
N ASP C 68 -31.61 18.82 52.10
CA ASP C 68 -30.94 18.16 50.99
C ASP C 68 -31.56 16.78 50.80
N PRO C 69 -32.82 16.72 50.35
CA PRO C 69 -33.47 15.41 50.20
C PRO C 69 -32.77 14.48 49.23
N LEU C 70 -32.20 15.01 48.16
CA LEU C 70 -31.53 14.21 47.14
C LEU C 70 -30.08 13.93 47.47
N GLY C 71 -29.57 14.43 48.59
CA GLY C 71 -28.19 14.19 48.96
C GLY C 71 -27.19 14.75 47.98
N LEU C 72 -27.49 15.90 47.37
CA LEU C 72 -26.58 16.48 46.40
C LEU C 72 -25.31 17.01 47.04
N SER C 73 -25.33 17.29 48.36
CA SER C 73 -24.14 17.78 49.03
C SER C 73 -23.03 16.73 49.11
N GLU C 74 -23.35 15.47 48.86
CA GLU C 74 -22.38 14.39 48.92
C GLU C 74 -21.71 14.12 47.58
N ILE C 75 -22.02 14.89 46.56
CA ILE C 75 -21.37 14.72 45.25
C ILE C 75 -19.91 15.14 45.36
N ASN C 76 -19.01 14.29 44.88
CA ASN C 76 -17.58 14.58 44.90
C ASN C 76 -16.96 14.19 43.57
N ASP C 77 -17.59 14.60 42.48
CA ASP C 77 -17.11 14.21 41.16
C ASP C 77 -17.40 15.33 40.17
N VAL C 78 -16.67 15.29 39.04
CA VAL C 78 -16.76 16.25 37.95
C VAL C 78 -16.46 17.63 38.55
N GLY C 79 -15.47 17.68 39.43
CA GLY C 79 -15.09 18.93 40.05
C GLY C 79 -16.18 19.59 40.84
N VAL C 80 -17.21 18.84 41.22
CA VAL C 80 -18.36 19.38 41.95
C VAL C 80 -18.35 18.77 43.34
N ASP C 81 -18.36 19.63 44.36
CA ASP C 81 -18.45 19.20 45.74
C ASP C 81 -19.27 20.24 46.49
N LEU C 82 -19.25 20.16 47.82
CA LEU C 82 -20.01 21.12 48.63
C LEU C 82 -19.50 22.53 48.43
N TYR C 83 -18.18 22.69 48.27
CA TYR C 83 -17.61 24.02 48.03
C TYR C 83 -18.13 24.59 46.73
N TRP C 84 -18.08 23.80 45.65
CA TRP C 84 -18.55 24.28 44.35
C TRP C 84 -20.04 24.55 44.38
N LEU C 85 -20.82 23.67 45.01
CA LEU C 85 -22.26 23.87 45.08
C LEU C 85 -22.60 25.13 45.86
N ARG C 86 -21.89 25.38 46.96
CA ARG C 86 -22.13 26.60 47.73
C ARG C 86 -21.75 27.84 46.96
N GLU C 87 -20.62 27.80 46.24
CA GLU C 87 -20.24 28.95 45.42
C GLU C 87 -21.26 29.21 44.33
N ALA C 88 -21.76 28.15 43.69
CA ALA C 88 -22.81 28.31 42.69
C ALA C 88 -24.08 28.88 43.30
N GLU C 89 -24.45 28.40 44.49
CA GLU C 89 -25.64 28.91 45.16
C GLU C 89 -25.50 30.38 45.49
N LEU C 90 -24.33 30.80 45.98
CA LEU C 90 -24.12 32.20 46.32
C LEU C 90 -24.10 33.08 45.07
N LYS C 91 -23.46 32.61 44.00
CA LYS C 91 -23.49 33.37 42.75
C LYS C 91 -24.90 33.49 42.22
N HIS C 92 -25.68 32.42 42.29
CA HIS C 92 -27.07 32.47 41.89
C HIS C 92 -27.87 33.43 42.76
N CYS C 93 -27.62 33.42 44.06
CA CYS C 93 -28.31 34.33 44.96
C CYS C 93 -28.04 35.78 44.60
N ARG C 94 -26.76 36.12 44.40
CA ARG C 94 -26.41 37.49 44.06
C ARG C 94 -26.97 37.89 42.71
N LEU C 95 -26.87 37.01 41.71
CA LEU C 95 -27.38 37.32 40.38
C LEU C 95 -28.90 37.51 40.41
N GLY C 96 -29.61 36.65 41.13
CA GLY C 96 -31.05 36.79 41.23
C GLY C 96 -31.45 38.05 41.98
N MET C 97 -30.72 38.40 43.03
CA MET C 97 -31.00 39.65 43.74
C MET C 97 -30.84 40.85 42.81
N MET C 98 -29.72 40.89 42.07
CA MET C 98 -29.49 41.99 41.15
C MET C 98 -30.56 42.04 40.07
N ALA C 99 -30.93 40.89 39.51
CA ALA C 99 -31.90 40.87 38.42
C ALA C 99 -33.29 41.28 38.90
N ALA C 100 -33.72 40.76 40.06
CA ALA C 100 -35.02 41.14 40.59
C ALA C 100 -35.07 42.62 40.93
N ALA C 101 -34.00 43.14 41.55
CA ALA C 101 -33.95 44.56 41.85
C ALA C 101 -34.01 45.38 40.58
N GLY C 102 -33.30 44.95 39.53
CA GLY C 102 -33.32 45.69 38.28
C GLY C 102 -34.68 45.71 37.62
N ILE C 103 -35.34 44.54 37.57
CA ILE C 103 -36.67 44.48 36.97
C ILE C 103 -37.64 45.37 37.74
N LEU C 104 -37.65 45.25 39.07
CA LEU C 104 -38.58 46.04 39.86
C LEU C 104 -38.28 47.53 39.73
N PHE C 105 -37.01 47.91 39.75
CA PHE C 105 -36.63 49.32 39.63
C PHE C 105 -37.08 49.88 38.29
N VAL C 106 -36.78 49.18 37.19
CA VAL C 106 -37.12 49.69 35.87
C VAL C 106 -38.62 49.74 35.69
N GLU C 107 -39.35 48.77 36.24
CA GLU C 107 -40.79 48.74 36.04
C GLU C 107 -41.49 49.80 36.88
N ILE C 108 -41.00 50.05 38.09
CA ILE C 108 -41.67 51.00 38.98
C ILE C 108 -41.25 52.43 38.67
N LEU C 109 -39.96 52.72 38.76
CA LEU C 109 -39.45 54.08 38.61
C LEU C 109 -39.18 54.45 37.15
N GLY C 110 -39.38 53.53 36.21
CA GLY C 110 -39.16 53.81 34.81
C GLY C 110 -37.70 53.68 34.43
N PRO C 111 -37.43 53.68 33.14
CA PRO C 111 -36.05 53.57 32.66
C PRO C 111 -35.28 54.87 32.86
N ALA C 112 -33.96 54.74 32.76
CA ALA C 112 -33.08 55.89 32.80
C ALA C 112 -33.27 56.73 31.54
N PRO C 113 -32.93 58.02 31.58
CA PRO C 113 -33.07 58.86 30.39
C PRO C 113 -32.26 58.32 29.23
N GLY C 114 -32.84 58.41 28.03
CA GLY C 114 -32.20 57.90 26.84
C GLY C 114 -32.33 56.41 26.61
N PHE C 115 -33.07 55.70 27.47
CA PHE C 115 -33.22 54.27 27.36
C PHE C 115 -34.66 53.91 26.98
N PRO C 116 -34.87 52.79 26.29
CA PRO C 116 -36.22 52.43 25.85
C PRO C 116 -37.13 52.07 27.01
N ALA C 117 -38.43 52.18 26.74
CA ALA C 117 -39.48 51.82 27.68
C ALA C 117 -40.27 50.63 27.11
N GLY C 118 -41.34 50.26 27.81
CA GLY C 118 -42.18 49.16 27.36
C GLY C 118 -42.72 48.30 28.48
N LYS C 119 -42.07 48.37 29.65
CA LYS C 119 -42.45 47.67 30.88
C LYS C 119 -42.26 46.16 30.79
N SER C 120 -41.90 45.61 29.65
CA SER C 120 -41.62 44.19 29.50
C SER C 120 -40.10 44.02 29.48
N GLN C 121 -39.54 43.59 30.61
CA GLN C 121 -38.08 43.57 30.74
C GLN C 121 -37.45 42.49 29.87
N MET C 122 -38.20 41.41 29.59
CA MET C 122 -37.68 40.37 28.71
C MET C 122 -37.69 40.76 27.24
N ASP C 123 -38.47 41.79 26.88
CA ASP C 123 -38.54 42.26 25.52
C ASP C 123 -37.87 43.61 25.30
N VAL C 124 -37.65 44.38 26.37
CA VAL C 124 -36.95 45.65 26.22
C VAL C 124 -35.46 45.43 25.99
N PHE C 125 -34.95 44.24 26.32
CA PHE C 125 -33.54 43.95 26.08
C PHE C 125 -33.21 44.04 24.60
N TRP C 126 -34.09 43.52 23.74
CA TRP C 126 -33.85 43.58 22.30
C TRP C 126 -33.95 45.00 21.77
N LYS C 127 -34.71 45.86 22.44
CA LYS C 127 -34.78 47.26 22.04
C LYS C 127 -33.51 47.99 22.43
N VAL C 128 -32.91 47.63 23.57
CA VAL C 128 -31.63 48.22 23.95
C VAL C 128 -30.53 47.72 23.01
N TYR C 129 -30.52 46.42 22.71
CA TYR C 129 -29.52 45.88 21.80
C TYR C 129 -29.68 46.43 20.39
N ALA C 130 -30.92 46.75 19.98
CA ALA C 130 -31.14 47.28 18.65
C ALA C 130 -30.56 48.68 18.48
N GLU C 131 -30.36 49.42 19.56
CA GLU C 131 -29.86 50.78 19.50
C GLU C 131 -28.52 50.99 20.19
N LYS C 132 -28.20 50.19 21.20
CA LYS C 132 -26.92 50.28 21.91
C LYS C 132 -26.31 48.90 22.03
N PRO C 133 -25.92 48.28 20.89
CA PRO C 133 -25.29 46.95 20.97
C PRO C 133 -23.95 46.97 21.68
N SER C 134 -23.21 48.08 21.59
CA SER C 134 -21.88 48.15 22.20
C SER C 134 -21.98 48.03 23.71
N LEU C 135 -23.01 48.61 24.32
CA LEU C 135 -23.18 48.49 25.76
C LEU C 135 -23.37 47.03 26.17
N ILE C 136 -24.23 46.31 25.44
CA ILE C 136 -24.47 44.90 25.74
C ILE C 136 -23.19 44.09 25.55
N GLY C 137 -22.46 44.36 24.46
CA GLY C 137 -21.23 43.61 24.20
C GLY C 137 -20.16 43.86 25.26
N ALA C 138 -19.99 45.13 25.66
CA ALA C 138 -19.01 45.45 26.69
C ALA C 138 -19.40 44.83 28.03
N SER C 139 -20.69 44.86 28.36
CA SER C 139 -21.13 44.23 29.60
C SER C 139 -20.88 42.73 29.56
N LEU C 140 -21.16 42.09 28.42
CA LEU C 140 -20.91 40.66 28.29
C LEU C 140 -19.43 40.33 28.43
N ALA C 141 -18.56 41.14 27.79
CA ALA C 141 -17.13 40.89 27.89
C ALA C 141 -16.63 41.07 29.32
N ALA C 142 -17.11 42.11 30.01
CA ALA C 142 -16.73 42.33 31.40
C ALA C 142 -17.18 41.18 32.27
N ILE C 143 -18.43 40.73 32.08
CA ILE C 143 -18.94 39.62 32.88
C ILE C 143 -18.16 38.35 32.58
N ALA C 144 -17.76 38.15 31.33
CA ALA C 144 -16.97 36.98 30.97
C ALA C 144 -15.62 36.98 31.67
N ILE C 145 -14.95 38.13 31.67
CA ILE C 145 -13.64 38.22 32.34
C ILE C 145 -13.79 38.00 33.84
N LEU C 146 -14.78 38.67 34.44
CA LEU C 146 -15.03 38.50 35.87
C LEU C 146 -15.40 37.07 36.21
N GLU C 147 -16.10 36.37 35.33
CA GLU C 147 -16.48 34.98 35.60
C GLU C 147 -15.30 34.04 35.45
N VAL C 148 -14.39 34.32 34.51
CA VAL C 148 -13.16 33.54 34.43
C VAL C 148 -12.36 33.71 35.72
N ILE C 149 -12.25 34.95 36.20
CA ILE C 149 -11.56 35.19 37.46
C ILE C 149 -12.26 34.48 38.60
N SER C 150 -13.60 34.50 38.60
CA SER C 150 -14.36 33.85 39.67
C SER C 150 -14.14 32.35 39.67
N GLY C 151 -14.12 31.71 38.50
CA GLY C 151 -13.86 30.29 38.44
C GLY C 151 -12.46 29.93 38.88
N VAL C 152 -11.48 30.73 38.46
CA VAL C 152 -10.10 30.49 38.91
C VAL C 152 -10.02 30.61 40.42
N ALA C 153 -10.64 31.65 40.98
CA ALA C 153 -10.62 31.84 42.43
C ALA C 153 -11.31 30.70 43.15
N THR C 154 -12.45 30.23 42.62
CA THR C 154 -13.17 29.13 43.25
C THR C 154 -12.31 27.88 43.28
N THR C 155 -11.70 27.53 42.15
CA THR C 155 -10.87 26.32 42.11
C THR C 155 -9.65 26.45 43.02
N GLN C 156 -9.00 27.63 43.02
CA GLN C 156 -7.83 27.81 43.87
C GLN C 156 -8.20 27.72 45.35
N GLY C 157 -9.26 28.42 45.77
CA GLY C 157 -9.69 28.36 47.15
C GLY C 157 -10.14 26.98 47.56
N ARG C 158 -10.72 26.21 46.64
CA ARG C 158 -11.03 24.82 46.92
C ARG C 158 -9.77 24.00 47.10
N GLN C 159 -8.72 24.31 46.34
CA GLN C 159 -7.50 23.50 46.39
C GLN C 159 -6.72 23.76 47.67
N ASN C 160 -6.23 24.98 47.86
CA ASN C 160 -5.51 25.38 49.07
C ASN C 160 -6.44 26.14 49.99
N GLY C 161 -7.18 25.40 50.81
CA GLY C 161 -8.29 25.99 51.53
C GLY C 161 -7.90 27.16 52.41
N ASP C 162 -8.19 28.36 51.89
CA ASP C 162 -8.03 29.61 52.62
C ASP C 162 -9.18 30.58 52.37
N ARG C 163 -10.03 30.33 51.39
CA ARG C 163 -11.12 31.23 51.01
C ARG C 163 -12.44 30.50 51.13
N ALA C 164 -13.36 31.08 51.88
CA ALA C 164 -14.69 30.51 52.02
C ALA C 164 -15.44 30.62 50.69
N PRO C 165 -16.36 29.69 50.41
CA PRO C 165 -17.11 29.76 49.15
C PRO C 165 -17.90 31.06 49.04
N GLY C 166 -17.84 31.67 47.86
CA GLY C 166 -18.51 32.92 47.62
C GLY C 166 -17.79 34.15 48.14
N ASP C 167 -16.60 34.00 48.72
CA ASP C 167 -15.85 35.12 49.28
C ASP C 167 -14.99 35.76 48.20
N TYR C 168 -15.15 37.08 48.02
CA TYR C 168 -14.34 37.84 47.08
C TYR C 168 -13.70 39.06 47.73
N ASN C 169 -13.69 39.13 49.07
CA ASN C 169 -13.10 40.24 49.80
C ASN C 169 -13.70 41.58 49.39
N PHE C 170 -14.98 41.59 49.05
CA PHE C 170 -15.66 42.79 48.58
C PHE C 170 -16.49 43.37 49.72
N ASP C 171 -15.82 44.14 50.58
CA ASP C 171 -16.48 44.91 51.65
C ASP C 171 -15.90 46.31 51.67
N PRO C 172 -16.13 47.10 50.62
CA PRO C 172 -15.57 48.46 50.59
C PRO C 172 -16.08 49.36 51.69
N LEU C 173 -17.34 49.20 52.10
CA LEU C 173 -17.92 50.05 53.14
C LEU C 173 -17.79 49.47 54.54
N GLY C 174 -17.17 48.30 54.68
CA GLY C 174 -16.94 47.73 55.99
C GLY C 174 -18.20 47.40 56.76
N PHE C 175 -19.21 46.86 56.08
CA PHE C 175 -20.46 46.50 56.74
C PHE C 175 -20.40 45.17 57.47
N GLY C 176 -19.35 44.37 57.24
CA GLY C 176 -19.26 43.06 57.86
C GLY C 176 -17.89 42.77 58.46
N LYS C 177 -17.24 43.80 58.99
CA LYS C 177 -15.91 43.60 59.56
C LYS C 177 -15.94 42.68 60.78
N ASP C 178 -16.70 43.07 61.80
CA ASP C 178 -16.70 42.33 63.05
C ASP C 178 -17.53 41.05 62.92
N PRO C 179 -17.19 40.01 63.68
CA PRO C 179 -18.04 38.81 63.73
C PRO C 179 -19.30 39.06 64.56
N ALA C 180 -20.17 38.05 64.63
CA ALA C 180 -21.44 38.09 65.37
C ALA C 180 -22.43 39.01 64.66
N LYS C 181 -21.96 39.72 63.65
CA LYS C 181 -22.79 40.38 62.66
C LYS C 181 -22.58 39.80 61.28
N PHE C 182 -21.40 39.23 61.02
CA PHE C 182 -21.13 38.60 59.74
C PHE C 182 -22.03 37.38 59.53
N LYS C 183 -22.25 36.59 60.58
CA LYS C 183 -23.14 35.43 60.45
C LYS C 183 -24.57 35.87 60.14
N ASP C 184 -25.05 36.91 60.82
CA ASP C 184 -26.39 37.43 60.56
C ASP C 184 -26.49 37.97 59.13
N LEU C 185 -25.46 38.69 58.68
CA LEU C 185 -25.47 39.20 57.31
C LEU C 185 -25.43 38.08 56.29
N GLN C 186 -24.67 37.02 56.57
CA GLN C 186 -24.64 35.86 55.68
C GLN C 186 -26.00 35.21 55.59
N LEU C 187 -26.68 35.05 56.74
CA LEU C 187 -28.01 34.46 56.73
C LEU C 187 -29.00 35.33 55.96
N LYS C 188 -28.94 36.65 56.18
CA LYS C 188 -29.82 37.57 55.45
C LYS C 188 -29.56 37.49 53.95
N GLU C 189 -28.28 37.48 53.55
CA GLU C 189 -27.94 37.41 52.14
C GLU C 189 -28.43 36.12 51.52
N VAL C 190 -28.24 35.00 52.22
CA VAL C 190 -28.64 33.70 51.68
C VAL C 190 -30.15 33.64 51.50
N LYS C 191 -30.90 34.06 52.51
CA LYS C 191 -32.36 34.00 52.42
C LYS C 191 -32.88 34.92 51.34
N ASN C 192 -32.38 36.17 51.31
CA ASN C 192 -32.80 37.11 50.28
C ASN C 192 -32.42 36.62 48.89
N GLY C 193 -31.24 36.00 48.77
CA GLY C 193 -30.81 35.51 47.48
C GLY C 193 -31.63 34.34 46.98
N ARG C 194 -32.02 33.44 47.87
CA ARG C 194 -32.90 32.34 47.45
C ARG C 194 -34.27 32.88 47.03
N LEU C 195 -34.82 33.80 47.82
CA LEU C 195 -36.11 34.38 47.45
C LEU C 195 -36.02 35.10 46.11
N ALA C 196 -34.92 35.84 45.89
CA ALA C 196 -34.76 36.58 44.65
C ALA C 196 -34.43 35.66 43.48
N MET C 197 -33.78 34.52 43.73
CA MET C 197 -33.63 33.50 42.70
C MET C 197 -34.98 33.03 42.21
N ILE C 198 -35.86 32.63 43.14
CA ILE C 198 -37.18 32.18 42.77
C ILE C 198 -37.93 33.30 42.04
N ALA C 199 -37.84 34.52 42.57
CA ALA C 199 -38.54 35.64 41.97
C ALA C 199 -38.04 35.91 40.55
N ALA C 200 -36.72 35.92 40.35
CA ALA C 200 -36.16 36.24 39.04
C ALA C 200 -36.49 35.15 38.02
N ALA C 201 -36.46 33.88 38.43
CA ALA C 201 -36.91 32.83 37.53
C ALA C 201 -38.36 33.03 37.14
N GLY C 202 -39.21 33.38 38.12
CA GLY C 202 -40.59 33.65 37.80
C GLY C 202 -40.78 34.81 36.85
N MET C 203 -40.02 35.90 37.05
CA MET C 203 -40.11 37.05 36.17
C MET C 203 -39.66 36.68 34.76
N ILE C 204 -38.59 35.90 34.64
CA ILE C 204 -38.10 35.50 33.33
C ILE C 204 -39.17 34.70 32.60
N LEU C 205 -39.76 33.71 33.28
CA LEU C 205 -40.78 32.89 32.64
C LEU C 205 -42.01 33.70 32.28
N GLN C 206 -42.43 34.60 33.19
CA GLN C 206 -43.61 35.43 32.91
C GLN C 206 -43.37 36.34 31.72
N GLY C 207 -42.19 36.96 31.65
CA GLY C 207 -41.89 37.82 30.52
C GLY C 207 -41.80 37.07 29.21
N VAL C 208 -41.24 35.86 29.25
CA VAL C 208 -41.13 35.07 28.02
C VAL C 208 -42.51 34.62 27.55
N SER C 209 -43.37 34.19 28.48
CA SER C 209 -44.67 33.64 28.09
C SER C 209 -45.69 34.74 27.81
N THR C 210 -46.02 35.53 28.84
CA THR C 210 -47.09 36.52 28.72
C THR C 210 -46.67 37.77 27.95
N HIS C 211 -45.36 38.01 27.80
CA HIS C 211 -44.85 39.18 27.09
C HIS C 211 -45.35 40.48 27.71
N GLN C 212 -45.48 40.49 29.03
CA GLN C 212 -45.96 41.65 29.77
C GLN C 212 -45.09 41.90 30.98
N GLY C 213 -45.33 43.02 31.65
CA GLY C 213 -44.54 43.38 32.81
C GLY C 213 -44.86 42.50 34.01
N ALA C 214 -43.95 42.53 34.98
CA ALA C 214 -44.11 41.72 36.18
C ALA C 214 -45.32 42.18 37.00
N LEU C 215 -45.33 43.46 37.40
CA LEU C 215 -46.49 43.99 38.09
C LEU C 215 -47.71 44.07 37.18
N GLU C 216 -47.50 44.10 35.85
CA GLU C 216 -48.63 43.96 34.94
C GLU C 216 -49.29 42.60 35.09
N ASN C 217 -48.48 41.54 35.21
CA ASN C 217 -49.02 40.22 35.52
C ASN C 217 -49.62 40.19 36.92
N LEU C 218 -49.07 40.99 37.84
CA LEU C 218 -49.57 41.00 39.21
C LEU C 218 -51.03 41.46 39.27
N SER C 219 -51.38 42.48 38.50
CA SER C 219 -52.73 43.00 38.49
C SER C 219 -53.48 42.59 37.22
N SER D 35 -55.70 -16.86 59.66
CA SER D 35 -55.97 -15.44 59.48
C SER D 35 -57.22 -15.01 60.21
N LYS D 36 -57.53 -13.71 60.14
CA LYS D 36 -58.76 -13.17 60.69
C LYS D 36 -59.78 -12.84 59.61
N ALA D 37 -59.39 -12.88 58.35
CA ALA D 37 -60.29 -12.77 57.21
C ALA D 37 -59.89 -13.84 56.20
N VAL D 38 -60.87 -14.32 55.45
CA VAL D 38 -60.70 -15.47 54.56
C VAL D 38 -60.11 -16.61 55.37
N PRO D 39 -60.88 -17.22 56.27
CA PRO D 39 -60.29 -18.18 57.23
C PRO D 39 -59.75 -19.45 56.60
N PHE D 40 -60.15 -19.79 55.37
CA PHE D 40 -59.65 -21.02 54.76
C PHE D 40 -58.26 -20.85 54.15
N LEU D 41 -57.69 -19.66 54.22
CA LEU D 41 -56.29 -19.43 53.90
C LEU D 41 -55.58 -18.98 55.16
N GLU D 42 -54.49 -19.65 55.51
CA GLU D 42 -53.83 -19.40 56.78
C GLU D 42 -53.32 -17.96 56.87
N ALA D 43 -52.37 -17.61 56.02
CA ALA D 43 -51.74 -16.30 56.02
C ALA D 43 -50.85 -16.20 54.79
N PRO D 44 -50.56 -14.99 54.30
CA PRO D 44 -49.64 -14.87 53.16
C PRO D 44 -48.28 -15.45 53.46
N LYS D 45 -47.60 -14.87 54.47
CA LYS D 45 -46.28 -15.29 54.95
C LYS D 45 -45.68 -14.18 55.81
N ALA D 46 -45.92 -12.93 55.43
CA ALA D 46 -45.31 -11.78 56.08
C ALA D 46 -46.30 -10.92 56.85
N LEU D 47 -47.60 -11.24 56.78
CA LEU D 47 -48.61 -10.47 57.51
C LEU D 47 -48.71 -10.98 58.96
N ASP D 48 -47.61 -10.83 59.68
CA ASP D 48 -47.56 -11.26 61.08
C ASP D 48 -48.47 -10.41 61.96
N GLY D 49 -48.50 -9.10 61.71
CA GLY D 49 -49.28 -8.20 62.54
C GLY D 49 -48.49 -6.99 62.98
N SER D 50 -47.24 -6.90 62.53
CA SER D 50 -46.39 -5.77 62.88
C SER D 50 -46.83 -4.47 62.20
N LEU D 51 -47.69 -4.54 61.20
CA LEU D 51 -48.21 -3.35 60.55
C LEU D 51 -49.62 -3.04 61.03
N PRO D 52 -49.95 -1.77 61.21
CA PRO D 52 -51.30 -1.41 61.66
C PRO D 52 -52.35 -1.76 60.62
N ALA D 53 -53.60 -1.84 61.08
CA ALA D 53 -54.75 -2.18 60.24
C ALA D 53 -54.60 -3.55 59.59
N ASP D 54 -53.90 -4.46 60.25
CA ASP D 54 -53.65 -5.78 59.71
C ASP D 54 -54.75 -6.74 60.16
N VAL D 55 -55.43 -7.34 59.18
CA VAL D 55 -56.39 -8.40 59.45
C VAL D 55 -55.98 -9.71 58.79
N GLY D 56 -55.03 -9.68 57.86
CA GLY D 56 -54.57 -10.88 57.19
C GLY D 56 -55.15 -11.11 55.81
N PHE D 57 -55.90 -10.15 55.27
CA PHE D 57 -56.56 -10.31 53.98
C PHE D 57 -55.54 -10.06 52.86
N ASP D 58 -55.11 -11.15 52.22
CA ASP D 58 -54.24 -11.09 51.06
C ASP D 58 -54.33 -12.42 50.32
N PRO D 59 -55.44 -12.69 49.62
CA PRO D 59 -55.61 -14.00 49.00
C PRO D 59 -54.55 -14.35 47.97
N LEU D 60 -54.07 -13.37 47.22
CA LEU D 60 -53.12 -13.63 46.15
C LEU D 60 -51.68 -13.71 46.63
N GLY D 61 -51.43 -13.49 47.92
CA GLY D 61 -50.07 -13.54 48.42
C GLY D 61 -49.15 -12.50 47.79
N LEU D 62 -49.66 -11.29 47.59
CA LEU D 62 -48.87 -10.25 46.94
C LEU D 62 -47.80 -9.69 47.86
N SER D 63 -47.90 -9.91 49.17
CA SER D 63 -46.95 -9.37 50.13
C SER D 63 -45.71 -10.24 50.28
N ASP D 64 -45.40 -11.08 49.29
CA ASP D 64 -44.25 -11.95 49.36
C ASP D 64 -43.34 -11.84 48.14
N ILE D 65 -43.56 -10.85 47.27
CA ILE D 65 -42.70 -10.65 46.12
C ILE D 65 -41.32 -10.24 46.60
N GLY D 66 -40.29 -10.91 46.09
CA GLY D 66 -38.93 -10.60 46.52
C GLY D 66 -38.34 -9.35 45.91
N PHE D 67 -39.03 -8.73 44.97
CA PHE D 67 -38.52 -7.53 44.32
C PHE D 67 -38.58 -6.35 45.29
N ASP D 68 -37.44 -5.69 45.49
CA ASP D 68 -37.39 -4.48 46.28
C ASP D 68 -37.79 -3.31 45.39
N PHE D 69 -39.00 -2.78 45.61
CA PHE D 69 -39.54 -1.77 44.72
C PHE D 69 -38.85 -0.42 44.85
N THR D 70 -37.98 -0.24 45.84
CA THR D 70 -37.16 0.96 45.88
C THR D 70 -36.25 1.04 44.65
N TYR D 71 -35.93 -0.11 44.05
CA TYR D 71 -35.15 -0.13 42.82
C TYR D 71 -35.92 0.43 41.64
N LEU D 72 -37.25 0.58 41.75
CA LEU D 72 -37.98 1.35 40.74
C LEU D 72 -37.64 2.83 40.82
N MET D 73 -37.16 3.30 41.98
CA MET D 73 -36.74 4.68 42.14
C MET D 73 -35.24 4.81 41.88
N VAL D 74 -34.43 4.13 42.69
CA VAL D 74 -32.98 4.08 42.48
C VAL D 74 -32.66 2.76 41.81
N PRO D 75 -32.49 2.73 40.49
CA PRO D 75 -32.38 1.44 39.78
C PRO D 75 -31.23 0.57 40.24
N THR D 76 -30.14 1.16 40.71
CA THR D 76 -29.00 0.40 41.20
C THR D 76 -28.94 0.42 42.71
N LYS D 77 -28.16 -0.51 43.27
CA LYS D 77 -27.95 -0.54 44.71
C LYS D 77 -27.37 0.77 45.21
N TRP D 78 -26.53 1.43 44.40
CA TRP D 78 -26.00 2.75 44.67
C TRP D 78 -25.17 2.78 45.95
N ASP D 79 -25.81 2.56 47.09
CA ASP D 79 -25.15 2.60 48.38
C ASP D 79 -24.81 1.18 48.84
N GLU D 80 -23.62 1.02 49.42
CA GLU D 80 -23.23 -0.29 49.95
C GLU D 80 -24.00 -0.64 51.21
N SER D 81 -24.62 0.35 51.88
CA SER D 81 -25.43 0.11 53.06
C SER D 81 -26.89 -0.16 52.72
N ARG D 82 -27.24 -0.20 51.44
CA ARG D 82 -28.62 -0.45 51.04
C ARG D 82 -28.97 -1.92 51.24
N THR D 83 -29.39 -2.27 52.46
CA THR D 83 -29.76 -3.64 52.75
C THR D 83 -30.96 -4.08 51.93
N GLY D 84 -31.93 -3.18 51.76
CA GLY D 84 -33.11 -3.48 50.98
C GLY D 84 -34.39 -3.20 51.74
N LEU D 85 -35.49 -3.02 51.00
CA LEU D 85 -36.79 -2.77 51.59
C LEU D 85 -37.75 -3.87 51.21
N SER D 86 -38.45 -4.42 52.19
CA SER D 86 -39.41 -5.48 51.92
C SER D 86 -40.55 -4.95 51.07
N ALA D 87 -41.09 -5.81 50.21
CA ALA D 87 -42.22 -5.42 49.37
C ALA D 87 -43.44 -5.07 50.21
N LEU D 88 -43.56 -5.67 51.40
CA LEU D 88 -44.70 -5.36 52.27
C LEU D 88 -44.66 -3.92 52.75
N LYS D 89 -43.48 -3.43 53.14
CA LYS D 89 -43.37 -2.05 53.60
C LYS D 89 -43.64 -1.07 52.47
N TRP D 90 -43.11 -1.36 51.27
CA TRP D 90 -43.40 -0.52 50.12
C TRP D 90 -44.89 -0.51 49.81
N PHE D 91 -45.54 -1.67 49.92
CA PHE D 91 -46.98 -1.74 49.66
C PHE D 91 -47.76 -0.97 50.73
N ARG D 92 -47.30 -1.00 51.97
CA ARG D 92 -47.96 -0.22 53.02
C ARG D 92 -47.83 1.27 52.76
N GLU D 93 -46.64 1.72 52.36
CA GLU D 93 -46.46 3.13 52.02
C GLU D 93 -47.36 3.51 50.84
N ALA D 94 -47.41 2.64 49.82
CA ALA D 94 -48.26 2.90 48.66
C ALA D 94 -49.72 2.95 49.03
N GLU D 95 -50.16 2.05 49.92
CA GLU D 95 -51.55 2.03 50.35
C GLU D 95 -51.92 3.29 51.13
N ILE D 96 -51.04 3.72 52.04
CA ILE D 96 -51.30 4.95 52.79
C ILE D 96 -51.37 6.14 51.85
N LYS D 97 -50.42 6.23 50.91
CA LYS D 97 -50.42 7.33 49.96
C LYS D 97 -51.67 7.31 49.08
N HIS D 98 -52.06 6.12 48.62
CA HIS D 98 -53.28 5.99 47.83
C HIS D 98 -54.49 6.42 48.63
N GLY D 99 -54.55 6.04 49.90
CA GLY D 99 -55.69 6.42 50.72
C GLY D 99 -55.79 7.92 50.91
N ARG D 100 -54.65 8.57 51.20
CA ARG D 100 -54.67 10.02 51.35
C ARG D 100 -55.08 10.70 50.05
N PHE D 101 -54.51 10.25 48.92
CA PHE D 101 -54.88 10.81 47.63
C PHE D 101 -56.36 10.65 47.35
N ALA D 102 -56.91 9.47 47.65
CA ALA D 102 -58.32 9.20 47.36
C ALA D 102 -59.24 10.00 48.26
N MET D 103 -58.85 10.18 49.54
CA MET D 103 -59.66 11.00 50.45
C MET D 103 -59.72 12.44 49.96
N LEU D 104 -58.57 13.02 49.64
CA LEU D 104 -58.56 14.38 49.11
C LEU D 104 -59.31 14.45 47.79
N ALA D 105 -59.18 13.42 46.96
CA ALA D 105 -59.83 13.42 45.66
C ALA D 105 -61.35 13.38 45.78
N VAL D 106 -61.89 12.54 46.66
CA VAL D 106 -63.33 12.49 46.82
C VAL D 106 -63.83 13.79 47.43
N LEU D 107 -63.06 14.38 48.35
CA LEU D 107 -63.45 15.68 48.87
C LEU D 107 -63.55 16.71 47.77
N GLY D 108 -62.55 16.76 46.88
CA GLY D 108 -62.56 17.72 45.79
C GLY D 108 -63.67 17.46 44.79
N TRP D 109 -63.88 16.20 44.41
CA TRP D 109 -64.90 15.86 43.43
C TRP D 109 -66.30 16.16 43.97
N VAL D 110 -66.53 15.88 45.26
CA VAL D 110 -67.81 16.21 45.87
C VAL D 110 -67.98 17.73 45.96
N ALA D 111 -66.88 18.44 46.23
CA ALA D 111 -66.97 19.91 46.33
C ALA D 111 -67.40 20.53 45.01
N VAL D 112 -66.82 20.08 43.89
CA VAL D 112 -67.14 20.67 42.59
C VAL D 112 -68.49 20.21 42.06
N ASP D 113 -69.11 19.21 42.68
CA ASP D 113 -70.47 18.85 42.31
C ASP D 113 -71.50 19.79 42.93
N MET D 114 -71.22 20.29 44.14
CA MET D 114 -72.12 21.19 44.84
C MET D 114 -71.70 22.65 44.71
N GLY D 115 -70.94 22.98 43.68
CA GLY D 115 -70.49 24.35 43.47
C GLY D 115 -69.08 24.54 44.00
N LEU D 116 -68.89 25.54 44.87
CA LEU D 116 -67.64 25.76 45.60
C LEU D 116 -66.47 25.92 44.63
N ARG D 117 -66.51 27.02 43.88
CA ARG D 117 -65.44 27.35 42.96
C ARG D 117 -64.46 28.32 43.62
N LEU D 118 -63.21 28.27 43.16
CA LEU D 118 -62.17 29.11 43.74
C LEU D 118 -62.47 30.58 43.48
N PRO D 119 -62.22 31.46 44.46
CA PRO D 119 -62.53 32.89 44.29
C PRO D 119 -61.62 33.56 43.27
N VAL D 120 -61.74 33.15 42.01
CA VAL D 120 -60.94 33.70 40.93
C VAL D 120 -61.65 33.37 39.64
N ALA D 121 -61.29 34.07 38.56
CA ALA D 121 -61.88 33.84 37.25
C ALA D 121 -61.49 32.45 36.74
N LYS D 122 -61.95 32.15 35.52
CA LYS D 122 -61.58 30.99 34.71
C LYS D 122 -61.94 29.66 35.37
N TYR D 123 -62.59 29.70 36.53
CA TYR D 123 -63.16 28.52 37.18
C TYR D 123 -64.65 28.76 37.30
N ALA D 124 -65.41 28.51 36.23
CA ALA D 124 -66.83 28.86 36.24
C ALA D 124 -67.72 27.76 36.82
N GLY D 125 -67.91 26.68 36.06
CA GLY D 125 -68.78 25.62 36.52
C GLY D 125 -68.53 24.23 35.97
N TYR D 126 -67.45 24.04 35.22
CA TYR D 126 -67.40 22.93 34.27
C TYR D 126 -67.20 21.58 34.94
N ASN D 127 -68.13 21.23 35.85
CA ASN D 127 -68.22 19.94 36.53
C ASN D 127 -66.87 19.38 36.96
N ALA D 128 -66.79 18.05 37.06
CA ALA D 128 -65.53 17.36 37.32
C ALA D 128 -65.13 16.42 36.20
N VAL D 129 -66.08 15.95 35.39
CA VAL D 129 -65.76 15.08 34.28
C VAL D 129 -65.15 15.86 33.12
N GLN D 130 -65.26 17.19 33.14
CA GLN D 130 -64.70 18.02 32.08
C GLN D 130 -63.76 19.11 32.58
N ALA D 131 -63.75 19.41 33.88
CA ALA D 131 -62.85 20.43 34.39
C ALA D 131 -61.39 20.00 34.26
N HIS D 132 -61.12 18.70 34.40
CA HIS D 132 -59.76 18.21 34.31
C HIS D 132 -59.13 18.58 32.96
N ASP D 133 -59.83 18.29 31.87
CA ASP D 133 -59.28 18.55 30.54
C ASP D 133 -59.15 20.05 30.28
N VAL D 134 -60.17 20.83 30.64
CA VAL D 134 -60.13 22.26 30.35
C VAL D 134 -59.04 22.95 31.16
N PHE D 135 -58.72 22.43 32.34
CA PHE D 135 -57.65 23.02 33.13
C PHE D 135 -56.28 22.50 32.70
N VAL D 136 -56.21 21.26 32.20
CA VAL D 136 -54.98 20.80 31.56
C VAL D 136 -54.65 21.69 30.37
N LYS D 137 -55.69 22.11 29.64
CA LYS D 137 -55.49 23.07 28.56
C LYS D 137 -54.98 24.41 29.09
N SER D 138 -55.52 24.87 30.20
CA SER D 138 -55.18 26.21 30.71
C SER D 138 -54.01 26.18 31.68
N GLY D 139 -52.95 25.49 31.29
CA GLY D 139 -51.62 25.64 31.86
C GLY D 139 -51.42 25.60 33.36
N ASP D 140 -52.45 25.27 34.14
CA ASP D 140 -52.30 25.21 35.59
C ASP D 140 -52.26 23.79 36.14
N MET D 141 -52.85 22.82 35.43
CA MET D 141 -52.65 21.43 35.81
C MET D 141 -51.18 21.03 35.66
N THR D 142 -50.47 21.65 34.72
CA THR D 142 -49.02 21.42 34.62
C THR D 142 -48.30 21.95 35.87
N VAL D 143 -48.72 23.13 36.36
CA VAL D 143 -48.14 23.66 37.58
C VAL D 143 -48.43 22.75 38.76
N GLY D 144 -49.67 22.25 38.84
CA GLY D 144 -49.99 21.29 39.89
C GLY D 144 -49.18 20.02 39.77
N LEU D 145 -48.95 19.55 38.55
CA LEU D 145 -48.09 18.38 38.34
C LEU D 145 -46.68 18.65 38.85
N LEU D 146 -46.13 19.82 38.55
CA LEU D 146 -44.78 20.15 38.99
C LEU D 146 -44.69 20.20 40.52
N ALA D 147 -45.67 20.85 41.16
CA ALA D 147 -45.62 20.98 42.62
C ALA D 147 -45.80 19.62 43.29
N ILE D 148 -46.77 18.82 42.83
CA ILE D 148 -46.99 17.51 43.40
C ILE D 148 -45.79 16.63 43.16
N GLY D 149 -45.14 16.75 42.00
CA GLY D 149 -43.94 15.98 41.74
C GLY D 149 -42.79 16.38 42.63
N PHE D 150 -42.67 17.66 42.93
CA PHE D 150 -41.64 18.11 43.87
C PHE D 150 -41.84 17.48 45.25
N LEU D 151 -43.08 17.56 45.76
CA LEU D 151 -43.37 16.94 47.06
C LEU D 151 -43.16 15.44 47.02
N GLU D 152 -43.57 14.79 45.93
CA GLU D 152 -43.41 13.35 45.77
C GLU D 152 -41.95 12.97 45.75
N VAL D 153 -41.11 13.77 45.09
CA VAL D 153 -39.68 13.47 45.03
C VAL D 153 -39.05 13.58 46.42
N VAL D 154 -39.42 14.61 47.18
CA VAL D 154 -38.87 14.73 48.53
C VAL D 154 -39.27 13.53 49.38
N MET D 155 -40.56 13.19 49.37
CA MET D 155 -41.01 12.08 50.22
C MET D 155 -40.58 10.73 49.68
N GLY D 156 -40.28 10.63 48.39
CA GLY D 156 -39.69 9.41 47.87
C GLY D 156 -38.23 9.29 48.25
N ALA D 157 -37.53 10.41 48.40
CA ALA D 157 -36.22 10.38 49.02
C ALA D 157 -36.32 9.85 50.44
N ALA D 158 -37.40 10.22 51.14
CA ALA D 158 -37.66 9.63 52.45
C ALA D 158 -37.84 8.11 52.36
N ILE D 159 -38.60 7.66 51.36
CA ILE D 159 -38.79 6.22 51.17
C ILE D 159 -37.46 5.53 50.89
N TYR D 160 -36.61 6.15 50.08
CA TYR D 160 -35.31 5.58 49.75
C TYR D 160 -34.42 5.50 50.99
N GLU D 161 -34.47 6.52 51.85
CA GLU D 161 -33.71 6.45 53.09
C GLU D 161 -34.23 5.33 53.97
N MET D 162 -35.55 5.13 53.99
CA MET D 162 -36.12 4.00 54.72
C MET D 162 -35.58 2.67 54.19
N SER D 163 -35.46 2.55 52.87
CA SER D 163 -34.84 1.36 52.29
C SER D 163 -33.39 1.25 52.71
N LYS D 164 -32.68 2.37 52.76
CA LYS D 164 -31.30 2.37 53.23
C LYS D 164 -31.19 1.89 54.66
N GLY D 165 -32.25 2.06 55.45
CA GLY D 165 -32.27 1.53 56.80
C GLY D 165 -32.57 2.55 57.88
N SER D 166 -33.22 3.65 57.52
CA SER D 166 -33.67 4.59 58.53
C SER D 166 -34.85 4.01 59.30
N ASP D 167 -35.00 4.47 60.55
CA ASP D 167 -36.05 3.96 61.42
C ASP D 167 -37.44 4.43 61.01
N ARG D 168 -37.54 5.36 60.06
CA ARG D 168 -38.84 5.87 59.64
C ARG D 168 -39.72 4.75 59.11
N ALA D 169 -40.96 4.72 59.58
CA ALA D 169 -41.93 3.73 59.14
C ALA D 169 -42.68 4.22 57.90
N ALA D 170 -43.36 3.29 57.24
CA ALA D 170 -44.07 3.62 56.01
C ALA D 170 -45.18 4.62 56.28
N GLY D 171 -45.25 5.66 55.46
CA GLY D 171 -46.26 6.68 55.60
C GLY D 171 -46.03 7.67 56.71
N GLU D 172 -44.91 7.58 57.43
CA GLU D 172 -44.63 8.45 58.57
C GLU D 172 -43.75 9.61 58.09
N PHE D 173 -44.38 10.75 57.86
CA PHE D 173 -43.67 11.97 57.49
C PHE D 173 -43.54 12.93 58.67
N SER D 174 -43.90 12.49 59.88
CA SER D 174 -43.80 13.29 61.10
C SER D 174 -44.56 14.59 60.97
N PHE D 175 -45.72 14.54 60.30
CA PHE D 175 -46.56 15.72 60.07
C PHE D 175 -47.68 15.72 61.09
N ASP D 176 -47.43 16.35 62.24
CA ASP D 176 -48.43 16.54 63.28
C ASP D 176 -48.37 17.99 63.76
N PRO D 177 -48.79 18.94 62.93
CA PRO D 177 -48.71 20.35 63.32
C PRO D 177 -49.69 20.71 64.44
N LEU D 178 -50.94 20.29 64.29
CA LEU D 178 -51.95 20.60 65.31
C LEU D 178 -51.75 19.78 66.58
N GLY D 179 -51.03 18.66 66.50
CA GLY D 179 -50.66 17.93 67.69
C GLY D 179 -51.64 16.89 68.18
N LEU D 180 -52.59 16.47 67.35
CA LEU D 180 -53.50 15.40 67.76
C LEU D 180 -52.92 14.02 67.41
N GLY D 181 -51.65 13.82 67.75
CA GLY D 181 -50.96 12.61 67.38
C GLY D 181 -50.20 12.00 68.54
N LYS D 182 -50.25 12.65 69.70
CA LYS D 182 -49.63 12.12 70.91
C LYS D 182 -50.55 11.04 71.49
N ASP D 183 -50.27 10.61 72.73
CA ASP D 183 -51.02 9.53 73.36
C ASP D 183 -51.00 8.29 72.47
N PRO D 184 -49.87 7.56 72.43
CA PRO D 184 -49.68 6.47 71.46
C PRO D 184 -50.91 5.63 71.13
N SER D 185 -51.80 5.39 72.11
CA SER D 185 -53.05 4.72 71.81
C SER D 185 -53.86 5.49 70.78
N LYS D 186 -53.95 6.81 70.95
CA LYS D 186 -54.64 7.64 69.97
C LYS D 186 -53.94 7.58 68.62
N TYR D 187 -52.60 7.54 68.61
CA TYR D 187 -51.88 7.44 67.35
C TYR D 187 -52.19 6.13 66.62
N ALA D 188 -52.23 5.02 67.35
CA ALA D 188 -52.55 3.74 66.72
C ALA D 188 -53.98 3.71 66.21
N ARG D 189 -54.92 4.22 67.01
CA ARG D 189 -56.30 4.28 66.57
C ARG D 189 -56.44 5.15 65.32
N TYR D 190 -55.78 6.31 65.30
CA TYR D 190 -55.82 7.17 64.13
C TYR D 190 -55.14 6.54 62.94
N GLN D 191 -54.09 5.76 63.16
CA GLN D 191 -53.48 5.00 62.07
C GLN D 191 -54.50 4.08 61.42
N VAL D 192 -55.01 3.12 62.18
CA VAL D 192 -55.99 2.16 61.64
C VAL D 192 -57.14 2.91 61.00
N SER D 193 -57.55 4.03 61.61
CA SER D 193 -58.61 4.84 61.04
C SER D 193 -58.22 5.37 59.67
N GLU D 194 -56.99 5.87 59.54
CA GLU D 194 -56.56 6.46 58.28
C GLU D 194 -56.49 5.41 57.18
N ILE D 195 -55.94 4.22 57.49
CA ILE D 195 -55.85 3.18 56.46
C ILE D 195 -57.24 2.67 56.06
N LYS D 196 -58.13 2.46 57.03
CA LYS D 196 -59.48 2.01 56.68
C LYS D 196 -60.23 3.07 55.87
N ASN D 197 -60.12 4.34 56.29
CA ASN D 197 -60.75 5.42 55.55
C ASN D 197 -60.16 5.54 54.15
N GLY D 198 -58.87 5.28 54.01
CA GLY D 198 -58.25 5.32 52.70
C GLY D 198 -58.75 4.24 51.78
N ARG D 199 -58.93 3.02 52.31
CA ARG D 199 -59.52 1.95 51.51
C ARG D 199 -60.93 2.31 51.07
N LEU D 200 -61.73 2.81 52.02
CA LEU D 200 -63.10 3.22 51.70
C LEU D 200 -63.10 4.32 50.65
N ALA D 201 -62.18 5.28 50.76
CA ALA D 201 -62.13 6.39 49.83
C ALA D 201 -61.64 5.96 48.45
N MET D 202 -60.70 5.00 48.39
CA MET D 202 -60.30 4.45 47.11
C MET D 202 -61.49 3.85 46.39
N LEU D 203 -62.23 2.99 47.09
CA LEU D 203 -63.39 2.35 46.45
C LEU D 203 -64.47 3.37 46.11
N ALA D 204 -64.69 4.35 46.98
CA ALA D 204 -65.70 5.37 46.73
C ALA D 204 -65.33 6.23 45.53
N PHE D 205 -64.05 6.59 45.39
CA PHE D 205 -63.63 7.35 44.22
C PHE D 205 -63.75 6.53 42.95
N GLY D 206 -63.43 5.24 43.02
CA GLY D 206 -63.63 4.38 41.87
C GLY D 206 -65.09 4.38 41.44
N GLY D 207 -65.99 4.26 42.40
CA GLY D 207 -67.42 4.31 42.08
C GLY D 207 -67.83 5.66 41.51
N ILE D 208 -67.39 6.74 42.14
CA ILE D 208 -67.80 8.09 41.73
C ILE D 208 -67.34 8.38 40.31
N ALA D 209 -66.08 8.06 40.01
CA ALA D 209 -65.57 8.27 38.66
C ALA D 209 -66.23 7.33 37.66
N THR D 210 -66.54 6.09 38.07
CA THR D 210 -67.21 5.17 37.17
C THR D 210 -68.66 5.57 36.96
N GLN D 211 -69.36 5.95 38.03
CA GLN D 211 -70.76 6.35 37.92
C GLN D 211 -70.94 7.74 37.35
N ALA D 212 -69.88 8.53 37.26
CA ALA D 212 -69.97 9.96 36.96
C ALA D 212 -70.89 10.68 37.94
N VAL D 213 -70.91 10.20 39.18
CA VAL D 213 -71.68 10.73 40.30
C VAL D 213 -73.18 10.49 40.09
N LEU D 214 -73.81 9.88 41.09
CA LEU D 214 -75.26 9.72 41.12
C LEU D 214 -75.92 10.41 42.32
N THR D 215 -75.22 10.51 43.45
CA THR D 215 -75.82 11.09 44.64
C THR D 215 -75.95 12.60 44.56
N ASN D 216 -75.11 13.27 43.76
CA ASN D 216 -75.14 14.72 43.68
C ASN D 216 -75.25 15.26 42.26
N SER D 217 -75.25 14.40 41.25
CA SER D 217 -75.34 14.83 39.85
C SER D 217 -75.81 13.64 39.02
N GLY D 218 -75.79 13.79 37.70
CA GLY D 218 -76.26 12.76 36.81
C GLY D 218 -75.19 12.19 35.91
N PHE D 219 -75.46 11.00 35.36
CA PHE D 219 -74.53 10.34 34.44
C PHE D 219 -74.35 11.14 33.17
N LEU E 39 -40.92 -38.72 32.46
CA LEU E 39 -41.27 -39.01 33.84
C LEU E 39 -40.13 -39.72 34.55
N ASP E 40 -38.91 -39.24 34.32
CA ASP E 40 -37.68 -39.82 34.84
C ASP E 40 -36.71 -38.68 35.13
N GLY E 41 -35.43 -38.99 35.25
CA GLY E 41 -34.40 -37.98 35.27
C GLY E 41 -34.08 -37.49 33.87
N MET E 42 -34.98 -37.78 32.92
CA MET E 42 -34.80 -37.38 31.54
C MET E 42 -34.88 -35.86 31.40
N ILE E 43 -34.26 -35.36 30.34
CA ILE E 43 -34.28 -33.93 30.04
C ILE E 43 -35.64 -33.58 29.45
N GLY E 44 -36.16 -32.41 29.82
CA GLY E 44 -37.42 -31.94 29.27
C GLY E 44 -38.44 -31.57 30.33
N SER E 45 -38.03 -31.62 31.60
CA SER E 45 -38.91 -31.27 32.71
C SER E 45 -38.76 -29.78 33.02
N SER E 46 -39.85 -29.03 32.82
CA SER E 46 -39.85 -27.59 33.01
C SER E 46 -40.71 -27.19 34.20
N ALA E 47 -40.69 -25.91 34.52
CA ALA E 47 -41.37 -25.41 35.72
C ALA E 47 -42.87 -25.63 35.72
N PRO E 48 -43.63 -25.28 34.66
CA PRO E 48 -45.11 -25.34 34.80
C PRO E 48 -45.63 -26.70 35.20
N PHE E 49 -45.06 -27.78 34.65
CA PHE E 49 -45.50 -29.13 34.98
C PHE E 49 -44.26 -30.03 34.91
N LYS E 50 -43.63 -30.22 36.06
CA LYS E 50 -42.44 -31.06 36.12
C LYS E 50 -42.83 -32.53 35.97
N ASN E 51 -42.10 -33.24 35.11
CA ASN E 51 -42.36 -34.65 34.82
C ASN E 51 -43.83 -34.86 34.45
N PHE E 52 -44.23 -34.20 33.37
CA PHE E 52 -45.63 -34.14 32.96
C PHE E 52 -46.03 -35.46 32.32
N ASP E 53 -46.54 -36.37 33.15
CA ASP E 53 -47.14 -37.63 32.68
C ASP E 53 -48.43 -37.86 33.43
N PRO E 54 -49.46 -37.03 33.19
CA PRO E 54 -50.72 -37.21 33.92
C PRO E 54 -51.39 -38.54 33.66
N LEU E 55 -51.24 -39.11 32.47
CA LEU E 55 -51.87 -40.38 32.13
C LEU E 55 -50.97 -41.57 32.41
N GLY E 56 -49.78 -41.34 32.95
CA GLY E 56 -48.90 -42.44 33.34
C GLY E 56 -48.42 -43.31 32.20
N PHE E 57 -48.10 -42.70 31.06
CA PHE E 57 -47.57 -43.47 29.94
C PHE E 57 -46.17 -43.99 30.23
N ALA E 58 -45.39 -43.26 31.02
CA ALA E 58 -44.01 -43.61 31.29
C ALA E 58 -43.81 -44.36 32.60
N ALA E 59 -44.81 -44.35 33.49
CA ALA E 59 -44.66 -45.02 34.78
C ALA E 59 -44.50 -46.54 34.63
N LYS E 60 -45.01 -47.12 33.54
CA LYS E 60 -44.92 -48.55 33.31
C LYS E 60 -43.96 -48.95 32.20
N ALA E 61 -43.57 -48.01 31.34
CA ALA E 61 -42.71 -48.35 30.22
C ALA E 61 -41.27 -48.56 30.68
N ASP E 62 -40.56 -49.42 29.96
CA ASP E 62 -39.16 -49.68 30.23
C ASP E 62 -38.31 -48.60 29.57
N GLN E 63 -36.98 -48.76 29.61
CA GLN E 63 -36.10 -47.75 29.07
C GLN E 63 -36.19 -47.68 27.55
N LYS E 64 -36.36 -48.82 26.89
CA LYS E 64 -36.45 -48.84 25.43
C LYS E 64 -37.69 -48.10 24.94
N THR E 65 -38.84 -48.34 25.57
CA THR E 65 -40.06 -47.65 25.18
C THR E 65 -39.95 -46.15 25.43
N LEU E 66 -39.28 -45.77 26.52
CA LEU E 66 -39.10 -44.35 26.81
C LEU E 66 -38.15 -43.69 25.81
N ASN E 67 -37.12 -44.41 25.38
CA ASN E 67 -36.26 -43.90 24.31
C ASN E 67 -37.05 -43.71 23.03
N LYS E 68 -37.92 -44.67 22.71
CA LYS E 68 -38.78 -44.53 21.54
C LYS E 68 -39.70 -43.32 21.67
N TYR E 69 -40.27 -43.11 22.86
CA TYR E 69 -41.14 -41.95 23.08
C TYR E 69 -40.38 -40.65 22.90
N ARG E 70 -39.15 -40.58 23.44
CA ARG E 70 -38.36 -39.37 23.29
C ARG E 70 -37.99 -39.13 21.83
N GLU E 71 -37.65 -40.18 21.09
CA GLU E 71 -37.36 -40.05 19.67
C GLU E 71 -38.58 -39.50 18.93
N SER E 72 -39.75 -40.06 19.20
CA SER E 72 -40.97 -39.60 18.54
C SER E 72 -41.26 -38.15 18.89
N GLU E 73 -41.11 -37.78 20.17
CA GLU E 73 -41.39 -36.41 20.57
C GLU E 73 -40.44 -35.43 19.90
N LEU E 74 -39.15 -35.75 19.87
CA LEU E 74 -38.19 -34.84 19.26
C LEU E 74 -38.40 -34.72 17.75
N LYS E 75 -38.67 -35.84 17.07
CA LYS E 75 -38.95 -35.77 15.64
C LYS E 75 -40.20 -34.96 15.36
N HIS E 76 -41.26 -35.19 16.13
CA HIS E 76 -42.48 -34.41 15.95
C HIS E 76 -42.23 -32.93 16.20
N GLY E 77 -41.47 -32.60 17.24
CA GLY E 77 -41.20 -31.21 17.54
C GLY E 77 -40.42 -30.52 16.44
N ARG E 78 -39.38 -31.18 15.93
CA ARG E 78 -38.58 -30.58 14.88
C ARG E 78 -39.39 -30.41 13.60
N VAL E 79 -40.15 -31.44 13.22
CA VAL E 79 -40.98 -31.35 12.03
C VAL E 79 -42.02 -30.25 12.19
N ALA E 80 -42.55 -30.09 13.40
CA ALA E 80 -43.59 -29.09 13.64
C ALA E 80 -43.02 -27.67 13.63
N MET E 81 -41.81 -27.49 14.15
CA MET E 81 -41.15 -26.19 14.05
C MET E 81 -40.94 -25.81 12.59
N LEU E 82 -40.42 -26.76 11.80
CA LEU E 82 -40.26 -26.50 10.38
C LEU E 82 -41.60 -26.19 9.71
N ALA E 83 -42.65 -26.95 10.09
CA ALA E 83 -43.95 -26.77 9.47
C ALA E 83 -44.56 -25.42 9.80
N VAL E 84 -44.44 -24.97 11.05
CA VAL E 84 -44.98 -23.67 11.43
C VAL E 84 -44.25 -22.56 10.71
N LEU E 85 -42.91 -22.61 10.72
CA LEU E 85 -42.15 -21.58 10.02
C LEU E 85 -42.49 -21.55 8.54
N GLY E 86 -42.60 -22.72 7.92
CA GLY E 86 -42.97 -22.77 6.52
C GLY E 86 -44.37 -22.26 6.27
N TRP E 87 -45.31 -22.60 7.14
CA TRP E 87 -46.68 -22.11 7.00
C TRP E 87 -46.69 -20.59 6.94
N ILE E 88 -46.07 -19.93 7.92
CA ILE E 88 -46.11 -18.48 7.95
C ILE E 88 -45.37 -17.90 6.75
N VAL E 89 -44.14 -18.34 6.52
CA VAL E 89 -43.30 -17.73 5.48
C VAL E 89 -43.94 -17.92 4.11
N GLN E 90 -44.42 -19.13 3.82
CA GLN E 90 -45.17 -19.38 2.61
C GLN E 90 -46.36 -18.43 2.48
N GLU E 91 -47.05 -18.18 3.61
CA GLU E 91 -48.19 -17.28 3.54
C GLU E 91 -47.78 -15.89 3.09
N PHE E 92 -46.70 -15.34 3.63
CA PHE E 92 -46.33 -13.99 3.23
C PHE E 92 -45.09 -13.93 2.31
N TRP E 93 -44.61 -15.08 1.82
CA TRP E 93 -43.52 -15.07 0.85
C TRP E 93 -43.44 -16.42 0.15
N HIS E 94 -43.69 -16.45 -1.15
CA HIS E 94 -43.53 -17.66 -1.96
C HIS E 94 -42.79 -17.31 -3.25
N PRO E 95 -41.51 -16.98 -3.15
CA PRO E 95 -40.76 -16.58 -4.36
C PRO E 95 -40.64 -17.68 -5.40
N LEU E 96 -40.58 -18.94 -4.98
CA LEU E 96 -40.33 -20.03 -5.92
C LEU E 96 -41.56 -20.29 -6.79
N TYR E 97 -41.34 -21.08 -7.84
CA TYR E 97 -42.39 -21.46 -8.78
C TYR E 97 -42.99 -20.25 -9.50
N ASP E 98 -42.18 -19.22 -9.69
CA ASP E 98 -42.57 -17.99 -10.39
C ASP E 98 -43.88 -17.45 -9.83
N GLY E 99 -43.85 -17.14 -8.54
CA GLY E 99 -45.09 -16.83 -7.85
C GLY E 99 -46.00 -18.04 -7.88
N LYS E 100 -47.26 -17.82 -8.22
CA LYS E 100 -48.28 -18.87 -8.28
C LYS E 100 -48.27 -19.61 -6.95
N LEU E 101 -48.68 -20.88 -6.95
CA LEU E 101 -48.59 -21.73 -5.76
C LEU E 101 -49.24 -21.05 -4.56
N SER E 102 -50.57 -20.92 -4.67
CA SER E 102 -51.37 -20.04 -3.82
C SER E 102 -50.89 -20.02 -2.38
N SER E 103 -50.83 -18.81 -1.82
CA SER E 103 -50.17 -18.59 -0.53
C SER E 103 -50.84 -19.37 0.60
N ASN E 104 -52.08 -19.79 0.43
CA ASN E 104 -52.75 -20.57 1.45
C ASN E 104 -52.18 -21.98 1.46
N PRO E 105 -51.59 -22.44 2.57
CA PRO E 105 -51.18 -23.84 2.65
C PRO E 105 -52.39 -24.76 2.61
N LEU E 106 -52.11 -26.05 2.40
CA LEU E 106 -53.13 -27.08 2.17
C LEU E 106 -53.81 -26.86 0.81
N LYS E 107 -53.45 -25.78 0.14
CA LYS E 107 -53.80 -25.54 -1.26
C LYS E 107 -52.59 -25.63 -2.18
N ALA E 108 -51.45 -25.09 -1.76
CA ALA E 108 -50.20 -25.32 -2.45
C ALA E 108 -49.73 -26.76 -2.31
N LEU E 109 -50.27 -27.50 -1.33
CA LEU E 109 -49.94 -28.91 -1.20
C LEU E 109 -50.37 -29.70 -2.43
N THR E 110 -51.43 -29.26 -3.10
CA THR E 110 -51.93 -29.91 -4.31
C THR E 110 -51.52 -29.16 -5.57
N GLU E 111 -50.57 -28.23 -5.49
CA GLU E 111 -50.10 -27.48 -6.63
C GLU E 111 -48.63 -27.68 -6.96
N VAL E 112 -47.85 -28.25 -6.06
CA VAL E 112 -46.44 -28.54 -6.35
C VAL E 112 -46.37 -29.56 -7.48
N PRO E 113 -45.42 -29.45 -8.42
CA PRO E 113 -45.42 -30.30 -9.62
C PRO E 113 -45.54 -31.80 -9.41
N LEU E 114 -45.48 -32.27 -8.15
CA LEU E 114 -45.66 -33.67 -7.77
C LEU E 114 -44.44 -34.49 -8.18
N ILE E 115 -43.54 -33.88 -8.94
CA ILE E 115 -42.20 -34.44 -9.12
C ILE E 115 -41.21 -33.75 -8.18
N GLY E 116 -41.53 -32.55 -7.69
CA GLY E 116 -40.81 -31.99 -6.56
C GLY E 116 -41.23 -32.59 -5.25
N TRP E 117 -42.46 -33.06 -5.15
CA TRP E 117 -42.87 -33.81 -3.96
C TRP E 117 -42.07 -35.09 -3.82
N ALA E 118 -41.82 -35.78 -4.94
CA ALA E 118 -41.08 -37.03 -4.89
C ALA E 118 -39.66 -36.81 -4.40
N GLN E 119 -39.02 -35.73 -4.84
CA GLN E 119 -37.65 -35.46 -4.44
C GLN E 119 -37.57 -35.10 -2.96
N ILE E 120 -38.53 -34.33 -2.46
CA ILE E 120 -38.56 -34.05 -1.02
C ILE E 120 -38.78 -35.32 -0.23
N PHE E 121 -39.67 -36.18 -0.70
CA PHE E 121 -39.92 -37.46 -0.04
C PHE E 121 -38.66 -38.32 -0.01
N VAL E 122 -37.94 -38.38 -1.14
CA VAL E 122 -36.73 -39.20 -1.21
C VAL E 122 -35.64 -38.62 -0.32
N ALA E 123 -35.54 -37.29 -0.24
CA ALA E 123 -34.54 -36.68 0.61
C ALA E 123 -34.83 -36.97 2.09
N ILE E 124 -36.10 -36.83 2.49
CA ILE E 124 -36.47 -37.17 3.87
C ILE E 124 -36.18 -38.63 4.15
N ASN E 125 -36.45 -39.50 3.17
CA ASN E 125 -36.21 -40.93 3.35
C ASN E 125 -34.72 -41.22 3.53
N VAL E 126 -33.88 -40.59 2.72
CA VAL E 126 -32.43 -40.80 2.84
C VAL E 126 -31.94 -40.27 4.19
N ILE E 127 -32.48 -39.13 4.62
CA ILE E 127 -32.10 -38.57 5.91
C ILE E 127 -32.45 -39.53 7.04
N GLU E 128 -33.64 -40.13 6.97
CA GLU E 128 -34.05 -41.04 8.03
C GLU E 128 -33.34 -42.39 7.94
N TYR E 129 -32.92 -42.80 6.75
CA TYR E 129 -32.03 -43.95 6.63
C TYR E 129 -30.69 -43.67 7.32
N LEU E 130 -30.16 -42.48 7.13
CA LEU E 130 -28.94 -42.09 7.83
C LEU E 130 -29.15 -42.04 9.34
N GLN E 131 -30.32 -41.55 9.77
CA GLN E 131 -30.63 -41.54 11.19
C GLN E 131 -30.72 -42.96 11.76
N ASN E 132 -31.32 -43.88 11.00
CA ASN E 132 -31.35 -45.28 11.41
C ASN E 132 -29.95 -45.83 11.56
N LYS E 133 -29.07 -45.52 10.61
CA LYS E 133 -27.68 -45.97 10.71
C LYS E 133 -27.00 -45.37 11.94
N ILE E 134 -27.32 -44.11 12.26
CA ILE E 134 -26.77 -43.47 13.45
C ILE E 134 -27.24 -44.20 14.71
N LYS E 135 -28.50 -44.65 14.72
CA LYS E 135 -29.09 -45.24 15.91
C LYS E 135 -28.33 -46.47 16.41
N GLU E 136 -27.55 -47.13 15.56
CA GLU E 136 -26.79 -48.30 15.97
C GLU E 136 -25.36 -47.95 16.38
N LEU E 137 -24.97 -46.69 16.33
CA LEU E 137 -23.65 -46.30 16.80
C LEU E 137 -23.59 -46.45 18.31
N PRO E 138 -22.45 -46.89 18.86
CA PRO E 138 -22.36 -47.11 20.30
C PRO E 138 -22.58 -45.82 21.09
N GLY E 139 -23.25 -45.95 22.22
CA GLY E 139 -23.54 -44.81 23.05
C GLY E 139 -24.63 -43.90 22.53
N TYR E 140 -25.47 -44.40 21.63
CA TYR E 140 -26.50 -43.56 21.01
C TYR E 140 -27.53 -43.12 22.05
N ARG E 141 -27.95 -41.87 21.95
CA ARG E 141 -28.99 -41.28 22.76
C ARG E 141 -30.23 -41.03 21.91
N PRO E 142 -31.44 -41.10 22.49
CA PRO E 142 -32.67 -41.17 21.68
C PRO E 142 -32.77 -40.16 20.54
N GLY E 143 -32.76 -38.87 20.87
CA GLY E 143 -32.89 -37.86 19.85
C GLY E 143 -31.59 -37.28 19.34
N ASP E 144 -30.45 -37.79 19.79
CA ASP E 144 -29.15 -37.20 19.49
C ASP E 144 -28.64 -37.79 18.19
N TYR E 145 -28.80 -37.04 17.09
CA TYR E 145 -28.24 -37.44 15.81
C TYR E 145 -26.94 -36.71 15.48
N LEU E 146 -26.56 -35.74 16.30
CA LEU E 146 -25.26 -35.09 16.18
C LEU E 146 -24.17 -35.84 16.91
N GLY E 147 -24.52 -36.84 17.72
CA GLY E 147 -23.53 -37.57 18.49
C GLY E 147 -22.89 -36.76 19.58
N THR E 148 -23.67 -35.93 20.27
CA THR E 148 -23.12 -35.09 21.34
C THR E 148 -22.64 -35.91 22.52
N TRP E 149 -23.04 -37.19 22.63
CA TRP E 149 -22.54 -38.04 23.69
C TRP E 149 -21.03 -38.27 23.58
N GLU E 150 -20.47 -38.07 22.38
CA GLU E 150 -19.02 -38.19 22.23
C GLU E 150 -18.28 -37.13 23.02
N TRP E 151 -18.78 -35.90 23.01
CA TRP E 151 -18.16 -34.80 23.74
C TRP E 151 -18.77 -34.56 25.11
N VAL E 152 -20.08 -34.76 25.25
CA VAL E 152 -20.79 -34.40 26.48
C VAL E 152 -20.85 -35.66 27.35
N GLU E 153 -19.85 -35.80 28.19
CA GLU E 153 -19.91 -36.69 29.35
C GLU E 153 -19.98 -35.80 30.59
N GLN E 154 -20.84 -36.19 31.55
CA GLN E 154 -21.15 -35.35 32.71
C GLN E 154 -21.74 -34.00 32.24
N SER E 155 -22.95 -34.11 31.68
CA SER E 155 -23.65 -32.95 31.15
C SER E 155 -23.79 -31.86 32.21
N ASP E 156 -23.83 -30.62 31.74
CA ASP E 156 -23.95 -29.45 32.61
C ASP E 156 -25.44 -29.11 32.78
N GLU E 157 -25.71 -27.98 33.44
CA GLU E 157 -27.09 -27.48 33.49
C GLU E 157 -27.43 -26.66 32.26
N GLY E 158 -26.43 -26.04 31.62
CA GLY E 158 -26.69 -25.33 30.38
C GLY E 158 -27.09 -26.25 29.24
N TRP E 159 -26.42 -27.40 29.14
CA TRP E 159 -26.76 -28.36 28.10
C TRP E 159 -28.17 -28.92 28.30
N ASP E 160 -28.50 -29.29 29.54
CA ASP E 160 -29.85 -29.77 29.84
C ASP E 160 -30.88 -28.69 29.60
N SER E 161 -30.56 -27.44 29.97
CA SER E 161 -31.50 -26.35 29.75
C SER E 161 -31.72 -26.10 28.25
N TYR E 162 -30.67 -26.20 27.45
CA TYR E 162 -30.84 -26.00 26.01
C TYR E 162 -31.63 -27.13 25.38
N GLN E 163 -31.40 -28.37 25.82
CA GLN E 163 -32.21 -29.49 25.32
C GLN E 163 -33.67 -29.31 25.70
N THR E 164 -33.92 -28.85 26.93
CA THR E 164 -35.29 -28.58 27.35
C THR E 164 -35.91 -27.44 26.54
N LYS E 165 -35.10 -26.44 26.20
CA LYS E 165 -35.59 -25.35 25.36
C LYS E 165 -36.02 -25.87 24.00
N GLU E 166 -35.19 -26.73 23.39
CA GLU E 166 -35.56 -27.33 22.12
C GLU E 166 -36.84 -28.14 22.24
N LEU E 167 -36.94 -28.94 23.30
CA LEU E 167 -38.13 -29.76 23.48
C LEU E 167 -39.39 -28.92 23.66
N ASN E 168 -39.30 -27.86 24.47
CA ASN E 168 -40.46 -27.02 24.73
C ASN E 168 -40.88 -26.25 23.49
N ASN E 169 -39.90 -25.74 22.73
CA ASN E 169 -40.22 -25.07 21.47
C ASN E 169 -40.86 -26.05 20.50
N GLY E 170 -40.37 -27.29 20.47
CA GLY E 170 -40.99 -28.30 19.63
C GLY E 170 -42.42 -28.61 20.02
N ARG E 171 -42.68 -28.69 21.33
CA ARG E 171 -44.04 -28.95 21.80
C ARG E 171 -44.98 -27.80 21.43
N LEU E 172 -44.52 -26.57 21.64
CA LEU E 172 -45.32 -25.41 21.28
C LEU E 172 -45.58 -25.39 19.77
N ALA E 173 -44.58 -25.75 18.98
CA ALA E 173 -44.78 -25.80 17.53
C ALA E 173 -45.71 -26.93 17.13
N MET E 174 -45.69 -28.06 17.83
CA MET E 174 -46.65 -29.12 17.53
C MET E 174 -48.08 -28.63 17.77
N VAL E 175 -48.32 -27.99 18.92
CA VAL E 175 -49.65 -27.46 19.19
C VAL E 175 -50.02 -26.41 18.14
N ALA E 176 -49.06 -25.55 17.78
CA ALA E 176 -49.33 -24.47 16.84
C ALA E 176 -49.66 -25.01 15.45
N ILE E 177 -48.94 -26.03 14.99
CA ILE E 177 -49.19 -26.56 13.65
C ILE E 177 -50.49 -27.34 13.62
N ALA E 178 -50.83 -28.04 14.70
CA ALA E 178 -52.13 -28.68 14.77
C ALA E 178 -53.25 -27.64 14.67
N GLY E 179 -53.10 -26.55 15.43
CA GLY E 179 -54.09 -25.49 15.35
C GLY E 179 -54.15 -24.85 13.98
N LEU E 180 -53.00 -24.64 13.35
CA LEU E 180 -52.97 -24.06 12.00
C LEU E 180 -53.74 -24.92 11.02
N ILE E 181 -53.45 -26.23 11.00
CA ILE E 181 -54.10 -27.11 10.05
C ILE E 181 -55.60 -27.17 10.31
N VAL E 182 -55.99 -27.27 11.59
CA VAL E 182 -57.41 -27.37 11.91
C VAL E 182 -58.15 -26.09 11.52
N GLN E 183 -57.56 -24.93 11.84
CA GLN E 183 -58.19 -23.66 11.49
C GLN E 183 -58.31 -23.50 9.99
N ASP E 184 -57.27 -23.84 9.24
CA ASP E 184 -57.33 -23.72 7.79
C ASP E 184 -58.35 -24.69 7.21
N LEU E 185 -58.53 -25.84 7.84
CA LEU E 185 -59.53 -26.79 7.36
C LEU E 185 -60.95 -26.29 7.60
N ILE E 186 -61.23 -25.81 8.81
CA ILE E 186 -62.60 -25.45 9.15
C ILE E 186 -62.98 -24.10 8.54
N THR E 187 -62.07 -23.14 8.52
CA THR E 187 -62.40 -21.80 8.03
C THR E 187 -62.07 -21.63 6.56
N GLY E 188 -60.96 -22.17 6.08
CA GLY E 188 -60.54 -22.00 4.72
C GLY E 188 -59.53 -20.89 4.50
N GLN E 189 -59.27 -20.08 5.51
CA GLN E 189 -58.29 -19.01 5.43
C GLN E 189 -56.99 -19.43 6.12
N ALA E 190 -55.89 -18.81 5.69
CA ALA E 190 -54.60 -19.10 6.27
C ALA E 190 -54.40 -18.29 7.56
N ALA E 191 -53.23 -18.44 8.17
CA ALA E 191 -52.95 -17.83 9.46
C ALA E 191 -53.04 -16.31 9.44
N LEU E 192 -52.15 -15.67 8.68
CA LEU E 192 -52.13 -14.21 8.62
C LEU E 192 -53.32 -13.65 7.85
N GLU E 193 -54.04 -14.48 7.09
CA GLU E 193 -55.26 -14.02 6.44
C GLU E 193 -56.43 -14.01 7.41
N GLN E 194 -56.58 -15.08 8.18
CA GLN E 194 -57.65 -15.14 9.18
C GLN E 194 -57.44 -14.08 10.26
N ILE E 195 -56.19 -13.90 10.69
CA ILE E 195 -55.89 -12.88 11.70
C ILE E 195 -56.19 -11.49 11.16
N THR E 196 -55.79 -11.22 9.91
CA THR E 196 -55.97 -9.88 9.34
C THR E 196 -57.45 -9.52 9.24
N ALA E 197 -58.27 -10.45 8.73
CA ALA E 197 -59.70 -10.19 8.62
C ALA E 197 -60.34 -10.04 10.00
N GLY E 198 -59.96 -10.90 10.94
CA GLY E 198 -60.53 -10.87 12.27
C GLY E 198 -61.44 -12.04 12.56
N ASN E 199 -61.20 -13.16 11.88
CA ASN E 199 -62.00 -14.37 12.07
C ASN E 199 -61.50 -15.15 13.29
N THR E 200 -61.61 -14.51 14.45
CA THR E 200 -61.17 -15.10 15.70
C THR E 200 -62.33 -15.19 16.69
N LYS F 6 0.35 17.53 42.41
CA LYS F 6 0.40 16.08 42.62
C LYS F 6 -0.94 15.45 42.31
N SER F 7 -1.47 15.70 41.11
CA SER F 7 -2.75 15.16 40.72
C SER F 7 -2.67 13.65 40.55
N THR F 8 -3.83 13.00 40.68
CA THR F 8 -3.92 11.55 40.59
C THR F 8 -4.08 11.05 39.15
N ILE F 9 -4.11 11.94 38.17
CA ILE F 9 -4.34 11.54 36.78
C ILE F 9 -3.16 11.92 35.91
N VAL F 10 -2.42 12.95 36.30
CA VAL F 10 -1.35 13.49 35.47
C VAL F 10 -0.07 13.61 36.30
N ASP F 11 1.05 13.61 35.58
CA ASP F 11 2.37 13.90 36.14
C ASP F 11 2.83 15.25 35.64
N PHE F 12 3.30 16.10 36.55
CA PHE F 12 3.63 17.48 36.23
C PHE F 12 5.10 17.61 35.85
N ASN F 13 5.34 18.31 34.75
CA ASN F 13 6.68 18.55 34.23
C ASN F 13 7.49 17.26 34.07
N PRO F 14 7.00 16.30 33.26
CA PRO F 14 7.76 15.05 33.11
C PRO F 14 8.98 15.21 32.24
N VAL F 15 8.89 15.95 31.13
CA VAL F 15 9.98 16.11 30.18
C VAL F 15 10.25 17.60 30.03
N GLU F 16 11.53 17.96 30.09
CA GLU F 16 11.92 19.35 29.94
C GLU F 16 11.88 19.77 28.48
N THR F 17 11.36 20.97 28.24
CA THR F 17 11.29 21.54 26.89
C THR F 17 12.68 22.07 26.53
N SER F 18 13.43 21.31 25.75
CA SER F 18 14.79 21.66 25.39
C SER F 18 15.05 21.30 23.94
N PHE F 19 15.95 22.05 23.31
CA PHE F 19 16.38 21.79 21.95
C PHE F 19 17.59 20.88 21.87
N GLU F 20 18.09 20.42 23.02
CA GLU F 20 19.32 19.61 23.02
C GLU F 20 19.14 18.31 22.25
N LYS F 21 18.00 17.64 22.45
CA LYS F 21 17.76 16.37 21.75
C LYS F 21 17.41 16.56 20.28
N TRP F 22 17.05 17.78 19.87
CA TRP F 22 16.83 18.03 18.45
C TRP F 22 18.13 17.93 17.66
N ALA F 23 19.25 18.22 18.31
CA ALA F 23 20.56 18.19 17.66
C ALA F 23 21.23 16.83 17.78
N LYS F 24 20.55 15.83 18.33
CA LYS F 24 21.07 14.48 18.47
C LYS F 24 20.10 13.53 17.78
N PRO F 25 20.19 13.39 16.46
CA PRO F 25 19.28 12.50 15.75
C PRO F 25 19.41 11.06 16.23
N GLY F 26 18.27 10.36 16.31
CA GLY F 26 18.27 8.99 16.77
C GLY F 26 18.39 8.82 18.26
N GLN F 27 18.18 9.88 19.04
CA GLN F 27 18.31 9.78 20.48
C GLN F 27 17.27 8.84 21.08
N PHE F 28 16.14 8.66 20.41
CA PHE F 28 15.07 7.83 20.96
C PHE F 28 15.47 6.35 20.99
N SER F 29 16.22 5.90 19.99
CA SER F 29 16.58 4.50 19.86
C SER F 29 17.87 4.19 20.59
N ARG F 30 17.92 3.04 21.26
CA ARG F 30 19.14 2.61 21.91
C ARG F 30 20.24 2.28 20.91
N THR F 31 19.85 1.77 19.74
CA THR F 31 20.83 1.37 18.73
C THR F 31 21.28 2.54 17.88
N LEU F 32 20.36 3.46 17.55
CA LEU F 32 20.68 4.58 16.67
C LEU F 32 21.34 5.74 17.42
N ALA F 33 21.34 5.73 18.75
CA ALA F 33 21.86 6.86 19.50
C ALA F 33 23.37 6.99 19.36
N LYS F 34 24.06 5.89 19.08
CA LYS F 34 25.53 5.93 18.98
C LYS F 34 26.01 6.71 17.77
N GLY F 35 25.14 6.95 16.79
CA GLY F 35 25.52 7.70 15.61
C GLY F 35 25.64 6.83 14.38
N PRO F 36 25.54 7.45 13.20
CA PRO F 36 25.59 6.67 11.96
C PRO F 36 26.99 6.18 11.66
N LYS F 37 27.07 4.93 11.20
CA LYS F 37 28.28 4.37 10.62
C LYS F 37 28.11 3.98 9.16
N THR F 38 26.90 3.62 8.75
CA THR F 38 26.56 3.35 7.36
C THR F 38 25.29 4.11 7.02
N THR F 39 24.97 4.18 5.72
CA THR F 39 23.75 4.85 5.29
C THR F 39 22.49 4.13 5.75
N THR F 40 22.60 2.88 6.22
CA THR F 40 21.44 2.18 6.78
C THR F 40 20.91 2.90 8.01
N TRP F 41 21.79 3.59 8.75
CA TRP F 41 21.36 4.31 9.93
C TRP F 41 20.34 5.39 9.59
N ILE F 42 20.54 6.08 8.46
CA ILE F 42 19.62 7.14 8.06
C ILE F 42 18.23 6.58 7.83
N TRP F 43 18.13 5.46 7.11
CA TRP F 43 16.83 4.86 6.86
C TRP F 43 16.21 4.28 8.12
N ASN F 44 17.04 3.70 8.99
CA ASN F 44 16.53 3.18 10.25
C ASN F 44 16.02 4.29 11.15
N LEU F 45 16.56 5.51 10.99
CA LEU F 45 16.12 6.63 11.80
C LEU F 45 14.66 6.96 11.55
N HIS F 46 14.23 6.95 10.29
CA HIS F 46 12.84 7.27 9.96
C HIS F 46 11.91 6.09 10.13
N ALA F 47 12.44 4.87 10.00
CA ALA F 47 11.61 3.68 10.16
C ALA F 47 11.25 3.39 11.60
N ASP F 48 11.99 3.94 12.55
CA ASP F 48 11.75 3.72 13.98
C ASP F 48 11.29 4.97 14.70
N ALA F 49 10.97 6.05 13.97
CA ALA F 49 10.64 7.32 14.60
C ALA F 49 9.39 7.21 15.45
N HIS F 50 8.34 6.59 14.92
CA HIS F 50 7.06 6.47 15.61
C HIS F 50 6.86 5.11 16.26
N ASP F 51 7.87 4.24 16.23
CA ASP F 51 7.77 2.96 16.91
C ASP F 51 8.10 3.15 18.39
N PHE F 52 7.15 3.76 19.10
CA PHE F 52 7.36 4.12 20.49
C PHE F 52 7.50 2.89 21.40
N ASP F 53 7.08 1.72 20.92
CA ASP F 53 7.19 0.50 21.72
C ASP F 53 8.65 0.15 22.00
N ILE F 54 9.53 0.32 20.99
CA ILE F 54 10.94 -0.01 21.17
C ILE F 54 11.76 1.13 21.72
N GLN F 55 11.17 2.32 21.86
CA GLN F 55 11.89 3.46 22.43
C GLN F 55 11.81 3.52 23.94
N THR F 56 10.73 3.00 24.53
CA THR F 56 10.57 2.95 25.97
C THR F 56 10.04 1.57 26.37
N ASN F 57 10.33 1.17 27.60
CA ASN F 57 9.86 -0.10 28.14
C ASN F 57 8.63 0.08 29.01
N SER F 58 8.07 1.28 29.07
CA SER F 58 6.93 1.60 29.93
C SER F 58 5.72 1.92 29.06
N LEU F 59 4.59 1.25 29.35
CA LEU F 59 3.36 1.54 28.62
C LEU F 59 2.90 2.97 28.84
N GLN F 60 3.19 3.54 30.00
CA GLN F 60 2.80 4.93 30.29
C GLN F 60 3.47 5.90 29.33
N GLU F 61 4.77 5.73 29.10
CA GLU F 61 5.49 6.63 28.20
C GLU F 61 5.00 6.49 26.77
N VAL F 62 4.75 5.26 26.33
CA VAL F 62 4.21 5.03 25.00
C VAL F 62 2.85 5.71 24.85
N SER F 63 2.00 5.57 25.87
CA SER F 63 0.68 6.19 25.82
C SER F 63 0.78 7.71 25.74
N ARG F 64 1.68 8.31 26.53
CA ARG F 64 1.84 9.76 26.50
C ARG F 64 2.35 10.23 25.14
N LYS F 65 3.32 9.50 24.57
CA LYS F 65 3.81 9.84 23.24
C LYS F 65 2.70 9.75 22.20
N ILE F 66 1.87 8.71 22.30
CA ILE F 66 0.76 8.53 21.36
C ILE F 66 -0.23 9.68 21.50
N PHE F 67 -0.52 10.10 22.73
CA PHE F 67 -1.47 11.18 22.98
C PHE F 67 -0.97 12.48 22.36
N SER F 68 0.30 12.81 22.57
CA SER F 68 0.86 14.03 21.98
C SER F 68 0.94 13.93 20.46
N ALA F 69 1.23 12.73 19.93
CA ALA F 69 1.24 12.56 18.48
C ALA F 69 -0.15 12.76 17.89
N HIS F 70 -1.19 12.30 18.59
CA HIS F 70 -2.55 12.56 18.16
C HIS F 70 -2.82 14.07 18.13
N PHE F 71 -2.35 14.78 19.14
CA PHE F 71 -2.53 16.24 19.14
C PHE F 71 -1.83 16.89 17.96
N GLY F 72 -0.60 16.46 17.67
CA GLY F 72 0.10 16.98 16.50
C GLY F 72 -0.62 16.68 15.20
N GLN F 73 -1.16 15.47 15.08
CA GLN F 73 -1.91 15.11 13.87
C GLN F 73 -3.16 15.96 13.72
N LEU F 74 -3.88 16.19 14.82
CA LEU F 74 -5.07 17.03 14.75
C LEU F 74 -4.72 18.47 14.43
N ALA F 75 -3.57 18.96 14.93
CA ALA F 75 -3.11 20.29 14.54
C ALA F 75 -2.82 20.35 13.05
N VAL F 76 -2.20 19.31 12.50
CA VAL F 76 -1.94 19.26 11.06
C VAL F 76 -3.25 19.27 10.28
N ILE F 77 -4.23 18.49 10.73
CA ILE F 77 -5.52 18.45 10.05
C ILE F 77 -6.20 19.80 10.10
N PHE F 78 -6.13 20.48 11.25
CA PHE F 78 -6.73 21.80 11.38
C PHE F 78 -6.04 22.81 10.48
N LEU F 79 -4.71 22.72 10.36
CA LEU F 79 -3.99 23.59 9.44
C LEU F 79 -4.41 23.34 8.00
N TRP F 80 -4.59 22.07 7.63
CA TRP F 80 -5.04 21.73 6.28
C TRP F 80 -6.44 22.29 6.01
N LEU F 81 -7.35 22.17 6.98
CA LEU F 81 -8.69 22.71 6.82
C LEU F 81 -8.66 24.23 6.72
N SER F 82 -7.82 24.87 7.53
CA SER F 82 -7.67 26.32 7.46
C SER F 82 -7.14 26.75 6.11
N GLY F 83 -6.20 25.99 5.55
CA GLY F 83 -5.72 26.30 4.21
C GLY F 83 -6.81 26.16 3.16
N MET F 84 -7.65 25.13 3.29
CA MET F 84 -8.74 24.95 2.33
C MET F 84 -9.70 26.13 2.40
N HIS F 85 -10.07 26.53 3.62
CA HIS F 85 -10.99 27.65 3.76
C HIS F 85 -10.37 28.96 3.29
N PHE F 86 -9.07 29.15 3.54
CA PHE F 86 -8.40 30.36 3.07
C PHE F 86 -8.35 30.41 1.55
N HIS F 87 -8.09 29.26 0.90
CA HIS F 87 -8.12 29.23 -0.55
C HIS F 87 -9.51 29.51 -1.09
N GLY F 88 -10.54 28.96 -0.43
CA GLY F 88 -11.90 29.29 -0.83
C GLY F 88 -12.20 30.77 -0.68
N ALA F 89 -11.64 31.40 0.35
CA ALA F 89 -11.92 32.81 0.60
C ALA F 89 -11.19 33.72 -0.39
N TYR F 90 -9.95 33.38 -0.74
CA TYR F 90 -9.07 34.30 -1.46
C TYR F 90 -8.82 33.91 -2.91
N PHE F 91 -8.66 32.62 -3.21
CA PHE F 91 -8.26 32.18 -4.54
C PHE F 91 -9.33 31.30 -5.17
N SER F 92 -10.60 31.67 -5.01
CA SER F 92 -11.69 30.86 -5.49
C SER F 92 -12.76 31.72 -6.12
N ASN F 93 -13.65 31.07 -6.87
CA ASN F 93 -14.81 31.70 -7.49
C ASN F 93 -16.09 31.25 -6.78
N TYR F 94 -16.02 31.13 -5.45
CA TYR F 94 -17.16 30.61 -4.70
C TYR F 94 -18.36 31.53 -4.80
N SER F 95 -18.13 32.85 -4.77
CA SER F 95 -19.24 33.79 -4.90
C SER F 95 -19.91 33.66 -6.26
N ALA F 96 -19.13 33.52 -7.32
CA ALA F 96 -19.70 33.33 -8.65
C ALA F 96 -20.40 31.98 -8.77
N TRP F 97 -19.84 30.94 -8.14
CA TRP F 97 -20.46 29.63 -8.18
C TRP F 97 -21.78 29.59 -7.43
N LEU F 98 -21.91 30.42 -6.39
CA LEU F 98 -23.17 30.46 -5.64
C LEU F 98 -24.32 30.93 -6.51
N THR F 99 -24.08 31.93 -7.35
CA THR F 99 -25.13 32.47 -8.21
C THR F 99 -25.40 31.62 -9.43
N ASN F 100 -24.53 30.65 -9.75
CA ASN F 100 -24.70 29.79 -10.92
C ASN F 100 -24.07 28.44 -10.63
N PRO F 101 -24.67 27.66 -9.72
CA PRO F 101 -24.07 26.36 -9.37
C PRO F 101 -24.05 25.37 -10.51
N THR F 102 -25.02 25.45 -11.43
CA THR F 102 -25.15 24.45 -12.49
C THR F 102 -24.33 24.77 -13.73
N SER F 103 -23.75 25.96 -13.83
CA SER F 103 -22.99 26.35 -15.00
C SER F 103 -21.58 26.82 -14.71
N THR F 104 -21.18 26.94 -13.45
CA THR F 104 -19.85 27.35 -13.06
C THR F 104 -19.13 26.19 -12.40
N LYS F 105 -17.92 25.91 -12.85
CA LYS F 105 -17.16 24.81 -12.27
C LYS F 105 -16.38 25.30 -11.05
N PRO F 106 -16.42 24.59 -9.93
CA PRO F 106 -15.75 25.05 -8.71
C PRO F 106 -14.24 25.05 -8.89
N SER F 107 -13.62 26.20 -8.61
CA SER F 107 -12.17 26.34 -8.64
C SER F 107 -11.72 27.13 -7.43
N ALA F 108 -10.67 26.64 -6.76
CA ALA F 108 -10.18 27.28 -5.55
C ALA F 108 -8.65 27.30 -5.48
N GLN F 109 -7.98 27.20 -6.63
CA GLN F 109 -6.51 27.24 -6.66
C GLN F 109 -6.09 27.87 -7.98
N ILE F 110 -5.47 29.04 -7.91
CA ILE F 110 -4.94 29.69 -9.10
C ILE F 110 -3.44 29.40 -9.16
N VAL F 111 -2.92 29.39 -10.39
CA VAL F 111 -1.54 28.96 -10.66
C VAL F 111 -0.76 30.18 -11.12
N TRP F 112 0.43 30.36 -10.54
CA TRP F 112 1.27 31.48 -10.90
C TRP F 112 1.74 31.38 -12.34
N PRO F 113 1.94 32.51 -13.02
CA PRO F 113 2.42 32.49 -14.42
C PRO F 113 3.94 32.36 -14.55
N ILE F 114 4.43 31.13 -14.42
CA ILE F 114 5.84 30.83 -14.57
C ILE F 114 5.99 29.68 -15.57
N VAL F 115 7.14 29.63 -16.22
CA VAL F 115 7.54 28.58 -17.17
C VAL F 115 6.39 28.11 -18.05
N GLY F 116 5.44 29.00 -18.34
CA GLY F 116 4.31 28.65 -19.18
C GLY F 116 3.25 27.82 -18.51
N GLN F 117 3.30 27.67 -17.19
CA GLN F 117 2.33 26.84 -16.47
C GLN F 117 0.98 27.50 -16.29
N GLU F 118 0.84 28.76 -16.70
CA GLU F 118 -0.43 29.46 -16.53
C GLU F 118 -1.54 28.89 -17.38
N VAL F 119 -1.21 27.99 -18.33
CA VAL F 119 -2.25 27.28 -19.08
C VAL F 119 -3.11 26.43 -18.17
N LEU F 120 -2.60 26.07 -16.99
CA LEU F 120 -3.37 25.27 -16.04
C LEU F 120 -4.56 26.04 -15.49
N ASN F 121 -4.54 27.36 -15.54
CA ASN F 121 -5.68 28.17 -15.11
C ASN F 121 -6.79 28.01 -16.13
N ALA F 122 -7.76 27.16 -15.82
CA ALA F 122 -8.79 26.77 -16.76
C ALA F 122 -9.93 27.79 -16.81
N ASP F 123 -10.82 27.61 -17.79
CA ASP F 123 -12.00 28.48 -17.90
C ASP F 123 -13.11 27.89 -17.07
N VAL F 124 -12.99 27.97 -15.76
CA VAL F 124 -13.95 27.40 -14.83
C VAL F 124 -15.25 28.19 -14.78
N GLY F 125 -15.29 29.37 -15.40
CA GLY F 125 -16.49 30.19 -15.42
C GLY F 125 -16.52 31.19 -14.29
N GLY F 126 -17.48 32.11 -14.39
CA GLY F 126 -17.62 33.16 -13.40
C GLY F 126 -16.49 34.16 -13.41
N ASN F 127 -15.98 34.52 -14.59
CA ASN F 127 -14.87 35.45 -14.69
C ASN F 127 -13.74 35.01 -13.78
N PHE F 128 -13.35 33.75 -13.89
CA PHE F 128 -12.28 33.22 -13.05
C PHE F 128 -11.41 32.27 -13.86
N GLN F 129 -10.13 32.20 -13.48
CA GLN F 129 -9.18 31.28 -14.06
C GLN F 129 -8.50 30.53 -12.93
N GLY F 130 -8.45 29.20 -13.04
CA GLY F 130 -7.83 28.40 -12.01
C GLY F 130 -8.04 26.92 -12.27
N ILE F 131 -7.65 26.13 -11.29
CA ILE F 131 -7.76 24.68 -11.37
C ILE F 131 -9.12 24.26 -10.84
N GLN F 132 -9.83 23.45 -11.62
CA GLN F 132 -11.13 22.96 -11.18
C GLN F 132 -10.97 22.06 -9.97
N ILE F 133 -11.84 22.25 -8.98
CA ILE F 133 -11.74 21.58 -7.70
C ILE F 133 -12.74 20.42 -7.67
N THR F 134 -12.26 19.23 -7.32
CA THR F 134 -13.08 18.03 -7.27
C THR F 134 -13.27 17.51 -5.85
N SER F 135 -12.96 18.33 -4.85
CA SER F 135 -13.14 17.94 -3.45
C SER F 135 -14.51 18.31 -2.90
N GLY F 136 -15.33 19.01 -3.68
CA GLY F 136 -16.69 19.31 -3.25
C GLY F 136 -16.80 20.28 -2.10
N PHE F 137 -15.80 21.13 -1.91
CA PHE F 137 -15.87 22.08 -0.81
C PHE F 137 -16.95 23.13 -1.05
N PHE F 138 -17.15 23.52 -2.31
CA PHE F 138 -18.17 24.53 -2.62
C PHE F 138 -19.55 24.05 -2.21
N GLN F 139 -19.87 22.79 -2.54
CA GLN F 139 -21.16 22.22 -2.17
C GLN F 139 -21.30 22.09 -0.66
N LEU F 140 -20.22 21.68 0.01
CA LEU F 140 -20.26 21.59 1.47
C LEU F 140 -20.46 22.95 2.11
N TRP F 141 -19.76 23.97 1.61
CA TRP F 141 -19.92 25.32 2.16
C TRP F 141 -21.32 25.85 1.92
N ARG F 142 -21.89 25.56 0.75
CA ARG F 142 -23.26 25.96 0.47
C ARG F 142 -24.24 25.25 1.42
N ALA F 143 -24.01 23.96 1.68
CA ALA F 143 -24.85 23.24 2.62
C ALA F 143 -24.70 23.78 4.04
N GLU F 144 -23.53 24.35 4.36
CA GLU F 144 -23.33 24.97 5.66
C GLU F 144 -23.99 26.35 5.76
N GLY F 145 -24.52 26.87 4.67
CA GLY F 145 -25.09 28.20 4.67
C GLY F 145 -24.09 29.31 4.45
N ILE F 146 -22.84 28.99 4.13
CA ILE F 146 -21.82 30.00 3.89
C ILE F 146 -22.11 30.65 2.55
N THR F 147 -22.48 31.94 2.58
CA THR F 147 -22.84 32.67 1.36
C THR F 147 -21.86 33.78 1.01
N SER F 148 -20.78 33.93 1.77
CA SER F 148 -19.81 34.98 1.52
C SER F 148 -18.40 34.43 1.75
N GLU F 149 -17.44 35.04 1.06
CA GLU F 149 -16.03 34.66 1.25
C GLU F 149 -15.46 35.18 2.54
N VAL F 150 -16.11 36.17 3.17
CA VAL F 150 -15.67 36.64 4.49
C VAL F 150 -15.84 35.53 5.52
N GLU F 151 -16.94 34.78 5.44
CA GLU F 151 -17.16 33.67 6.35
C GLU F 151 -16.09 32.59 6.15
N LEU F 152 -15.68 32.35 4.90
CA LEU F 152 -14.59 31.41 4.64
C LEU F 152 -13.29 31.91 5.26
N TYR F 153 -13.02 33.21 5.16
CA TYR F 153 -11.82 33.76 5.78
C TYR F 153 -11.85 33.58 7.29
N TRP F 154 -13.01 33.82 7.91
CA TRP F 154 -13.09 33.68 9.36
C TRP F 154 -12.99 32.23 9.79
N THR F 155 -13.53 31.31 8.98
CA THR F 155 -13.36 29.89 9.27
C THR F 155 -11.89 29.49 9.15
N ALA F 156 -11.17 30.06 8.17
CA ALA F 156 -9.75 29.78 8.04
C ALA F 156 -8.97 30.31 9.25
N VAL F 157 -9.33 31.50 9.72
CA VAL F 157 -8.67 32.06 10.90
C VAL F 157 -8.94 31.18 12.12
N GLY F 158 -10.19 30.74 12.28
CA GLY F 158 -10.52 29.84 13.37
C GLY F 158 -9.77 28.52 13.25
N GLY F 159 -9.58 28.03 12.03
CA GLY F 159 -8.80 26.81 11.85
C GLY F 159 -7.35 26.99 12.23
N LEU F 160 -6.76 28.14 11.89
CA LEU F 160 -5.40 28.42 12.31
C LEU F 160 -5.29 28.48 13.84
N VAL F 161 -6.25 29.15 14.48
CA VAL F 161 -6.24 29.23 15.93
C VAL F 161 -6.39 27.84 16.55
N ALA F 162 -7.27 27.03 15.99
CA ALA F 162 -7.46 25.67 16.49
C ALA F 162 -6.22 24.83 16.31
N SER F 163 -5.53 24.97 15.16
CA SER F 163 -4.30 24.23 14.94
C SER F 163 -3.24 24.62 15.97
N PHE F 164 -3.09 25.91 16.24
CA PHE F 164 -2.16 26.33 17.29
C PHE F 164 -2.57 25.76 18.63
N LEU F 165 -3.88 25.74 18.91
CA LEU F 165 -4.35 25.20 20.17
C LEU F 165 -4.01 23.73 20.32
N MET F 166 -4.15 22.96 19.24
CA MET F 166 -3.82 21.54 19.32
C MET F 166 -2.32 21.32 19.47
N LEU F 167 -1.51 22.13 18.79
CA LEU F 167 -0.07 22.07 19.01
C LEU F 167 0.28 22.34 20.47
N PHE F 168 -0.32 23.39 21.03
CA PHE F 168 -0.06 23.71 22.44
C PHE F 168 -0.53 22.60 23.35
N ALA F 169 -1.66 21.98 23.02
CA ALA F 169 -2.17 20.87 23.82
C ALA F 169 -1.20 19.69 23.82
N GLY F 170 -0.67 19.36 22.65
CA GLY F 170 0.31 18.28 22.58
C GLY F 170 1.55 18.58 23.38
N TRP F 171 2.09 19.80 23.24
CA TRP F 171 3.24 20.18 24.04
C TRP F 171 2.93 20.13 25.52
N PHE F 172 1.76 20.64 25.91
CA PHE F 172 1.38 20.68 27.32
C PHE F 172 1.27 19.28 27.89
N HIS F 173 0.64 18.37 27.17
CA HIS F 173 0.40 17.04 27.67
C HIS F 173 1.57 16.08 27.46
N TYR F 174 2.64 16.53 26.82
CA TYR F 174 3.87 15.75 26.92
C TYR F 174 4.89 16.34 27.89
N HIS F 175 4.94 17.66 28.04
CA HIS F 175 6.03 18.29 28.78
C HIS F 175 5.61 18.94 30.09
N LYS F 176 4.34 19.33 30.23
CA LYS F 176 3.87 20.06 31.41
C LYS F 176 2.94 19.24 32.28
N ALA F 177 2.00 18.51 31.70
CA ALA F 177 1.09 17.67 32.48
C ALA F 177 0.74 16.45 31.62
N ALA F 178 1.49 15.38 31.80
CA ALA F 178 1.28 14.16 31.04
C ALA F 178 0.38 13.21 31.82
N PRO F 179 -0.70 12.71 31.22
CA PRO F 179 -1.60 11.82 31.95
C PRO F 179 -0.93 10.50 32.29
N LYS F 180 -1.42 9.87 33.36
CA LYS F 180 -0.88 8.61 33.83
C LYS F 180 -1.54 7.44 33.09
N LEU F 181 -0.99 6.24 33.32
CA LEU F 181 -1.49 5.05 32.64
C LEU F 181 -2.93 4.75 33.02
N GLU F 182 -3.28 4.94 34.29
CA GLU F 182 -4.64 4.66 34.75
C GLU F 182 -5.64 5.57 34.04
N TRP F 183 -5.25 6.81 33.76
CA TRP F 183 -6.11 7.71 33.00
C TRP F 183 -6.34 7.18 31.59
N PHE F 184 -5.29 6.67 30.94
CA PHE F 184 -5.43 6.15 29.59
C PHE F 184 -6.24 4.86 29.57
N GLN F 185 -6.18 4.08 30.64
CA GLN F 185 -6.83 2.77 30.67
C GLN F 185 -8.29 2.84 31.11
N ASN F 186 -8.83 4.04 31.32
CA ASN F 186 -10.25 4.21 31.63
C ASN F 186 -11.06 4.12 30.33
N VAL F 187 -11.10 2.89 29.79
CA VAL F 187 -11.78 2.67 28.52
C VAL F 187 -13.28 2.86 28.67
N GLU F 188 -13.84 2.58 29.86
CA GLU F 188 -15.25 2.81 30.09
C GLU F 188 -15.57 4.31 30.03
N SER F 189 -14.78 5.11 30.76
CA SER F 189 -14.97 6.56 30.73
C SER F 189 -14.71 7.12 29.34
N MET F 190 -13.67 6.61 28.66
CA MET F 190 -13.35 7.10 27.32
C MET F 190 -14.48 6.80 26.35
N LEU F 191 -15.04 5.58 26.42
CA LEU F 191 -16.15 5.22 25.55
C LEU F 191 -17.37 6.05 25.86
N ASN F 192 -17.68 6.25 27.15
CA ASN F 192 -18.81 7.07 27.53
C ASN F 192 -18.68 8.47 26.96
N HIS F 193 -17.48 9.06 27.07
CA HIS F 193 -17.30 10.43 26.59
C HIS F 193 -17.32 10.49 25.08
N HIS F 194 -16.60 9.60 24.40
CA HIS F 194 -16.56 9.64 22.95
C HIS F 194 -17.94 9.36 22.35
N LEU F 195 -18.78 8.59 23.03
CA LEU F 195 -20.10 8.30 22.51
C LEU F 195 -21.09 9.42 22.81
N ALA F 196 -21.10 9.91 24.05
CA ALA F 196 -22.03 11.00 24.38
C ALA F 196 -21.47 12.33 23.93
N GLY F 197 -20.40 12.80 24.57
CA GLY F 197 -19.87 14.12 24.27
C GLY F 197 -19.49 14.25 22.81
N LEU F 198 -18.42 13.58 22.37
CA LEU F 198 -17.93 13.78 21.01
C LEU F 198 -19.03 13.53 19.99
N LEU F 199 -19.47 12.27 19.86
CA LEU F 199 -20.41 11.94 18.79
C LEU F 199 -21.77 12.60 19.01
N GLY F 200 -22.41 12.33 20.14
CA GLY F 200 -23.77 12.81 20.32
C GLY F 200 -23.86 14.33 20.39
N LEU F 201 -22.98 14.96 21.17
CA LEU F 201 -23.04 16.41 21.26
C LEU F 201 -22.58 17.09 19.98
N GLY F 202 -21.68 16.45 19.20
CA GLY F 202 -21.37 17.00 17.90
C GLY F 202 -22.56 16.93 16.95
N SER F 203 -23.27 15.81 16.97
CA SER F 203 -24.48 15.70 16.17
C SER F 203 -25.53 16.72 16.62
N LEU F 204 -25.65 16.92 17.94
CA LEU F 204 -26.63 17.89 18.45
C LEU F 204 -26.26 19.31 18.05
N SER F 205 -24.97 19.67 18.19
CA SER F 205 -24.53 21.00 17.81
C SER F 205 -24.69 21.23 16.31
N TRP F 206 -24.39 20.22 15.50
CA TRP F 206 -24.56 20.37 14.07
C TRP F 206 -26.04 20.45 13.69
N ALA F 207 -26.89 19.71 14.39
CA ALA F 207 -28.32 19.84 14.16
C ALA F 207 -28.80 21.24 14.50
N GLY F 208 -28.31 21.80 15.60
CA GLY F 208 -28.65 23.17 15.94
C GLY F 208 -28.20 24.16 14.87
N HIS F 209 -26.96 24.00 14.40
CA HIS F 209 -26.47 24.88 13.35
C HIS F 209 -27.30 24.74 12.08
N GLN F 210 -27.60 23.51 11.68
CA GLN F 210 -28.41 23.31 10.48
C GLN F 210 -29.76 23.98 10.62
N ILE F 211 -30.45 23.72 11.74
CA ILE F 211 -31.80 24.23 11.96
C ILE F 211 -31.80 25.76 11.95
N HIS F 212 -30.79 26.37 12.57
CA HIS F 212 -30.85 27.82 12.75
C HIS F 212 -30.13 28.62 11.67
N ILE F 213 -29.26 27.98 10.89
CA ILE F 213 -28.44 28.70 9.92
C ILE F 213 -28.61 28.05 8.54
N ALA F 214 -28.37 26.74 8.46
CA ALA F 214 -28.33 26.08 7.17
C ALA F 214 -29.73 25.92 6.58
N LEU F 215 -30.70 25.57 7.43
CA LEU F 215 -32.07 25.41 6.94
C LEU F 215 -32.64 26.70 6.35
N PRO F 216 -32.56 27.86 7.01
CA PRO F 216 -33.15 29.06 6.39
C PRO F 216 -32.35 29.58 5.21
N ILE F 217 -31.02 29.62 5.34
CA ILE F 217 -30.18 30.19 4.28
C ILE F 217 -30.31 29.36 3.00
N ASN F 218 -30.26 28.04 3.12
CA ASN F 218 -30.37 27.20 1.94
C ASN F 218 -31.77 27.23 1.35
N LYS F 219 -32.81 27.34 2.19
CA LYS F 219 -34.15 27.48 1.66
C LYS F 219 -34.30 28.78 0.88
N LEU F 220 -33.72 29.86 1.38
CA LEU F 220 -33.74 31.13 0.64
C LEU F 220 -32.94 31.01 -0.65
N LEU F 221 -31.81 30.32 -0.61
CA LEU F 221 -31.00 30.14 -1.82
C LEU F 221 -31.76 29.36 -2.88
N ASP F 222 -32.45 28.29 -2.47
CA ASP F 222 -33.22 27.50 -3.43
C ASP F 222 -34.43 28.27 -3.95
N LEU F 223 -34.97 29.20 -3.15
CA LEU F 223 -36.08 30.03 -3.60
C LEU F 223 -35.65 31.06 -4.64
N GLY F 224 -34.36 31.21 -4.88
CA GLY F 224 -33.86 32.17 -5.85
C GLY F 224 -33.34 33.46 -5.26
N VAL F 225 -33.35 33.61 -3.94
CA VAL F 225 -32.83 34.82 -3.31
C VAL F 225 -31.32 34.85 -3.47
N SER F 226 -30.80 35.97 -3.97
CA SER F 226 -29.37 36.11 -4.18
C SER F 226 -28.65 36.17 -2.83
N PRO F 227 -27.40 35.71 -2.78
CA PRO F 227 -26.69 35.68 -1.49
C PRO F 227 -26.49 37.04 -0.85
N GLU F 228 -26.52 38.13 -1.63
CA GLU F 228 -26.28 39.45 -1.07
C GLU F 228 -27.46 39.95 -0.24
N GLU F 229 -28.69 39.63 -0.66
CA GLU F 229 -29.87 40.05 0.07
C GLU F 229 -30.33 39.02 1.10
N ILE F 230 -29.64 37.89 1.20
CA ILE F 230 -29.94 36.94 2.27
C ILE F 230 -29.43 37.52 3.59
N PRO F 231 -30.22 37.45 4.67
CA PRO F 231 -29.77 38.03 5.95
C PRO F 231 -28.55 37.31 6.47
N LEU F 232 -27.75 38.03 7.25
CA LEU F 232 -26.58 37.43 7.87
C LEU F 232 -27.03 36.34 8.84
N PRO F 233 -26.23 35.29 9.01
CA PRO F 233 -26.68 34.13 9.78
C PRO F 233 -27.09 34.43 11.20
N TYR F 234 -26.42 35.40 11.86
CA TYR F 234 -26.79 35.71 13.24
C TYR F 234 -28.17 36.33 13.33
N GLU F 235 -28.64 36.98 12.26
CA GLU F 235 -29.97 37.58 12.27
C GLU F 235 -31.07 36.53 12.30
N PHE F 236 -30.78 35.30 11.88
CA PHE F 236 -31.77 34.24 11.97
C PHE F 236 -31.98 33.76 13.41
N ILE F 237 -31.07 34.11 14.32
CA ILE F 237 -31.18 33.74 15.72
C ILE F 237 -31.79 34.88 16.53
N LEU F 238 -31.30 36.11 16.32
CA LEU F 238 -31.83 37.25 17.07
C LEU F 238 -33.26 37.58 16.66
N ASN F 239 -33.66 37.24 15.43
CA ASN F 239 -34.99 37.53 14.92
C ASN F 239 -35.70 36.22 14.63
N ARG F 240 -36.69 35.90 15.45
CA ARG F 240 -37.50 34.69 15.28
C ARG F 240 -38.52 34.84 14.15
N ASP F 241 -38.47 35.93 13.39
CA ASP F 241 -39.40 36.15 12.30
C ASP F 241 -38.80 35.91 10.92
N LEU F 242 -37.48 35.95 10.81
CA LEU F 242 -36.83 35.64 9.54
C LEU F 242 -36.83 34.14 9.25
N ILE F 243 -36.95 33.31 10.27
CA ILE F 243 -36.91 31.86 10.12
C ILE F 243 -38.34 31.30 10.23
N ALA F 244 -39.21 32.03 10.93
CA ALA F 244 -40.60 31.62 11.04
C ALA F 244 -41.41 31.87 9.78
N GLN F 245 -40.86 32.62 8.82
CA GLN F 245 -41.55 32.77 7.55
C GLN F 245 -41.26 31.58 6.63
N LEU F 246 -40.02 31.10 6.63
CA LEU F 246 -39.67 29.93 5.83
C LEU F 246 -40.21 28.66 6.47
N TYR F 247 -40.11 28.54 7.79
CA TYR F 247 -40.62 27.39 8.54
C TYR F 247 -41.56 27.92 9.60
N PRO F 248 -42.88 27.95 9.34
CA PRO F 248 -43.84 28.56 10.26
C PRO F 248 -44.15 27.70 11.49
N SER F 249 -43.10 27.15 12.10
CA SER F 249 -43.21 26.42 13.34
C SER F 249 -42.35 26.98 14.45
N PHE F 250 -41.43 27.90 14.13
CA PHE F 250 -40.64 28.56 15.15
C PHE F 250 -41.47 29.57 15.95
N ASN F 251 -42.65 29.95 15.45
CA ASN F 251 -43.51 30.87 16.17
C ASN F 251 -43.97 30.29 17.51
N LYS F 252 -43.98 28.97 17.65
CA LYS F 252 -44.33 28.33 18.91
C LYS F 252 -43.15 28.19 19.85
N GLY F 253 -41.95 28.54 19.42
CA GLY F 253 -40.79 28.47 20.29
C GLY F 253 -40.44 27.04 20.66
N LEU F 254 -39.85 26.89 21.84
CA LEU F 254 -39.46 25.59 22.36
C LEU F 254 -40.54 24.94 23.20
N THR F 255 -41.71 25.56 23.32
CA THR F 255 -42.80 24.95 24.06
C THR F 255 -43.22 23.59 23.52
N PRO F 256 -43.37 23.38 22.20
CA PRO F 256 -43.69 22.02 21.73
C PRO F 256 -42.64 20.99 22.11
N PHE F 257 -41.37 21.38 22.21
CA PHE F 257 -40.33 20.43 22.59
C PHE F 257 -40.51 19.98 24.04
N PHE F 258 -40.70 20.92 24.96
CA PHE F 258 -40.80 20.60 26.36
C PHE F 258 -42.17 20.06 26.76
N THR F 259 -43.17 20.23 25.92
CA THR F 259 -44.51 19.69 26.15
C THR F 259 -44.74 18.38 25.40
N LEU F 260 -43.68 17.80 24.85
CA LEU F 260 -43.71 16.53 24.11
C LEU F 260 -44.58 16.60 22.86
N ASN F 261 -44.96 17.80 22.42
CA ASN F 261 -45.72 17.98 21.18
C ASN F 261 -44.77 18.15 20.00
N TRP F 262 -43.94 17.12 19.80
CA TRP F 262 -42.90 17.16 18.78
C TRP F 262 -43.46 17.14 17.37
N GLY F 263 -44.76 16.87 17.20
CA GLY F 263 -45.36 16.93 15.88
C GLY F 263 -45.40 18.32 15.29
N GLU F 264 -45.34 19.35 16.13
CA GLU F 264 -45.37 20.72 15.62
C GLU F 264 -44.13 21.04 14.81
N TYR F 265 -43.00 20.40 15.13
CA TYR F 265 -41.73 20.66 14.45
C TYR F 265 -41.58 19.90 13.14
N SER F 266 -42.67 19.37 12.59
CA SER F 266 -42.61 18.66 11.31
C SER F 266 -42.29 19.60 10.16
N ASP F 267 -42.34 20.91 10.36
CA ASP F 267 -41.99 21.85 9.30
C ASP F 267 -40.54 21.73 8.90
N PHE F 268 -39.63 21.64 9.88
CA PHE F 268 -38.20 21.59 9.60
C PHE F 268 -37.54 20.30 10.04
N LEU F 269 -38.27 19.39 10.68
CA LEU F 269 -37.78 18.05 10.99
C LEU F 269 -38.67 17.08 10.22
N THR F 270 -38.32 16.85 8.96
CA THR F 270 -39.11 16.01 8.08
C THR F 270 -38.50 14.63 7.95
N PHE F 271 -39.26 13.73 7.32
CA PHE F 271 -38.75 12.42 6.91
C PHE F 271 -39.31 12.19 5.52
N LYS F 272 -38.56 12.64 4.51
CA LYS F 272 -39.01 12.63 3.13
C LYS F 272 -38.32 11.61 2.26
N GLY F 273 -37.01 11.44 2.41
CA GLY F 273 -36.29 10.59 1.50
C GLY F 273 -36.10 11.28 0.16
N GLY F 274 -35.51 10.53 -0.77
CA GLY F 274 -35.30 11.08 -2.09
C GLY F 274 -34.30 12.22 -2.07
N LEU F 275 -34.47 13.14 -3.02
CA LEU F 275 -33.58 14.27 -3.19
C LEU F 275 -34.39 15.55 -3.39
N ASN F 276 -33.76 16.67 -3.06
CA ASN F 276 -34.35 17.98 -3.32
C ASN F 276 -34.41 18.19 -4.82
N PRO F 277 -35.59 18.43 -5.40
CA PRO F 277 -35.67 18.62 -6.86
C PRO F 277 -34.95 19.86 -7.35
N VAL F 278 -34.70 20.84 -6.49
CA VAL F 278 -34.03 22.06 -6.91
C VAL F 278 -32.53 21.86 -6.97
N THR F 279 -31.95 21.27 -5.93
CA THR F 279 -30.50 21.14 -5.82
C THR F 279 -29.99 19.74 -6.14
N GLY F 280 -30.84 18.72 -6.09
CA GLY F 280 -30.42 17.37 -6.33
C GLY F 280 -29.81 16.67 -5.13
N GLY F 281 -29.68 17.36 -4.00
CA GLY F 281 -29.15 16.77 -2.79
C GLY F 281 -30.26 16.36 -1.83
N LEU F 282 -29.83 15.78 -0.71
CA LEU F 282 -30.78 15.38 0.32
C LEU F 282 -31.46 16.60 0.91
N TRP F 283 -32.72 16.42 1.31
CA TRP F 283 -33.46 17.48 1.99
C TRP F 283 -32.75 17.84 3.29
N LEU F 284 -32.38 19.12 3.43
CA LEU F 284 -31.66 19.53 4.63
C LEU F 284 -32.51 19.43 5.88
N THR F 285 -33.84 19.50 5.75
CA THR F 285 -34.69 19.20 6.89
C THR F 285 -34.52 17.74 7.33
N ASP F 286 -34.46 16.84 6.35
CA ASP F 286 -34.17 15.43 6.65
C ASP F 286 -32.80 15.29 7.31
N THR F 287 -31.82 16.05 6.83
CA THR F 287 -30.48 15.98 7.41
C THR F 287 -30.47 16.47 8.86
N ALA F 288 -31.18 17.56 9.14
CA ALA F 288 -31.25 18.07 10.50
C ALA F 288 -31.95 17.09 11.43
N HIS F 289 -33.06 16.51 10.96
CA HIS F 289 -33.76 15.50 11.76
C HIS F 289 -32.87 14.29 12.00
N HIS F 290 -32.11 13.90 10.97
CA HIS F 290 -31.18 12.78 11.10
C HIS F 290 -30.14 13.06 12.17
N HIS F 291 -29.54 14.25 12.13
CA HIS F 291 -28.50 14.57 13.10
C HIS F 291 -29.06 14.66 14.51
N LEU F 292 -30.29 15.17 14.64
CA LEU F 292 -30.94 15.21 15.94
C LEU F 292 -31.14 13.80 16.49
N ALA F 293 -31.67 12.89 15.66
CA ALA F 293 -31.89 11.52 16.11
C ALA F 293 -30.58 10.84 16.45
N ILE F 294 -29.55 11.08 15.64
CA ILE F 294 -28.23 10.51 15.91
C ILE F 294 -27.67 11.04 17.22
N ALA F 295 -27.86 12.34 17.48
CA ALA F 295 -27.39 12.92 18.73
C ALA F 295 -28.07 12.27 19.93
N VAL F 296 -29.39 12.11 19.86
CA VAL F 296 -30.10 11.50 20.98
C VAL F 296 -29.64 10.06 21.18
N LEU F 297 -29.51 9.31 20.08
CA LEU F 297 -29.11 7.91 20.17
C LEU F 297 -27.70 7.78 20.76
N PHE F 298 -26.78 8.64 20.34
CA PHE F 298 -25.40 8.54 20.82
C PHE F 298 -25.27 9.00 22.26
N ILE F 299 -26.03 10.03 22.64
CA ILE F 299 -26.03 10.46 24.05
C ILE F 299 -26.56 9.34 24.93
N VAL F 300 -27.65 8.70 24.50
CA VAL F 300 -28.16 7.56 25.26
C VAL F 300 -27.12 6.45 25.34
N ALA F 301 -26.47 6.15 24.20
CA ALA F 301 -25.48 5.09 24.17
C ALA F 301 -24.26 5.40 25.04
N GLY F 302 -24.03 6.67 25.33
CA GLY F 302 -22.89 7.04 26.17
C GLY F 302 -23.06 6.73 27.63
N HIS F 303 -24.29 6.48 28.08
CA HIS F 303 -24.56 6.10 29.47
C HIS F 303 -24.62 4.59 29.64
N MET F 304 -23.60 3.88 29.19
CA MET F 304 -23.62 2.42 29.21
C MET F 304 -22.57 1.81 30.14
N TYR F 305 -21.36 2.36 30.18
CA TYR F 305 -20.26 1.74 30.87
C TYR F 305 -20.04 2.40 32.23
N LYS F 306 -19.72 1.58 33.23
CA LYS F 306 -19.52 2.07 34.58
C LYS F 306 -18.18 2.80 34.67
N THR F 307 -18.22 4.07 35.10
CA THR F 307 -17.01 4.89 35.16
C THR F 307 -16.65 5.28 36.58
N ASN F 308 -17.53 5.97 37.30
CA ASN F 308 -17.20 6.49 38.62
C ASN F 308 -18.31 6.32 39.65
N TRP F 309 -19.47 5.83 39.26
CA TRP F 309 -20.58 5.60 40.18
C TRP F 309 -20.97 4.13 40.13
N PHE F 310 -21.87 3.72 41.03
CA PHE F 310 -22.44 2.37 40.98
C PHE F 310 -23.56 2.38 39.95
N LEU F 311 -23.16 2.46 38.68
CA LEU F 311 -24.10 2.57 37.57
C LEU F 311 -23.34 2.32 36.28
N GLY F 312 -23.94 1.53 35.40
CA GLY F 312 -23.32 1.22 34.13
C GLY F 312 -22.74 -0.19 34.10
N HIS F 313 -22.10 -0.49 32.97
CA HIS F 313 -21.53 -1.80 32.72
C HIS F 313 -20.02 -1.80 32.91
N SER F 314 -19.49 -2.96 33.25
CA SER F 314 -18.06 -3.22 33.19
C SER F 314 -17.80 -4.09 31.97
N ILE F 315 -16.95 -3.60 31.07
CA ILE F 315 -16.67 -4.35 29.84
C ILE F 315 -16.01 -5.68 30.17
N LYS F 316 -15.26 -5.75 31.26
CA LYS F 316 -14.66 -7.02 31.67
C LYS F 316 -15.73 -8.05 32.01
N THR F 317 -16.78 -7.65 32.73
CA THR F 317 -17.83 -8.59 33.11
C THR F 317 -18.67 -9.00 31.90
N ILE F 318 -18.88 -8.10 30.95
CA ILE F 318 -19.64 -8.44 29.75
C ILE F 318 -18.88 -9.47 28.93
N LEU F 319 -17.60 -9.23 28.68
CA LEU F 319 -16.82 -10.14 27.84
C LEU F 319 -16.67 -11.51 28.49
N GLU F 320 -16.40 -11.54 29.80
CA GLU F 320 -16.13 -12.81 30.47
C GLU F 320 -17.38 -13.69 30.56
N ALA F 321 -18.57 -13.11 30.42
CA ALA F 321 -19.80 -13.89 30.47
C ALA F 321 -20.18 -14.48 29.12
N HIS F 322 -19.48 -14.11 28.05
CA HIS F 322 -19.82 -14.57 26.71
C HIS F 322 -18.93 -15.76 26.32
N LYS F 323 -19.15 -16.87 27.01
CA LYS F 323 -18.50 -18.13 26.68
C LYS F 323 -19.48 -18.99 25.87
N GLY F 324 -19.05 -20.19 25.51
CA GLY F 324 -19.90 -21.09 24.76
C GLY F 324 -19.32 -22.48 24.65
N PRO F 325 -20.15 -23.44 24.26
CA PRO F 325 -19.65 -24.81 24.06
C PRO F 325 -18.57 -24.91 23.00
N PHE F 326 -18.65 -24.10 21.95
CA PHE F 326 -17.70 -24.16 20.85
C PHE F 326 -16.49 -23.26 21.04
N THR F 327 -16.50 -22.36 22.02
CA THR F 327 -15.48 -21.33 22.13
C THR F 327 -14.73 -21.35 23.47
N GLY F 328 -14.88 -22.40 24.26
CA GLY F 328 -14.06 -22.54 25.46
C GLY F 328 -14.29 -21.39 26.43
N GLU F 329 -13.20 -20.70 26.77
CA GLU F 329 -13.27 -19.58 27.72
C GLU F 329 -13.91 -18.34 27.11
N GLY F 330 -14.17 -18.32 25.81
CA GLY F 330 -14.83 -17.18 25.21
C GLY F 330 -13.96 -15.95 25.21
N HIS F 331 -14.56 -14.82 25.60
CA HIS F 331 -13.90 -13.51 25.54
C HIS F 331 -13.11 -13.19 26.80
N LYS F 332 -12.79 -14.19 27.62
CA LYS F 332 -12.00 -13.93 28.81
C LYS F 332 -10.59 -13.55 28.42
N GLY F 333 -10.11 -12.43 28.97
CA GLY F 333 -8.79 -11.92 28.64
C GLY F 333 -8.75 -10.90 27.52
N LEU F 334 -9.85 -10.74 26.77
CA LEU F 334 -9.87 -9.75 25.71
C LEU F 334 -9.81 -8.34 26.27
N TYR F 335 -10.41 -8.11 27.43
CA TYR F 335 -10.33 -6.79 28.06
C TYR F 335 -8.90 -6.44 28.43
N GLU F 336 -8.15 -7.41 28.96
CA GLU F 336 -6.74 -7.19 29.26
C GLU F 336 -5.92 -6.97 27.99
N VAL F 337 -6.30 -7.63 26.90
CA VAL F 337 -5.59 -7.45 25.63
C VAL F 337 -5.78 -6.03 25.10
N LEU F 338 -7.01 -5.53 25.15
CA LEU F 338 -7.34 -4.25 24.55
C LEU F 338 -7.07 -3.07 25.46
N THR F 339 -6.70 -3.31 26.73
CA THR F 339 -6.33 -2.25 27.64
C THR F 339 -4.84 -2.22 27.94
N THR F 340 -4.06 -3.15 27.38
CA THR F 340 -2.62 -3.18 27.58
C THR F 340 -1.84 -3.20 26.27
N SER F 341 -2.51 -3.19 25.12
CA SER F 341 -1.86 -3.21 23.83
C SER F 341 -2.45 -2.13 22.94
N TRP F 342 -1.63 -1.13 22.59
CA TRP F 342 -2.07 -0.12 21.64
C TRP F 342 -2.25 -0.69 20.24
N HIS F 343 -1.50 -1.73 19.91
CA HIS F 343 -1.56 -2.28 18.55
C HIS F 343 -2.88 -2.98 18.28
N ALA F 344 -3.44 -3.66 19.28
CA ALA F 344 -4.76 -4.28 19.10
C ALA F 344 -5.85 -3.24 18.89
N GLN F 345 -5.82 -2.17 19.69
CA GLN F 345 -6.77 -1.08 19.50
C GLN F 345 -6.60 -0.45 18.12
N LEU F 346 -5.35 -0.26 17.69
CA LEU F 346 -5.12 0.30 16.37
C LEU F 346 -5.64 -0.62 15.28
N ALA F 347 -5.46 -1.93 15.44
CA ALA F 347 -5.97 -2.88 14.46
C ALA F 347 -7.47 -2.76 14.32
N ILE F 348 -8.18 -2.84 15.45
CA ILE F 348 -9.65 -2.78 15.40
C ILE F 348 -10.10 -1.45 14.83
N ASN F 349 -9.54 -0.35 15.34
CA ASN F 349 -9.98 0.97 14.93
C ASN F 349 -9.70 1.23 13.46
N LEU F 350 -8.51 0.82 12.99
CA LEU F 350 -8.16 1.05 11.59
C LEU F 350 -9.01 0.21 10.65
N ALA F 351 -9.27 -1.05 11.01
CA ALA F 351 -10.11 -1.88 10.15
C ALA F 351 -11.52 -1.32 10.06
N LEU F 352 -12.12 -1.01 11.21
CA LEU F 352 -13.48 -0.48 11.19
C LEU F 352 -13.51 0.91 10.58
N PHE F 353 -12.42 1.66 10.68
CA PHE F 353 -12.34 3.01 10.13
C PHE F 353 -12.27 2.98 8.62
N GLY F 354 -11.47 2.06 8.06
CA GLY F 354 -11.46 1.89 6.62
C GLY F 354 -12.78 1.38 6.08
N SER F 355 -13.39 0.41 6.78
CA SER F 355 -14.71 -0.05 6.36
C SER F 355 -15.74 1.08 6.41
N LEU F 356 -15.66 1.92 7.44
CA LEU F 356 -16.54 3.08 7.53
C LEU F 356 -16.30 4.05 6.39
N SER F 357 -15.03 4.25 6.01
CA SER F 357 -14.73 5.13 4.90
C SER F 357 -15.33 4.61 3.59
N ILE F 358 -15.25 3.29 3.37
CA ILE F 358 -15.85 2.72 2.16
C ILE F 358 -17.37 2.85 2.19
N ILE F 359 -17.98 2.62 3.36
CA ILE F 359 -19.42 2.79 3.50
C ILE F 359 -19.83 4.24 3.23
N VAL F 360 -19.02 5.18 3.73
CA VAL F 360 -19.26 6.60 3.47
C VAL F 360 -19.20 6.87 1.98
N ALA F 361 -18.18 6.31 1.31
CA ALA F 361 -18.05 6.50 -0.13
C ALA F 361 -19.28 6.01 -0.86
N HIS F 362 -19.80 4.85 -0.47
CA HIS F 362 -20.99 4.32 -1.11
C HIS F 362 -22.19 5.23 -0.89
N HIS F 363 -22.46 5.56 0.38
CA HIS F 363 -23.64 6.35 0.71
C HIS F 363 -23.56 7.76 0.15
N MET F 364 -22.37 8.25 -0.16
CA MET F 364 -22.21 9.60 -0.72
C MET F 364 -22.89 9.71 -2.08
N TYR F 365 -22.40 8.97 -3.07
CA TYR F 365 -23.02 9.05 -4.39
C TYR F 365 -24.41 8.44 -4.39
N ALA F 366 -24.63 7.42 -3.55
CA ALA F 366 -25.94 6.80 -3.53
C ALA F 366 -27.03 7.79 -3.16
N MET F 367 -26.77 8.60 -2.13
CA MET F 367 -27.71 9.63 -1.67
C MET F 367 -26.92 10.93 -1.52
N PRO F 368 -26.83 11.72 -2.58
CA PRO F 368 -26.02 12.93 -2.53
C PRO F 368 -26.49 13.87 -1.43
N PRO F 369 -25.64 14.16 -0.44
CA PRO F 369 -26.06 14.95 0.71
C PRO F 369 -25.84 16.45 0.59
N TYR F 370 -25.27 16.93 -0.51
CA TYR F 370 -24.97 18.33 -0.65
C TYR F 370 -25.70 18.92 -1.85
N PRO F 371 -26.07 20.20 -1.79
CA PRO F 371 -26.73 20.82 -2.95
C PRO F 371 -25.78 20.94 -4.13
N TYR F 372 -26.29 20.56 -5.31
CA TYR F 372 -25.56 20.69 -6.57
C TYR F 372 -24.24 19.91 -6.56
N ILE F 373 -24.20 18.80 -5.83
CA ILE F 373 -23.04 17.92 -5.86
C ILE F 373 -23.28 16.68 -6.71
N ALA F 374 -24.54 16.25 -6.89
CA ALA F 374 -24.81 15.10 -7.74
C ALA F 374 -24.56 15.40 -9.21
N ILE F 375 -24.80 16.65 -9.63
CA ILE F 375 -24.55 17.04 -11.02
C ILE F 375 -23.12 17.45 -11.28
N ASP F 376 -22.29 17.55 -10.22
CA ASP F 376 -20.85 17.77 -10.40
C ASP F 376 -20.19 16.40 -10.41
N TYR F 377 -20.18 15.79 -11.61
CA TYR F 377 -19.63 14.44 -11.75
C TYR F 377 -18.17 14.33 -11.32
N PRO F 378 -17.27 15.28 -11.64
CA PRO F 378 -15.90 15.16 -11.11
C PRO F 378 -15.85 15.06 -9.60
N THR F 379 -16.66 15.85 -8.90
CA THR F 379 -16.67 15.80 -7.45
C THR F 379 -17.13 14.45 -6.94
N GLN F 380 -18.20 13.89 -7.51
CA GLN F 380 -18.70 12.60 -7.07
C GLN F 380 -17.67 11.51 -7.30
N LEU F 381 -17.10 11.47 -8.51
CA LEU F 381 -16.11 10.43 -8.82
C LEU F 381 -14.91 10.54 -7.91
N SER F 382 -14.40 11.76 -7.72
CA SER F 382 -13.22 11.96 -6.88
C SER F 382 -13.51 11.58 -5.44
N LEU F 383 -14.66 11.98 -4.90
CA LEU F 383 -14.98 11.66 -3.52
C LEU F 383 -15.09 10.16 -3.32
N PHE F 384 -15.80 9.46 -4.22
CA PHE F 384 -15.91 8.01 -4.08
C PHE F 384 -14.55 7.35 -4.14
N THR F 385 -13.76 7.66 -5.17
CA THR F 385 -12.48 6.99 -5.34
C THR F 385 -11.55 7.28 -4.17
N HIS F 386 -11.50 8.53 -3.73
CA HIS F 386 -10.62 8.89 -2.61
C HIS F 386 -11.02 8.16 -1.35
N HIS F 387 -12.31 8.11 -1.04
CA HIS F 387 -12.74 7.49 0.21
C HIS F 387 -12.54 5.98 0.16
N VAL F 388 -12.76 5.36 -1.00
CA VAL F 388 -12.52 3.92 -1.11
C VAL F 388 -11.03 3.61 -0.97
N TRP F 389 -10.17 4.46 -1.54
CA TRP F 389 -8.73 4.26 -1.39
C TRP F 389 -8.30 4.38 0.06
N ILE F 390 -8.81 5.41 0.75
CA ILE F 390 -8.49 5.60 2.15
C ILE F 390 -8.97 4.40 2.96
N GLY F 391 -10.16 3.89 2.65
CA GLY F 391 -10.68 2.73 3.36
C GLY F 391 -9.83 1.51 3.18
N GLY F 392 -9.42 1.24 1.94
CA GLY F 392 -8.56 0.09 1.69
C GLY F 392 -7.22 0.20 2.41
N PHE F 393 -6.61 1.38 2.36
CA PHE F 393 -5.35 1.57 3.06
C PHE F 393 -5.52 1.37 4.56
N CYS F 394 -6.59 1.91 5.13
CA CYS F 394 -6.81 1.79 6.58
C CYS F 394 -7.08 0.34 6.97
N ILE F 395 -7.77 -0.42 6.12
CA ILE F 395 -8.02 -1.82 6.42
C ILE F 395 -6.71 -2.61 6.41
N VAL F 396 -5.86 -2.36 5.41
CA VAL F 396 -4.56 -3.04 5.38
C VAL F 396 -3.75 -2.67 6.62
N GLY F 397 -3.85 -1.40 7.06
CA GLY F 397 -3.15 -0.99 8.27
C GLY F 397 -3.68 -1.68 9.51
N GLY F 398 -5.00 -1.87 9.60
CA GLY F 398 -5.56 -2.61 10.71
C GLY F 398 -5.05 -4.04 10.75
N ALA F 399 -4.98 -4.68 9.58
CA ALA F 399 -4.42 -6.03 9.54
C ALA F 399 -2.96 -6.03 9.96
N ALA F 400 -2.19 -5.03 9.51
CA ALA F 400 -0.78 -4.93 9.87
C ALA F 400 -0.61 -4.80 11.37
N HIS F 401 -1.42 -3.98 12.01
CA HIS F 401 -1.26 -3.77 13.44
C HIS F 401 -1.82 -4.93 14.25
N GLY F 402 -2.79 -5.67 13.73
CA GLY F 402 -3.14 -6.93 14.35
C GLY F 402 -1.98 -7.90 14.35
N ALA F 403 -1.28 -7.99 13.22
CA ALA F 403 -0.09 -8.83 13.17
C ALA F 403 0.99 -8.34 14.14
N ILE F 404 1.17 -7.02 14.23
CA ILE F 404 2.15 -6.46 15.15
C ILE F 404 1.80 -6.81 16.59
N PHE F 405 0.51 -6.71 16.95
CA PHE F 405 0.09 -7.10 18.29
C PHE F 405 0.40 -8.58 18.54
N PHE F 406 0.10 -9.43 17.56
CA PHE F 406 0.36 -10.85 17.75
C PHE F 406 1.85 -11.12 17.96
N VAL F 407 2.70 -10.44 17.21
CA VAL F 407 4.14 -10.66 17.36
C VAL F 407 4.64 -10.14 18.70
N ARG F 408 4.26 -8.91 19.06
CA ARG F 408 4.86 -8.20 20.17
C ARG F 408 4.08 -8.32 21.47
N ASP F 409 2.82 -7.89 21.46
CA ASP F 409 2.06 -7.71 22.70
C ASP F 409 1.22 -8.92 23.07
N TYR F 410 1.30 -10.02 22.33
CA TYR F 410 0.50 -11.18 22.63
C TYR F 410 1.18 -12.02 23.70
N ASN F 411 0.45 -12.29 24.79
CA ASN F 411 0.94 -13.12 25.88
C ASN F 411 0.17 -14.44 25.87
N ALA F 412 0.89 -15.54 25.69
CA ALA F 412 0.24 -16.85 25.61
C ALA F 412 -0.39 -17.23 26.94
N ALA F 413 0.28 -16.92 28.05
CA ALA F 413 -0.23 -17.30 29.35
C ALA F 413 -1.55 -16.60 29.66
N ASN F 414 -1.65 -15.30 29.34
CA ASN F 414 -2.85 -14.54 29.63
C ASN F 414 -4.01 -14.89 28.72
N ASN F 415 -3.79 -15.67 27.67
CA ASN F 415 -4.85 -15.98 26.71
C ASN F 415 -5.02 -17.48 26.59
N TYR F 416 -5.12 -18.18 27.72
CA TYR F 416 -5.27 -19.63 27.72
C TYR F 416 -6.71 -20.00 27.38
N ASN F 417 -6.88 -20.69 26.24
CA ASN F 417 -8.16 -21.26 25.82
C ASN F 417 -9.23 -20.20 25.58
N ASN F 418 -8.83 -18.96 25.31
CA ASN F 418 -9.79 -17.92 24.96
C ASN F 418 -9.96 -17.90 23.45
N LEU F 419 -10.65 -16.88 22.92
CA LEU F 419 -10.92 -16.83 21.48
C LEU F 419 -9.64 -16.73 20.67
N ILE F 420 -8.70 -15.89 21.11
CA ILE F 420 -7.46 -15.72 20.37
C ILE F 420 -6.69 -17.03 20.32
N ASP F 421 -6.60 -17.73 21.46
CA ASP F 421 -5.90 -19.01 21.49
C ASP F 421 -6.56 -20.02 20.57
N ARG F 422 -7.89 -20.13 20.63
CA ARG F 422 -8.58 -21.12 19.82
C ARG F 422 -8.49 -20.82 18.34
N VAL F 423 -8.39 -19.53 17.97
CA VAL F 423 -8.21 -19.20 16.56
C VAL F 423 -6.85 -19.64 16.07
N ILE F 424 -5.80 -19.41 16.85
CA ILE F 424 -4.46 -19.85 16.48
C ILE F 424 -4.39 -21.36 16.42
N ARG F 425 -5.13 -22.05 17.29
CA ARG F 425 -5.05 -23.50 17.36
C ARG F 425 -5.60 -24.19 16.12
N HIS F 426 -6.48 -23.54 15.36
CA HIS F 426 -7.00 -24.11 14.12
C HIS F 426 -6.79 -23.17 12.94
N ARG F 427 -5.69 -22.42 12.96
CA ARG F 427 -5.39 -21.49 11.87
C ARG F 427 -5.28 -22.20 10.54
N ASP F 428 -4.82 -23.45 10.56
CA ASP F 428 -4.69 -24.22 9.33
C ASP F 428 -6.04 -24.34 8.65
N ALA F 429 -7.04 -24.77 9.40
CA ALA F 429 -8.37 -24.96 8.82
C ALA F 429 -8.89 -23.67 8.21
N ILE F 430 -8.76 -22.56 8.95
CA ILE F 430 -9.23 -21.27 8.45
C ILE F 430 -8.53 -20.91 7.15
N ILE F 431 -7.20 -21.02 7.14
CA ILE F 431 -6.43 -20.58 5.98
C ILE F 431 -6.67 -21.50 4.79
N SER F 432 -6.78 -22.81 5.03
CA SER F 432 -7.03 -23.74 3.93
C SER F 432 -8.40 -23.52 3.30
N HIS F 433 -9.43 -23.32 4.13
CA HIS F 433 -10.75 -23.09 3.58
C HIS F 433 -10.85 -21.73 2.90
N LEU F 434 -10.16 -20.72 3.43
CA LEU F 434 -10.11 -19.43 2.76
C LEU F 434 -9.36 -19.53 1.43
N ASN F 435 -8.32 -20.35 1.39
CA ASN F 435 -7.63 -20.63 0.13
C ASN F 435 -8.57 -21.27 -0.88
N TRP F 436 -9.35 -22.27 -0.45
CA TRP F 436 -10.29 -22.91 -1.36
C TRP F 436 -11.33 -21.92 -1.85
N VAL F 437 -11.84 -21.08 -0.95
CA VAL F 437 -12.84 -20.09 -1.35
C VAL F 437 -12.25 -19.11 -2.34
N CYS F 438 -11.02 -18.67 -2.11
CA CYS F 438 -10.38 -17.74 -3.03
C CYS F 438 -10.20 -18.37 -4.40
N ILE F 439 -9.76 -19.62 -4.45
CA ILE F 439 -9.60 -20.30 -5.74
C ILE F 439 -10.93 -20.45 -6.42
N PHE F 440 -11.97 -20.85 -5.68
CA PHE F 440 -13.30 -21.01 -6.27
C PHE F 440 -13.80 -19.69 -6.85
N LEU F 441 -13.72 -18.60 -6.06
CA LEU F 441 -14.22 -17.32 -6.51
C LEU F 441 -13.43 -16.78 -7.69
N GLY F 442 -12.10 -16.91 -7.65
CA GLY F 442 -11.29 -16.43 -8.76
C GLY F 442 -11.52 -17.23 -10.02
N CYS F 443 -11.40 -18.56 -9.92
CA CYS F 443 -11.76 -19.42 -11.04
C CYS F 443 -13.07 -18.98 -11.65
N HIS F 444 -14.13 -18.90 -10.84
CA HIS F 444 -15.44 -18.59 -11.40
C HIS F 444 -15.50 -17.19 -11.98
N SER F 445 -15.33 -16.16 -11.16
CA SER F 445 -15.49 -14.83 -11.71
C SER F 445 -14.59 -14.60 -12.93
N PHE F 446 -13.28 -14.76 -12.74
CA PHE F 446 -12.37 -14.39 -13.81
C PHE F 446 -12.49 -15.34 -14.99
N GLY F 447 -12.77 -16.63 -14.76
CA GLY F 447 -12.85 -17.55 -15.87
C GLY F 447 -14.13 -17.43 -16.65
N LEU F 448 -15.12 -16.82 -16.01
CA LEU F 448 -16.33 -16.51 -16.73
C LEU F 448 -15.97 -15.32 -17.60
N TYR F 449 -15.20 -14.38 -17.06
CA TYR F 449 -14.75 -13.28 -17.92
C TYR F 449 -13.95 -13.80 -19.11
N VAL F 450 -13.03 -14.73 -18.88
CA VAL F 450 -12.18 -15.25 -19.94
C VAL F 450 -12.99 -16.10 -20.92
N HIS F 451 -13.97 -16.85 -20.41
CA HIS F 451 -14.87 -17.60 -21.28
C HIS F 451 -15.66 -16.67 -22.18
N ASN F 452 -16.17 -15.57 -21.64
CA ASN F 452 -16.82 -14.59 -22.48
C ASN F 452 -15.87 -14.06 -23.54
N ASP F 453 -14.63 -13.76 -23.15
CA ASP F 453 -13.66 -13.21 -24.09
C ASP F 453 -13.35 -14.19 -25.22
N THR F 454 -13.14 -15.47 -24.88
CA THR F 454 -12.79 -16.46 -25.89
C THR F 454 -13.99 -16.86 -26.73
N MET F 455 -15.21 -16.82 -26.18
CA MET F 455 -16.39 -17.06 -27.01
C MET F 455 -16.60 -15.92 -27.99
N ARG F 456 -16.37 -14.68 -27.56
CA ARG F 456 -16.48 -13.56 -28.49
C ARG F 456 -15.40 -13.61 -29.55
N ALA F 457 -14.18 -14.01 -29.16
CA ALA F 457 -13.08 -14.08 -30.12
C ALA F 457 -13.29 -15.21 -31.13
N LEU F 458 -14.05 -16.24 -30.75
CA LEU F 458 -14.32 -17.37 -31.63
C LEU F 458 -15.60 -17.19 -32.43
N GLY F 459 -16.25 -16.04 -32.34
CA GLY F 459 -17.45 -15.80 -33.10
C GLY F 459 -18.67 -16.55 -32.61
N ARG F 460 -18.69 -16.93 -31.33
CA ARG F 460 -19.82 -17.61 -30.72
C ARG F 460 -20.44 -16.66 -29.70
N SER F 461 -21.31 -15.79 -30.18
CA SER F 461 -21.90 -14.77 -29.32
C SER F 461 -23.00 -15.32 -28.41
N GLN F 462 -23.59 -16.46 -28.75
CA GLN F 462 -24.65 -17.05 -27.96
C GLN F 462 -24.13 -17.94 -26.83
N ASP F 463 -22.82 -18.12 -26.73
CA ASP F 463 -22.21 -18.94 -25.70
C ASP F 463 -21.62 -18.10 -24.57
N LEU F 464 -21.83 -16.79 -24.58
CA LEU F 464 -21.27 -15.92 -23.56
C LEU F 464 -22.11 -15.99 -22.29
N PHE F 465 -21.56 -15.41 -21.21
CA PHE F 465 -22.32 -15.18 -19.98
C PHE F 465 -22.90 -13.77 -19.97
N SER F 466 -23.78 -13.53 -20.94
CA SER F 466 -24.37 -12.22 -21.18
C SER F 466 -25.87 -12.27 -20.94
N ASP F 467 -26.51 -11.11 -21.12
CA ASP F 467 -27.96 -11.03 -20.94
C ASP F 467 -28.70 -11.69 -22.10
N ASN F 468 -28.19 -11.51 -23.32
CA ASN F 468 -28.75 -12.15 -24.51
C ASN F 468 -28.17 -13.55 -24.75
N ALA F 469 -27.64 -14.17 -23.69
CA ALA F 469 -26.96 -15.45 -23.74
C ALA F 469 -27.22 -16.13 -22.39
N ILE F 470 -26.36 -17.08 -22.03
CA ILE F 470 -26.41 -17.65 -20.68
C ILE F 470 -26.39 -16.48 -19.71
N ALA F 471 -27.47 -16.33 -18.95
CA ALA F 471 -27.68 -15.13 -18.14
C ALA F 471 -27.56 -15.48 -16.67
N LEU F 472 -26.83 -14.65 -15.93
CA LEU F 472 -26.65 -14.81 -14.49
C LEU F 472 -27.27 -13.58 -13.84
N LYS F 473 -28.57 -13.62 -13.61
CA LYS F 473 -29.27 -12.47 -13.07
C LYS F 473 -29.03 -12.37 -11.56
N PRO F 474 -28.58 -11.23 -11.07
CA PRO F 474 -28.45 -11.06 -9.61
C PRO F 474 -29.81 -10.90 -8.95
N ILE F 475 -30.54 -12.03 -8.81
CA ILE F 475 -31.92 -11.95 -8.35
C ILE F 475 -32.00 -11.47 -6.90
N PHE F 476 -31.01 -11.84 -6.07
CA PHE F 476 -31.05 -11.44 -4.66
C PHE F 476 -30.94 -9.92 -4.52
N ALA F 477 -30.07 -9.30 -5.31
CA ALA F 477 -29.91 -7.85 -5.23
C ALA F 477 -31.12 -7.12 -5.82
N GLN F 478 -31.70 -7.67 -6.88
CA GLN F 478 -32.90 -7.07 -7.46
C GLN F 478 -34.08 -7.16 -6.51
N PHE F 479 -34.17 -8.26 -5.76
CA PHE F 479 -35.21 -8.39 -4.74
C PHE F 479 -35.07 -7.29 -3.69
N ILE F 480 -33.83 -7.02 -3.25
CA ILE F 480 -33.60 -5.96 -2.28
C ILE F 480 -33.95 -4.60 -2.87
N GLN F 481 -33.58 -4.38 -4.14
CA GLN F 481 -33.92 -3.13 -4.80
C GLN F 481 -35.43 -2.93 -4.84
N ASN F 482 -36.17 -3.99 -5.15
CA ASN F 482 -37.62 -3.90 -5.15
C ASN F 482 -38.16 -3.61 -3.76
N LEU F 483 -37.56 -4.21 -2.74
CA LEU F 483 -38.04 -4.01 -1.38
C LEU F 483 -37.88 -2.55 -0.94
N HIS F 484 -36.79 -1.91 -1.37
CA HIS F 484 -36.54 -0.53 -0.96
C HIS F 484 -37.46 0.45 -1.67
N THR F 485 -37.69 0.24 -2.98
CA THR F 485 -38.56 1.14 -3.71
C THR F 485 -40.02 1.01 -3.28
N LEU F 486 -40.38 -0.10 -2.63
CA LEU F 486 -41.71 -0.27 -2.06
C LEU F 486 -41.79 0.12 -0.59
N ALA F 487 -40.64 0.43 0.03
CA ALA F 487 -40.64 0.74 1.46
C ALA F 487 -41.50 1.95 1.82
N PRO F 488 -41.45 3.09 1.12
CA PRO F 488 -42.30 4.22 1.51
C PRO F 488 -43.77 3.88 1.39
N GLY F 489 -44.46 3.88 2.53
CA GLY F 489 -45.87 3.59 2.58
C GLY F 489 -46.21 2.17 2.97
N SER F 490 -45.26 1.24 2.87
CA SER F 490 -45.50 -0.15 3.22
C SER F 490 -44.70 -0.57 4.44
N THR F 491 -43.37 -0.46 4.40
CA THR F 491 -42.54 -0.72 5.56
C THR F 491 -42.01 0.53 6.21
N ALA F 492 -41.83 1.61 5.46
CA ALA F 492 -41.56 2.90 6.06
C ALA F 492 -42.76 3.81 5.80
N PRO F 493 -43.87 3.60 6.51
CA PRO F 493 -45.11 4.30 6.15
C PRO F 493 -45.04 5.81 6.27
N ASN F 494 -44.12 6.34 7.06
CA ASN F 494 -43.97 7.78 7.22
C ASN F 494 -42.96 8.37 6.24
N ALA F 495 -42.43 7.57 5.32
CA ALA F 495 -41.58 8.07 4.25
C ALA F 495 -42.42 8.51 3.07
N LEU F 496 -41.95 9.56 2.40
CA LEU F 496 -42.59 10.02 1.17
C LEU F 496 -41.90 9.52 -0.09
N THR F 497 -40.62 9.16 0.01
CA THR F 497 -39.85 8.71 -1.14
C THR F 497 -38.80 7.72 -0.65
N THR F 498 -38.33 6.87 -1.56
CA THR F 498 -37.27 5.93 -1.23
C THR F 498 -36.02 6.67 -0.76
N VAL F 499 -35.19 5.93 -0.01
CA VAL F 499 -33.96 6.53 0.53
C VAL F 499 -33.06 7.01 -0.61
N SER F 500 -32.90 6.18 -1.64
CA SER F 500 -32.10 6.53 -2.80
C SER F 500 -32.83 6.08 -4.06
N TYR F 501 -32.76 6.92 -5.09
CA TYR F 501 -33.33 6.55 -6.38
C TYR F 501 -32.53 5.46 -7.08
N ALA F 502 -31.35 5.11 -6.56
CA ALA F 502 -30.60 4.00 -7.11
C ALA F 502 -31.38 2.69 -7.02
N PHE F 503 -32.17 2.52 -5.95
CA PHE F 503 -32.97 1.32 -5.80
C PHE F 503 -34.16 1.30 -6.75
N GLY F 504 -34.53 2.44 -7.32
CA GLY F 504 -35.68 2.51 -8.19
C GLY F 504 -36.45 3.80 -8.02
N GLY F 505 -37.31 4.12 -8.97
CA GLY F 505 -38.07 5.36 -8.91
C GLY F 505 -37.95 6.19 -10.17
N ASP F 506 -37.93 7.50 -10.02
CA ASP F 506 -37.87 8.42 -11.14
C ASP F 506 -36.45 8.89 -11.37
N VAL F 507 -36.20 9.41 -12.58
CA VAL F 507 -34.92 10.01 -12.91
C VAL F 507 -34.91 11.43 -12.38
N ILE F 508 -33.94 11.74 -11.51
CA ILE F 508 -33.83 13.05 -10.90
C ILE F 508 -32.76 13.83 -11.64
N SER F 509 -33.17 14.92 -12.29
CA SER F 509 -32.27 15.75 -13.09
C SER F 509 -32.32 17.18 -12.59
N VAL F 510 -31.15 17.81 -12.51
CA VAL F 510 -31.02 19.21 -12.12
C VAL F 510 -30.32 19.94 -13.25
N GLY F 511 -31.03 20.87 -13.88
CA GLY F 511 -30.44 21.60 -15.00
C GLY F 511 -30.07 20.70 -16.17
N SER F 512 -30.96 19.77 -16.52
CA SER F 512 -30.80 18.81 -17.62
C SER F 512 -29.67 17.82 -17.38
N LYS F 513 -29.11 17.77 -16.18
CA LYS F 513 -28.07 16.81 -15.83
C LYS F 513 -28.61 15.84 -14.80
N ILE F 514 -28.37 14.55 -15.01
CA ILE F 514 -28.92 13.52 -14.13
C ILE F 514 -28.22 13.57 -12.78
N ALA F 515 -28.99 13.67 -11.71
CA ALA F 515 -28.46 13.60 -10.35
C ALA F 515 -28.42 12.15 -9.85
N MET F 516 -29.56 11.47 -9.89
CA MET F 516 -29.63 10.06 -9.52
C MET F 516 -30.67 9.38 -10.39
N MET F 517 -30.52 8.06 -10.54
CA MET F 517 -31.42 7.29 -11.39
C MET F 517 -31.30 5.83 -10.99
N PRO F 518 -32.38 5.05 -11.11
CA PRO F 518 -32.31 3.61 -10.82
C PRO F 518 -31.13 2.91 -11.49
N ILE F 519 -30.28 2.29 -10.68
CA ILE F 519 -29.10 1.59 -11.17
C ILE F 519 -29.52 0.15 -11.44
N SER F 520 -29.73 -0.18 -12.71
CA SER F 520 -30.14 -1.53 -13.08
C SER F 520 -29.00 -2.51 -12.88
N LEU F 521 -29.32 -3.69 -12.36
CA LEU F 521 -28.34 -4.75 -12.13
C LEU F 521 -28.64 -5.90 -13.07
N GLY F 522 -27.65 -6.25 -13.90
CA GLY F 522 -27.80 -7.36 -14.82
C GLY F 522 -26.68 -8.37 -14.69
N THR F 523 -26.43 -9.15 -15.74
CA THR F 523 -25.35 -10.14 -15.67
C THR F 523 -23.98 -9.48 -15.59
N ALA F 524 -23.86 -8.25 -16.11
CA ALA F 524 -22.58 -7.55 -16.02
C ALA F 524 -22.25 -7.18 -14.58
N ASP F 525 -23.26 -6.81 -13.80
CA ASP F 525 -23.03 -6.47 -12.40
C ASP F 525 -22.79 -7.71 -11.56
N PHE F 526 -23.39 -8.85 -11.94
CA PHE F 526 -23.12 -10.11 -11.25
C PHE F 526 -21.63 -10.44 -11.30
N LEU F 527 -21.05 -10.40 -12.51
CA LEU F 527 -19.66 -10.77 -12.68
C LEU F 527 -18.73 -9.83 -11.93
N VAL F 528 -18.98 -8.53 -12.01
CA VAL F 528 -18.08 -7.58 -11.35
C VAL F 528 -18.24 -7.64 -9.84
N HIS F 529 -19.45 -7.91 -9.34
CA HIS F 529 -19.62 -8.07 -7.91
C HIS F 529 -18.89 -9.30 -7.40
N HIS F 530 -18.93 -10.39 -8.16
CA HIS F 530 -18.19 -11.57 -7.74
C HIS F 530 -16.69 -11.36 -7.87
N ILE F 531 -16.26 -10.52 -8.82
CA ILE F 531 -14.85 -10.13 -8.89
C ILE F 531 -14.46 -9.36 -7.62
N HIS F 532 -15.33 -8.46 -7.17
CA HIS F 532 -15.09 -7.73 -5.93
C HIS F 532 -14.97 -8.69 -4.75
N ALA F 533 -15.90 -9.64 -4.66
CA ALA F 533 -15.87 -10.61 -3.57
C ALA F 533 -14.58 -11.43 -3.61
N PHE F 534 -14.15 -11.84 -4.80
CA PHE F 534 -12.95 -12.65 -4.92
C PHE F 534 -11.71 -11.86 -4.52
N THR F 535 -11.58 -10.63 -4.99
CA THR F 535 -10.42 -9.82 -4.64
C THR F 535 -10.38 -9.54 -3.15
N ILE F 536 -11.54 -9.21 -2.55
CA ILE F 536 -11.60 -8.97 -1.13
C ILE F 536 -11.20 -10.22 -0.35
N HIS F 537 -11.66 -11.39 -0.82
CA HIS F 537 -11.32 -12.63 -0.14
C HIS F 537 -9.84 -12.93 -0.21
N VAL F 538 -9.19 -12.65 -1.35
CA VAL F 538 -7.76 -12.91 -1.45
C VAL F 538 -6.98 -11.95 -0.56
N THR F 539 -7.39 -10.68 -0.52
CA THR F 539 -6.73 -9.74 0.39
C THR F 539 -6.88 -10.18 1.84
N VAL F 540 -8.08 -10.63 2.22
CA VAL F 540 -8.31 -11.15 3.56
C VAL F 540 -7.45 -12.38 3.79
N LEU F 541 -7.27 -13.22 2.77
CA LEU F 541 -6.44 -14.41 2.93
C LEU F 541 -5.01 -14.04 3.25
N ILE F 542 -4.44 -13.11 2.48
CA ILE F 542 -3.06 -12.71 2.72
C ILE F 542 -2.90 -12.11 4.11
N LEU F 543 -3.81 -11.20 4.48
CA LEU F 543 -3.67 -10.51 5.76
C LEU F 543 -3.92 -11.45 6.94
N LEU F 544 -4.89 -12.35 6.83
CA LEU F 544 -5.18 -13.28 7.91
C LEU F 544 -4.08 -14.32 8.04
N LYS F 545 -3.50 -14.75 6.92
CA LYS F 545 -2.34 -15.64 6.99
C LYS F 545 -1.17 -14.94 7.66
N GLY F 546 -1.00 -13.64 7.40
CA GLY F 546 0.04 -12.89 8.08
C GLY F 546 -0.20 -12.78 9.58
N VAL F 547 -1.44 -12.53 9.98
CA VAL F 547 -1.74 -12.35 11.39
C VAL F 547 -1.63 -13.67 12.14
N LEU F 548 -2.20 -14.75 11.58
CA LEU F 548 -2.26 -16.01 12.30
C LEU F 548 -0.90 -16.69 12.36
N TYR F 549 -0.12 -16.62 11.28
CA TYR F 549 1.21 -17.24 11.24
C TYR F 549 2.31 -16.25 11.58
N SER F 550 1.99 -15.20 12.34
CA SER F 550 3.00 -14.21 12.72
C SER F 550 3.91 -14.70 13.84
N ARG F 551 3.46 -15.63 14.67
CA ARG F 551 4.24 -16.10 15.81
C ARG F 551 5.02 -17.38 15.53
N ASN F 552 4.41 -18.33 14.82
CA ASN F 552 5.08 -19.59 14.53
C ASN F 552 4.40 -20.24 13.33
N SER F 553 5.02 -21.30 12.85
CA SER F 553 4.51 -22.06 11.71
C SER F 553 5.19 -23.43 11.71
N ARG F 554 4.86 -24.24 10.71
CA ARG F 554 5.59 -25.49 10.52
C ARG F 554 6.98 -25.24 9.95
N LEU F 555 7.14 -24.17 9.17
CA LEU F 555 8.45 -23.80 8.66
C LEU F 555 9.34 -23.28 9.78
N ILE F 556 8.94 -22.17 10.39
CA ILE F 556 9.72 -21.53 11.44
C ILE F 556 8.94 -21.61 12.74
N PRO F 557 9.26 -22.56 13.63
CA PRO F 557 8.50 -22.69 14.88
C PRO F 557 8.72 -21.55 15.85
N ASP F 558 9.71 -20.69 15.61
CA ASP F 558 10.01 -19.56 16.49
C ASP F 558 10.04 -18.27 15.68
N LYS F 559 9.03 -18.07 14.84
CA LYS F 559 8.95 -16.87 14.03
C LYS F 559 8.71 -15.62 14.87
N ALA F 560 8.13 -15.76 16.06
CA ALA F 560 7.92 -14.61 16.92
C ALA F 560 9.23 -14.06 17.46
N ASN F 561 10.25 -14.91 17.61
CA ASN F 561 11.55 -14.45 18.06
C ASN F 561 12.29 -13.65 17.01
N LEU F 562 11.87 -13.70 15.74
CA LEU F 562 12.47 -12.90 14.69
C LEU F 562 11.82 -11.54 14.54
N GLY F 563 10.74 -11.28 15.27
CA GLY F 563 10.08 -9.99 15.22
C GLY F 563 9.00 -9.91 14.17
N PHE F 564 8.34 -8.75 14.15
CA PHE F 564 7.30 -8.50 13.15
C PHE F 564 7.91 -8.21 11.78
N ARG F 565 9.02 -7.47 11.75
CA ARG F 565 9.62 -7.01 10.50
C ARG F 565 11.00 -7.65 10.36
N PHE F 566 11.09 -8.67 9.51
CA PHE F 566 12.36 -9.26 9.15
C PHE F 566 12.24 -9.82 7.74
N PRO F 567 13.35 -9.85 6.98
CA PRO F 567 13.23 -10.26 5.58
C PRO F 567 12.94 -11.73 5.39
N CYS F 568 13.52 -12.59 6.20
CA CYS F 568 13.47 -14.03 5.97
C CYS F 568 14.03 -14.74 7.19
N ASP F 569 14.16 -16.06 7.07
CA ASP F 569 14.98 -16.85 7.97
C ASP F 569 16.19 -17.44 7.28
N GLY F 570 16.27 -17.38 5.95
CA GLY F 570 17.40 -17.88 5.22
C GLY F 570 17.01 -18.62 3.96
N PRO F 571 17.99 -18.98 3.12
CA PRO F 571 17.70 -19.75 1.91
C PRO F 571 17.34 -21.20 2.18
N GLY F 572 17.44 -21.66 3.42
CA GLY F 572 17.13 -23.03 3.75
C GLY F 572 15.64 -23.30 3.75
N ARG F 573 15.31 -24.57 4.04
CA ARG F 573 13.94 -25.07 3.95
C ARG F 573 13.38 -24.88 2.54
N GLY F 574 14.27 -24.91 1.54
CA GLY F 574 13.89 -24.58 0.19
C GLY F 574 13.82 -23.10 -0.09
N GLY F 575 13.97 -22.25 0.93
CA GLY F 575 13.80 -20.82 0.77
C GLY F 575 12.72 -20.28 1.68
N THR F 576 13.09 -19.36 2.57
CA THR F 576 12.16 -18.80 3.54
C THR F 576 12.02 -17.30 3.38
N CYS F 577 11.88 -16.84 2.14
CA CYS F 577 11.60 -15.45 1.88
C CYS F 577 10.29 -15.04 2.54
N GLN F 578 10.15 -13.74 2.81
CA GLN F 578 8.86 -13.11 3.06
C GLN F 578 7.97 -13.90 4.02
N VAL F 579 8.54 -14.55 5.00
CA VAL F 579 7.70 -15.28 5.90
C VAL F 579 7.22 -14.41 7.00
N SER F 580 7.58 -13.15 7.04
CA SER F 580 7.23 -12.33 8.14
C SER F 580 5.80 -12.12 8.13
N ALA F 581 5.39 -11.11 8.83
CA ALA F 581 4.04 -10.80 8.88
C ALA F 581 3.99 -9.51 8.24
N TRP F 582 5.12 -8.88 8.05
CA TRP F 582 5.19 -7.62 7.38
C TRP F 582 5.15 -7.87 5.95
N ASP F 583 5.75 -8.98 5.54
CA ASP F 583 5.81 -9.30 4.13
C ASP F 583 4.44 -9.74 3.68
N HIS F 584 3.49 -9.74 4.62
CA HIS F 584 2.16 -10.15 4.28
C HIS F 584 1.36 -8.91 4.20
N VAL F 585 1.80 -7.87 4.85
CA VAL F 585 1.12 -6.62 4.75
C VAL F 585 1.64 -6.00 3.51
N PHE F 586 2.76 -6.42 2.99
CA PHE F 586 3.27 -5.91 1.72
C PHE F 586 2.48 -6.52 0.54
N LEU F 587 2.34 -7.84 0.53
CA LEU F 587 1.53 -8.50 -0.50
C LEU F 587 0.06 -8.10 -0.40
N GLY F 588 -0.45 -7.94 0.82
CA GLY F 588 -1.82 -7.51 0.99
C GLY F 588 -2.05 -6.09 0.51
N LEU F 589 -1.04 -5.23 0.62
CA LEU F 589 -1.12 -3.91 0.03
C LEU F 589 -1.26 -4.01 -1.48
N PHE F 590 -0.46 -4.88 -2.10
CA PHE F 590 -0.60 -5.09 -3.54
C PHE F 590 -2.02 -5.54 -3.90
N TRP F 591 -2.55 -6.51 -3.16
CA TRP F 591 -3.86 -7.04 -3.52
C TRP F 591 -4.98 -6.07 -3.18
N MET F 592 -4.82 -5.25 -2.14
CA MET F 592 -5.75 -4.17 -1.88
C MET F 592 -5.75 -3.17 -3.03
N TYR F 593 -4.57 -2.84 -3.56
CA TYR F 593 -4.52 -1.98 -4.73
C TYR F 593 -5.32 -2.57 -5.87
N ASN F 594 -5.12 -3.88 -6.12
CA ASN F 594 -5.86 -4.55 -7.19
C ASN F 594 -7.36 -4.45 -6.97
N SER F 595 -7.82 -4.79 -5.75
CA SER F 595 -9.25 -4.82 -5.46
C SER F 595 -9.87 -3.44 -5.58
N ILE F 596 -9.22 -2.43 -5.00
CA ILE F 596 -9.77 -1.08 -5.02
C ILE F 596 -9.76 -0.51 -6.43
N SER F 597 -8.72 -0.83 -7.21
CA SER F 597 -8.69 -0.40 -8.61
C SER F 597 -9.85 -0.97 -9.38
N ILE F 598 -10.15 -2.27 -9.17
CA ILE F 598 -11.30 -2.86 -9.86
C ILE F 598 -12.60 -2.22 -9.38
N VAL F 599 -12.70 -1.93 -8.08
CA VAL F 599 -13.91 -1.33 -7.54
C VAL F 599 -14.16 0.05 -8.15
N ILE F 600 -13.12 0.89 -8.21
CA ILE F 600 -13.30 2.23 -8.74
C ILE F 600 -13.51 2.19 -10.25
N PHE F 601 -12.90 1.23 -10.95
CA PHE F 601 -13.18 1.08 -12.37
C PHE F 601 -14.64 0.71 -12.61
N HIS F 602 -15.15 -0.24 -11.82
CA HIS F 602 -16.56 -0.60 -11.91
C HIS F 602 -17.45 0.60 -11.66
N PHE F 603 -17.16 1.36 -10.61
CA PHE F 603 -17.97 2.54 -10.30
C PHE F 603 -17.94 3.53 -11.44
N SER F 604 -16.75 3.88 -11.92
CA SER F 604 -16.63 4.89 -12.97
C SER F 604 -17.39 4.46 -14.22
N TRP F 605 -17.13 3.25 -14.71
CA TRP F 605 -17.77 2.81 -15.94
C TRP F 605 -19.28 2.68 -15.76
N LYS F 606 -19.73 2.06 -14.67
CA LYS F 606 -21.16 1.87 -14.48
C LYS F 606 -21.89 3.20 -14.35
N MET F 607 -21.34 4.15 -13.59
CA MET F 607 -21.99 5.45 -13.46
C MET F 607 -22.04 6.17 -14.80
N GLN F 608 -20.89 6.25 -15.50
CA GLN F 608 -20.85 6.95 -16.77
C GLN F 608 -21.77 6.32 -17.80
N SER F 609 -21.95 5.00 -17.75
CA SER F 609 -22.68 4.30 -18.79
C SER F 609 -24.17 4.13 -18.48
N ASP F 610 -24.56 4.10 -17.21
CA ASP F 610 -25.93 3.76 -16.86
C ASP F 610 -26.54 4.64 -15.77
N VAL F 611 -25.86 5.71 -15.34
CA VAL F 611 -26.51 6.66 -14.43
C VAL F 611 -26.36 8.08 -14.95
N TRP F 612 -25.11 8.52 -15.13
CA TRP F 612 -24.85 9.91 -15.47
C TRP F 612 -25.19 10.19 -16.92
N GLY F 613 -25.45 11.45 -17.20
CA GLY F 613 -25.77 11.88 -18.55
C GLY F 613 -26.67 13.10 -18.51
N THR F 614 -27.41 13.28 -19.60
CA THR F 614 -28.33 14.39 -19.75
C THR F 614 -29.73 13.87 -20.06
N VAL F 615 -30.74 14.65 -19.70
CA VAL F 615 -32.14 14.30 -19.94
C VAL F 615 -32.72 15.33 -20.89
N SER F 616 -33.29 14.84 -22.00
CA SER F 616 -33.93 15.70 -22.97
C SER F 616 -35.21 16.29 -22.39
N PRO F 617 -35.69 17.42 -22.95
CA PRO F 617 -36.92 18.01 -22.42
C PRO F 617 -38.12 17.09 -22.48
N THR F 618 -38.17 16.15 -23.41
CA THR F 618 -39.26 15.19 -23.50
C THR F 618 -39.06 13.98 -22.60
N GLY F 619 -37.93 13.88 -21.90
CA GLY F 619 -37.69 12.80 -20.98
C GLY F 619 -36.80 11.68 -21.48
N ALA F 620 -36.08 11.88 -22.59
CA ALA F 620 -35.18 10.86 -23.10
C ALA F 620 -33.82 10.99 -22.42
N VAL F 621 -33.31 9.88 -21.93
CA VAL F 621 -32.07 9.83 -21.16
C VAL F 621 -30.94 9.40 -22.08
N SER F 622 -29.92 10.23 -22.19
CA SER F 622 -28.70 9.91 -22.93
C SER F 622 -27.51 9.98 -21.98
N HIS F 623 -26.74 8.91 -21.91
CA HIS F 623 -25.67 8.79 -20.93
C HIS F 623 -24.34 9.25 -21.52
N ILE F 624 -23.32 9.29 -20.66
CA ILE F 624 -22.01 9.77 -21.08
C ILE F 624 -21.41 8.85 -22.13
N THR F 625 -21.48 7.54 -21.91
CA THR F 625 -20.94 6.58 -22.85
C THR F 625 -22.00 5.93 -23.73
N GLY F 626 -23.20 5.71 -23.20
CA GLY F 626 -24.29 5.19 -24.01
C GLY F 626 -24.70 3.77 -23.70
N GLY F 627 -24.57 3.35 -22.45
CA GLY F 627 -25.02 2.03 -22.06
C GLY F 627 -24.16 0.88 -22.53
N ASN F 628 -22.88 1.12 -22.82
CA ASN F 628 -22.00 0.05 -23.27
C ASN F 628 -21.56 -0.86 -22.14
N PHE F 629 -21.85 -0.50 -20.88
CA PHE F 629 -21.45 -1.34 -19.75
C PHE F 629 -22.14 -2.69 -19.78
N ALA F 630 -23.42 -2.71 -20.17
CA ALA F 630 -24.20 -3.94 -20.06
C ALA F 630 -23.65 -5.05 -20.95
N GLN F 631 -23.17 -4.70 -22.15
CA GLN F 631 -22.76 -5.70 -23.12
C GLN F 631 -21.26 -5.80 -23.33
N SER F 632 -20.49 -4.79 -22.94
CA SER F 632 -19.06 -4.77 -23.20
C SER F 632 -18.19 -4.82 -21.95
N SER F 633 -18.79 -4.82 -20.76
CA SER F 633 -18.03 -4.98 -19.53
C SER F 633 -17.93 -6.43 -19.09
N ILE F 634 -18.36 -7.36 -19.92
CA ILE F 634 -18.36 -8.78 -19.59
C ILE F 634 -17.15 -9.51 -20.14
N THR F 635 -16.29 -8.83 -20.90
CA THR F 635 -15.06 -9.40 -21.42
C THR F 635 -13.89 -8.51 -21.06
N ILE F 636 -12.71 -9.12 -20.91
CA ILE F 636 -11.51 -8.35 -20.59
C ILE F 636 -11.14 -7.44 -21.76
N ASN F 637 -11.36 -7.90 -23.00
CA ASN F 637 -11.15 -7.04 -24.15
C ASN F 637 -12.10 -5.85 -24.11
N GLY F 638 -13.32 -6.07 -23.63
CA GLY F 638 -14.24 -4.96 -23.47
C GLY F 638 -13.74 -3.91 -22.49
N TRP F 639 -13.24 -4.37 -21.34
CA TRP F 639 -12.67 -3.44 -20.37
C TRP F 639 -11.46 -2.71 -20.95
N LEU F 640 -10.62 -3.43 -21.70
CA LEU F 640 -9.43 -2.81 -22.28
C LEU F 640 -9.80 -1.76 -23.31
N ARG F 641 -10.81 -2.02 -24.14
CA ARG F 641 -11.11 -1.17 -25.28
C ARG F 641 -12.16 -0.11 -24.96
N ASP F 642 -13.36 -0.54 -24.58
CA ASP F 642 -14.47 0.39 -24.39
C ASP F 642 -14.37 1.20 -23.11
N PHE F 643 -13.49 0.82 -22.17
CA PHE F 643 -13.29 1.62 -20.97
C PHE F 643 -11.89 2.24 -20.93
N LEU F 644 -10.84 1.43 -20.91
CA LEU F 644 -9.50 1.99 -20.74
C LEU F 644 -9.09 2.79 -21.97
N TRP F 645 -9.08 2.14 -23.13
CA TRP F 645 -8.68 2.81 -24.36
C TRP F 645 -9.62 3.97 -24.70
N SER F 646 -10.93 3.76 -24.53
CA SER F 646 -11.90 4.77 -24.93
C SER F 646 -11.85 6.00 -24.04
N GLN F 647 -11.86 5.81 -22.72
CA GLN F 647 -11.89 6.93 -21.79
C GLN F 647 -10.51 7.48 -21.49
N ALA F 648 -9.44 6.84 -21.98
CA ALA F 648 -8.12 7.43 -21.90
C ALA F 648 -7.85 8.43 -23.02
N ALA F 649 -8.81 8.63 -23.91
CA ALA F 649 -8.64 9.59 -25.00
C ALA F 649 -8.45 11.01 -24.47
N GLN F 650 -9.20 11.37 -23.43
CA GLN F 650 -9.11 12.72 -22.89
C GLN F 650 -7.77 12.98 -22.23
N VAL F 651 -7.18 11.97 -21.61
CA VAL F 651 -5.89 12.15 -20.95
C VAL F 651 -4.77 12.34 -21.97
N VAL F 652 -4.77 11.53 -23.02
CA VAL F 652 -3.69 11.60 -24.00
C VAL F 652 -3.81 12.81 -24.90
N GLN F 653 -5.02 13.35 -25.07
CA GLN F 653 -5.25 14.51 -25.91
C GLN F 653 -5.35 15.79 -25.08
N SER F 654 -4.83 15.79 -23.86
CA SER F 654 -4.90 16.94 -22.97
C SER F 654 -3.74 17.92 -23.16
N TYR F 655 -2.75 17.58 -23.97
CA TYR F 655 -1.61 18.46 -24.15
C TYR F 655 -2.01 19.74 -24.86
N GLY F 656 -1.50 20.87 -24.37
CA GLY F 656 -1.86 22.17 -24.90
C GLY F 656 -3.12 22.75 -24.31
N SER F 657 -3.91 21.97 -23.57
CA SER F 657 -5.13 22.43 -22.94
C SER F 657 -4.89 22.67 -21.46
N SER F 658 -5.95 23.08 -20.76
CA SER F 658 -5.85 23.32 -19.33
C SER F 658 -5.78 22.04 -18.51
N LEU F 659 -6.00 20.88 -19.14
CA LEU F 659 -5.89 19.59 -18.48
C LEU F 659 -4.55 18.92 -18.74
N SER F 660 -3.58 19.66 -19.30
CA SER F 660 -2.29 19.07 -19.64
C SER F 660 -1.56 18.56 -18.41
N ALA F 661 -1.80 19.17 -17.25
CA ALA F 661 -1.20 18.67 -16.02
C ALA F 661 -1.63 17.24 -15.73
N TYR F 662 -2.86 16.90 -16.12
CA TYR F 662 -3.32 15.52 -15.92
C TYR F 662 -2.57 14.55 -16.82
N GLY F 663 -2.28 14.96 -18.06
CA GLY F 663 -1.46 14.11 -18.92
C GLY F 663 -0.04 13.97 -18.40
N LEU F 664 0.53 15.05 -17.89
CA LEU F 664 1.88 14.99 -17.33
C LEU F 664 1.92 14.06 -16.11
N ILE F 665 0.92 14.16 -15.24
CA ILE F 665 0.86 13.28 -14.08
C ILE F 665 0.57 11.85 -14.48
N PHE F 666 -0.21 11.65 -15.54
CA PHE F 666 -0.41 10.32 -16.12
C PHE F 666 0.93 9.70 -16.49
N LEU F 667 1.73 10.43 -17.26
CA LEU F 667 3.03 9.91 -17.68
C LEU F 667 3.97 9.70 -16.48
N GLY F 668 3.98 10.65 -15.55
CA GLY F 668 4.87 10.52 -14.40
C GLY F 668 4.49 9.37 -13.49
N ALA F 669 3.19 9.12 -13.35
CA ALA F 669 2.74 7.98 -12.56
C ALA F 669 3.06 6.67 -13.24
N HIS F 670 2.96 6.63 -14.58
CA HIS F 670 3.45 5.46 -15.30
C HIS F 670 4.94 5.24 -15.01
N PHE F 671 5.71 6.33 -15.06
CA PHE F 671 7.14 6.24 -14.80
C PHE F 671 7.43 5.72 -13.40
N ILE F 672 6.70 6.22 -12.41
CA ILE F 672 6.93 5.81 -11.03
C ILE F 672 6.53 4.35 -10.82
N TRP F 673 5.41 3.94 -11.42
CA TRP F 673 4.98 2.55 -11.31
C TRP F 673 6.01 1.61 -11.92
N ALA F 674 6.55 1.96 -13.09
CA ALA F 674 7.59 1.15 -13.68
C ALA F 674 8.88 1.20 -12.87
N PHE F 675 9.17 2.35 -12.24
CA PHE F 675 10.33 2.49 -11.38
C PHE F 675 10.26 1.53 -10.20
N SER F 676 9.04 1.33 -9.68
CA SER F 676 8.87 0.42 -8.54
C SER F 676 9.37 -0.98 -8.84
N LEU F 677 9.21 -1.43 -10.08
CA LEU F 677 9.56 -2.80 -10.44
C LEU F 677 11.06 -3.07 -10.33
N MET F 678 11.89 -2.03 -10.38
CA MET F 678 13.31 -2.21 -10.11
C MET F 678 13.54 -2.72 -8.69
N PHE F 679 12.84 -2.13 -7.72
CA PHE F 679 12.97 -2.58 -6.34
C PHE F 679 12.22 -3.88 -6.09
N LEU F 680 11.09 -4.08 -6.76
CA LEU F 680 10.29 -5.26 -6.50
C LEU F 680 10.90 -6.52 -7.10
N PHE F 681 11.57 -6.40 -8.25
CA PHE F 681 12.08 -7.58 -8.95
C PHE F 681 13.51 -7.92 -8.60
N SER F 682 14.31 -6.96 -8.15
CA SER F 682 15.73 -7.16 -7.94
C SER F 682 16.01 -7.53 -6.48
N GLY F 683 17.30 -7.66 -6.16
CA GLY F 683 17.71 -8.04 -4.82
C GLY F 683 18.87 -7.19 -4.34
N ARG F 684 19.13 -7.30 -3.04
CA ARG F 684 20.08 -6.40 -2.39
C ARG F 684 21.52 -6.68 -2.78
N GLY F 685 21.87 -7.94 -3.03
CA GLY F 685 23.26 -8.28 -3.28
C GLY F 685 23.84 -7.60 -4.51
N TYR F 686 23.06 -7.58 -5.60
CA TYR F 686 23.52 -6.93 -6.83
C TYR F 686 23.80 -5.46 -6.60
N TRP F 687 22.90 -4.77 -5.88
CA TRP F 687 23.08 -3.35 -5.67
C TRP F 687 24.24 -3.07 -4.71
N GLN F 688 24.43 -3.93 -3.72
CA GLN F 688 25.59 -3.77 -2.84
C GLN F 688 26.89 -3.95 -3.62
N GLU F 689 26.94 -4.94 -4.51
CA GLU F 689 28.17 -5.17 -5.26
C GLU F 689 28.41 -4.08 -6.31
N LEU F 690 27.36 -3.46 -6.82
CA LEU F 690 27.53 -2.31 -7.71
C LEU F 690 28.01 -1.08 -6.93
N ILE F 691 27.45 -0.87 -5.73
CA ILE F 691 27.92 0.19 -4.86
C ILE F 691 29.37 -0.04 -4.48
N GLU F 692 29.81 -1.30 -4.46
CA GLU F 692 31.23 -1.58 -4.21
C GLU F 692 32.12 -0.94 -5.26
N SER F 693 31.77 -1.09 -6.54
CA SER F 693 32.59 -0.50 -7.60
C SER F 693 32.46 1.03 -7.60
N ILE F 694 31.27 1.54 -7.32
CA ILE F 694 31.11 3.00 -7.23
C ILE F 694 31.97 3.55 -6.09
N VAL F 695 32.00 2.85 -4.97
CA VAL F 695 32.84 3.25 -3.84
C VAL F 695 34.31 3.14 -4.21
N TRP F 696 34.68 2.14 -5.03
CA TRP F 696 36.05 2.08 -5.50
C TRP F 696 36.41 3.33 -6.29
N ALA F 697 35.51 3.77 -7.18
CA ALA F 697 35.78 4.98 -7.93
C ALA F 697 35.92 6.19 -7.01
N HIS F 698 35.04 6.30 -6.01
CA HIS F 698 35.10 7.42 -5.07
C HIS F 698 36.40 7.40 -4.28
N ASN F 699 36.82 6.22 -3.82
CA ASN F 699 38.09 6.10 -3.11
C ASN F 699 39.26 6.46 -4.01
N LYS F 700 39.19 6.06 -5.29
CA LYS F 700 40.21 6.44 -6.25
C LYS F 700 40.30 7.96 -6.40
N LEU F 701 39.17 8.65 -6.28
CA LEU F 701 39.16 10.11 -6.31
C LEU F 701 39.10 10.73 -4.92
N LYS F 702 39.35 9.95 -3.87
CA LYS F 702 39.44 10.45 -2.50
C LYS F 702 38.16 11.16 -2.05
N VAL F 703 37.01 10.68 -2.50
CA VAL F 703 35.75 11.35 -2.22
C VAL F 703 34.75 10.34 -1.65
N ALA F 704 35.25 9.24 -1.10
CA ALA F 704 34.39 8.27 -0.46
C ALA F 704 33.85 8.84 0.85
N PRO F 705 32.54 8.86 1.06
CA PRO F 705 31.99 9.41 2.30
C PRO F 705 32.37 8.57 3.51
N SER F 706 32.47 9.24 4.66
CA SER F 706 32.75 8.53 5.90
C SER F 706 31.59 7.62 6.28
N ILE F 707 30.36 8.09 6.08
CA ILE F 707 29.18 7.23 6.26
C ILE F 707 29.14 6.25 5.10
N GLN F 708 29.46 4.99 5.38
CA GLN F 708 29.62 4.01 4.32
C GLN F 708 28.29 3.79 3.61
N PRO F 709 28.25 3.96 2.28
CA PRO F 709 26.99 3.76 1.54
C PRO F 709 26.67 2.28 1.42
N ARG F 710 25.47 1.91 1.87
CA ARG F 710 24.98 0.54 1.79
C ARG F 710 23.66 0.51 1.04
N ALA F 711 23.46 -0.57 0.29
CA ALA F 711 22.19 -0.75 -0.41
C ALA F 711 21.05 -0.88 0.60
N LEU F 712 19.87 -0.47 0.18
CA LEU F 712 18.71 -0.53 1.06
C LEU F 712 18.47 -1.95 1.53
N SER F 713 18.12 -2.10 2.81
CA SER F 713 17.85 -3.41 3.36
C SER F 713 16.72 -4.10 2.60
N ILE F 714 16.66 -5.43 2.74
CA ILE F 714 15.67 -6.22 2.01
C ILE F 714 14.26 -5.72 2.30
N THR F 715 13.95 -5.54 3.59
CA THR F 715 12.63 -5.04 3.96
C THR F 715 12.40 -3.63 3.42
N GLN F 716 13.42 -2.77 3.50
CA GLN F 716 13.27 -1.43 2.95
C GLN F 716 13.16 -1.46 1.43
N GLY F 717 13.87 -2.37 0.77
CA GLY F 717 13.69 -2.51 -0.67
C GLY F 717 12.26 -2.87 -1.02
N ARG F 718 11.68 -3.81 -0.29
CA ARG F 718 10.28 -4.17 -0.50
C ARG F 718 9.35 -2.99 -0.22
N ALA F 719 9.63 -2.25 0.85
CA ALA F 719 8.78 -1.11 1.20
C ALA F 719 8.84 -0.03 0.13
N VAL F 720 10.04 0.26 -0.38
CA VAL F 720 10.18 1.25 -1.45
C VAL F 720 9.45 0.77 -2.69
N GLY F 721 9.60 -0.52 -3.02
CA GLY F 721 8.92 -1.04 -4.19
C GLY F 721 7.41 -0.91 -4.08
N VAL F 722 6.85 -1.30 -2.94
CA VAL F 722 5.39 -1.26 -2.80
C VAL F 722 4.89 0.18 -2.74
N ALA F 723 5.65 1.08 -2.10
CA ALA F 723 5.24 2.47 -2.03
C ALA F 723 5.23 3.09 -3.41
N HIS F 724 6.29 2.85 -4.20
CA HIS F 724 6.32 3.38 -5.56
C HIS F 724 5.25 2.76 -6.43
N TYR F 725 5.00 1.45 -6.27
CA TYR F 725 3.95 0.79 -7.05
C TYR F 725 2.59 1.40 -6.77
N LEU F 726 2.27 1.56 -5.48
CA LEU F 726 0.99 2.15 -5.11
C LEU F 726 0.89 3.59 -5.61
N LEU F 727 1.94 4.38 -5.43
CA LEU F 727 1.92 5.76 -5.88
C LEU F 727 1.70 5.84 -7.38
N GLY F 728 2.45 5.05 -8.15
CA GLY F 728 2.32 5.10 -9.60
C GLY F 728 0.96 4.66 -10.08
N GLY F 729 0.46 3.53 -9.57
CA GLY F 729 -0.84 3.05 -10.01
C GLY F 729 -1.97 3.99 -9.62
N ILE F 730 -1.96 4.44 -8.37
CA ILE F 730 -3.03 5.32 -7.89
C ILE F 730 -2.96 6.67 -8.61
N GLY F 731 -1.75 7.17 -8.87
CA GLY F 731 -1.63 8.42 -9.61
C GLY F 731 -2.07 8.30 -11.05
N THR F 732 -1.78 7.17 -11.69
CA THR F 732 -2.24 6.95 -13.05
C THR F 732 -3.77 6.93 -13.10
N THR F 733 -4.38 6.18 -12.18
CA THR F 733 -5.85 6.16 -12.13
C THR F 733 -6.40 7.53 -11.77
N TRP F 734 -5.70 8.27 -10.90
CA TRP F 734 -6.11 9.60 -10.50
C TRP F 734 -6.16 10.54 -11.69
N ALA F 735 -5.07 10.62 -12.44
CA ALA F 735 -5.02 11.48 -13.61
C ALA F 735 -6.05 11.05 -14.66
N PHE F 736 -6.15 9.74 -14.90
CA PHE F 736 -7.10 9.24 -15.89
C PHE F 736 -8.53 9.63 -15.51
N PHE F 737 -8.93 9.33 -14.28
CA PHE F 737 -10.28 9.64 -13.82
C PHE F 737 -10.54 11.13 -13.89
N LEU F 738 -9.62 11.95 -13.38
CA LEU F 738 -9.87 13.38 -13.30
C LEU F 738 -9.97 14.01 -14.67
N ALA F 739 -9.02 13.69 -15.57
CA ALA F 739 -9.08 14.26 -16.91
C ALA F 739 -10.34 13.81 -17.64
N ARG F 740 -10.68 12.51 -17.55
CA ARG F 740 -11.85 12.01 -18.26
C ARG F 740 -13.13 12.66 -17.74
N ILE F 741 -13.29 12.74 -16.42
CA ILE F 741 -14.56 13.21 -15.87
C ILE F 741 -14.64 14.74 -15.85
N ILE F 742 -13.53 15.44 -16.01
CA ILE F 742 -13.59 16.89 -16.17
C ILE F 742 -13.85 17.28 -17.61
N SER F 743 -13.26 16.55 -18.57
CA SER F 743 -13.51 16.83 -19.98
C SER F 743 -14.97 16.60 -20.34
N VAL F 744 -15.55 15.49 -19.86
CA VAL F 744 -16.92 15.15 -20.21
C VAL F 744 -17.81 15.12 -18.97
N VAL G 2 9.55 -41.46 -7.51
CA VAL G 2 10.35 -40.45 -6.84
C VAL G 2 11.84 -40.70 -7.11
N TYR G 3 12.12 -41.69 -7.94
CA TYR G 3 13.47 -42.05 -8.32
C TYR G 3 13.57 -42.15 -9.83
N LYS G 4 14.80 -42.26 -10.32
CA LYS G 4 15.10 -42.65 -11.69
C LYS G 4 14.72 -41.59 -12.74
N PHE G 5 14.06 -40.50 -12.35
CA PHE G 5 13.81 -39.49 -13.37
C PHE G 5 15.08 -38.69 -13.61
N PRO G 6 15.66 -38.01 -12.60
CA PRO G 6 16.95 -37.37 -12.92
C PRO G 6 18.07 -38.41 -12.89
N LYS G 7 18.11 -39.22 -13.95
CA LYS G 7 19.13 -40.25 -14.07
C LYS G 7 20.53 -39.68 -13.99
N PHE G 8 20.71 -38.43 -14.43
CA PHE G 8 22.00 -37.78 -14.45
C PHE G 8 22.41 -37.20 -13.11
N SER G 9 21.52 -37.18 -12.12
CA SER G 9 21.81 -36.57 -10.82
C SER G 9 21.20 -37.41 -9.72
N LYS G 10 22.06 -38.04 -8.91
CA LYS G 10 21.55 -38.80 -7.76
C LYS G 10 21.09 -37.90 -6.64
N ALA G 11 21.68 -36.70 -6.52
CA ALA G 11 21.27 -35.78 -5.46
C ALA G 11 19.82 -35.34 -5.65
N LEU G 12 19.41 -35.12 -6.90
CA LEU G 12 18.02 -34.76 -7.17
C LEU G 12 17.09 -35.96 -7.03
N ALA G 13 17.56 -37.14 -7.47
CA ALA G 13 16.72 -38.33 -7.43
C ALA G 13 16.35 -38.74 -6.01
N GLU G 14 17.09 -38.28 -5.02
CA GLU G 14 16.78 -38.56 -3.62
C GLU G 14 15.91 -37.48 -2.98
N ASP G 15 15.54 -36.46 -3.73
CA ASP G 15 14.66 -35.42 -3.21
C ASP G 15 13.25 -35.98 -3.06
N PRO G 16 12.66 -35.92 -1.86
CA PRO G 16 11.31 -36.45 -1.68
C PRO G 16 10.20 -35.52 -2.12
N SER G 17 10.54 -34.33 -2.61
CA SER G 17 9.56 -33.29 -2.93
C SER G 17 9.40 -33.17 -4.45
N THR G 18 8.46 -32.30 -4.85
CA THR G 18 8.26 -32.00 -6.26
C THR G 18 9.40 -31.19 -6.86
N ARG G 19 10.31 -30.68 -6.02
CA ARG G 19 11.47 -29.94 -6.51
C ARG G 19 12.34 -30.81 -7.40
N ARG G 20 12.34 -32.13 -7.17
CA ARG G 20 13.13 -33.03 -8.00
C ARG G 20 12.67 -33.00 -9.45
N ILE G 21 11.35 -33.01 -9.67
CA ILE G 21 10.82 -32.96 -11.03
C ILE G 21 11.17 -31.62 -11.68
N TRP G 22 10.98 -30.52 -10.95
CA TRP G 22 11.27 -29.20 -11.51
C TRP G 22 12.74 -29.05 -11.86
N TYR G 23 13.62 -29.47 -10.96
CA TYR G 23 15.05 -29.35 -11.21
C TYR G 23 15.55 -30.38 -12.21
N GLY G 24 14.84 -31.49 -12.38
CA GLY G 24 15.23 -32.46 -13.39
C GLY G 24 15.11 -31.89 -14.80
N ILE G 25 14.09 -31.08 -15.03
CA ILE G 25 13.93 -30.43 -16.34
C ILE G 25 15.02 -29.42 -16.57
N ALA G 26 15.28 -28.56 -15.57
CA ALA G 26 16.12 -27.39 -15.73
C ALA G 26 17.61 -27.71 -15.66
N THR G 27 17.99 -28.94 -15.35
CA THR G 27 19.39 -29.34 -15.31
C THR G 27 19.72 -30.43 -16.31
N ALA G 28 18.79 -30.74 -17.22
CA ALA G 28 19.00 -31.86 -18.14
C ALA G 28 20.12 -31.57 -19.14
N HIS G 29 20.28 -30.32 -19.54
CA HIS G 29 21.27 -29.96 -20.55
C HIS G 29 22.57 -29.44 -19.97
N ASP G 30 22.67 -29.29 -18.64
CA ASP G 30 23.92 -28.93 -18.00
C ASP G 30 24.74 -30.21 -17.80
N PHE G 31 25.33 -30.67 -18.91
CA PHE G 31 26.01 -31.96 -18.90
C PHE G 31 27.22 -31.97 -17.97
N GLU G 32 27.89 -30.82 -17.81
CA GLU G 32 29.08 -30.77 -16.98
C GLU G 32 28.79 -31.05 -15.51
N SER G 33 27.55 -30.86 -15.06
CA SER G 33 27.17 -31.07 -13.68
C SER G 33 26.57 -32.45 -13.42
N HIS G 34 26.52 -33.31 -14.43
CA HIS G 34 25.87 -34.60 -14.29
C HIS G 34 26.76 -35.58 -13.53
N ASP G 35 26.13 -36.58 -12.93
CA ASP G 35 26.86 -37.59 -12.18
C ASP G 35 27.65 -38.51 -13.10
N ALA G 36 28.81 -38.94 -12.63
CA ALA G 36 29.71 -39.82 -13.39
C ALA G 36 30.02 -39.23 -14.75
N MET G 37 30.68 -38.07 -14.72
CA MET G 37 30.84 -37.24 -15.89
C MET G 37 32.32 -37.14 -16.24
N THR G 38 32.65 -37.35 -17.52
CA THR G 38 33.99 -37.13 -18.03
C THR G 38 33.93 -36.15 -19.20
N GLU G 39 35.11 -35.68 -19.61
CA GLU G 39 35.16 -34.70 -20.70
C GLU G 39 34.83 -35.34 -22.05
N SER G 40 35.31 -36.56 -22.28
CA SER G 40 35.05 -37.25 -23.54
C SER G 40 33.55 -37.46 -23.74
N LYS G 41 32.87 -37.95 -22.70
CA LYS G 41 31.42 -38.11 -22.79
C LYS G 41 30.73 -36.78 -23.00
N LEU G 42 31.26 -35.72 -22.39
CA LEU G 42 30.67 -34.39 -22.55
C LEU G 42 30.71 -33.95 -24.01
N TYR G 43 31.88 -34.02 -24.63
CA TYR G 43 32.00 -33.59 -26.01
C TYR G 43 31.20 -34.47 -26.95
N GLN G 44 31.18 -35.79 -26.70
CA GLN G 44 30.43 -36.69 -27.56
C GLN G 44 28.93 -36.43 -27.46
N LYS G 45 28.42 -36.23 -26.24
CA LYS G 45 27.00 -35.92 -26.08
C LYS G 45 26.64 -34.59 -26.71
N ILE G 46 27.52 -33.59 -26.57
CA ILE G 46 27.27 -32.29 -27.21
C ILE G 46 27.23 -32.44 -28.72
N PHE G 47 28.12 -33.27 -29.27
CA PHE G 47 28.18 -33.52 -30.70
C PHE G 47 26.87 -34.15 -31.20
N ALA G 48 26.41 -35.18 -30.50
CA ALA G 48 25.15 -35.84 -30.88
C ALA G 48 23.97 -34.89 -30.75
N SER G 49 23.97 -34.06 -29.69
CA SER G 49 22.90 -33.09 -29.52
C SER G 49 22.91 -32.05 -30.64
N HIS G 50 24.10 -31.66 -31.10
CA HIS G 50 24.19 -30.76 -32.25
C HIS G 50 23.57 -31.40 -33.47
N PHE G 51 23.85 -32.68 -33.70
CA PHE G 51 23.26 -33.37 -34.84
C PHE G 51 21.74 -33.39 -34.76
N GLY G 52 21.21 -33.74 -33.59
CA GLY G 52 19.76 -33.73 -33.40
C GLY G 52 19.16 -32.35 -33.60
N HIS G 53 19.88 -31.32 -33.16
CA HIS G 53 19.40 -29.94 -33.31
C HIS G 53 19.34 -29.53 -34.77
N ILE G 54 20.37 -29.84 -35.55
CA ILE G 54 20.34 -29.50 -36.97
C ILE G 54 19.23 -30.27 -37.67
N ALA G 55 19.01 -31.52 -37.25
CA ALA G 55 17.88 -32.29 -37.79
C ALA G 55 16.55 -31.61 -37.48
N ILE G 56 16.40 -31.07 -36.27
CA ILE G 56 15.19 -30.37 -35.90
C ILE G 56 14.99 -29.14 -36.78
N ILE G 57 16.07 -28.37 -37.00
CA ILE G 57 15.99 -27.17 -37.82
C ILE G 57 15.54 -27.53 -39.24
N PHE G 58 16.15 -28.58 -39.81
CA PHE G 58 15.81 -28.98 -41.17
C PHE G 58 14.38 -29.50 -41.25
N LEU G 59 13.92 -30.22 -40.22
CA LEU G 59 12.53 -30.68 -40.21
C LEU G 59 11.57 -29.51 -40.13
N TRP G 60 11.91 -28.49 -39.35
CA TRP G 60 11.07 -27.29 -39.28
C TRP G 60 10.97 -26.59 -40.63
N THR G 61 12.10 -26.44 -41.32
CA THR G 61 12.08 -25.83 -42.64
C THR G 61 11.27 -26.67 -43.62
N ALA G 62 11.43 -28.00 -43.56
CA ALA G 62 10.67 -28.89 -44.42
C ALA G 62 9.18 -28.77 -44.15
N GLY G 63 8.80 -28.63 -42.89
CA GLY G 63 7.39 -28.44 -42.57
C GLY G 63 6.84 -27.16 -43.12
N ASN G 64 7.62 -26.07 -43.02
CA ASN G 64 7.18 -24.81 -43.62
C ASN G 64 6.98 -24.96 -45.12
N LEU G 65 7.94 -25.60 -45.79
CA LEU G 65 7.84 -25.81 -47.23
C LEU G 65 6.60 -26.64 -47.58
N PHE G 66 6.40 -27.74 -46.86
CA PHE G 66 5.27 -28.61 -47.16
C PHE G 66 3.94 -27.90 -46.94
N HIS G 67 3.82 -27.12 -45.87
CA HIS G 67 2.55 -26.48 -45.58
C HIS G 67 2.28 -25.32 -46.54
N VAL G 68 3.32 -24.65 -47.03
CA VAL G 68 3.10 -23.67 -48.10
C VAL G 68 2.69 -24.37 -49.38
N ALA G 69 3.30 -25.52 -49.68
CA ALA G 69 2.97 -26.24 -50.91
C ALA G 69 1.56 -26.82 -50.88
N TRP G 70 1.08 -27.23 -49.71
CA TRP G 70 -0.17 -27.96 -49.60
C TRP G 70 -1.37 -27.05 -49.36
N GLN G 71 -1.26 -26.14 -48.39
CA GLN G 71 -2.37 -25.30 -47.99
C GLN G 71 -2.17 -23.82 -48.32
N GLY G 72 -1.02 -23.46 -48.90
CA GLY G 72 -0.77 -22.09 -49.26
C GLY G 72 -1.35 -21.73 -50.61
N ASN G 73 -1.06 -20.50 -51.03
CA ASN G 73 -1.43 -19.98 -52.34
C ASN G 73 -0.21 -19.46 -53.06
N PHE G 74 0.87 -20.25 -53.04
CA PHE G 74 2.13 -19.81 -53.63
C PHE G 74 1.98 -19.57 -55.13
N GLU G 75 1.34 -20.50 -55.83
CA GLU G 75 1.21 -20.38 -57.28
C GLU G 75 0.37 -19.15 -57.66
N ALA G 76 -0.72 -18.91 -56.93
CA ALA G 76 -1.53 -17.72 -57.19
C ALA G 76 -0.75 -16.46 -56.84
N TRP G 77 0.06 -16.50 -55.78
CA TRP G 77 0.83 -15.34 -55.38
C TRP G 77 1.91 -15.00 -56.41
N ILE G 78 2.35 -15.99 -57.20
CA ILE G 78 3.37 -15.74 -58.21
C ILE G 78 2.83 -14.76 -59.25
N LEU G 79 1.59 -14.97 -59.69
CA LEU G 79 1.02 -14.16 -60.76
C LEU G 79 0.60 -12.77 -60.32
N ASN G 80 0.47 -12.54 -59.01
CA ASN G 80 0.06 -11.23 -58.50
C ASN G 80 0.62 -11.05 -57.09
N PRO G 81 1.93 -10.78 -56.99
CA PRO G 81 2.55 -10.72 -55.66
C PRO G 81 2.17 -9.49 -54.86
N LEU G 82 1.68 -8.42 -55.50
CA LEU G 82 1.38 -7.19 -54.78
C LEU G 82 -0.05 -7.11 -54.28
N LYS G 83 -0.93 -8.01 -54.71
CA LYS G 83 -2.32 -8.02 -54.28
C LYS G 83 -2.70 -9.27 -53.50
N VAL G 84 -2.14 -10.42 -53.88
CA VAL G 84 -2.45 -11.67 -53.20
C VAL G 84 -1.65 -11.73 -51.90
N ARG G 85 -2.34 -12.06 -50.80
CA ARG G 85 -1.69 -12.18 -49.51
C ARG G 85 -1.24 -13.61 -49.29
N PRO G 86 0.04 -13.86 -49.02
CA PRO G 86 0.51 -15.24 -48.83
C PRO G 86 -0.17 -15.92 -47.65
N ILE G 87 -0.38 -17.22 -47.80
CA ILE G 87 -1.04 -18.05 -46.79
C ILE G 87 0.00 -18.98 -46.19
N ALA G 88 0.05 -19.02 -44.86
CA ALA G 88 1.01 -19.88 -44.17
C ALA G 88 0.54 -21.33 -44.15
N HIS G 89 -0.60 -21.58 -43.52
CA HIS G 89 -1.16 -22.93 -43.44
C HIS G 89 -2.64 -22.83 -43.12
N ALA G 90 -3.35 -23.92 -43.35
CA ALA G 90 -4.78 -23.96 -43.09
C ALA G 90 -5.05 -24.11 -41.60
N ILE G 91 -6.29 -23.85 -41.21
CA ILE G 91 -6.73 -23.91 -39.82
C ILE G 91 -7.84 -24.94 -39.70
N TRP G 92 -7.72 -25.83 -38.71
CA TRP G 92 -8.80 -26.72 -38.32
C TRP G 92 -8.89 -26.68 -36.80
N ASP G 93 -9.81 -25.87 -36.28
CA ASP G 93 -10.00 -25.71 -34.84
C ASP G 93 -11.47 -25.97 -34.53
N PRO G 94 -11.80 -27.00 -33.75
CA PRO G 94 -13.21 -27.30 -33.48
C PRO G 94 -13.94 -26.21 -32.71
N HIS G 95 -13.22 -25.31 -32.05
CA HIS G 95 -13.86 -24.28 -31.23
C HIS G 95 -14.38 -23.11 -32.06
N PHE G 96 -14.09 -23.06 -33.35
CA PHE G 96 -14.54 -21.96 -34.18
C PHE G 96 -16.06 -21.94 -34.28
N GLY G 97 -16.63 -20.74 -34.21
CA GLY G 97 -18.00 -20.54 -34.63
C GLY G 97 -18.08 -20.35 -36.12
N GLN G 98 -19.30 -20.16 -36.62
CA GLN G 98 -19.47 -19.90 -38.04
C GLN G 98 -18.84 -18.56 -38.41
N ALA G 99 -18.94 -17.57 -37.53
CA ALA G 99 -18.35 -16.26 -37.80
C ALA G 99 -16.82 -16.34 -37.91
N ALA G 100 -16.19 -17.09 -37.01
CA ALA G 100 -14.74 -17.24 -37.06
C ALA G 100 -14.30 -17.97 -38.33
N TYR G 101 -15.04 -19.02 -38.71
CA TYR G 101 -14.75 -19.72 -39.95
C TYR G 101 -14.85 -18.79 -41.14
N LYS G 102 -15.91 -17.98 -41.18
CA LYS G 102 -16.10 -17.06 -42.30
C LYS G 102 -15.01 -16.01 -42.35
N ALA G 103 -14.60 -15.47 -41.19
CA ALA G 103 -13.61 -14.42 -41.18
C ALA G 103 -12.23 -14.94 -41.54
N PHE G 104 -11.87 -16.12 -41.03
CA PHE G 104 -10.56 -16.68 -41.36
C PHE G 104 -10.56 -17.41 -42.70
N LEU G 105 -11.71 -17.54 -43.35
CA LEU G 105 -11.79 -18.27 -44.61
C LEU G 105 -10.98 -17.59 -45.69
N LYS G 106 -10.05 -18.34 -46.28
CA LYS G 106 -9.23 -17.86 -47.39
C LYS G 106 -9.22 -18.96 -48.45
N THR G 107 -9.80 -18.65 -49.61
CA THR G 107 -9.99 -19.60 -50.71
C THR G 107 -10.89 -20.76 -50.28
N SER G 108 -10.30 -21.89 -49.91
CA SER G 108 -11.06 -23.11 -49.67
C SER G 108 -11.22 -23.47 -48.20
N SER G 109 -10.38 -22.95 -47.31
CA SER G 109 -10.41 -23.31 -45.91
C SER G 109 -9.89 -22.15 -45.10
N PRO G 110 -10.28 -22.03 -43.82
CA PRO G 110 -9.66 -21.02 -42.97
C PRO G 110 -8.15 -21.22 -42.92
N ALA G 111 -7.41 -20.11 -42.98
CA ALA G 111 -5.97 -20.18 -43.09
C ALA G 111 -5.35 -18.95 -42.47
N ASN G 112 -4.06 -19.04 -42.18
CA ASN G 112 -3.31 -17.95 -41.58
C ASN G 112 -2.42 -17.31 -42.64
N LEU G 113 -2.44 -15.98 -42.70
CA LEU G 113 -1.52 -15.26 -43.56
C LEU G 113 -0.09 -15.52 -43.10
N ALA G 114 0.83 -15.61 -44.06
CA ALA G 114 2.23 -15.90 -43.76
C ALA G 114 3.00 -14.59 -43.57
N LEU G 115 3.51 -14.39 -42.36
CA LEU G 115 4.29 -13.21 -42.04
C LEU G 115 5.78 -13.49 -41.99
N SER G 116 6.21 -14.70 -42.35
CA SER G 116 7.62 -15.05 -42.33
C SER G 116 8.35 -14.61 -43.58
N GLY G 117 7.65 -14.12 -44.59
CA GLY G 117 8.31 -13.73 -45.82
C GLY G 117 8.91 -14.86 -46.61
N VAL G 118 8.48 -16.10 -46.36
CA VAL G 118 9.04 -17.24 -47.07
C VAL G 118 8.62 -17.24 -48.54
N TYR G 119 7.43 -16.71 -48.84
CA TYR G 119 6.98 -16.65 -50.22
C TYR G 119 7.94 -15.83 -51.08
N GLU G 120 8.29 -14.64 -50.60
CA GLU G 120 9.21 -13.78 -51.36
C GLU G 120 10.60 -14.40 -51.44
N TRP G 121 11.07 -15.00 -50.35
CA TRP G 121 12.40 -15.61 -50.34
C TRP G 121 12.47 -16.76 -51.33
N TRP G 122 11.48 -17.65 -51.32
CA TRP G 122 11.48 -18.79 -52.22
C TRP G 122 11.24 -18.37 -53.66
N TYR G 123 10.42 -17.34 -53.88
CA TYR G 123 10.21 -16.82 -55.22
C TYR G 123 11.50 -16.22 -55.78
N THR G 124 12.26 -15.52 -54.94
CA THR G 124 13.49 -14.89 -55.39
C THR G 124 14.52 -15.93 -55.83
N ILE G 125 14.62 -17.04 -55.08
CA ILE G 125 15.64 -18.04 -55.35
C ILE G 125 15.19 -18.99 -56.46
N GLY G 126 14.05 -18.69 -57.07
CA GLY G 126 13.63 -19.42 -58.25
C GLY G 126 12.70 -20.59 -58.01
N MET G 127 11.62 -20.36 -57.27
CA MET G 127 10.57 -21.36 -57.10
C MET G 127 9.27 -20.82 -57.67
N ARG G 128 8.64 -21.59 -58.56
CA ARG G 128 7.43 -21.15 -59.23
C ARG G 128 6.27 -22.13 -59.13
N THR G 129 6.45 -23.27 -58.46
CA THR G 129 5.43 -24.32 -58.46
C THR G 129 5.31 -24.89 -57.05
N ASN G 130 4.09 -25.36 -56.73
CA ASN G 130 3.87 -26.09 -55.50
C ASN G 130 4.53 -27.46 -55.50
N ASN G 131 5.06 -27.89 -56.65
CA ASN G 131 5.88 -29.09 -56.72
C ASN G 131 7.36 -28.81 -56.46
N ASP G 132 7.80 -27.57 -56.66
CA ASP G 132 9.16 -27.20 -56.27
C ASP G 132 9.29 -27.17 -54.75
N LEU G 133 8.27 -26.66 -54.06
CA LEU G 133 8.28 -26.65 -52.60
C LEU G 133 8.24 -28.06 -52.05
N TYR G 134 7.45 -28.94 -52.66
CA TYR G 134 7.36 -30.32 -52.20
C TYR G 134 8.71 -31.04 -52.34
N GLN G 135 9.42 -30.78 -53.43
CA GLN G 135 10.75 -31.34 -53.60
C GLN G 135 11.69 -30.86 -52.49
N GLY G 136 11.60 -29.57 -52.15
CA GLY G 136 12.43 -29.06 -51.07
C GLY G 136 12.10 -29.70 -49.73
N SER G 137 10.81 -29.90 -49.44
CA SER G 137 10.43 -30.57 -48.21
C SER G 137 10.94 -32.01 -48.17
N PHE G 138 10.80 -32.73 -49.28
CA PHE G 138 11.31 -34.09 -49.35
C PHE G 138 12.81 -34.14 -49.11
N PHE G 139 13.56 -33.25 -49.78
CA PHE G 139 15.00 -33.22 -49.63
C PHE G 139 15.40 -32.86 -48.20
N LEU G 140 14.68 -31.93 -47.58
CA LEU G 140 15.04 -31.53 -46.23
C LEU G 140 14.73 -32.63 -45.21
N ILE G 141 13.65 -33.39 -45.43
CA ILE G 141 13.41 -34.53 -44.55
C ILE G 141 14.50 -35.58 -44.74
N LEU G 142 14.96 -35.77 -45.98
CA LEU G 142 16.09 -36.67 -46.21
C LEU G 142 17.35 -36.20 -45.46
N LEU G 143 17.60 -34.89 -45.50
CA LEU G 143 18.76 -34.34 -44.79
C LEU G 143 18.62 -34.51 -43.28
N SER G 144 17.40 -34.33 -42.76
CA SER G 144 17.16 -34.56 -41.34
C SER G 144 17.43 -36.01 -40.97
N SER G 145 17.02 -36.94 -41.84
CA SER G 145 17.32 -38.35 -41.60
C SER G 145 18.83 -38.59 -41.60
N LEU G 146 19.55 -37.95 -42.54
CA LEU G 146 21.00 -38.04 -42.55
C LEU G 146 21.60 -37.58 -41.24
N LEU G 147 21.15 -36.43 -40.73
CA LEU G 147 21.73 -35.87 -39.53
C LEU G 147 21.40 -36.72 -38.30
N LEU G 148 20.18 -37.26 -38.24
CA LEU G 148 19.83 -38.15 -37.14
C LEU G 148 20.68 -39.43 -37.17
N PHE G 149 20.90 -39.97 -38.37
CA PHE G 149 21.75 -41.15 -38.48
C PHE G 149 23.18 -40.84 -38.04
N ALA G 150 23.69 -39.66 -38.43
CA ALA G 150 25.05 -39.29 -38.02
C ALA G 150 25.14 -39.11 -36.50
N GLY G 151 24.12 -38.50 -35.91
CA GLY G 151 24.11 -38.34 -34.47
C GLY G 151 24.09 -39.67 -33.73
N TRP G 152 23.29 -40.62 -34.23
CA TRP G 152 23.34 -41.96 -33.64
C TRP G 152 24.69 -42.62 -33.85
N LEU G 153 25.26 -42.46 -35.05
CA LEU G 153 26.49 -43.15 -35.39
C LEU G 153 27.65 -42.68 -34.52
N HIS G 154 27.74 -41.38 -34.26
CA HIS G 154 28.87 -40.85 -33.52
C HIS G 154 28.73 -41.02 -32.01
N LEU G 155 27.75 -41.79 -31.57
CA LEU G 155 27.72 -42.30 -30.20
C LEU G 155 28.08 -43.78 -30.15
N GLN G 156 28.30 -44.41 -31.29
CA GLN G 156 28.69 -45.81 -31.32
C GLN G 156 30.15 -45.94 -30.87
N PRO G 157 30.53 -47.12 -30.36
CA PRO G 157 31.87 -47.25 -29.74
C PRO G 157 33.03 -46.89 -30.66
N SER G 158 33.06 -47.42 -31.88
CA SER G 158 34.20 -47.20 -32.77
C SER G 158 34.13 -45.88 -33.51
N PHE G 159 33.06 -45.10 -33.34
CA PHE G 159 32.89 -43.85 -34.08
C PHE G 159 32.76 -42.64 -33.16
N ARG G 160 33.07 -42.79 -31.87
CA ARG G 160 33.01 -41.67 -30.94
C ARG G 160 34.33 -40.92 -30.97
N PRO G 161 34.34 -39.64 -31.35
CA PRO G 161 35.60 -38.90 -31.42
C PRO G 161 36.20 -38.66 -30.04
N SER G 162 37.52 -38.50 -30.02
CA SER G 162 38.26 -38.28 -28.79
C SER G 162 38.36 -36.78 -28.50
N LEU G 163 38.97 -36.45 -27.36
CA LEU G 163 39.13 -35.05 -26.99
C LEU G 163 40.07 -34.32 -27.93
N ASP G 164 41.12 -35.01 -28.40
CA ASP G 164 42.07 -34.39 -29.31
C ASP G 164 41.38 -33.94 -30.59
N TRP G 165 40.51 -34.79 -31.14
CA TRP G 165 39.77 -34.41 -32.35
C TRP G 165 38.84 -33.23 -32.07
N PHE G 166 38.17 -33.24 -30.92
CA PHE G 166 37.26 -32.14 -30.59
C PHE G 166 38.01 -30.84 -30.35
N LYS G 167 39.22 -30.91 -29.80
CA LYS G 167 40.01 -29.72 -29.48
C LYS G 167 41.01 -29.38 -30.57
N ALA G 168 40.94 -30.04 -31.72
CA ALA G 168 41.80 -29.73 -32.86
C ALA G 168 41.29 -28.43 -33.48
N ASN G 169 41.84 -27.31 -33.00
CA ASN G 169 41.34 -26.00 -33.43
C ASN G 169 41.67 -25.71 -34.88
N GLU G 170 42.91 -25.98 -35.28
CA GLU G 170 43.36 -25.58 -36.61
C GLU G 170 42.60 -26.30 -37.70
N TYR G 171 42.42 -27.62 -37.55
CA TYR G 171 41.67 -28.40 -38.54
C TYR G 171 40.24 -27.90 -38.65
N ARG G 172 39.58 -27.70 -37.51
CA ARG G 172 38.19 -27.28 -37.53
C ARG G 172 38.04 -25.89 -38.14
N LEU G 173 38.96 -24.98 -37.83
CA LEU G 173 38.90 -23.65 -38.41
C LEU G 173 39.12 -23.69 -39.92
N ASN G 174 40.17 -24.39 -40.37
CA ASN G 174 40.40 -24.50 -41.81
C ASN G 174 39.15 -25.01 -42.50
N HIS G 175 38.59 -26.11 -42.00
CA HIS G 175 37.45 -26.72 -42.66
C HIS G 175 36.21 -25.83 -42.56
N HIS G 176 35.87 -25.37 -41.37
CA HIS G 176 34.72 -24.51 -41.20
C HIS G 176 34.80 -23.32 -42.16
N LEU G 177 35.85 -22.51 -42.04
CA LEU G 177 35.99 -21.35 -42.91
C LEU G 177 35.90 -21.77 -44.37
N SER G 178 36.92 -22.48 -44.87
CA SER G 178 36.97 -22.77 -46.30
C SER G 178 35.76 -23.58 -46.72
N GLY G 179 35.66 -24.83 -46.30
CA GLY G 179 34.55 -25.67 -46.68
C GLY G 179 33.21 -25.02 -46.39
N LEU G 180 32.83 -24.88 -45.13
CA LEU G 180 31.49 -24.41 -44.82
C LEU G 180 31.23 -23.09 -45.50
N PHE G 181 31.93 -22.02 -45.10
CA PHE G 181 31.55 -20.70 -45.61
C PHE G 181 31.82 -20.58 -47.10
N GLY G 182 33.07 -20.78 -47.53
CA GLY G 182 33.41 -20.53 -48.91
C GLY G 182 32.72 -21.48 -49.88
N VAL G 183 32.74 -22.79 -49.58
CA VAL G 183 32.13 -23.74 -50.49
C VAL G 183 30.62 -23.63 -50.49
N SER G 184 29.99 -23.34 -49.34
CA SER G 184 28.56 -23.13 -49.35
C SER G 184 28.19 -21.86 -50.13
N SER G 185 29.03 -20.82 -50.04
CA SER G 185 28.80 -19.64 -50.86
C SER G 185 29.01 -19.94 -52.34
N LEU G 186 30.00 -20.79 -52.66
CA LEU G 186 30.24 -21.17 -54.04
C LEU G 186 29.07 -21.96 -54.61
N ALA G 187 28.56 -22.91 -53.83
CA ALA G 187 27.39 -23.68 -54.25
C ALA G 187 26.16 -22.79 -54.35
N TRP G 188 26.04 -21.81 -53.44
CA TRP G 188 24.91 -20.90 -53.52
C TRP G 188 25.01 -19.99 -54.73
N THR G 189 26.23 -19.58 -55.10
CA THR G 189 26.40 -18.83 -56.34
C THR G 189 26.04 -19.70 -57.53
N GLY G 190 26.43 -20.97 -57.50
CA GLY G 190 26.06 -21.88 -58.58
C GLY G 190 24.56 -21.99 -58.72
N HIS G 191 23.85 -22.18 -57.61
CA HIS G 191 22.39 -22.24 -57.67
C HIS G 191 21.82 -20.91 -58.13
N LEU G 192 22.24 -19.81 -57.50
CA LEU G 192 21.78 -18.48 -57.87
C LEU G 192 21.84 -18.29 -59.37
N VAL G 193 23.03 -18.43 -59.94
CA VAL G 193 23.19 -18.28 -61.38
C VAL G 193 22.25 -19.27 -62.07
N HIS G 194 22.57 -20.57 -61.96
CA HIS G 194 21.97 -21.60 -62.80
C HIS G 194 20.45 -21.57 -62.77
N VAL G 195 19.87 -21.56 -61.58
CA VAL G 195 18.42 -21.64 -61.43
C VAL G 195 17.85 -20.23 -61.33
N ALA G 196 18.26 -19.48 -60.32
CA ALA G 196 17.56 -18.24 -60.00
C ALA G 196 17.66 -17.22 -61.14
N ILE G 197 18.83 -17.08 -61.77
CA ILE G 197 18.98 -16.01 -62.74
C ILE G 197 18.05 -16.25 -63.94
N PRO G 198 18.04 -17.44 -64.58
CA PRO G 198 17.08 -17.64 -65.67
C PRO G 198 15.64 -17.65 -65.23
N GLU G 199 15.35 -18.14 -64.01
CA GLU G 199 13.95 -18.16 -63.57
C GLU G 199 13.39 -16.77 -63.39
N SER G 200 14.24 -15.81 -62.99
CA SER G 200 13.80 -14.41 -62.97
C SER G 200 13.64 -13.86 -64.37
N ARG G 201 14.17 -14.54 -65.38
CA ARG G 201 14.06 -14.12 -66.77
C ARG G 201 13.13 -15.03 -67.57
N GLY G 202 12.33 -15.84 -66.89
CA GLY G 202 11.32 -16.65 -67.54
C GLY G 202 11.77 -18.02 -67.99
N ILE G 203 13.07 -18.30 -67.94
CA ILE G 203 13.60 -19.60 -68.36
C ILE G 203 13.61 -20.53 -67.16
N HIS G 204 12.96 -21.68 -67.29
CA HIS G 204 12.87 -22.65 -66.21
C HIS G 204 14.10 -23.56 -66.25
N VAL G 205 14.83 -23.59 -65.13
CA VAL G 205 16.00 -24.45 -64.98
C VAL G 205 15.70 -25.36 -63.79
N GLY G 206 15.22 -26.57 -64.06
CA GLY G 206 14.91 -27.54 -63.04
C GLY G 206 15.94 -28.65 -62.97
N TRP G 207 15.58 -29.69 -62.20
CA TRP G 207 16.47 -30.85 -62.08
C TRP G 207 16.45 -31.74 -63.31
N ASP G 208 15.90 -31.30 -64.44
CA ASP G 208 15.99 -32.04 -65.68
C ASP G 208 16.86 -31.32 -66.71
N ASN G 209 16.53 -30.08 -67.07
CA ASN G 209 17.29 -29.32 -68.05
C ASN G 209 18.25 -28.35 -67.37
N PHE G 210 19.15 -28.87 -66.54
CA PHE G 210 20.20 -28.04 -65.96
C PHE G 210 21.59 -28.42 -66.46
N LEU G 211 21.76 -29.64 -66.97
CA LEU G 211 23.00 -30.04 -67.62
C LEU G 211 23.05 -29.60 -69.08
N THR G 212 21.97 -29.03 -69.60
CA THR G 212 21.90 -28.62 -71.00
C THR G 212 21.50 -27.17 -71.20
N VAL G 213 21.13 -26.45 -70.15
CA VAL G 213 20.77 -25.04 -70.24
C VAL G 213 21.94 -24.22 -69.73
N LEU G 214 22.59 -23.48 -70.61
CA LEU G 214 23.77 -22.72 -70.24
C LEU G 214 23.38 -21.52 -69.40
N PRO G 215 23.94 -21.35 -68.20
CA PRO G 215 23.66 -20.14 -67.43
C PRO G 215 24.08 -18.86 -68.13
N HIS G 216 25.13 -18.92 -68.95
CA HIS G 216 25.55 -17.80 -69.77
C HIS G 216 25.70 -18.27 -71.21
N PRO G 217 25.39 -17.43 -72.19
CA PRO G 217 25.50 -17.87 -73.59
C PRO G 217 26.90 -18.32 -73.98
N GLU G 218 27.93 -17.68 -73.43
CA GLU G 218 29.30 -18.06 -73.76
C GLU G 218 29.73 -19.34 -73.04
N GLY G 219 29.16 -19.60 -71.86
CA GLY G 219 29.27 -20.90 -71.24
C GLY G 219 30.65 -21.33 -70.76
N LEU G 220 31.14 -20.68 -69.71
CA LEU G 220 32.37 -21.06 -69.00
C LEU G 220 33.61 -20.75 -69.82
N THR G 221 33.43 -20.33 -71.08
CA THR G 221 34.58 -19.91 -71.87
C THR G 221 35.23 -18.64 -71.31
N PRO G 222 34.49 -17.58 -70.97
CA PRO G 222 35.15 -16.40 -70.40
C PRO G 222 35.88 -16.67 -69.09
N PHE G 223 35.36 -17.58 -68.25
CA PHE G 223 35.99 -17.83 -66.96
C PHE G 223 37.39 -18.40 -67.14
N PHE G 224 37.53 -19.45 -67.96
CA PHE G 224 38.84 -20.03 -68.20
C PHE G 224 39.71 -19.11 -69.05
N SER G 225 39.10 -18.40 -69.99
CA SER G 225 39.84 -17.47 -70.84
C SER G 225 40.26 -16.21 -70.09
N GLY G 226 39.70 -15.94 -68.92
CA GLY G 226 40.01 -14.74 -68.18
C GLY G 226 39.19 -13.53 -68.58
N ASN G 227 38.35 -13.63 -69.61
CA ASN G 227 37.50 -12.53 -70.03
C ASN G 227 36.26 -12.44 -69.13
N TRP G 228 36.53 -12.22 -67.84
CA TRP G 228 35.47 -12.26 -66.83
C TRP G 228 34.47 -11.12 -67.00
N LYS G 229 34.82 -10.08 -67.77
CA LYS G 229 33.87 -9.01 -68.03
C LYS G 229 32.67 -9.50 -68.83
N ALA G 230 32.80 -10.60 -69.57
CA ALA G 230 31.70 -11.08 -70.39
C ALA G 230 30.50 -11.49 -69.55
N TYR G 231 30.73 -11.93 -68.32
CA TYR G 231 29.62 -12.30 -67.44
C TYR G 231 28.87 -11.08 -66.91
N ALA G 232 29.40 -9.88 -67.09
CA ALA G 232 28.76 -8.66 -66.66
C ALA G 232 28.10 -7.88 -67.79
N GLN G 233 28.38 -8.25 -69.04
CA GLN G 233 27.80 -7.54 -70.18
C GLN G 233 26.31 -7.82 -70.29
N ASN G 234 25.57 -6.81 -70.72
CA ASN G 234 24.12 -6.88 -70.94
C ASN G 234 23.39 -7.30 -69.68
N PRO G 235 23.33 -6.45 -68.66
CA PRO G 235 22.58 -6.78 -67.45
C PRO G 235 21.08 -6.59 -67.69
N ASP G 236 20.29 -6.89 -66.66
CA ASP G 236 18.86 -6.69 -66.74
C ASP G 236 18.56 -5.19 -66.88
N THR G 237 17.65 -4.87 -67.79
CA THR G 237 17.32 -3.47 -68.05
C THR G 237 16.45 -2.92 -66.93
N ALA G 238 16.09 -1.64 -67.06
CA ALA G 238 15.24 -0.97 -66.08
C ALA G 238 13.76 -1.25 -66.31
N SER G 239 13.41 -1.97 -67.37
CA SER G 239 12.02 -2.35 -67.64
C SER G 239 11.82 -3.86 -67.54
N HIS G 240 12.66 -4.54 -66.78
CA HIS G 240 12.56 -5.98 -66.67
C HIS G 240 11.45 -6.38 -65.70
N ILE G 241 10.57 -7.27 -66.14
CA ILE G 241 9.52 -7.80 -65.28
C ILE G 241 10.04 -9.10 -64.67
N PHE G 242 10.08 -9.15 -63.34
CA PHE G 242 10.64 -10.30 -62.66
C PHE G 242 9.86 -11.56 -62.98
N GLY G 243 10.58 -12.66 -63.22
CA GLY G 243 9.96 -13.90 -63.59
C GLY G 243 9.55 -14.01 -65.04
N SER G 244 9.84 -12.99 -65.85
CA SER G 244 9.48 -12.98 -67.25
C SER G 244 10.66 -12.50 -68.08
N GLY G 245 10.69 -12.91 -69.35
CA GLY G 245 11.78 -12.55 -70.23
C GLY G 245 11.71 -11.16 -70.82
N GLU G 246 10.68 -10.39 -70.48
CA GLU G 246 10.52 -9.05 -71.05
C GLU G 246 11.52 -8.10 -70.40
N GLY G 247 12.40 -7.51 -71.22
CA GLY G 247 13.38 -6.58 -70.70
C GLY G 247 14.50 -7.19 -69.91
N SER G 248 14.73 -8.50 -70.06
CA SER G 248 15.76 -9.18 -69.30
C SER G 248 17.12 -9.00 -69.96
N GLY G 249 18.14 -9.60 -69.36
CA GLY G 249 19.48 -9.57 -69.91
C GLY G 249 20.12 -10.94 -69.92
N THR G 250 21.42 -11.01 -70.18
CA THR G 250 22.15 -12.26 -70.18
C THR G 250 23.27 -12.31 -69.13
N ALA G 251 23.55 -11.20 -68.46
CA ALA G 251 24.63 -11.18 -67.47
C ALA G 251 24.28 -12.03 -66.26
N ILE G 252 25.31 -12.52 -65.59
CA ILE G 252 25.13 -13.32 -64.39
C ILE G 252 25.86 -12.75 -63.17
N LEU G 253 26.91 -11.96 -63.36
CA LEU G 253 27.64 -11.34 -62.26
C LEU G 253 27.88 -9.88 -62.62
N THR G 254 27.24 -8.96 -61.89
CA THR G 254 27.32 -7.55 -62.22
C THR G 254 27.47 -6.72 -60.95
N PHE G 255 27.93 -5.49 -61.12
CA PHE G 255 27.73 -4.43 -60.16
C PHE G 255 26.62 -3.52 -60.68
N LEU G 256 25.56 -3.42 -59.94
CA LEU G 256 24.55 -2.43 -60.29
C LEU G 256 24.21 -1.53 -59.13
N GLY G 257 24.23 -2.05 -57.90
CA GLY G 257 23.88 -1.25 -56.75
C GLY G 257 22.40 -0.91 -56.71
N GLY G 258 21.92 -0.46 -55.57
CA GLY G 258 20.52 -0.10 -55.51
C GLY G 258 19.62 -1.32 -55.64
N PHE G 259 18.41 -1.08 -56.16
CA PHE G 259 17.37 -2.09 -56.18
C PHE G 259 16.84 -2.29 -57.59
N HIS G 260 16.19 -3.43 -57.78
CA HIS G 260 15.46 -3.69 -59.01
C HIS G 260 14.35 -2.66 -59.16
N PRO G 261 14.18 -2.07 -60.34
CA PRO G 261 13.14 -1.04 -60.51
C PRO G 261 11.73 -1.56 -60.28
N GLN G 262 11.49 -2.86 -60.48
CA GLN G 262 10.16 -3.44 -60.35
C GLN G 262 9.93 -4.07 -58.98
N THR G 263 10.81 -4.97 -58.54
CA THR G 263 10.63 -5.64 -57.27
C THR G 263 11.11 -4.82 -56.09
N LYS G 264 11.83 -3.73 -56.32
CA LYS G 264 12.38 -2.88 -55.27
C LYS G 264 13.25 -3.71 -54.31
N SER G 265 14.10 -4.56 -54.89
CA SER G 265 14.99 -5.43 -54.14
C SER G 265 16.31 -5.53 -54.87
N LEU G 266 17.30 -6.11 -54.20
CA LEU G 266 18.64 -6.21 -54.76
C LEU G 266 18.62 -7.05 -56.03
N TRP G 267 19.51 -6.71 -56.96
CA TRP G 267 19.63 -7.47 -58.20
C TRP G 267 20.13 -8.88 -57.91
N LEU G 268 19.52 -9.85 -58.58
CA LEU G 268 19.97 -11.23 -58.42
C LEU G 268 21.40 -11.41 -58.90
N THR G 269 21.78 -10.70 -59.97
CA THR G 269 23.16 -10.75 -60.43
C THR G 269 24.11 -10.09 -59.44
N ASP G 270 23.63 -9.09 -58.70
CA ASP G 270 24.44 -8.50 -57.63
C ASP G 270 24.72 -9.51 -56.53
N MET G 271 23.70 -10.28 -56.12
CA MET G 271 23.86 -11.21 -55.02
C MET G 271 24.70 -12.42 -55.42
N ALA G 272 24.57 -12.87 -56.66
CA ALA G 272 25.42 -13.96 -57.14
C ALA G 272 26.90 -13.53 -57.14
N HIS G 273 27.18 -12.32 -57.62
CA HIS G 273 28.55 -11.81 -57.58
C HIS G 273 29.03 -11.67 -56.13
N HIS G 274 28.15 -11.20 -55.25
CA HIS G 274 28.50 -11.07 -53.84
C HIS G 274 28.91 -12.41 -53.25
N HIS G 275 28.11 -13.45 -53.50
CA HIS G 275 28.40 -14.76 -52.94
C HIS G 275 29.62 -15.39 -53.58
N LEU G 276 29.88 -15.12 -54.86
CA LEU G 276 31.10 -15.61 -55.48
C LEU G 276 32.33 -14.97 -54.85
N ALA G 277 32.28 -13.65 -54.62
CA ALA G 277 33.40 -12.98 -53.97
C ALA G 277 33.61 -13.49 -52.55
N ILE G 278 32.51 -13.66 -51.81
CA ILE G 278 32.59 -14.18 -50.45
C ILE G 278 33.17 -15.59 -50.45
N ALA G 279 32.75 -16.42 -51.41
CA ALA G 279 33.25 -17.78 -51.52
C ALA G 279 34.76 -17.79 -51.76
N VAL G 280 35.23 -16.97 -52.71
CA VAL G 280 36.65 -16.93 -52.99
C VAL G 280 37.42 -16.47 -51.76
N LEU G 281 36.93 -15.42 -51.11
CA LEU G 281 37.62 -14.88 -49.93
C LEU G 281 37.70 -15.90 -48.81
N PHE G 282 36.59 -16.61 -48.55
CA PHE G 282 36.58 -17.55 -47.42
C PHE G 282 37.38 -18.81 -47.74
N ILE G 283 37.34 -19.27 -48.99
CA ILE G 283 38.17 -20.40 -49.38
C ILE G 283 39.64 -20.06 -49.23
N VAL G 284 40.03 -18.84 -49.62
CA VAL G 284 41.40 -18.40 -49.42
C VAL G 284 41.75 -18.35 -47.95
N ALA G 285 40.86 -17.76 -47.14
CA ALA G 285 41.13 -17.59 -45.71
C ALA G 285 41.10 -18.91 -44.95
N GLY G 286 40.56 -19.97 -45.54
CA GLY G 286 40.51 -21.26 -44.88
C GLY G 286 41.80 -22.04 -44.92
N HIS G 287 42.84 -21.51 -45.54
CA HIS G 287 44.14 -22.15 -45.59
C HIS G 287 45.13 -21.57 -44.60
N MET G 288 44.65 -20.76 -43.66
CA MET G 288 45.55 -20.01 -42.78
C MET G 288 46.25 -20.92 -41.77
N TYR G 289 45.52 -21.84 -41.16
CA TYR G 289 46.03 -22.57 -40.00
C TYR G 289 46.69 -23.87 -40.43
N ARG G 290 47.61 -24.33 -39.58
CA ARG G 290 48.49 -25.44 -39.94
C ARG G 290 47.78 -26.78 -39.80
N THR G 291 48.07 -27.68 -40.71
CA THR G 291 47.55 -29.05 -40.70
C THR G 291 48.71 -29.96 -41.10
N ASN G 292 48.37 -31.18 -41.52
CA ASN G 292 49.35 -32.25 -41.69
C ASN G 292 50.39 -31.99 -42.79
N TRP G 293 50.38 -30.81 -43.41
CA TRP G 293 51.26 -30.55 -44.55
C TRP G 293 52.23 -29.39 -44.30
N LEU G 294 52.64 -29.20 -43.05
CA LEU G 294 53.82 -28.43 -42.63
C LEU G 294 53.70 -26.93 -42.86
N ILE G 295 52.62 -26.44 -43.48
CA ILE G 295 52.46 -25.01 -43.72
C ILE G 295 51.17 -24.55 -43.06
N GLY G 296 51.16 -23.30 -42.63
CA GLY G 296 50.02 -22.73 -41.95
C GLY G 296 50.45 -22.08 -40.66
N HIS G 297 49.49 -21.89 -39.77
CA HIS G 297 49.71 -21.19 -38.52
C HIS G 297 49.36 -22.09 -37.33
N GLN G 298 50.12 -21.95 -36.26
CA GLN G 298 49.80 -22.54 -34.96
C GLN G 298 49.32 -21.39 -34.07
N MET G 299 48.02 -21.39 -33.77
CA MET G 299 47.41 -20.24 -33.11
C MET G 299 47.93 -20.03 -31.70
N LYS G 300 48.46 -21.08 -31.06
CA LYS G 300 49.13 -20.91 -29.79
C LYS G 300 50.31 -19.95 -29.92
N LEU G 301 51.11 -20.12 -30.97
CA LEU G 301 52.24 -19.22 -31.19
C LEU G 301 51.77 -17.80 -31.50
N ILE G 302 50.71 -17.67 -32.30
CA ILE G 302 50.19 -16.34 -32.63
C ILE G 302 49.73 -15.63 -31.36
N LEU G 303 48.98 -16.33 -30.52
CA LEU G 303 48.50 -15.72 -29.28
C LEU G 303 49.64 -15.38 -28.35
N GLU G 304 50.63 -16.27 -28.22
CA GLU G 304 51.72 -16.02 -27.28
C GLU G 304 52.62 -14.89 -27.74
N ALA G 305 52.80 -14.73 -29.05
CA ALA G 305 53.71 -13.71 -29.56
C ALA G 305 53.12 -12.30 -29.53
N HIS G 306 51.85 -12.16 -29.19
CA HIS G 306 51.17 -10.87 -29.26
C HIS G 306 51.16 -10.22 -27.89
N ARG G 307 52.32 -9.68 -27.51
CA ARG G 307 52.46 -8.88 -26.30
C ARG G 307 53.06 -7.55 -26.71
N PRO G 308 52.39 -6.43 -26.48
CA PRO G 308 52.96 -5.12 -26.84
C PRO G 308 54.31 -4.91 -26.16
N PRO G 309 55.30 -4.41 -26.89
CA PRO G 309 56.65 -4.35 -26.33
C PRO G 309 56.78 -3.38 -25.18
N GLY G 310 56.17 -2.19 -25.27
CA GLY G 310 56.20 -1.27 -24.14
C GLY G 310 55.55 -1.85 -22.91
N GLY G 311 54.45 -2.54 -23.09
CA GLY G 311 53.79 -3.27 -22.02
C GLY G 311 52.61 -2.52 -21.46
N ARG G 312 51.42 -2.83 -21.96
CA ARG G 312 50.19 -2.27 -21.44
C ARG G 312 49.08 -3.29 -21.33
N LEU G 313 49.21 -4.46 -21.96
CA LEU G 313 48.28 -5.56 -21.82
C LEU G 313 48.84 -6.66 -20.94
N GLY G 314 49.84 -6.35 -20.12
CA GLY G 314 50.45 -7.36 -19.27
C GLY G 314 51.40 -8.22 -20.07
N ILE G 315 51.20 -9.54 -20.02
CA ILE G 315 52.01 -10.47 -20.79
C ILE G 315 51.36 -10.84 -22.11
N GLY G 316 50.24 -10.22 -22.46
CA GLY G 316 49.61 -10.48 -23.74
C GLY G 316 48.55 -11.56 -23.70
N HIS G 317 48.55 -12.42 -24.72
CA HIS G 317 47.55 -13.47 -24.87
C HIS G 317 48.15 -14.86 -24.70
N ILE G 318 49.16 -15.00 -23.84
CA ILE G 318 49.93 -16.24 -23.78
C ILE G 318 49.05 -17.41 -23.31
N GLY G 319 48.25 -17.18 -22.28
CA GLY G 319 47.44 -18.23 -21.70
C GLY G 319 46.06 -18.39 -22.30
N LEU G 320 45.76 -17.64 -23.36
CA LEU G 320 44.41 -17.67 -23.93
C LEU G 320 44.11 -18.94 -24.71
N TYR G 321 45.11 -19.54 -25.33
CA TYR G 321 44.86 -20.72 -26.14
C TYR G 321 44.34 -21.87 -25.30
N GLU G 322 45.04 -22.20 -24.22
CA GLU G 322 44.59 -23.26 -23.33
C GLU G 322 43.32 -22.88 -22.60
N THR G 323 43.12 -21.60 -22.35
CA THR G 323 41.91 -21.14 -21.68
C THR G 323 40.68 -21.38 -22.54
N ILE G 324 40.74 -20.97 -23.82
CA ILE G 324 39.61 -21.14 -24.71
C ILE G 324 39.41 -22.60 -25.07
N THR G 325 40.50 -23.31 -25.36
CA THR G 325 40.39 -24.70 -25.81
C THR G 325 39.73 -25.58 -24.76
N ASN G 326 40.11 -25.40 -23.49
CA ASN G 326 39.63 -26.27 -22.42
C ASN G 326 38.29 -25.83 -21.85
N SER G 327 37.72 -24.72 -22.31
CA SER G 327 36.45 -24.21 -21.82
C SER G 327 35.44 -24.19 -22.96
N LEU G 328 34.29 -24.84 -22.76
CA LEU G 328 33.20 -24.79 -23.71
C LEU G 328 32.28 -23.60 -23.51
N HIS G 329 32.39 -22.92 -22.36
CA HIS G 329 31.58 -21.74 -22.12
C HIS G 329 32.20 -20.48 -22.71
N PHE G 330 33.53 -20.39 -22.76
CA PHE G 330 34.18 -19.30 -23.48
C PHE G 330 33.83 -19.33 -24.96
N GLN G 331 33.96 -20.50 -25.58
CA GLN G 331 33.61 -20.63 -26.99
C GLN G 331 32.14 -20.37 -27.23
N LEU G 332 31.28 -20.88 -26.34
CA LEU G 332 29.84 -20.64 -26.49
C LEU G 332 29.52 -19.16 -26.38
N GLY G 333 30.14 -18.46 -25.43
CA GLY G 333 29.93 -17.04 -25.31
C GLY G 333 30.39 -16.27 -26.54
N LEU G 334 31.56 -16.62 -27.07
CA LEU G 334 32.05 -15.98 -28.28
C LEU G 334 31.09 -16.21 -29.45
N ALA G 335 30.65 -17.46 -29.61
CA ALA G 335 29.74 -17.78 -30.70
C ALA G 335 28.42 -17.05 -30.56
N LEU G 336 27.90 -16.98 -29.33
CA LEU G 336 26.63 -16.30 -29.10
C LEU G 336 26.74 -14.80 -29.36
N ALA G 337 27.86 -14.19 -28.95
CA ALA G 337 28.05 -12.77 -29.22
C ALA G 337 28.14 -12.50 -30.72
N ALA G 338 28.89 -13.34 -31.43
CA ALA G 338 29.00 -13.17 -32.88
C ALA G 338 27.65 -13.36 -33.55
N LEU G 339 26.88 -14.37 -33.12
CA LEU G 339 25.57 -14.60 -33.70
C LEU G 339 24.61 -13.46 -33.40
N GLY G 340 24.68 -12.90 -32.20
CA GLY G 340 23.84 -11.76 -31.88
C GLY G 340 24.15 -10.56 -32.75
N VAL G 341 25.44 -10.26 -32.92
CA VAL G 341 25.81 -9.16 -33.82
C VAL G 341 25.37 -9.46 -35.24
N ALA G 342 25.51 -10.72 -35.67
CA ALA G 342 25.15 -11.09 -37.04
C ALA G 342 23.65 -10.93 -37.29
N THR G 343 22.82 -11.37 -36.34
CA THR G 343 21.38 -11.24 -36.53
C THR G 343 20.89 -9.81 -36.34
N SER G 344 21.56 -9.02 -35.49
CA SER G 344 21.31 -7.59 -35.51
C SER G 344 21.61 -7.00 -36.89
N LEU G 345 22.70 -7.45 -37.50
CA LEU G 345 23.04 -7.01 -38.85
C LEU G 345 21.95 -7.41 -39.85
N THR G 346 21.46 -8.65 -39.74
CA THR G 346 20.39 -9.10 -40.62
C THR G 346 19.16 -8.22 -40.47
N ALA G 347 18.76 -7.94 -39.23
CA ALA G 347 17.60 -7.08 -39.01
C ALA G 347 17.83 -5.68 -39.59
N GLN G 348 19.01 -5.11 -39.37
CA GLN G 348 19.26 -3.75 -39.81
C GLN G 348 19.46 -3.63 -41.31
N HIS G 349 19.80 -4.73 -42.00
CA HIS G 349 20.06 -4.64 -43.43
C HIS G 349 18.93 -5.18 -44.30
N MET G 350 18.10 -6.09 -43.78
CA MET G 350 17.03 -6.63 -44.58
C MET G 350 15.84 -5.68 -44.70
N TYR G 351 15.81 -4.59 -43.95
CA TYR G 351 14.81 -3.54 -44.14
C TYR G 351 15.36 -2.37 -44.96
N ALA G 352 16.61 -2.01 -44.77
CA ALA G 352 17.20 -0.94 -45.57
C ALA G 352 17.53 -1.42 -46.97
N LEU G 353 17.99 -2.67 -47.09
CA LEU G 353 18.36 -3.26 -48.37
C LEU G 353 17.58 -4.56 -48.54
N PRO G 354 16.30 -4.46 -48.89
CA PRO G 354 15.49 -5.67 -49.05
C PRO G 354 16.04 -6.56 -50.14
N PRO G 355 16.34 -7.82 -49.81
CA PRO G 355 16.97 -8.72 -50.79
C PRO G 355 16.00 -9.58 -51.59
N TYR G 356 14.72 -9.61 -51.23
CA TYR G 356 13.77 -10.51 -51.85
C TYR G 356 12.72 -9.72 -52.62
N ALA G 357 12.27 -10.30 -53.74
CA ALA G 357 11.34 -9.61 -54.62
C ALA G 357 10.01 -9.36 -53.91
N PHE G 358 9.51 -8.13 -54.04
CA PHE G 358 8.21 -7.72 -53.52
C PHE G 358 8.11 -7.82 -52.00
N LEU G 359 9.24 -7.95 -51.31
CA LEU G 359 9.24 -7.95 -49.86
C LEU G 359 9.13 -6.54 -49.27
N ALA G 360 9.52 -5.52 -50.03
CA ALA G 360 9.44 -4.16 -49.53
C ALA G 360 8.00 -3.71 -49.33
N SER G 361 7.07 -4.19 -50.17
CA SER G 361 5.67 -3.83 -50.08
C SER G 361 4.88 -4.72 -49.13
N ASN G 362 5.53 -5.69 -48.50
CA ASN G 362 4.87 -6.57 -47.53
C ASN G 362 5.17 -6.02 -46.14
N PHE G 363 4.44 -4.96 -45.78
CA PHE G 363 4.71 -4.25 -44.53
C PHE G 363 4.57 -5.13 -43.29
N PRO G 364 3.50 -5.93 -43.12
CA PRO G 364 3.43 -6.79 -41.92
C PRO G 364 4.60 -7.74 -41.80
N THR G 365 5.03 -8.35 -42.91
CA THR G 365 6.17 -9.26 -42.84
C THR G 365 7.47 -8.51 -42.58
N GLN G 366 7.60 -7.29 -43.11
CA GLN G 366 8.78 -6.48 -42.79
C GLN G 366 8.87 -6.22 -41.29
N ALA G 367 7.76 -5.77 -40.70
CA ALA G 367 7.76 -5.49 -39.26
C ALA G 367 8.03 -6.76 -38.46
N ALA G 368 7.38 -7.87 -38.85
CA ALA G 368 7.55 -9.12 -38.13
C ALA G 368 8.99 -9.61 -38.20
N LEU G 369 9.60 -9.52 -39.39
CA LEU G 369 10.98 -9.97 -39.54
C LEU G 369 11.93 -9.13 -38.72
N TYR G 370 11.79 -7.80 -38.78
CA TYR G 370 12.69 -6.96 -38.01
C TYR G 370 12.55 -7.20 -36.51
N THR G 371 11.30 -7.28 -36.03
CA THR G 371 11.09 -7.52 -34.61
C THR G 371 11.64 -8.87 -34.18
N HIS G 372 11.37 -9.92 -34.97
CA HIS G 372 11.85 -11.25 -34.65
C HIS G 372 13.37 -11.28 -34.54
N HIS G 373 14.05 -10.71 -35.55
CA HIS G 373 15.51 -10.77 -35.55
C HIS G 373 16.12 -9.91 -34.45
N GLN G 374 15.51 -8.77 -34.12
CA GLN G 374 16.05 -7.96 -33.04
C GLN G 374 15.87 -8.65 -31.69
N TYR G 375 14.72 -9.30 -31.46
CA TYR G 375 14.53 -10.04 -30.23
C TYR G 375 15.51 -11.20 -30.13
N ILE G 376 15.72 -11.92 -31.23
CA ILE G 376 16.70 -13.00 -31.23
C ILE G 376 18.09 -12.46 -30.94
N ALA G 377 18.40 -11.27 -31.48
CA ALA G 377 19.69 -10.65 -31.23
C ALA G 377 19.90 -10.35 -29.76
N GLY G 378 18.89 -9.75 -29.13
CA GLY G 378 19.00 -9.48 -27.71
C GLY G 378 19.18 -10.74 -26.89
N PHE G 379 18.41 -11.79 -27.23
CA PHE G 379 18.55 -13.06 -26.53
C PHE G 379 19.96 -13.61 -26.67
N LEU G 380 20.52 -13.57 -27.89
CA LEU G 380 21.84 -14.12 -28.13
C LEU G 380 22.91 -13.33 -27.38
N MET G 381 22.77 -12.00 -27.33
CA MET G 381 23.75 -11.20 -26.61
C MET G 381 23.72 -11.50 -25.12
N VAL G 382 22.52 -11.59 -24.55
CA VAL G 382 22.41 -11.91 -23.13
C VAL G 382 22.97 -13.30 -22.85
N GLY G 383 22.74 -14.24 -23.77
CA GLY G 383 23.30 -15.57 -23.60
C GLY G 383 24.81 -15.58 -23.66
N ALA G 384 25.39 -14.78 -24.57
CA ALA G 384 26.84 -14.67 -24.64
C ALA G 384 27.42 -14.17 -23.32
N PHE G 385 26.81 -13.13 -22.76
CA PHE G 385 27.33 -12.60 -21.50
C PHE G 385 27.11 -13.58 -20.35
N ALA G 386 25.97 -14.28 -20.34
CA ALA G 386 25.72 -15.27 -19.31
C ALA G 386 26.75 -16.39 -19.36
N HIS G 387 27.11 -16.83 -20.56
CA HIS G 387 28.08 -17.91 -20.67
C HIS G 387 29.50 -17.41 -20.39
N GLY G 388 29.78 -16.13 -20.63
CA GLY G 388 31.03 -15.57 -20.13
C GLY G 388 31.10 -15.61 -18.61
N ALA G 389 29.99 -15.27 -17.95
CA ALA G 389 29.95 -15.36 -16.50
C ALA G 389 30.13 -16.81 -16.03
N ILE G 390 29.50 -17.75 -16.72
CA ILE G 390 29.64 -19.16 -16.37
C ILE G 390 31.09 -19.60 -16.53
N PHE G 391 31.75 -19.15 -17.61
CA PHE G 391 33.17 -19.45 -17.79
C PHE G 391 33.99 -18.91 -16.62
N PHE G 392 33.70 -17.68 -16.19
CA PHE G 392 34.41 -17.12 -15.04
C PHE G 392 34.20 -17.98 -13.80
N VAL G 393 32.98 -18.45 -13.58
CA VAL G 393 32.68 -19.20 -12.36
C VAL G 393 33.38 -20.55 -12.37
N ARG G 394 33.24 -21.30 -13.47
CA ARG G 394 33.56 -22.73 -13.43
C ARG G 394 34.70 -23.16 -14.35
N ASP G 395 35.14 -22.33 -15.29
CA ASP G 395 36.19 -22.72 -16.21
C ASP G 395 37.46 -21.87 -16.12
N TYR G 396 37.38 -20.67 -15.54
CA TYR G 396 38.53 -19.78 -15.51
C TYR G 396 39.55 -20.27 -14.49
N ASP G 397 40.81 -20.33 -14.90
CA ASP G 397 41.91 -20.72 -14.01
C ASP G 397 42.93 -19.58 -13.95
N PRO G 398 43.06 -18.89 -12.82
CA PRO G 398 44.02 -17.78 -12.74
C PRO G 398 45.46 -18.19 -13.00
N ALA G 399 45.83 -19.44 -12.66
CA ALA G 399 47.21 -19.88 -12.84
C ALA G 399 47.59 -19.93 -14.31
N VAL G 400 46.68 -20.38 -15.18
CA VAL G 400 46.98 -20.47 -16.60
C VAL G 400 47.14 -19.08 -17.20
N ASN G 401 46.34 -18.12 -16.75
CA ASN G 401 46.35 -16.76 -17.27
C ASN G 401 47.34 -15.86 -16.54
N THR G 402 48.29 -16.44 -15.82
CA THR G 402 49.29 -15.67 -15.08
C THR G 402 50.66 -16.29 -15.28
N ARG G 403 51.66 -15.46 -15.55
CA ARG G 403 53.03 -15.92 -15.73
C ARG G 403 53.93 -15.09 -14.82
N ASN G 404 54.42 -15.71 -13.75
CA ASN G 404 55.35 -15.08 -12.81
C ASN G 404 54.78 -13.80 -12.22
N GLY G 405 53.55 -13.89 -11.71
CA GLY G 405 52.92 -12.75 -11.07
C GLY G 405 52.18 -11.86 -12.03
N GLU G 406 52.77 -11.58 -13.19
CA GLU G 406 52.10 -10.77 -14.19
C GLU G 406 50.93 -11.53 -14.80
N LYS G 407 49.87 -10.79 -15.12
CA LYS G 407 48.63 -11.38 -15.60
C LYS G 407 48.43 -11.10 -17.08
N ASN G 408 47.78 -12.02 -17.77
CA ASN G 408 47.60 -11.92 -19.21
C ASN G 408 46.45 -10.96 -19.51
N VAL G 409 46.05 -10.91 -20.78
CA VAL G 409 45.07 -9.93 -21.22
C VAL G 409 43.70 -10.20 -20.58
N LEU G 410 43.36 -11.46 -20.33
CA LEU G 410 42.06 -11.77 -19.75
C LEU G 410 42.07 -11.62 -18.23
N ALA G 411 43.14 -12.07 -17.57
CA ALA G 411 43.22 -11.94 -16.13
C ALA G 411 43.28 -10.49 -15.68
N ARG G 412 43.79 -9.59 -16.53
CA ARG G 412 43.83 -8.17 -16.19
C ARG G 412 42.44 -7.52 -16.22
N MET G 413 41.46 -8.17 -16.83
CA MET G 413 40.10 -7.63 -16.81
C MET G 413 39.48 -7.71 -15.43
N LEU G 414 39.99 -8.59 -14.57
CA LEU G 414 39.53 -8.70 -13.19
C LEU G 414 40.30 -7.79 -12.24
N GLU G 415 41.33 -7.11 -12.72
CA GLU G 415 42.07 -6.17 -11.88
C GLU G 415 41.44 -4.78 -11.89
N HIS G 416 41.14 -4.26 -13.08
CA HIS G 416 40.39 -3.01 -13.20
C HIS G 416 38.90 -3.26 -13.41
N LYS G 417 38.38 -4.35 -12.84
CA LYS G 417 36.94 -4.63 -12.92
C LYS G 417 36.14 -3.50 -12.28
N GLU G 418 36.63 -2.95 -11.18
CA GLU G 418 35.94 -1.84 -10.54
C GLU G 418 35.92 -0.62 -11.45
N ALA G 419 37.02 -0.36 -12.15
CA ALA G 419 37.04 0.76 -13.09
C ALA G 419 36.04 0.53 -14.22
N ILE G 420 35.99 -0.69 -14.76
CA ILE G 420 35.07 -0.99 -15.85
C ILE G 420 33.63 -0.80 -15.39
N ILE G 421 33.29 -1.35 -14.23
CA ILE G 421 31.92 -1.27 -13.73
C ILE G 421 31.55 0.17 -13.38
N SER G 422 32.48 0.90 -12.77
CA SER G 422 32.21 2.30 -12.41
C SER G 422 31.96 3.15 -13.65
N HIS G 423 32.75 2.93 -14.71
CA HIS G 423 32.56 3.73 -15.90
C HIS G 423 31.31 3.32 -16.69
N LEU G 424 30.98 2.02 -16.70
CA LEU G 424 29.69 1.62 -17.27
C LEU G 424 28.54 2.26 -16.51
N SER G 425 28.64 2.29 -15.17
CA SER G 425 27.61 2.94 -14.37
C SER G 425 27.54 4.43 -14.67
N TRP G 426 28.68 5.08 -14.82
CA TRP G 426 28.68 6.51 -15.15
C TRP G 426 28.03 6.78 -16.50
N VAL G 427 28.37 5.98 -17.51
CA VAL G 427 27.77 6.18 -18.83
C VAL G 427 26.27 5.94 -18.78
N SER G 428 25.84 4.88 -18.08
CA SER G 428 24.42 4.59 -17.97
C SER G 428 23.68 5.73 -17.27
N LEU G 429 24.23 6.23 -16.16
CA LEU G 429 23.58 7.32 -15.44
C LEU G 429 23.56 8.59 -16.28
N PHE G 430 24.67 8.89 -16.97
CA PHE G 430 24.75 10.06 -17.84
C PHE G 430 23.65 10.02 -18.90
N LEU G 431 23.61 8.92 -19.66
CA LEU G 431 22.63 8.80 -20.73
C LEU G 431 21.21 8.80 -20.21
N GLY G 432 20.95 8.06 -19.12
CA GLY G 432 19.59 8.01 -18.59
C GLY G 432 19.13 9.36 -18.09
N PHE G 433 19.95 10.00 -17.24
CA PHE G 433 19.62 11.32 -16.72
C PHE G 433 19.28 12.28 -17.85
N HIS G 434 20.13 12.33 -18.87
CA HIS G 434 19.96 13.42 -19.83
C HIS G 434 18.92 13.10 -20.91
N THR G 435 18.83 11.83 -21.35
CA THR G 435 17.77 11.46 -22.26
C THR G 435 16.40 11.65 -21.61
N LEU G 436 16.25 11.19 -20.35
CA LEU G 436 14.99 11.39 -19.66
C LEU G 436 14.74 12.88 -19.40
N GLY G 437 15.79 13.65 -19.12
CA GLY G 437 15.61 15.07 -18.91
C GLY G 437 15.12 15.79 -20.14
N ILE G 438 15.71 15.50 -21.30
CA ILE G 438 15.27 16.13 -22.53
C ILE G 438 13.86 15.67 -22.90
N TYR G 439 13.56 14.38 -22.72
CA TYR G 439 12.23 13.88 -23.04
C TYR G 439 11.17 14.52 -22.15
N VAL G 440 11.44 14.62 -20.84
CA VAL G 440 10.47 15.22 -19.93
C VAL G 440 10.38 16.73 -20.15
N HIS G 441 11.48 17.39 -20.52
CA HIS G 441 11.42 18.79 -20.88
C HIS G 441 10.50 19.00 -22.06
N ASN G 442 10.63 18.17 -23.09
CA ASN G 442 9.73 18.25 -24.23
C ASN G 442 8.29 17.96 -23.83
N ASP G 443 8.09 16.95 -22.97
CA ASP G 443 6.75 16.63 -22.48
C ASP G 443 6.11 17.85 -21.83
N VAL G 444 6.81 18.46 -20.86
CA VAL G 444 6.23 19.57 -20.11
C VAL G 444 6.02 20.78 -21.01
N VAL G 445 7.00 21.07 -21.87
CA VAL G 445 6.93 22.26 -22.72
C VAL G 445 5.79 22.13 -23.73
N VAL G 446 5.65 20.96 -24.37
CA VAL G 446 4.55 20.77 -25.30
C VAL G 446 3.21 20.78 -24.58
N ALA G 447 3.15 20.15 -23.40
CA ALA G 447 1.90 20.11 -22.65
C ALA G 447 1.42 21.51 -22.31
N PHE G 448 2.33 22.39 -21.94
CA PHE G 448 1.97 23.77 -21.63
C PHE G 448 1.64 24.59 -22.87
N GLY G 449 1.55 23.95 -24.04
CA GLY G 449 1.10 24.62 -25.24
C GLY G 449 2.12 25.48 -25.95
N GLN G 450 3.41 25.28 -25.68
CA GLN G 450 4.47 26.10 -26.26
C GLN G 450 5.53 25.19 -26.88
N PRO G 451 5.19 24.46 -27.94
CA PRO G 451 6.15 23.49 -28.49
C PRO G 451 7.43 24.10 -29.02
N GLU G 452 7.46 25.42 -29.25
CA GLU G 452 8.66 26.07 -29.77
C GLU G 452 9.83 26.04 -28.79
N LYS G 453 9.55 25.85 -27.50
CA LYS G 453 10.60 25.80 -26.48
C LYS G 453 11.18 24.41 -26.32
N GLN G 454 10.87 23.48 -27.22
CA GLN G 454 11.42 22.14 -27.15
C GLN G 454 12.92 22.16 -27.42
N ILE G 455 13.62 21.20 -26.82
CA ILE G 455 15.03 20.97 -27.09
C ILE G 455 15.11 19.89 -28.15
N LEU G 456 15.42 20.29 -29.38
CA LEU G 456 15.50 19.38 -30.52
C LEU G 456 16.90 19.46 -31.11
N VAL G 457 17.67 18.39 -30.96
CA VAL G 457 19.05 18.34 -31.42
C VAL G 457 19.07 17.61 -32.76
N GLU G 458 19.56 18.29 -33.79
CA GLU G 458 19.65 17.68 -35.10
C GLU G 458 20.77 16.64 -35.10
N PRO G 459 20.51 15.41 -35.48
CA PRO G 459 21.56 14.39 -35.49
C PRO G 459 22.56 14.62 -36.62
N LEU G 460 23.40 15.64 -36.46
CA LEU G 460 24.32 16.02 -37.53
C LEU G 460 25.36 14.94 -37.79
N PHE G 461 25.82 14.25 -36.75
CA PHE G 461 26.82 13.21 -36.93
C PHE G 461 26.29 12.07 -37.80
N ALA G 462 25.04 11.65 -37.56
CA ALA G 462 24.46 10.58 -38.35
C ALA G 462 24.07 11.07 -39.74
N GLU G 463 23.56 12.30 -39.84
CA GLU G 463 23.27 12.87 -41.15
C GLU G 463 24.55 13.08 -41.95
N TRP G 464 25.67 13.33 -41.27
CA TRP G 464 26.96 13.40 -41.95
C TRP G 464 27.29 12.07 -42.61
N ILE G 465 27.02 10.96 -41.93
CA ILE G 465 27.27 9.64 -42.49
C ILE G 465 26.37 9.40 -43.71
N GLN G 466 25.10 9.80 -43.61
CA GLN G 466 24.18 9.62 -44.72
C GLN G 466 24.66 10.39 -45.96
N ALA G 467 25.13 11.62 -45.75
CA ALA G 467 25.66 12.39 -46.86
C ALA G 467 26.92 11.76 -47.43
N ALA G 468 27.74 11.15 -46.58
CA ALA G 468 28.96 10.49 -47.03
C ALA G 468 28.65 9.34 -47.98
N SER G 469 27.51 8.69 -47.81
CA SER G 469 27.11 7.58 -48.66
C SER G 469 26.31 8.04 -49.88
N GLY G 470 26.10 9.34 -50.04
CA GLY G 470 25.48 9.87 -51.24
C GLY G 470 24.14 10.55 -51.06
N LYS G 471 23.60 10.68 -49.85
CA LYS G 471 22.29 11.28 -49.68
C LYS G 471 22.42 12.80 -49.76
N THR G 472 21.84 13.39 -50.80
CA THR G 472 21.83 14.83 -50.99
C THR G 472 20.53 15.40 -50.44
N LEU G 473 20.42 15.35 -49.11
CA LEU G 473 19.20 15.80 -48.44
C LEU G 473 19.54 16.80 -47.33
N TYR G 474 20.75 16.72 -46.79
CA TYR G 474 21.18 17.57 -45.70
C TYR G 474 22.14 18.66 -46.16
N ASN G 475 22.39 18.78 -47.45
CA ASN G 475 23.24 19.83 -48.02
C ASN G 475 24.62 19.83 -47.38
N PHE G 476 25.25 18.66 -47.36
CA PHE G 476 26.59 18.53 -46.81
C PHE G 476 27.68 18.50 -47.87
N ASP G 477 27.39 17.95 -49.06
CA ASP G 477 28.33 17.95 -50.18
C ASP G 477 29.66 17.33 -49.78
N LEU G 478 29.59 16.16 -49.13
CA LEU G 478 30.75 15.67 -48.40
C LEU G 478 31.65 14.71 -49.20
N LEU G 479 31.17 13.50 -49.46
CA LEU G 479 32.01 12.54 -50.18
C LEU G 479 31.34 12.00 -51.43
N LEU G 480 30.15 11.41 -51.27
CA LEU G 480 29.38 10.91 -52.39
C LEU G 480 28.22 11.83 -52.74
N ALA G 481 27.88 12.78 -51.87
CA ALA G 481 27.01 13.88 -52.23
C ALA G 481 27.72 14.87 -53.16
N SER G 482 29.03 14.74 -53.33
CA SER G 482 29.81 15.56 -54.25
C SER G 482 30.20 14.72 -55.46
N SER G 483 30.06 15.31 -56.65
CA SER G 483 30.45 14.63 -57.88
C SER G 483 31.94 14.79 -58.20
N ASN G 484 32.65 15.65 -57.45
CA ASN G 484 34.07 15.89 -57.71
C ASN G 484 34.99 15.21 -56.71
N SER G 485 34.45 14.68 -55.62
CA SER G 485 35.27 14.00 -54.63
C SER G 485 35.87 12.72 -55.21
N PRO G 486 37.08 12.35 -54.80
CA PRO G 486 37.68 11.12 -55.32
C PRO G 486 36.87 9.87 -55.03
N ALA G 487 36.08 9.87 -53.95
CA ALA G 487 35.21 8.73 -53.67
C ALA G 487 34.15 8.53 -54.72
N SER G 488 33.66 9.63 -55.32
CA SER G 488 32.63 9.51 -56.34
C SER G 488 33.21 9.20 -57.72
N VAL G 489 34.30 9.87 -58.09
CA VAL G 489 34.88 9.61 -59.41
C VAL G 489 35.35 8.16 -59.51
N ALA G 490 35.75 7.56 -58.38
CA ALA G 490 36.30 6.21 -58.41
C ALA G 490 35.25 5.18 -58.82
N SER G 491 34.02 5.30 -58.32
CA SER G 491 32.97 4.34 -58.60
C SER G 491 31.87 4.92 -59.49
N SER G 492 32.14 6.02 -60.18
CA SER G 492 31.12 6.63 -61.04
C SER G 492 30.70 5.71 -62.17
N GLN G 493 31.51 4.68 -62.48
CA GLN G 493 31.22 3.77 -63.56
C GLN G 493 30.87 2.36 -63.10
N LEU G 494 30.84 2.10 -61.80
CA LEU G 494 30.63 0.75 -61.29
C LEU G 494 29.31 0.57 -60.56
N TRP G 495 29.08 1.31 -59.48
CA TRP G 495 27.86 1.11 -58.71
C TRP G 495 27.23 2.37 -58.14
N LEU G 496 27.78 3.56 -58.39
CA LEU G 496 27.12 4.77 -57.91
C LEU G 496 25.77 5.02 -58.57
N PRO G 497 25.61 4.93 -59.90
CA PRO G 497 24.29 5.24 -60.48
C PRO G 497 23.17 4.42 -59.88
N GLY G 498 23.40 3.14 -59.60
CA GLY G 498 22.41 2.35 -58.91
C GLY G 498 22.26 2.74 -57.45
N TRP G 499 23.38 2.97 -56.76
CA TRP G 499 23.33 3.28 -55.34
C TRP G 499 22.73 4.66 -55.09
N LEU G 500 23.13 5.66 -55.89
CA LEU G 500 22.59 7.01 -55.70
C LEU G 500 21.10 7.06 -55.99
N SER G 501 20.66 6.33 -57.03
CA SER G 501 19.25 6.31 -57.37
C SER G 501 18.40 5.68 -56.28
N ALA G 502 18.98 4.82 -55.45
CA ALA G 502 18.25 4.17 -54.37
C ALA G 502 18.32 4.95 -53.07
N ILE G 503 19.50 5.48 -52.72
CA ILE G 503 19.64 6.23 -51.48
C ILE G 503 18.86 7.54 -51.54
N ASN G 504 18.80 8.17 -52.72
CA ASN G 504 18.06 9.42 -52.90
C ASN G 504 16.66 9.14 -53.45
N ASP G 505 15.87 8.40 -52.66
CA ASP G 505 14.51 8.05 -53.01
C ASP G 505 13.67 8.03 -51.74
N GLY G 506 12.55 8.75 -51.76
CA GLY G 506 11.72 8.86 -50.58
C GLY G 506 10.89 7.65 -50.24
N LYS G 507 10.74 6.72 -51.18
CA LYS G 507 9.91 5.54 -50.96
C LYS G 507 10.69 4.36 -50.39
N ASN G 508 12.01 4.46 -50.32
CA ASN G 508 12.82 3.38 -49.78
C ASN G 508 12.93 3.49 -48.26
N SER G 509 13.43 2.42 -47.64
CA SER G 509 13.92 2.46 -46.27
C SER G 509 15.43 2.59 -46.21
N LEU G 510 16.10 2.68 -47.36
CA LEU G 510 17.54 2.84 -47.42
C LEU G 510 17.91 4.21 -46.88
N PHE G 511 18.52 4.23 -45.68
CA PHE G 511 18.97 5.47 -45.05
C PHE G 511 17.81 6.44 -44.87
N LEU G 512 16.88 6.03 -44.01
CA LEU G 512 15.68 6.82 -43.77
C LEU G 512 16.06 8.21 -43.26
N PRO G 513 15.40 9.26 -43.73
CA PRO G 513 15.69 10.60 -43.21
C PRO G 513 15.45 10.67 -41.72
N ILE G 514 16.32 11.39 -41.02
CA ILE G 514 16.32 11.41 -39.56
C ILE G 514 16.21 12.84 -39.07
N GLY G 515 15.68 12.98 -37.86
CA GLY G 515 15.54 14.28 -37.22
C GLY G 515 15.81 14.19 -35.73
N PRO G 516 15.37 15.21 -34.98
CA PRO G 516 15.61 15.21 -33.53
C PRO G 516 15.00 14.01 -32.81
N GLY G 517 13.86 13.52 -33.26
CA GLY G 517 13.29 12.33 -32.65
C GLY G 517 14.20 11.12 -32.81
N ASP G 518 14.82 10.98 -33.98
CA ASP G 518 15.79 9.91 -34.18
C ASP G 518 16.98 10.07 -33.25
N PHE G 519 17.44 11.31 -33.05
CA PHE G 519 18.53 11.58 -32.13
C PHE G 519 18.17 11.11 -30.71
N LEU G 520 17.02 11.53 -30.21
CA LEU G 520 16.63 11.18 -28.85
C LEU G 520 16.44 9.68 -28.69
N VAL G 521 15.80 9.03 -29.66
CA VAL G 521 15.56 7.60 -29.52
C VAL G 521 16.86 6.82 -29.67
N HIS G 522 17.81 7.31 -30.46
CA HIS G 522 19.10 6.65 -30.54
C HIS G 522 19.85 6.77 -29.21
N HIS G 523 19.71 7.91 -28.54
CA HIS G 523 20.33 8.03 -27.22
C HIS G 523 19.65 7.12 -26.20
N ALA G 524 18.33 6.95 -26.32
CA ALA G 524 17.64 5.98 -25.47
C ALA G 524 18.14 4.57 -25.73
N ILE G 525 18.35 4.23 -27.00
CA ILE G 525 18.89 2.92 -27.37
C ILE G 525 20.29 2.74 -26.79
N ALA G 526 21.12 3.77 -26.88
CA ALA G 526 22.46 3.71 -26.31
C ALA G 526 22.41 3.50 -24.81
N LEU G 527 21.50 4.19 -24.13
CA LEU G 527 21.33 3.99 -22.70
C LEU G 527 20.93 2.55 -22.38
N GLY G 528 19.99 2.00 -23.15
CA GLY G 528 19.59 0.62 -22.92
C GLY G 528 20.72 -0.36 -23.13
N LEU G 529 21.48 -0.18 -24.22
CA LEU G 529 22.63 -1.05 -24.47
C LEU G 529 23.65 -0.94 -23.36
N HIS G 530 23.96 0.28 -22.92
CA HIS G 530 24.96 0.46 -21.88
C HIS G 530 24.51 -0.12 -20.55
N THR G 531 23.23 0.01 -20.21
CA THR G 531 22.77 -0.54 -18.93
C THR G 531 22.73 -2.06 -18.96
N THR G 532 22.26 -2.66 -20.07
CA THR G 532 22.29 -4.11 -20.18
C THR G 532 23.73 -4.63 -20.11
N THR G 533 24.65 -3.95 -20.81
CA THR G 533 26.06 -4.31 -20.74
C THR G 533 26.60 -4.16 -19.33
N LEU G 534 26.19 -3.10 -18.63
CA LEU G 534 26.65 -2.90 -17.26
C LEU G 534 26.23 -4.06 -16.37
N ILE G 535 24.95 -4.45 -16.44
CA ILE G 535 24.46 -5.55 -15.62
C ILE G 535 25.22 -6.84 -15.96
N LEU G 536 25.35 -7.14 -17.26
CA LEU G 536 25.96 -8.40 -17.65
C LEU G 536 27.45 -8.44 -17.32
N VAL G 537 28.17 -7.34 -17.59
CA VAL G 537 29.60 -7.28 -17.30
C VAL G 537 29.84 -7.32 -15.80
N LYS G 538 29.01 -6.63 -15.02
CA LYS G 538 29.14 -6.68 -13.57
C LYS G 538 28.93 -8.10 -13.06
N GLY G 539 27.92 -8.80 -13.59
CA GLY G 539 27.69 -10.17 -13.17
C GLY G 539 28.83 -11.09 -13.58
N ALA G 540 29.40 -10.86 -14.76
CA ALA G 540 30.49 -11.72 -15.24
C ALA G 540 31.75 -11.51 -14.41
N LEU G 541 32.14 -10.25 -14.21
CA LEU G 541 33.38 -9.96 -13.49
C LEU G 541 33.24 -10.28 -12.00
N ASP G 542 32.11 -9.93 -11.40
CA ASP G 542 31.84 -10.21 -10.00
C ASP G 542 31.38 -11.63 -9.76
N ALA G 543 31.43 -12.49 -10.79
CA ALA G 543 30.97 -13.86 -10.64
C ALA G 543 31.85 -14.65 -9.67
N ARG G 544 33.17 -14.42 -9.71
CA ARG G 544 34.09 -15.17 -8.87
C ARG G 544 34.17 -14.65 -7.44
N GLY G 545 33.58 -13.51 -7.15
CA GLY G 545 33.58 -12.99 -5.80
C GLY G 545 33.51 -11.48 -5.77
N SER G 546 33.15 -10.95 -4.61
CA SER G 546 33.08 -9.50 -4.39
C SER G 546 33.40 -9.24 -2.92
N LYS G 547 33.12 -8.02 -2.46
CA LYS G 547 33.32 -7.74 -1.05
C LYS G 547 32.23 -8.38 -0.19
N LEU G 548 31.00 -8.41 -0.70
CA LEU G 548 29.91 -9.03 0.03
C LEU G 548 30.02 -10.55 0.05
N MET G 549 30.73 -11.14 -0.91
CA MET G 549 30.87 -12.59 -1.01
C MET G 549 32.18 -12.92 -1.69
N PRO G 550 33.29 -12.87 -0.95
CA PRO G 550 34.61 -13.11 -1.57
C PRO G 550 34.89 -14.57 -1.91
N ASP G 551 33.89 -15.44 -1.76
CA ASP G 551 34.03 -16.83 -2.17
C ASP G 551 32.86 -17.26 -3.05
N LYS G 552 32.35 -16.34 -3.88
CA LYS G 552 31.18 -16.64 -4.70
C LYS G 552 31.45 -17.76 -5.69
N LYS G 553 32.71 -17.95 -6.08
CA LYS G 553 33.03 -19.03 -7.02
C LYS G 553 32.80 -20.40 -6.41
N ASP G 554 32.89 -20.51 -5.08
CA ASP G 554 32.66 -21.79 -4.40
C ASP G 554 31.20 -22.18 -4.35
N PHE G 555 30.29 -21.26 -4.68
CA PHE G 555 28.86 -21.54 -4.65
C PHE G 555 28.27 -21.77 -6.04
N GLY G 556 29.08 -21.63 -7.09
CA GLY G 556 28.62 -21.90 -8.44
C GLY G 556 28.03 -20.69 -9.13
N TYR G 557 27.61 -20.91 -10.37
CA TYR G 557 27.06 -19.83 -11.18
C TYR G 557 25.68 -19.42 -10.67
N SER G 558 24.83 -20.38 -10.32
CA SER G 558 23.46 -20.12 -9.93
C SER G 558 23.21 -20.69 -8.54
N PHE G 559 23.00 -19.81 -7.58
CA PHE G 559 22.58 -20.17 -6.23
C PHE G 559 21.62 -19.10 -5.75
N PRO G 560 20.72 -19.43 -4.82
CA PRO G 560 19.71 -18.42 -4.42
C PRO G 560 20.30 -17.16 -3.82
N CYS G 561 21.15 -17.30 -2.81
CA CYS G 561 21.65 -16.15 -2.05
C CYS G 561 22.80 -16.64 -1.18
N ASP G 562 23.23 -15.77 -0.25
CA ASP G 562 24.12 -16.16 0.83
C ASP G 562 23.49 -15.94 2.19
N GLY G 563 22.18 -15.70 2.25
CA GLY G 563 21.49 -15.51 3.51
C GLY G 563 21.21 -14.06 3.83
N PRO G 564 20.44 -13.84 4.91
CA PRO G 564 20.15 -12.46 5.32
C PRO G 564 21.31 -11.78 6.05
N GLY G 565 22.39 -12.50 6.33
CA GLY G 565 23.50 -11.92 7.05
C GLY G 565 24.26 -10.91 6.22
N ARG G 566 25.11 -10.15 6.90
CA ARG G 566 25.94 -9.11 6.28
C ARG G 566 25.08 -8.07 5.57
N GLY G 567 23.90 -7.79 6.11
CA GLY G 567 23.00 -6.80 5.55
C GLY G 567 21.97 -7.33 4.57
N GLY G 568 22.13 -8.56 4.10
CA GLY G 568 21.21 -9.10 3.11
C GLY G 568 21.89 -9.33 1.77
N THR G 569 21.70 -10.51 1.19
CA THR G 569 22.41 -10.93 -0.02
C THR G 569 21.44 -11.46 -1.06
N CYS G 570 20.34 -10.75 -1.29
CA CYS G 570 19.40 -11.14 -2.32
C CYS G 570 20.02 -10.93 -3.69
N ASP G 571 19.78 -11.88 -4.60
CA ASP G 571 20.19 -11.76 -6.00
C ASP G 571 21.69 -11.49 -6.14
N ILE G 572 22.50 -12.20 -5.36
CA ILE G 572 23.94 -11.95 -5.34
C ILE G 572 24.70 -12.82 -6.33
N SER G 573 24.08 -13.86 -6.87
CA SER G 573 24.78 -14.76 -7.78
C SER G 573 24.91 -14.14 -9.17
N ALA G 574 25.78 -14.75 -9.98
CA ALA G 574 25.94 -14.30 -11.36
C ALA G 574 24.70 -14.61 -12.20
N TRP G 575 24.00 -15.71 -11.88
CA TRP G 575 22.76 -16.01 -12.57
C TRP G 575 21.73 -14.91 -12.37
N ASP G 576 21.71 -14.32 -11.17
CA ASP G 576 20.79 -13.22 -10.90
C ASP G 576 21.12 -12.00 -11.73
N ALA G 577 22.40 -11.80 -12.09
CA ALA G 577 22.74 -10.70 -12.98
C ALA G 577 22.16 -10.91 -14.37
N PHE G 578 22.24 -12.14 -14.89
CA PHE G 578 21.55 -12.47 -16.12
C PHE G 578 20.05 -12.22 -15.96
N TYR G 579 19.49 -12.63 -14.82
CA TYR G 579 18.05 -12.51 -14.62
C TYR G 579 17.61 -11.06 -14.64
N LEU G 580 18.42 -10.18 -14.02
CA LEU G 580 18.10 -8.75 -14.01
C LEU G 580 18.33 -8.12 -15.38
N ALA G 581 19.37 -8.57 -16.10
CA ALA G 581 19.68 -8.01 -17.40
C ALA G 581 18.71 -8.46 -18.48
N MET G 582 17.97 -9.54 -18.24
CA MET G 582 16.94 -9.93 -19.21
C MET G 582 15.86 -8.87 -19.32
N PHE G 583 15.46 -8.27 -18.19
CA PHE G 583 14.50 -7.19 -18.22
C PHE G 583 15.02 -6.01 -19.02
N TRP G 584 16.29 -5.66 -18.84
CA TRP G 584 16.85 -4.53 -19.57
C TRP G 584 17.03 -4.84 -21.04
N MET G 585 17.37 -6.08 -21.39
CA MET G 585 17.40 -6.47 -22.80
C MET G 585 16.02 -6.36 -23.42
N LEU G 586 14.99 -6.84 -22.71
CA LEU G 586 13.63 -6.74 -23.24
C LEU G 586 13.24 -5.28 -23.41
N ASN G 587 13.59 -4.43 -22.46
CA ASN G 587 13.27 -3.01 -22.56
C ASN G 587 14.00 -2.35 -23.73
N THR G 588 15.28 -2.67 -23.91
CA THR G 588 16.05 -2.08 -25.00
C THR G 588 15.54 -2.53 -26.36
N ILE G 589 15.25 -3.83 -26.50
CA ILE G 589 14.68 -4.33 -27.75
C ILE G 589 13.30 -3.73 -27.98
N GLY G 590 12.53 -3.53 -26.91
CA GLY G 590 11.25 -2.86 -27.06
C GLY G 590 11.40 -1.44 -27.56
N TRP G 591 12.38 -0.70 -27.04
CA TRP G 591 12.62 0.65 -27.54
C TRP G 591 13.02 0.62 -29.00
N VAL G 592 13.94 -0.29 -29.36
CA VAL G 592 14.40 -0.37 -30.74
C VAL G 592 13.25 -0.69 -31.69
N THR G 593 12.43 -1.69 -31.32
CA THR G 593 11.35 -2.12 -32.18
C THR G 593 10.23 -1.10 -32.23
N PHE G 594 9.96 -0.41 -31.11
CA PHE G 594 9.00 0.68 -31.11
C PHE G 594 9.43 1.77 -32.08
N TYR G 595 10.71 2.16 -32.00
CA TYR G 595 11.24 3.19 -32.90
C TYR G 595 11.12 2.76 -34.36
N TRP G 596 11.57 1.54 -34.66
CA TRP G 596 11.51 1.05 -36.04
C TRP G 596 10.08 1.00 -36.55
N HIS G 597 9.18 0.43 -35.74
CA HIS G 597 7.80 0.24 -36.19
C HIS G 597 7.09 1.58 -36.37
N TRP G 598 7.27 2.52 -35.45
CA TRP G 598 6.61 3.81 -35.61
C TRP G 598 7.17 4.57 -36.80
N LYS G 599 8.50 4.55 -36.98
CA LYS G 599 9.09 5.22 -38.13
C LYS G 599 8.54 4.64 -39.43
N HIS G 600 8.44 3.31 -39.52
CA HIS G 600 7.99 2.70 -40.75
C HIS G 600 6.47 2.80 -40.94
N LEU G 601 5.69 2.84 -39.85
CA LEU G 601 4.26 3.09 -39.98
C LEU G 601 4.01 4.49 -40.52
N THR G 602 4.76 5.48 -40.03
CA THR G 602 4.62 6.83 -40.57
C THR G 602 5.10 6.90 -42.00
N LEU G 603 6.19 6.19 -42.34
CA LEU G 603 6.68 6.20 -43.71
C LEU G 603 5.69 5.57 -44.67
N TRP G 604 5.10 4.43 -44.29
CA TRP G 604 4.17 3.74 -45.17
C TRP G 604 2.85 4.49 -45.31
N GLN G 605 2.32 5.00 -44.19
CA GLN G 605 1.08 5.77 -44.24
C GLN G 605 1.27 7.12 -44.90
N GLY G 606 2.49 7.65 -44.92
CA GLY G 606 2.77 8.92 -45.54
C GLY G 606 2.88 10.09 -44.58
N ASN G 607 2.40 9.94 -43.35
CA ASN G 607 2.43 11.02 -42.37
C ASN G 607 3.73 11.00 -41.56
N GLN G 608 4.84 11.07 -42.29
CA GLN G 608 6.15 11.14 -41.63
C GLN G 608 6.30 12.39 -40.78
N VAL G 609 5.48 13.42 -41.04
CA VAL G 609 5.47 14.60 -40.18
C VAL G 609 4.91 14.27 -38.80
N GLN G 610 4.07 13.24 -38.68
CA GLN G 610 3.56 12.85 -37.38
C GLN G 610 4.68 12.32 -36.48
N PHE G 611 5.59 11.52 -37.04
CA PHE G 611 6.72 11.03 -36.24
C PHE G 611 7.70 12.17 -35.94
N ASN G 612 8.03 12.97 -36.95
CA ASN G 612 9.06 13.98 -36.79
C ASN G 612 8.68 15.02 -35.74
N GLU G 613 7.39 15.22 -35.50
CA GLU G 613 6.92 16.19 -34.52
C GLU G 613 6.61 15.56 -33.16
N SER G 614 5.93 14.42 -33.14
CA SER G 614 5.47 13.82 -31.89
C SER G 614 6.49 12.86 -31.26
N SER G 615 7.58 12.53 -31.96
CA SER G 615 8.54 11.57 -31.42
C SER G 615 9.53 12.20 -30.46
N ASN G 616 9.48 13.51 -30.26
CA ASN G 616 10.41 14.20 -29.39
C ASN G 616 9.97 14.21 -27.93
N TYR G 617 8.75 13.79 -27.63
CA TYR G 617 8.24 13.78 -26.27
C TYR G 617 7.47 12.49 -26.01
N ILE G 618 7.46 12.06 -24.75
CA ILE G 618 6.96 10.73 -24.41
C ILE G 618 5.47 10.60 -24.72
N MET G 619 4.68 11.61 -24.36
CA MET G 619 3.25 11.56 -24.65
C MET G 619 3.00 11.43 -26.14
N GLY G 620 3.88 11.99 -26.97
CA GLY G 620 3.76 11.77 -28.40
C GLY G 620 3.81 10.29 -28.75
N TRP G 621 4.79 9.58 -28.18
CA TRP G 621 4.85 8.14 -28.38
C TRP G 621 3.58 7.47 -27.89
N LEU G 622 3.20 7.73 -26.64
CA LEU G 622 2.08 7.02 -26.02
C LEU G 622 0.79 7.25 -26.78
N ARG G 623 0.58 8.46 -27.30
CA ARG G 623 -0.68 8.80 -27.94
C ARG G 623 -0.70 8.39 -29.40
N ASP G 624 0.38 8.65 -30.14
CA ASP G 624 0.36 8.48 -31.58
C ASP G 624 0.85 7.13 -32.06
N TYR G 625 1.65 6.41 -31.27
CA TYR G 625 2.02 5.05 -31.66
C TYR G 625 1.08 4.05 -31.01
N LEU G 626 1.14 3.96 -29.68
CA LEU G 626 0.42 2.89 -28.98
C LEU G 626 -1.09 3.11 -29.03
N TRP G 627 -1.56 4.23 -28.48
CA TRP G 627 -3.00 4.48 -28.40
C TRP G 627 -3.61 4.59 -29.80
N LEU G 628 -2.88 5.20 -30.73
CA LEU G 628 -3.44 5.38 -32.07
C LEU G 628 -3.53 4.06 -32.83
N ASN G 629 -2.43 3.30 -32.89
CA ASN G 629 -2.42 2.10 -33.72
C ASN G 629 -2.99 0.88 -33.01
N SER G 630 -3.33 0.99 -31.72
CA SER G 630 -3.97 -0.13 -31.04
C SER G 630 -5.45 -0.25 -31.33
N SER G 631 -6.05 0.75 -31.99
CA SER G 631 -7.47 0.69 -32.29
C SER G 631 -7.86 -0.48 -33.19
N PRO G 632 -7.19 -0.73 -34.32
CA PRO G 632 -7.58 -1.91 -35.12
C PRO G 632 -7.41 -3.22 -34.38
N LEU G 633 -6.40 -3.33 -33.52
CA LEU G 633 -6.13 -4.58 -32.84
C LEU G 633 -7.21 -4.92 -31.82
N ILE G 634 -7.57 -3.96 -30.97
CA ILE G 634 -8.54 -4.24 -29.92
C ILE G 634 -9.92 -4.51 -30.50
N ASN G 635 -10.21 -3.95 -31.68
CA ASN G 635 -11.46 -4.26 -32.36
C ASN G 635 -11.29 -5.44 -33.31
N GLY G 636 -10.68 -6.51 -32.81
CA GLY G 636 -10.59 -7.74 -33.55
C GLY G 636 -11.83 -8.56 -33.29
N TYR G 637 -12.44 -8.29 -32.14
CA TYR G 637 -13.75 -8.82 -31.80
C TYR G 637 -14.40 -7.88 -30.81
N ASN G 638 -15.63 -7.48 -31.08
CA ASN G 638 -16.41 -6.57 -30.27
C ASN G 638 -17.77 -7.19 -30.01
N PRO G 639 -18.60 -6.58 -29.15
CA PRO G 639 -19.95 -7.13 -28.93
C PRO G 639 -20.81 -7.14 -30.19
N PHE G 640 -20.28 -6.70 -31.32
CA PHE G 640 -21.00 -6.68 -32.58
C PHE G 640 -20.50 -7.70 -33.60
N GLY G 641 -19.23 -8.09 -33.52
CA GLY G 641 -18.71 -9.05 -34.47
C GLY G 641 -17.24 -9.31 -34.23
N MET G 642 -16.56 -9.77 -35.28
CA MET G 642 -15.13 -10.07 -35.19
C MET G 642 -14.53 -10.03 -36.60
N ASN G 643 -13.20 -9.98 -36.64
CA ASN G 643 -12.44 -9.92 -37.88
C ASN G 643 -11.38 -11.01 -37.85
N SER G 644 -10.62 -11.12 -38.94
CA SER G 644 -9.48 -12.02 -38.96
C SER G 644 -8.39 -11.59 -37.99
N LEU G 645 -8.46 -10.37 -37.47
CA LEU G 645 -7.57 -9.89 -36.43
C LEU G 645 -8.00 -10.30 -35.02
N SER G 646 -9.06 -11.10 -34.91
CA SER G 646 -9.54 -11.51 -33.60
C SER G 646 -8.49 -12.32 -32.85
N VAL G 647 -7.75 -13.18 -33.56
CA VAL G 647 -6.72 -13.97 -32.91
C VAL G 647 -5.63 -13.08 -32.34
N TRP G 648 -5.36 -11.95 -33.00
CA TRP G 648 -4.32 -11.05 -32.51
C TRP G 648 -4.76 -10.31 -31.25
N ALA G 649 -6.04 -9.95 -31.16
CA ALA G 649 -6.54 -9.36 -29.91
C ALA G 649 -6.50 -10.37 -28.77
N TRP G 650 -6.87 -11.62 -29.04
CA TRP G 650 -6.77 -12.66 -28.04
C TRP G 650 -5.33 -12.86 -27.57
N MET G 651 -4.39 -12.84 -28.51
CA MET G 651 -2.98 -12.96 -28.15
C MET G 651 -2.49 -11.74 -27.38
N PHE G 652 -3.03 -10.56 -27.70
CA PHE G 652 -2.72 -9.34 -26.94
C PHE G 652 -3.10 -9.52 -25.47
N LEU G 653 -4.34 -9.93 -25.23
CA LEU G 653 -4.80 -10.14 -23.85
C LEU G 653 -4.03 -11.28 -23.18
N PHE G 654 -3.72 -12.33 -23.95
CA PHE G 654 -2.94 -13.44 -23.42
C PHE G 654 -1.56 -12.98 -22.97
N GLY G 655 -0.90 -12.15 -23.78
CA GLY G 655 0.39 -11.62 -23.39
C GLY G 655 0.32 -10.76 -22.16
N HIS G 656 -0.72 -9.93 -22.04
CA HIS G 656 -0.89 -9.15 -20.83
C HIS G 656 -1.04 -10.05 -19.61
N LEU G 657 -1.85 -11.12 -19.74
CA LEU G 657 -2.07 -12.03 -18.63
C LEU G 657 -0.79 -12.74 -18.21
N VAL G 658 0.00 -13.22 -19.19
CA VAL G 658 1.25 -13.90 -18.85
C VAL G 658 2.24 -12.93 -18.23
N TRP G 659 2.26 -11.69 -18.72
CA TRP G 659 3.10 -10.65 -18.13
C TRP G 659 2.77 -10.44 -16.65
N ALA G 660 1.47 -10.35 -16.33
CA ALA G 660 1.09 -10.11 -14.94
C ALA G 660 1.30 -11.34 -14.07
N THR G 661 1.17 -12.55 -14.63
CA THR G 661 1.54 -13.74 -13.87
C THR G 661 3.03 -13.75 -13.56
N GLY G 662 3.84 -13.30 -14.52
CA GLY G 662 5.24 -13.07 -14.20
C GLY G 662 5.41 -12.09 -13.07
N PHE G 663 4.62 -11.03 -13.07
CA PHE G 663 4.64 -10.09 -11.95
C PHE G 663 4.36 -10.81 -10.63
N MET G 664 3.34 -11.68 -10.60
CA MET G 664 3.13 -12.57 -9.46
C MET G 664 4.44 -13.23 -9.02
N PHE G 665 5.07 -13.95 -9.94
CA PHE G 665 6.21 -14.78 -9.57
C PHE G 665 7.43 -13.96 -9.18
N LEU G 666 7.48 -12.70 -9.59
CA LEU G 666 8.62 -11.85 -9.31
C LEU G 666 8.44 -11.06 -8.01
N ILE G 667 7.25 -10.52 -7.76
CA ILE G 667 7.04 -9.69 -6.58
C ILE G 667 6.93 -10.55 -5.33
N SER G 668 5.99 -11.51 -5.35
CA SER G 668 5.82 -12.43 -4.23
C SER G 668 6.90 -13.50 -4.27
N TRP G 669 7.63 -13.65 -3.16
CA TRP G 669 8.72 -14.59 -3.07
C TRP G 669 8.27 -15.82 -2.28
N ARG G 670 9.20 -16.72 -1.99
CA ARG G 670 8.90 -17.98 -1.35
C ARG G 670 8.56 -17.73 0.12
N GLY G 671 8.34 -18.76 0.83
CA GLY G 671 8.11 -18.53 2.22
C GLY G 671 6.73 -18.13 2.48
N TYR G 672 6.15 -17.45 1.52
CA TYR G 672 4.78 -17.08 1.68
C TYR G 672 3.97 -18.14 0.98
N TRP G 673 4.64 -18.92 0.14
CA TRP G 673 3.96 -19.89 -0.61
C TRP G 673 4.21 -21.23 -0.05
N GLN G 674 5.18 -21.37 0.81
CA GLN G 674 5.41 -22.65 1.48
C GLN G 674 4.39 -22.88 2.59
N GLU G 675 4.08 -21.84 3.37
CA GLU G 675 3.08 -21.99 4.43
C GLU G 675 1.69 -22.24 3.87
N LEU G 676 1.35 -21.55 2.78
CA LEU G 676 0.07 -21.81 2.13
C LEU G 676 -0.01 -23.24 1.62
N ILE G 677 1.09 -23.73 1.04
CA ILE G 677 1.13 -25.12 0.57
C ILE G 677 1.00 -26.08 1.73
N GLU G 678 1.58 -25.75 2.88
CA GLU G 678 1.41 -26.57 4.07
C GLU G 678 -0.04 -26.62 4.51
N THR G 679 -0.73 -25.48 4.47
CA THR G 679 -2.16 -25.47 4.79
C THR G 679 -2.94 -26.36 3.83
N ILE G 680 -2.63 -26.26 2.53
CA ILE G 680 -3.31 -27.11 1.54
C ILE G 680 -3.02 -28.58 1.82
N VAL G 681 -1.78 -28.90 2.20
CA VAL G 681 -1.41 -30.28 2.50
C VAL G 681 -2.21 -30.79 3.68
N TRP G 682 -2.34 -29.98 4.73
CA TRP G 682 -3.17 -30.38 5.87
C TRP G 682 -4.61 -30.60 5.44
N ALA G 683 -5.15 -29.70 4.61
CA ALA G 683 -6.52 -29.84 4.17
C ALA G 683 -6.73 -31.13 3.40
N HIS G 684 -5.80 -31.48 2.51
CA HIS G 684 -5.93 -32.73 1.76
C HIS G 684 -5.79 -33.93 2.68
N GLU G 685 -4.86 -33.88 3.63
CA GLU G 685 -4.64 -35.01 4.52
C GLU G 685 -5.79 -35.24 5.50
N ARG G 686 -6.56 -34.20 5.82
CA ARG G 686 -7.59 -34.31 6.85
C ARG G 686 -9.00 -34.30 6.28
N THR G 687 -9.18 -34.64 5.00
CA THR G 687 -10.51 -34.65 4.41
C THR G 687 -10.87 -36.05 3.94
N PRO G 688 -12.07 -36.54 4.24
CA PRO G 688 -12.47 -37.86 3.76
C PRO G 688 -12.72 -37.85 2.26
N LEU G 689 -12.71 -39.06 1.69
CA LEU G 689 -12.97 -39.32 0.27
C LEU G 689 -11.84 -38.82 -0.61
N ALA G 690 -10.87 -38.12 -0.01
CA ALA G 690 -9.66 -37.70 -0.68
C ALA G 690 -8.40 -38.18 0.02
N ASN G 691 -8.53 -38.70 1.24
CA ASN G 691 -7.42 -39.37 1.90
C ASN G 691 -6.98 -40.61 1.15
N LEU G 692 -7.88 -41.22 0.38
CA LEU G 692 -7.53 -42.39 -0.42
C LEU G 692 -6.46 -42.09 -1.45
N VAL G 693 -6.31 -40.83 -1.85
CA VAL G 693 -5.34 -40.41 -2.84
C VAL G 693 -4.28 -39.57 -2.13
N ARG G 694 -3.02 -39.98 -2.26
CA ARG G 694 -1.91 -39.27 -1.64
C ARG G 694 -0.79 -39.11 -2.64
N TRP G 695 -0.06 -37.99 -2.51
CA TRP G 695 1.04 -37.70 -3.42
C TRP G 695 2.23 -38.61 -3.13
N LYS G 696 3.04 -38.83 -4.16
CA LYS G 696 4.31 -39.53 -4.00
C LYS G 696 5.45 -38.57 -3.71
N ASP G 697 5.42 -37.39 -4.34
CA ASP G 697 6.38 -36.34 -4.07
C ASP G 697 5.72 -35.29 -3.19
N LYS G 698 6.39 -34.92 -2.10
CA LYS G 698 5.83 -33.94 -1.18
C LYS G 698 5.70 -32.60 -1.88
N PRO G 699 4.51 -32.01 -1.97
CA PRO G 699 4.36 -30.72 -2.65
C PRO G 699 5.02 -29.61 -1.84
N VAL G 700 5.96 -28.91 -2.48
CA VAL G 700 6.65 -27.80 -1.86
C VAL G 700 6.63 -26.61 -2.82
N ALA G 701 6.87 -25.42 -2.26
CA ALA G 701 6.92 -24.22 -3.07
C ALA G 701 8.15 -24.23 -3.97
N LEU G 702 8.03 -23.52 -5.10
CA LEU G 702 9.16 -23.43 -6.03
C LEU G 702 10.35 -22.75 -5.36
N SER G 703 11.54 -23.22 -5.70
CA SER G 703 12.74 -22.64 -5.11
C SER G 703 12.92 -21.19 -5.57
N ILE G 704 13.80 -20.48 -4.87
CA ILE G 704 13.99 -19.05 -5.14
C ILE G 704 14.48 -18.84 -6.56
N VAL G 705 15.50 -19.58 -6.97
CA VAL G 705 16.02 -19.48 -8.33
C VAL G 705 14.97 -19.93 -9.34
N GLN G 706 14.27 -21.03 -9.04
CA GLN G 706 13.21 -21.49 -9.94
C GLN G 706 12.10 -20.46 -10.06
N ALA G 707 11.75 -19.82 -8.94
CA ALA G 707 10.71 -18.80 -8.99
C ALA G 707 11.15 -17.60 -9.83
N ARG G 708 12.42 -17.20 -9.69
CA ARG G 708 12.94 -16.13 -10.53
C ARG G 708 12.89 -16.51 -12.00
N LEU G 709 13.27 -17.76 -12.32
CA LEU G 709 13.21 -18.21 -13.71
C LEU G 709 11.80 -18.23 -14.24
N VAL G 710 10.85 -18.70 -13.44
CA VAL G 710 9.46 -18.80 -13.89
C VAL G 710 8.86 -17.42 -14.11
N GLY G 711 9.13 -16.49 -13.18
CA GLY G 711 8.67 -15.13 -13.36
C GLY G 711 9.29 -14.47 -14.59
N LEU G 712 10.59 -14.70 -14.81
CA LEU G 712 11.24 -14.17 -16.00
C LEU G 712 10.65 -14.78 -17.28
N ALA G 713 10.35 -16.07 -17.26
CA ALA G 713 9.77 -16.72 -18.42
C ALA G 713 8.39 -16.17 -18.73
N HIS G 714 7.57 -15.98 -17.70
CA HIS G 714 6.25 -15.39 -17.92
C HIS G 714 6.38 -13.97 -18.44
N PHE G 715 7.26 -13.17 -17.82
CA PHE G 715 7.48 -11.80 -18.26
C PHE G 715 7.87 -11.76 -19.73
N THR G 716 8.85 -12.58 -20.12
CA THR G 716 9.36 -12.56 -21.48
C THR G 716 8.33 -13.08 -22.48
N ILE G 717 7.64 -14.17 -22.16
CA ILE G 717 6.65 -14.73 -23.09
C ILE G 717 5.51 -13.75 -23.28
N GLY G 718 5.00 -13.17 -22.18
CA GLY G 718 3.96 -12.16 -22.31
C GLY G 718 4.41 -10.96 -23.11
N TYR G 719 5.63 -10.47 -22.83
CA TYR G 719 6.21 -9.35 -23.58
C TYR G 719 6.21 -9.64 -25.08
N VAL G 720 6.78 -10.78 -25.45
CA VAL G 720 6.94 -11.12 -26.87
C VAL G 720 5.57 -11.29 -27.52
N LEU G 721 4.66 -12.01 -26.86
CA LEU G 721 3.36 -12.27 -27.45
C LEU G 721 2.56 -10.98 -27.64
N THR G 722 2.51 -10.14 -26.61
CA THR G 722 1.73 -8.91 -26.73
C THR G 722 2.32 -7.99 -27.78
N TYR G 723 3.65 -7.89 -27.87
CA TYR G 723 4.20 -6.98 -28.88
C TYR G 723 4.04 -7.55 -30.28
N ALA G 724 4.19 -8.87 -30.45
CA ALA G 724 3.98 -9.44 -31.77
C ALA G 724 2.54 -9.22 -32.22
N ALA G 725 1.59 -9.47 -31.34
CA ALA G 725 0.19 -9.23 -31.67
C ALA G 725 -0.03 -7.77 -32.04
N PHE G 726 0.51 -6.85 -31.24
CA PHE G 726 0.29 -5.43 -31.51
C PHE G 726 0.88 -5.03 -32.86
N VAL G 727 2.15 -5.36 -33.10
CA VAL G 727 2.80 -4.89 -34.32
C VAL G 727 2.09 -5.46 -35.55
N ILE G 728 1.81 -6.76 -35.54
CA ILE G 728 1.20 -7.39 -36.69
C ILE G 728 -0.20 -6.83 -36.93
N ALA G 729 -1.03 -6.81 -35.89
CA ALA G 729 -2.41 -6.36 -36.05
C ALA G 729 -2.47 -4.89 -36.42
N SER G 730 -1.62 -4.06 -35.83
CA SER G 730 -1.63 -2.64 -36.15
C SER G 730 -1.22 -2.41 -37.60
N THR G 731 -0.16 -3.07 -38.06
CA THR G 731 0.24 -2.91 -39.46
C THR G 731 -0.87 -3.37 -40.40
N ILE G 732 -1.47 -4.53 -40.12
CA ILE G 732 -2.49 -5.07 -41.01
C ILE G 732 -3.72 -4.17 -41.03
N GLY G 733 -4.19 -3.74 -39.85
CA GLY G 733 -5.41 -2.96 -39.78
C GLY G 733 -5.26 -1.50 -40.17
N LYS G 734 -4.03 -0.98 -40.15
CA LYS G 734 -3.82 0.41 -40.57
C LYS G 734 -3.50 0.50 -42.05
N LEU G 735 -2.58 -0.33 -42.53
CA LEU G 735 -2.20 -0.32 -43.94
C LEU G 735 -2.97 -1.37 -44.74
N GLY G 736 -4.29 -1.34 -44.65
CA GLY G 736 -5.14 -2.26 -45.38
C GLY G 736 -4.92 -3.72 -45.03
N LYS H 4 -9.06 -37.92 29.57
CA LYS H 4 -9.00 -36.73 28.73
C LYS H 4 -7.90 -36.85 27.68
N LEU H 5 -6.72 -37.27 28.10
CA LEU H 5 -5.56 -37.41 27.23
C LEU H 5 -5.02 -38.82 27.32
N LYS H 6 -4.27 -39.21 26.29
CA LYS H 6 -3.78 -40.59 26.20
C LYS H 6 -2.82 -40.92 27.34
N GLN H 7 -1.93 -39.99 27.69
CA GLN H 7 -0.96 -40.21 28.74
C GLN H 7 -1.06 -39.10 29.78
N SER H 8 -0.76 -39.45 31.03
CA SER H 8 -0.87 -38.49 32.12
C SER H 8 0.23 -37.44 32.10
N ASP H 9 1.34 -37.72 31.43
CA ASP H 9 2.47 -36.80 31.37
C ASP H 9 2.38 -35.79 30.23
N PHE H 10 1.37 -35.91 29.37
CA PHE H 10 1.20 -34.94 28.30
C PHE H 10 0.89 -33.57 28.90
N PRO H 11 1.40 -32.49 28.31
CA PRO H 11 0.99 -31.16 28.76
C PRO H 11 -0.49 -30.95 28.51
N LYS H 12 -1.10 -30.13 29.37
CA LYS H 12 -2.54 -29.92 29.26
C LYS H 12 -2.87 -29.08 28.04
N PHE H 13 -2.72 -29.67 26.86
CA PHE H 13 -2.96 -29.01 25.59
C PHE H 13 -4.28 -29.50 25.02
N GLU H 14 -5.06 -28.57 24.45
CA GLU H 14 -6.37 -28.89 23.90
C GLU H 14 -6.31 -29.40 22.47
N GLY H 15 -5.12 -29.56 21.91
CA GLY H 15 -4.99 -30.06 20.56
C GLY H 15 -5.14 -28.97 19.52
N SER H 16 -4.25 -28.96 18.53
CA SER H 16 -4.25 -27.94 17.49
C SER H 16 -4.12 -28.62 16.14
N THR H 17 -4.72 -28.00 15.11
CA THR H 17 -4.54 -28.50 13.75
C THR H 17 -3.24 -27.96 13.19
N GLY H 18 -2.16 -28.13 13.94
CA GLY H 18 -0.84 -27.73 13.51
C GLY H 18 0.18 -28.74 13.98
N GLY H 19 -0.31 -29.83 14.55
CA GLY H 19 0.55 -30.91 15.01
C GLY H 19 1.09 -31.72 13.86
N TRP H 20 1.53 -32.94 14.17
CA TRP H 20 2.14 -33.76 13.15
C TRP H 20 1.07 -34.33 12.21
N LEU H 21 1.55 -34.84 11.07
CA LEU H 21 0.69 -35.35 10.01
C LEU H 21 1.08 -36.78 9.69
N SER H 22 0.60 -37.31 8.56
CA SER H 22 0.91 -38.69 8.19
C SER H 22 2.41 -38.94 8.08
N ALA H 23 3.22 -37.90 7.90
CA ALA H 23 4.66 -38.09 7.84
C ALA H 23 5.21 -38.62 9.15
N ALA H 24 4.76 -38.08 10.28
CA ALA H 24 5.23 -38.58 11.57
C ALA H 24 4.38 -39.77 12.04
N LYS H 25 4.16 -40.68 11.09
CA LYS H 25 3.65 -42.02 11.37
C LYS H 25 4.32 -43.08 10.51
N ASN H 26 5.04 -42.70 9.46
CA ASN H 26 5.71 -43.63 8.58
C ASN H 26 7.14 -43.23 8.24
N GLU H 27 7.57 -42.02 8.60
CA GLU H 27 8.95 -41.59 8.35
C GLU H 27 9.72 -41.36 9.64
N GLU H 28 9.27 -40.44 10.49
CA GLU H 28 9.92 -40.18 11.78
C GLU H 28 9.11 -39.18 12.59
N LYS H 29 9.18 -39.31 13.92
CA LYS H 29 8.56 -38.36 14.83
C LYS H 29 9.55 -38.03 15.93
N TYR H 30 9.40 -36.85 16.52
CA TYR H 30 10.32 -36.35 17.53
C TYR H 30 9.56 -36.13 18.84
N VAL H 31 10.16 -36.58 19.94
CA VAL H 31 9.56 -36.44 21.26
C VAL H 31 10.53 -35.67 22.15
N ILE H 32 10.01 -34.68 22.87
CA ILE H 32 10.78 -33.91 23.84
C ILE H 32 10.22 -34.18 25.22
N ILE H 33 11.10 -34.51 26.16
CA ILE H 33 10.71 -34.79 27.53
C ILE H 33 11.41 -33.78 28.45
N TRP H 34 10.72 -33.41 29.52
CA TRP H 34 11.31 -32.52 30.51
C TRP H 34 10.50 -32.62 31.79
N THR H 35 11.13 -32.22 32.90
CA THR H 35 10.48 -32.18 34.21
C THR H 35 10.40 -30.73 34.66
N SER H 36 9.22 -30.31 35.08
CA SER H 36 8.97 -28.94 35.50
C SER H 36 8.52 -28.92 36.96
N LYS H 37 8.98 -27.91 37.69
CA LYS H 37 8.55 -27.75 39.08
C LYS H 37 7.15 -27.18 39.19
N ASP H 38 6.72 -26.39 38.21
CA ASP H 38 5.44 -25.72 38.25
C ASP H 38 4.66 -26.01 36.98
N ALA H 39 3.33 -25.94 37.09
CA ALA H 39 2.44 -26.13 35.94
C ALA H 39 2.34 -24.83 35.14
N SER H 40 3.49 -24.39 34.63
CA SER H 40 3.57 -23.14 33.91
C SER H 40 2.82 -23.23 32.57
N LEU H 41 2.30 -22.08 32.14
CA LEU H 41 1.59 -21.98 30.87
C LEU H 41 2.57 -21.53 29.80
N PHE H 42 2.75 -22.35 28.77
CA PHE H 42 3.71 -22.09 27.71
C PHE H 42 3.03 -22.17 26.36
N GLU H 43 3.69 -21.62 25.35
CA GLU H 43 3.15 -21.58 23.99
C GLU H 43 3.71 -22.73 23.19
N MET H 44 2.82 -23.48 22.54
CA MET H 44 3.26 -24.60 21.72
C MET H 44 3.97 -24.09 20.48
N PRO H 45 5.00 -24.80 20.00
CA PRO H 45 5.63 -24.43 18.72
C PRO H 45 4.68 -24.56 17.55
N THR H 46 3.62 -25.38 17.68
CA THR H 46 2.69 -25.61 16.59
C THR H 46 1.48 -24.68 16.66
N GLY H 47 0.74 -24.72 17.77
CA GLY H 47 -0.48 -23.96 17.88
C GLY H 47 -0.46 -22.88 18.93
N GLY H 48 -1.21 -23.07 20.02
CA GLY H 48 -1.36 -22.05 21.02
C GLY H 48 -0.79 -22.38 22.38
N THR H 49 -1.53 -22.05 23.43
CA THR H 49 -1.04 -22.17 24.79
C THR H 49 -1.36 -23.54 25.37
N ALA H 50 -0.36 -24.15 26.01
CA ALA H 50 -0.53 -25.40 26.74
C ALA H 50 -0.03 -25.20 28.17
N LYS H 51 -0.45 -26.12 29.05
CA LYS H 51 -0.09 -26.05 30.46
C LYS H 51 0.83 -27.21 30.80
N MET H 52 1.97 -26.90 31.41
CA MET H 52 2.90 -27.92 31.84
C MET H 52 2.31 -28.74 32.99
N ASN H 53 2.92 -29.90 33.23
CA ASN H 53 2.62 -30.70 34.40
C ASN H 53 3.68 -30.45 35.46
N ALA H 54 3.26 -30.41 36.72
CA ALA H 54 4.21 -30.26 37.82
C ALA H 54 4.95 -31.57 38.02
N GLY H 55 5.80 -31.92 37.05
CA GLY H 55 6.49 -33.20 37.05
C GLY H 55 6.93 -33.58 35.66
N ASN H 56 6.75 -34.84 35.29
CA ASN H 56 7.19 -35.31 33.97
C ASN H 56 6.29 -34.74 32.89
N ASN H 57 6.91 -34.21 31.83
CA ASN H 57 6.20 -33.69 30.68
C ASN H 57 6.77 -34.31 29.42
N VAL H 58 5.89 -34.75 28.52
CA VAL H 58 6.30 -35.40 27.27
C VAL H 58 5.46 -34.82 26.14
N ALA H 59 6.13 -34.37 25.08
CA ALA H 59 5.48 -33.78 23.92
C ALA H 59 6.04 -34.39 22.64
N TYR H 60 5.18 -34.60 21.65
CA TYR H 60 5.57 -35.17 20.37
C TYR H 60 5.41 -34.12 19.27
N PHE H 61 6.38 -34.08 18.36
CA PHE H 61 6.37 -33.13 17.26
C PHE H 61 6.83 -33.82 15.99
N ALA H 62 6.63 -33.12 14.85
CA ALA H 62 6.97 -33.67 13.56
C ALA H 62 8.37 -33.29 13.09
N ARG H 63 9.00 -32.29 13.72
CA ARG H 63 10.30 -31.82 13.30
C ARG H 63 11.22 -31.67 14.50
N LYS H 64 12.52 -31.84 14.26
CA LYS H 64 13.51 -31.56 15.30
C LYS H 64 13.53 -30.08 15.65
N GLU H 65 13.29 -29.21 14.67
CA GLU H 65 13.29 -27.78 14.92
C GLU H 65 12.16 -27.38 15.85
N GLN H 66 11.00 -28.02 15.74
CA GLN H 66 9.89 -27.70 16.64
C GLN H 66 10.24 -28.06 18.08
N CYS H 67 10.82 -29.25 18.28
CA CYS H 67 11.22 -29.67 19.62
C CYS H 67 12.29 -28.73 20.18
N LEU H 68 13.24 -28.32 19.34
CA LEU H 68 14.29 -27.43 19.81
C LEU H 68 13.78 -26.03 20.10
N ALA H 69 12.79 -25.55 19.34
CA ALA H 69 12.16 -24.28 19.67
C ALA H 69 11.42 -24.36 21.00
N LEU H 70 10.72 -25.47 21.24
CA LEU H 70 10.08 -25.66 22.53
C LEU H 70 11.12 -25.68 23.65
N GLY H 71 12.24 -26.37 23.43
CA GLY H 71 13.28 -26.41 24.44
C GLY H 71 13.89 -25.05 24.72
N SER H 72 14.11 -24.26 23.67
CA SER H 72 14.60 -22.90 23.84
C SER H 72 13.62 -22.06 24.63
N GLN H 73 12.32 -22.26 24.40
CA GLN H 73 11.32 -21.60 25.22
C GLN H 73 11.39 -22.05 26.67
N LEU H 74 11.67 -23.35 26.89
CA LEU H 74 11.74 -23.89 28.24
C LEU H 74 12.86 -23.25 29.04
N ARG H 75 13.95 -22.84 28.38
CA ARG H 75 15.05 -22.21 29.09
C ARG H 75 14.62 -20.92 29.76
N GLY H 76 13.61 -20.24 29.21
CA GLY H 76 13.06 -19.06 29.87
C GLY H 76 12.32 -19.37 31.15
N PHE H 77 11.89 -20.62 31.34
CA PHE H 77 11.27 -21.07 32.56
C PHE H 77 12.28 -21.68 33.52
N LYS H 78 13.57 -21.46 33.29
CA LYS H 78 14.64 -22.06 34.09
C LYS H 78 14.60 -23.58 34.02
N ILE H 79 14.12 -24.13 32.89
CA ILE H 79 14.08 -25.56 32.66
C ILE H 79 15.24 -25.91 31.74
N THR H 80 16.05 -26.89 32.15
CA THR H 80 17.30 -27.17 31.46
C THR H 80 17.42 -28.65 31.12
N ASN H 81 16.73 -29.50 31.87
CA ASN H 81 16.84 -30.95 31.72
C ASN H 81 16.03 -31.50 30.55
N TYR H 82 15.56 -30.65 29.65
CA TYR H 82 14.77 -31.15 28.52
C TYR H 82 15.66 -31.94 27.56
N LYS H 83 15.12 -33.04 27.05
CA LYS H 83 15.85 -33.92 26.15
C LYS H 83 14.96 -34.30 24.98
N ILE H 84 15.55 -34.31 23.78
CA ILE H 84 14.81 -34.53 22.54
C ILE H 84 15.26 -35.85 21.92
N PHE H 85 14.31 -36.65 21.48
CA PHE H 85 14.57 -37.94 20.87
C PHE H 85 13.94 -38.01 19.50
N ARG H 86 14.51 -38.86 18.64
CA ARG H 86 13.95 -39.15 17.32
C ARG H 86 13.39 -40.56 17.33
N ILE H 87 12.14 -40.70 16.90
CA ILE H 87 11.47 -42.00 16.84
C ILE H 87 11.17 -42.31 15.38
N TYR H 88 11.70 -43.43 14.90
CA TYR H 88 11.46 -43.90 13.54
C TYR H 88 10.05 -44.53 13.50
N PRO H 89 9.61 -45.05 12.36
CA PRO H 89 8.22 -45.57 12.27
C PRO H 89 7.91 -46.57 13.37
N PRO H 90 8.82 -47.52 13.70
CA PRO H 90 8.61 -48.29 14.94
C PRO H 90 9.29 -47.62 16.12
N LEU H 91 9.22 -48.23 17.31
CA LEU H 91 9.81 -47.62 18.50
C LEU H 91 11.33 -47.74 18.40
N ASP H 92 11.91 -46.87 17.58
CA ASP H 92 13.36 -46.74 17.41
C ASP H 92 13.76 -45.38 17.98
N ILE H 93 14.04 -45.35 19.28
CA ILE H 93 14.31 -44.11 20.00
C ILE H 93 15.79 -43.80 19.91
N THR H 94 16.13 -42.56 19.57
CA THR H 94 17.51 -42.10 19.50
C THR H 94 17.60 -40.74 20.16
N LEU H 95 18.42 -40.64 21.21
CA LEU H 95 18.64 -39.36 21.86
C LEU H 95 19.37 -38.41 20.92
N LEU H 96 18.86 -37.18 20.78
CA LEU H 96 19.40 -36.24 19.80
C LEU H 96 20.05 -35.03 20.43
N HIS H 97 19.32 -34.24 21.22
CA HIS H 97 19.83 -32.90 21.52
C HIS H 97 20.92 -32.92 22.58
N PRO H 98 20.67 -33.42 23.82
CA PRO H 98 21.82 -33.53 24.72
C PRO H 98 22.63 -34.78 24.40
N PHE H 99 23.36 -34.72 23.29
CA PHE H 99 23.95 -35.93 22.71
C PHE H 99 24.93 -36.59 23.67
N ASP H 100 25.78 -35.80 24.30
CA ASP H 100 26.71 -36.31 25.31
C ASP H 100 26.33 -35.86 26.72
N GLY H 101 25.09 -35.45 26.93
CA GLY H 101 24.64 -34.95 28.21
C GLY H 101 24.99 -33.52 28.49
N VAL H 102 25.80 -32.89 27.64
CA VAL H 102 26.18 -31.49 27.76
C VAL H 102 25.65 -30.76 26.53
N PHE H 103 25.09 -29.57 26.75
CA PHE H 103 24.56 -28.80 25.64
C PHE H 103 25.68 -28.45 24.67
N PRO H 104 25.35 -28.37 23.37
CA PRO H 104 26.41 -28.15 22.36
C PRO H 104 27.16 -26.84 22.53
N GLU H 105 26.59 -25.86 23.23
CA GLU H 105 27.26 -24.59 23.42
C GLU H 105 28.40 -24.66 24.43
N LYS H 106 28.41 -25.68 25.29
CA LYS H 106 29.45 -25.86 26.29
C LYS H 106 30.41 -26.94 25.82
N VAL H 107 31.71 -26.65 25.91
CA VAL H 107 32.71 -27.60 25.45
C VAL H 107 32.76 -28.81 26.38
N ASN H 108 32.73 -30.00 25.78
CA ASN H 108 32.83 -31.25 26.52
C ASN H 108 33.96 -32.08 25.93
N GLN H 109 34.76 -32.68 26.80
CA GLN H 109 35.80 -33.59 26.33
C GLN H 109 35.17 -34.82 25.70
N GLY H 110 35.87 -35.39 24.74
CA GLY H 110 35.35 -36.52 23.98
C GLY H 110 34.67 -36.17 22.68
N ARG H 111 34.70 -34.90 22.28
CA ARG H 111 34.13 -34.46 21.00
C ARG H 111 35.27 -34.22 20.02
N SER H 112 35.11 -34.75 18.81
CA SER H 112 36.11 -34.53 17.78
C SER H 112 35.59 -33.52 16.75
N PRO H 113 36.46 -32.68 16.20
CA PRO H 113 36.00 -31.69 15.21
C PRO H 113 35.55 -32.36 13.92
N VAL H 114 34.36 -32.00 13.47
CA VAL H 114 33.79 -32.52 12.24
C VAL H 114 33.58 -31.36 11.27
N GLY H 115 34.11 -31.49 10.06
CA GLY H 115 33.99 -30.44 9.08
C GLY H 115 34.92 -29.27 9.30
N LYS H 116 36.10 -29.50 9.88
CA LYS H 116 37.06 -28.44 10.14
C LYS H 116 38.11 -28.42 9.04
N ARG H 117 38.35 -27.24 8.48
CA ARG H 117 39.39 -27.03 7.49
C ARG H 117 40.50 -26.21 8.12
N ASP H 118 41.75 -26.65 7.92
CA ASP H 118 42.90 -25.98 8.53
C ASP H 118 43.41 -24.84 7.66
N ALA H 119 42.50 -23.94 7.29
CA ALA H 119 42.81 -22.75 6.51
C ALA H 119 41.59 -21.85 6.53
N SER H 120 41.78 -20.62 6.10
CA SER H 120 40.68 -19.66 6.03
C SER H 120 39.90 -19.88 4.74
N ILE H 121 38.96 -18.97 4.46
CA ILE H 121 38.15 -19.10 3.25
C ILE H 121 39.03 -18.96 2.00
N GLY H 122 40.03 -18.07 2.06
CA GLY H 122 40.85 -17.79 0.90
C GLY H 122 41.67 -18.96 0.41
N GLY H 123 41.83 -20.00 1.23
CA GLY H 123 42.56 -21.18 0.84
C GLY H 123 41.77 -22.22 0.08
N ASN H 124 40.51 -21.94 -0.24
CA ASN H 124 39.70 -22.92 -0.95
C ASN H 124 40.21 -23.11 -2.37
N PRO H 125 40.15 -24.32 -2.91
CA PRO H 125 40.65 -24.56 -4.27
C PRO H 125 39.78 -23.91 -5.32
N ASN H 126 40.40 -23.58 -6.46
CA ASN H 126 39.68 -22.97 -7.56
C ASN H 126 38.71 -23.98 -8.19
N PRO H 127 37.48 -23.57 -8.49
CA PRO H 127 36.50 -24.53 -9.03
C PRO H 127 36.93 -25.16 -10.34
N ALA H 128 37.69 -24.46 -11.17
CA ALA H 128 38.11 -25.02 -12.45
C ALA H 128 39.00 -26.25 -12.27
N SER H 129 39.68 -26.34 -11.13
CA SER H 129 40.49 -27.52 -10.81
C SER H 129 39.66 -28.62 -10.17
N LEU H 130 38.37 -28.41 -9.96
CA LEU H 130 37.45 -29.38 -9.39
C LEU H 130 36.37 -29.77 -10.41
N LYS H 131 36.78 -29.98 -11.64
CA LYS H 131 35.87 -30.30 -12.74
C LYS H 131 35.98 -31.77 -13.09
N PHE H 132 34.84 -32.45 -13.15
CA PHE H 132 34.74 -33.88 -13.49
C PHE H 132 35.42 -34.75 -12.43
N GLN H 133 34.96 -34.60 -11.18
CA GLN H 133 35.34 -35.53 -10.12
C GLN H 133 34.11 -35.90 -9.29
N ILE I 2 55.47 -5.73 14.98
CA ILE I 2 54.22 -5.04 15.26
C ILE I 2 53.90 -5.16 16.74
N GLN I 3 53.13 -4.19 17.25
CA GLN I 3 52.78 -4.16 18.66
C GLN I 3 51.47 -3.39 18.81
N LYS I 4 51.05 -3.20 20.06
CA LYS I 4 49.84 -2.45 20.33
C LYS I 4 49.97 -1.01 19.85
N GLY I 5 48.96 -0.54 19.12
CA GLY I 5 48.96 0.79 18.57
C GLY I 5 49.63 0.93 17.22
N SER I 6 50.28 -0.11 16.72
CA SER I 6 50.92 -0.05 15.42
C SER I 6 49.88 -0.02 14.31
N THR I 7 50.28 0.56 13.18
CA THR I 7 49.41 0.64 12.00
C THR I 7 49.87 -0.40 10.98
N VAL I 8 48.94 -1.24 10.53
CA VAL I 8 49.25 -2.34 9.62
C VAL I 8 48.30 -2.30 8.44
N ARG I 9 48.76 -2.88 7.33
CA ARG I 9 47.93 -3.07 6.14
C ARG I 9 47.50 -4.52 6.06
N ILE I 10 46.20 -4.73 5.80
CA ILE I 10 45.65 -6.08 5.75
C ILE I 10 46.00 -6.71 4.42
N LEU I 11 46.61 -7.90 4.46
CA LEU I 11 46.97 -8.64 3.27
C LEU I 11 46.04 -9.82 3.01
N ARG I 12 45.05 -10.05 3.86
CA ARG I 12 44.08 -11.12 3.63
C ARG I 12 43.11 -10.69 2.55
N LYS I 13 42.99 -11.51 1.50
CA LYS I 13 42.19 -11.13 0.35
C LYS I 13 40.69 -11.17 0.66
N GLU I 14 40.25 -12.16 1.44
CA GLU I 14 38.84 -12.30 1.77
C GLU I 14 38.47 -11.43 2.97
N SER I 15 38.88 -10.17 2.94
CA SER I 15 38.71 -9.27 4.06
C SER I 15 38.01 -8.00 3.61
N TYR I 16 37.08 -7.52 4.44
CA TYR I 16 36.46 -6.22 4.18
C TYR I 16 37.44 -5.07 4.31
N TRP I 17 38.61 -5.32 4.90
CA TRP I 17 39.63 -4.28 5.05
C TRP I 17 40.90 -4.61 4.28
N TYR I 18 40.80 -5.44 3.25
CA TYR I 18 41.96 -5.74 2.42
C TYR I 18 42.50 -4.47 1.78
N ASN I 19 43.83 -4.35 1.74
CA ASN I 19 44.57 -3.19 1.25
C ASN I 19 44.36 -1.96 2.11
N GLU I 20 43.58 -2.04 3.18
CA GLU I 20 43.34 -0.91 4.06
C GLU I 20 44.24 -0.98 5.29
N SER I 21 44.29 0.13 6.03
CA SER I 21 45.13 0.25 7.21
C SER I 21 44.28 0.21 8.47
N GLY I 22 44.76 -0.53 9.47
CA GLY I 22 44.08 -0.62 10.74
C GLY I 22 45.08 -0.44 11.88
N THR I 23 44.54 -0.38 13.09
CA THR I 23 45.34 -0.20 14.30
C THR I 23 45.36 -1.50 15.09
N VAL I 24 46.55 -1.96 15.43
CA VAL I 24 46.71 -3.21 16.16
C VAL I 24 46.30 -2.99 17.61
N VAL I 25 45.35 -3.80 18.09
CA VAL I 25 44.90 -3.68 19.47
C VAL I 25 45.80 -4.47 20.40
N VAL I 26 46.13 -5.70 20.03
CA VAL I 26 47.00 -6.54 20.84
C VAL I 26 47.51 -7.68 19.96
N VAL I 27 48.78 -8.03 20.12
CA VAL I 27 49.40 -9.17 19.46
C VAL I 27 49.58 -10.25 20.52
N ASP I 28 48.84 -11.34 20.39
CA ASP I 28 48.93 -12.42 21.37
C ASP I 28 50.28 -13.12 21.27
N GLN I 29 50.86 -13.43 22.42
CA GLN I 29 52.14 -14.11 22.50
C GLN I 29 52.01 -15.63 22.64
N SER I 30 50.79 -16.15 22.66
CA SER I 30 50.58 -17.58 22.79
C SER I 30 50.72 -18.24 21.42
N LYS I 31 50.34 -19.51 21.33
CA LYS I 31 50.48 -20.29 20.10
C LYS I 31 49.21 -20.29 19.26
N VAL I 32 48.44 -19.20 19.31
CA VAL I 32 47.23 -19.12 18.52
C VAL I 32 47.58 -18.88 17.05
N ARG I 33 46.64 -19.23 16.17
CA ARG I 33 46.89 -19.16 14.73
C ARG I 33 46.82 -17.72 14.21
N TYR I 34 45.93 -16.91 14.77
CA TYR I 34 45.73 -15.53 14.32
C TYR I 34 45.83 -14.62 15.53
N PRO I 35 47.06 -14.25 15.93
CA PRO I 35 47.23 -13.50 17.18
C PRO I 35 46.96 -12.01 17.05
N VAL I 36 47.22 -11.43 15.87
CA VAL I 36 47.13 -9.99 15.72
C VAL I 36 45.67 -9.57 15.69
N LEU I 37 45.29 -8.68 16.60
CA LEU I 37 43.95 -8.11 16.66
C LEU I 37 44.01 -6.67 16.17
N VAL I 38 43.26 -6.36 15.11
CA VAL I 38 43.33 -5.07 14.44
C VAL I 38 41.95 -4.42 14.52
N ARG I 39 41.93 -3.13 14.84
CA ARG I 39 40.70 -2.34 14.90
C ARG I 39 40.68 -1.36 13.74
N PHE I 40 39.53 -1.27 13.07
CA PHE I 40 39.37 -0.41 11.91
C PHE I 40 38.32 0.65 12.18
N THR I 41 38.37 1.72 11.38
CA THR I 41 37.40 2.80 11.51
C THR I 41 36.12 2.50 10.72
N LYS I 42 36.22 1.70 9.66
CA LYS I 42 35.08 1.37 8.81
C LYS I 42 34.51 0.02 9.24
N VAL I 43 33.23 0.02 9.61
CA VAL I 43 32.57 -1.25 9.93
C VAL I 43 32.37 -2.05 8.66
N ASN I 44 32.44 -3.38 8.80
CA ASN I 44 32.24 -4.26 7.66
C ASN I 44 30.73 -4.41 7.39
N TYR I 45 30.37 -5.34 6.51
CA TYR I 45 28.97 -5.52 6.17
C TYR I 45 28.17 -6.11 7.33
N ALA I 46 28.83 -6.78 8.26
CA ALA I 46 28.17 -7.34 9.44
C ALA I 46 28.10 -6.37 10.60
N GLY I 47 28.75 -5.21 10.49
CA GLY I 47 28.74 -4.20 11.52
C GLY I 47 29.95 -4.20 12.43
N THR I 48 30.76 -5.26 12.40
CA THR I 48 31.95 -5.32 13.23
C THR I 48 33.04 -4.40 12.67
N ASN I 49 33.93 -3.97 13.56
CA ASN I 49 35.04 -3.11 13.17
C ASN I 49 36.38 -3.64 13.66
N THR I 50 36.45 -4.92 14.01
CA THR I 50 37.69 -5.51 14.50
C THR I 50 37.76 -6.96 14.04
N ASN I 51 38.98 -7.47 13.93
CA ASN I 51 39.18 -8.85 13.48
C ASN I 51 40.57 -9.31 13.86
N ASN I 52 40.72 -10.62 14.02
CA ASN I 52 42.01 -11.23 14.33
C ASN I 52 42.69 -11.67 13.03
N PHE I 53 43.96 -11.29 12.88
CA PHE I 53 44.72 -11.58 11.68
C PHE I 53 46.00 -12.32 12.04
N GLY I 54 46.51 -13.09 11.09
CA GLY I 54 47.77 -13.78 11.27
C GLY I 54 48.95 -12.84 11.13
N LEU I 55 50.13 -13.36 11.45
CA LEU I 55 51.34 -12.54 11.39
C LEU I 55 51.75 -12.25 9.96
N ASN I 56 51.43 -13.14 9.02
CA ASN I 56 51.77 -12.96 7.62
C ASN I 56 50.66 -12.27 6.83
N GLU I 57 49.54 -11.96 7.46
CA GLU I 57 48.44 -11.28 6.79
C GLU I 57 48.37 -9.80 7.13
N VAL I 58 49.34 -9.27 7.87
CA VAL I 58 49.41 -7.86 8.21
C VAL I 58 50.79 -7.34 7.86
N GLU I 59 50.84 -6.13 7.31
CA GLU I 59 52.09 -5.48 6.93
C GLU I 59 52.13 -4.10 7.59
N GLU I 60 53.13 -3.87 8.43
CA GLU I 60 53.22 -2.62 9.17
C GLU I 60 53.48 -1.45 8.23
N VAL I 61 52.77 -0.35 8.47
CA VAL I 61 52.99 0.88 7.72
C VAL I 61 54.16 1.63 8.34
N VAL I 62 54.99 2.23 7.49
CA VAL I 62 56.18 2.94 7.94
C VAL I 62 55.83 4.08 8.90
N ASP J 25 20.44 25.36 -44.65
CA ASP J 25 21.85 25.50 -44.28
C ASP J 25 22.41 24.19 -43.74
N ILE J 26 22.80 24.22 -42.46
CA ILE J 26 23.40 23.05 -41.83
C ILE J 26 22.34 21.97 -41.67
N GLY J 27 22.58 20.81 -42.28
CA GLY J 27 21.65 19.71 -42.18
C GLY J 27 20.34 19.92 -42.90
N GLY J 28 20.30 20.81 -43.88
CA GLY J 28 19.08 21.09 -44.60
C GLY J 28 18.12 22.02 -43.89
N LEU J 29 18.47 22.51 -42.70
CA LEU J 29 17.61 23.42 -41.96
C LEU J 29 17.68 24.83 -42.55
N ASN J 30 16.73 25.66 -42.15
CA ASN J 30 16.66 27.04 -42.58
C ASN J 30 16.48 27.94 -41.36
N PRO J 31 16.93 29.19 -41.45
CA PRO J 31 16.74 30.11 -40.32
C PRO J 31 15.26 30.30 -40.01
N CYS J 32 14.96 30.41 -38.72
CA CYS J 32 13.57 30.57 -38.30
C CYS J 32 12.99 31.93 -38.68
N LYS J 33 13.84 32.92 -38.96
CA LYS J 33 13.36 34.22 -39.41
C LYS J 33 12.71 34.16 -40.79
N ASP J 34 13.03 33.13 -41.58
CA ASP J 34 12.49 32.96 -42.92
C ASP J 34 11.66 31.68 -43.04
N SER J 35 11.27 31.10 -41.92
CA SER J 35 10.49 29.86 -41.91
C SER J 35 9.01 30.22 -41.82
N GLU J 36 8.26 29.92 -42.90
CA GLU J 36 6.84 30.25 -42.92
C GLU J 36 6.07 29.49 -41.85
N VAL J 37 6.42 28.22 -41.64
CA VAL J 37 5.71 27.41 -40.64
C VAL J 37 5.93 27.97 -39.23
N PHE J 38 7.08 28.59 -38.97
CA PHE J 38 7.31 29.24 -37.69
C PHE J 38 6.31 30.38 -37.47
N GLN J 39 6.14 31.22 -38.49
CA GLN J 39 5.18 32.31 -38.37
C GLN J 39 3.75 31.79 -38.29
N LYS J 40 3.46 30.68 -38.97
CA LYS J 40 2.14 30.06 -38.85
C LYS J 40 1.88 29.59 -37.42
N ARG J 41 2.91 28.99 -36.80
CA ARG J 41 2.78 28.57 -35.40
C ARG J 41 2.51 29.77 -34.50
N LEU J 42 3.27 30.85 -34.71
CA LEU J 42 3.06 32.06 -33.90
C LEU J 42 1.65 32.60 -34.09
N ALA J 43 1.18 32.67 -35.33
CA ALA J 43 -0.15 33.20 -35.60
C ALA J 43 -1.23 32.33 -34.99
N LYS J 44 -1.08 31.01 -35.08
CA LYS J 44 -2.08 30.12 -34.49
C LYS J 44 -2.13 30.24 -32.98
N THR J 45 -0.96 30.30 -32.33
CA THR J 45 -0.94 30.45 -30.88
C THR J 45 -1.57 31.77 -30.46
N VAL J 46 -1.24 32.85 -31.17
CA VAL J 46 -1.81 34.16 -30.83
C VAL J 46 -3.32 34.16 -31.06
N LYS J 47 -3.78 33.51 -32.14
CA LYS J 47 -5.21 33.46 -32.42
C LYS J 47 -5.95 32.68 -31.34
N LYS J 48 -5.38 31.55 -30.90
CA LYS J 48 -6.01 30.79 -29.82
C LYS J 48 -6.07 31.62 -28.54
N LEU J 49 -4.98 32.33 -28.22
CA LEU J 49 -4.98 33.14 -27.01
C LEU J 49 -5.99 34.27 -27.09
N GLU J 50 -6.13 34.90 -28.27
CA GLU J 50 -7.10 35.97 -28.42
C GLU J 50 -8.54 35.44 -28.35
N ASN J 51 -8.79 34.27 -28.93
CA ASN J 51 -10.11 33.66 -28.82
C ASN J 51 -10.45 33.37 -27.36
N ARG J 52 -9.47 32.88 -26.60
CA ARG J 52 -9.67 32.73 -25.16
C ARG J 52 -9.93 34.07 -24.49
N LEU J 53 -9.23 35.11 -24.93
CA LEU J 53 -9.39 36.44 -24.36
C LEU J 53 -10.77 37.00 -24.62
N LYS J 54 -11.42 36.58 -25.70
CA LYS J 54 -12.71 37.15 -26.06
C LYS J 54 -13.81 36.82 -25.05
N LYS J 55 -13.67 35.73 -24.32
CA LYS J 55 -14.74 35.26 -23.45
C LYS J 55 -14.68 35.85 -22.05
N TYR J 56 -13.78 36.80 -21.80
CA TYR J 56 -13.73 37.51 -20.54
C TYR J 56 -14.13 38.98 -20.76
N GLU J 57 -14.20 39.73 -19.68
CA GLU J 57 -14.81 41.06 -19.70
C GLU J 57 -13.82 42.12 -19.25
N GLU J 58 -13.75 43.21 -20.00
CA GLU J 58 -13.11 44.48 -19.63
C GLU J 58 -11.68 44.25 -19.14
N GLY J 59 -11.18 45.14 -18.29
CA GLY J 59 -9.83 45.03 -17.77
C GLY J 59 -9.73 44.15 -16.55
N THR J 60 -10.43 43.02 -16.57
CA THR J 60 -10.44 42.12 -15.44
C THR J 60 -9.18 41.28 -15.42
N PRO J 61 -8.74 40.84 -14.26
CA PRO J 61 -7.44 40.15 -14.16
C PRO J 61 -7.29 39.01 -15.14
N PRO J 62 -8.35 38.23 -15.44
CA PRO J 62 -8.19 37.21 -16.49
C PRO J 62 -7.75 37.78 -17.84
N GLN J 63 -8.33 38.90 -18.25
CA GLN J 63 -7.93 39.50 -19.52
C GLN J 63 -6.50 40.02 -19.46
N ILE J 64 -6.09 40.57 -18.31
CA ILE J 64 -4.72 41.03 -18.15
C ILE J 64 -3.75 39.86 -18.27
N ALA J 65 -4.09 38.73 -17.64
CA ALA J 65 -3.24 37.55 -17.70
C ALA J 65 -3.13 37.01 -19.12
N ILE J 66 -4.25 36.96 -19.84
CA ILE J 66 -4.21 36.45 -21.21
C ILE J 66 -3.43 37.40 -22.11
N GLN J 67 -3.57 38.72 -21.89
CA GLN J 67 -2.79 39.69 -22.66
C GLN J 67 -1.31 39.54 -22.38
N GLN J 68 -0.94 39.30 -21.11
CA GLN J 68 0.45 39.05 -20.79
C GLN J 68 0.96 37.79 -21.47
N GLN J 69 0.11 36.76 -21.53
CA GLN J 69 0.47 35.54 -22.26
C GLN J 69 0.74 35.83 -23.72
N ILE J 70 -0.12 36.64 -24.35
CA ILE J 70 0.05 36.98 -25.75
C ILE J 70 1.36 37.75 -25.96
N THR J 71 1.62 38.73 -25.08
CA THR J 71 2.84 39.52 -25.19
C THR J 71 4.08 38.66 -25.03
N GLN J 72 4.07 37.75 -24.05
CA GLN J 72 5.21 36.87 -23.83
C GLN J 72 5.40 35.92 -25.01
N THR J 73 4.31 35.41 -25.58
CA THR J 73 4.43 34.54 -26.74
C THR J 73 5.05 35.27 -27.92
N LYS J 74 4.60 36.51 -28.18
CA LYS J 74 5.16 37.29 -29.26
C LYS J 74 6.63 37.59 -29.02
N GLN J 75 7.00 37.95 -27.78
CA GLN J 75 8.39 38.24 -27.46
C GLN J 75 9.27 37.01 -27.63
N ARG J 76 8.79 35.84 -27.18
CA ARG J 76 9.56 34.61 -27.31
C ARG J 76 9.76 34.24 -28.77
N PHE J 77 8.71 34.35 -29.58
CA PHE J 77 8.85 34.03 -31.00
C PHE J 77 9.79 35.00 -31.70
N THR J 78 9.70 36.29 -31.37
CA THR J 78 10.59 37.27 -31.97
C THR J 78 12.04 37.02 -31.58
N ARG J 79 12.28 36.67 -30.30
CA ARG J 79 13.64 36.40 -29.86
C ARG J 79 14.19 35.15 -30.52
N TYR J 80 13.37 34.11 -30.67
CA TYR J 80 13.84 32.91 -31.34
C TYR J 80 14.13 33.16 -32.82
N ALA J 81 13.33 34.04 -33.45
CA ALA J 81 13.60 34.37 -34.84
C ALA J 81 14.94 35.07 -35.00
N ASP J 82 15.23 36.03 -34.14
CA ASP J 82 16.47 36.80 -34.21
C ASP J 82 17.51 36.22 -33.26
N SER J 83 17.82 34.92 -33.44
CA SER J 83 18.74 34.25 -32.53
C SER J 83 19.70 33.29 -33.22
N ASN J 84 19.84 33.38 -34.55
CA ASN J 84 20.66 32.45 -35.32
C ASN J 84 20.20 31.01 -35.05
N LEU J 85 18.89 30.81 -35.01
CA LEU J 85 18.30 29.51 -34.75
C LEU J 85 17.81 28.90 -36.06
N LEU J 86 18.12 27.63 -36.27
CA LEU J 86 17.72 26.92 -37.47
C LEU J 86 16.46 26.13 -37.19
N CYS J 87 15.47 26.28 -38.07
CA CYS J 87 14.18 25.61 -37.93
C CYS J 87 14.03 24.56 -39.01
N GLY J 88 13.42 23.44 -38.65
CA GLY J 88 13.18 22.36 -39.59
C GLY J 88 11.90 22.57 -40.38
N ASN J 89 11.36 21.47 -40.89
CA ASN J 89 10.11 21.53 -41.63
C ASN J 89 8.89 21.63 -40.73
N ASP J 90 9.07 21.51 -39.42
CA ASP J 90 7.98 21.63 -38.45
C ASP J 90 7.90 23.02 -37.82
N GLY J 91 8.80 23.93 -38.20
CA GLY J 91 8.81 25.26 -37.61
C GLY J 91 9.17 25.30 -36.14
N LEU J 92 10.15 24.50 -35.73
CA LEU J 92 10.63 24.49 -34.37
C LEU J 92 12.15 24.63 -34.36
N PRO J 93 12.70 25.38 -33.41
CA PRO J 93 14.15 25.60 -33.40
C PRO J 93 14.91 24.31 -33.15
N HIS J 94 15.83 23.99 -34.06
CA HIS J 94 16.70 22.83 -33.94
C HIS J 94 18.07 23.27 -33.45
N LEU J 95 18.67 22.45 -32.58
CA LEU J 95 19.95 22.77 -31.97
C LEU J 95 21.08 22.15 -32.78
N ILE J 96 22.08 22.96 -33.11
CA ILE J 96 23.25 22.53 -33.86
C ILE J 96 24.37 22.33 -32.85
N THR J 97 24.60 21.07 -32.45
CA THR J 97 25.55 20.75 -31.40
C THR J 97 26.73 19.94 -31.92
N ASP J 98 27.09 20.11 -33.20
CA ASP J 98 28.25 19.42 -33.72
C ASP J 98 29.56 20.00 -33.19
N GLY J 99 29.52 21.23 -32.69
CA GLY J 99 30.71 21.84 -32.11
C GLY J 99 31.08 23.17 -32.71
N ARG J 100 30.42 23.55 -33.80
CA ARG J 100 30.75 24.80 -34.47
C ARG J 100 30.41 26.00 -33.59
N TRP J 101 31.29 26.99 -33.58
CA TRP J 101 31.09 28.16 -32.74
C TRP J 101 30.00 29.07 -33.26
N SER J 102 29.59 28.91 -34.53
CA SER J 102 28.52 29.73 -35.06
C SER J 102 27.24 29.56 -34.26
N HIS J 103 26.83 28.31 -34.03
CA HIS J 103 25.76 28.00 -33.09
C HIS J 103 26.34 27.61 -31.73
N GLY J 104 27.22 28.45 -31.20
CA GLY J 104 27.88 28.14 -29.95
C GLY J 104 27.07 28.45 -28.71
N SER J 105 26.06 29.32 -28.84
CA SER J 105 25.20 29.67 -27.71
C SER J 105 24.12 28.63 -27.45
N GLU J 106 23.98 27.62 -28.30
CA GLU J 106 22.94 26.62 -28.11
C GLU J 106 23.42 25.52 -27.16
N PHE J 107 24.62 25.00 -27.39
CA PHE J 107 25.16 23.93 -26.55
C PHE J 107 26.47 24.29 -25.88
N LEU J 108 27.41 24.88 -26.61
CA LEU J 108 28.78 25.00 -26.12
C LEU J 108 28.87 25.92 -24.90
N LEU J 109 28.29 27.11 -24.99
CA LEU J 109 28.31 28.03 -23.85
C LEU J 109 27.53 27.49 -22.66
N PRO J 110 26.30 26.97 -22.81
CA PRO J 110 25.67 26.29 -21.68
C PRO J 110 26.46 25.11 -21.16
N SER J 111 27.17 24.41 -22.05
CA SER J 111 28.03 23.31 -21.62
C SER J 111 29.13 23.81 -20.70
N ILE J 112 29.78 24.91 -21.08
CA ILE J 112 30.83 25.48 -20.25
C ILE J 112 30.26 25.94 -18.91
N LEU J 113 29.09 26.59 -18.95
CA LEU J 113 28.48 27.07 -17.72
C LEU J 113 28.17 25.91 -16.77
N PHE J 114 27.56 24.84 -17.30
CA PHE J 114 27.26 23.70 -16.44
C PHE J 114 28.53 23.05 -15.93
N LEU J 115 29.55 22.92 -16.79
CA LEU J 115 30.78 22.29 -16.33
C LEU J 115 31.37 23.08 -15.17
N TYR J 116 31.36 24.41 -15.27
CA TYR J 116 31.84 25.23 -14.17
C TYR J 116 31.04 25.00 -12.90
N ILE J 117 29.70 25.04 -13.00
CA ILE J 117 28.86 24.94 -11.81
C ILE J 117 28.99 23.56 -11.18
N SER J 118 28.95 22.50 -12.00
CA SER J 118 29.01 21.15 -11.48
C SER J 118 30.39 20.83 -10.92
N GLY J 119 31.45 21.32 -11.56
CA GLY J 119 32.77 21.18 -10.97
C GLY J 119 32.89 21.90 -9.65
N TRP J 120 32.26 23.08 -9.54
CA TRP J 120 32.18 23.77 -8.25
C TRP J 120 31.54 22.88 -7.20
N ILE J 121 30.38 22.31 -7.52
CA ILE J 121 29.65 21.49 -6.55
C ILE J 121 30.49 20.29 -6.14
N GLY J 122 31.03 19.57 -7.12
CA GLY J 122 31.83 18.39 -6.82
C GLY J 122 33.07 18.73 -6.02
N TRP J 123 33.73 19.84 -6.36
CA TRP J 123 34.94 20.22 -5.66
C TRP J 123 34.64 20.58 -4.21
N VAL J 124 33.59 21.35 -3.96
CA VAL J 124 33.30 21.72 -2.58
C VAL J 124 32.86 20.49 -1.78
N GLY J 125 32.11 19.58 -2.41
CA GLY J 125 31.74 18.35 -1.72
C GLY J 125 32.95 17.50 -1.36
N ARG J 126 33.87 17.33 -2.31
CA ARG J 126 35.07 16.55 -2.07
C ARG J 126 35.95 17.19 -1.01
N LYS J 127 36.09 18.52 -1.07
CA LYS J 127 36.90 19.22 -0.08
C LYS J 127 36.30 19.09 1.31
N TYR J 128 34.98 19.19 1.43
CA TYR J 128 34.34 19.01 2.73
C TYR J 128 34.51 17.59 3.24
N ILE J 129 34.38 16.59 2.35
CA ILE J 129 34.54 15.21 2.75
C ILE J 129 35.96 14.97 3.26
N ARG J 130 36.96 15.49 2.53
CA ARG J 130 38.35 15.26 2.94
C ARG J 130 38.71 16.08 4.17
N THR J 131 38.03 17.20 4.42
CA THR J 131 38.38 18.05 5.55
C THR J 131 37.83 17.48 6.85
N VAL J 132 36.55 17.10 6.88
CA VAL J 132 35.98 16.47 8.07
C VAL J 132 36.34 14.99 8.17
N GLY J 133 37.04 14.45 7.18
CA GLY J 133 37.53 13.09 7.28
C GLY J 133 38.74 12.92 8.16
N GLN J 134 39.35 14.03 8.59
CA GLN J 134 40.52 14.01 9.47
C GLN J 134 40.20 14.52 10.87
N THR J 135 38.93 14.48 11.27
CA THR J 135 38.52 14.87 12.61
C THR J 135 38.16 13.64 13.43
N SER J 136 37.84 13.87 14.70
CA SER J 136 37.58 12.77 15.61
C SER J 136 36.34 11.97 15.22
N ASN J 137 35.29 12.65 14.76
CA ASN J 137 34.02 12.03 14.43
C ASN J 137 33.63 12.41 13.01
N PRO J 138 34.26 11.79 12.01
CA PRO J 138 33.93 12.13 10.61
C PRO J 138 32.49 11.86 10.23
N THR J 139 31.88 10.80 10.77
CA THR J 139 30.52 10.46 10.39
C THR J 139 29.51 11.44 10.99
N GLU J 140 29.79 11.97 12.17
CA GLU J 140 28.88 12.93 12.79
C GLU J 140 28.77 14.20 11.97
N LYS J 141 29.89 14.67 11.42
CA LYS J 141 29.92 15.89 10.64
C LYS J 141 29.33 15.74 9.24
N GLU J 142 28.75 14.60 8.94
CA GLU J 142 28.11 14.38 7.64
C GLU J 142 26.59 14.46 7.72
N ILE J 143 25.99 14.18 8.87
CA ILE J 143 24.56 14.33 9.06
C ILE J 143 24.30 15.67 9.72
N ILE J 144 25.27 16.17 10.47
CA ILE J 144 25.20 17.48 11.11
C ILE J 144 26.36 18.29 10.52
N ILE J 145 26.06 19.07 9.49
CA ILE J 145 27.10 19.76 8.74
C ILE J 145 27.72 20.86 9.60
N ASP J 146 29.05 20.99 9.51
CA ASP J 146 29.75 22.11 10.12
C ASP J 146 29.53 23.31 9.22
N VAL J 147 28.45 24.05 9.48
CA VAL J 147 28.06 25.16 8.61
C VAL J 147 29.17 26.19 8.44
N PRO J 148 29.91 26.58 9.48
CA PRO J 148 31.06 27.49 9.22
C PRO J 148 32.05 26.93 8.22
N LEU J 149 32.50 25.69 8.44
CA LEU J 149 33.46 25.09 7.52
C LEU J 149 32.82 24.86 6.15
N ALA J 150 31.54 24.48 6.13
CA ALA J 150 30.85 24.29 4.86
C ALA J 150 30.82 25.58 4.05
N ILE J 151 30.49 26.69 4.70
CA ILE J 151 30.46 27.98 4.02
C ILE J 151 31.86 28.37 3.57
N SER J 152 32.86 28.07 4.40
CA SER J 152 34.24 28.37 4.02
C SER J 152 34.64 27.63 2.75
N ILE J 153 34.28 26.35 2.65
CA ILE J 153 34.68 25.55 1.51
C ILE J 153 33.86 25.92 0.27
N MET J 154 32.56 26.17 0.45
CA MET J 154 31.66 26.37 -0.69
C MET J 154 32.02 27.61 -1.50
N THR J 155 32.35 28.70 -0.83
CA THR J 155 32.72 29.93 -1.53
C THR J 155 34.13 29.87 -2.11
N SER J 156 34.87 28.80 -1.83
CA SER J 156 36.21 28.60 -2.38
C SER J 156 36.22 27.75 -3.65
N GLY J 157 35.05 27.35 -4.13
CA GLY J 157 34.96 26.53 -5.32
C GLY J 157 35.06 27.26 -6.63
N PHE J 158 35.14 28.59 -6.61
CA PHE J 158 35.27 29.35 -7.85
C PHE J 158 36.61 29.10 -8.53
N LEU J 159 37.59 28.57 -7.80
CA LEU J 159 38.89 28.21 -8.36
C LEU J 159 39.02 26.72 -8.60
N TRP J 160 37.90 26.00 -8.67
CA TRP J 160 37.97 24.55 -8.84
C TRP J 160 38.76 24.11 -10.06
N PRO J 161 38.66 24.74 -11.24
CA PRO J 161 39.55 24.33 -12.33
C PRO J 161 41.02 24.49 -12.00
N PHE J 162 41.37 25.56 -11.29
CA PHE J 162 42.76 25.78 -10.90
C PHE J 162 43.17 24.89 -9.74
N ALA J 163 42.29 24.69 -8.77
CA ALA J 163 42.60 23.83 -7.64
C ALA J 163 42.77 22.38 -8.08
N ALA J 164 41.94 21.92 -9.02
CA ALA J 164 42.05 20.57 -9.54
C ALA J 164 43.36 20.38 -10.28
N TRP J 165 43.73 21.33 -11.15
CA TRP J 165 45.04 21.27 -11.76
C TRP J 165 46.08 22.03 -10.95
N GLN J 166 46.04 21.82 -9.64
CA GLN J 166 47.15 22.05 -8.73
C GLN J 166 47.28 20.94 -7.70
N GLU J 167 46.24 20.13 -7.53
CA GLU J 167 46.24 18.95 -6.67
C GLU J 167 46.54 17.69 -7.45
N PHE J 168 46.15 17.63 -8.72
CA PHE J 168 46.55 16.52 -9.57
C PHE J 168 48.06 16.53 -9.82
N LEU J 169 48.65 17.72 -9.96
CA LEU J 169 50.09 17.82 -10.17
C LEU J 169 50.85 17.33 -8.95
N SER J 170 50.35 17.62 -7.75
CA SER J 170 51.01 17.22 -6.52
C SER J 170 50.70 15.79 -6.11
N GLY J 171 49.88 15.08 -6.87
CA GLY J 171 49.54 13.71 -6.56
C GLY J 171 48.54 13.55 -5.43
N ASP J 172 47.91 14.63 -5.00
CA ASP J 172 46.95 14.60 -3.90
C ASP J 172 45.52 14.35 -4.37
N LEU J 173 45.30 14.21 -5.67
CA LEU J 173 43.96 14.02 -6.19
C LEU J 173 43.57 12.55 -6.33
N ILE J 174 44.54 11.66 -6.48
CA ILE J 174 44.28 10.26 -6.81
C ILE J 174 44.92 9.36 -5.77
N ALA J 175 44.17 8.38 -5.28
CA ALA J 175 44.75 7.31 -4.48
C ALA J 175 45.40 6.27 -5.38
N SER J 176 46.32 5.50 -4.81
CA SER J 176 47.13 4.58 -5.62
C SER J 176 46.86 3.11 -5.31
N ASP J 177 47.09 2.65 -4.08
CA ASP J 177 46.89 1.25 -3.75
C ASP J 177 46.30 1.00 -2.37
N GLU J 178 45.98 2.04 -1.61
CA GLU J 178 45.23 1.85 -0.38
C GLU J 178 43.75 1.57 -0.66
N THR J 179 43.32 1.74 -1.91
CA THR J 179 41.95 1.41 -2.28
C THR J 179 41.73 -0.09 -2.19
N ILE J 180 40.55 -0.47 -1.74
CA ILE J 180 40.22 -1.87 -1.50
C ILE J 180 39.81 -2.55 -2.81
N THR J 181 40.08 -3.84 -2.89
CA THR J 181 39.73 -4.63 -4.07
C THR J 181 39.09 -5.94 -3.61
N THR J 182 38.18 -6.46 -4.43
CA THR J 182 37.53 -7.72 -4.13
C THR J 182 38.52 -8.88 -4.27
N SER J 183 38.02 -10.09 -3.98
CA SER J 183 38.91 -11.26 -3.99
C SER J 183 39.53 -11.54 -5.35
N PRO J 184 38.79 -11.58 -6.47
CA PRO J 184 39.49 -11.88 -7.72
C PRO J 184 40.18 -10.67 -8.33
N MET K 1 -10.57 -41.12 -49.72
CA MET K 1 -10.21 -40.10 -48.74
C MET K 1 -9.45 -38.94 -49.40
N SER K 2 -10.06 -37.77 -49.39
CA SER K 2 -9.46 -36.59 -50.00
C SER K 2 -8.36 -36.02 -49.09
N LEU K 3 -7.59 -35.10 -49.66
CA LEU K 3 -6.53 -34.45 -48.90
C LEU K 3 -7.07 -33.47 -47.86
N ASP K 4 -8.29 -32.97 -48.06
CA ASP K 4 -8.86 -32.01 -47.13
C ASP K 4 -9.42 -32.64 -45.87
N LEU K 5 -9.52 -33.98 -45.84
CA LEU K 5 -9.90 -34.70 -44.62
C LEU K 5 -8.72 -34.91 -43.68
N LEU K 6 -7.49 -34.71 -44.16
CA LEU K 6 -6.31 -34.90 -43.33
C LEU K 6 -6.27 -33.98 -42.12
N PRO K 7 -6.63 -32.69 -42.21
CA PRO K 7 -6.67 -31.88 -40.97
C PRO K 7 -7.60 -32.45 -39.92
N SER K 8 -8.83 -32.83 -40.30
CA SER K 8 -9.76 -33.38 -39.33
C SER K 8 -9.32 -34.74 -38.84
N PHE K 9 -8.51 -35.48 -39.59
CA PHE K 9 -7.99 -36.74 -39.09
C PHE K 9 -6.81 -36.55 -38.13
N PHE K 10 -5.97 -35.56 -38.39
CA PHE K 10 -4.69 -35.43 -37.70
C PHE K 10 -4.73 -34.48 -36.51
N VAL K 11 -5.38 -33.32 -36.64
CA VAL K 11 -5.38 -32.34 -35.55
C VAL K 11 -5.96 -32.92 -34.26
N PRO K 12 -7.13 -33.57 -34.26
CA PRO K 12 -7.57 -34.21 -33.01
C PRO K 12 -6.59 -35.28 -32.55
N LEU K 13 -6.16 -36.13 -33.49
CA LEU K 13 -5.19 -37.18 -33.19
C LEU K 13 -3.99 -36.62 -32.44
N VAL K 14 -3.23 -35.73 -33.09
CA VAL K 14 -2.06 -35.16 -32.46
C VAL K 14 -2.46 -34.48 -31.16
N GLY K 15 -3.25 -33.40 -31.28
CA GLY K 15 -3.45 -32.46 -30.20
C GLY K 15 -4.21 -32.99 -29.01
N LEU K 16 -4.79 -34.18 -29.09
CA LEU K 16 -5.42 -34.79 -27.92
C LEU K 16 -4.81 -36.14 -27.56
N VAL K 17 -4.65 -37.04 -28.52
CA VAL K 17 -4.13 -38.36 -28.21
C VAL K 17 -2.67 -38.28 -27.80
N LEU K 18 -1.85 -37.53 -28.55
CA LEU K 18 -0.44 -37.45 -28.20
C LEU K 18 -0.22 -36.86 -26.81
N PRO K 19 -0.91 -35.79 -26.39
CA PRO K 19 -0.83 -35.40 -24.98
C PRO K 19 -1.18 -36.53 -24.01
N LEU K 20 -2.22 -37.32 -24.29
CA LEU K 20 -2.62 -38.34 -23.32
C LEU K 20 -1.53 -39.39 -23.14
N PHE K 21 -1.04 -39.95 -24.24
CA PHE K 21 -0.02 -40.98 -24.15
C PHE K 21 1.30 -40.41 -23.63
N SER K 22 1.64 -39.18 -24.03
CA SER K 22 2.86 -38.56 -23.53
C SER K 22 2.79 -38.31 -22.04
N ILE K 23 1.64 -37.86 -21.54
CA ILE K 23 1.45 -37.68 -20.10
C ILE K 23 1.54 -39.01 -19.38
N ILE K 24 0.93 -40.06 -19.93
CA ILE K 24 1.02 -41.38 -19.31
C ILE K 24 2.47 -41.80 -19.19
N GLY K 25 3.22 -41.72 -20.29
CA GLY K 25 4.60 -42.16 -20.28
C GLY K 25 5.47 -41.32 -19.36
N LEU K 26 5.31 -40.01 -19.40
CA LEU K 26 6.14 -39.12 -18.59
C LEU K 26 5.83 -39.30 -17.10
N PHE K 27 4.55 -39.41 -16.74
CA PHE K 27 4.19 -39.63 -15.35
C PHE K 27 4.74 -40.96 -14.86
N LEU K 28 4.58 -42.02 -15.67
CA LEU K 28 5.12 -43.32 -15.28
C LEU K 28 6.63 -43.25 -15.10
N TYR K 29 7.32 -42.56 -16.00
CA TYR K 29 8.78 -42.49 -15.93
C TYR K 29 9.25 -41.71 -14.71
N ILE K 30 8.66 -40.52 -14.49
CA ILE K 30 9.11 -39.68 -13.37
C ILE K 30 8.64 -40.19 -12.02
N GLU K 31 7.68 -41.13 -11.99
CA GLU K 31 7.24 -41.71 -10.74
C GLU K 31 7.84 -43.10 -10.50
N LYS K 32 8.84 -43.51 -11.30
CA LYS K 32 9.47 -44.80 -11.11
C LYS K 32 10.28 -44.83 -9.83
N GLU K 33 10.72 -46.04 -9.47
CA GLU K 33 11.59 -46.23 -8.32
C GLU K 33 12.84 -47.00 -8.73
N ASN K 34 13.64 -47.42 -7.77
CA ASN K 34 14.86 -48.18 -8.06
C ASN K 34 14.92 -49.45 -7.22
N MET L 1 19.85 28.98 22.20
CA MET L 1 20.00 28.95 20.76
C MET L 1 21.33 28.33 20.33
N LYS L 2 21.85 27.44 21.16
CA LYS L 2 23.07 26.71 20.82
C LYS L 2 22.75 25.37 20.18
N ASP L 3 21.74 24.67 20.67
CA ASP L 3 21.31 23.41 20.08
C ASP L 3 20.30 23.60 18.97
N PHE L 4 19.54 24.70 18.99
CA PHE L 4 18.66 25.00 17.86
C PHE L 4 19.46 25.27 16.59
N LEU L 5 20.55 26.04 16.72
CA LEU L 5 21.43 26.25 15.57
C LEU L 5 22.12 24.98 15.13
N LYS L 6 22.39 24.07 16.08
CA LYS L 6 22.91 22.76 15.71
C LYS L 6 21.85 21.92 15.02
N TYR L 7 20.59 22.05 15.45
CA TYR L 7 19.50 21.36 14.76
C TYR L 7 19.35 21.87 13.34
N LEU L 8 19.45 23.19 13.14
CA LEU L 8 19.38 23.76 11.80
C LEU L 8 20.57 23.33 10.95
N SER L 9 21.64 22.85 11.56
CA SER L 9 22.81 22.37 10.84
C SER L 9 22.70 20.91 10.45
N THR L 10 21.59 20.25 10.77
CA THR L 10 21.41 18.86 10.38
C THR L 10 21.22 18.75 8.86
N ALA L 11 21.44 17.53 8.36
CA ALA L 11 21.33 17.29 6.93
C ALA L 11 19.97 17.63 6.34
N PRO L 12 18.82 17.25 6.95
CA PRO L 12 17.53 17.51 6.29
C PRO L 12 17.22 18.99 6.21
N VAL L 13 17.40 19.71 7.31
CA VAL L 13 17.08 21.13 7.34
C VAL L 13 17.98 21.89 6.37
N LEU L 14 19.28 21.57 6.37
CA LEU L 14 20.20 22.25 5.46
C LEU L 14 19.89 21.92 4.00
N LEU L 15 19.58 20.66 3.70
CA LEU L 15 19.22 20.30 2.34
C LEU L 15 17.94 20.98 1.90
N THR L 16 16.94 21.03 2.78
CA THR L 16 15.70 21.71 2.46
C THR L 16 15.92 23.19 2.20
N ALA L 17 16.70 23.84 3.05
CA ALA L 17 16.99 25.26 2.85
C ALA L 17 17.76 25.50 1.56
N TRP L 18 18.76 24.66 1.29
CA TRP L 18 19.56 24.86 0.09
C TRP L 18 18.75 24.59 -1.17
N LEU L 19 17.92 23.55 -1.17
CA LEU L 19 17.09 23.26 -2.34
C LEU L 19 16.01 24.31 -2.52
N THR L 20 15.45 24.83 -1.42
CA THR L 20 14.47 25.90 -1.53
C THR L 20 15.10 27.15 -2.12
N PHE L 21 16.30 27.51 -1.64
CA PHE L 21 17.02 28.65 -2.21
C PHE L 21 17.36 28.42 -3.68
N THR L 22 17.76 27.19 -4.01
CA THR L 22 18.16 26.88 -5.38
C THR L 22 16.98 26.97 -6.34
N ALA L 23 15.87 26.31 -5.98
CA ALA L 23 14.66 26.43 -6.77
C ALA L 23 14.20 27.88 -6.83
N GLY L 24 14.39 28.63 -5.75
CA GLY L 24 13.98 30.02 -5.75
C GLY L 24 14.72 30.85 -6.78
N PHE L 25 16.06 30.75 -6.79
CA PHE L 25 16.77 31.61 -7.74
C PHE L 25 16.61 31.10 -9.17
N VAL L 26 16.42 29.79 -9.35
CA VAL L 26 16.13 29.28 -10.70
C VAL L 26 14.78 29.82 -11.19
N ILE L 27 13.75 29.74 -10.36
CA ILE L 27 12.42 30.21 -10.75
C ILE L 27 12.44 31.70 -11.01
N GLU L 28 13.22 32.45 -10.22
CA GLU L 28 13.23 33.89 -10.43
C GLU L 28 14.03 34.29 -11.67
N ILE L 29 15.12 33.58 -11.97
CA ILE L 29 15.79 33.80 -13.25
C ILE L 29 14.84 33.53 -14.40
N ASN L 30 14.06 32.44 -14.31
CA ASN L 30 13.13 32.12 -15.37
C ASN L 30 11.93 33.05 -15.41
N ARG L 31 11.63 33.76 -14.32
CA ARG L 31 10.60 34.79 -14.38
C ARG L 31 11.11 36.06 -15.04
N PHE L 32 12.30 36.51 -14.64
CA PHE L 32 12.80 37.78 -15.18
C PHE L 32 13.33 37.65 -16.60
N TYR L 33 13.86 36.48 -16.97
CA TYR L 33 14.28 36.20 -18.34
C TYR L 33 13.65 34.88 -18.78
N PRO L 34 12.38 34.89 -19.14
CA PRO L 34 11.69 33.65 -19.49
C PRO L 34 12.03 33.20 -20.91
N ASP L 35 11.69 31.94 -21.18
CA ASP L 35 11.78 31.36 -22.53
C ASP L 35 13.18 31.46 -23.11
N ALA L 36 14.18 31.14 -22.29
CA ALA L 36 15.57 31.21 -22.71
C ALA L 36 16.00 29.84 -23.25
N LEU L 37 15.96 29.69 -24.58
CA LEU L 37 16.35 28.43 -25.19
C LEU L 37 17.85 28.32 -25.43
N THR L 38 18.51 29.42 -25.74
CA THR L 38 19.95 29.46 -25.97
C THR L 38 20.61 30.41 -24.99
N PHE L 39 21.93 30.42 -25.01
CA PHE L 39 22.68 31.34 -24.15
C PHE L 39 22.36 32.78 -24.56
N PRO L 40 22.14 33.68 -23.61
CA PRO L 40 21.78 35.06 -23.97
C PRO L 40 22.83 35.76 -24.81
N PHE L 41 24.11 35.49 -24.58
CA PHE L 41 25.16 36.09 -25.37
C PHE L 41 25.20 35.50 -26.76
N VAL M 2 -20.10 -27.52 28.89
CA VAL M 2 -19.70 -28.53 27.93
C VAL M 2 -18.82 -27.90 26.85
N SER M 3 -17.97 -28.74 26.24
CA SER M 3 -17.12 -28.32 25.13
C SER M 3 -17.29 -29.32 24.00
N PHE M 4 -17.52 -28.81 22.79
CA PHE M 4 -17.77 -29.66 21.64
C PHE M 4 -16.57 -29.80 20.72
N ILE M 5 -15.41 -29.29 21.12
CA ILE M 5 -14.16 -29.47 20.39
C ILE M 5 -13.12 -29.98 21.38
N LYS M 6 -12.55 -31.14 21.09
CA LYS M 6 -11.56 -31.78 21.94
C LYS M 6 -10.47 -32.37 21.06
N PRO M 7 -9.29 -32.63 21.63
CA PRO M 7 -8.22 -33.26 20.84
C PRO M 7 -8.68 -34.61 20.29
N TYR M 8 -8.22 -34.92 19.08
CA TYR M 8 -8.67 -36.11 18.39
C TYR M 8 -8.08 -37.36 19.03
N ARG M 9 -8.96 -38.25 19.49
CA ARG M 9 -8.56 -39.53 20.08
C ARG M 9 -7.58 -39.33 21.24
N GLN M 10 -7.80 -38.27 22.01
CA GLN M 10 -7.01 -37.98 23.21
C GLN M 10 -5.53 -37.79 22.89
N ASP M 11 -5.21 -37.33 21.68
CA ASP M 11 -3.85 -37.01 21.28
C ASP M 11 -3.74 -35.53 20.97
N PRO M 12 -3.20 -34.72 21.88
CA PRO M 12 -3.12 -33.27 21.63
C PRO M 12 -2.06 -32.86 20.63
N PHE M 13 -1.32 -33.81 20.06
CA PHE M 13 -0.23 -33.50 19.15
C PHE M 13 -0.53 -33.83 17.70
N VAL M 14 -1.67 -34.45 17.41
CA VAL M 14 -2.06 -34.66 16.03
C VAL M 14 -2.47 -33.34 15.40
N GLY M 15 -2.28 -33.23 14.08
CA GLY M 15 -2.75 -32.06 13.37
C GLY M 15 -4.22 -32.22 13.01
N HIS M 16 -5.05 -32.44 14.03
CA HIS M 16 -6.46 -32.72 13.81
C HIS M 16 -7.22 -32.39 15.09
N LEU M 17 -8.53 -32.22 14.94
CA LEU M 17 -9.39 -31.91 16.07
C LEU M 17 -10.69 -32.71 15.96
N ALA M 18 -11.30 -32.98 17.12
CA ALA M 18 -12.58 -33.69 17.18
C ALA M 18 -13.70 -32.66 17.30
N THR M 19 -14.06 -32.10 16.16
CA THR M 19 -15.10 -31.08 16.07
C THR M 19 -16.46 -31.75 15.83
N PRO M 20 -17.56 -30.99 15.96
CA PRO M 20 -18.88 -31.59 15.70
C PRO M 20 -19.11 -31.94 14.24
N ILE M 21 -18.06 -31.87 13.42
CA ILE M 21 -18.13 -32.23 12.01
C ILE M 21 -17.19 -33.39 11.67
N THR M 22 -16.00 -33.41 12.26
CA THR M 22 -15.08 -34.50 11.99
C THR M 22 -15.55 -35.80 12.64
N THR M 23 -16.03 -35.73 13.89
CA THR M 23 -16.36 -36.91 14.67
C THR M 23 -17.79 -36.84 15.20
N SER M 24 -18.73 -36.40 14.37
CA SER M 24 -20.14 -36.44 14.75
C SER M 24 -20.77 -37.74 14.27
N ALA M 25 -21.81 -38.18 14.98
CA ALA M 25 -22.49 -39.42 14.62
C ALA M 25 -23.03 -39.36 13.20
N PHE M 26 -23.54 -38.19 12.80
CA PHE M 26 -24.00 -38.02 11.42
C PHE M 26 -22.87 -38.22 10.45
N THR M 27 -21.71 -37.62 10.73
CA THR M 27 -20.55 -37.80 9.85
C THR M 27 -20.14 -39.27 9.80
N ARG M 28 -20.12 -39.94 10.96
CA ARG M 28 -19.75 -41.35 11.00
C ARG M 28 -20.65 -42.18 10.11
N ALA M 29 -21.97 -42.08 10.32
CA ALA M 29 -22.89 -42.90 9.54
C ALA M 29 -22.86 -42.54 8.06
N TYR M 30 -22.83 -41.25 7.75
CA TYR M 30 -22.87 -40.82 6.36
C TYR M 30 -21.62 -41.28 5.61
N LEU M 31 -20.46 -41.21 6.24
CA LEU M 31 -19.26 -41.68 5.56
C LEU M 31 -19.18 -43.20 5.54
N LYS M 32 -19.83 -43.88 6.50
CA LYS M 32 -19.83 -45.34 6.49
C LYS M 32 -20.87 -45.92 5.54
N VAL M 33 -21.82 -45.13 5.04
CA VAL M 33 -22.72 -45.62 4.00
C VAL M 33 -22.22 -45.28 2.60
N LEU M 34 -21.16 -44.50 2.46
CA LEU M 34 -20.62 -44.18 1.16
C LEU M 34 -19.87 -45.38 0.60
N PRO M 35 -19.84 -45.54 -0.73
CA PRO M 35 -19.19 -46.72 -1.32
C PRO M 35 -17.72 -46.84 -0.96
N ALA M 36 -17.02 -45.72 -0.77
CA ALA M 36 -15.60 -45.78 -0.46
C ALA M 36 -15.33 -46.40 0.89
N TYR M 37 -16.28 -46.30 1.83
CA TYR M 37 -16.09 -46.81 3.18
C TYR M 37 -17.17 -47.79 3.62
N ARG M 38 -18.14 -48.10 2.76
CA ARG M 38 -19.21 -49.00 3.16
C ARG M 38 -18.66 -50.40 3.42
N PRO M 39 -18.96 -51.00 4.57
CA PRO M 39 -18.46 -52.35 4.84
C PRO M 39 -19.12 -53.39 3.96
N GLY M 40 -18.40 -54.49 3.73
CA GLY M 40 -18.92 -55.60 2.96
C GLY M 40 -18.85 -55.44 1.46
N LEU M 41 -18.06 -54.50 0.96
CA LEU M 41 -17.94 -54.25 -0.46
C LEU M 41 -16.55 -54.64 -0.94
N THR M 42 -16.49 -55.42 -2.03
CA THR M 42 -15.23 -55.68 -2.70
C THR M 42 -14.77 -54.42 -3.42
N PRO M 43 -13.47 -54.30 -3.72
CA PRO M 43 -13.00 -53.09 -4.41
C PRO M 43 -13.66 -52.89 -5.76
N LEU M 44 -13.98 -53.98 -6.46
CA LEU M 44 -14.70 -53.87 -7.72
C LEU M 44 -16.08 -53.26 -7.51
N SER M 45 -16.78 -53.66 -6.44
CA SER M 45 -18.10 -53.11 -6.16
C SER M 45 -18.02 -51.63 -5.80
N ARG M 46 -17.02 -51.25 -5.00
CA ARG M 46 -16.83 -49.84 -4.68
C ARG M 46 -16.57 -49.03 -5.94
N GLY M 47 -15.68 -49.51 -6.79
CA GLY M 47 -15.42 -48.83 -8.03
C GLY M 47 -16.64 -48.72 -8.92
N ALA M 48 -17.42 -49.80 -9.00
CA ALA M 48 -18.61 -49.80 -9.85
C ALA M 48 -19.63 -48.78 -9.37
N GLU M 49 -19.87 -48.74 -8.05
CA GLU M 49 -20.84 -47.77 -7.53
C GLU M 49 -20.35 -46.34 -7.72
N ILE M 50 -19.06 -46.09 -7.43
CA ILE M 50 -18.52 -44.75 -7.60
C ILE M 50 -18.61 -44.31 -9.06
N GLY M 51 -18.24 -45.21 -9.97
CA GLY M 51 -18.33 -44.88 -11.39
C GLY M 51 -19.76 -44.62 -11.85
N PHE M 52 -20.71 -45.42 -11.36
CA PHE M 52 -22.10 -45.21 -11.73
C PHE M 52 -22.56 -43.83 -11.30
N THR M 53 -22.35 -43.49 -10.02
CA THR M 53 -22.79 -42.18 -9.54
C THR M 53 -22.08 -41.05 -10.30
N HIS M 54 -20.78 -41.22 -10.56
CA HIS M 54 -20.01 -40.13 -11.15
C HIS M 54 -20.37 -39.91 -12.61
N GLY M 55 -20.51 -40.96 -13.39
CA GLY M 55 -21.00 -40.80 -14.75
C GLY M 55 -22.40 -40.23 -14.79
N TYR M 56 -23.25 -40.68 -13.85
CA TYR M 56 -24.64 -40.21 -13.80
C TYR M 56 -24.70 -38.70 -13.61
N PHE M 57 -23.91 -38.17 -12.68
CA PHE M 57 -23.94 -36.72 -12.50
C PHE M 57 -22.97 -35.98 -13.43
N LEU M 58 -22.10 -36.69 -14.14
CA LEU M 58 -21.18 -36.05 -15.05
C LEU M 58 -21.79 -35.77 -16.42
N ILE M 59 -22.72 -36.62 -16.86
CA ILE M 59 -23.36 -36.38 -18.14
C ILE M 59 -24.15 -35.08 -18.12
N GLY M 60 -24.60 -34.65 -16.94
CA GLY M 60 -25.44 -33.49 -16.80
C GLY M 60 -24.86 -32.20 -17.36
N PRO M 61 -23.75 -31.73 -16.77
CA PRO M 61 -23.16 -30.46 -17.24
C PRO M 61 -22.75 -30.49 -18.69
N PHE M 62 -22.25 -31.62 -19.20
CA PHE M 62 -21.85 -31.70 -20.59
C PHE M 62 -23.03 -31.57 -21.54
N TYR M 63 -24.14 -32.26 -21.21
CA TYR M 63 -25.32 -32.18 -22.08
C TYR M 63 -25.99 -30.80 -21.98
N THR M 64 -26.07 -30.25 -20.78
CA THR M 64 -26.81 -29.00 -20.58
C THR M 64 -26.07 -27.81 -21.17
N TYR M 65 -24.76 -27.70 -20.92
CA TYR M 65 -24.02 -26.50 -21.26
C TYR M 65 -22.95 -26.72 -22.33
N GLY M 66 -22.99 -27.85 -23.04
CA GLY M 66 -21.97 -28.17 -24.01
C GLY M 66 -21.92 -27.21 -25.18
N PRO M 67 -21.11 -27.53 -26.19
CA PRO M 67 -21.07 -26.70 -27.41
C PRO M 67 -22.25 -26.95 -28.34
N LEU M 68 -23.03 -28.00 -28.11
CA LEU M 68 -24.15 -28.36 -28.97
C LEU M 68 -25.45 -28.42 -28.16
N ARG M 69 -25.68 -27.41 -27.32
CA ARG M 69 -26.89 -27.39 -26.50
C ARG M 69 -28.13 -27.24 -27.39
N SER M 70 -29.28 -27.40 -26.75
CA SER M 70 -30.57 -27.20 -27.41
C SER M 70 -31.60 -26.94 -26.32
N VAL M 71 -32.31 -25.81 -26.43
CA VAL M 71 -33.34 -25.51 -25.44
C VAL M 71 -34.45 -26.55 -25.50
N GLU M 72 -34.67 -27.15 -26.66
CA GLU M 72 -35.53 -28.32 -26.78
C GLU M 72 -34.68 -29.58 -26.68
N PHE M 73 -35.32 -30.74 -26.76
CA PHE M 73 -34.58 -31.99 -26.69
C PHE M 73 -34.02 -32.36 -28.06
N SER M 74 -32.72 -32.61 -28.12
CA SER M 74 -32.05 -33.00 -29.34
C SER M 74 -31.26 -34.29 -29.09
N LEU M 75 -31.40 -35.26 -29.99
CA LEU M 75 -30.61 -36.48 -29.87
C LEU M 75 -29.12 -36.20 -30.04
N THR M 76 -28.78 -35.22 -30.89
CA THR M 76 -27.38 -34.88 -31.08
C THR M 76 -26.77 -34.29 -29.81
N SER M 77 -27.52 -33.44 -29.10
CA SER M 77 -27.03 -32.88 -27.85
C SER M 77 -26.82 -33.97 -26.81
N LEU M 78 -27.77 -34.91 -26.71
CA LEU M 78 -27.63 -36.00 -25.76
C LEU M 78 -26.44 -36.89 -26.11
N ALA M 79 -26.25 -37.18 -27.40
CA ALA M 79 -25.12 -37.99 -27.82
C ALA M 79 -23.79 -37.28 -27.53
N ALA M 80 -23.74 -35.97 -27.78
CA ALA M 80 -22.53 -35.22 -27.49
C ALA M 80 -22.20 -35.23 -26.01
N GLY M 81 -23.21 -35.00 -25.16
CA GLY M 81 -22.99 -35.03 -23.73
C GLY M 81 -22.57 -36.41 -23.25
N LEU M 82 -23.19 -37.45 -23.78
CA LEU M 82 -22.85 -38.82 -23.40
C LEU M 82 -21.41 -39.15 -23.79
N LEU M 83 -21.02 -38.79 -25.02
CA LEU M 83 -19.65 -39.05 -25.46
C LEU M 83 -18.63 -38.28 -24.64
N ALA M 84 -18.93 -37.01 -24.33
CA ALA M 84 -18.02 -36.23 -23.51
C ALA M 84 -17.88 -36.83 -22.12
N ALA M 85 -18.99 -37.25 -21.52
CA ALA M 85 -18.93 -37.87 -20.20
C ALA M 85 -18.14 -39.17 -20.24
N ILE M 86 -18.35 -39.99 -21.27
CA ILE M 86 -17.63 -41.26 -21.36
C ILE M 86 -16.13 -41.02 -21.55
N THR M 87 -15.76 -40.03 -22.37
CA THR M 87 -14.33 -39.76 -22.56
C THR M 87 -13.72 -39.19 -21.28
N LEU M 88 -14.45 -38.36 -20.54
CA LEU M 88 -13.94 -37.87 -19.26
C LEU M 88 -13.75 -39.02 -18.28
N LEU M 89 -14.69 -39.98 -18.27
CA LEU M 89 -14.52 -41.16 -17.44
C LEU M 89 -13.31 -41.97 -17.87
N LEU M 90 -13.05 -42.04 -19.17
CA LEU M 90 -11.86 -42.72 -19.65
C LEU M 90 -10.59 -42.04 -19.17
N ILE M 91 -10.57 -40.69 -19.19
CA ILE M 91 -9.41 -39.95 -18.71
C ILE M 91 -9.21 -40.21 -17.22
N LEU M 92 -10.31 -40.18 -16.45
CA LEU M 92 -10.23 -40.45 -15.02
C LEU M 92 -9.74 -41.87 -14.75
N THR M 93 -10.18 -42.84 -15.56
CA THR M 93 -9.73 -44.21 -15.39
C THR M 93 -8.25 -44.35 -15.72
N VAL M 94 -7.77 -43.63 -16.74
CA VAL M 94 -6.35 -43.63 -17.03
C VAL M 94 -5.56 -43.08 -15.85
N GLY M 95 -6.04 -41.99 -15.27
CA GLY M 95 -5.39 -41.44 -14.09
C GLY M 95 -5.38 -42.42 -12.93
N LEU M 96 -6.51 -43.09 -12.69
CA LEU M 96 -6.57 -44.09 -11.63
C LEU M 96 -5.58 -45.22 -11.89
N SER M 97 -5.49 -45.69 -13.13
CA SER M 97 -4.61 -46.79 -13.46
C SER M 97 -3.15 -46.42 -13.22
N ILE M 98 -2.73 -45.24 -13.69
CA ILE M 98 -1.34 -44.86 -13.51
C ILE M 98 -1.04 -44.58 -12.03
N TYR M 99 -1.99 -43.99 -11.31
CA TYR M 99 -1.80 -43.75 -9.89
C TYR M 99 -1.60 -45.06 -9.13
N GLY M 100 -2.46 -46.05 -9.40
CA GLY M 100 -2.29 -47.35 -8.77
C GLY M 100 -1.02 -48.05 -9.19
N GLN M 101 -0.60 -47.86 -10.45
CA GLN M 101 0.64 -48.46 -10.92
C GLN M 101 1.84 -47.91 -10.15
N VAL M 102 1.87 -46.60 -9.92
CA VAL M 102 3.03 -45.99 -9.29
C VAL M 102 2.95 -45.95 -7.77
N THR M 103 1.80 -46.26 -7.17
CA THR M 103 1.65 -46.10 -5.73
C THR M 103 1.96 -47.37 -4.95
N TYR M 104 1.25 -48.45 -5.23
CA TYR M 104 1.32 -49.66 -4.41
C TYR M 104 2.17 -50.74 -5.06
N ASP M 105 2.82 -51.56 -4.22
CA ASP M 105 3.32 -52.88 -4.63
C ASP M 105 2.90 -53.93 -3.60
N VAL M 106 1.64 -54.37 -3.69
CA VAL M 106 1.08 -55.39 -2.80
C VAL M 106 -0.02 -56.11 -3.56
N TYR M 107 -0.22 -57.38 -3.25
CA TYR M 107 -1.35 -58.14 -3.76
C TYR M 107 -2.30 -58.63 -2.69
N ASP M 108 -1.89 -58.64 -1.41
CA ASP M 108 -2.76 -59.04 -0.32
C ASP M 108 -2.32 -58.29 0.93
N ASN M 109 -3.13 -57.34 1.38
CA ASN M 109 -2.78 -56.45 2.48
C ASN M 109 -3.42 -56.98 3.77
N ALA M 110 -3.19 -56.25 4.87
CA ALA M 110 -3.59 -56.59 6.23
C ALA M 110 -2.86 -57.82 6.75
N LEU M 111 -2.03 -58.45 5.93
CA LEU M 111 -1.18 -59.56 6.36
C LEU M 111 0.29 -59.20 6.32
N ILE M 112 0.78 -58.70 5.18
CA ILE M 112 2.21 -58.40 5.02
C ILE M 112 2.72 -57.53 6.17
N VAL M 113 1.88 -56.60 6.64
CA VAL M 113 2.25 -55.77 7.78
C VAL M 113 2.51 -56.63 9.00
N LYS M 114 1.60 -57.57 9.28
CA LYS M 114 1.78 -58.45 10.42
C LYS M 114 2.98 -59.38 10.24
N LEU M 115 3.19 -59.87 9.02
CA LEU M 115 4.33 -60.74 8.74
C LEU M 115 5.64 -60.03 9.01
N VAL M 116 5.75 -58.77 8.61
CA VAL M 116 7.00 -58.04 8.84
C VAL M 116 7.09 -57.48 10.25
N ARG M 117 5.96 -57.35 10.95
CA ARG M 117 6.01 -57.03 12.37
C ARG M 117 6.31 -58.25 13.23
N GLN M 118 6.22 -59.45 12.67
CA GLN M 118 6.47 -60.68 13.41
C GLN M 118 7.72 -61.39 12.92
N MET M 119 7.82 -61.69 11.62
CA MET M 119 8.91 -62.47 11.07
C MET M 119 10.07 -61.60 10.55
N VAL M 120 10.15 -60.34 11.00
CA VAL M 120 11.21 -59.41 10.66
C VAL M 120 11.15 -59.02 9.18
N GLY M 121 11.64 -57.83 8.86
CA GLY M 121 11.56 -57.30 7.51
C GLY M 121 12.87 -56.79 6.97
N SER M 122 13.97 -57.50 7.25
CA SER M 122 15.29 -57.02 6.87
C SER M 122 15.51 -57.10 5.36
N GLU M 123 14.80 -56.26 4.61
CA GLU M 123 14.88 -56.22 3.16
C GLU M 123 14.92 -54.75 2.74
N ARG M 124 14.73 -54.52 1.44
CA ARG M 124 14.75 -53.17 0.87
C ARG M 124 13.62 -52.29 1.37
N THR M 125 12.68 -52.84 2.15
CA THR M 125 11.60 -52.10 2.78
C THR M 125 10.66 -51.48 1.75
N GLN M 126 9.62 -50.78 2.25
CA GLN M 126 8.62 -50.07 1.46
C GLN M 126 7.68 -51.04 0.74
N ASP M 127 7.99 -52.32 0.77
CA ASP M 127 7.07 -53.36 0.33
C ASP M 127 6.76 -54.37 1.43
N LEU M 128 7.79 -54.93 2.05
CA LEU M 128 7.62 -55.73 3.25
C LEU M 128 7.26 -54.81 4.41
N PRO M 129 8.18 -53.94 4.83
CA PRO M 129 7.85 -52.97 5.89
C PRO M 129 7.03 -51.82 5.37
N GLN M 130 6.82 -50.81 6.22
CA GLN M 130 6.04 -49.62 5.88
C GLN M 130 4.60 -49.99 5.57
N ILE M 131 4.20 -49.84 4.31
CA ILE M 131 2.84 -50.15 3.84
C ILE M 131 1.83 -49.26 4.54
N LYS M 132 1.41 -48.19 3.87
CA LYS M 132 0.43 -47.27 4.41
C LYS M 132 -0.97 -47.79 4.10
N GLY M 133 -1.81 -47.88 5.13
CA GLY M 133 -3.18 -48.34 4.97
C GLY M 133 -3.30 -49.84 4.88
N THR M 134 -4.36 -50.39 5.50
CA THR M 134 -4.61 -51.83 5.50
C THR M 134 -5.83 -52.21 4.69
N SER M 135 -6.44 -51.27 3.98
CA SER M 135 -7.62 -51.56 3.19
C SER M 135 -7.25 -52.39 1.97
N GLU M 136 -8.24 -53.11 1.44
CA GLU M 136 -8.06 -53.87 0.22
C GLU M 136 -7.89 -52.96 -1.00
N LEU M 137 -8.29 -51.69 -0.89
CA LEU M 137 -8.05 -50.73 -1.96
C LEU M 137 -6.58 -50.33 -2.06
N ASP M 138 -5.76 -50.69 -1.09
CA ASP M 138 -4.36 -50.27 -1.04
C ASP M 138 -3.42 -51.35 -1.56
N THR M 139 -3.86 -52.09 -2.57
CA THR M 139 -3.04 -53.12 -3.21
C THR M 139 -3.05 -52.90 -4.72
N VAL M 140 -2.08 -53.52 -5.39
CA VAL M 140 -2.04 -53.45 -6.84
C VAL M 140 -3.28 -54.11 -7.44
N LEU M 141 -3.62 -55.30 -6.94
CA LEU M 141 -4.82 -55.97 -7.40
C LEU M 141 -6.08 -55.20 -7.02
N GLY M 142 -6.13 -54.69 -5.78
CA GLY M 142 -7.32 -53.99 -5.34
C GLY M 142 -7.59 -52.73 -6.14
N TRP M 143 -6.55 -51.94 -6.38
CA TRP M 143 -6.73 -50.69 -7.12
C TRP M 143 -7.04 -50.96 -8.59
N GLN M 144 -6.48 -52.03 -9.16
CA GLN M 144 -6.80 -52.38 -10.54
C GLN M 144 -8.28 -52.70 -10.70
N LYS M 145 -8.82 -53.53 -9.80
CA LYS M 145 -10.23 -53.83 -9.84
C LYS M 145 -11.08 -52.61 -9.52
N PHE M 146 -10.58 -51.72 -8.65
CA PHE M 146 -11.29 -50.48 -8.38
C PHE M 146 -11.40 -49.63 -9.63
N SER M 147 -10.31 -49.50 -10.38
CA SER M 147 -10.33 -48.72 -11.62
C SER M 147 -11.24 -49.37 -12.66
N GLU M 148 -11.18 -50.70 -12.78
CA GLU M 148 -12.04 -51.42 -13.71
C GLU M 148 -13.51 -51.18 -13.38
N GLY M 149 -13.86 -51.29 -12.10
CA GLY M 149 -15.23 -51.03 -11.69
C GLY M 149 -15.64 -49.59 -11.93
N PHE M 150 -14.76 -48.64 -11.63
CA PHE M 150 -15.05 -47.24 -11.89
C PHE M 150 -15.37 -47.02 -13.36
N PHE M 151 -14.58 -47.63 -14.23
CA PHE M 151 -14.72 -47.42 -15.67
C PHE M 151 -16.02 -48.03 -16.18
N SER M 152 -16.29 -49.29 -15.82
CA SER M 152 -17.51 -49.95 -16.26
C SER M 152 -18.75 -49.27 -15.70
N GLY M 153 -18.74 -48.98 -14.40
CA GLY M 153 -19.87 -48.30 -13.78
C GLY M 153 -20.07 -46.90 -14.33
N GLY M 154 -18.99 -46.21 -14.69
CA GLY M 154 -19.14 -44.91 -15.32
C GLY M 154 -19.85 -45.00 -16.64
N LEU M 155 -19.46 -45.97 -17.48
CA LEU M 155 -20.16 -46.16 -18.75
C LEU M 155 -21.64 -46.44 -18.51
N ILE M 156 -21.93 -47.39 -17.61
CA ILE M 156 -23.32 -47.79 -17.38
C ILE M 156 -24.14 -46.64 -16.82
N GLY M 157 -23.59 -45.91 -15.85
CA GLY M 157 -24.32 -44.81 -15.25
C GLY M 157 -24.54 -43.67 -16.23
N SER M 158 -23.55 -43.38 -17.09
CA SER M 158 -23.74 -42.36 -18.11
C SER M 158 -24.86 -42.75 -19.07
N ILE M 159 -24.89 -44.01 -19.49
CA ILE M 159 -25.96 -44.46 -20.38
C ILE M 159 -27.31 -44.37 -19.70
N VAL M 160 -27.37 -44.79 -18.42
CA VAL M 160 -28.64 -44.74 -17.68
C VAL M 160 -29.12 -43.30 -17.53
N ALA M 161 -28.21 -42.38 -17.22
CA ALA M 161 -28.58 -40.98 -17.08
C ALA M 161 -29.02 -40.38 -18.40
N ALA M 162 -28.38 -40.78 -19.51
CA ALA M 162 -28.83 -40.32 -20.82
C ALA M 162 -30.25 -40.81 -21.12
N VAL M 163 -30.53 -42.07 -20.80
CA VAL M 163 -31.87 -42.61 -21.00
C VAL M 163 -32.88 -41.85 -20.14
N GLY M 164 -32.54 -41.58 -18.88
CA GLY M 164 -33.43 -40.84 -18.02
C GLY M 164 -33.68 -39.43 -18.50
N ILE M 165 -32.63 -38.77 -18.98
CA ILE M 165 -32.78 -37.41 -19.51
C ILE M 165 -33.69 -37.41 -20.74
N ALA M 166 -33.51 -38.39 -21.63
CA ALA M 166 -34.37 -38.48 -22.80
C ALA M 166 -35.81 -38.72 -22.41
N LEU M 167 -36.05 -39.62 -21.44
CA LEU M 167 -37.42 -39.89 -21.01
C LEU M 167 -38.04 -38.65 -20.38
N TYR M 168 -37.29 -37.93 -19.54
CA TYR M 168 -37.82 -36.74 -18.90
C TYR M 168 -38.12 -35.65 -19.92
N SER M 169 -37.26 -35.49 -20.92
CA SER M 169 -37.48 -34.45 -21.91
C SER M 169 -38.59 -34.80 -22.89
N THR M 170 -38.84 -36.10 -23.10
CA THR M 170 -39.86 -36.51 -24.07
C THR M 170 -41.24 -36.62 -23.43
N TYR M 171 -41.37 -37.36 -22.34
CA TYR M 171 -42.67 -37.69 -21.77
C TYR M 171 -43.13 -36.73 -20.70
N LEU M 172 -42.41 -35.64 -20.47
CA LEU M 172 -42.83 -34.64 -19.49
C LEU M 172 -42.96 -33.26 -20.13
N MET N 1 -1.66 -27.94 -56.82
CA MET N 1 -2.23 -28.91 -55.90
C MET N 1 -1.43 -30.22 -55.94
N ILE N 2 -0.95 -30.65 -54.78
CA ILE N 2 -0.19 -31.89 -54.67
C ILE N 2 -1.16 -33.05 -54.51
N TYR N 3 -0.74 -34.23 -54.96
CA TYR N 3 -1.60 -35.40 -54.99
C TYR N 3 -1.58 -36.14 -53.67
N ASP N 4 -2.45 -37.15 -53.56
CA ASP N 4 -2.45 -38.00 -52.38
C ASP N 4 -1.16 -38.82 -52.29
N SER N 5 -0.64 -39.26 -53.43
CA SER N 5 0.61 -40.02 -53.43
C SER N 5 1.76 -39.16 -52.92
N GLN N 6 1.81 -37.89 -53.32
CA GLN N 6 2.88 -37.01 -52.88
C GLN N 6 2.85 -36.81 -51.37
N VAL N 7 1.66 -36.56 -50.81
CA VAL N 7 1.55 -36.36 -49.37
C VAL N 7 1.78 -37.67 -48.63
N TYR N 8 1.28 -38.78 -49.17
CA TYR N 8 1.40 -40.06 -48.49
C TYR N 8 2.87 -40.48 -48.34
N ILE N 9 3.64 -40.37 -49.42
CA ILE N 9 5.04 -40.78 -49.34
C ILE N 9 5.85 -39.83 -48.48
N ALA N 10 5.48 -38.55 -48.46
CA ALA N 10 6.13 -37.61 -47.55
C ALA N 10 5.82 -37.98 -46.10
N LEU N 11 4.60 -38.42 -45.83
CA LEU N 11 4.27 -38.91 -44.50
C LEU N 11 5.06 -40.16 -44.15
N VAL N 12 5.21 -41.07 -45.11
CA VAL N 12 5.97 -42.30 -44.86
C VAL N 12 7.43 -41.98 -44.60
N ILE N 13 8.01 -41.06 -45.39
CA ILE N 13 9.39 -40.66 -45.17
C ILE N 13 9.53 -39.95 -43.82
N ALA N 14 8.52 -39.18 -43.44
CA ALA N 14 8.53 -38.54 -42.13
C ALA N 14 8.53 -39.56 -41.01
N VAL N 15 7.81 -40.67 -41.19
CA VAL N 15 7.83 -41.76 -40.20
C VAL N 15 9.24 -42.31 -40.06
N VAL N 16 9.92 -42.54 -41.19
CA VAL N 16 11.28 -43.06 -41.14
C VAL N 16 12.20 -42.11 -40.39
N ALA N 17 12.05 -40.80 -40.64
CA ALA N 17 12.81 -39.82 -39.88
C ALA N 17 12.44 -39.82 -38.40
N SER N 18 11.23 -40.27 -38.06
CA SER N 18 10.85 -40.36 -36.65
C SER N 18 11.53 -41.53 -35.97
N VAL N 19 11.60 -42.69 -36.64
CA VAL N 19 12.29 -43.84 -36.06
C VAL N 19 13.76 -43.55 -35.91
N LEU N 20 14.35 -42.77 -36.83
CA LEU N 20 15.73 -42.35 -36.67
C LEU N 20 15.88 -41.38 -35.50
N ALA N 21 14.83 -40.62 -35.18
CA ALA N 21 14.92 -39.66 -34.08
C ALA N 21 14.88 -40.35 -32.73
N ILE N 22 14.00 -41.35 -32.56
CA ILE N 22 13.96 -42.07 -31.30
C ILE N 22 15.23 -42.87 -31.09
N ARG N 23 15.81 -43.41 -32.17
CA ARG N 23 17.07 -44.12 -32.05
C ARG N 23 18.17 -43.19 -31.55
N LEU N 24 18.20 -41.95 -32.07
CA LEU N 24 19.13 -40.96 -31.52
C LEU N 24 18.72 -40.56 -30.10
N GLY N 25 17.42 -40.44 -29.84
CA GLY N 25 16.98 -40.08 -28.51
C GLY N 25 17.31 -41.14 -27.48
N ALA N 26 17.06 -42.41 -27.82
CA ALA N 26 17.39 -43.50 -26.90
C ALA N 26 18.89 -43.69 -26.77
N THR N 27 19.66 -43.37 -27.82
CA THR N 27 21.11 -43.52 -27.75
C THR N 27 21.73 -42.43 -26.89
N LEU N 28 21.11 -41.25 -26.83
CA LEU N 28 21.51 -40.22 -25.88
C LEU N 28 21.08 -40.56 -24.46
N TYR N 29 20.57 -41.79 -24.30
CA TYR N 29 20.28 -42.41 -23.02
C TYR N 29 19.01 -41.86 -22.36
N ASN N 30 18.51 -42.59 -21.39
CA ASN N 30 17.32 -42.22 -20.63
C ASN N 30 17.42 -40.81 -20.06
N UNK O 1 -3.34 -67.94 2.53
CA UNK O 1 -3.08 -66.65 3.15
C UNK O 1 -1.64 -66.22 2.92
N UNK O 2 -0.72 -67.19 2.94
CA UNK O 2 0.69 -66.92 2.73
C UNK O 2 1.45 -68.20 2.41
N UNK O 3 2.39 -68.54 3.28
CA UNK O 3 3.19 -69.76 3.13
C UNK O 3 3.81 -70.12 4.47
N UNK O 4 4.95 -70.82 4.43
CA UNK O 4 5.68 -71.20 5.64
C UNK O 4 4.80 -71.94 6.64
N UNK O 5 5.12 -71.81 7.93
CA UNK O 5 4.36 -72.46 8.99
C UNK O 5 4.77 -71.95 10.37
N UNK O 6 4.63 -72.83 11.37
CA UNK O 6 5.05 -72.56 12.74
C UNK O 6 4.33 -71.39 13.38
N UNK O 7 4.80 -70.18 13.11
CA UNK O 7 4.29 -68.98 13.79
C UNK O 7 3.00 -68.44 13.16
N UNK O 8 2.16 -69.35 12.66
CA UNK O 8 0.87 -68.96 12.10
C UNK O 8 -0.10 -68.64 13.23
N UNK O 9 0.22 -69.09 14.44
CA UNK O 9 -0.61 -68.84 15.60
C UNK O 9 -0.64 -67.36 15.96
N UNK O 10 0.54 -66.75 16.00
CA UNK O 10 0.66 -65.33 16.29
C UNK O 10 0.16 -64.49 15.11
N UNK O 11 0.26 -65.05 13.91
CA UNK O 11 -0.18 -64.37 12.70
C UNK O 11 -1.70 -64.31 12.64
N UNK O 12 -2.34 -65.46 12.83
CA UNK O 12 -3.80 -65.53 12.80
C UNK O 12 -4.41 -64.80 13.99
N UNK O 13 -3.63 -64.65 15.05
CA UNK O 13 -4.07 -63.91 16.22
C UNK O 13 -4.14 -62.42 15.90
N UNK O 14 -3.06 -61.89 15.35
CA UNK O 14 -2.99 -60.49 14.97
C UNK O 14 -3.93 -60.20 13.81
N UNK O 15 -4.13 -61.19 12.95
CA UNK O 15 -5.02 -61.04 11.80
C UNK O 15 -6.46 -60.82 12.24
N UNK O 16 -6.97 -61.72 13.06
CA UNK O 16 -8.34 -61.62 13.56
C UNK O 16 -8.52 -60.39 14.44
N UNK O 17 -7.44 -59.95 15.07
CA UNK O 17 -7.48 -58.77 15.93
C UNK O 17 -7.48 -57.49 15.11
N UNK O 18 -6.67 -57.47 14.04
CA UNK O 18 -6.58 -56.30 13.18
C UNK O 18 -7.78 -56.20 12.24
N UNK O 19 -8.26 -57.36 11.76
CA UNK O 19 -9.43 -57.39 10.90
C UNK O 19 -10.66 -56.93 11.68
N UNK O 20 -10.68 -57.24 12.98
CA UNK O 20 -11.74 -56.78 13.85
C UNK O 20 -11.62 -55.28 14.07
N UNK O 21 -10.50 -54.86 14.66
CA UNK O 21 -10.26 -53.47 15.01
C UNK O 21 -10.50 -52.50 13.85
N UNK O 22 -10.15 -52.93 12.64
CA UNK O 22 -10.36 -52.10 11.46
C UNK O 22 -11.84 -52.00 11.11
N UNK O 23 -12.53 -53.13 11.14
CA UNK O 23 -13.93 -53.19 10.74
C UNK O 23 -14.88 -52.85 11.89
N UNK O 24 -14.57 -53.35 13.09
CA UNK O 24 -15.45 -53.14 14.24
C UNK O 24 -15.50 -51.67 14.65
N UNK O 25 -14.52 -51.24 15.43
CA UNK O 25 -14.48 -49.86 15.91
C UNK O 25 -14.18 -48.90 14.77
N UNK O 26 -12.94 -48.41 14.71
CA UNK O 26 -12.56 -47.36 13.77
C UNK O 26 -13.52 -46.19 13.90
N UNK O 27 -14.67 -46.31 13.26
CA UNK O 27 -15.73 -45.28 13.28
C UNK O 27 -15.14 -43.94 12.85
N UNK O 28 -14.09 -44.01 12.04
CA UNK O 28 -13.33 -42.86 11.60
C UNK O 28 -12.22 -43.39 10.71
N UNK O 29 -12.53 -44.43 9.94
CA UNK O 29 -11.58 -45.05 9.03
C UNK O 29 -11.03 -44.04 8.04
N UNK O 30 -11.81 -42.99 7.79
CA UNK O 30 -11.39 -41.90 6.92
C UNK O 30 -10.19 -41.17 7.50
N UNK O 31 -10.08 -41.14 8.81
CA UNK O 31 -8.98 -40.47 9.49
C UNK O 31 -8.16 -41.46 10.32
N UNK O 32 -7.39 -42.30 9.63
CA UNK O 32 -6.58 -43.32 10.31
C UNK O 32 -5.14 -42.87 10.47
N UNK O 33 -4.73 -41.87 9.69
CA UNK O 33 -3.38 -41.33 9.78
C UNK O 33 -3.31 -40.24 10.85
N UNK O 34 -4.30 -40.22 11.73
CA UNK O 34 -4.36 -39.25 12.81
C UNK O 34 -4.38 -39.95 14.17
N UNK O 35 -3.82 -41.14 14.22
CA UNK O 35 -3.72 -41.92 15.45
C UNK O 35 -2.46 -42.75 15.45
N UNK O 36 -2.04 -43.21 16.63
CA UNK O 36 -0.82 -44.01 16.74
C UNK O 36 -0.85 -44.91 17.97
N UNK O 37 0.11 -45.83 18.04
CA UNK O 37 0.23 -46.73 19.18
C UNK O 37 1.71 -46.88 19.53
N UNK O 38 2.55 -46.09 18.87
CA UNK O 38 3.99 -46.12 19.09
C UNK O 38 4.43 -44.95 19.96
N UNK O 39 3.96 -44.94 21.20
CA UNK O 39 4.34 -43.90 22.16
C UNK O 39 5.21 -44.50 23.25
N UNK O 40 6.25 -43.79 23.64
CA UNK O 40 7.18 -44.27 24.66
C UNK O 40 6.90 -43.63 26.02
N UNK O 41 7.29 -44.31 27.08
CA UNK O 41 7.12 -43.80 28.43
C UNK O 41 8.26 -42.85 28.77
N UNK O 42 8.00 -41.92 29.69
CA UNK O 42 9.00 -40.96 30.12
C UNK O 42 10.16 -41.66 30.83
N UNK O 43 9.86 -42.77 31.50
CA UNK O 43 10.87 -43.53 32.22
C UNK O 43 11.88 -44.15 31.26
N UNK O 44 11.38 -44.73 30.17
CA UNK O 44 12.23 -45.38 29.18
C UNK O 44 13.07 -44.36 28.42
N UNK O 45 12.47 -43.20 28.13
CA UNK O 45 13.16 -42.14 27.40
C UNK O 45 14.24 -41.50 28.26
N UNK O 46 13.92 -41.26 29.53
CA UNK O 46 14.88 -40.63 30.45
C UNK O 46 16.04 -41.56 30.76
N UNK O 47 15.83 -42.87 30.60
CA UNK O 47 16.86 -43.85 30.88
C UNK O 47 17.89 -43.91 29.76
N UNK O 48 17.40 -44.02 28.52
CA UNK O 48 18.28 -44.08 27.36
C UNK O 48 19.09 -42.79 27.21
N UNK O 49 18.50 -41.71 27.68
CA UNK O 49 19.11 -40.38 27.59
C UNK O 49 20.35 -40.25 28.45
N UNK O 50 20.18 -40.45 29.76
CA UNK O 50 21.30 -40.37 30.70
C UNK O 50 22.39 -41.39 30.37
N UNK O 51 21.98 -42.46 29.69
CA UNK O 51 22.93 -43.47 29.23
C UNK O 51 23.83 -42.89 28.14
N UNK O 52 23.22 -42.39 27.07
CA UNK O 52 23.96 -41.79 25.97
C UNK O 52 24.63 -40.48 26.40
N UNK O 53 24.19 -39.95 27.53
CA UNK O 53 24.76 -38.74 28.10
C UNK O 53 26.20 -38.97 28.53
N UNK O 54 26.36 -39.56 29.72
CA UNK O 54 27.68 -39.76 30.33
C UNK O 54 28.60 -40.63 29.48
N UNK O 55 28.02 -41.58 28.75
CA UNK O 55 28.83 -42.49 27.92
C UNK O 55 29.46 -41.74 26.76
N SER P 2 21.61 -33.54 1.87
CA SER P 2 21.85 -32.70 3.04
C SER P 2 22.89 -31.63 2.74
N HIS P 3 22.75 -30.47 3.37
CA HIS P 3 23.68 -29.38 3.14
C HIS P 3 25.03 -29.69 3.78
N THR P 4 26.04 -28.92 3.36
CA THR P 4 27.41 -29.09 3.83
C THR P 4 27.81 -27.88 4.66
N VAL P 5 28.34 -28.13 5.85
CA VAL P 5 28.78 -27.08 6.76
C VAL P 5 30.25 -27.32 7.07
N LYS P 6 31.08 -26.30 6.83
CA LYS P 6 32.51 -26.39 7.08
C LYS P 6 32.92 -25.34 8.09
N ILE P 7 33.89 -25.69 8.92
CA ILE P 7 34.44 -24.79 9.93
C ILE P 7 35.90 -24.50 9.57
N TYR P 8 36.30 -23.24 9.70
CA TYR P 8 37.63 -22.81 9.30
C TYR P 8 38.38 -22.31 10.54
N ASP P 9 39.71 -22.43 10.49
CA ASP P 9 40.53 -22.16 11.66
C ASP P 9 40.53 -20.70 12.08
N THR P 10 39.83 -19.82 11.36
CA THR P 10 39.61 -18.46 11.83
C THR P 10 38.64 -18.40 13.01
N CYS P 11 38.00 -19.53 13.33
CA CYS P 11 37.17 -19.65 14.51
C CYS P 11 37.84 -19.08 15.75
N ILE P 12 37.10 -18.22 16.46
CA ILE P 12 37.56 -17.67 17.72
C ILE P 12 36.84 -18.31 18.89
N GLY P 13 35.98 -19.30 18.64
CA GLY P 13 35.31 -20.01 19.72
C GLY P 13 34.37 -19.15 20.55
N CYS P 14 33.64 -18.25 19.91
CA CYS P 14 32.71 -17.37 20.62
C CYS P 14 31.34 -17.99 20.82
N THR P 15 31.12 -19.19 20.30
CA THR P 15 29.93 -20.02 20.50
C THR P 15 28.65 -19.43 19.93
N GLN P 16 28.71 -18.27 19.28
CA GLN P 16 27.47 -17.65 18.80
C GLN P 16 26.82 -18.46 17.69
N CYS P 17 27.60 -19.22 16.91
CA CYS P 17 27.02 -20.06 15.88
C CYS P 17 26.24 -21.22 16.49
N VAL P 18 26.79 -21.86 17.51
CA VAL P 18 26.16 -23.04 18.09
C VAL P 18 24.83 -22.67 18.74
N ARG P 19 24.81 -21.57 19.48
CA ARG P 19 23.59 -21.16 20.17
C ARG P 19 22.59 -20.47 19.24
N ALA P 20 22.90 -20.36 17.96
CA ALA P 20 21.97 -19.83 16.98
C ALA P 20 21.40 -20.89 16.05
N CYS P 21 21.98 -22.09 16.04
CA CYS P 21 21.48 -23.16 15.19
C CYS P 21 20.11 -23.62 15.66
N PRO P 22 19.07 -23.58 14.81
CA PRO P 22 17.74 -24.01 15.24
C PRO P 22 17.52 -25.51 15.24
N THR P 23 18.44 -26.30 14.68
CA THR P 23 18.26 -27.74 14.53
C THR P 23 19.37 -28.55 15.19
N ASP P 24 20.18 -27.93 16.04
CA ASP P 24 21.26 -28.60 16.75
C ASP P 24 22.19 -29.33 15.78
N VAL P 25 22.83 -28.55 14.92
CA VAL P 25 23.81 -29.08 13.98
C VAL P 25 25.23 -28.82 14.46
N LEU P 26 25.48 -27.65 15.03
CA LEU P 26 26.81 -27.26 15.46
C LEU P 26 26.99 -27.49 16.94
N GLU P 27 28.24 -27.75 17.33
CA GLU P 27 28.60 -27.94 18.72
C GLU P 27 30.04 -27.46 18.91
N MET P 28 30.38 -27.16 20.16
CA MET P 28 31.70 -26.66 20.50
C MET P 28 32.58 -27.79 20.98
N VAL P 29 33.77 -27.90 20.39
CA VAL P 29 34.68 -29.00 20.69
C VAL P 29 36.03 -28.41 21.10
N PRO P 30 36.82 -29.15 21.88
CA PRO P 30 38.12 -28.62 22.31
C PRO P 30 39.05 -28.35 21.14
N TRP P 31 39.90 -27.34 21.31
CA TRP P 31 40.83 -26.92 20.27
C TRP P 31 41.98 -26.19 20.94
N ASP P 32 43.07 -26.00 20.18
CA ASP P 32 44.23 -25.27 20.67
C ASP P 32 44.69 -24.20 19.70
N GLY P 33 43.82 -23.76 18.79
CA GLY P 33 44.16 -22.75 17.81
C GLY P 33 43.67 -21.35 18.13
N CYS P 34 43.06 -21.14 19.29
CA CYS P 34 42.54 -19.82 19.66
C CYS P 34 42.57 -19.67 21.17
N LYS P 35 42.30 -18.45 21.63
CA LYS P 35 42.37 -18.14 23.06
C LYS P 35 41.35 -18.96 23.84
N ALA P 36 40.13 -19.05 23.31
CA ALA P 36 39.06 -19.75 24.02
C ALA P 36 39.31 -21.25 24.12
N GLY P 37 40.23 -21.80 23.31
CA GLY P 37 40.49 -23.21 23.36
C GLY P 37 39.36 -24.08 22.85
N GLN P 38 38.49 -23.52 22.01
CA GLN P 38 37.32 -24.22 21.50
C GLN P 38 37.13 -23.86 20.03
N ILE P 39 36.56 -24.80 19.28
CA ILE P 39 36.22 -24.56 17.89
C ILE P 39 34.87 -25.20 17.60
N ALA P 40 34.11 -24.57 16.71
CA ALA P 40 32.83 -25.12 16.30
C ALA P 40 33.02 -26.36 15.46
N SER P 41 32.06 -27.28 15.58
CA SER P 41 32.04 -28.50 14.79
C SER P 41 30.65 -28.69 14.22
N ALA P 42 30.56 -29.47 13.14
CA ALA P 42 29.30 -29.75 12.46
C ALA P 42 29.14 -31.26 12.32
N PRO P 43 28.84 -31.95 13.42
CA PRO P 43 28.70 -33.41 13.36
C PRO P 43 27.31 -33.91 13.00
N ARG P 44 26.33 -33.04 12.89
CA ARG P 44 24.94 -33.43 12.64
C ARG P 44 24.37 -32.64 11.46
N THR P 45 25.13 -32.59 10.37
CA THR P 45 24.69 -31.86 9.18
C THR P 45 23.46 -32.48 8.52
N GLU P 46 23.10 -33.72 8.87
CA GLU P 46 21.87 -34.30 8.36
C GLU P 46 20.64 -33.53 8.83
N ASP P 47 20.75 -32.82 9.95
CA ASP P 47 19.68 -31.96 10.44
C ASP P 47 19.83 -30.52 9.95
N CYS P 48 20.89 -30.20 9.23
CA CYS P 48 21.07 -28.85 8.73
C CYS P 48 19.94 -28.47 7.79
N VAL P 49 19.33 -27.32 8.05
CA VAL P 49 18.22 -26.85 7.24
C VAL P 49 18.63 -25.80 6.21
N GLY P 50 19.81 -25.19 6.37
CA GLY P 50 20.26 -24.17 5.46
C GLY P 50 19.80 -22.77 5.76
N CYS P 51 19.22 -22.54 6.94
CA CYS P 51 18.73 -21.21 7.28
C CYS P 51 19.85 -20.18 7.42
N LYS P 52 21.09 -20.64 7.61
CA LYS P 52 22.27 -19.78 7.68
C LYS P 52 22.23 -18.81 8.86
N ARG P 53 21.47 -19.13 9.91
CA ARG P 53 21.56 -18.38 11.15
C ARG P 53 22.95 -18.53 11.76
N CYS P 54 23.63 -19.65 11.48
CA CYS P 54 24.94 -19.90 12.06
C CYS P 54 25.95 -18.84 11.64
N GLU P 55 25.95 -18.48 10.36
CA GLU P 55 26.92 -17.51 9.85
C GLU P 55 26.43 -16.08 9.93
N THR P 56 25.17 -15.86 10.31
CA THR P 56 24.73 -14.51 10.66
C THR P 56 25.25 -14.07 12.02
N ALA P 57 25.58 -15.03 12.89
CA ALA P 57 26.12 -14.75 14.20
C ALA P 57 27.64 -14.86 14.25
N CYS P 58 28.29 -15.06 13.11
CA CYS P 58 29.74 -15.21 13.09
C CYS P 58 30.42 -13.85 13.11
N PRO P 59 31.29 -13.57 14.09
CA PRO P 59 31.94 -12.27 14.15
C PRO P 59 33.23 -12.17 13.35
N THR P 60 33.83 -13.31 12.99
CA THR P 60 35.08 -13.29 12.23
C THR P 60 34.86 -12.62 10.87
N ASP P 61 35.96 -12.22 10.25
CA ASP P 61 35.89 -11.26 9.15
C ASP P 61 35.07 -11.79 7.98
N PHE P 62 35.59 -12.77 7.24
CA PHE P 62 34.69 -13.49 6.34
C PHE P 62 34.35 -14.86 6.88
N LEU P 63 33.68 -14.91 8.03
CA LEU P 63 33.07 -16.14 8.52
C LEU P 63 34.08 -17.21 8.89
N SER P 64 33.73 -18.04 9.87
CA SER P 64 34.46 -19.26 10.13
C SER P 64 33.59 -20.50 9.96
N VAL P 65 32.27 -20.33 9.90
CA VAL P 65 31.33 -21.39 9.54
C VAL P 65 30.71 -21.03 8.20
N ARG P 66 30.76 -21.97 7.26
CA ARG P 66 30.25 -21.75 5.91
C ARG P 66 29.26 -22.87 5.58
N VAL P 67 28.09 -22.48 5.09
CA VAL P 67 27.03 -23.42 4.74
C VAL P 67 26.92 -23.47 3.23
N TYR P 68 27.16 -24.65 2.66
CA TYR P 68 27.03 -24.88 1.22
C TYR P 68 25.78 -25.71 0.99
N LEU P 69 24.78 -25.10 0.36
CA LEU P 69 23.53 -25.80 0.09
C LEU P 69 23.77 -26.91 -0.93
N GLY P 70 23.18 -28.07 -0.69
CA GLY P 70 23.35 -29.21 -1.55
C GLY P 70 22.08 -29.98 -1.79
N GLY P 71 22.16 -31.31 -1.75
CA GLY P 71 20.97 -32.12 -1.96
C GLY P 71 19.93 -31.90 -0.87
N GLU P 72 18.67 -31.97 -1.27
CA GLU P 72 17.57 -31.69 -0.37
C GLU P 72 17.01 -32.97 0.24
N THR P 73 16.52 -32.84 1.47
CA THR P 73 15.91 -33.94 2.20
C THR P 73 14.72 -33.38 2.97
N THR P 74 13.80 -34.26 3.36
CA THR P 74 12.65 -33.83 4.13
C THR P 74 13.06 -33.13 5.42
N ARG P 75 14.22 -33.49 5.98
CA ARG P 75 14.75 -32.76 7.12
C ARG P 75 15.32 -31.41 6.71
N SER P 76 16.07 -31.39 5.60
CA SER P 76 16.69 -30.15 5.16
C SER P 76 15.69 -29.19 4.52
N LEU P 77 14.57 -29.70 4.01
CA LEU P 77 13.53 -28.85 3.45
C LEU P 77 12.58 -28.31 4.51
N GLY P 78 12.75 -28.71 5.76
CA GLY P 78 11.86 -28.25 6.82
C GLY P 78 10.42 -28.66 6.62
N LEU P 79 10.18 -29.89 6.19
CA LEU P 79 8.85 -30.38 5.90
C LEU P 79 8.28 -31.06 7.14
N ALA P 80 7.25 -30.46 7.72
CA ALA P 80 6.50 -31.11 8.79
C ALA P 80 5.52 -32.15 8.26
N TYR P 81 5.36 -32.24 6.95
CA TYR P 81 4.47 -33.22 6.32
C TYR P 81 5.26 -34.17 5.44
C1 XAT Q . 40.10 55.05 -29.32
C2 XAT Q . 40.43 56.12 -30.35
C3 XAT Q . 39.51 57.30 -30.15
C4 XAT Q . 40.00 58.01 -28.90
C5 XAT Q . 40.02 57.11 -27.66
C6 XAT Q . 40.01 55.59 -27.88
C7 XAT Q . 40.83 54.87 -26.82
C8 XAT Q . 40.21 54.11 -25.93
C9 XAT Q . 40.98 53.41 -24.88
C10 XAT Q . 40.37 53.07 -23.76
C11 XAT Q . 41.07 52.38 -22.68
C12 XAT Q . 40.54 52.43 -21.47
C13 XAT Q . 41.17 51.78 -20.31
C14 XAT Q . 40.52 51.79 -19.14
C15 XAT Q . 41.06 51.15 -17.95
C16 XAT Q . 41.18 53.97 -29.39
C17 XAT Q . 38.78 54.39 -29.68
C18 XAT Q . 40.83 57.50 -26.43
C19 XAT Q . 42.44 53.09 -25.10
C20 XAT Q . 42.50 51.11 -20.44
O3 XAT Q . 39.58 58.18 -31.28
O4 XAT Q . 38.85 56.33 -27.46
C21 XAT Q . 40.96 44.56 -6.99
C22 XAT Q . 41.09 44.14 -5.54
C23 XAT Q . 42.31 44.81 -4.94
C24 XAT Q . 41.87 46.24 -4.69
C25 XAT Q . 41.47 46.95 -5.99
C26 XAT Q . 41.11 46.08 -7.22
C27 XAT Q . 40.10 46.72 -8.15
C28 XAT Q . 40.57 47.10 -9.33
C29 XAT Q . 39.77 47.74 -10.37
C30 XAT Q . 40.41 48.27 -11.42
C31 XAT Q . 39.71 48.91 -12.53
C32 XAT Q . 40.48 49.36 -13.51
C33 XAT Q . 39.92 50.02 -14.70
C34 XAT Q . 40.74 50.31 -15.72
C35 XAT Q . 40.23 50.95 -16.92
C36 XAT Q . 39.59 44.11 -7.50
C37 XAT Q . 42.02 43.85 -7.80
C38 XAT Q . 40.65 48.25 -5.99
C39 XAT Q . 38.27 47.78 -10.28
C40 XAT Q . 38.45 50.36 -14.77
O23 XAT Q . 42.66 44.19 -3.70
O24 XAT Q . 42.38 46.74 -7.08
C1 XAT R . 28.16 43.70 10.42
C2 XAT R . 28.17 42.35 11.11
C3 XAT R . 27.12 42.39 12.21
C4 XAT R . 25.78 42.25 11.51
C5 XAT R . 25.55 43.33 10.44
C6 XAT R . 26.77 44.13 9.92
C7 XAT R . 26.61 44.50 8.46
C8 XAT R . 26.85 45.76 8.09
C9 XAT R . 26.72 46.25 6.70
C10 XAT R . 27.64 45.94 5.76
C11 XAT R . 27.48 46.47 4.41
C12 XAT R . 28.38 46.19 3.46
C13 XAT R . 28.22 46.79 2.11
C14 XAT R . 29.10 46.49 1.14
C15 XAT R . 28.96 47.10 -0.19
C16 XAT R . 29.15 43.69 9.27
C17 XAT R . 28.67 44.72 11.42
C18 XAT R . 24.51 43.13 9.33
C19 XAT R . 25.58 47.15 6.34
C20 XAT R . 27.10 47.73 1.84
O3 XAT R . 27.31 41.31 13.13
O4 XAT R . 25.81 44.67 10.87
C21 XAT R . 29.67 49.96 -12.49
C22 XAT R . 29.71 50.80 -13.76
C23 XAT R . 29.61 52.27 -13.41
C24 XAT R . 30.95 52.63 -12.84
C25 XAT R . 31.24 51.87 -11.54
C26 XAT R . 30.52 50.52 -11.34
C27 XAT R . 31.26 49.54 -10.46
C28 XAT R . 30.77 49.48 -9.23
C29 XAT R . 31.27 48.62 -8.14
C30 XAT R . 30.74 48.79 -6.92
C31 XAT R . 31.12 48.01 -5.74
C32 XAT R . 30.42 48.23 -4.64
C33 XAT R . 30.69 47.52 -3.37
C34 XAT R . 29.79 47.64 -2.37
C35 XAT R . 29.95 46.99 -1.07
C36 XAT R . 30.11 48.54 -12.81
C37 XAT R . 28.22 49.92 -12.01
C38 XAT R . 32.62 51.90 -10.89
C39 XAT R . 32.33 47.59 -8.39
C40 XAT R . 31.93 46.69 -3.19
O23 XAT R . 29.36 53.05 -14.58
O24 XAT R . 30.11 51.72 -10.68
C1 A1L1G S . 47.51 55.45 -1.58
C5 A1L1G S . 47.86 53.00 -1.09
C4 A1L1G S . 49.87 56.17 -2.09
C3 A1L1G S . 49.43 54.69 -0.14
C2 A1L1G S . 45.03 56.23 -1.52
C10 A1L1G S . 47.98 57.27 -3.29
C11 A1L1G S . 48.48 55.97 -2.66
C12 A1L1G S . 47.08 54.50 0.71
C14 A1L1G S . 27.10 60.65 -0.35
C17 A1L1G S . 25.40 58.45 -1.39
C18 A1L1G S . 25.39 62.95 -0.01
C19 A1L1G S . 26.59 63.27 -2.17
C20 A1L1G S . 25.22 59.85 -1.90
C21 A1L1G S . 23.89 60.15 -2.52
C22 A1L1G S . 23.94 61.51 -3.18
C23 A1L1G S . 24.23 62.59 -2.15
C24 A1L1G S . 25.57 62.41 -1.42
C25 A1L1G S . 26.05 60.95 -1.38
C26 A1L1G S . 29.14 60.36 1.72
C27 A1L1G S . 34.24 58.27 1.70
C28 A1L1G S . 38.92 57.01 -3.67
C29 A1L1G S . 28.35 60.32 -0.67
C30 A1L1G S . 29.36 60.05 0.26
C31 A1L1G S . 30.56 59.49 -0.15
C32 A1L1G S . 31.41 58.69 0.58
C33 A1L1G S . 32.42 57.90 0.08
C34 A1L1G S . 33.79 57.98 0.32
C35 A1L1G S . 34.78 57.79 -0.66
C36 A1L1G S . 36.13 57.64 -0.50
C37 A1L1G S . 37.16 57.74 -1.42
C38 A1L1G S . 38.52 57.51 -1.29
C39 A1L1G S . 39.44 57.22 -2.31
C40 A1L1G S . 40.82 57.12 -2.10
C41 A1L1G S . 41.77 56.66 -2.98
C42 A1L1G S . 43.12 56.93 -3.00
C43 A1L1G S . 44.52 54.99 -3.61
C44 A1L1G S . 44.18 56.10 -2.69
C45 A1L1G S . 46.28 55.87 -1.56
C6 A1L1G S . 47.98 54.42 -0.54
C8 A1L1G S . 50.34 54.94 -1.33
O13 A1L1G S . 28.20 59.46 2.25
O15 A1L1G S . 26.33 60.36 -2.68
O16 A1L1G S . 22.70 61.78 -3.83
O7 A1L1G S . 51.69 55.12 -0.91
O9 A1L1G S . 48.62 54.97 -3.69
C1 XAT T . 24.58 45.11 -12.22
C2 XAT T . 23.99 44.86 -13.60
C3 XAT T . 22.82 45.80 -13.84
C4 XAT T . 23.45 47.16 -14.03
C5 XAT T . 23.93 47.64 -12.66
C6 XAT T . 24.43 46.55 -11.69
C7 XAT T . 25.48 47.03 -10.72
C8 XAT T . 25.02 47.09 -9.48
C9 XAT T . 25.76 47.51 -8.29
C10 XAT T . 25.05 47.53 -7.16
C11 XAT T . 25.56 47.91 -5.85
C12 XAT T . 24.73 47.69 -4.84
C13 XAT T . 25.10 48.04 -3.46
C14 XAT T . 24.13 48.10 -2.54
C15 XAT T . 24.44 48.46 -1.17
C16 XAT T . 26.06 44.75 -12.25
C17 XAT T . 23.90 44.16 -11.24
C18 XAT T . 24.74 48.93 -12.49
C19 XAT T . 27.22 47.89 -8.33
C20 XAT T . 26.53 48.33 -3.10
O3 XAT T . 22.06 45.38 -14.97
O4 XAT T . 23.14 47.19 -11.56
C21 XAT T . 23.85 50.01 11.30
C22 XAT T . 24.19 50.62 12.66
C23 XAT T . 24.74 52.01 12.48
C24 XAT T . 23.53 52.85 12.09
C25 XAT T . 23.14 52.47 10.66
C26 XAT T . 23.40 51.02 10.24
C27 XAT T . 22.43 50.51 9.19
C28 XAT T . 22.99 50.27 8.02
C29 XAT T . 22.28 49.77 6.83
C30 XAT T . 22.99 49.71 5.70
C31 XAT T . 22.44 49.26 4.43
C32 XAT T . 23.27 49.28 3.41
C33 XAT T . 22.87 48.86 2.06
C34 XAT T . 23.80 48.88 1.10
C35 XAT T . 23.47 48.50 -0.26
C36 XAT T . 22.76 48.96 11.49
C37 XAT T . 25.10 49.29 10.79
C38 XAT T . 21.88 53.03 9.98
C39 XAT T . 20.84 49.35 6.88
C40 XAT T . 21.46 48.44 1.77
O23 XAT T . 25.30 52.50 13.69
O24 XAT T . 24.23 52.11 9.82
MG CLA U . 25.21 52.26 18.95
CHA CLA U . 28.28 53.68 18.17
CHB CLA U . 25.09 54.11 21.80
CHC CLA U . 22.14 50.88 19.66
CHD CLA U . 25.37 50.35 15.97
NA CLA U . 26.49 53.66 19.82
C1A CLA U . 27.73 54.13 19.33
C2A CLA U . 28.34 55.15 20.29
C3A CLA U . 27.34 55.20 21.46
C4A CLA U . 26.22 54.27 21.01
CMA CLA U . 27.97 54.74 22.76
CAA CLA U . 28.46 56.52 19.64
CBA CLA U . 27.21 56.90 18.88
CGA CLA U . 27.43 58.17 18.14
O1A CLA U . 28.37 58.48 17.41
O2A CLA U . 26.42 59.08 18.31
NB CLA U . 23.86 52.48 20.43
C1B CLA U . 23.99 53.28 21.51
C2B CLA U . 22.81 53.14 22.40
C3B CLA U . 21.96 52.23 21.80
C4B CLA U . 22.63 51.79 20.54
CMB CLA U . 22.65 53.87 23.67
CAB CLA U . 20.69 51.73 22.26
CBB CLA U . 19.56 51.73 21.54
NC CLA U . 23.99 50.85 17.99
C1C CLA U . 22.78 50.44 18.46
C2C CLA U . 22.19 49.47 17.55
C3C CLA U . 23.11 49.30 16.50
C4C CLA U . 24.24 50.19 16.78
CMC CLA U . 20.90 48.81 17.75
CAC CLA U . 22.96 48.42 15.33
CBC CLA U . 23.15 46.97 15.66
ND CLA U . 26.51 51.98 17.43
C1D CLA U . 26.44 51.19 16.25
C2D CLA U . 27.67 51.42 15.45
C3D CLA U . 28.42 52.35 16.14
C4D CLA U . 27.64 52.68 17.36
CMD CLA U . 27.99 50.77 14.18
CAD CLA U . 29.64 53.13 16.18
OBD CLA U . 30.60 53.12 15.41
CBD CLA U . 29.56 54.04 17.44
CGD CLA U . 30.77 53.91 18.33
O1D CLA U . 30.81 53.54 19.51
O2D CLA U . 31.94 54.25 17.72
CED CLA U . 32.94 54.91 18.50
C1 CLA U . 26.11 59.93 17.18
MG CLA V . 33.35 60.81 12.18
CHA CLA V . 36.64 60.06 11.39
CHB CLA V . 34.34 62.06 15.18
CHC CLA V . 30.07 61.60 12.87
CHD CLA V . 32.35 59.51 9.04
NA CLA V . 35.20 61.00 13.12
C1A CLA V . 36.46 60.64 12.62
C2A CLA V . 37.56 60.97 13.63
C3A CLA V . 36.78 61.49 14.86
C4A CLA V . 35.33 61.53 14.37
CMA CLA V . 36.95 60.58 16.06
CAA CLA V . 38.48 62.06 13.12
CBA CLA V . 37.75 63.05 12.23
CGA CLA V . 37.57 64.38 12.92
O1A CLA V . 36.79 64.67 13.83
O2A CLA V . 38.39 65.35 12.43
NB CLA V . 32.39 61.67 13.73
C1B CLA V . 32.98 62.14 14.86
C2B CLA V . 31.95 62.74 15.75
C3B CLA V . 30.74 62.62 15.11
C4B CLA V . 31.00 61.93 13.81
CMB CLA V . 32.27 63.33 17.06
CAB CLA V . 29.43 63.03 15.53
CBB CLA V . 28.39 62.22 15.71
NC CLA V . 31.54 60.57 11.14
C1C CLA V . 30.32 60.96 11.62
C2C CLA V . 29.28 60.64 10.65
C3C CLA V . 29.92 60.06 9.55
C4C CLA V . 31.34 60.02 9.87
CMC CLA V . 27.85 60.90 10.83
CAC CLA V . 29.29 59.57 8.31
CBC CLA V . 29.23 60.64 7.25
ND CLA V . 34.22 59.93 10.58
C1D CLA V . 33.70 59.45 9.34
C2D CLA V . 34.80 58.94 8.52
C3D CLA V . 35.96 59.14 9.26
C4D CLA V . 35.54 59.77 10.52
CMD CLA V . 34.65 58.35 7.18
CAD CLA V . 37.40 58.97 9.31
OBD CLA V . 38.15 58.46 8.49
CBD CLA V . 37.88 59.59 10.66
CGD CLA V . 38.70 58.63 11.47
O1D CLA V . 38.40 58.08 12.52
O2D CLA V . 39.92 58.36 10.91
CED CLA V . 41.01 58.09 11.79
MG CLA W . 32.40 45.96 9.11
CHA CLA W . 33.60 45.33 12.30
CHB CLA W . 33.69 43.00 8.05
CHC CLA W . 31.04 46.54 6.02
CHD CLA W . 31.00 48.99 10.30
NA CLA W . 33.49 44.44 10.04
C1A CLA W . 33.89 44.36 11.39
C2A CLA W . 34.64 43.07 11.66
C3A CLA W . 34.81 42.45 10.25
C4A CLA W . 33.93 43.33 9.38
CMA CLA W . 36.26 42.46 9.83
CAA CLA W . 33.79 42.16 12.52
CBA CLA W . 32.33 42.17 12.11
CGA CLA W . 32.07 41.08 11.10
O1A CLA W . 32.34 39.89 11.20
O2A CLA W . 31.47 41.52 9.95
NB CLA W . 32.39 44.97 7.37
C1B CLA W . 32.93 43.75 7.14
C2B CLA W . 32.64 43.31 5.75
C3B CLA W . 31.88 44.30 5.17
C4B CLA W . 31.72 45.38 6.19
CMB CLA W . 33.10 42.02 5.22
CAB CLA W . 31.32 44.42 3.85
CBB CLA W . 31.78 43.87 2.73
NC CLA W . 31.27 47.51 8.31
C1C CLA W . 30.84 47.55 7.01
C2C CLA W . 30.07 48.78 6.78
C3C CLA W . 30.03 49.46 7.99
C4C CLA W . 30.78 48.65 8.95
CMC CLA W . 29.47 49.17 5.50
CAC CLA W . 29.36 50.73 8.28
CBC CLA W . 27.91 50.48 8.65
ND CLA W . 32.36 47.01 10.84
C1D CLA W . 31.73 48.25 11.20
C2D CLA W . 32.02 48.53 12.63
C3D CLA W . 32.74 47.45 13.10
C4D CLA W . 32.90 46.53 11.96
CMD CLA W . 31.57 49.73 13.32
CAD CLA W . 33.43 46.85 14.23
OBD CLA W . 33.62 47.28 15.36
CBD CLA W . 33.96 45.46 13.77
CGD CLA W . 35.44 45.35 13.98
O1D CLA W . 36.28 46.25 13.90
O2D CLA W . 35.87 44.10 14.30
CED CLA W . 37.26 43.82 14.14
C1 CLA W . 31.29 40.53 8.91
C2 CLA W . 30.42 41.14 7.88
C3 CLA W . 29.77 40.47 6.91
C4 CLA W . 29.86 39.00 6.76
C5 CLA W . 28.90 41.19 5.94
C6 CLA W . 27.42 40.96 6.20
C7 CLA W . 26.55 41.84 5.33
C8 CLA W . 25.08 41.78 5.74
C9 CLA W . 24.55 40.37 5.63
C10 CLA W . 24.24 42.73 4.90
C11 CLA W . 23.16 43.40 5.73
C12 CLA W . 22.86 44.80 5.24
C13 CLA W . 21.75 45.47 6.04
C14 CLA W . 21.87 45.17 7.52
C15 CLA W . 20.37 45.07 5.52
MG CLA X . 30.22 41.82 -1.62
CHA CLA X . 32.23 39.19 -0.61
CHB CLA X . 28.79 41.90 1.48
CHC CLA X . 28.23 44.43 -2.66
CHD CLA X . 31.72 41.70 -4.82
NA CLA X . 30.49 40.72 0.13
C1A CLA X . 31.40 39.67 0.36
C2A CLA X . 31.27 39.14 1.79
C3A CLA X . 30.16 40.00 2.41
C4A CLA X . 29.77 40.95 1.27
CMA CLA X . 28.98 39.16 2.85
CAA CLA X . 32.55 39.33 2.57
CBA CLA X . 32.50 38.65 3.92
CGA CLA X . 32.81 37.19 3.76
O1A CLA X . 33.81 36.67 3.25
O2A CLA X . 31.84 36.38 4.26
NB CLA X . 28.85 43.00 -0.73
C1B CLA X . 28.32 42.80 0.51
C2B CLA X . 27.12 43.66 0.70
C3B CLA X . 26.96 44.38 -0.47
C4B CLA X . 28.05 43.96 -1.39
CMB CLA X . 26.31 43.65 1.92
CAB CLA X . 25.95 45.33 -0.83
CBB CLA X . 24.64 45.10 -0.79
NC CLA X . 30.03 42.88 -3.41
C1C CLA X . 29.16 43.92 -3.61
C2C CLA X . 29.30 44.43 -4.96
C3C CLA X . 30.28 43.66 -5.58
C4C CLA X . 30.74 42.68 -4.60
CMC CLA X . 28.51 45.53 -5.52
CAC CLA X . 30.77 43.79 -6.97
CBC CLA X . 29.83 43.22 -7.99
ND CLA X . 31.59 40.70 -2.58
C1D CLA X . 32.12 40.76 -3.90
C2D CLA X . 33.11 39.68 -4.06
C3D CLA X . 33.19 39.04 -2.84
C4D CLA X . 32.24 39.72 -1.94
CMD CLA X . 33.83 39.38 -5.30
CAD CLA X . 33.79 37.96 -2.07
OBD CLA X . 34.59 37.10 -2.43
CBD CLA X . 33.24 38.07 -0.62
CGD CLA X . 32.61 36.77 -0.17
O1D CLA X . 31.43 36.43 -0.28
O2D CLA X . 33.49 35.90 0.41
CED CLA X . 33.59 34.60 -0.16
C1 CLA X . 31.24 35.46 3.31
C2 CLA X . 30.16 34.74 4.05
C3 CLA X . 29.11 34.19 3.43
C4 CLA X . 28.93 34.25 1.96
C5 CLA X . 28.05 33.49 4.21
C6 CLA X . 26.70 34.19 4.14
C7 CLA X . 26.70 35.44 4.99
C8 CLA X . 25.39 36.20 4.89
C9 CLA X . 24.30 35.48 5.67
C10 CLA X . 24.97 36.37 3.43
MG CLA Y . 35.73 54.36 -14.62
CHA CLA Y . 34.61 55.04 -17.83
CHB CLA Y . 34.36 51.25 -14.80
CHC CLA Y . 36.91 53.72 -11.45
CHD CLA Y . 37.13 57.61 -14.48
NA CLA Y . 34.66 53.35 -16.10
C1A CLA Y . 34.29 53.80 -17.36
C2A CLA Y . 33.51 52.72 -18.13
C3A CLA Y . 33.37 51.57 -17.11
C4A CLA Y . 34.19 52.07 -15.91
CMA CLA Y . 31.92 51.31 -16.75
CAA CLA Y . 34.28 52.26 -19.36
CBA CLA Y . 35.66 51.74 -19.02
CGA CLA Y . 36.68 52.84 -19.13
O1A CLA Y . 37.07 53.44 -20.13
O2A CLA Y . 37.22 53.17 -17.92
NB CLA Y . 35.62 52.80 -13.36
C1B CLA Y . 35.08 51.59 -13.65
C2B CLA Y . 35.35 50.63 -12.53
C3B CLA Y . 36.06 51.32 -11.58
C4B CLA Y . 36.24 52.72 -12.09
CMB CLA Y . 34.89 49.25 -12.55
CAB CLA Y . 36.59 50.90 -10.31
CBB CLA Y . 35.90 50.20 -9.39
NC CLA Y . 36.81 55.48 -13.22
C1C CLA Y . 37.18 55.01 -11.99
C2C CLA Y . 37.92 56.05 -11.26
C3C CLA Y . 37.99 57.15 -12.12
C4C CLA Y . 37.29 56.78 -13.35
CMC CLA Y . 38.46 55.91 -9.92
CAC CLA Y . 38.64 58.44 -11.85
CBC CLA Y . 40.02 58.53 -12.46
ND CLA Y . 35.90 55.98 -15.82
C1D CLA Y . 36.50 57.26 -15.64
C2D CLA Y . 36.28 58.07 -16.86
C3D CLA Y . 35.57 57.26 -17.74
C4D CLA Y . 35.35 55.98 -17.04
CMD CLA Y . 36.75 59.44 -17.05
CAD CLA Y . 34.95 57.16 -19.05
OBD CLA Y . 34.90 57.98 -19.96
CBD CLA Y . 34.30 55.74 -19.14
CGD CLA Y . 32.82 55.82 -19.39
O1D CLA Y . 32.07 54.91 -19.75
O2D CLA Y . 32.28 57.05 -19.16
CED CLA Y . 30.96 57.11 -18.64
C1 CLA Y . 38.27 54.16 -17.91
C2 CLA Y . 38.67 54.34 -16.49
C3 CLA Y . 39.73 55.06 -16.11
C4 CLA Y . 40.60 55.74 -17.08
C5 CLA Y . 40.07 55.20 -14.66
C6 CLA Y . 41.35 54.47 -14.30
C7 CLA Y . 41.07 53.21 -13.51
C8 CLA Y . 40.98 53.44 -12.00
C9 CLA Y . 41.99 54.48 -11.56
C10 CLA Y . 41.20 52.14 -11.25
C11 CLA Y . 42.65 51.73 -11.26
C12 CLA Y . 42.94 50.66 -10.24
C13 CLA Y . 44.39 50.17 -10.34
C14 CLA Y . 44.71 49.69 -11.74
C15 CLA Y . 44.69 49.08 -9.32
C16 CLA Y . 44.96 49.68 -7.96
C17 CLA Y . 46.34 49.34 -7.45
C18 CLA Y . 46.42 47.91 -6.93
C19 CLA Y . 47.80 47.61 -6.38
C20 CLA Y . 45.38 47.69 -5.85
MG CLA Z . 42.49 47.11 -23.54
CHA CLA Z . 39.83 48.76 -25.04
CHB CLA Z . 43.73 46.31 -26.60
CHC CLA Z . 45.13 45.56 -21.99
CHD CLA Z . 41.11 47.90 -20.37
NA CLA Z . 41.86 47.49 -25.49
C1A CLA Z . 40.73 48.21 -25.92
C2A CLA Z . 40.65 48.24 -27.44
C3A CLA Z . 41.85 47.38 -27.89
C4A CLA Z . 42.55 47.03 -26.58
CMA CLA Z . 41.40 46.15 -28.64
CAA CLA Z . 40.77 49.66 -27.97
CBA CLA Z . 42.08 50.30 -27.53
CGA CLA Z . 42.76 50.93 -28.70
O1A CLA Z . 43.83 51.55 -28.73
O2A CLA Z . 42.06 50.78 -29.86
NB CLA Z . 44.10 46.10 -24.17
C1B CLA Z . 44.46 45.92 -25.47
C2B CLA Z . 45.78 45.22 -25.54
C3B CLA Z . 46.19 45.01 -24.24
C4B CLA Z . 45.12 45.56 -23.35
CMB CLA Z . 46.45 44.88 -26.79
CAB CLA Z . 47.39 44.38 -23.74
CBB CLA Z . 48.29 44.96 -22.94
NC CLA Z . 43.03 46.80 -21.54
C1C CLA Z . 44.16 46.15 -21.14
C2C CLA Z . 44.22 46.12 -19.68
C3C CLA Z . 43.08 46.78 -19.22
C4C CLA Z . 42.33 47.20 -20.39
CMC CLA Z . 45.30 45.52 -18.90
CAC CLA Z . 42.68 47.02 -17.82
CBC CLA Z . 43.26 48.31 -17.29
ND CLA Z . 40.90 48.14 -22.80
C1D CLA Z . 40.42 48.33 -21.48
C2D CLA Z . 39.14 49.08 -21.54
C3D CLA Z . 38.90 49.31 -22.88
C4D CLA Z . 40.00 48.68 -23.62
CMD CLA Z . 38.35 49.49 -20.38
CAD CLA Z . 37.99 49.89 -23.86
OBD CLA Z . 36.99 50.58 -23.68
CBD CLA Z . 38.53 49.50 -25.27
CGD CLA Z . 37.54 48.68 -26.04
O1D CLA Z . 37.52 47.45 -26.16
O2D CLA Z . 36.58 49.41 -26.66
CED CLA Z . 36.97 50.26 -27.74
C1 CLA Z . 42.80 50.97 -31.08
MG CLA AA . 37.64 39.48 -6.67
CHA CLA AA . 37.42 38.93 -3.26
CHB CLA AA . 39.40 36.60 -7.02
CHC CLA AA . 37.51 39.89 -10.07
CHD CLA AA . 35.83 42.50 -6.25
NA CLA AA . 38.35 38.05 -5.33
C1A CLA AA . 38.13 37.99 -3.95
C2A CLA AA . 38.82 36.77 -3.35
C3A CLA AA . 39.66 36.22 -4.54
C4A CLA AA . 39.11 36.99 -5.73
CMA CLA AA . 41.14 36.49 -4.32
CAA CLA AA . 37.82 35.74 -2.87
CBA CLA AA . 36.78 35.38 -3.91
CGA CLA AA . 35.89 34.31 -3.37
O1A CLA AA . 35.93 33.77 -2.26
O2A CLA AA . 34.95 33.88 -4.26
NB CLA AA . 38.37 38.47 -8.25
C1B CLA AA . 38.95 37.25 -8.18
C2B CLA AA . 39.07 36.67 -9.55
C3B CLA AA . 38.54 37.60 -10.43
C4B CLA AA . 38.09 38.76 -9.60
CMB CLA AA . 39.67 35.35 -9.80
CAB CLA AA . 38.38 37.58 -11.86
CBB CLA AA . 38.26 36.50 -12.64
NC CLA AA . 36.87 40.97 -7.92
C1C CLA AA . 36.95 40.95 -9.29
C2C CLA AA . 36.31 42.14 -9.84
C3C CLA AA . 35.82 42.87 -8.75
C4C CLA AA . 36.18 42.13 -7.55
CMC CLA AA . 36.19 42.44 -11.26
CAC CLA AA . 35.08 44.14 -8.81
CBC CLA AA . 36.01 45.33 -8.77
ND CLA AA . 36.87 40.56 -5.14
C1D CLA AA . 36.14 41.79 -5.11
C2D CLA AA . 35.76 42.08 -3.71
C3D CLA AA . 36.20 41.00 -2.96
C4D CLA AA . 36.88 40.09 -3.89
CMD CLA AA . 35.02 43.27 -3.28
CAD CLA AA . 36.31 40.42 -1.64
OBD CLA AA . 35.91 40.86 -0.56
CBD CLA AA . 37.06 39.06 -1.79
CGD CLA AA . 38.25 38.95 -0.88
O1D CLA AA . 39.44 38.95 -1.19
O2D CLA AA . 37.91 38.85 0.44
CED CLA AA . 38.83 38.21 1.32
C1 CLA AA . 33.67 34.55 -4.21
C2 CLA AA . 32.66 33.49 -4.03
C3 CLA AA . 31.34 33.76 -3.96
C4 CLA AA . 30.33 32.69 -3.78
C5 CLA AA . 30.83 35.16 -4.04
C6 CLA AA . 29.70 35.43 -3.07
MG CLA BA . 44.92 52.13 1.00
CHA CLA BA . 47.56 50.14 2.03
CHB CLA BA . 45.20 53.97 3.86
CHC CLA BA . 42.39 54.14 -0.12
CHD CLA BA . 44.58 50.09 -1.86
NA CLA BA . 46.19 52.05 2.66
C1A CLA BA . 47.24 51.15 2.90
C2A CLA BA . 47.93 51.45 4.23
C3A CLA BA . 47.05 52.55 4.85
C4A CLA BA . 46.08 52.92 3.71
CMA CLA BA . 46.33 52.04 6.07
CAA CLA BA . 49.34 51.96 4.00
CBA CLA BA . 49.41 53.17 3.07
CGA CLA BA . 49.20 54.45 3.82
O1A CLA BA . 49.67 54.79 4.91
O2A CLA BA . 48.39 55.34 3.16
NB CLA BA . 43.95 53.72 1.75
C1B CLA BA . 44.25 54.37 2.91
C2B CLA BA . 43.39 55.58 3.05
C3B CLA BA . 42.59 55.63 1.94
C4B CLA BA . 42.95 54.46 1.09
CMB CLA BA . 43.48 56.47 4.21
CAB CLA BA . 41.58 56.59 1.55
CBB CLA BA . 40.62 57.05 2.35
NC CLA BA . 43.71 52.12 -0.69
C1C CLA BA . 42.73 53.04 -0.95
C2C CLA BA . 42.09 52.73 -2.22
C3C CLA BA . 42.71 51.58 -2.71
C4C CLA BA . 43.71 51.19 -1.74
CMC CLA BA . 41.00 53.49 -2.84
CAC CLA BA . 42.41 50.86 -3.97
CBC CLA BA . 43.41 51.20 -5.05
ND CLA BA . 45.85 50.54 0.18
C1D CLA BA . 45.57 49.77 -0.98
C2D CLA BA . 46.52 48.62 -1.04
C3D CLA BA . 47.32 48.74 0.09
C4D CLA BA . 46.84 49.92 0.81
CMD CLA BA . 46.56 47.64 -2.11
CAD CLA BA . 48.42 48.18 0.84
OBD CLA BA . 49.18 47.25 0.57
CBD CLA BA . 48.54 49.00 2.17
CGD CLA BA . 48.06 48.19 3.33
O1D CLA BA . 46.89 47.90 3.59
O2D CLA BA . 49.03 47.74 4.17
CED CLA BA . 48.54 47.21 5.42
C1 CLA BA . 47.98 56.52 3.89
C2 CLA BA . 46.84 57.10 3.13
C3 CLA BA . 46.74 58.39 2.79
C4 CLA BA . 47.79 59.38 3.15
C5 CLA BA . 45.57 58.91 2.03
C6 CLA BA . 45.97 59.49 0.68
C7 CLA BA . 44.75 59.73 -0.20
MG CLA CA . 37.64 61.53 3.29
CHA CLA CA . 39.74 61.58 6.05
CHB CLA CA . 40.29 60.89 1.28
CHC CLA CA . 35.50 61.54 0.59
CHD CLA CA . 34.87 62.15 5.44
NA CLA CA . 39.68 61.27 3.64
C1A CLA CA . 40.36 61.32 4.86
C2A CLA CA . 41.86 61.08 4.65
C3A CLA CA . 41.99 60.86 3.13
C4A CLA CA . 40.56 61.01 2.62
CMA CLA CA . 42.92 61.87 2.50
CAA CLA CA . 42.35 59.84 5.40
CBA CLA CA . 43.86 59.82 5.49
CGA CLA CA . 44.34 60.90 6.39
O1A CLA CA . 44.34 60.93 7.62
O2A CLA CA . 44.83 61.99 5.73
NB CLA CA . 37.85 61.21 1.31
C1B CLA CA . 39.02 61.02 0.67
C2B CLA CA . 38.81 60.97 -0.80
C3B CLA CA . 37.45 61.17 -1.01
C4B CLA CA . 36.83 61.32 0.33
CMB CLA CA . 39.89 60.80 -1.77
CAB CLA CA . 36.74 61.24 -2.26
CBB CLA CA . 35.57 60.65 -2.53
NC CLA CA . 35.57 61.80 3.08
C1C CLA CA . 34.92 61.77 1.87
C2C CLA CA . 33.49 62.02 2.08
C3C CLA CA . 33.31 62.17 3.45
C4C CLA CA . 34.62 62.02 4.07
CMC CLA CA . 32.49 62.09 1.01
CAC CLA CA . 32.04 62.44 4.15
CBC CLA CA . 31.83 63.90 4.40
ND CLA CA . 37.31 61.85 5.26
C1D CLA CA . 36.14 62.08 6.02
C2D CLA CA . 36.49 62.23 7.45
C3D CLA CA . 37.86 62.08 7.51
C4D CLA CA . 38.33 61.82 6.13
CMD CLA CA . 35.54 62.51 8.51
CAD CLA CA . 39.03 62.07 8.37
OBD CLA CA . 39.14 62.30 9.56
CBD CLA CA . 40.26 61.70 7.46
CGD CLA CA . 41.34 62.75 7.59
O1D CLA CA . 42.26 62.80 8.41
O2D CLA CA . 41.24 63.74 6.66
CED CLA CA . 41.51 65.07 7.10
MG CLA DA . 19.48 56.67 -0.74
CHA CLA DA . 16.65 58.10 -2.16
CHB CLA DA . 20.49 59.73 0.35
CHC CLA DA . 22.23 55.20 0.70
CHD CLA DA . 18.42 53.50 -1.94
NA CLA DA . 18.67 58.59 -0.88
C1A CLA DA . 17.48 58.98 -1.51
C2A CLA DA . 17.27 60.48 -1.37
C3A CLA DA . 18.54 60.97 -0.64
C4A CLA DA . 19.30 59.68 -0.35
CMA CLA DA . 19.35 61.93 -1.49
CAA CLA DA . 16.05 60.77 -0.51
CBA CLA DA . 16.41 60.84 0.97
CGA CLA DA . 15.23 60.45 1.82
O1A CLA DA . 14.11 60.14 1.45
O2A CLA DA . 15.50 60.45 3.15
NB CLA DA . 21.03 57.33 0.36
C1B CLA DA . 21.30 58.63 0.66
C2B CLA DA . 22.61 58.74 1.35
C3B CLA DA . 23.11 57.46 1.45
C4B CLA DA . 22.12 56.54 0.82
CMB CLA DA . 23.16 60.01 1.79
CAB CLA DA . 24.34 56.97 2.03
CBB CLA DA . 25.53 57.57 1.95
NC CLA DA . 20.18 54.70 -0.64
C1C CLA DA . 21.33 54.32 0.01
C2C CLA DA . 21.52 52.89 -0.10
C3C CLA DA . 20.45 52.40 -0.87
C4C CLA DA . 19.62 53.56 -1.19
CMC CLA DA . 22.64 52.14 0.47
CAC CLA DA . 20.20 51.01 -1.26
CBC CLA DA . 19.12 50.36 -0.44
ND CLA DA . 17.95 55.91 -1.82
C1D CLA DA . 17.63 54.59 -2.24
C2D CLA DA . 16.37 54.62 -3.01
C3D CLA DA . 15.96 55.95 -3.03
C4D CLA DA . 16.96 56.71 -2.26
CMD CLA DA . 15.74 53.46 -3.63
CAD CLA DA . 14.95 56.90 -3.49
OBD CLA DA . 13.96 56.70 -4.17
CBD CLA DA . 15.36 58.29 -2.93
CGD CLA DA . 15.52 59.31 -4.03
O1D CLA DA . 14.72 60.20 -4.36
O2D CLA DA . 16.67 59.19 -4.74
CED CLA DA . 16.97 60.19 -5.71
C1 CLA DA . 14.52 59.79 3.99
C2 CLA DA . 15.23 59.41 5.23
C3 CLA DA . 15.20 60.16 6.35
C4 CLA DA . 14.45 61.43 6.42
C5 CLA DA . 15.93 59.73 7.57
C6 CLA DA . 15.15 59.94 8.85
C7 CLA DA . 15.94 59.46 10.05
MG CLA EA . 19.24 46.22 -4.77
CHA CLA EA . 16.72 47.51 -6.79
CHB CLA EA . 17.52 47.22 -2.00
CHC CLA EA . 21.68 44.80 -2.82
CHD CLA EA . 21.00 45.24 -7.68
NA CLA EA . 17.42 47.21 -4.47
C1A CLA EA . 16.51 47.66 -5.45
C2A CLA EA . 15.31 48.33 -4.80
C3A CLA EA . 15.67 48.35 -3.29
C4A CLA EA . 16.96 47.53 -3.22
CMA CLA EA . 15.89 49.75 -2.80
CAA CLA EA . 14.04 47.52 -5.02
CBA CLA EA . 14.24 46.05 -4.70
CGA CLA EA . 12.93 45.36 -4.50
O1A CLA EA . 12.69 44.28 -3.97
O2A CLA EA . 11.88 46.07 -5.01
NB CLA EA . 19.55 46.05 -2.79
C1B CLA EA . 18.70 46.48 -1.81
C2B CLA EA . 19.22 46.09 -0.48
C3B CLA EA . 20.41 45.40 -0.70
C4B CLA EA . 20.62 45.38 -2.17
CMB CLA EA . 18.53 46.41 0.76
CAB CLA EA . 21.33 44.79 0.22
CBB CLA EA . 21.00 44.09 1.31
NC CLA EA . 21.02 45.22 -5.19
C1C CLA EA . 21.87 44.73 -4.23
C2C CLA EA . 23.01 44.07 -4.86
C3C CLA EA . 22.83 44.19 -6.24
C4C CLA EA . 21.58 44.91 -6.44
CMC CLA EA . 24.09 43.42 -4.11
CAC CLA EA . 23.68 43.66 -7.34
CBC CLA EA . 25.11 44.15 -7.36
ND CLA EA . 19.00 46.33 -6.78
C1D CLA EA . 19.81 45.90 -7.86
C2D CLA EA . 19.13 46.26 -9.13
C3D CLA EA . 17.94 46.87 -8.78
C4D CLA EA . 17.91 46.89 -7.30
CMD CLA EA . 19.67 45.99 -10.47
CAD CLA EA . 16.72 47.51 -9.25
OBD CLA EA . 16.34 47.70 -10.40
CBD CLA EA . 15.92 47.93 -7.99
CGD CLA EA . 15.63 49.41 -7.97
O1D CLA EA . 16.44 50.33 -7.88
O2D CLA EA . 14.31 49.72 -8.05
CED CLA EA . 13.62 49.40 -9.26
C1 CLA EA . 10.55 45.58 -4.73
O6 SQD FA . 29.49 56.45 13.90
C44 SQD FA . 28.47 56.40 14.90
C45 SQD FA . 27.06 56.43 14.32
C46 SQD FA . 26.09 56.14 15.46
O47 SQD FA . 26.76 57.73 13.81
C7 SQD FA . 26.18 57.68 12.48
O49 SQD FA . 26.85 57.26 11.55
C8 SQD FA . 24.74 58.11 12.28
C9 SQD FA . 24.49 58.63 10.87
C10 SQD FA . 24.13 57.49 9.92
C11 SQD FA . 22.77 56.89 10.24
C12 SQD FA . 21.65 57.80 9.78
C13 SQD FA . 20.36 57.01 9.53
C14 SQD FA . 19.89 56.32 10.80
O48 SQD FA . 25.24 55.06 15.11
C23 SQD FA . 24.04 54.83 15.90
O10 SQD FA . 23.76 55.63 16.78
C24 SQD FA . 23.15 53.65 15.61
C25 SQD FA . 21.82 53.79 16.33
C26 SQD FA . 20.85 52.73 15.84
C27 SQD FA . 19.50 52.86 16.54
C1 SQD FA . 30.75 56.52 14.56
C2 SQD FA . 31.89 56.49 13.56
O2 SQD FA . 32.81 55.45 13.90
C3 SQD FA . 32.61 57.82 13.61
O3 SQD FA . 31.63 58.84 13.40
C4 SQD FA . 33.16 57.99 15.01
O4 SQD FA . 34.04 56.91 15.31
C5 SQD FA . 32.00 58.00 16.00
C6 SQD FA . 31.85 59.35 16.68
O5 SQD FA . 30.78 57.74 15.31
S SQD FA . 31.98 59.18 18.34
O7 SQD FA . 33.31 59.48 18.77
O8 SQD FA . 30.92 60.21 19.05
O9 SQD FA . 31.63 57.85 18.70
C1 XAT GA . 9.92 52.96 -2.49
C2 XAT GA . 8.78 52.97 -3.50
C3 XAT GA . 9.30 53.26 -4.89
C4 XAT GA . 10.07 52.02 -5.30
C5 XAT GA . 11.33 51.86 -4.44
C6 XAT GA . 11.27 52.44 -3.01
C7 XAT GA . 12.09 51.64 -2.01
C8 XAT GA . 13.12 52.26 -1.44
C9 XAT GA . 14.00 51.60 -0.45
C10 XAT GA . 15.04 52.30 0.03
C11 XAT GA . 15.95 51.76 1.03
C12 XAT GA . 16.94 52.55 1.44
C13 XAT GA . 17.91 52.12 2.47
C14 XAT GA . 18.94 52.94 2.75
C15 XAT GA . 19.92 52.59 3.77
C16 XAT GA . 9.50 52.12 -1.29
C17 XAT GA . 10.13 54.39 -1.97
C18 XAT GA . 12.21 50.61 -4.49
C19 XAT GA . 13.71 50.22 0.03
C20 XAT GA . 17.75 50.82 3.17
O3 XAT GA . 8.20 53.46 -5.79
O4 XAT GA . 11.97 53.10 -4.08
C21 XAT GA . 31.08 54.81 9.40
C22 XAT GA . 31.98 53.66 9.82
C23 XAT GA . 31.97 53.59 11.32
C24 XAT GA . 30.63 53.01 11.73
C25 XAT GA . 29.41 53.72 11.12
C26 XAT GA . 29.65 54.69 9.96
C27 XAT GA . 28.53 54.68 8.92
C28 XAT GA . 27.60 55.62 8.93
C29 XAT GA . 26.52 55.64 7.92
C30 XAT GA . 25.44 54.86 8.01
C31 XAT GA . 24.42 54.98 6.97
C32 XAT GA . 23.64 53.96 6.61
C33 XAT GA . 22.63 54.20 5.56
C34 XAT GA . 21.82 53.22 5.14
C35 XAT GA . 20.82 53.50 4.11
C36 XAT GA . 31.03 54.88 7.88
C37 XAT GA . 31.69 56.12 9.90
C38 XAT GA . 28.05 53.01 11.05
C39 XAT GA . 26.63 56.59 6.77
C40 XAT GA . 22.49 55.57 4.97
O23 XAT GA . 33.02 52.72 11.77
O24 XAT GA . 29.39 55.13 11.30
C1 XAT HA . 6.95 62.24 -0.55
C2 XAT HA . 6.52 62.99 -1.80
C3 XAT HA . 5.85 64.29 -1.43
C4 XAT HA . 6.95 65.18 -0.88
C5 XAT HA . 7.49 64.62 0.44
C6 XAT HA . 7.40 63.10 0.64
C7 XAT HA . 8.54 62.54 1.47
C8 XAT HA . 8.23 62.15 2.71
C9 XAT HA . 9.20 61.56 3.63
C10 XAT HA . 8.80 61.32 4.89
C11 XAT HA . 9.68 60.69 5.88
C12 XAT HA . 9.08 60.25 6.97
C13 XAT HA . 9.80 59.56 8.06
C14 XAT HA . 9.07 58.94 8.98
C15 XAT HA . 9.63 58.18 10.08
C16 XAT HA . 8.10 61.30 -0.93
C17 XAT HA . 5.81 61.35 -0.09
C18 XAT HA . 8.73 65.22 1.12
C19 XAT HA . 10.60 61.22 3.19
C20 XAT HA . 11.30 59.53 8.09
O3 XAT HA . 5.26 64.89 -2.58
O4 XAT HA . 6.49 64.02 1.28
C21 XAT HA . 10.34 48.20 18.06
C22 XAT HA . 10.48 47.36 19.32
C23 XAT HA . 11.20 48.15 20.39
C24 XAT HA . 10.18 49.16 20.87
C25 XAT HA . 9.79 50.15 19.77
C26 XAT HA . 9.96 49.68 18.31
C27 XAT HA . 8.93 50.27 17.36
C28 XAT HA . 9.38 51.20 16.53
C29 XAT HA . 8.56 51.89 15.53
C30 XAT HA . 9.03 53.02 15.01
C31 XAT HA . 8.33 53.79 13.98
C32 XAT HA . 9.00 54.83 13.50
C33 XAT HA . 8.44 55.68 12.43
C34 XAT HA . 9.27 56.53 11.82
C35 XAT HA . 8.80 57.38 10.73
C36 XAT HA . 9.26 47.56 17.18
C37 XAT HA . 11.65 48.17 17.30
C38 XAT HA . 8.61 51.12 19.91
C39 XAT HA . 7.24 51.32 15.09
C40 XAT HA . 7.00 55.58 12.04
O23 XAT HA . 11.56 47.27 21.46
O24 XAT HA . 10.89 50.57 18.95
C1 XAT IA . -2.87 39.85 31.71
C2 XAT IA . -2.48 38.48 32.22
C3 XAT IA . -3.55 37.92 33.12
C4 XAT IA . -4.71 37.56 32.20
C5 XAT IA . -5.28 38.79 31.50
C6 XAT IA . -4.35 40.01 31.32
C7 XAT IA . -4.65 40.73 30.01
C8 XAT IA . -4.69 42.07 30.02
C9 XAT IA . -4.97 42.84 28.80
C10 XAT IA . -3.97 43.10 27.93
C11 XAT IA . -4.23 43.89 26.73
C12 XAT IA . -3.21 44.22 25.94
C13 XAT IA . -3.41 45.05 24.74
C14 XAT IA . -2.38 45.28 23.91
C15 XAT IA . -2.51 46.10 22.72
C16 XAT IA . -2.00 40.18 30.51
C17 XAT IA . -2.55 40.88 32.78
C18 XAT IA . -6.27 38.66 30.33
C19 XAT IA . -6.34 43.38 28.55
C20 XAT IA . -4.75 45.65 24.46
O3 XAT IA . -3.08 36.74 33.78
O4 XAT IA . -5.39 39.96 32.32
C21 XAT IA . -1.24 51.91 11.69
C22 XAT IA . -1.56 53.00 10.67
C23 XAT IA . -2.25 54.17 11.33
C24 XAT IA . -1.16 54.85 12.13
C25 XAT IA . -0.77 53.95 13.31
C26 XAT IA . -0.91 52.43 13.11
C27 XAT IA . 0.11 51.62 13.91
C28 XAT IA . -0.42 50.92 14.92
C29 XAT IA . 0.33 50.05 15.85
C30 XAT IA . -0.35 49.66 16.95
C31 XAT IA . 0.15 48.81 18.02
C32 XAT IA . -0.75 48.54 18.97
C33 XAT IA . -0.51 47.70 20.14
C34 XAT IA . -1.55 47.37 20.91
C35 XAT IA . -1.42 46.54 22.10
C36 XAT IA . -0.06 51.10 11.17
C37 XAT IA . -2.44 50.99 11.80
C38 XAT IA . 0.41 54.28 14.22
C39 XAT IA . 1.74 49.63 15.60
C40 XAT IA . 0.87 47.21 20.46
O23 XAT IA . -2.75 55.07 10.32
O24 XAT IA . -1.85 53.20 13.87
C1 XAT JA . -10.16 59.63 24.37
C2 XAT JA . -11.61 59.40 23.97
C3 XAT JA . -11.68 58.52 22.75
C4 XAT JA . -11.29 57.13 23.22
C5 XAT JA . -9.83 57.11 23.66
C6 XAT JA . -9.21 58.44 24.18
C7 XAT JA . -8.14 58.22 25.23
C8 XAT JA . -6.90 58.40 24.83
C9 XAT JA . -5.71 58.24 25.69
C10 XAT JA . -4.52 58.24 25.10
C11 XAT JA . -3.26 58.11 25.83
C12 XAT JA . -2.14 58.03 25.11
C13 XAT JA . -0.83 57.94 25.78
C14 XAT JA . 0.26 58.23 25.05
C15 XAT JA . 1.61 58.23 25.60
C16 XAT JA . -10.12 60.07 25.83
C17 XAT JA . -9.62 60.80 23.55
C18 XAT JA . -9.22 55.90 24.38
C19 XAT JA . -5.85 58.08 27.18
C20 XAT JA . -0.71 57.55 27.22
O3 XAT JA . -13.00 58.50 22.21
O4 XAT JA . -8.95 57.91 22.87
C21 XAT JA . 14.34 60.64 25.06
C22 XAT JA . 15.79 60.54 25.50
C23 XAT JA . 15.87 59.87 26.86
C24 XAT JA . 15.58 58.41 26.58
C25 XAT JA . 14.10 58.26 26.18
C26 XAT JA . 13.45 59.45 25.47
C27 XAT JA . 12.34 59.08 24.49
C28 XAT JA . 11.11 59.32 24.93
C29 XAT JA . 9.89 59.05 24.16
C30 XAT JA . 8.72 59.16 24.80
C31 XAT JA . 7.42 58.97 24.16
C32 XAT JA . 6.36 58.93 24.95
C33 XAT JA . 5.00 58.79 24.41
C34 XAT JA . 3.97 58.69 25.27
C35 XAT JA . 2.59 58.60 24.80
C36 XAT JA . 14.30 60.80 23.54
C37 XAT JA . 13.74 61.90 25.67
C38 XAT JA . 13.53 56.92 25.68
C39 XAT JA . 9.95 58.71 22.70
C40 XAT JA . 4.76 58.80 22.94
O23 XAT JA . 17.18 60.02 27.41
O24 XAT JA . 13.22 59.15 26.85
C1 XAT KA . -5.42 47.30 9.39
C2 XAT KA . -5.46 48.01 8.05
C3 XAT KA . -6.90 48.35 7.68
C4 XAT KA . -7.30 49.48 8.61
C5 XAT KA . -7.30 49.03 10.07
C6 XAT KA . -6.39 47.85 10.46
C7 XAT KA . -5.87 48.01 11.87
C8 XAT KA . -6.28 47.13 12.79
C9 XAT KA . -5.86 47.22 14.19
C10 XAT KA . -6.55 46.54 15.11
C11 XAT KA . -6.21 46.60 16.53
C12 XAT KA . -7.02 45.98 17.39
C13 XAT KA . -6.75 46.03 18.83
C14 XAT KA . -7.64 45.47 19.67
C15 XAT KA . -7.41 45.55 21.11
C16 XAT KA . -4.00 47.37 9.93
C17 XAT KA . -5.74 45.83 9.17
C18 XAT KA . -7.43 50.04 11.21
C19 XAT KA . -4.70 48.08 14.58
C20 XAT KA . -5.53 46.72 19.36
O3 XAT KA . -6.96 48.80 6.32
O4 XAT KA . -7.81 47.71 10.29
C21 XAT KA . -9.15 46.33 32.99
C22 XAT KA . -8.45 46.57 34.31
C23 XAT KA . -8.72 45.43 35.27
C24 XAT KA . -7.94 44.25 34.71
C25 XAT KA . -8.53 43.79 33.37
C26 XAT KA . -9.25 44.86 32.53
C27 XAT KA . -9.16 44.61 31.04
C28 XAT KA . -10.29 44.71 30.34
C29 XAT KA . -10.40 44.52 28.89
C30 XAT KA . -9.48 44.98 28.05
C31 XAT KA . -9.67 44.79 26.61
C32 XAT KA . -8.73 45.06 25.74
C33 XAT KA . -8.99 44.87 24.30
C34 XAT KA . -8.09 45.27 23.40
C35 XAT KA . -8.34 45.14 21.97
C36 XAT KA . -8.40 47.10 31.92
C37 XAT KA . -10.56 46.91 33.08
C38 XAT KA . -7.84 42.76 32.48
C39 XAT KA . -11.61 43.82 28.34
C40 XAT KA . -10.29 44.25 23.85
O23 XAT KA . -8.26 45.77 36.57
O24 XAT KA . -9.97 43.89 33.30
MG CLA LA . -8.15 44.90 42.31
CHA CLA LA . -5.42 47.03 42.14
CHB CLA LA . -8.66 45.80 45.56
CHC CLA LA . -10.88 42.81 42.40
CHD CLA LA . -7.56 43.97 38.95
NA CLA LA . -7.18 46.21 43.62
C1A CLA LA . -6.06 47.03 43.35
C2A CLA LA . -5.68 47.83 44.60
C3A CLA LA . -6.68 47.35 45.67
C4A CLA LA . -7.59 46.40 44.91
CMA CLA LA . -5.98 46.67 46.82
CAA CLA LA . -5.80 49.34 44.40
CBA CLA LA . -6.72 49.77 43.29
CGA CLA LA . -8.13 49.98 43.76
O1A CLA LA . -8.82 49.25 44.47
O2A CLA LA . -8.66 51.16 43.33
NB CLA LA . -9.52 44.42 43.70
C1B CLA LA . -9.56 44.89 44.97
C2B CLA LA . -10.70 44.27 45.71
C3B CLA LA . -11.34 43.43 44.82
C4B CLA LA . -10.59 43.50 43.54
CMB CLA LA . -11.01 44.56 47.11
CAB CLA LA . -12.48 42.58 45.03
CBB CLA LA . -13.59 42.58 44.28
NC CLA LA . -9.05 43.62 40.92
C1C CLA LA . -10.16 42.87 41.17
C2C CLA LA . -10.53 42.11 39.99
C3C CLA LA . -9.58 42.42 39.00
C4C CLA LA . -8.66 43.38 39.60
CMC CLA LA . -11.67 41.19 39.91
CAC CLA LA . -9.53 41.91 37.62
CBC CLA LA . -9.12 40.45 37.54
ND CLA LA . -6.82 45.33 40.85
C1D CLA LA . -6.69 44.87 39.51
C2D CLA LA . -5.52 45.53 38.89
C3D CLA LA . -4.99 46.37 39.86
C4D CLA LA . -5.84 46.21 41.05
CMD CLA LA . -5.06 45.30 37.52
CAD CLA LA . -3.95 47.33 40.19
OBD CLA LA . -3.01 47.73 39.50
CBD CLA LA . -4.21 47.80 41.66
CGD CLA LA . -3.02 47.59 42.55
O1D CLA LA . -2.83 46.66 43.35
O2D CLA LA . -2.07 48.56 42.45
CED CLA LA . -1.47 49.04 43.66
MG CLA MA . -2.67 56.64 38.69
CHA CLA MA . 0.71 57.30 38.27
CHB CLA MA . -2.36 57.11 42.04
CHC CLA MA . -6.04 56.01 39.03
CHD CLA MA . -2.98 56.25 35.18
NA CLA MA . -1.07 57.12 39.93
C1A CLA MA . 0.26 57.37 39.57
C2A CLA MA . 1.11 57.72 40.79
C3A CLA MA . 0.11 57.59 41.98
C4A CLA MA . -1.21 57.25 41.28
CMA CLA MA . 0.53 56.53 42.96
CAA CLA MA . 1.62 59.15 40.70
CBA CLA MA . 0.49 60.12 40.43
CGA CLA MA . 1.02 61.45 39.99
O1A CLA MA . 2.16 61.90 40.12
O2A CLA MA . 0.08 62.23 39.37
NB CLA MA . -3.96 56.59 40.23
C1B CLA MA . -3.64 56.78 41.54
C2B CLA MA . -4.84 56.57 42.41
C3B CLA MA . -5.87 56.26 41.56
C4B CLA MA . -5.34 56.26 40.17
CMB CLA MA . -4.81 56.69 43.86
CAB CLA MA . -7.25 55.96 41.88
CBB CLA MA . -8.33 56.60 41.39
NC CLA MA . -4.22 56.18 37.34
C1C CLA MA . -5.52 55.96 37.71
C2C CLA MA . -6.32 55.70 36.52
C3C CLA MA . -5.47 55.77 35.43
C4C CLA MA . -4.14 56.08 35.95
CMC CLA MA . -7.77 55.40 36.54
CAC CLA MA . -5.82 55.57 34.01
CBC CLA MA . -5.95 56.88 33.27
ND CLA MA . -1.46 56.67 37.07
C1D CLA MA . -1.73 56.52 35.68
C2D CLA MA . -0.46 56.68 34.93
C3D CLA MA . 0.52 56.96 35.88
C4D CLA MA . -0.18 56.97 37.19
CMD CLA MA . -0.32 56.55 33.48
CAD CLA MA . 1.92 57.25 36.11
OBD CLA MA . 2.85 57.28 35.32
CBD CLA MA . 2.07 57.52 37.64
CGD CLA MA . 3.20 56.72 38.25
O1D CLA MA . 4.41 56.83 38.01
O2D CLA MA . 2.80 55.79 39.16
CED CLA MA . 3.72 55.50 40.23
C1 CLA MA . 0.53 63.09 38.30
C2 CLA MA . -0.66 63.88 37.86
C3 CLA MA . -0.77 64.45 36.65
C4 CLA MA . -1.97 65.22 36.27
C5 CLA MA . 0.31 64.35 35.62
C6 CLA MA . -0.24 64.02 34.25
C7 CLA MA . 0.58 64.68 33.16
C8 CLA MA . 0.25 64.14 31.77
C9 CLA MA . 1.36 64.47 30.80
C10 CLA MA . -1.09 64.68 31.28
C11 CLA MA . -1.29 64.44 29.80
MG CLA NA . 0.57 43.16 31.72
CHA CLA NA . 1.72 42.02 34.76
CHB CLA NA . 2.70 41.03 30.12
CHC CLA NA . -0.73 44.21 28.73
CHD CLA NA . -1.57 45.41 33.43
NA CLA NA . 1.97 41.76 32.37
C1A CLA NA . 2.30 41.43 33.68
C2A CLA NA . 3.38 40.35 33.72
C3A CLA NA . 3.80 40.23 32.25
C4A CLA NA . 2.74 41.04 31.50
CMA CLA NA . 5.18 40.80 32.06
CAA CLA NA . 2.80 39.04 34.24
CBA CLA NA . 1.46 38.72 33.60
CGA CLA NA . 1.67 37.89 32.36
O1A CLA NA . 2.41 36.92 32.21
O2A CLA NA . 0.94 38.33 31.28
NB CLA NA . 0.98 42.77 29.79
C1B CLA NA . 1.79 41.77 29.35
C2B CLA NA . 1.59 41.57 27.89
C3B CLA NA . 0.62 42.46 27.48
C4B CLA NA . 0.22 43.23 28.69
CMB CLA NA . 2.34 40.56 27.13
CAB CLA NA . 0.03 42.70 26.19
CBB CLA NA . 0.58 42.49 24.99
NC CLA NA . -0.87 44.58 31.19
C1C CLA NA . -1.24 44.86 29.90
C2C CLA NA . -2.25 45.90 29.89
C3C CLA NA . -2.51 46.22 31.23
C4C CLA NA . -1.63 45.39 32.04
CMC CLA NA . -2.88 46.47 28.69
CAC CLA NA . -3.47 47.22 31.73
CBC CLA NA . -4.75 46.57 32.19
ND CLA NA . 0.08 43.60 33.63
C1D CLA NA . -0.77 44.59 34.20
C2D CLA NA . -0.65 44.54 35.68
C3D CLA NA . 0.29 43.56 35.95
C4D CLA NA . 0.72 43.03 34.64
CMD CLA NA . -1.40 45.38 36.60
CAD CLA NA . 1.02 42.83 36.97
OBD CLA NA . 0.94 42.90 38.19
CBD CLA NA . 2.02 41.89 36.23
CGD CLA NA . 3.44 42.32 36.43
O1D CLA NA . 4.05 43.20 35.81
O2D CLA NA . 4.11 41.66 37.42
CED CLA NA . 5.53 41.57 37.27
C1 CLA NA . 1.29 37.77 29.99
C2 CLA NA . 0.27 38.30 29.04
C3 CLA NA . -0.07 37.75 27.87
C4 CLA NA . 0.56 36.52 27.35
C5 CLA NA . -1.13 38.38 27.03
C6 CLA NA . -2.36 37.51 26.91
C7 CLA NA . -3.62 38.32 26.64
C8 CLA NA . -4.85 37.44 26.47
C9 CLA NA . -4.53 36.20 25.67
C10 CLA NA . -5.98 38.21 25.81
C11 CLA NA . -6.30 39.49 26.56
C12 CLA NA . -7.16 40.44 25.74
C13 CLA NA . -8.56 40.62 26.32
C14 CLA NA . -8.55 40.51 27.84
C15 CLA NA . -9.54 39.60 25.74
C16 CLA NA . -10.86 40.27 25.39
C17 CLA NA . -11.89 40.10 26.49
C18 CLA NA . -13.29 39.76 25.97
C19 CLA NA . -13.40 39.87 24.46
C20 CLA NA . -13.70 38.38 26.43
MG CLA OA . 0.54 41.06 20.29
CHA CLA OA . 3.08 38.73 20.51
CHB CLA OA . -0.82 39.86 23.16
CHC CLA OA . -1.94 43.44 20.04
CHD CLA OA . 2.02 42.31 17.32
NA CLA OA . 1.08 39.55 21.62
C1A CLA OA . 2.19 38.69 21.54
C2A CLA OA . 2.22 37.75 22.74
C3A CLA OA . 0.96 38.12 23.54
C4A CLA OA . 0.36 39.27 22.74
CMA CLA OA . 0.00 36.95 23.65
CAA CLA OA . 3.45 38.07 23.56
CBA CLA OA . 3.39 37.51 24.96
CGA CLA OA . 3.90 36.10 24.95
O1A CLA OA . 5.06 35.71 25.10
O2A CLA OA . 2.91 35.18 24.72
NB CLA OA . -1.03 41.60 21.42
C1B CLA OA . -1.48 40.91 22.50
C2B CLA OA . -2.83 41.41 22.90
C3B CLA OA . -3.16 42.41 22.01
C4B CLA OA . -2.02 42.55 21.06
CMB CLA OA . -3.57 40.85 24.04
CAB CLA OA . -4.32 43.24 21.92
CBB CLA OA . -5.57 42.91 22.27
NC CLA OA . 0.13 42.60 18.93
C1C CLA OA . -0.93 43.46 19.03
C2C CLA OA . -0.89 44.42 17.93
C3C CLA OA . 0.22 44.09 17.15
C4C CLA OA . 0.86 42.95 17.79
CMC CLA OA . -1.86 45.49 17.72
CAC CLA OA . 0.69 44.77 15.94
CBC CLA OA . 1.87 45.69 16.21
ND CLA OA . 2.13 40.64 19.11
C1D CLA OA . 2.62 41.22 17.91
C2D CLA OA . 3.82 40.48 17.47
C3D CLA OA . 4.04 39.50 18.42
C4D CLA OA . 2.97 39.66 19.43
CMD CLA OA . 4.59 40.76 16.26
CAD CLA OA . 4.87 38.39 18.84
OBD CLA OA . 5.86 37.89 18.30
CBD CLA OA . 4.29 37.87 20.19
CGD CLA OA . 3.90 36.42 20.12
O1D CLA OA . 3.28 35.86 19.20
O2D CLA OA . 4.26 35.68 21.19
CED CLA OA . 5.63 35.74 21.61
C1 CLA OA . 3.33 33.82 24.57
C2 CLA OA . 2.47 33.22 23.52
C3 CLA OA . 1.17 32.92 23.70
C4 CLA OA . 0.47 33.14 24.99
C5 CLA OA . 0.36 32.33 22.60
MG CLA PA . 2.82 58.29 11.79
CHA CLA PA . 1.71 59.61 8.78
CHB CLA PA . 2.63 55.15 10.49
CHC CLA PA . 4.02 57.04 14.76
CHD CLA PA . 3.05 61.57 13.09
NA CLA PA . 2.23 57.53 9.93
C1A CLA PA . 1.82 58.24 8.80
C2A CLA PA . 1.52 57.29 7.64
C3A CLA PA . 1.72 55.89 8.25
C4A CLA PA . 2.24 56.19 9.66
CMA CLA PA . 0.46 55.08 8.26
CAA CLA PA . 2.47 57.47 6.45
CBA CLA PA . 3.80 58.21 6.69
CGA CLA PA . 4.56 57.67 7.86
O1A CLA PA . 5.04 56.55 8.01
O2A CLA PA . 4.67 58.56 8.90
NB CLA PA . 3.24 56.45 12.48
C1B CLA PA . 3.09 55.28 11.81
C2B CLA PA . 3.50 54.14 12.66
C3B CLA PA . 3.89 54.66 13.87
C4B CLA PA . 3.73 56.14 13.78
CMB CLA PA . 3.44 52.75 12.21
CAB CLA PA . 4.37 54.01 15.07
CBB CLA PA . 3.78 52.98 15.67
NC CLA PA . 3.40 59.15 13.61
C1C CLA PA . 3.86 58.45 14.69
C2C CLA PA . 4.19 59.37 15.77
C3C CLA PA . 3.91 60.66 15.30
C4C CLA PA . 3.43 60.51 13.93
CMC CLA PA . 4.69 58.98 17.09
CAC CLA PA . 4.08 61.92 16.03
CBC CLA PA . 5.32 62.68 15.61
ND CLA PA . 2.42 60.18 11.17
C1D CLA PA . 2.59 61.44 11.80
C2D CLA PA . 2.19 62.50 10.85
C3D CLA PA . 1.84 61.86 9.67
C4D CLA PA . 2.02 60.41 9.92
CMD CLA PA . 2.19 63.93 11.15
CAD CLA PA . 1.37 62.01 8.31
OBD CLA PA . 1.05 63.03 7.70
CBD CLA PA . 1.31 60.58 7.68
CGD CLA PA . -0.03 60.24 7.11
O1D CLA PA . -0.27 59.76 5.99
O2D CLA PA . -1.07 60.51 7.94
CED CLA PA . -2.32 59.86 7.69
C1 CLA PA . 5.68 59.59 8.86
C2 CLA PA . 6.01 59.85 10.29
C3 CLA PA . 6.50 61.01 10.74
C4 CLA PA . 6.76 62.18 9.86
C5 CLA PA . 6.81 61.19 12.19
C6 CLA PA . 7.27 59.91 12.86
C7 CLA PA . 8.07 60.21 14.11
C8 CLA PA . 8.57 58.95 14.81
C9 CLA PA . 7.46 57.93 14.92
C10 CLA PA . 9.12 59.28 16.19
C11 CLA PA . 10.55 58.79 16.36
C12 CLA PA . 10.60 57.29 16.58
C13 CLA PA . 11.92 56.71 16.12
C14 CLA PA . 12.26 57.15 14.71
C15 CLA PA . 11.90 55.18 16.22
C16 CLA PA . 13.08 54.54 15.50
C17 CLA PA . 12.70 53.19 14.94
C18 CLA PA . 13.85 52.19 15.00
C19 CLA PA . 13.43 50.86 14.42
C20 CLA PA . 15.07 52.73 14.27
MG CLA QA . 12.98 56.54 4.50
CHA CLA QA . 10.28 57.54 2.54
CHB CLA QA . 15.03 56.79 1.79
CHC CLA QA . 15.65 55.70 6.50
CHD CLA QA . 10.79 56.13 7.24
NA CLA QA . 12.67 57.07 2.50
C1A CLA QA . 11.48 57.47 1.88
C2A CLA QA . 11.71 57.75 0.40
C3A CLA QA . 13.18 57.34 0.17
C4A CLA QA . 13.69 57.05 1.58
CMA CLA QA . 13.26 56.10 -0.68
CAA CLA QA . 11.48 59.22 0.06
CBA CLA QA . 12.29 59.63 -1.15
CGA CLA QA . 11.43 60.38 -2.11
O1A CLA QA . 11.45 61.58 -2.41
O2A CLA QA . 10.49 59.58 -2.73
NB CLA QA . 14.96 56.25 4.20
C1B CLA QA . 15.62 56.49 3.03
C2B CLA QA . 17.08 56.38 3.26
C3B CLA QA . 17.27 56.06 4.59
C4B CLA QA . 15.91 55.98 5.20
CMB CLA QA . 18.08 56.57 2.21
CAB CLA QA . 18.49 55.84 5.31
CBB CLA QA . 18.92 56.58 6.34
NC CLA QA . 13.18 56.01 6.50
C1C CLA QA . 14.36 55.70 7.12
C2C CLA QA . 14.13 55.39 8.53
C3C CLA QA . 12.76 55.50 8.74
C4C CLA QA . 12.16 55.88 7.46
CMC CLA QA . 15.18 55.03 9.49
CAC CLA QA . 12.03 55.27 10.00
CBC CLA QA . 11.74 53.81 10.25
ND CLA QA . 11.03 56.79 4.88
C1D CLA QA . 10.25 56.55 6.04
C2D CLA QA . 8.84 56.87 5.75
C3D CLA QA . 8.80 57.32 4.44
C4D CLA QA . 10.18 57.21 3.94
CMD CLA QA . 7.75 56.78 6.70
CAD CLA QA . 7.97 57.82 3.36
OBD CLA QA . 6.78 58.13 3.36
CBD CLA QA . 8.88 57.91 2.09
CGD CLA QA . 8.33 57.03 1.00
O1D CLA QA . 7.41 56.21 1.09
O2D CLA QA . 8.93 57.19 -0.22
CED CLA QA . 8.08 57.42 -1.34
C1 CLA QA . 10.91 58.95 -3.96
MG CLA RA . 8.80 41.39 16.49
CHA CLA RA . 8.14 40.15 19.66
CHB CLA RA . 11.30 39.11 16.14
CHC CLA RA . 9.26 42.49 13.27
CHD CLA RA . 6.24 43.79 16.95
NA CLA RA . 9.59 39.89 17.73
C1A CLA RA . 9.15 39.53 19.00
C2A CLA RA . 9.99 38.37 19.55
C3A CLA RA . 11.11 38.23 18.50
C4A CLA RA . 10.65 39.12 17.35
CMA CLA RA . 12.41 38.69 19.10
CAA CLA RA . 9.15 37.11 19.64
CBA CLA RA . 9.07 36.38 18.31
CGA CLA RA . 7.91 35.44 18.28
O1A CLA RA . 7.55 34.62 19.13
O2A CLA RA . 7.16 35.55 17.13
NB CLA RA . 10.05 40.89 14.99
C1B CLA RA . 10.97 39.90 15.03
C2B CLA RA . 11.64 39.79 13.70
C3B CLA RA . 11.07 40.74 12.88
C4B CLA RA . 10.05 41.47 13.70
CMB CLA RA . 12.70 38.82 13.41
CAB CLA RA . 11.36 41.06 11.51
CBB CLA RA . 10.49 40.93 10.50
NC CLA RA . 7.92 42.89 15.34
C1C CLA RA . 8.27 43.17 14.04
C2C CLA RA . 7.46 44.27 13.54
C3C CLA RA . 6.60 44.64 14.57
C4C CLA RA . 6.90 43.77 15.71
CMC CLA RA . 7.54 44.83 12.19
CAC CLA RA . 5.58 45.70 14.56
CBC CLA RA . 6.12 47.03 15.03
ND CLA RA . 7.50 41.94 17.94
C1D CLA RA . 6.50 42.94 18.01
C2D CLA RA . 5.84 42.88 19.33
C3D CLA RA . 6.42 41.82 20.00
C4D CLA RA . 7.44 41.27 19.09
CMD CLA RA . 4.76 43.77 19.76
CAD CLA RA . 6.47 41.04 21.23
OBD CLA RA . 5.82 41.16 22.26
CBD CLA RA . 7.56 39.94 21.03
CGD CLA RA . 8.63 40.03 22.08
O1D CLA RA . 9.51 40.90 22.18
O2D CLA RA . 8.60 39.05 23.02
CED CLA RA . 9.53 39.13 24.09
C1 CLA RA . 6.33 34.42 16.80
MG CLA SA . 11.32 54.68 27.47
CHA CLA SA . 14.46 53.52 28.38
CHB CLA SA . 10.83 55.78 30.66
CHC CLA SA . 8.31 55.99 26.49
CHD CLA SA . 11.91 53.54 24.18
NA CLA SA . 12.46 54.63 29.22
C1A CLA SA . 13.75 54.11 29.40
C2A CLA SA . 14.22 54.28 30.83
C3A CLA SA . 12.97 54.81 31.56
C4A CLA SA . 12.00 55.12 30.41
CMA CLA SA . 12.39 53.77 32.48
CAA CLA SA . 15.32 55.33 30.87
CBA CLA SA . 15.08 56.47 29.89
CGA CLA SA . 14.21 57.52 30.49
O1A CLA SA . 14.32 58.04 31.60
O2A CLA SA . 13.18 57.91 29.69
NB CLA SA . 9.80 55.61 28.42
C1B CLA SA . 9.86 56.11 29.68
C2B CLA SA . 8.76 57.07 29.92
C3B CLA SA . 8.03 57.14 28.75
C4B CLA SA . 8.69 56.21 27.77
CMB CLA SA . 8.59 57.75 31.20
CAB CLA SA . 6.88 57.93 28.43
CBB CLA SA . 5.92 58.32 29.27
NC CLA SA . 10.28 54.70 25.66
C1C CLA SA . 9.04 55.27 25.49
C2C CLA SA . 8.60 55.08 24.12
C3C CLA SA . 9.64 54.43 23.44
C4C CLA SA . 10.69 54.19 24.43
CMC CLA SA . 7.32 55.52 23.57
CAC CLA SA . 9.67 54.01 22.04
CBC CLA SA . 10.55 54.92 21.19
ND CLA SA . 12.80 53.77 26.45
C1D CLA SA . 12.91 53.33 25.11
C2D CLA SA . 14.22 52.65 24.92
C3D CLA SA . 14.85 52.69 26.14
C4D CLA SA . 13.93 53.39 27.06
CMD CLA SA . 14.68 52.07 23.66
CAD CLA SA . 16.03 52.34 26.91
OBD CLA SA . 17.05 51.74 26.56
CBD CLA SA . 15.81 52.84 28.37
CGD CLA SA . 15.83 51.71 29.36
O1D CLA SA . 15.35 50.58 29.22
O2D CLA SA . 16.44 52.01 30.54
CED CLA SA . 16.29 51.08 31.62
C1 CLA SA . 12.71 59.26 29.86
C2 CLA SA . 11.41 59.42 29.15
C3 CLA SA . 10.57 60.46 29.37
C4 CLA SA . 10.87 61.53 30.34
C5 CLA SA . 9.28 60.57 28.63
C6 CLA SA . 9.00 61.98 28.13
C7 CLA SA . 9.35 62.12 26.67
C8 CLA SA . 8.62 63.30 26.02
MG CLA TA . 1.44 60.96 30.90
CHA CLA TA . 3.18 60.88 33.90
CHB CLA TA . 4.34 61.52 29.22
CHC CLA TA . -0.35 61.05 27.97
CHD CLA TA . -1.55 60.33 32.69
NA CLA TA . 3.43 61.16 31.49
C1A CLA TA . 3.96 61.09 32.79
C2A CLA TA . 5.48 61.30 32.77
C3A CLA TA . 5.80 61.51 31.28
C4A CLA TA . 4.44 61.39 30.60
CMA CLA TA . 6.44 62.84 31.03
CAA CLA TA . 6.21 60.07 33.31
CBA CLA TA . 7.70 60.33 33.48
CGA CLA TA . 7.94 61.53 34.34
O1A CLA TA . 7.90 62.73 34.03
O2A CLA TA . 8.22 61.20 35.63
NB CLA TA . 1.91 61.18 28.96
C1B CLA TA . 3.15 61.46 28.48
C2B CLA TA . 3.08 61.70 27.01
C3B CLA TA . 1.76 61.57 26.65
C4B CLA TA . 1.00 61.24 27.89
CMB CLA TA . 4.25 62.03 26.20
CAB CLA TA . 1.14 61.72 25.36
CBB CLA TA . 0.24 62.65 25.04
NC CLA TA . -0.59 60.73 30.43
C1C CLA TA . -1.10 60.82 29.17
C2C CLA TA . -2.54 60.63 29.20
C3C CLA TA . -2.89 60.40 30.53
C4C CLA TA . -1.65 60.47 31.31
CMC CLA TA . -3.42 60.68 28.04
CAC CLA TA . -4.23 60.17 31.08
CBC CLA TA . -4.97 61.46 31.34
ND CLA TA . 0.86 60.72 32.83
C1D CLA TA . -0.39 60.44 33.43
C2D CLA TA . -0.22 60.32 34.89
C3D CLA TA . 1.13 60.52 35.13
C4D CLA TA . 1.76 60.73 33.82
CMD CLA TA . -1.30 60.07 35.85
CAD CLA TA . 2.18 60.61 36.13
OBD CLA TA . 2.11 60.58 37.36
CBD CLA TA . 3.53 60.78 35.37
CGD CLA TA . 4.28 61.99 35.87
O1D CLA TA . 5.14 62.03 36.75
O2D CLA TA . 3.92 63.14 35.24
CED CLA TA . 4.72 64.30 35.48
MG CLA UA . -13.82 52.75 24.55
CHA CLA UA . -16.90 53.67 23.24
CHB CLA UA . -13.56 55.77 26.08
CHC CLA UA . -10.80 51.76 25.87
CHD CLA UA . -14.13 49.61 22.94
NA CLA UA . -15.04 54.44 24.62
C1A CLA UA . -16.30 54.62 24.02
C2A CLA UA . -16.85 56.02 24.35
C3A CLA UA . -15.74 56.66 25.20
C4A CLA UA . -14.69 55.55 25.33
CMA CLA UA . -15.15 57.89 24.56
CAA CLA UA . -18.13 55.91 25.16
NB CLA UA . -12.42 53.61 25.71
C1B CLA UA . -12.53 54.84 26.28
C2B CLA UA . -11.37 55.09 27.19
C3B CLA UA . -10.58 53.96 27.14
C4B CLA UA . -11.24 53.00 26.20
CMB CLA UA . -11.20 56.32 27.95
CAB CLA UA . -9.36 53.68 27.85
CBB CLA UA . -8.20 53.31 27.30
NC CLA UA . -12.67 51.00 24.41
C1C CLA UA . -11.47 50.81 25.04
C2C CLA UA . -10.96 49.48 24.73
C3C CLA UA . -11.91 48.87 23.90
C4C CLA UA . -12.97 49.84 23.70
CMC CLA UA . -9.70 48.93 25.23
CAC CLA UA . -11.85 47.52 23.33
CBC CLA UA . -11.02 47.44 22.08
ND CLA UA . -15.16 51.80 23.38
C1D CLA UA . -15.16 50.51 22.77
C2D CLA UA . -16.41 50.35 21.98
C3D CLA UA . -17.11 51.53 22.14
C4D CLA UA . -16.29 52.40 23.01
CMD CLA UA . -16.76 49.15 21.22
CAD CLA UA . -18.32 52.27 21.79
OBD CLA UA . -19.27 51.93 21.10
CBD CLA UA . -18.21 53.66 22.48
CGD CLA UA . -18.29 54.79 21.50
O1D CLA UA . -18.68 55.94 21.69
O2D CLA UA . -17.87 54.44 20.24
CED CLA UA . -18.36 55.20 19.14
MG CLA VA . 0.76 45.68 8.45
CHA CLA VA . 0.67 44.39 5.23
CHB CLA VA . -2.13 44.04 9.18
CHC CLA VA . 0.88 47.02 11.61
CHD CLA VA . 3.74 47.39 7.62
NA CLA VA . -0.50 44.41 7.37
C1A CLA VA . -0.37 44.00 6.03
C2A CLA VA . -1.52 43.06 5.63
C3A CLA VA . -2.39 43.00 6.90
C4A CLA VA . -1.63 43.87 7.91
CMA CLA VA . -3.79 43.51 6.66
CAA CLA VA . -1.03 41.68 5.25
CBA CLA VA . 0.11 41.22 6.14
CGA CLA VA . -0.21 39.89 6.74
O1A CLA VA . -1.21 39.57 7.40
O2A CLA VA . 0.75 38.94 6.50
NB CLA VA . -0.41 45.57 10.08
C1B CLA VA . -1.54 44.82 10.19
C2B CLA VA . -2.11 44.98 11.57
C3B CLA VA . -1.27 45.82 12.26
C4B CLA VA . -0.17 46.20 11.33
CMB CLA VA . -3.33 44.31 12.00
CAB CLA VA . -1.35 46.28 13.62
CBB CLA VA . -1.27 47.55 14.02
NC CLA VA . 2.09 46.95 9.43
C1C CLA VA . 1.94 47.37 10.73
C2C CLA VA . 3.05 48.25 11.09
C3C CLA VA . 3.85 48.37 9.97
C4C CLA VA . 3.25 47.55 8.92
CMC CLA VA . 3.22 48.89 12.41
CAC CLA VA . 5.09 49.15 9.84
CBC CLA VA . 6.29 48.34 10.26
ND CLA VA . 2.00 45.86 6.86
C1D CLA VA . 3.18 46.61 6.63
C2D CLA VA . 3.65 46.40 5.25
C3D CLA VA . 2.73 45.55 4.67
C4D CLA VA . 1.72 45.25 5.70
CMD CLA VA . 4.85 47.00 4.68
CAD CLA VA . 2.35 44.82 3.47
OBD CLA VA . 2.94 44.73 2.39
CBD CLA VA . 1.00 44.11 3.78
CGD CLA VA . -0.11 44.58 2.86
O1D CLA VA . -1.26 44.89 3.18
O2D CLA VA . 0.24 44.66 1.55
CED CLA VA . 0.13 43.48 0.76
C1 CLA VA . 1.01 38.01 7.56
MG CLA WA . -11.15 44.23 16.47
CHA CLA WA . -11.25 45.10 13.11
CHB CLA WA . -14.28 45.49 16.90
CHC CLA WA . -11.03 43.25 19.76
CHD CLA WA . -7.90 42.92 15.98
NA CLA WA . -12.52 45.15 15.19
C1A CLA WA . -12.38 45.42 13.82
C2A CLA WA . -13.63 46.10 13.27
C3A CLA WA . -14.55 46.25 14.51
C4A CLA WA . -13.75 45.58 15.63
CMA CLA WA . -14.89 47.68 14.82
CAA CLA WA . -14.32 45.24 12.22
CBA CLA WA . -14.82 43.94 12.79
CGA CLA WA . -13.80 42.85 12.60
O1A CLA WA . -13.10 42.62 11.62
O2A CLA WA . -13.68 42.04 13.69
NB CLA WA . -12.42 44.34 18.03
C1B CLA WA . -13.65 44.91 18.00
C2B CLA WA . -14.28 44.81 19.36
C3B CLA WA . -13.36 44.18 20.17
C4B CLA WA . -12.16 43.88 19.34
CMB CLA WA . -15.61 45.33 19.65
CAB CLA WA . -13.46 43.84 21.56
CBB CLA WA . -13.39 42.59 22.06
NC CLA WA . -9.71 43.27 17.65
C1C CLA WA . -9.88 42.97 18.98
C2C CLA WA . -8.69 42.28 19.48
C3C CLA WA . -7.79 42.20 18.42
C4C CLA WA . -8.45 42.81 17.27
CMC CLA WA . -8.53 41.82 20.85
CAC CLA WA . -6.46 41.59 18.42
CBC CLA WA . -5.35 42.62 18.47
ND CLA WA . -9.82 44.05 14.96
C1D CLA WA . -8.52 43.48 14.89
C2D CLA WA . -8.00 43.61 13.50
C3D CLA WA . -9.01 44.22 12.78
C4D CLA WA . -10.12 44.47 13.73
CMD CLA WA . -6.69 43.15 13.06
CAD CLA WA . -9.42 44.72 11.48
OBD CLA WA . -8.81 44.75 10.42
CBD CLA WA . -10.88 45.28 11.66
CGD CLA WA . -11.00 46.70 11.19
O1D CLA WA . -10.74 47.73 11.82
O2D CLA WA . -11.44 46.81 9.91
CED CLA WA . -10.66 47.56 8.97
C1 CLA WA . -12.34 41.78 14.15
C2 CLA WA . -12.47 40.77 15.24
C3 CLA WA . -11.42 40.07 15.73
C4 CLA WA . -10.04 40.24 15.22
C5 CLA WA . -11.63 39.08 16.82
C6 CLA WA . -10.92 39.45 18.11
C7 CLA WA . -11.72 38.93 19.30
C8 CLA WA . -10.83 38.46 20.43
C9 CLA WA . -9.81 37.46 19.93
C10 CLA WA . -11.67 37.83 21.55
C1A DGD XA . -18.96 39.69 16.29
C2A DGD XA . -18.86 38.20 16.22
C3A DGD XA . -19.67 37.59 17.35
C4A DGD XA . -19.30 36.14 17.56
O1A DGD XA . -19.43 40.21 17.28
C1B DGD XA . -15.94 42.08 17.22
C2B DGD XA . -16.71 41.94 18.50
C3B DGD XA . -15.83 41.18 19.49
C4B DGD XA . -15.39 39.85 18.92
C5B DGD XA . -15.88 38.70 19.78
C6B DGD XA . -16.61 39.22 21.02
O1B DGD XA . -14.73 42.24 17.24
O1G DGD XA . -18.54 40.54 15.19
C1G DGD XA . -18.89 41.92 15.20
C2G DGD XA . -17.81 42.76 15.88
O2G DGD XA . -16.61 42.01 15.94
C3G DGD XA . -17.56 44.00 15.05
O3G DGD XA . -18.72 44.80 15.03
C1D DGD XA . -19.32 44.86 13.74
C2D DGD XA . -20.81 44.68 13.90
O2D DGD XA . -21.11 43.40 14.46
C3D DGD XA . -21.46 44.77 12.53
O3D DGD XA . -22.87 44.63 12.66
C4D DGD XA . -21.12 46.13 11.96
O4D DGD XA . -21.61 47.13 12.84
C5D DGD XA . -19.61 46.26 11.85
O5D DGD XA . -17.86 47.58 10.86
C6D DGD XA . -19.23 47.61 11.26
O6D DGD XA . -19.06 46.14 13.17
C1E DGD XA . -17.40 48.86 10.46
C2E DGD XA . -17.24 48.93 8.95
O2E DGD XA . -18.51 48.76 8.33
C3E DGD XA . -16.28 47.84 8.49
O3E DGD XA . -16.02 47.99 7.10
C4E DGD XA . -14.98 47.91 9.26
O4E DGD XA . -14.22 49.03 8.81
C5E DGD XA . -15.22 48.03 10.77
O6E DGD XA . -16.12 49.10 11.04
C6E DGD XA . -13.79 48.27 11.00
O5E DGD XA . -13.58 49.47 10.22
C1 XAT YA . -4.59 49.84 35.64
C2 XAT YA . -3.28 49.71 36.42
C3 XAT YA . -2.08 49.83 35.50
C4 XAT YA . -2.06 51.26 35.03
C5 XAT YA . -3.24 51.48 34.08
C6 XAT YA . -4.52 50.67 34.35
C7 XAT YA . -5.78 51.41 33.95
C8 XAT YA . -6.49 50.81 33.00
C9 XAT YA . -7.76 51.30 32.42
C10 XAT YA . -8.37 50.47 31.56
C11 XAT YA . -9.61 50.70 30.85
C12 XAT YA . -10.02 49.69 30.10
C13 XAT YA . -11.25 49.72 29.29
C14 XAT YA . -11.58 48.62 28.58
C15 XAT YA . -12.77 48.58 27.75
C16 XAT YA . -5.64 50.45 36.57
C17 XAT YA . -5.06 48.45 35.29
C18 XAT YA . -3.56 52.86 33.50
C19 XAT YA . -8.33 52.64 32.77
C20 XAT YA . -12.11 50.94 29.23
O3 XAT YA . -0.87 49.53 36.21
O4 XAT YA . -3.59 50.34 33.30
C21 XAT YA . -21.51 43.59 19.34
C22 XAT YA . -21.92 43.55 17.88
C23 XAT YA . -22.48 44.90 17.50
C24 XAT YA . -21.27 45.81 17.34
C25 XAT YA . -20.41 45.88 18.61
C26 XAT YA . -20.59 44.79 19.67
C27 XAT YA . -19.30 44.47 20.40
C28 XAT YA . -19.17 44.87 21.66
C29 XAT YA . -17.94 44.60 22.44
C30 XAT YA . -17.54 45.53 23.31
C31 XAT YA . -16.34 45.35 24.12
C32 XAT YA . -15.92 46.39 24.84
C33 XAT YA . -14.71 46.33 25.67
C34 XAT YA . -14.32 47.43 26.32
C35 XAT YA . -13.13 47.45 27.16
C36 XAT YA . -20.78 42.30 19.69
C37 XAT YA . -22.75 43.69 20.19
C38 XAT YA . -18.95 46.38 18.54
C39 XAT YA . -17.19 43.33 22.26
C40 XAT YA . -13.94 45.05 25.80
O23 XAT YA . -23.18 44.81 16.25
O24 XAT YA . -21.13 46.11 19.80
C1 A1L1G ZA . -37.33 30.49 51.27
C5 A1L1G ZA . -38.21 28.38 52.32
C4 A1L1G ZA . -35.18 31.46 52.07
C3 A1L1G ZA . -35.99 29.30 53.02
C2 A1L1G ZA . -38.64 29.69 49.16
C10 A1L1G ZA . -37.10 32.99 51.62
C11 A1L1G ZA . -36.40 31.71 51.20
C12 A1L1G ZA . -38.12 30.47 53.66
C14 A1L1G ZA . -46.71 27.24 32.28
C17 A1L1G ZA . -47.89 24.81 31.14
C18 A1L1G ZA . -47.31 29.51 30.79
C19 A1L1G ZA . -45.20 28.75 29.71
C20 A1L1G ZA . -47.33 25.86 30.21
C21 A1L1G ZA . -47.85 25.84 28.81
C22 A1L1G ZA . -47.24 26.94 27.98
C23 A1L1G ZA . -47.40 28.28 28.66
C24 A1L1G ZA . -46.65 28.39 30.00
C25 A1L1G ZA . -46.73 27.07 30.78
C26 A1L1G ZA . -45.27 25.21 34.30
C27 A1L1G ZA . -42.62 26.09 38.84
C28 A1L1G ZA . -43.09 30.86 44.39
C29 A1L1G ZA . -45.57 27.32 32.97
C30 A1L1G ZA . -45.35 26.71 34.22
C31 A1L1G ZA . -45.19 27.48 35.35
C32 A1L1G ZA . -44.29 27.29 36.38
C33 A1L1G ZA . -44.59 27.07 37.71
C34 A1L1G ZA . -43.71 27.09 38.80
C35 A1L1G ZA . -43.80 28.01 39.86
C36 A1L1G ZA . -43.02 28.10 40.98
C37 A1L1G ZA . -43.17 28.85 42.13
C38 A1L1G ZA . -42.75 28.61 43.42
C39 A1L1G ZA . -42.43 29.53 44.42
C40 A1L1G ZA . -41.51 29.28 45.46
C41 A1L1G ZA . -41.23 30.05 46.57
C42 A1L1G ZA . -40.76 29.57 47.78
C43 A1L1G ZA . -40.42 31.46 49.33
C44 A1L1G ZA . -39.95 30.20 48.71
C45 A1L1G ZA . -38.01 30.12 50.21
C6 A1L1G ZA . -37.41 29.67 52.57
C8 A1L1G ZA . -34.89 29.98 52.24
O13 A1L1G ZA . -43.99 24.78 33.91
O15 A1L1G ZA . -45.89 26.01 30.28
O16 A1L1G ZA . -47.88 26.99 26.69
O7 A1L1G ZA . -33.65 29.81 52.92
O9 A1L1G ZA . -35.90 31.85 49.86
C1 XAT AB . -33.56 59.74 37.21
C2 XAT AB . -34.81 60.60 37.09
C3 XAT AB . -35.70 60.06 36.00
C4 XAT AB . -36.30 58.79 36.55
C5 XAT AB . -35.20 57.72 36.76
C6 XAT AB . -33.77 58.23 37.02
C7 XAT AB . -32.99 57.31 37.93
C8 XAT AB . -31.98 56.64 37.39
C9 XAT AB . -31.15 55.71 38.16
C10 XAT AB . -30.42 54.83 37.47
C11 XAT AB . -29.56 53.84 38.11
C12 XAT AB . -29.12 52.85 37.36
C13 XAT AB . -28.25 51.79 37.91
C14 XAT AB . -28.15 50.64 37.23
C15 XAT AB . -27.31 49.56 37.71
C16 XAT AB . -32.94 59.98 38.59
C17 XAT AB . -32.53 60.22 36.20
C18 XAT AB . -35.48 56.42 37.51
C19 XAT AB . -31.11 55.75 39.65
C20 XAT AB . -27.49 52.00 39.19
O3 XAT AB . -36.74 61.00 35.70
O4 XAT AB . -34.20 57.70 35.74
C21 XAT AB . -21.65 37.90 38.28
C22 XAT AB . -21.36 36.68 39.14
C23 XAT AB . -21.01 37.13 40.54
C24 XAT AB . -22.32 37.55 41.16
C25 XAT AB . -22.86 38.79 40.45
C26 XAT AB . -22.44 39.02 38.99
C27 XAT AB . -23.51 39.72 38.17
C28 XAT AB . -23.26 40.99 37.85
C29 XAT AB . -24.20 41.82 37.07
C30 XAT AB . -24.21 43.12 37.34
C31 XAT AB . -25.08 44.07 36.67
C32 XAT AB . -25.19 45.27 37.22
C33 XAT AB . -26.03 46.33 36.66
C34 XAT AB . -26.31 47.39 37.44
C35 XAT AB . -27.14 48.48 36.95
C36 XAT AB . -22.43 37.45 37.04
C37 XAT AB . -20.33 38.48 37.80
C38 XAT AB . -24.29 39.31 40.71
C39 XAT AB . -25.09 41.21 36.04
C40 XAT AB . -26.56 46.24 35.27
O23 XAT AB . -20.45 36.04 41.28
O24 XAT AB . -21.87 39.75 40.08
C1 XAT BB . -33.61 20.20 45.29
C2 XAT BB . -33.33 19.12 46.31
C3 XAT BB . -31.87 19.13 46.70
C4 XAT BB . -31.70 20.36 47.57
C5 XAT BB . -31.95 21.63 46.76
C6 XAT BB . -32.86 21.53 45.51
C7 XAT BB . -33.64 22.81 45.24
C8 XAT BB . -33.26 23.51 44.17
C9 XAT BB . -33.89 24.77 43.76
C10 XAT BB . -33.28 25.50 42.80
C11 XAT BB . -33.82 26.77 42.31
C12 XAT BB . -33.05 27.50 41.51
C13 XAT BB . -33.50 28.80 40.97
C14 XAT BB . -32.65 29.54 40.25
C15 XAT BB . -33.04 30.84 39.71
C16 XAT BB . -35.12 20.48 45.27
C17 XAT BB . -33.24 19.68 43.91
C18 XAT BB . -32.10 23.00 47.44
C19 XAT BB . -35.18 25.23 44.38
C20 XAT BB . -34.91 29.28 41.22
O3 XAT BB . -31.52 17.95 47.43
O4 XAT BB . -31.44 21.61 45.43
C21 XAT BB . -32.98 41.08 33.63
C22 XAT BB . -33.94 41.92 32.81
C23 XAT BB . -33.24 42.53 31.61
C24 XAT BB . -33.00 41.37 30.67
C25 XAT BB . -32.04 40.33 31.27
C26 XAT BB . -31.97 40.25 32.81
C27 XAT BB . -31.70 38.83 33.30
C28 XAT BB . -30.89 38.65 34.35
C29 XAT BB . -30.58 37.31 34.87
C30 XAT BB . -31.35 36.77 35.82
C31 XAT BB . -31.06 35.45 36.38
C32 XAT BB . -31.88 34.89 37.26
C33 XAT BB . -31.56 33.56 37.82
C34 XAT BB . -32.50 32.84 38.46
C35 XAT BB . -32.15 31.54 39.02
C36 XAT BB . -33.81 40.15 34.49
C37 XAT BB . -32.19 42.01 34.55
C38 XAT BB . -31.82 38.96 30.64
C39 XAT BB . -29.38 36.59 34.35
C40 XAT BB . -30.17 33.03 37.70
O23 XAT BB . -34.09 43.49 30.99
O24 XAT BB . -30.96 40.90 32.02
C1 XAT CB . -44.13 39.98 42.46
C2 XAT CB . -45.28 39.62 41.53
C3 XAT CB . -44.77 39.38 40.13
C4 XAT CB . -44.04 38.05 40.20
C5 XAT CB . -42.79 38.19 41.06
C6 XAT CB . -42.81 39.24 42.18
C7 XAT CB . -41.97 38.85 43.38
C8 XAT CB . -40.85 39.53 43.56
C9 XAT CB . -39.89 39.31 44.65
C10 XAT CB . -38.71 39.95 44.57
C11 XAT CB . -37.65 39.89 45.56
C12 XAT CB . -36.52 40.52 45.24
C13 XAT CB . -35.35 40.59 46.13
C14 XAT CB . -34.34 41.39 45.76
C15 XAT CB . -33.15 41.58 46.59
C16 XAT CB . -44.55 39.73 43.90
C17 XAT CB . -43.85 41.48 42.34
C18 XAT CB . -41.94 36.98 41.44
C19 XAT CB . -40.22 38.41 45.81
C20 XAT CB . -35.30 39.81 47.41
O3 XAT CB . -45.84 39.32 39.20
O4 XAT CB . -42.12 39.44 40.93
C21 XAT CB . -21.86 47.35 49.52
C22 XAT CB . -20.50 47.51 50.20
C23 XAT CB . -20.30 46.45 51.26
C24 XAT CB . -20.14 45.15 50.49
C25 XAT CB . -21.46 44.75 49.84
C26 XAT CB . -22.39 45.91 49.42
C27 XAT CB . -23.26 45.61 48.21
C28 XAT CB . -24.54 45.44 48.45
C29 XAT CB . -25.55 45.15 47.41
C30 XAT CB . -26.75 44.72 47.82
C31 XAT CB . -27.85 44.44 46.89
C32 XAT CB . -28.88 43.75 47.35
C33 XAT CB . -30.04 43.47 46.50
C34 XAT CB . -31.05 42.72 46.98
C35 XAT CB . -32.23 42.45 46.18
C36 XAT CB . -21.77 47.93 48.12
C37 XAT CB . -22.88 48.18 50.30
C38 XAT CB . -21.58 43.57 48.86
C39 XAT CB . -25.25 45.38 45.97
C40 XAT CB . -30.11 44.02 45.11
O23 XAT CB . -19.12 46.73 52.00
O24 XAT CB . -22.63 45.11 50.59
C1 A1L1G DB . -13.49 27.46 34.00
C5 A1L1G DB . -11.88 29.08 32.96
C4 A1L1G DB . -12.67 26.08 35.90
C3 A1L1G DB . -11.41 28.17 35.23
C2 A1L1G DB . -15.28 28.27 32.32
C10 A1L1G DB . -14.87 25.53 34.85
C11 A1L1G DB . -13.91 26.63 35.22
C12 A1L1G DB . -11.22 26.71 33.21
C14 A1L1G DB . -31.54 36.32 28.47
C17 A1L1G DB . -31.11 37.33 25.69
C18 A1L1G DB . -34.12 34.69 27.42
C19 A1L1G DB . -34.34 36.14 29.43
C20 A1L1G DB . -32.49 37.28 26.29
C21 A1L1G DB . -33.65 37.22 25.34
C22 A1L1G DB . -34.88 37.72 26.04
C23 A1L1G DB . -35.23 36.87 27.26
C24 A1L1G DB . -34.07 36.13 27.93
C25 A1L1G DB . -32.71 36.76 27.64
C26 A1L1G DB . -30.14 35.23 30.75
C27 A1L1G DB . -25.55 32.88 31.55
C28 A1L1G DB . -20.68 27.88 29.17
C29 A1L1G DB . -30.88 35.17 28.37
C30 A1L1G DB . -30.01 34.69 29.36
C31 A1L1G DB . -29.03 33.76 29.05
C32 A1L1G DB . -27.98 33.33 29.84
C33 A1L1G DB . -26.77 32.82 29.41
C34 A1L1G DB . -25.69 32.38 30.17
C35 A1L1G DB . -24.73 31.48 29.69
C36 A1L1G DB . -23.44 31.30 30.13
C37 A1L1G DB . -22.58 30.23 29.95
C38 A1L1G DB . -21.19 30.15 29.98
C39 A1L1G DB . -20.40 29.01 30.08
C40 A1L1G DB . -19.34 28.87 30.98
C41 A1L1G DB . -18.01 28.61 30.72
C42 A1L1G DB . -17.31 27.46 31.04
C43 A1L1G DB . -15.19 26.23 30.88
C44 A1L1G DB . -15.98 27.36 31.41
C45 A1L1G DB . -14.37 27.84 33.15
C6 A1L1G DB . -12.01 27.84 33.86
C8 A1L1G DB . -11.72 27.17 36.34
O13 A1L1G DB . -28.91 35.78 31.17
O15 A1L1G DB . -32.73 38.19 27.39
O16 A1L1G DB . -35.97 37.74 25.13
O7 A1L1G DB . -10.49 26.57 36.76
O9 A1L1G DB . -14.52 27.49 36.20
MG CLA EB . -40.35 21.49 56.54
CHA CLA EB . -38.67 23.84 58.47
CHB CLA EB . -41.67 20.13 59.36
CHC CLA EB . -41.98 19.18 54.58
CHD CLA EB . -38.86 22.87 53.65
NA CLA EB . -40.19 21.94 58.57
C1A CLA EB . -39.45 22.97 59.18
C2A CLA EB . -39.62 22.95 60.70
C3A CLA EB . -40.54 21.73 60.94
C4A CLA EB . -40.85 21.22 59.54
CMA CLA EB . -39.89 20.68 61.80
CAA CLA EB . -40.28 24.21 61.19
CBA CLA EB . -41.57 24.47 60.43
CGA CLA EB . -42.25 25.70 60.96
O1A CLA EB . -42.31 26.09 62.13
O2A CLA EB . -42.86 26.43 59.99
NB CLA EB . -41.59 19.95 56.91
C1B CLA EB . -42.02 19.56 58.12
C2B CLA EB . -42.93 18.38 57.98
C3B CLA EB . -43.02 18.11 56.64
C4B CLA EB . -42.17 19.11 55.93
CMB CLA EB . -43.56 17.72 59.12
CAB CLA EB . -43.77 17.08 55.96
CBB CLA EB . -44.74 17.32 55.08
NC CLA EB . -40.42 21.12 54.48
C1C CLA EB . -41.17 20.13 53.90
C2C CLA EB . -40.98 20.16 52.45
C3C CLA EB . -40.08 21.19 52.19
C4C CLA EB . -39.73 21.79 53.47
CMC CLA EB . -41.64 19.25 51.51
CAC CLA EB . -39.59 21.62 50.87
CBC CLA EB . -40.27 22.88 50.38
ND CLA EB . -39.10 23.01 56.08
C1D CLA EB . -38.53 23.45 54.86
C2D CLA EB . -37.62 24.58 55.12
C3D CLA EB . -37.65 24.80 56.49
C4D CLA EB . -38.57 23.78 57.05
CMD CLA EB . -36.87 25.29 54.10
CAD CLA EB . -37.16 25.59 57.60
OBD CLA EB . -36.42 26.57 57.59
CBD CLA EB . -37.75 24.98 58.90
CGD CLA EB . -36.67 24.49 59.83
O1D CLA EB . -35.79 23.66 59.60
O2D CLA EB . -36.70 25.08 61.06
CED CLA EB . -35.61 24.81 61.95
MG CLA FB . -38.64 34.68 57.30
CHA CLA FB . -35.71 36.41 57.97
CHB CLA FB . -39.10 34.17 60.64
CHC CLA FB . -41.61 33.10 56.59
CHD CLA FB . -38.17 35.31 53.85
NA CLA FB . -37.56 35.19 59.00
C1A CLA FB . -36.36 35.93 59.08
C2A CLA FB . -35.92 36.10 60.53
C3A CLA FB . -36.96 35.30 61.34
C4A CLA FB . -37.96 34.84 60.27
CMA CLA FB . -36.35 34.13 62.06
CAA CLA FB . -35.96 37.56 60.94
CBA CLA FB . -37.25 38.21 60.50
CGA CLA FB . -37.16 39.70 60.62
O1A CLA FB . -38.07 40.54 60.51
O2A CLA FB . -35.90 40.14 60.87
NB CLA FB . -40.11 33.85 58.41
C1B CLA FB . -40.09 33.68 59.75
C2B CLA FB . -41.25 32.85 60.18
C3B CLA FB . -41.96 32.54 59.04
C4B CLA FB . -41.24 33.17 57.90
CMB CLA FB . -41.49 32.47 61.57
CAB CLA FB . -43.15 31.77 58.87
CBB CLA FB . -43.27 30.47 59.22
NC CLA FB . -39.68 34.25 55.53
C1C CLA FB . -40.87 33.58 55.48
C2C CLA FB . -41.32 33.47 54.10
C3C CLA FB . -40.35 34.11 53.32
C4C CLA FB . -39.33 34.61 54.23
CMC CLA FB . -42.55 32.82 53.67
CAC CLA FB . -40.37 34.27 51.86
CBC CLA FB . -41.00 35.57 51.41
ND CLA FB . -37.23 35.50 56.11
C1D CLA FB . -37.19 35.74 54.71
C2D CLA FB . -35.95 36.49 54.39
C3D CLA FB . -35.33 36.75 55.59
C4D CLA FB . -36.18 36.15 56.64
CMD CLA FB . -35.53 36.86 53.03
CAD CLA FB . -34.18 37.34 56.25
OBD CLA FB . -33.17 37.84 55.77
CBD CLA FB . -34.45 37.24 57.79
CGD CLA FB . -33.26 36.71 58.54
O1D CLA FB . -32.21 37.31 58.81
O2D CLA FB . -33.37 35.42 58.96
CED CLA FB . -32.72 35.09 60.19
C1 CLA FB . -35.73 41.56 61.06
C2 CLA FB . -34.28 41.79 61.25
MG CLA GB . -30.10 25.66 48.03
CHA CLA GB . -29.06 24.03 50.91
CHB CLA GB . -27.16 24.86 46.52
CHC CLA GB . -31.21 27.20 45.19
CHD CLA GB . -33.12 26.50 49.68
NA CLA GB . -28.39 24.61 48.64
C1A CLA GB . -28.15 24.01 49.88
C2A CLA GB . -26.78 23.35 49.91
C3A CLA GB . -26.14 23.78 48.56
C4A CLA GB . -27.30 24.45 47.83
CMA CLA GB . -24.98 24.70 48.77
CAA CLA GB . -26.90 21.83 49.98
CBA CLA GB . -27.95 21.28 49.03
CGA CLA GB . -27.36 21.00 47.68
O1A CLA GB . -26.34 20.37 47.40
O2A CLA GB . -28.08 21.55 46.65
NB CLA GB . -29.30 26.04 46.24
C1B CLA GB . -28.14 25.52 45.76
C2B CLA GB . -28.03 25.74 44.29
C3B CLA GB . -29.18 26.40 43.90
C4B CLA GB . -30.00 26.60 45.14
CMB CLA GB . -26.88 25.29 43.51
CAB CLA GB . -29.62 26.87 42.61
CBB CLA GB . -28.85 27.33 41.63
NC CLA GB . -31.85 26.68 47.54
C1C CLA GB . -32.09 27.26 46.32
C2C CLA GB . -33.39 27.91 46.33
C3C CLA GB . -33.95 27.69 47.59
C4C CLA GB . -32.96 26.92 48.34
CMC CLA GB . -33.97 28.64 45.20
CAC CLA GB . -35.25 28.16 48.09
CBC CLA GB . -36.28 27.05 48.10
ND CLA GB . -30.98 25.31 49.82
C1D CLA GB . -32.20 25.75 50.38
C2D CLA GB . -32.30 25.27 51.77
C3D CLA GB . -31.12 24.58 52.03
C4D CLA GB . -30.33 24.66 50.78
CMD CLA GB . -33.45 25.50 52.64
CAD CLA GB . -30.35 23.81 52.99
OBD CLA GB . -30.66 23.44 54.12
CBD CLA GB . -28.97 23.53 52.33
CGD CLA GB . -27.88 24.28 53.04
O1D CLA GB . -27.95 25.40 53.53
O2D CLA GB . -26.69 23.62 53.09
CED CLA GB . -25.51 24.43 53.11
C1 CLA GB . -27.52 21.43 45.33
C2 CLA GB . -28.52 22.02 44.39
C3 CLA GB . -28.42 21.93 43.06
C4 CLA GB . -27.30 21.23 42.39
C5 CLA GB . -29.46 22.55 42.18
C6 CLA GB . -30.25 21.51 41.42
C7 CLA GB . -31.57 22.09 40.92
C8 CLA GB . -32.47 21.01 40.31
C9 CLA GB . -31.69 20.15 39.34
C10 CLA GB . -33.68 21.64 39.62
C11 CLA GB . -34.74 22.04 40.61
MG CLA HB . -28.60 27.73 36.59
CHA CLA HB . -25.43 26.37 36.99
CHB CLA HB . -29.89 25.36 38.66
CHC CLA HB . -31.68 29.22 36.29
CHD CLA HB . -27.23 30.16 34.42
NA CLA HB . -27.77 26.13 37.63
C1A CLA HB . -26.43 25.73 37.69
C2A CLA HB . -26.25 24.52 38.59
C3A CLA HB . -27.68 24.18 39.05
C4A CLA HB . -28.53 25.30 38.42
CMA CLA HB . -28.12 22.82 38.58
CAA CLA HB . -25.39 24.88 39.80
CBA CLA HB . -25.11 23.69 40.70
CGA CLA HB . -24.25 22.69 40.00
O1A CLA HB . -23.14 22.85 39.49
O2A CLA HB . -24.82 21.45 39.94
NB CLA HB . -30.41 27.42 37.41
C1B CLA HB . -30.76 26.32 38.12
C2B CLA HB . -32.24 26.23 38.24
C3B CLA HB . -32.76 27.32 37.57
C4B CLA HB . -31.60 28.08 37.04
CMB CLA HB . -32.90 25.12 38.94
CAB CLA HB . -34.12 27.74 37.34
CBB CLA HB . -35.21 27.36 37.99
NC CLA HB . -29.31 29.39 35.54
C1C CLA HB . -30.61 29.83 35.58
C2C CLA HB . -30.75 31.04 34.78
C3C CLA HB . -29.49 31.29 34.21
C4C CLA HB . -28.60 30.26 34.71
CMC CLA HB . -31.99 31.80 34.59
CAC CLA HB . -29.13 32.40 33.33
CBC CLA HB . -28.13 33.36 33.95
ND CLA HB . -26.82 28.13 35.74
C1D CLA HB . -26.37 29.19 34.90
C2D CLA HB . -24.93 29.04 34.65
C3D CLA HB . -24.52 27.98 35.43
C4D CLA HB . -25.72 27.46 36.10
CMD CLA HB . -24.14 29.90 33.77
CAD CLA HB . -23.40 27.13 35.82
OBD CLA HB . -22.23 27.15 35.45
CBD CLA HB . -23.94 26.14 36.89
CGD CLA HB . -23.59 24.71 36.56
O1D CLA HB . -24.33 23.84 36.07
O2D CLA HB . -22.30 24.38 36.85
CED CLA HB . -21.83 23.09 36.47
C1 CLA HB . -24.30 20.52 38.97
C2 CLA HB . -25.44 19.68 38.55
C3 CLA HB . -25.98 18.74 39.33
C4 CLA HB . -25.49 18.44 40.70
C5 CLA HB . -27.14 17.93 38.84
C6 CLA HB . -27.31 16.61 39.58
C7 CLA HB . -28.43 15.79 38.97
C8 CLA HB . -29.81 16.32 39.33
C9 CLA HB . -30.12 16.07 40.78
C10 CLA HB . -30.87 15.70 38.44
C11 CLA HB . -32.28 16.05 38.90
MG CLA IB . -30.51 47.07 34.76
CHA CLA IB . -31.34 49.17 32.12
CHB CLA IB . -29.61 44.64 32.55
CHC CLA IB . -29.61 45.07 37.42
CHD CLA IB . -31.50 49.61 37.02
NA CLA IB . -30.49 46.95 32.68
C1A CLA IB . -30.86 47.94 31.75
C2A CLA IB . -30.68 47.43 30.31
C3A CLA IB . -30.21 45.97 30.50
C4A CLA IB . -30.07 45.82 32.01
CMA CLA IB . -31.20 45.00 29.90
CAA CLA IB . -29.62 48.23 29.58
CBA CLA IB . -28.45 48.61 30.47
CGA CLA IB . -27.32 47.62 30.33
O1A CLA IB . -26.82 47.16 29.31
O2A CLA IB . -26.83 47.21 31.54
NB CLA IB . -29.77 45.21 34.95
C1B CLA IB . -29.45 44.38 33.92
C2B CLA IB . -28.88 43.11 34.46
C3B CLA IB . -28.88 43.22 35.83
C4B CLA IB . -29.45 44.56 36.16
CMB CLA IB . -28.43 42.01 33.61
CAB CLA IB . -28.44 42.30 36.86
CBB CLA IB . -28.62 40.98 36.85
NC CLA IB . -30.55 47.31 36.84
C1C CLA IB . -30.12 46.36 37.74
C2C CLA IB . -30.28 46.86 39.10
C3C CLA IB . -30.84 48.14 39.00
C4C CLA IB . -31.00 48.41 37.57
CMC CLA IB . -29.93 46.12 40.31
CAC CLA IB . -31.19 49.04 40.10
CBC CLA IB . -30.01 49.84 40.60
ND CLA IB . -31.24 48.95 34.67
C1D CLA IB . -31.62 49.88 35.68
C2D CLA IB . -32.13 51.12 35.03
C3D CLA IB . -32.04 50.90 33.67
C4D CLA IB . -31.48 49.54 33.50
CMD CLA IB . -32.61 52.29 35.75
CAD CLA IB . -32.26 51.44 32.34
OBD CLA IB . -32.71 52.53 32.01
CBD CLA IB . -31.83 50.35 31.32
CGD CLA IB . -32.94 49.96 30.39
O1D CLA IB . -32.96 50.01 29.16
O2D CLA IB . -34.06 49.50 31.03
CED CLA IB . -35.20 49.21 30.23
C1 CLA IB . -25.44 47.47 31.79
C2 CLA IB . -25.33 48.88 32.25
C3 CLA IB . -24.29 49.34 32.97
C4 CLA IB . -23.15 48.46 33.36
C5 CLA IB . -24.23 50.76 33.40
MG CLA JB . -20.89 32.16 34.35
CHA CLA JB . -21.05 29.79 36.89
CHB CLA JB . -17.83 30.97 33.46
CHC CLA JB . -20.88 34.33 31.70
CHD CLA JB . -24.04 33.40 35.37
NA CLA JB . -19.65 30.66 35.09
C1A CLA JB . -19.91 29.76 36.14
C2A CLA JB . -18.72 28.82 36.36
C3A CLA JB . -17.64 29.40 35.42
C4A CLA JB . -18.41 30.40 34.57
CMA CLA JB . -16.56 30.09 36.19
CAA CLA JB . -19.09 27.40 35.97
CBA CLA JB . -18.99 27.16 34.48
CGA CLA JB . -19.68 25.89 34.08
O1A CLA JB . -19.34 24.73 34.29
O2A CLA JB . -20.84 26.13 33.39
NB CLA JB . -19.58 32.60 32.88
C1B CLA JB . -18.43 31.92 32.63
C2B CLA JB . -17.87 32.36 31.32
C3B CLA JB . -18.73 33.31 30.81
C4B CLA JB . -19.83 33.48 31.80
CMB CLA JB . -16.63 31.83 30.76
CAB CLA JB . -18.65 34.05 29.58
CBB CLA JB . -19.59 34.09 28.63
NC CLA JB . -22.21 33.63 33.68
C1C CLA JB . -22.01 34.41 32.58
C2C CLA JB . -23.12 35.33 32.40
C3C CLA JB . -24.02 35.07 33.44
C4C CLA JB . -23.44 34.00 34.24
CMC CLA JB . -23.23 36.30 31.31
CAC CLA JB . -25.30 35.75 33.68
CBC CLA JB . -25.12 37.11 34.31
ND CLA JB . -22.26 31.77 35.79
C1D CLA JB . -23.51 32.35 36.09
C2D CLA JB . -24.10 31.66 37.27
C3D CLA JB . -23.22 30.65 37.59
C4D CLA JB . -22.08 30.77 36.65
CMD CLA JB . -25.38 31.98 37.88
CAD CLA JB . -22.91 29.55 38.49
OBD CLA JB . -23.57 29.09 39.42
CBD CLA JB . -21.52 28.97 38.06
CGD CLA JB . -20.53 29.00 39.21
O1D CLA JB . -19.69 29.86 39.45
O2D CLA JB . -20.60 27.91 40.02
CED CLA JB . -19.59 27.76 41.01
C1 CLA JB . -21.33 25.11 32.49
C2 CLA JB . -22.27 25.83 31.60
C3 CLA JB . -23.61 25.67 31.64
C4 CLA JB . -24.50 26.43 30.74
C5 CLA JB . -24.25 24.73 32.60
C6 CLA JB . -25.48 25.32 33.26
C7 CLA JB . -26.73 24.55 32.90
C8 CLA JB . -27.91 24.93 33.78
C9 CLA JB . -28.61 23.69 34.29
C10 CLA JB . -28.89 25.83 33.04
C11 CLA JB . -30.22 25.94 33.75
C12 CLA JB . -31.23 26.73 32.95
C13 CLA JB . -32.64 26.44 33.43
C14 CLA JB . -33.59 27.57 33.07
MG CLA KB . -23.12 40.41 49.53
CHA CLA KB . -19.91 39.72 50.65
CHB CLA KB . -24.26 40.37 52.74
CHC CLA KB . -26.26 41.18 48.37
CHD CLA KB . -21.88 40.48 46.21
NA CLA KB . -22.21 40.08 51.38
C1A CLA KB . -20.86 39.82 51.64
C2A CLA KB . -20.62 39.65 53.14
C3A CLA KB . -22.03 39.74 53.75
C4A CLA KB . -22.91 40.10 52.55
CMA CLA KB . -22.44 38.44 54.38
CAA CLA KB . -19.75 40.79 53.67
CBA CLA KB . -20.12 42.13 53.05
CGA CLA KB . -21.22 42.78 53.85
O1A CLA KB . -21.25 43.02 55.05
O2A CLA KB . -22.31 43.13 53.10
NB CLA KB . -24.92 40.68 50.39
C1B CLA KB . -25.17 40.70 51.72
C2B CLA KB . -26.59 41.07 51.97
C3B CLA KB . -27.16 41.31 50.73
C4B CLA KB . -26.11 41.05 49.72
CMB CLA KB . -27.16 41.17 53.32
CAB CLA KB . -28.50 41.71 50.39
CBB CLA KB . -29.62 41.22 50.92
NC CLA KB . -23.92 40.74 47.63
C1C CLA KB . -25.24 41.03 47.38
C2C CLA KB . -25.44 41.18 45.95
C3C CLA KB . -24.20 41.02 45.34
C4C CLA KB . -23.25 40.74 46.40
CMC CLA KB . -26.73 41.47 45.32
CAC CLA KB . -23.90 41.08 43.90
CBC CLA KB . -23.32 42.42 43.50
ND CLA KB . -21.34 40.16 48.58
C1D CLA KB . -20.98 40.21 47.22
C2D CLA KB . -19.52 39.94 47.10
C3D CLA KB . -19.07 39.73 48.39
C4D CLA KB . -20.24 39.89 49.28
CMD CLA KB . -18.78 39.89 45.84
CAD CLA KB . -17.92 39.43 49.23
OBD CLA KB . -16.76 39.21 48.92
CBD CLA KB . -18.44 39.41 50.70
CGD CLA KB . -18.21 38.07 51.36
O1D CLA KB . -18.91 37.06 51.25
O2D CLA KB . -17.09 38.02 52.13
CED CLA KB . -16.79 36.76 52.74
C1 CLA KB . -23.41 43.75 53.80
C2 CLA KB . -24.47 44.03 52.81
C3 CLA KB . -25.54 44.79 53.10
C4 CLA KB . -25.72 45.41 54.44
C5 CLA KB . -26.60 45.06 52.08
C6 CLA KB . -27.05 46.50 52.09
C7 CLA KB . -27.87 46.81 50.84
MG CLA LB . -35.55 42.17 51.90
CHA CLA LB . -33.94 42.06 54.97
CHB CLA LB . -33.12 44.21 50.69
CHC CLA LB . -37.24 42.32 48.92
CHD CLA LB . -38.09 40.07 53.21
NA CLA LB . -33.80 42.97 52.72
C1A CLA LB . -33.30 42.80 54.02
C2A CLA LB . -31.98 43.56 54.19
C3A CLA LB . -31.73 44.20 52.80
C4A CLA LB . -32.96 43.77 52.00
CMA CLA LB . -31.62 45.70 52.88
CAA CLA LB . -30.85 42.63 54.55
CBA CLA LB . -30.09 43.13 55.76
CGA CLA LB . -29.57 44.50 55.50
O1A CLA LB . -28.90 44.88 54.53
O2A CLA LB . -29.90 45.40 56.46
NB CLA LB . -35.22 43.07 50.13
C1B CLA LB . -34.19 43.90 49.84
C2B CLA LB . -34.35 44.45 48.47
C3B CLA LB . -35.52 43.92 47.96
C4B CLA LB . -36.08 43.03 49.02
CMB CLA LB . -33.40 45.39 47.87
CAB CLA LB . -36.17 44.12 46.69
CBB CLA LB . -36.49 45.30 46.17
NC CLA LB . -37.32 41.32 51.19
C1C CLA LB . -37.82 41.50 49.93
C2C CLA LB . -39.07 40.76 49.77
C3C CLA LB . -39.32 40.13 50.99
C4C CLA LB . -38.21 40.48 51.88
CMC CLA LB . -39.86 40.73 48.55
CAC CLA LB . -40.45 39.28 51.33
CBC CLA LB . -41.66 40.08 51.81
ND CLA LB . -35.96 41.22 53.64
C1D CLA LB . -37.04 40.41 54.06
C2D CLA LB . -36.85 40.03 55.48
C3D CLA LB . -35.69 40.65 55.88
C4D CLA LB . -35.17 41.37 54.70
CMD CLA LB . -37.77 39.18 56.25
CAD CLA LB . -34.75 40.85 56.97
OBD CLA LB . -34.77 40.43 58.12
CBD CLA LB . -33.63 41.80 56.43
CGD CLA LB . -33.58 43.08 57.20
O1D CLA LB . -33.91 44.20 56.79
O2D CLA LB . -33.11 42.97 58.47
CED CLA LB . -32.58 44.14 59.09
C1 CLA LB . -28.96 46.48 56.70
C2 CLA LB . -29.39 47.63 55.86
MG CLA MB . -45.39 33.34 38.97
CHA CLA MB . -48.03 33.90 36.79
CHB CLA MB . -46.77 35.51 41.20
CHC CLA MB . -42.80 32.67 41.15
CHD CLA MB . -44.02 31.07 36.64
NA CLA MB . -47.12 34.52 38.97
C1A CLA MB . -48.11 34.60 37.97
C2A CLA MB . -49.20 35.58 38.38
C3A CLA MB . -48.74 36.12 39.75
C4A CLA MB . -47.45 35.33 40.02
CMA CLA MB . -48.51 37.61 39.73
CAA CLA MB . -50.54 34.86 38.53
CBA CLA MB . -50.64 34.15 39.86
CGA CLA MB . -51.56 32.96 39.77
O1A CLA MB . -51.88 32.17 40.65
O2A CLA MB . -52.07 32.81 38.51
NB CLA MB . -44.89 33.96 40.84
C1B CLA MB . -45.58 34.87 41.56
C2B CLA MB . -44.85 35.14 42.84
C3B CLA MB . -43.74 34.34 42.84
C4B CLA MB . -43.74 33.58 41.56
CMB CLA MB . -45.33 36.08 43.85
CAB CLA MB . -42.71 34.23 43.86
CBB CLA MB . -41.40 34.27 43.65
NC CLA MB . -43.71 32.10 38.90
C1C CLA MB . -42.79 31.98 39.89
C2C CLA MB . -41.77 31.01 39.51
C3C CLA MB . -42.10 30.55 38.23
C4C CLA MB . -43.34 31.25 37.85
CMC CLA MB . -40.62 30.62 40.34
CAC CLA MB . -41.38 29.56 37.42
CBC CLA MB . -40.12 30.09 36.77
ND CLA MB . -45.82 32.66 37.12
C1D CLA MB . -45.18 31.72 36.28
C2D CLA MB . -45.96 31.58 35.02
C3D CLA MB . -47.06 32.41 35.17
C4D CLA MB . -46.94 33.04 36.49
CMD CLA MB . -45.58 30.73 33.91
CAD CLA MB . -48.26 32.92 34.54
OBD CLA MB . -48.72 32.70 33.43
CBD CLA MB . -48.95 33.85 35.59
CGD CLA MB . -49.25 35.21 35.02
O1D CLA MB . -48.44 36.07 34.68
O2D CLA MB . -50.57 35.47 34.89
CED CLA MB . -50.97 36.34 33.83
C1 CLA MB . -52.49 31.46 38.16
C1 XAT NB . -63.10 -3.81 54.36
C2 XAT NB . -62.58 -3.70 55.78
C3 XAT NB . -61.60 -2.54 55.87
C4 XAT NB . -62.46 -1.30 55.84
C5 XAT NB . -63.22 -1.17 54.51
C6 XAT NB . -63.49 -2.46 53.72
C7 XAT NB . -64.82 -2.39 53.00
C8 XAT NB . -64.75 -2.35 51.67
C9 XAT NB . -65.92 -2.25 50.79
C10 XAT NB . -65.76 -2.61 49.51
C11 XAT NB . -66.84 -2.54 48.54
C12 XAT NB . -66.47 -2.55 47.25
C13 XAT NB . -67.45 -2.48 46.17
C14 XAT NB . -67.03 -2.60 44.91
C15 XAT NB . -67.97 -2.53 43.80
C16 XAT NB . -64.29 -4.77 54.33
C17 XAT NB . -62.01 -4.43 53.49
C18 XAT NB . -64.37 -0.17 54.33
C19 XAT NB . -67.23 -1.74 51.31
C20 XAT NB . -68.90 -2.24 46.47
O3 XAT NB . -60.86 -2.61 57.09
O4 XAT NB . -62.46 -1.53 53.35
C21 XAT NB . -70.21 -3.35 30.96
C22 XAT NB . -70.59 -2.44 29.81
C23 XAT NB . -72.08 -2.20 29.84
C24 XAT NB . -72.32 -1.25 31.00
C25 XAT NB . -71.89 -1.86 32.34
C26 XAT NB . -70.87 -3.01 32.30
C27 XAT NB . -69.95 -3.03 33.52
C28 XAT NB . -70.18 -3.90 34.50
C29 XAT NB . -69.30 -3.94 35.67
C30 XAT NB . -69.80 -3.83 36.90
C31 XAT NB . -68.89 -3.88 38.04
C32 XAT NB . -69.23 -3.37 39.21
C33 XAT NB . -68.28 -3.45 40.33
C34 XAT NB . -68.54 -2.82 41.48
C35 XAT NB . -67.59 -2.89 42.58
C36 XAT NB . -68.69 -3.30 31.12
C37 XAT NB . -70.58 -4.78 30.59
C38 XAT NB . -71.74 -0.99 33.60
C39 XAT NB . -67.82 -4.13 35.47
C40 XAT NB . -67.02 -4.26 40.18
O23 XAT NB . -72.49 -1.58 28.62
O24 XAT NB . -72.27 -3.23 32.52
C1 XAT OB . -49.04 14.74 48.76
C2 XAT OB . -48.41 13.37 48.97
C3 XAT OB . -48.85 12.83 50.31
C4 XAT OB . -50.29 12.40 50.15
C5 XAT OB . -51.21 13.56 49.71
C6 XAT OB . -50.54 14.80 49.07
C7 XAT OB . -51.43 15.43 48.01
C8 XAT OB . -51.96 16.61 48.31
C9 XAT OB . -52.84 17.37 47.40
C10 XAT OB . -53.56 18.36 47.93
C11 XAT OB . -54.46 19.21 47.15
C12 XAT OB . -55.20 20.05 47.85
C13 XAT OB . -56.13 21.00 47.21
C14 XAT OB . -56.87 21.79 48.00
C15 XAT OB . -57.80 22.78 47.46
C16 XAT OB . -48.79 15.19 47.32
C17 XAT OB . -48.33 15.74 49.66
C18 XAT OB . -52.60 13.29 49.14
C19 XAT OB . -52.89 17.05 45.94
C20 XAT OB . -56.25 21.09 45.72
O3 XAT OB . -48.04 11.70 50.67
O4 XAT OB . -51.01 14.79 50.43
C21 XAT OB . -66.71 32.28 49.24
C22 XAT OB . -68.12 32.85 49.14
C23 XAT OB . -68.48 32.99 47.68
C24 XAT OB . -68.77 31.58 47.20
C25 XAT OB . -67.56 30.65 47.33
C26 XAT OB . -66.45 31.06 48.33
C27 XAT OB . -65.74 29.88 48.97
C28 XAT OB . -64.50 29.61 48.60
C29 XAT OB . -63.72 28.51 49.18
C30 XAT OB . -62.64 28.07 48.52
C31 XAT OB . -61.81 26.99 49.05
C32 XAT OB . -60.95 26.39 48.24
C33 XAT OB . -60.05 25.32 48.73
C34 XAT OB . -59.36 24.60 47.84
C35 XAT OB . -58.44 23.56 48.31
C36 XAT OB . -66.46 31.88 50.70
C37 XAT OB . -65.71 33.37 48.87
C38 XAT OB . -67.68 29.13 47.23
C39 XAT OB . -64.12 27.90 50.49
C40 XAT OB . -59.92 25.07 50.20
O23 XAT OB . -69.67 33.78 47.55
O24 XAT OB . -66.32 31.24 46.90
C1 XAT PB . -60.28 15.21 41.37
C2 XAT PB . -61.47 15.83 40.66
C3 XAT PB . -61.01 16.64 39.48
C4 XAT PB . -60.58 15.63 38.43
C5 XAT PB . -59.44 14.71 38.93
C6 XAT PB . -59.22 14.57 40.45
C7 XAT PB . -58.70 13.17 40.82
C8 XAT PB . -57.56 13.09 41.49
C9 XAT PB . -56.92 11.83 41.93
C10 XAT PB . -57.62 10.74 42.28
C11 XAT PB . -56.92 9.53 42.73
C12 XAT PB . -57.59 8.40 42.93
C13 XAT PB . -56.90 7.18 43.41
C14 XAT PB . -57.59 6.02 43.50
C15 XAT PB . -56.97 4.79 43.99
C16 XAT PB . -60.80 14.19 42.33
C17 XAT PB . -59.61 16.30 42.18
C18 XAT PB . -59.11 13.42 38.18
C19 XAT PB . -55.42 11.77 42.01
C20 XAT PB . -55.45 7.22 43.80
O3 XAT PB . -62.09 17.43 38.98
O4 XAT PB . -58.38 15.38 39.61
C21 XAT PB . -55.22 -6.48 47.72
C22 XAT PB . -54.19 -7.53 47.36
C23 XAT PB . -54.84 -8.89 47.46
C24 XAT PB . -55.71 -9.02 46.23
C25 XAT PB . -56.72 -7.88 46.05
C26 XAT PB . -56.51 -6.59 46.87
C27 XAT PB . -56.96 -5.35 46.11
C28 XAT PB . -57.79 -4.51 46.71
C29 XAT PB . -58.30 -3.27 46.08
C30 XAT PB . -57.49 -2.22 45.87
C31 XAT PB . -58.04 -1.01 45.28
C32 XAT PB . -57.29 0.09 45.22
C33 XAT PB . -57.85 1.34 44.67
C34 XAT PB . -57.07 2.42 44.48
C35 XAT PB . -57.66 3.66 43.97
C36 XAT PB . -54.60 -5.09 47.55
C37 XAT PB . -55.59 -6.65 49.18
C38 XAT PB . -57.36 -7.58 44.69
C39 XAT PB . -59.75 -3.20 45.70
C40 XAT PB . -59.32 1.41 44.34
O23 XAT PB . -53.84 -9.91 47.47
O24 XAT PB . -57.49 -7.57 47.22
C1 XAT QB . -72.46 7.28 47.50
C2 XAT QB . -73.39 6.86 46.37
C3 XAT QB . -72.73 7.03 45.02
C4 XAT QB . -71.64 5.98 44.97
C5 XAT QB . -70.52 6.34 45.97
C6 XAT QB . -70.95 7.10 47.23
C7 XAT QB . -70.10 6.79 48.46
C8 XAT QB . -69.29 7.75 48.84
C9 XAT QB . -68.39 7.67 50.01
C10 XAT QB . -67.31 8.45 50.03
C11 XAT QB . -66.38 8.45 51.15
C12 XAT QB . -65.51 9.46 51.20
C13 XAT QB . -64.54 9.62 52.29
C14 XAT QB . -63.95 10.82 52.40
C15 XAT QB . -63.02 11.17 53.46
C16 XAT QB . -72.84 6.50 48.76
C17 XAT QB . -72.70 8.75 47.81
C18 XAT QB . -69.36 5.39 46.25
C19 XAT QB . -68.72 6.74 51.14
C20 XAT QB . -64.26 8.52 53.26
O3 XAT QB . -73.67 6.81 43.97
O4 XAT QB . -70.30 7.74 46.12
C21 XAT QB . -54.41 17.86 60.33
C22 XAT QB . -53.21 18.14 61.22
C23 XAT QB . -52.89 16.94 62.07
C24 XAT QB . -52.30 15.92 61.12
C25 XAT QB . -53.33 15.45 60.09
C26 XAT QB . -54.47 16.43 59.76
C27 XAT QB . -54.97 16.30 58.32
C28 XAT QB . -56.17 15.78 58.15
C29 XAT QB . -56.80 15.59 56.84
C30 XAT QB . -57.92 14.87 56.76
C31 XAT QB . -58.62 14.64 55.49
C32 XAT QB . -59.71 13.89 55.55
C33 XAT QB . -60.53 13.58 54.35
C34 XAT QB . -61.56 12.76 54.51
C35 XAT QB . -62.47 12.38 53.44
C36 XAT QB . -54.40 18.85 59.18
C37 XAT QB . -55.67 18.10 61.15
C38 XAT QB . -52.94 14.60 58.87
C39 XAT QB . -56.20 16.21 55.61
C40 XAT QB . -60.21 14.19 53.02
O23 XAT QB . -51.94 17.28 63.08
O24 XAT QB . -54.65 15.30 60.61
C1 XAT RB . -62.89 -7.55 48.07
C2 XAT RB . -63.47 -8.51 49.10
C3 XAT RB . -64.22 -7.73 50.15
C4 XAT RB . -65.51 -7.31 49.47
C5 XAT RB . -65.26 -6.40 48.27
C6 XAT RB . -63.87 -6.46 47.59
C7 XAT RB . -63.96 -6.20 46.10
C8 XAT RB . -63.42 -5.05 45.68
C9 XAT RB . -63.42 -4.62 44.28
C10 XAT RB . -62.96 -3.38 44.03
C11 XAT RB . -62.92 -2.79 42.70
C12 XAT RB . -62.42 -1.57 42.59
C13 XAT RB . -62.35 -0.88 41.30
C14 XAT RB . -62.00 0.41 41.28
C15 XAT RB . -61.94 1.14 40.02
C16 XAT RB . -62.40 -8.36 46.86
C17 XAT RB . -61.67 -6.86 48.65
C18 XAT RB . -66.37 -6.12 47.24
C19 XAT RB . -63.90 -5.50 43.18
C20 XAT RB . -62.68 -1.61 40.03
O3 XAT RB . -64.50 -8.55 51.28
O4 XAT RB . -64.26 -5.40 48.47
C21 XAT RB . -62.07 12.39 33.66
C22 XAT RB . -62.43 12.87 32.26
C23 XAT RB . -61.18 13.16 31.45
C24 XAT RB . -60.59 11.79 31.18
C25 XAT RB . -60.02 11.21 32.47
C26 XAT RB . -60.76 11.57 33.78
C27 XAT RB . -60.72 10.58 34.95
C28 XAT RB . -61.06 9.30 34.98
C29 XAT RB . -60.96 8.53 36.22
C30 XAT RB . -61.01 7.19 36.20
C31 XAT RB . -60.95 6.44 37.46
C32 XAT RB . -61.06 5.13 37.43
C33 XAT RB . -61.04 4.38 38.71
C34 XAT RB . -61.39 3.09 38.72
C35 XAT RB . -61.41 2.36 39.99
C36 XAT RB . -63.27 11.60 34.18
C37 XAT RB . -61.93 13.62 34.55
C38 XAT RB . -59.28 9.86 32.41
C39 XAT RB . -60.82 9.26 37.53
C40 XAT RB . -60.64 5.08 39.97
O23 XAT RB . -61.54 13.80 30.22
O24 XAT RB . -59.52 12.19 33.39
MG CLA SB . -64.20 -12.81 55.31
CHA CLA SB . -63.73 -10.06 57.38
CHB CLA SB . -65.42 -14.59 57.94
CHC CLA SB . -64.74 -15.46 53.19
CHD CLA SB . -62.91 -10.93 52.60
NA CLA SB . -64.50 -12.37 57.33
C1A CLA SB . -64.25 -11.17 58.00
C2A CLA SB . -64.64 -11.27 59.48
C3A CLA SB . -65.10 -12.75 59.64
C4A CLA SB . -65.01 -13.29 58.20
CMA CLA SB . -64.21 -13.51 60.59
CAA CLA SB . -65.78 -10.34 59.81
CBA CLA SB . -65.40 -9.35 60.90
CGA CLA SB . -66.38 -8.21 60.92
NB CLA SB . -64.97 -14.66 55.51
C1B CLA SB . -65.38 -15.22 56.68
C2B CLA SB . -65.79 -16.64 56.45
C3B CLA SB . -65.60 -16.89 55.12
C4B CLA SB . -65.07 -15.63 54.51
CMB CLA SB . -66.27 -17.51 57.52
CAB CLA SB . -65.82 -18.11 54.38
CBB CLA SB . -66.58 -18.22 53.29
NC CLA SB . -63.88 -13.13 53.26
C1C CLA SB . -64.17 -14.29 52.61
C2C CLA SB . -63.84 -14.17 51.20
C3C CLA SB . -63.31 -12.89 51.02
C4C CLA SB . -63.34 -12.24 52.33
CMC CLA SB . -64.04 -15.23 50.20
CAC CLA SB . -62.83 -12.29 49.77
CBC CLA SB . -61.52 -12.87 49.28
ND CLA SB . -63.43 -10.97 55.00
C1D CLA SB . -62.95 -10.32 53.83
C2D CLA SB . -62.52 -8.95 54.19
C3D CLA SB . -62.80 -8.80 55.53
C4D CLA SB . -63.38 -10.08 55.99
CMD CLA SB . -61.93 -8.00 53.25
CAD CLA SB . -62.73 -7.91 56.70
OBD CLA SB . -62.29 -6.78 56.77
CBD CLA SB . -63.37 -8.68 57.88
CGD CLA SB . -62.45 -8.75 59.08
O1D CLA SB . -61.98 -9.76 59.61
O2D CLA SB . -62.12 -7.54 59.59
MG CLA TB . -65.32 -0.10 62.30
CHA CLA TB . -67.22 -1.66 59.83
CHB CLA TB . -64.29 2.22 60.04
CHC CLA TB . -63.26 1.25 64.70
CHD CLA TB . -66.38 -2.57 64.61
NA CLA TB . -65.75 0.24 60.29
C1A CLA TB . -66.56 -0.52 59.41
C2A CLA TB . -66.57 0.11 58.01
C3A CLA TB . -65.83 1.44 58.21
C4A CLA TB . -65.23 1.31 59.61
CMA CLA TB . -64.74 1.71 57.20
CAA CLA TB . -67.97 0.36 57.48
CBA CLA TB . -68.70 1.42 58.27
CGA CLA TB . -69.58 0.78 59.29
O1A CLA TB . -70.57 0.07 59.13
O2A CLA TB . -69.18 1.04 60.58
NB CLA TB . -64.05 1.45 62.36
C1B CLA TB . -63.69 2.21 61.30
C2B CLA TB . -62.55 3.10 61.66
C3B CLA TB . -62.25 2.83 62.98
C4B CLA TB . -63.21 1.79 63.45
CMB CLA TB . -61.97 4.03 60.71
CAB CLA TB . -61.24 3.40 63.84
CBB CLA TB . -60.22 2.72 64.36
NC CLA TB . -64.95 -0.54 64.31
C1C CLA TB . -64.09 0.17 65.11
C2C CLA TB . -64.08 -0.39 66.45
C3C CLA TB . -64.93 -1.50 66.42
C4C CLA TB . -65.47 -1.59 65.07
CMC CLA TB . -63.29 0.13 67.56
CAC CLA TB . -65.25 -2.40 67.55
CBC CLA TB . -66.46 -1.93 68.33
ND CLA TB . -66.59 -1.68 62.32
C1D CLA TB . -66.89 -2.63 63.33
C2D CLA TB . -67.82 -3.65 62.77
C3D CLA TB . -67.97 -3.32 61.44
C4D CLA TB . -67.18 -2.10 61.20
CMD CLA TB . -68.39 -4.76 63.53
CAD CLA TB . -68.64 -3.65 60.19
OBD CLA TB . -69.46 -4.52 59.94
CBD CLA TB . -68.10 -2.65 59.11
CGD CLA TB . -67.30 -3.36 58.05
O1D CLA TB . -67.73 -3.89 57.02
O2D CLA TB . -65.96 -3.40 58.28
CED CLA TB . -65.43 -4.53 58.98
C1 CLA TB . -69.74 0.21 61.61
C2 CLA TB . -69.06 0.57 62.88
MG CLA UB . -54.84 -3.27 51.02
CHA CLA UB . -53.70 -5.48 53.43
CHB CLA UB . -51.63 -2.71 50.02
CHC CLA UB . -56.03 -1.13 48.62
CHD CLA UB . -58.15 -3.85 52.14
NA CLA UB . -52.98 -4.00 51.64
C1A CLA UB . -52.72 -4.91 52.66
C2A CLA UB . -51.22 -5.17 52.80
C3A CLA UB . -50.59 -4.18 51.80
C4A CLA UB . -51.80 -3.59 51.08
CMA CLA UB . -49.79 -3.14 52.53
CAA CLA UB . -50.87 -6.61 52.44
CBA CLA UB . -51.54 -7.06 51.16
CGA CLA UB . -50.64 -6.76 50.00
O1A CLA UB . -49.44 -7.03 49.86
O2A CLA UB . -51.27 -6.10 48.98
NB CLA UB . -53.99 -2.06 49.66
C1B CLA UB . -52.68 -2.11 49.30
C2B CLA UB . -52.47 -1.41 48.00
C3B CLA UB . -53.71 -0.97 47.59
C4B CLA UB . -54.69 -1.37 48.65
CMB CLA UB . -51.16 -1.32 47.36
CAB CLA UB . -54.13 -0.25 46.41
CBB CLA UB . -53.38 0.57 45.66
NC CLA UB . -56.75 -2.61 50.48
C1C CLA UB . -57.01 -1.72 49.49
C2C CLA UB . -58.44 -1.46 49.41
C3C CLA UB . -59.05 -2.26 50.38
C4C CLA UB . -57.97 -2.97 51.06
CMC CLA UB . -59.09 -0.55 48.47
CAC CLA UB . -60.48 -2.35 50.70
CBC CLA UB . -61.15 -3.49 49.98
ND CLA UB . -55.78 -4.47 52.36
C1D CLA UB . -57.14 -4.56 52.77
C2D CLA UB . -57.24 -5.51 53.89
C3D CLA UB . -55.95 -5.91 54.18
C4D CLA UB . -55.09 -5.20 53.21
CMD CLA UB . -58.50 -5.88 54.53
CAD CLA UB . -55.09 -6.74 55.01
OBD CLA UB . -55.36 -7.58 55.85
CBD CLA UB . -53.62 -6.40 54.61
CGD CLA UB . -52.89 -5.73 55.75
O1D CLA UB . -53.37 -5.01 56.62
O2D CLA UB . -51.55 -5.96 55.77
CED CLA UB . -50.79 -5.41 56.86
C1 CLA UB . -50.47 -5.77 47.84
C2 CLA UB . -51.37 -5.06 46.90
C3 CLA UB . -51.00 -4.58 45.69
C4 CLA UB . -49.62 -4.72 45.18
C5 CLA UB . -51.99 -3.89 44.82
C6 CLA UB . -52.43 -4.75 43.67
C7 CLA UB . -53.88 -4.47 43.30
C8 CLA UB . -54.37 -5.35 42.16
C9 CLA UB . -53.37 -5.34 41.01
MG CLA VB . -52.40 2.83 41.30
CHA CLA VB . -49.03 2.30 41.99
CHB CLA VB . -53.07 -0.40 42.15
CHC CLA VB . -55.72 3.44 40.69
CHD CLA VB . -51.64 6.16 40.40
NA CLA VB . -51.22 1.23 41.96
C1A CLA VB . -49.84 1.21 42.20
C2A CLA VB . -49.39 -0.15 42.68
C3A CLA VB . -50.67 -1.01 42.64
C4A CLA VB . -51.75 0.00 42.23
CMA CLA VB . -50.56 -2.15 41.66
CAA CLA VB . -48.87 -0.06 44.11
CBA CLA VB . -48.21 -1.34 44.55
CGA CLA VB . -47.26 -1.81 43.48
O1A CLA VB . -46.31 -1.20 42.98
O2A CLA VB . -47.53 -3.07 43.04
NB CLA VB . -54.08 1.73 41.40
C1B CLA VB . -54.15 0.42 41.76
C2B CLA VB . -55.56 -0.05 41.67
C3B CLA VB . -56.32 1.03 41.26
C4B CLA VB . -55.38 2.18 41.09
CMB CLA VB . -55.96 -1.43 41.99
CAB CLA VB . -57.73 1.13 41.02
CBB CLA VB . -58.47 0.26 40.33
NC CLA VB . -53.48 4.50 40.66
C1C CLA VB . -54.83 4.53 40.49
C2C CLA VB . -55.25 5.86 40.05
C3C CLA VB . -54.09 6.63 39.97
C4C CLA VB . -52.98 5.77 40.35
CMC CLA VB . -56.63 6.25 39.78
CAC CLA VB . -53.98 8.04 39.57
CBC CLA VB . -53.45 8.20 38.16
ND CLA VB . -50.76 4.01 41.19
C1D CLA VB . -50.58 5.36 40.78
C2D CLA VB . -49.15 5.71 40.87
C3D CLA VB . -48.51 4.58 41.34
C4D CLA VB . -49.56 3.55 41.52
CMD CLA VB . -48.58 7.01 40.52
CAD CLA VB . -47.25 3.98 41.73
OBD CLA VB . -46.13 4.48 41.77
CBD CLA VB . -47.54 2.50 42.13
CGD CLA VB . -46.76 1.53 41.28
O1D CLA VB . -47.18 0.52 40.72
O2D CLA VB . -45.44 1.85 41.14
CED CLA VB . -44.52 1.29 42.07
C1 CLA VB . -46.73 -3.54 41.94
MG CLA WB . -59.50 20.60 43.93
CHA CLA WB . -60.55 23.12 41.79
CHB CLA WB . -57.65 19.24 41.41
CHC CLA WB . -58.42 18.16 46.11
CHD CLA WB . -61.37 22.08 46.53
NA CLA WB . -59.20 21.10 41.91
C1A CLA WB . -59.73 22.19 41.20
C2A CLA WB . -59.26 22.18 39.76
C3A CLA WB . -58.42 20.88 39.65
C4A CLA WB . -58.41 20.35 41.09
CMA CLA WB . -59.02 19.89 38.67
CAA CLA WB . -58.42 23.41 39.42
CBA CLA WB . -57.03 23.34 40.02
CGA CLA WB . -56.02 23.14 38.93
O1A CLA WB . -56.11 23.42 37.74
O2A CLA WB . -54.87 22.56 39.39
NB CLA WB . -58.29 18.99 43.79
C1B CLA WB . -57.56 18.66 42.69
C2B CLA WB . -56.67 17.51 43.02
C3B CLA WB . -56.88 17.20 44.34
C4B CLA WB . -57.93 18.13 44.84
CMB CLA WB . -55.76 16.92 42.04
CAB CLA WB . -56.29 16.18 45.17
CBB CLA WB . -56.13 14.91 44.83
NC CLA WB . -59.87 20.19 45.94
C1C CLA WB . -59.35 19.13 46.63
C2C CLA WB . -59.83 19.12 48.00
C3C CLA WB . -60.64 20.26 48.14
C4C CLA WB . -60.67 20.91 46.83
CMC CLA WB . -59.47 18.15 49.03
CAC CLA WB . -61.37 20.68 49.35
CBC CLA WB . -60.48 21.43 50.32
ND CLA WB . -60.73 22.18 44.17
C1D CLA WB . -61.41 22.70 45.30
C2D CLA WB . -62.11 23.94 44.91
C3D CLA WB . -61.83 24.14 43.57
C4D CLA WB . -60.95 23.02 43.16
CMD CLA WB . -62.90 24.73 45.84
CAD CLA WB . -62.02 25.00 42.41
OBD CLA WB . -62.69 26.02 42.29
CBD CLA WB . -61.20 24.38 41.25
CGD CLA WB . -62.04 24.13 40.02
O1D CLA WB . -62.40 24.95 39.17
O2D CLA WB . -62.44 22.83 39.87
CED CLA WB . -63.50 22.57 38.96
C1 CLA WB . -54.14 23.31 40.37
C2 CLA WB . -53.13 22.39 40.96
C3 CLA WB . -53.46 21.45 41.86
C4 CLA WB . -54.85 21.27 42.35
C5 CLA WB . -52.42 20.54 42.43
C6 CLA WB . -52.36 20.61 43.94
C7 CLA WB . -51.03 21.17 44.42
C8 CLA WB . -51.10 21.61 45.87
C9 CLA WB . -51.65 23.02 45.97
C10 CLA WB . -49.73 21.53 46.53
C11 CLA WB . -49.84 21.63 48.03
C12 CLA WB . -50.70 20.52 48.61
C13 CLA WB . -50.82 20.58 50.13
C14 CLA WB . -49.70 21.40 50.75
C15 CLA WB . -50.87 19.18 50.72
C16 CLA WB . -50.45 19.13 52.17
C17 CLA WB . -49.96 17.75 52.56
C18 CLA WB . -48.55 17.75 53.13
C19 CLA WB . -47.67 18.84 52.54
C20 CLA WB . -48.58 17.86 54.64
MG CLA XB . -46.33 9.87 42.54
CHA CLA XB . -46.00 6.80 44.14
CHB CLA XB . -42.94 10.08 42.26
CHC CLA XB . -46.73 12.72 40.67
CHD CLA XB . -49.85 9.60 42.87
NA CLA XB . -44.75 8.66 43.16
C1A CLA XB . -44.82 7.40 43.80
C2A CLA XB . -43.41 6.86 44.06
C3A CLA XB . -42.50 8.06 43.72
C4A CLA XB . -43.44 9.01 42.98
CMA CLA XB . -41.92 8.70 44.96
CAA CLA XB . -43.12 5.67 43.18
CBA CLA XB . -43.35 5.98 41.71
CGA CLA XB . -43.02 4.79 40.85
O1A CLA XB . -42.58 3.70 41.19
O2A CLA XB . -43.26 4.99 39.52
NB CLA XB . -45.08 11.19 41.69
C1B CLA XB . -43.73 11.01 41.57
C2B CLA XB . -43.18 11.97 40.56
C3B CLA XB . -44.24 12.72 40.09
C4B CLA XB . -45.46 12.24 40.82
CMB CLA XB . -41.77 12.03 40.19
CAB CLA XB . -44.27 13.78 39.13
CBB CLA XB . -45.00 13.79 38.01
NC CLA XB . -47.98 10.99 41.95
C1C CLA XB . -47.92 12.14 41.21
C2C CLA XB . -49.26 12.66 40.99
C3C CLA XB . -50.14 11.77 41.58
C4C CLA XB . -49.34 10.72 42.18
CMC CLA XB . -49.56 13.88 40.24
CAC CLA XB . -51.61 11.87 41.61
CBC CLA XB . -52.25 11.15 40.45
ND CLA XB . -47.66 8.59 43.37
C1D CLA XB . -49.08 8.59 43.42
C2D CLA XB . -49.55 7.37 44.12
C3D CLA XB . -48.40 6.63 44.39
C4D CLA XB . -47.26 7.44 43.90
CMD CLA XB . -50.94 7.05 44.38
CAD CLA XB . -47.86 5.43 45.01
OBD CLA XB . -48.44 4.51 45.57
CBD CLA XB . -46.31 5.48 44.82
CGD CLA XB . -45.57 5.30 46.12
O1D CLA XB . -45.24 6.16 46.93
O2D CLA XB . -45.26 4.00 46.37
CED CLA XB . -44.70 3.67 47.65
C1 CLA XB . -44.63 5.20 39.12
C2 CLA XB . -44.78 4.63 37.75
C3 CLA XB . -45.98 4.28 37.24
C4 CLA XB . -46.11 3.71 35.88
C5 CLA XB . -47.24 4.46 38.01
C6 CLA XB . -48.01 3.17 38.21
C7 CLA XB . -49.36 3.23 37.52
C8 CLA XB . -50.22 2.01 37.83
C9 CLA XB . -49.48 0.73 37.50
C10 CLA XB . -51.54 2.07 37.07
C11 CLA XB . -52.61 2.79 37.87
C12 CLA XB . -53.65 3.42 36.96
C13 CLA XB . -53.06 4.52 36.10
MG CLA YB . -64.98 9.16 58.62
CHA CLA YB . -63.95 7.62 61.56
CHB CLA YB . -62.92 11.78 59.28
CHC CLA YB . -66.05 10.64 55.71
CHD CLA YB . -67.11 6.41 57.98
NA CLA YB . -63.65 9.60 60.18
C1A CLA YB . -63.36 8.83 61.31
C2A CLA YB . -62.32 9.53 62.20
C3A CLA YB . -62.03 10.85 61.44
C4A CLA YB . -62.92 10.76 60.21
CMA CLA YB . -62.35 12.06 62.27
CAA CLA YB . -61.05 8.72 62.34
CBA CLA YB . -60.05 9.40 63.26
CGA CLA YB . -60.72 9.74 64.56
O1A CLA YB . -60.67 10.80 65.20
O2A CLA YB . -61.43 8.70 65.08
NB CLA YB . -64.51 10.85 57.64
C1B CLA YB . -63.70 11.83 58.11
C2B CLA YB . -63.75 13.02 57.20
C3B CLA YB . -64.64 12.70 56.20
C4B CLA YB . -65.14 11.33 56.47
CMB CLA YB . -62.99 14.24 57.47
CAB CLA YB . -65.11 13.48 55.08
CBB CLA YB . -65.35 14.80 55.07
NC CLA YB . -66.34 8.61 57.12
C1C CLA YB . -66.61 9.38 56.02
C2C CLA YB . -67.60 8.70 55.19
C3C CLA YB . -67.89 7.50 55.83
C4C CLA YB . -67.10 7.45 57.03
CMC CLA YB . -68.14 9.23 53.94
CAC CLA YB . -68.84 6.46 55.36
CBC CLA YB . -70.26 6.74 55.79
ND CLA YB . -65.53 7.44 59.55
C1D CLA YB . -66.39 6.39 59.15
C2D CLA YB . -66.37 5.33 60.19
C3D CLA YB . -65.45 5.76 61.14
C4D CLA YB . -64.94 7.06 60.68
CMD CLA YB . -67.17 4.12 60.15
CAD CLA YB . -64.80 5.45 62.40
OBD CLA YB . -64.97 4.50 63.15
CBD CLA YB . -63.78 6.60 62.68
CGD CLA YB . -63.97 7.21 64.03
O1D CLA YB . -64.59 8.24 64.32
O2D CLA YB . -63.35 6.52 65.04
CED CLA YB . -64.18 5.97 66.05
C1 CLA YB . -61.16 8.35 66.45
C2 CLA YB . -60.28 7.15 66.42
MG CLA ZB . -71.14 1.51 42.53
CHA CLA ZB . -74.03 1.67 40.61
CHB CLA ZB . -72.97 2.18 45.33
CHC CLA ZB . -68.24 1.41 44.39
CHD CLA ZB . -69.25 0.97 39.59
NA CLA ZB . -73.17 1.83 42.89
C1A CLA ZB . -74.22 1.86 41.95
C2A CLA ZB . -75.56 2.12 42.65
C3A CLA ZB . -75.18 2.27 44.14
C4A CLA ZB . -73.67 2.07 44.14
CMA CLA ZB . -75.58 3.61 44.69
CAA CLA ZB . -76.51 0.95 42.46
NB CLA ZB . -70.69 1.75 44.48
C1B CLA ZB . -71.57 2.03 45.47
C2B CLA ZB . -70.86 2.16 46.77
C3B CLA ZB . -69.52 1.94 46.52
C4B CLA ZB . -69.39 1.67 45.05
CMB CLA ZB . -71.56 2.45 48.03
CAB CLA ZB . -68.38 1.94 47.40
CBB CLA ZB . -68.17 2.79 48.41
NC CLA ZB . -69.12 1.20 42.07
C1C CLA ZB . -68.12 1.18 42.99
C2C CLA ZB . -66.84 0.92 42.32
C3C CLA ZB . -67.12 0.83 40.96
C4C CLA ZB . -68.56 1.02 40.80
CMC CLA ZB . -65.54 0.81 42.99
CAC CLA ZB . -66.16 0.59 39.87
CBC CLA ZB . -66.20 -0.83 39.34
ND CLA ZB . -71.49 1.26 40.56
C1D CLA ZB . -70.63 1.09 39.45
C2D CLA ZB . -71.44 1.05 38.21
C3D CLA ZB . -72.75 1.24 38.59
C4D CLA ZB . -72.73 1.40 40.06
CMD CLA ZB . -70.89 0.84 36.86
CAD CLA ZB . -74.13 1.35 38.16
OBD CLA ZB . -74.62 1.20 37.04
CBD CLA ZB . -74.97 1.71 39.43
CGD CLA ZB . -75.61 3.07 39.27
O1D CLA ZB . -75.30 3.95 38.46
O2D CLA ZB . -76.63 3.32 40.14
CED CLA ZB . -77.96 3.00 39.71
MG CLA AC . -53.95 13.52 34.42
CHA CLA AC . -52.82 14.37 31.25
CHB CLA AC . -55.42 10.73 33.15
CHC CLA AC . -54.97 12.68 37.59
CHD CLA AC . -52.45 16.47 35.69
NA CLA AC . -54.09 12.71 32.50
C1A CLA AC . -53.53 13.21 31.31
C2A CLA AC . -53.87 12.30 30.14
C3A CLA AC . -54.77 11.20 30.75
C4A CLA AC . -54.76 11.55 32.24
CMA CLA AC . -56.17 11.24 30.18
CAA CLA AC . -52.60 11.69 29.58
CBA CLA AC . -52.82 10.31 28.99
CGA CLA AC . -51.94 10.14 27.80
O1A CLA AC . -50.95 9.41 27.66
O2A CLA AC . -52.32 10.94 26.76
NB CLA AC . -55.02 12.01 35.21
C1B CLA AC . -55.50 10.95 34.53
C2B CLA AC . -56.13 9.98 35.47
C3B CLA AC . -56.02 10.52 36.73
C4B CLA AC . -55.30 11.83 36.58
CMB CLA AC . -56.73 8.72 35.05
CAB CLA AC . -56.45 9.97 37.99
CBB CLA AC . -57.21 10.59 38.90
NC CLA AC . -53.74 14.43 36.29
C1C CLA AC . -54.24 13.90 37.45
C2C CLA AC . -53.93 14.78 38.56
C3C CLA AC . -53.21 15.86 38.04
C4C CLA AC . -53.11 15.63 36.60
CMC CLA AC . -54.30 14.52 39.95
CAC CLA AC . -52.68 17.00 38.80
CBC CLA AC . -51.21 16.87 39.11
ND CLA AC . -52.85 15.07 33.72
C1D CLA AC . -52.31 16.23 34.33
C2D CLA AC . -51.63 17.05 33.31
C3D CLA AC . -51.78 16.38 32.11
C4D CLA AC . -52.56 15.16 32.42
CMD CLA AC . -50.93 18.31 33.58
CAD CLA AC . -51.50 16.38 30.68
OBD CLA AC . -50.87 17.19 30.02
CBD CLA AC . -52.17 15.10 30.09
CGD CLA AC . -53.17 15.42 29.02
O1D CLA AC . -54.36 15.72 29.15
O2D CLA AC . -52.67 15.35 27.75
CED CLA AC . -52.27 16.56 27.12
C1 CLA AC . -51.92 10.52 25.43
C2 CLA AC . -53.10 9.90 24.78
C3 CLA AC . -54.19 10.60 24.39
C4 CLA AC . -54.32 12.06 24.58
C5 CLA AC . -55.34 9.91 23.75
C6 CLA AC . -55.91 8.78 24.58
C7 CLA AC . -55.71 7.44 23.89
C8 CLA AC . -56.59 7.31 22.66
C9 CLA AC . -58.05 7.24 23.04
C10 CLA AC . -56.20 6.07 21.85
C11 CLA AC . -55.90 6.43 20.41
MG CLA BC . -63.13 3.20 33.64
CHA CLA BC . -63.31 5.81 31.35
CHB CLA BC . -66.44 2.59 33.21
CHC CLA BC . -62.84 0.55 35.80
CHD CLA BC . -59.68 3.91 34.08
NA CLA BC . -64.62 4.09 32.48
C1A CLA BC . -64.49 5.16 31.58
C2A CLA BC . -65.85 5.49 30.94
C3A CLA BC . -66.84 4.58 31.70
C4A CLA BC . -65.92 3.67 32.52
CMA CLA BC . -67.78 5.36 32.57
CAA CLA BC . -65.83 5.17 29.46
CBA CLA BC . -65.20 3.83 29.17
NB CLA BC . -64.41 1.88 34.43
C1B CLA BC . -65.69 1.70 34.00
C2B CLA BC . -66.22 0.40 34.52
C3B CLA BC . -65.22 -0.18 35.25
C4B CLA BC . -64.06 0.75 35.20
CMB CLA BC . -67.58 -0.08 34.24
CAB CLA BC . -65.21 -1.43 35.96
CBB CLA BC . -64.36 -2.43 35.73
NC CLA BC . -61.55 2.41 34.76
C1C CLA BC . -61.67 1.33 35.60
C2C CLA BC . -60.39 1.05 36.23
C3C CLA BC . -59.48 1.99 35.73
C4C CLA BC . -60.23 2.84 34.81
CMC CLA BC . -60.14 -0.02 37.19
CAC CLA BC . -58.06 2.13 36.07
CBC CLA BC . -57.84 3.10 37.21
ND CLA BC . -61.75 4.49 32.90
C1D CLA BC . -60.38 4.70 33.19
C2D CLA BC . -59.88 5.83 32.37
C3D CLA BC . -60.96 6.28 31.63
C4D CLA BC . -62.11 5.44 32.02
CMD CLA BC . -58.49 6.31 32.38
CAD CLA BC . -61.42 7.24 30.64
OBD CLA BC . -60.81 8.10 30.03
CBD CLA BC . -62.96 6.98 30.47
CGD CLA BC . -63.76 8.20 30.83
O1D CLA BC . -64.32 8.45 31.90
O2D CLA BC . -63.87 9.11 29.82
CED CLA BC . -64.71 10.26 30.03
MG CLA CC . -33.86 8.23 40.83
CHA CLA CC . -37.24 9.00 40.58
CHB CLA CC . -33.88 7.10 37.62
CHC CLA CC . -30.51 7.52 41.12
CHD CLA CC . -33.89 9.40 44.16
NA CLA CC . -35.34 8.08 39.37
C1A CLA CC . -36.69 8.46 39.45
C2A CLA CC . -37.42 8.18 38.14
C3A CLA CC . -36.34 7.51 37.25
C4A CLA CC . -35.08 7.56 38.12
CMA CLA CC . -36.71 6.09 36.87
CAA CLA CC . -37.89 9.47 37.49
CBA CLA CC . -39.11 9.25 36.62
CGA CLA CC . -39.65 10.59 36.20
O1A CLA CC . -39.04 11.56 35.75
O2A CLA CC . -41.01 10.68 36.34
NB CLA CC . -32.46 7.48 39.60
C1B CLA CC . -32.65 7.07 38.32
C2B CLA CC . -31.37 6.58 37.73
C3B CLA CC . -30.42 6.69 38.72
C4B CLA CC . -31.10 7.26 39.92
CMB CLA CC . -31.25 6.07 36.37
CAB CLA CC . -29.03 6.34 38.70
CBB CLA CC . -28.44 5.45 39.50
NC CLA CC . -32.46 8.41 42.38
C1C CLA CC . -31.15 8.05 42.29
C2C CLA CC . -30.48 8.31 43.55
C3C CLA CC . -31.42 8.85 44.42
C4C CLA CC . -32.67 8.91 43.67
CMC CLA CC . -29.06 8.04 43.80
CAC CLA CC . -31.21 9.25 45.81
CBC CLA CC . -31.28 10.74 46.02
ND CLA CC . -35.20 8.97 42.14
C1D CLA CC . -35.07 9.45 43.47
C2D CLA CC . -36.39 9.96 43.93
C3D CLA CC . -37.26 9.80 42.87
C4D CLA CC . -36.47 9.19 41.77
CMD CLA CC . -36.62 10.51 45.25
CAD CLA CC . -38.62 9.95 42.39
OBD CLA CC . -39.61 10.37 42.98
CBD CLA CC . -38.63 9.50 40.90
CGD CLA CC . -39.68 8.45 40.63
O1D CLA CC . -40.71 8.57 39.95
O2D CLA CC . -39.43 7.24 41.21
CED CLA CC . -39.81 6.08 40.48
C1 CLA CC . -41.64 11.86 35.81
C1 LMG DC . -26.33 10.97 46.28
O1 LMG DC . -26.99 11.08 45.03
C2 LMG DC . -27.21 10.19 47.22
O2 LMG DC . -28.51 10.76 47.28
C3 LMG DC . -26.56 10.27 48.57
O3 LMG DC . -27.39 9.62 49.52
C4 LMG DC . -25.23 9.58 48.48
O4 LMG DC . -25.45 8.22 48.13
C5 LMG DC . -24.38 10.18 47.37
O5 LMG DC . -22.44 9.75 46.03
C6 LMG DC . -23.18 9.28 47.16
O6 LMG DC . -25.12 10.24 46.16
C7 LMG DC . -26.38 12.10 44.25
C8 LMG DC . -27.28 12.41 43.07
C9 LMG DC . -26.51 12.16 41.79
O7 LMG DC . -28.42 11.56 43.12
C10 LMG DC . -29.59 12.14 42.51
O9 LMG DC . -29.69 13.35 42.45
C11 LMG DC . -30.67 11.28 41.94
C12 LMG DC . -31.98 12.06 41.90
C13 LMG DC . -32.82 11.62 40.71
C14 LMG DC . -34.24 12.17 40.83
C15 LMG DC . -35.01 11.92 39.55
C16 LMG DC . -36.41 12.51 39.63
O8 LMG DC . -25.19 12.65 41.98
C28 LMG DC . -24.29 12.77 40.87
O10 LMG DC . -23.43 11.93 40.72
C29 LMG DC . -24.40 13.92 39.90
C30 LMG DC . -23.00 14.44 39.60
C31 LMG DC . -22.92 14.91 38.16
C32 LMG DC . -24.05 14.30 37.35
C33 LMG DC . -24.32 15.11 36.09
C34 LMG DC . -25.79 15.10 35.74
C35 LMG DC . -26.01 15.64 34.33
C36 LMG DC . -27.21 16.56 34.28
C1 A1L1G EC . -66.84 -26.54 16.77
C5 A1L1G EC . -65.62 -24.97 15.24
C4 A1L1G EC . -69.16 -25.62 16.45
C3 A1L1G EC . -67.26 -24.07 16.91
C2 A1L1G EC . -65.54 -28.46 17.96
C10 A1L1G EC . -68.85 -28.09 16.64
C11 A1L1G EC . -68.22 -26.79 16.15
C12 A1L1G EC . -65.05 -25.01 17.67
C14 A1L1G EC . -47.94 -25.35 26.49
C17 A1L1G EC . -48.36 -26.85 29.07
C18 A1L1G EC . -45.71 -27.41 25.66
C19 A1L1G EC . -45.11 -25.01 25.57
C20 A1L1G EC . -46.97 -26.56 28.55
C21 A1L1G EC . -45.87 -27.43 29.05
C22 A1L1G EC . -44.57 -26.67 28.87
C23 A1L1G EC . -44.27 -26.45 27.39
C24 A1L1G EC . -45.49 -26.16 26.50
C25 A1L1G EC . -46.76 -25.85 27.29
C26 A1L1G EC . -49.87 -24.03 24.87
C27 A1L1G EC . -54.49 -24.55 22.78
C28 A1L1G EC . -59.95 -29.30 21.39
C29 A1L1G EC . -48.84 -26.09 25.85
C30 A1L1G EC . -49.93 -25.50 25.19
C31 A1L1G EC . -51.06 -26.22 24.83
C32 A1L1G EC . -52.16 -25.77 24.13
C33 A1L1G EC . -53.29 -26.48 23.73
C34 A1L1G EC . -54.47 -25.98 23.16
C35 A1L1G EC . -55.61 -26.75 22.95
C36 A1L1G EC . -56.55 -26.63 21.93
C37 A1L1G EC . -57.61 -27.43 21.56
C38 A1L1G EC . -58.85 -27.10 21.06
C39 A1L1G EC . -59.94 -27.94 20.78
C40 A1L1G EC . -61.02 -27.58 19.96
C41 A1L1G EC . -62.34 -28.00 20.04
C42 A1L1G EC . -63.23 -28.20 19.01
C43 A1L1G EC . -65.26 -27.66 20.32
C44 A1L1G EC . -64.63 -28.12 19.07
C45 A1L1G EC . -66.23 -27.51 17.38
C6 A1L1G EC . -66.19 -25.16 16.65
C8 A1L1G EC . -68.53 -24.28 16.12
O13 A1L1G EC . -50.82 -23.33 25.64
O15 A1L1G EC . -46.60 -25.16 28.54
O16 A1L1G EC . -43.50 -27.38 29.47
O7 A1L1G EC . -69.45 -23.22 16.41
O9 A1L1G EC . -68.12 -26.83 14.72
C1 XAT FC . -39.77 -24.49 -11.83
C2 XAT FC . -40.11 -23.71 -13.10
C3 XAT FC . -40.59 -22.32 -12.76
C4 XAT FC . -39.35 -21.58 -12.30
C5 XAT FC . -38.82 -22.17 -10.99
C6 XAT FC . -39.12 -23.65 -10.70
C7 XAT FC . -38.04 -24.33 -9.89
C8 XAT FC . -38.34 -24.58 -8.62
C9 XAT FC . -37.42 -25.24 -7.69
C10 XAT FC . -37.76 -25.29 -6.40
C11 XAT FC . -36.92 -25.95 -5.39
C12 XAT FC . -37.45 -26.09 -4.18
C13 XAT FC . -36.71 -26.78 -3.10
C14 XAT FC . -37.40 -27.17 -2.03
C15 XAT FC . -36.80 -27.88 -0.91
C16 XAT FC . -38.83 -25.64 -12.19
C17 XAT FC . -41.04 -25.11 -11.28
C18 XAT FC . -37.47 -21.74 -10.41
C19 XAT FC . -36.15 -25.87 -8.17
C20 XAT FC . -35.23 -27.03 -3.20
O3 XAT FC . -41.15 -21.70 -13.92
O4 XAT FC . -39.83 -22.57 -10.07
C21 XAT FC . -37.16 -35.69 9.26
C22 XAT FC . -36.91 -36.37 10.60
C23 XAT FC . -35.73 -35.71 11.29
C24 XAT FC . -36.23 -34.36 11.74
C25 XAT FC . -36.55 -33.47 10.55
C26 XAT FC . -36.94 -34.18 9.24
C27 XAT FC . -37.91 -33.37 8.37
C28 XAT FC . -37.39 -32.87 7.26
C29 XAT FC . -38.17 -32.09 6.28
C30 XAT FC . -37.50 -31.51 5.28
C31 XAT FC . -38.14 -30.73 4.24
C32 XAT FC . -37.35 -30.22 3.30
C33 XAT FC . -37.90 -29.43 2.18
C34 XAT FC . -37.09 -29.04 1.20
C35 XAT FC . -37.60 -28.30 0.06
C36 XAT FC . -38.59 -36.00 8.83
C37 XAT FC . -36.23 -36.32 8.22
C38 XAT FC . -37.27 -32.13 10.70
C39 XAT FC . -39.66 -31.97 6.39
C40 XAT FC . -39.37 -29.11 2.12
O23 XAT FC . -35.33 -36.50 12.42
O24 XAT FC . -35.64 -33.60 9.45
C1 XAT GC . -47.80 -29.16 4.04
C2 XAT GC . -47.66 -28.28 2.83
C3 XAT GC . -47.90 -26.84 3.22
C4 XAT GC . -46.66 -26.42 3.98
C5 XAT GC . -46.51 -27.22 5.27
C6 XAT GC . -47.16 -28.61 5.33
C7 XAT GC . -46.38 -29.60 6.18
C8 XAT GC . -46.92 -29.90 7.35
C9 XAT GC . -46.34 -30.84 8.33
C10 XAT GC . -46.86 -30.84 9.56
C11 XAT GC . -46.42 -31.71 10.64
C12 XAT GC . -47.13 -31.60 11.77
C13 XAT GC . -46.88 -32.42 12.96
C14 XAT GC . -47.72 -32.26 13.99
C15 XAT GC . -47.60 -33.03 15.22
C16 XAT GC . -47.19 -30.53 3.73
C17 XAT GC . -49.28 -29.40 4.32
C18 XAT GC . -45.20 -27.17 6.09
C19 XAT GC . -45.23 -31.77 7.94
C20 XAT GC . -45.72 -33.37 13.03
O3 XAT GC . -48.06 -26.01 2.06
O4 XAT GC . -47.72 -27.46 5.98
C21 XAT GC . -50.99 -36.75 27.24
C22 XAT GC . -50.82 -37.24 28.68
C23 XAT GC . -49.46 -37.88 28.87
C24 XAT GC . -48.49 -36.72 28.79
C25 XAT GC . -48.40 -36.22 27.35
C26 XAT GC . -49.69 -36.32 26.52
C27 XAT GC . -49.86 -35.21 25.50
C28 XAT GC . -49.74 -35.52 24.22
C29 XAT GC . -49.91 -34.51 23.15
C30 XAT GC . -49.58 -34.85 21.90
C31 XAT GC . -49.74 -33.93 20.78
C32 XAT GC . -49.01 -34.15 19.68
C33 XAT GC . -49.14 -33.29 18.49
C34 XAT GC . -48.44 -33.63 17.40
C35 XAT GC . -48.51 -32.85 16.16
C36 XAT GC . -51.96 -35.58 27.24
C37 XAT GC . -51.62 -37.88 26.43
C38 XAT GC . -47.57 -34.99 26.95
C39 XAT GC . -50.47 -33.16 23.48
C40 XAT GC . -50.00 -32.07 18.50
O23 XAT GC . -49.39 -38.50 30.16
O24 XAT GC . -48.59 -37.23 26.36
C8 A1L1F HC . -26.84 -21.10 12.16
C5 A1L1F HC . -27.33 -20.43 15.01
C4 A1L1F HC . -27.35 -22.51 12.03
C6 A1L1F HC . -28.43 -20.63 14.00
C10 A1L1F HC . -28.42 -24.43 13.21
C11 A1L1F HC . -27.82 -23.04 13.36
C2 A1L1F HC . -31.03 -22.96 14.68
C3 A1L1F HC . -27.95 -20.18 12.65
C1 A1L1F HC . -28.81 -22.07 13.91
C12 A1L1F HC . -29.65 -19.80 14.39
C14 A1L1F HC . -49.48 -19.41 17.19
C17 A1L1F HC . -49.53 -17.01 15.71
C18 A1L1F HC . -51.12 -20.80 14.69
C19 A1L1F HC . -51.78 -21.23 17.01
C20 A1L1F HC . -50.91 -17.65 15.87
C21 A1L1F HC . -51.81 -17.74 14.65
C22 A1L1F HC . -53.17 -18.22 15.13
C23 A1L1F HC . -53.09 -19.64 15.66
C24 A1L1F HC . -51.68 -20.15 15.95
C25 A1L1F HC . -50.73 -19.06 16.43
C26 A1L1F HC . -47.35 -20.47 18.92
C27 A1L1F HC . -42.42 -22.47 18.50
C28 A1L1F HC . -37.59 -22.80 13.33
C29 A1L1F HC . -48.53 -20.17 16.65
C30 A1L1F HC . -47.32 -20.48 17.42
C31 A1L1F HC . -46.20 -20.79 16.75
C32 A1L1F HC . -44.92 -21.11 17.38
C33 A1L1F HC . -44.05 -21.76 16.62
C34 A1L1F HC . -42.70 -22.14 17.07
C35 A1L1F HC . -41.74 -22.16 16.16
C36 A1L1F HC . -40.36 -22.47 16.45
C37 A1L1F HC . -39.49 -22.59 15.45
C38 A1L1F HC . -38.08 -22.84 15.74
C39 A1L1F HC . -37.18 -22.94 14.75
C40 A1L1F HC . -35.77 -23.14 15.11
C41 A1L1F HC . -34.79 -22.68 14.35
C42 A1L1F HC . -33.42 -22.89 14.80
C43 A1L1F HC . -32.41 -22.26 12.62
C44 A1L1F HC . -32.33 -22.69 14.05
C45 A1L1F HC . -48.05 -18.71 20.58
C47 A1L1F HC . -48.17 -17.25 20.94
C48 A1L1F HC . -49.32 -17.09 21.92
C49 A1L1F HC . -48.82 -16.57 23.25
C50 A1L1F HC . -49.29 -17.47 24.39
C51 A1L1F HC . -49.30 -16.72 25.71
C52 A1L1F HC . -48.16 -15.71 25.77
C53 A1L1F HC . -47.11 -16.13 26.79
C54 A1L1F HC . -25.02 -20.98 10.63
C56 A1L1F HC . -24.17 -21.45 11.78
C57 A1L1F HC . -29.94 -22.48 14.27
O13 A1L1F HC . -47.41 -19.10 19.33
O15 A1L1F HC . -51.42 -18.03 17.14
O16 A1L1F HC . -54.09 -18.17 14.04
O46 A1L1F HC . -48.47 -19.57 21.34
O55 A1L1F HC . -24.60 -20.87 9.49
O7 A1L1F HC . -26.41 -20.65 10.88
O9 A1L1F HC . -26.70 -23.15 14.23
MG CLA IC . -42.59 -21.74 29.77
CHA CLA IC . -39.29 -22.17 28.75
CHB CLA IC . -41.54 -21.41 32.99
CHC CLA IC . -45.86 -21.23 30.71
CHD CLA IC . -43.61 -22.06 26.40
NA CLA IC . -40.71 -21.81 30.70
C1A CLA IC . -39.46 -21.98 30.09
C2A CLA IC . -38.34 -21.95 31.14
C3A CLA IC . -39.09 -21.83 32.47
C4A CLA IC . -40.56 -21.66 32.05
CMA CLA IC . -38.87 -23.05 33.32
CAA CLA IC . -37.47 -20.71 30.92
CBA CLA IC . -38.31 -19.45 30.94
CGA CLA IC . -37.74 -18.43 29.99
O1A CLA IC . -36.59 -17.99 29.94
O2A CLA IC . -38.66 -17.99 29.09
NB CLA IC . -43.52 -21.40 31.52
C1B CLA IC . -42.91 -21.25 32.72
C2B CLA IC . -43.94 -20.91 33.76
C3B CLA IC . -45.16 -20.86 33.12
C4B CLA IC . -44.90 -21.18 31.69
CMB CLA IC . -43.61 -20.70 35.16
CAB CLA IC . -46.47 -20.58 33.64
CBB CLA IC . -47.05 -21.25 34.64
NC CLA IC . -44.40 -21.69 28.73
C1C CLA IC . -45.62 -21.48 29.32
C2C CLA IC . -46.67 -21.51 28.31
C3C CLA IC . -46.04 -21.73 27.08
C4C CLA IC . -44.61 -21.83 27.36
CMC CLA IC . -48.10 -21.34 28.58
CAC CLA IC . -46.68 -21.82 25.77
CBC CLA IC . -46.57 -20.54 24.99
ND CLA IC . -41.73 -22.09 27.97
C1D CLA IC . -42.27 -22.18 26.66
C2D CLA IC . -41.16 -22.42 25.70
C3D CLA IC . -40.00 -22.44 26.44
C4D CLA IC . -40.41 -22.22 27.85
CMD CLA IC . -41.34 -22.60 24.26
CAD CLA IC . -38.55 -22.59 26.43
OBD CLA IC . -37.81 -22.80 25.49
CBD CLA IC . -38.07 -22.42 27.90
CGD CLA IC . -37.30 -23.62 28.38
O1D CLA IC . -37.54 -24.81 28.12
O2D CLA IC . -36.24 -23.33 29.18
CED CLA IC . -35.57 -24.42 29.81
C1 CLA IC . -39.34 -16.76 29.39
C2 CLA IC . -38.42 -15.64 29.04
C3 CLA IC . -38.18 -15.26 27.78
C4 CLA IC . -37.25 -14.14 27.48
C5 CLA IC . -38.82 -15.92 26.62
C6 CLA IC . -39.67 -14.97 25.79
C7 CLA IC . -39.77 -15.45 24.36
C8 CLA IC . -38.46 -15.27 23.61
C9 CLA IC . -38.21 -13.80 23.32
C10 CLA IC . -38.44 -16.11 22.33
C11 CLA IC . -38.78 -15.32 21.08
C12 CLA IC . -40.25 -15.44 20.71
C13 CLA IC . -40.54 -14.76 19.38
C14 CLA IC . -42.03 -14.56 19.19
C15 CLA IC . -39.95 -15.54 18.22
C16 CLA IC . -40.15 -14.81 16.90
MG CLA JC . -44.39 -34.84 25.52
CHA CLA JC . -42.84 -35.28 28.60
CHB CLA JC . -43.32 -37.91 24.54
CHC CLA JC . -46.03 -34.38 22.53
CHD CLA JC . -45.55 -31.67 26.62
NA CLA JC . -43.25 -36.32 26.44
C1A CLA JC . -42.70 -36.33 27.73
C2A CLA JC . -41.94 -37.64 28.00
C3A CLA JC . -42.02 -38.38 26.64
C4A CLA JC . -42.93 -37.50 25.79
CMA CLA JC . -40.66 -38.59 26.03
CAA CLA JC . -42.57 -38.49 29.08
CBA CLA JC . -44.06 -38.26 29.31
CGA CLA JC . -44.92 -38.71 28.16
O1A CLA JC . -46.01 -38.25 27.83
O2A CLA JC . -44.41 -39.75 27.44
NB CLA JC . -44.65 -35.95 23.87
C1B CLA JC . -44.12 -37.18 23.65
C2B CLA JC . -44.50 -37.65 22.28
C3B CLA JC . -45.26 -36.67 21.71
C4B CLA JC . -45.37 -35.56 22.71
CMB CLA JC . -44.06 -38.95 21.76
CAB CLA JC . -45.88 -36.57 20.41
CBB CLA JC . -46.47 -37.58 19.76
NC CLA JC . -45.55 -33.29 24.72
C1C CLA JC . -46.10 -33.32 23.46
C2C CLA JC . -46.84 -32.08 23.23
C3C CLA JC . -46.74 -31.33 24.39
C4C CLA JC . -45.93 -32.09 25.33
CMC CLA JC . -47.54 -31.71 22.00
CAC CLA JC . -47.36 -30.01 24.61
CBC CLA JC . -48.56 -30.08 25.52
ND CLA JC . -44.21 -33.65 27.16
C1D CLA JC . -44.74 -32.39 27.48
C2D CLA JC . -44.29 -32.00 28.84
C3D CLA JC . -43.53 -33.06 29.30
C4D CLA JC . -43.54 -34.08 28.23
CMD CLA JC . -44.61 -30.74 29.49
CAD CLA JC . -42.74 -33.60 30.40
OBD CLA JC . -42.42 -33.08 31.46
CBD CLA JC . -42.31 -35.05 29.99
CGD CLA JC . -40.82 -35.21 30.04
O1D CLA JC . -40.01 -35.02 29.13
O2D CLA JC . -40.34 -35.62 31.26
CED CLA JC . -38.94 -35.48 31.49
C1 CLA JC . -45.31 -40.67 26.80
C2 CLA JC . -45.86 -40.07 25.55
C3 CLA JC . -46.60 -40.76 24.68
C4 CLA JC . -46.92 -42.20 24.89
C5 CLA JC . -47.13 -40.12 23.44
C6 CLA JC . -48.46 -39.43 23.67
C7 CLA JC . -49.63 -40.35 23.44
C8 CLA JC . -50.64 -39.84 22.42
C9 CLA JC . -50.04 -38.76 21.54
C10 CLA JC . -51.90 -39.36 23.12
C11 CLA JC . -52.73 -38.42 22.25
C12 CLA JC . -52.89 -37.06 22.90
C13 CLA JC . -54.01 -36.22 22.29
C14 CLA JC . -54.24 -36.57 20.83
C15 CLA JC . -53.70 -34.73 22.45
C16 CLA JC . -54.65 -33.87 21.63
C17 CLA JC . -54.44 -32.40 21.94
C18 CLA JC . -54.23 -31.55 20.70
C19 CLA JC . -53.41 -30.32 21.03
C20 CLA JC . -53.58 -32.32 19.58
MG CLA KC . -47.91 -38.94 14.99
CHA CLA KC . -46.14 -41.79 15.92
CHB CLA KC . -49.27 -38.78 18.10
CHC CLA KC . -49.51 -36.04 14.08
CHD CLA KC . -46.48 -39.16 11.77
NA CLA KC . -47.72 -40.11 16.72
C1A CLA KC . -46.93 -41.25 16.91
C2A CLA KC . -47.08 -41.79 18.33
C3A CLA KC . -48.15 -40.87 18.96
C4A CLA KC . -48.40 -39.83 17.87
CMA CLA KC . -49.40 -41.63 19.31
CAA CLA KC . -45.78 -41.66 19.09
CBA CLA KC . -45.88 -42.23 20.49
CGA CLA KC . -45.57 -43.70 20.46
O1A CLA KC . -44.68 -44.28 19.84
O2A CLA KC . -46.41 -44.43 21.26
NB CLA KC . -49.11 -37.63 15.93
C1B CLA KC . -49.60 -37.77 17.19
C2B CLA KC . -50.59 -36.70 17.47
C3B CLA KC . -50.67 -35.92 16.33
C4B CLA KC . -49.73 -36.50 15.33
CMB CLA KC . -51.30 -36.61 18.74
CAB CLA KC . -51.47 -34.75 16.03
CBB CLA KC . -52.69 -34.48 16.49
NC CLA KC . -47.98 -37.82 13.24
C1C CLA KC . -48.70 -36.66 13.08
C2C CLA KC . -48.50 -36.13 11.74
C3C CLA KC . -47.66 -37.01 11.08
C4C CLA KC . -47.32 -38.08 12.03
CMC CLA KC . -49.12 -34.90 11.23
CAC CLA KC . -47.17 -36.91 9.69
CBC CLA KC . -45.83 -36.22 9.62
ND CLA KC . -46.67 -40.18 13.99
C1D CLA KC . -46.15 -40.16 12.66
C2D CLA KC . -45.25 -41.31 12.47
C3D CLA KC . -45.21 -41.97 13.70
C4D CLA KC . -46.10 -41.22 14.60
CMD CLA KC . -44.56 -41.63 11.23
CAD CLA KC . -44.65 -43.09 14.44
OBD CLA KC . -43.89 -43.97 14.08
CBD CLA KC . -45.22 -42.99 15.89
CGD CLA KC . -45.91 -44.25 16.30
O1D CLA KC . -45.53 -45.10 17.12
O2D CLA KC . -47.10 -44.47 15.67
CED CLA KC . -47.69 -45.77 15.78
C1 CLA KC . -47.76 -44.62 20.78
C2 CLA KC . -48.52 -45.19 21.93
C3 CLA KC . -49.85 -45.38 21.90
C4 CLA KC . -50.57 -45.95 23.06
C5 CLA KC . -50.66 -45.03 20.70
C6 CLA KC . -51.81 -44.09 21.03
C7 CLA KC . -53.09 -44.54 20.37
C8 CLA KC . -53.21 -44.00 18.95
C9 CLA KC . -53.76 -42.60 18.96
MG CLA LC . -41.80 -24.50 2.53
CHA CLA LC . -42.65 -23.35 -0.64
CHB CLA LC . -43.46 -27.41 1.93
CHC CLA LC . -40.81 -25.64 5.62
CHD CLA LC . -40.13 -21.44 3.12
NA CLA LC . -42.89 -25.23 0.91
C1A CLA LC . -43.12 -24.61 -0.33
C2A CLA LC . -43.97 -25.49 -1.23
C3A CLA LC . -44.31 -26.71 -0.34
C4A CLA LC . -43.50 -26.45 0.92
CMA CLA LC . -45.80 -26.81 -0.07
CAA CLA LC . -43.14 -25.95 -2.43
CBA CLA LC . -41.87 -26.67 -2.00
CGA CLA LC . -40.71 -25.73 -1.95
O1A CLA LC . -40.24 -25.05 -2.86
O2A CLA LC . -40.13 -25.65 -0.71
NB CLA LC . -42.11 -26.18 3.59
C1B CLA LC . -42.76 -27.29 3.15
C2B CLA LC . -42.64 -28.38 4.14
C3B CLA LC . -41.89 -27.89 5.19
C4B CLA LC . -41.55 -26.49 4.85
CMB CLA LC . -43.25 -29.70 3.94
CAB CLA LC . -41.45 -28.50 6.42
CBB CLA LC . -42.12 -29.43 7.12
NC CLA LC . -40.68 -23.67 4.09
C1C CLA LC . -40.40 -24.32 5.27
C2C CLA LC . -39.59 -23.44 6.13
C3C CLA LC . -39.41 -22.26 5.43
C4C CLA LC . -40.09 -22.41 4.15
CMC CLA LC . -39.11 -23.81 7.46
CAC CLA LC . -38.66 -21.06 5.88
CBC CLA LC . -37.31 -20.94 5.21
ND CLA LC . -41.42 -22.79 1.53
C1D CLA LC . -40.74 -21.60 1.90
C2D CLA LC . -40.79 -20.64 0.77
C3D CLA LC . -41.48 -21.28 -0.24
C4D CLA LC . -41.87 -22.60 0.29
CMD CLA LC . -40.16 -19.32 0.79
CAD CLA LC . -42.00 -21.19 -1.60
OBD CLA LC . -41.85 -20.29 -2.44
CBD CLA LC . -42.79 -22.50 -1.88
CGD CLA LC . -44.22 -22.22 -2.24
O1D CLA LC . -44.81 -22.55 -3.28
O2D CLA LC . -44.91 -21.52 -1.29
CED CLA LC . -46.34 -21.58 -1.34
C1 CLA LC . -39.19 -24.57 -0.54
C2 CLA LC . -38.57 -24.69 0.80
C3 CLA LC . -37.58 -23.88 1.21
C4 CLA LC . -37.04 -22.81 0.33
C5 CLA LC . -36.97 -24.01 2.56
C6 CLA LC . -36.92 -25.43 3.07
C7 CLA LC . -35.85 -25.57 4.13
C8 CLA LC . -35.96 -26.88 4.90
C9 CLA LC . -37.35 -27.04 5.48
C10 CLA LC . -34.92 -26.94 6.01
C11 CLA LC . -33.86 -27.97 5.71
C12 CLA LC . -34.46 -29.35 5.47
C13 CLA LC . -33.40 -30.44 5.46
C14 CLA LC . -33.17 -30.95 4.06
C15 CLA LC . -33.80 -31.58 6.38
C16 CLA LC . -33.44 -31.29 7.82
C17 CLA LC . -32.08 -31.86 8.19
C18 CLA LC . -32.05 -32.42 9.61
C19 CLA LC . -32.90 -31.61 10.57
C20 CLA LC . -32.50 -33.86 9.63
MG CLA MC . -34.44 -30.72 -7.27
CHA CLA MC . -37.25 -29.51 -8.91
CHB CLA MC . -32.88 -31.14 -10.27
CHC CLA MC . -31.63 -31.78 -5.60
CHD CLA MC . -36.11 -30.31 -4.18
NA CLA MC . -35.01 -30.38 -9.25
C1A CLA MC . -36.22 -29.85 -9.73
C2A CLA MC . -36.23 -29.80 -11.26
C3A CLA MC . -34.90 -30.49 -11.66
C4A CLA MC . -34.20 -30.69 -10.31
CMA CLA MC . -35.14 -31.80 -12.36
CAA CLA MC . -36.28 -28.37 -11.76
CBA CLA MC . -35.02 -27.60 -11.45
CGA CLA MC . -34.85 -26.48 -12.45
O1A CLA MC . -34.28 -25.40 -12.29
O2A CLA MC . -35.39 -26.78 -13.67
NB CLA MC . -32.64 -31.41 -7.84
C1B CLA MC . -32.15 -31.37 -9.10
C2B CLA MC . -30.67 -31.59 -9.09
C3B CLA MC . -30.31 -31.78 -7.78
C4B CLA MC . -31.55 -31.66 -6.96
CMB CLA MC . -29.86 -31.58 -10.30
CAB CLA MC . -29.00 -32.01 -7.21
CBB CLA MC . -28.66 -33.11 -6.53
NC CLA MC . -33.98 -31.01 -5.26
C1C CLA MC . -32.77 -31.47 -4.80
C2C CLA MC . -32.80 -31.58 -3.34
C3C CLA MC . -34.06 -31.14 -2.94
C4C CLA MC . -34.80 -30.79 -4.14
CMC CLA MC . -31.68 -32.05 -2.52
CAC CLA MC . -34.55 -31.05 -1.56
CBC CLA MC . -35.54 -32.16 -1.22
ND CLA MC . -36.23 -30.04 -6.62
C1D CLA MC . -36.81 -29.95 -5.32
C2D CLA MC . -38.20 -29.44 -5.45
C3D CLA MC . -38.41 -29.23 -6.80
C4D CLA MC . -37.16 -29.64 -7.48
CMD CLA MC . -39.10 -29.22 -4.33
CAD CLA MC . -39.35 -28.82 -7.82
OBD CLA MC . -40.50 -28.41 -7.69
CBD CLA MC . -38.63 -28.97 -9.19
CGD CLA MC . -39.36 -29.88 -10.15
O1D CLA MC . -39.03 -31.01 -10.49
O2D CLA MC . -40.49 -29.35 -10.68
CED CLA MC . -40.66 -29.42 -12.10
C1 CLA MC . -34.47 -27.23 -14.69
MG CLA NC . -40.83 -41.17 9.27
CHA CLA NC . -40.98 -41.92 12.65
CHB CLA NC . -39.36 -44.19 8.68
CHC CLA NC . -40.87 -40.46 5.91
CHD CLA NC . -42.32 -38.03 9.95
NA CLA NC . -40.26 -42.76 10.49
C1A CLA NC . -40.43 -42.89 11.87
C2A CLA NC . -39.86 -44.23 12.37
C3A CLA NC . -39.21 -44.83 11.12
C4A CLA NC . -39.64 -43.88 10.00
CMA CLA NC . -37.70 -44.91 11.25
CAA CLA NC . -41.01 -45.11 12.84
CBA CLA NC . -41.85 -45.63 11.70
CGA CLA NC . -43.18 -46.14 12.17
O1A CLA NC . -43.45 -46.75 13.22
O2A CLA NC . -44.19 -45.87 11.30
NB CLA NC . -40.20 -42.13 7.62
C1B CLA NC . -39.70 -43.38 7.58
C2B CLA NC . -39.52 -43.82 6.16
C3B CLA NC . -39.94 -42.77 5.37
C4B CLA NC . -40.38 -41.67 6.29
CMB CLA NC . -38.99 -45.13 5.80
CAB CLA NC . -40.00 -42.65 3.94
CBB CLA NC . -40.44 -43.61 3.11
NC CLA NC . -41.46 -39.52 8.14
C1C CLA NC . -41.37 -39.45 6.78
C2C CLA NC . -41.91 -38.17 6.32
C3C CLA NC . -42.33 -37.48 7.46
C4C CLA NC . -42.04 -38.33 8.60
CMC CLA NC . -41.99 -37.75 4.92
CAC CLA NC . -42.94 -36.14 7.51
CBC CLA NC . -41.92 -35.02 7.61
ND CLA NC . -41.49 -40.14 10.88
C1D CLA NC . -42.08 -38.85 11.02
C2D CLA NC . -42.36 -38.61 12.46
C3D CLA NC . -41.97 -39.75 13.13
C4D CLA NC . -41.43 -40.67 12.10
CMD CLA NC . -42.96 -37.38 12.98
CAD CLA NC . -41.83 -40.42 14.41
OBD CLA NC . -42.10 -40.02 15.53
CBD CLA NC . -41.23 -41.83 14.15
CGD CLA NC . -39.97 -42.06 14.95
O1D CLA NC . -38.80 -41.93 14.57
O2D CLA NC . -40.21 -42.44 16.23
CED CLA NC . -39.64 -43.69 16.66
C1 CLA NC . -45.52 -45.67 11.85
C2 CLA NC . -46.39 -45.27 10.73
C3 CLA NC . -47.45 -44.45 10.84
C4 CLA NC . -48.29 -44.10 9.67
C5 CLA NC . -47.85 -43.86 12.14
C6 CLA NC . -49.36 -43.73 12.30
C7 CLA NC . -49.77 -42.32 12.64
C8 CLA NC . -49.88 -42.08 14.16
C9 CLA NC . -50.38 -43.33 14.86
C10 CLA NC . -50.78 -40.90 14.51
C11 CLA NC . -51.28 -40.11 13.32
C12 CLA NC . -52.17 -38.97 13.75
C13 CLA NC . -52.69 -38.13 12.59
C14 CLA NC . -51.60 -37.92 11.55
C15 CLA NC . -53.25 -36.80 13.10
C16 CLA NC . -53.10 -35.67 12.10
C17 CLA NC . -53.23 -34.32 12.78
C18 CLA NC . -52.95 -33.17 11.83
C19 CLA NC . -54.22 -32.66 11.20
C20 CLA NC . -52.24 -32.05 12.57
MG CLA OC . -32.34 -28.68 17.16
CHA CLA OC . -29.89 -31.02 17.86
CHB CLA OC . -31.54 -26.98 20.00
CHC CLA OC . -34.76 -26.36 16.40
CHD CLA OC . -33.17 -30.50 14.23
NA CLA OC . -30.92 -28.96 18.65
C1A CLA OC . -29.98 -29.99 18.76
C2A CLA OC . -29.10 -29.81 19.99
C3A CLA OC . -29.69 -28.56 20.68
C4A CLA OC . -30.78 -28.11 19.72
CMA CLA OC . -30.24 -28.90 22.05
CAA CLA OC . -27.68 -29.51 19.55
CBA CLA OC . -27.66 -28.42 18.49
CGA CLA OC . -26.30 -28.28 17.87
O1A CLA OC . -25.19 -28.42 18.39
O2A CLA OC . -26.36 -27.93 16.54
NB CLA OC . -32.99 -26.97 18.01
C1B CLA OC . -32.59 -26.48 19.21
C2B CLA OC . -33.47 -25.35 19.62
C3B CLA OC . -34.38 -25.17 18.61
C4B CLA OC . -34.08 -26.20 17.57
CMB CLA OC . -33.29 -24.63 20.88
CAB CLA OC . -35.46 -24.22 18.46
CBB CLA OC . -35.41 -22.93 18.81
NC CLA OC . -33.71 -28.47 15.58
C1C CLA OC . -34.58 -27.42 15.47
C2C CLA OC . -35.35 -27.57 14.24
C3C CLA OC . -34.93 -28.76 13.63
C4C CLA OC . -33.89 -29.30 14.49
CMC CLA OC . -36.38 -26.63 13.77
CAC CLA OC . -35.40 -29.31 12.36
CBC CLA OC . -34.73 -28.64 11.20
ND CLA OC . -31.73 -30.36 16.21
C1D CLA OC . -32.17 -31.01 15.03
C2D CLA OC . -31.39 -32.26 14.84
C3D CLA OC . -30.50 -32.30 15.90
C4D CLA OC . -30.75 -31.10 16.72
CMD CLA OC . -31.56 -33.19 13.74
CAD CLA OC . -29.42 -33.04 16.55
OBD CLA OC . -28.88 -34.09 16.20
CBD CLA OC . -29.03 -32.25 17.83
CGD CLA OC . -29.32 -33.07 19.06
O1D CLA OC . -30.26 -33.85 19.23
O2D CLA OC . -28.44 -32.89 20.08
CED CLA OC . -28.89 -33.25 21.40
C1 CLA OC . -25.24 -27.19 16.00
C2 CLA OC . -24.32 -28.19 15.40
C3 CLA OC . -23.95 -28.14 14.10
C4 CLA OC . -24.45 -27.10 13.17
C5 CLA OC . -23.02 -29.16 13.54
C6 CLA OC . -23.46 -29.68 12.18
C7 CLA OC . -22.57 -30.81 11.72
C8 CLA OC . -23.03 -31.39 10.39
MG CLA PC . -39.23 -19.18 20.93
CHA CLA PC . -36.94 -19.52 23.52
CHB CLA PC . -36.71 -19.47 18.67
CHC CLA PC . -41.52 -18.77 18.41
CHD CLA PC . -41.80 -18.77 23.33
NA CLA PC . -37.16 -19.48 21.10
C1A CLA PC . -36.39 -19.60 22.26
C2A CLA PC . -34.91 -19.79 21.92
C3A CLA PC . -34.88 -19.70 20.38
C4A CLA PC . -36.35 -19.56 19.99
CMA CLA PC . -34.08 -18.52 19.92
CAA CLA PC . -34.36 -21.12 22.40
CBA CLA PC . -32.88 -21.18 22.14
CGA CLA PC . -32.15 -20.20 23.01
O1A CLA PC . -31.63 -20.39 24.11
O2A CLA PC . -32.07 -18.94 22.47
NB CLA PC . -39.13 -19.11 18.91
C1B CLA PC . -38.01 -19.32 18.17
C2B CLA PC . -38.36 -19.34 16.73
C3B CLA PC . -39.70 -19.14 16.63
C4B CLA PC . -40.23 -19.00 18.03
CMB CLA PC . -37.36 -19.53 15.67
CAB CLA PC . -40.49 -19.07 15.41
CBB CLA PC . -41.82 -18.99 15.27
NC CLA PC . -41.28 -18.85 20.89
C1C CLA PC . -42.02 -18.69 19.75
C2C CLA PC . -43.41 -18.45 20.09
C3C CLA PC . -43.49 -18.45 21.48
C4C CLA PC . -42.15 -18.70 21.98
CMC CLA PC . -44.48 -18.22 19.12
CAC CLA PC . -44.69 -18.23 22.31
CBC CLA PC . -44.76 -16.81 22.83
ND CLA PC . -39.41 -19.23 22.95
C1D CLA PC . -40.52 -19.01 23.80
C2D CLA PC . -40.06 -19.08 25.21
C3D CLA PC . -38.69 -19.27 25.16
C4D CLA PC . -38.34 -19.33 23.73
CMD CLA PC . -40.93 -18.94 26.38
CAD CLA PC . -37.47 -19.44 25.92
OBD CLA PC . -37.30 -19.48 27.13
CBD CLA PC . -36.30 -19.55 24.89
CGD CLA PC . -35.35 -18.39 25.04
O1D CLA PC . -35.37 -17.32 24.43
O2D CLA PC . -34.38 -18.58 25.99
CED CLA PC . -33.63 -17.44 26.40
C1 CLA PC . -31.62 -17.90 23.36
C2 CLA PC . -32.13 -16.61 22.86
C3 CLA PC . -31.41 -15.78 22.07
C4 CLA PC . -30.04 -16.10 21.64
C5 CLA PC . -31.98 -14.49 21.60
C6 CLA PC . -31.85 -14.29 20.10
C7 CLA PC . -33.16 -14.63 19.40
MG CLA QC . -57.13 -22.51 17.95
CHA CLA QC . -60.02 -20.99 16.79
CHB CLA QC . -55.85 -19.47 18.78
CHC CLA QC . -54.29 -24.08 19.11
CHD CLA QC . -58.44 -25.66 16.98
NA CLA QC . -57.85 -20.56 17.80
C1A CLA QC . -59.07 -20.13 17.29
C2A CLA QC . -59.20 -18.61 17.36
C3A CLA QC . -57.81 -18.15 17.89
C4A CLA QC . -57.11 -19.48 18.20
CMA CLA QC . -57.07 -17.34 16.87
CAA CLA QC . -60.30 -18.20 18.33
NB CLA QC . -55.37 -21.89 18.73
C1B CLA QC . -55.10 -20.61 19.10
C2B CLA QC . -53.85 -20.58 19.92
C3B CLA QC . -53.41 -21.88 20.01
C4B CLA QC . -54.37 -22.73 19.25
CMB CLA QC . -53.28 -19.34 20.47
CAB CLA QC . -52.25 -22.41 20.68
CBB CLA QC . -50.99 -22.08 20.41
NC CLA QC . -56.49 -24.51 18.03
C1C CLA QC . -55.29 -24.92 18.54
C2C CLA QC . -55.16 -26.37 18.41
C3C CLA QC . -56.34 -26.82 17.81
C4C CLA QC . -57.16 -25.64 17.56
CMC CLA QC . -54.01 -27.16 18.85
CAC CLA QC . -56.67 -28.21 17.45
CBC CLA QC . -57.55 -28.89 18.47
ND CLA QC . -58.84 -23.24 17.16
C1D CLA QC . -59.24 -24.54 16.79
C2D CLA QC . -60.59 -24.48 16.19
C3D CLA QC . -60.95 -23.14 16.19
C4D CLA QC . -59.81 -22.41 16.78
CMD CLA QC . -61.34 -25.65 15.75
CAD CLA QC . -61.97 -22.17 15.85
OBD CLA QC . -63.11 -22.35 15.42
CBD CLA QC . -61.37 -20.76 16.17
CGD CLA QC . -61.27 -19.91 14.92
O1D CLA QC . -60.44 -19.02 14.68
O2D CLA QC . -62.21 -20.17 13.98
CED CLA QC . -63.41 -19.39 13.99
MG CLA RC . -37.65 -46.06 -0.12
CHA CLA RC . -36.50 -47.50 2.83
CHB CLA RC . -34.45 -45.37 -1.04
CHC CLA RC . -38.85 -44.58 -2.98
CHD CLA RC . -40.97 -46.67 0.95
NA CLA RC . -35.79 -46.41 0.77
C1A CLA RC . -35.52 -47.02 1.99
C2A CLA RC . -34.00 -47.06 2.25
C3A CLA RC . -33.40 -46.35 1.03
C4A CLA RC . -34.61 -46.02 0.17
CMA CLA RC . -32.65 -45.10 1.43
CAA CLA RC . -33.50 -48.50 2.34
CBA CLA RC . -32.99 -49.01 1.00
CGA CLA RC . -31.49 -49.02 0.98
O1A CLA RC . -30.71 -48.10 0.71
O2A CLA RC . -30.97 -50.23 1.32
NB CLA RC . -36.81 -45.18 -1.72
C1B CLA RC . -35.48 -44.98 -1.91
C2B CLA RC . -35.24 -44.26 -3.19
C3B CLA RC . -36.48 -44.04 -3.75
C4B CLA RC . -37.50 -44.61 -2.82
CMB CLA RC . -33.92 -43.89 -3.68
CAB CLA RC . -36.83 -43.37 -4.98
CBB CLA RC . -37.48 -43.92 -6.00
NC CLA RC . -39.57 -45.72 -0.88
C1C CLA RC . -39.82 -45.10 -2.08
C2C CLA RC . -41.26 -45.03 -2.31
C3C CLA RC . -41.87 -45.59 -1.18
C4C CLA RC . -40.80 -46.03 -0.30
CMC CLA RC . -41.90 -44.43 -3.49
CAC CLA RC . -43.31 -45.76 -0.94
CBC CLA RC . -43.98 -44.50 -0.45
ND CLA RC . -38.58 -46.89 1.47
C1D CLA RC . -39.95 -47.08 1.78
C2D CLA RC . -40.06 -47.75 3.10
C3D CLA RC . -38.77 -47.95 3.54
C4D CLA RC . -37.88 -47.38 2.49
CMD CLA RC . -41.32 -48.12 3.75
CAD CLA RC . -37.92 -48.47 4.60
OBD CLA RC . -38.23 -49.03 5.65
CBD CLA RC . -36.44 -48.18 4.19
CGD CLA RC . -35.71 -47.38 5.24
O1D CLA RC . -34.98 -47.81 6.13
O2D CLA RC . -35.92 -46.04 5.17
CED CLA RC . -35.42 -45.24 6.24
O6 SQD SC . -27.49 -21.33 28.39
C44 SQD SC . -27.37 -20.46 27.28
C45 SQD SC . -28.58 -20.66 26.37
C46 SQD SC . -29.56 -19.50 26.55
O47 SQD SC . -28.24 -20.83 24.99
C7 SQD SC . -27.77 -19.65 24.28
O49 SQD SC . -26.89 -18.94 24.76
C8 SQD SC . -28.38 -19.28 22.96
C9 SQD SC . -27.49 -19.79 21.84
C10 SQD SC . -27.58 -18.89 20.62
C11 SQD SC . -28.44 -19.52 19.55
C12 SQD SC . -29.21 -18.47 18.78
C13 SQD SC . -30.03 -19.10 17.66
C14 SQD SC . -31.15 -19.96 18.22
C15 SQD SC . -32.27 -20.09 17.20
C16 SQD SC . -32.64 -18.72 16.64
C17 SQD SC . -33.79 -18.79 15.65
C18 SQD SC . -33.32 -19.20 14.26
C19 SQD SC . -34.41 -18.97 13.22
O48 SQD SC . -28.88 -18.25 26.63
C23 SQD SC . -29.54 -17.09 27.17
O10 SQD SC . -30.20 -17.20 28.20
C24 SQD SC . -29.42 -15.74 26.50
C25 SQD SC . -30.27 -14.72 27.23
C26 SQD SC . -30.01 -13.29 26.75
C27 SQD SC . -30.47 -13.11 25.30
C28 SQD SC . -30.50 -11.64 24.92
C29 SQD SC . -29.11 -11.00 25.00
C30 SQD SC . -29.05 -9.77 24.12
C31 SQD SC . -29.43 -10.11 22.68
C32 SQD SC . -29.27 -8.91 21.76
C1 SQD SC . -28.01 -20.65 29.52
C2 SQD SC . -28.77 -21.63 30.41
O2 SQD SC . -29.82 -22.23 29.64
C3 SQD SC . -29.37 -20.88 31.60
O3 SQD SC . -29.89 -21.84 32.53
C4 SQD SC . -28.32 -20.03 32.29
O4 SQD SC . -28.96 -19.17 33.24
C5 SQD SC . -27.56 -19.17 31.28
C6 SQD SC . -26.49 -18.35 31.98
O5 SQD SC . -26.98 -20.00 30.28
S SQD SC . -27.14 -16.89 32.45
O7 SQD SC . -28.49 -16.80 31.96
O8 SQD SC . -27.15 -16.78 34.08
O9 SQD SC . -26.38 -15.82 31.88
MG CLA TC . -1.54 2.09 -19.02
CHA CLA TC . -3.32 2.18 -16.05
CHB CLA TC . 1.05 0.60 -17.42
CHC CLA TC . -0.03 1.61 -22.05
CHD CLA TC . -4.26 3.65 -20.63
NA CLA TC . -1.18 1.60 -17.02
C1A CLA TC . -2.05 1.68 -15.94
C2A CLA TC . -1.35 1.21 -14.66
C3A CLA TC . 0.12 1.07 -15.10
C4A CLA TC . 0.02 1.07 -16.62
CMA CLA TC . 0.97 2.19 -14.58
CAA CLA TC . -1.85 -0.13 -14.15
CBA CLA TC . -1.06 -0.52 -12.92
CGA CLA TC . -1.40 -1.91 -12.47
O1A CLA TC . -0.80 -2.58 -11.64
O2A CLA TC . -2.48 -2.46 -13.07
NB CLA TC . 0.22 1.31 -19.62
C1B CLA TC . 1.05 0.59 -18.82
C2B CLA TC . 1.99 -0.20 -19.67
C3B CLA TC . 1.69 0.09 -20.98
C4B CLA TC . 0.57 1.07 -20.96
CMB CLA TC . 3.02 -1.09 -19.14
CAB CLA TC . 2.30 -0.36 -22.19
CBB CLA TC . 3.57 -0.17 -22.49
NC CLA TC . -2.01 2.63 -20.97
C1C CLA TC . -1.23 2.37 -22.06
C2C CLA TC . -1.86 2.90 -23.26
C3C CLA TC . -3.08 3.45 -22.86
C4C CLA TC . -3.16 3.28 -21.43
CMC CLA TC . -1.29 2.80 -24.60
CAC CLA TC . -4.08 4.12 -23.69
CBC CLA TC . -4.16 5.58 -23.34
ND CLA TC . -3.30 2.91 -18.50
C1D CLA TC . -4.34 3.47 -19.27
C2D CLA TC . -5.46 3.82 -18.39
C3D CLA TC . -5.15 3.29 -17.17
C4D CLA TC . -3.81 2.73 -17.27
CMD CLA TC . -6.67 4.50 -18.82
CAD CLA TC . -5.49 3.25 -15.76
OBD CLA TC . -6.33 3.84 -15.12
CBD CLA TC . -4.50 2.24 -15.12
CGD CLA TC . -4.21 2.58 -13.70
O1D CLA TC . -4.03 3.68 -13.19
O2D CLA TC . -4.21 1.45 -12.94
CED CLA TC . -5.12 0.42 -13.31
C1 CLA TC . -3.18 -3.50 -12.37
C2 CLA TC . -4.27 -3.92 -13.28
C3 CLA TC . -5.57 -3.91 -12.92
C4 CLA TC . -6.01 -3.50 -11.58
C5 CLA TC . -6.61 -4.33 -13.88
C6 CLA TC . -6.38 -3.65 -15.22
C7 CLA TC . -7.68 -3.24 -15.87
C8 CLA TC . -8.41 -4.42 -16.49
C9 CLA TC . -8.25 -4.40 -17.98
C10 CLA TC . -9.88 -4.38 -16.14
C11 CLA TC . -10.43 -5.77 -16.04
C12 CLA TC . -11.21 -5.94 -14.76
C13 CLA TC . -12.23 -7.06 -14.89
C14 CLA TC . -13.47 -6.70 -14.13
C15 CLA TC . -11.66 -8.36 -14.40
C16 CLA TC . -10.59 -8.13 -13.37
C17 CLA TC . -10.27 -9.40 -12.63
C18 CLA TC . -9.06 -9.21 -11.73
C19 CLA TC . -8.60 -7.79 -11.76
C20 CLA TC . -9.43 -9.59 -10.31
MG CLA UC . 16.59 0.13 -13.61
CHA CLA UC . 20.03 0.44 -13.45
CHB CLA UC . 16.30 3.51 -13.87
CHC CLA UC . 13.20 -0.25 -14.11
CHD CLA UC . 16.94 -3.37 -13.30
NA CLA UC . 17.95 1.69 -13.60
C1A CLA UC . 19.35 1.62 -13.56
C2A CLA UC . 19.96 3.01 -13.59
C3A CLA UC . 18.75 3.94 -13.40
C4A CLA UC . 17.57 3.01 -13.67
CMA CLA UC . 18.71 4.51 -12.00
CAA CLA UC . 20.57 3.21 -14.97
CBA CLA UC . 21.30 4.53 -15.12
CGA CLA UC . 20.33 5.62 -15.47
O1A CLA UC . 19.48 5.65 -16.36
O2A CLA UC . 20.45 6.70 -14.63
NB CLA UC . 15.05 1.38 -13.96
C1B CLA UC . 15.15 2.73 -14.07
C2B CLA UC . 13.83 3.32 -14.41
C3B CLA UC . 12.94 2.26 -14.49
C4B CLA UC . 13.70 1.02 -14.18
CMB CLA UC . 13.65 4.75 -14.58
CAB CLA UC . 11.52 2.25 -14.76
CBB CLA UC . 10.88 3.11 -15.56
NC CLA UC . 15.30 -1.52 -13.63
C1C CLA UC . 13.94 -1.43 -13.83
C2C CLA UC . 13.37 -2.78 -13.77
C3C CLA UC . 14.43 -3.66 -13.57
C4C CLA UC . 15.64 -2.86 -13.49
CMC CLA UC . 11.94 -3.08 -13.92
CAC CLA UC . 14.35 -5.12 -13.44
CBC CLA UC . 14.57 -5.58 -12.02
ND CLA UC . 18.07 -1.19 -13.25
C1D CLA UC . 18.08 -2.61 -13.20
C2D CLA UC . 19.47 -3.07 -13.02
C3D CLA UC . 20.27 -1.94 -13.12
C4D CLA UC . 19.34 -0.80 -13.29
CMD CLA UC . 19.86 -4.46 -12.83
CAD CLA UC . 21.61 -1.39 -13.04
OBD CLA UC . 22.67 -1.95 -12.76
CBD CLA UC . 21.51 0.12 -13.40
CGD CLA UC . 22.28 1.03 -12.48
O1D CLA UC . 22.19 1.13 -11.26
O2D CLA UC . 23.19 1.81 -13.12
CED CLA UC . 23.99 2.69 -12.34
C1 CLA UC . 19.49 7.76 -14.80
C2 CLA UC . 18.37 7.49 -13.88
C3 CLA UC . 17.09 7.72 -14.24
C4 CLA UC . 16.74 8.25 -15.57
C5 CLA UC . 15.97 7.44 -13.29
C6 CLA UC . 16.04 8.25 -12.02
C7 CLA UC . 16.06 9.74 -12.31
C8 CLA UC . 14.97 10.49 -11.54
C9 CLA UC . 13.84 10.85 -12.47
C10 CLA UC . 15.54 11.73 -10.87
C11 CLA UC . 14.44 12.53 -10.18
C12 CLA UC . 14.99 13.41 -9.09
C13 CLA UC . 13.87 14.14 -8.35
MG CLA VC . -3.88 -8.57 -12.96
CHA CLA VC . -3.33 -7.46 -16.18
CHB CLA VC . -6.55 -10.36 -14.07
CHC CLA VC . -4.27 -9.83 -9.81
CHD CLA VC . -1.18 -6.57 -11.84
NA CLA VC . -4.80 -8.80 -14.82
C1A CLA VC . -4.42 -8.25 -16.04
C2A CLA VC . -5.38 -8.67 -17.15
C3A CLA VC . -6.54 -9.33 -16.37
C4A CLA VC . -5.94 -9.54 -14.99
CMA CLA VC . -7.76 -8.43 -16.31
CAA CLA VC . -4.73 -9.66 -18.10
CBA CLA VC . -5.40 -9.69 -19.45
CGA CLA VC . -6.44 -10.75 -19.48
O1A CLA VC . -6.88 -11.43 -18.55
O2A CLA VC . -6.97 -10.94 -20.73
NB CLA VC . -5.25 -9.74 -12.08
C1B CLA VC . -6.07 -10.58 -12.78
C2B CLA VC . -6.41 -11.78 -11.97
C3B CLA VC . -5.76 -11.64 -10.76
C4B CLA VC . -5.03 -10.34 -10.81
CMB CLA VC . -7.27 -12.84 -12.49
CAB CLA VC . -5.73 -12.47 -9.60
CBB CLA VC . -6.48 -13.55 -9.39
NC CLA VC . -2.92 -8.22 -11.14
C1C CLA VC . -3.27 -8.81 -9.96
C2C CLA VC . -2.44 -8.30 -8.88
C3C CLA VC . -1.54 -7.41 -9.46
C4C CLA VC . -1.86 -7.35 -10.88
CMC CLA VC . -2.54 -8.72 -7.48
CAC CLA VC . -0.52 -6.61 -8.77
CBC CLA VC . -1.10 -5.38 -8.10
ND CLA VC . -2.49 -7.36 -13.77
C1D CLA VC . -1.45 -6.57 -13.20
C2D CLA VC . -0.74 -5.85 -14.29
C3D CLA VC . -1.38 -6.21 -15.46
C4D CLA VC . -2.50 -7.10 -15.07
CMD CLA VC . 0.42 -5.00 -14.10
CAD CLA VC . -1.43 -6.10 -16.91
OBD CLA VC . -0.62 -5.62 -17.69
CBD CLA VC . -2.76 -6.76 -17.39
CGD CLA VC . -3.74 -5.77 -17.92
O1D CLA VC . -4.59 -5.12 -17.27
O2D CLA VC . -3.68 -5.57 -19.26
CED CLA VC . -4.34 -4.42 -19.77
C1 CLA VC . -7.82 -12.09 -20.92
C2 CLA VC . -6.94 -13.28 -20.98
C3 CLA VC . -6.95 -14.16 -21.99
C4 CLA VC . -7.86 -14.01 -23.15
C5 CLA VC . -6.05 -15.34 -21.99
C6 CLA VC . -6.82 -16.62 -21.75
C7 CLA VC . -5.87 -17.79 -21.49
C8 CLA VC . -6.57 -18.91 -20.73
C9 CLA VC . -6.58 -18.62 -19.25
C10 CLA VC . -5.88 -20.24 -20.99
C11 CLA VC . -5.82 -20.56 -22.48
C12 CLA VC . -5.40 -22.00 -22.70
C13 CLA VC . -5.08 -22.28 -24.16
C14 CLA VC . -6.27 -21.94 -25.04
C15 CLA VC . -4.68 -23.74 -24.35
C16 CLA VC . -4.26 -24.00 -25.78
C17 CLA VC . -3.35 -25.20 -25.86
C18 CLA VC . -3.60 -26.02 -27.12
C19 CLA VC . -2.95 -27.37 -27.03
C20 CLA VC . -3.09 -25.28 -28.34
MG CLA WC . 15.03 13.58 7.84
CHA CLA WC . 17.78 12.57 5.98
CHB CLA WC . 13.16 13.71 5.00
CHC CLA WC . 12.34 14.58 9.73
CHD CLA WC . 17.06 13.57 10.74
NA CLA WC . 15.41 13.16 5.84
C1A CLA WC . 16.63 12.75 5.26
C2A CLA WC . 16.46 12.55 3.76
C3A CLA WC . 15.03 13.03 3.47
C4A CLA WC . 14.47 13.29 4.87
CMA CLA WC . 15.03 14.27 2.62
CAA CLA WC . 16.56 11.07 3.44
CBA CLA WC . 16.92 10.82 1.99
CGA CLA WC . 18.40 11.02 1.83
O1A CLA WC . 19.30 10.64 2.56
O2A CLA WC . 18.73 11.72 0.70
NB CLA WC . 13.13 14.10 7.44
C1B CLA WC . 12.53 14.02 6.22
C2B CLA WC . 11.08 14.33 6.35
C3B CLA WC . 10.84 14.59 7.67
C4B CLA WC . 12.14 14.43 8.39
CMB CLA WC . 10.18 14.33 5.18
CAB CLA WC . 9.62 14.92 8.37
CBB CLA WC . 8.59 15.61 7.87
NC CLA WC . 14.76 13.97 9.87
C1C CLA WC . 13.56 14.36 10.43
C2C CLA WC . 13.73 14.55 11.86
C3C CLA WC . 15.07 14.28 12.16
C4C CLA WC . 15.71 13.92 10.89
CMC CLA WC . 12.67 14.95 12.78
CAC CLA WC . 15.72 14.34 13.47
CBC CLA WC . 16.42 15.66 13.69
ND CLA WC . 16.91 13.04 8.35
C1D CLA WC . 17.64 13.15 9.57
C2D CLA WC . 19.05 12.78 9.33
C3D CLA WC . 19.15 12.52 7.98
C4D CLA WC . 17.81 12.74 7.41
CMD CLA WC . 20.09 12.72 10.36
CAD CLA WC . 20.03 12.14 6.90
OBD CLA WC . 21.22 11.80 6.93
CBD CLA WC . 19.21 12.24 5.57
CGD CLA WC . 19.85 13.26 4.67
O1D CLA WC . 21.05 13.44 4.51
O2D CLA WC . 18.99 14.06 3.98
CED CLA WC . 19.35 14.37 2.63
C1 CLA WC . 20.06 11.48 0.21
C2 CLA WC . 20.52 12.74 -0.43
C3 CLA WC . 21.69 12.80 -1.09
C4 CLA WC . 22.56 11.62 -1.22
C5 CLA WC . 22.14 14.06 -1.73
C6 CLA WC . 21.01 14.83 -2.39
C7 CLA WC . 20.68 14.23 -3.74
C8 CLA WC . 19.78 15.14 -4.58
C9 CLA WC . 20.18 16.59 -4.44
C10 CLA WC . 18.32 14.96 -4.18
MG CLA XC . 7.69 12.83 13.59
CHA CLA XC . 9.87 12.73 16.28
CHB CLA XC . 5.16 13.76 15.67
CHC CLA XC . 5.58 13.02 10.88
CHD CLA XC . 10.30 11.72 11.48
NA CLA XC . 7.57 13.18 15.64
C1A CLA XC . 8.60 13.09 16.59
C2A CLA XC . 8.07 13.42 17.99
C3A CLA XC . 6.54 13.58 17.77
C4A CLA XC . 6.40 13.52 16.26
CMA CLA XC . 5.77 12.45 18.40
CAA CLA XC . 8.70 14.68 18.54
CBA CLA XC . 7.94 15.94 18.15
CGA CLA XC . 8.80 17.13 18.48
O1A CLA XC . 9.57 17.28 19.42
O2A CLA XC . 8.66 18.16 17.60
NB CLA XC . 5.73 13.25 13.34
C1B CLA XC . 4.90 13.71 14.30
C2B CLA XC . 3.60 14.14 13.69
C3B CLA XC . 3.71 13.93 12.34
C4B CLA XC . 5.07 13.37 12.09
CMB CLA XC . 2.50 14.67 14.50
CAB CLA XC . 2.79 14.17 11.26
CBB CLA XC . 1.46 14.19 11.34
NC CLA XC . 7.92 12.44 11.55
C1C CLA XC . 6.92 12.58 10.62
C2C CLA XC . 7.42 12.21 9.30
C3C CLA XC . 8.75 11.84 9.47
C4C CLA XC . 9.06 11.98 10.89
CMC CLA XC . 6.64 12.26 8.06
CAC CLA XC . 9.69 11.39 8.43
CBC CLA XC . 9.51 9.91 8.10
ND CLA XC . 9.66 12.39 13.75
C1D CLA XC . 10.61 11.90 12.81
C2D CLA XC . 11.89 11.68 13.51
C3D CLA XC . 11.68 12.02 14.83
C4D CLA XC . 10.26 12.42 14.94
CMD CLA XC . 13.12 11.21 12.86
CAD CLA XC . 12.26 12.13 16.16
OBD CLA XC . 13.42 11.97 16.52
CBD CLA XC . 11.10 12.52 17.13
CGD CLA XC . 10.85 11.47 18.17
O1D CLA XC . 10.04 10.54 18.13
O2D CLA XC . 11.64 11.58 19.28
CED CLA XC . 11.35 10.71 20.38
C1 CLA XC . 7.40 18.87 17.60
C2 CLA XC . 7.69 20.28 17.94
C3 CLA XC . 7.25 21.32 17.21
C4 CLA XC . 7.57 22.72 17.58
C5 CLA XC . 6.41 21.11 16.00
C6 CLA XC . 6.83 21.97 14.82
C7 CLA XC . 8.15 21.52 14.23
C8 CLA XC . 8.34 21.95 12.78
C9 CLA XC . 9.80 22.31 12.53
C10 CLA XC . 7.44 23.11 12.39
MG CLA YC . -1.97 7.07 16.27
CHA CLA YC . -5.39 7.02 16.12
CHB CLA YC . -1.94 9.89 14.40
CHC CLA YC . 1.43 7.11 16.49
CHD CLA YC . -2.05 4.10 18.16
NA CLA YC . -3.45 8.24 15.41
C1A CLA YC . -4.81 8.04 15.47
C2A CLA YC . -5.53 9.13 14.74
C3A CLA YC . -4.43 9.90 14.04
C4A CLA YC . -3.17 9.34 14.67
CMA CLA YC . -4.47 9.64 12.57
CAA CLA YC . -6.10 10.02 15.79
CBA CLA YC . -6.66 11.26 15.16
CGA CLA YC . -8.11 10.98 15.10
O1A CLA YC . -8.83 10.65 16.04
O2A CLA YC . -8.67 11.04 13.86
NB CLA YC . -0.53 8.31 15.63
C1B CLA YC . -0.73 9.42 14.89
C2B CLA YC . 0.57 10.06 14.61
C3B CLA YC . 1.53 9.29 15.20
C4B CLA YC . 0.85 8.15 15.84
CMB CLA YC . 0.67 11.27 13.81
CAB CLA YC . 2.95 9.42 15.20
CBB CLA YC . 3.59 10.58 15.04
NC CLA YC . -0.57 5.80 17.12
C1C CLA YC . 0.78 5.99 17.07
C2C CLA YC . 1.44 4.89 17.73
C3C CLA YC . 0.44 4.07 18.23
C4C CLA YC . -0.81 4.65 17.85
CMC CLA YC . 2.88 4.73 17.83
CAC CLA YC . 0.58 2.81 18.96
CBC CLA YC . 0.28 1.65 18.04
ND CLA YC . -3.34 5.76 16.93
C1D CLA YC . -3.25 4.62 17.76
C2D CLA YC . -4.59 4.12 18.02
C3D CLA YC . -5.45 4.97 17.39
C4D CLA YC . -4.62 6.00 16.75
CMD CLA YC . -4.89 2.94 18.81
CAD CLA YC . -6.81 5.31 17.08
OBD CLA YC . -7.82 4.67 17.30
CBD CLA YC . -6.83 6.63 16.32
CGD CLA YC . -7.51 6.43 15.01
O1D CLA YC . -8.10 7.24 14.32
O2D CLA YC . -7.46 5.17 14.56
CED CLA YC . -7.68 5.02 13.17
C1 CLA YC . -8.31 12.16 13.04
C2 CLA YC . -9.45 13.08 12.92
C3 CLA YC . -10.75 12.78 12.82
C4 CLA YC . -11.29 11.42 12.79
C5 CLA YC . -11.68 13.91 12.71
C6 CLA YC . -10.86 15.17 12.66
C7 CLA YC . -11.72 16.40 12.61
C8 CLA YC . -10.86 17.61 12.32
C9 CLA YC . -9.92 17.85 13.48
C10 CLA YC . -11.70 18.85 12.06
C11 CLA YC . -12.81 19.06 13.06
C12 CLA YC . -13.74 20.13 12.54
C13 CLA YC . -14.94 20.29 13.45
C14 CLA YC . -15.80 21.45 13.01
C15 CLA YC . -14.48 20.51 14.87
C16 CLA YC . -15.60 21.03 15.73
C17 CLA YC . -15.08 22.11 16.62
C18 CLA YC . -15.89 22.25 17.89
C19 CLA YC . -15.18 21.60 19.05
C20 CLA YC . -17.23 21.59 17.69
MG CLA ZC . -2.77 11.42 8.43
CHA CLA ZC . 0.64 10.98 8.92
CHB CLA ZC . -3.34 8.26 9.57
CHC CLA ZC . -6.13 11.96 8.04
CHD CLA ZC . -2.11 14.67 7.21
NA CLA ZC . -1.53 9.89 9.12
C1A CLA ZC . -0.14 9.90 9.27
C2A CLA ZC . 0.36 8.56 9.81
C3A CLA ZC . -0.91 7.69 9.86
C4A CLA ZC . -2.03 8.67 9.51
CMA CLA ZC . -0.84 6.57 8.86
CAA CLA ZC . 0.95 8.72 11.21
CBA CLA ZC . 2.42 8.37 11.25
CGA CLA ZC . 2.62 6.89 11.33
O1A CLA ZC . 3.04 6.21 12.27
O2A CLA ZC . 2.26 6.24 10.17
NB CLA ZC . -4.42 10.34 8.79
C1B CLA ZC . -4.45 9.05 9.22
C2B CLA ZC . -5.87 8.56 9.26
C3B CLA ZC . -6.64 9.61 8.83
C4B CLA ZC . -5.75 10.75 8.52
CMB CLA ZC . -6.22 7.20 9.67
CAB CLA ZC . -8.07 9.68 8.65
CBB CLA ZC . -8.87 10.57 9.23
NC CLA ZC . -3.90 13.03 7.74
C1C CLA ZC . -5.27 13.03 7.67
C2C CLA ZC . -5.74 14.31 7.14
C3C CLA ZC . -4.60 15.08 6.91
C4C CLA ZC . -3.45 14.26 7.28
CMC CLA ZC . -7.14 14.67 6.92
CAC CLA ZC . -4.55 16.45 6.37
CBC CLA ZC . -4.23 16.45 4.89
ND CLA ZC . -1.16 12.57 8.05
C1D CLA ZC . -1.03 13.90 7.56
C2D CLA ZC . 0.40 14.26 7.51
C3D CLA ZC . 1.09 13.18 8.02
C4D CLA ZC . 0.07 12.17 8.35
CMD CLA ZC . 0.92 15.54 7.02
CAD CLA ZC . 2.39 12.62 8.35
OBD CLA ZC . 3.51 13.09 8.18
CBD CLA ZC . 2.13 11.20 8.97
CGD CLA ZC . 2.89 10.13 8.24
O1D CLA ZC . 3.98 9.63 8.53
O2D CLA ZC . 2.25 9.68 7.12
CED CLA ZC . 3.06 9.14 6.08
C1 CLA ZC . 3.34 5.73 9.37
C2 CLA ZC . 2.77 5.42 8.03
C3 CLA ZC . 2.83 4.22 7.46
C4 CLA ZC . 3.50 3.08 8.13
C5 CLA ZC . 2.25 3.95 6.11
C6 CLA ZC . 2.02 5.24 5.33
C7 CLA ZC . 0.55 5.62 5.30
C8 CLA ZC . -0.03 5.62 3.89
C9 CLA ZC . 0.99 6.15 2.90
C10 CLA ZC . -1.28 6.47 3.83
C11 CLA ZC . -2.53 5.66 4.10
C12 CLA ZC . -3.78 6.51 4.07
C13 CLA ZC . -3.89 7.37 5.33
C14 CLA ZC . -5.14 7.00 6.10
C15 CLA ZC . -3.90 8.86 4.99
C16 CLA ZC . -2.59 9.51 5.36
C17 CLA ZC . -2.55 10.96 4.94
C18 CLA ZC . -1.34 11.27 4.08
C19 CLA ZC . -0.08 10.66 4.65
C20 CLA ZC . -1.16 12.76 3.92
MG CLA AD . -1.46 28.33 0.89
CHA CLA AD . -0.49 30.26 -1.83
CHB CLA AD . -0.76 25.50 -0.86
CHC CLA AD . -2.36 26.48 3.64
CHD CLA AD . -2.22 31.31 2.65
NA CLA AD . -0.73 27.97 -1.03
C1A CLA AD . -0.37 28.90 -2.01
C2A CLA AD . 0.13 28.21 -3.28
C3A CLA AD . -0.02 26.70 -2.95
C4A CLA AD . -0.53 26.70 -1.51
CMA CLA AD . -0.97 26.01 -3.90
CAA CLA AD . 1.59 28.53 -3.51
CBA CLA AD . 2.43 28.18 -2.29
CGA CLA AD . 3.85 28.61 -2.48
O1A CLA AD . 4.48 28.74 -3.52
O2A CLA AD . 4.48 28.88 -1.30
NB CLA AD . -1.49 26.37 1.33
C1B CLA AD . -1.23 25.36 0.45
C2B CLA AD . -1.53 24.05 1.09
C3B CLA AD . -2.00 24.31 2.36
C4B CLA AD . -1.97 25.80 2.52
CMB CLA AD . -1.36 22.78 0.38
CAB CLA AD . -2.43 23.40 3.38
CBB CLA AD . -1.84 23.26 4.57
NC CLA AD . -2.16 28.82 2.80
C1C CLA AD . -2.46 27.89 3.77
C2C CLA AD . -2.90 28.59 4.99
C3C CLA AD . -2.88 29.95 4.70
C4C CLA AD . -2.42 30.09 3.32
CMC CLA AD . -3.29 27.93 6.23
CAC CLA AD . -3.23 31.05 5.61
CBC CLA AD . -2.00 31.71 6.19
ND CLA AD . -1.44 30.33 0.55
C1D CLA AD . -1.77 31.45 1.36
C2D CLA AD . -1.53 32.69 0.59
C3D CLA AD . -1.05 32.29 -0.64
C4D CLA AD . -1.00 30.82 -0.61
CMD CLA AD . -1.79 34.04 1.09
CAD CLA AD . -0.58 32.72 -1.94
OBD CLA AD . -0.49 33.85 -2.41
CBD CLA AD . -0.19 31.42 -2.73
CGD CLA AD . -0.93 31.32 -4.04
O1D CLA AD . -1.77 30.48 -4.36
O2D CLA AD . -0.59 32.28 -4.93
CED CLA AD . -1.52 32.56 -5.97
C1 CLA AD . 5.92 28.83 -1.31
C2 CLA AD . 6.35 28.79 0.11
C3 CLA AD . 7.65 28.77 0.48
C4 CLA AD . 8.75 28.78 -0.51
C5 CLA AD . 8.03 28.73 1.92
C6 CLA AD . 9.00 27.61 2.24
MG CLA BD . -3.58 20.80 -6.20
CHA CLA BD . -6.47 20.65 -4.29
CHB CLA BD . -1.93 22.23 -3.58
CHC CLA BD . -0.68 20.68 -8.03
CHD CLA BD . -5.35 19.34 -8.90
NA CLA BD . -4.14 21.36 -4.27
C1A CLA BD . -5.38 21.18 -3.66
C2A CLA BD . -5.35 21.71 -2.23
C3A CLA BD . -3.98 22.40 -2.13
C4A CLA BD . -3.27 21.96 -3.41
CMA CLA BD . -4.12 23.90 -2.06
CAA CLA BD . -5.41 20.49 -1.32
CBA CLA BD . -4.07 20.13 -0.69
CGA CLA BD . -3.96 18.64 -0.64
O1A CLA BD . -4.40 17.83 -1.44
O2A CLA BD . -3.28 18.18 0.46
NB CLA BD . -1.67 21.34 -5.87
C1B CLA BD . -1.19 21.90 -4.73
C2B CLA BD . 0.28 22.16 -4.87
C3B CLA BD . 0.64 21.71 -6.13
C4B CLA BD . -0.60 21.20 -6.78
CMB CLA BD . 1.06 22.76 -3.80
CAB CLA BD . 1.90 21.70 -6.82
CBB CLA BD . 3.04 22.31 -6.46
NC CLA BD . -3.11 20.16 -8.14
C1C CLA BD . -1.86 20.22 -8.69
C2C CLA BD . -1.90 19.67 -10.04
C3C CLA BD . -3.22 19.30 -10.29
C4C CLA BD . -3.98 19.60 -9.08
CMC CLA BD . -0.74 19.57 -10.94
CAC CLA BD . -3.76 18.69 -11.52
CBC CLA BD . -4.39 19.73 -12.42
ND CLA BD . -5.47 20.20 -6.61
C1D CLA BD . -6.06 19.61 -7.75
C2D CLA BD . -7.49 19.34 -7.47
C3D CLA BD . -7.70 19.71 -6.16
C4D CLA BD . -6.41 20.23 -5.67
CMD CLA BD . -8.43 18.76 -8.43
CAD CLA BD . -8.66 19.84 -5.07
OBD CLA BD . -9.86 19.58 -5.06
CBD CLA BD . -7.89 20.39 -3.83
CGD CLA BD . -8.57 21.60 -3.25
O1D CLA BD . -9.62 21.62 -2.59
O2D CLA BD . -7.95 22.78 -3.50
CED CLA BD . -8.54 23.96 -2.94
C1 CLA BD . -2.05 17.46 0.24
C2 CLA BD . -2.35 16.08 -0.20
C3 CLA BD . -1.43 15.11 -0.27
C4 CLA BD . -0.01 15.34 0.09
C5 CLA BD . -1.79 13.74 -0.72
C6 CLA BD . -1.10 13.33 -2.01
C7 CLA BD . -1.55 11.95 -2.44
C8 CLA BD . -2.16 11.97 -3.84
C9 CLA BD . -3.68 11.99 -3.75
C10 CLA BD . -1.70 10.77 -4.66
C11 CLA BD . -2.16 10.88 -6.10
C12 CLA BD . -1.00 10.87 -7.06
C13 CLA BD . -0.42 12.26 -7.26
C14 CLA BD . -1.33 13.09 -8.15
C15 CLA BD . 0.99 12.24 -7.83
C16 CLA BD . 1.39 10.88 -8.37
C17 CLA BD . 2.10 10.97 -9.70
C18 CLA BD . 3.45 11.66 -9.57
C19 CLA BD . 4.50 10.70 -9.08
C20 CLA BD . 3.87 12.27 -10.89
MG CLA CD . 4.90 24.16 -11.03
CHA CLA CD . 3.11 25.87 -8.60
CHB CLA CD . 7.66 26.00 -10.29
CHC CLA CD . 6.61 22.47 -13.50
CHD CLA CD . 1.97 22.37 -11.87
NA CLA CD . 5.31 25.66 -9.63
C1A CLA CD . 4.43 26.24 -8.69
C2A CLA CD . 5.15 27.31 -7.88
C3A CLA CD . 6.60 27.28 -8.40
C4A CLA CD . 6.54 26.24 -9.52
CMA CLA CD . 7.03 28.63 -8.91
CAA CLA CD . 5.12 27.05 -6.38
CBA CLA CD . 5.37 25.60 -6.02
CGA CLA CD . 4.45 25.23 -4.89
O1A CLA CD . 3.24 25.01 -4.93
O2A CLA CD . 5.08 25.13 -3.68
NB CLA CD . 6.81 24.17 -11.70
C1B CLA CD . 7.75 25.08 -11.36
C2B CLA CD . 8.90 24.99 -12.29
C3B CLA CD . 8.60 24.01 -13.20
C4B CLA CD . 7.27 23.46 -12.83
CMB CLA CD . 10.08 25.85 -12.19
CAB CLA CD . 9.36 23.50 -14.32
CBB CLA CD . 10.62 23.07 -14.26
NC CLA CD . 4.38 22.67 -12.39
C1C CLA CD . 5.25 22.09 -13.28
C2C CLA CD . 4.57 21.05 -14.04
C3C CLA CD . 3.24 21.05 -13.62
C4C CLA CD . 3.13 22.07 -12.57
CMC CLA CD . 5.19 20.21 -15.07
CAC CLA CD . 2.16 20.17 -14.09
CBC CLA CD . 2.10 18.88 -13.29
ND CLA CD . 2.98 24.09 -10.42
C1D CLA CD . 1.87 23.32 -10.87
C2D CLA CD . 0.67 23.71 -10.09
C3D CLA CD . 1.09 24.67 -9.19
C4D CLA CD . 2.54 24.86 -9.44
CMD CLA CD . -0.66 23.16 -10.29
CAD CLA CD . 0.71 25.57 -8.12
OBD CLA CD . -0.39 25.72 -7.58
CBD CLA CD . 1.98 26.36 -7.71
CGD CLA CD . 1.76 27.84 -7.82
O1D CLA CD . 2.15 28.60 -8.73
O2D CLA CD . 1.03 28.38 -6.80
CED CLA CD . 0.29 29.56 -7.06
C1 CLA CD . 4.31 24.49 -2.65
C2 CLA CD . 4.49 25.26 -1.40
C3 CLA CD . 3.67 25.09 -0.34
C4 CLA CD . 2.55 24.13 -0.35
C5 CLA CD . 3.86 25.89 0.91
C6 CLA CD . 4.13 25.00 2.12
C7 CLA CD . 5.57 25.14 2.57
C8 CLA CD . 5.69 25.13 4.09
C9 CLA CD . 7.14 25.23 4.50
C10 CLA CD . 5.05 23.87 4.68
C11 CLA CD . 5.32 23.74 6.16
C12 CLA CD . 4.30 22.85 6.85
C13 CLA CD . 4.76 22.49 8.25
C14 CLA CD . 5.84 21.44 8.22
C15 CLA CD . 3.60 22.04 9.11
C16 CLA CD . 3.30 23.04 10.22
C17 CLA CD . 3.51 22.45 11.60
C18 CLA CD . 2.40 21.51 11.99
C19 CLA CD . 1.21 22.27 12.56
C20 CLA CD . 2.89 20.49 13.00
MG CLA DD . -6.62 19.08 28.26
CHA CLA DD . -5.94 19.45 31.64
CHB CLA DD . -7.68 15.89 28.82
CHC CLA DD . -7.46 18.84 24.94
CHD CLA DD . -5.41 22.36 27.70
NA CLA DD . -6.75 17.88 29.97
C1A CLA DD . -6.44 18.22 31.29
C2A CLA DD . -6.70 17.06 32.23
C3A CLA DD . -7.10 15.90 31.29
C4A CLA DD . -7.21 16.59 29.92
CMA CLA DD . -6.06 14.81 31.28
CAA CLA DD . -7.85 17.37 33.16
CBA CLA DD . -9.01 18.00 32.42
CGA CLA DD . -10.29 17.81 33.17
O1A CLA DD . -10.49 17.23 34.24
O2A CLA DD . -11.37 18.37 32.53
NB CLA DD . -7.43 17.64 27.11
C1B CLA DD . -7.81 16.40 27.52
C2B CLA DD . -8.37 15.64 26.38
C3B CLA DD . -8.31 16.46 25.28
C4B CLA DD . -7.71 17.75 25.73
CMB CLA DD . -8.86 14.27 26.51
CAB CLA DD . -8.71 16.23 23.91
CBB CLA DD . -8.55 15.11 23.22
NC CLA DD . -6.44 20.37 26.62
C1C CLA DD . -6.87 20.06 25.35
C2C CLA DD . -6.63 21.19 24.46
C3C CLA DD . -6.02 22.19 25.24
C4C CLA DD . -5.91 21.66 26.60
CMC CLA DD . -6.97 21.22 23.04
CAC CLA DD . -5.59 23.52 24.80
CBC CLA DD . -6.59 24.60 25.15
ND CLA DD . -5.80 20.57 29.35
C1D CLA DD . -5.35 21.88 28.99
C2D CLA DD . -4.86 22.56 30.21
C3D CLA DD . -5.09 21.68 31.26
C4D CLA DD . -5.66 20.47 30.66
CMD CLA DD . -4.30 23.91 30.24
CAD CLA DD . -4.94 21.45 32.69
OBD CLA DD . -4.49 22.18 33.56
CBD CLA DD . -5.51 20.02 32.97
CGD CLA DD . -4.51 19.14 33.67
O1D CLA DD . -3.30 19.05 33.45
O2D CLA DD . -5.04 18.35 34.64
CED CLA DD . -4.49 18.46 35.95
C1 CLA DD . -11.80 19.66 33.01
C2 CLA DD . -12.52 20.32 31.89
C3 CLA DD . -12.87 21.62 31.93
C4 CLA DD . -12.56 22.48 33.10
C5 CLA DD . -13.60 22.24 30.81
C6 CLA DD . -12.84 23.43 30.22
C7 CLA DD . -13.33 23.77 28.83
C8 CLA DD . -12.35 24.67 28.09
C9 CLA DD . -12.12 25.95 28.85
C10 CLA DD . -12.84 24.96 26.68
C11 CLA DD . -11.83 24.56 25.63
MG CLA ED . 8.53 17.85 22.08
CHA CLA ED . 10.05 14.78 22.63
CHB CLA ED . 11.49 19.42 22.74
CHC CLA ED . 7.07 20.84 21.24
CHD CLA ED . 5.49 16.18 21.44
NA CLA ED . 10.43 17.18 22.62
C1A CLA ED . 10.87 15.87 22.77
C2A CLA ED . 12.34 15.81 23.14
C3A CLA ED . 12.71 17.30 23.37
C4A CLA ED . 11.47 18.04 22.86
CMA CLA ED . 13.00 17.57 24.82
CAA CLA ED . 13.10 15.28 21.93
CBA CLA ED . 12.56 15.87 20.64
CGA CLA ED . 13.32 15.42 19.42
O1A CLA ED . 14.50 15.10 19.32
O2A CLA ED . 12.54 15.39 18.30
NB CLA ED . 9.15 19.76 22.03
C1B CLA ED . 10.41 20.21 22.30
C2B CLA ED . 10.50 21.67 22.08
C3B CLA ED . 9.25 22.08 21.65
C4B CLA ED . 8.38 20.87 21.62
CMB CLA ED . 11.73 22.44 22.28
CAB CLA ED . 8.75 23.38 21.28
CBB CLA ED . 9.41 24.31 20.58
NC CLA ED . 6.62 18.40 21.47
C1C CLA ED . 6.25 19.69 21.17
C2C CLA ED . 4.85 19.71 20.73
C3C CLA ED . 4.40 18.39 20.80
C4C CLA ED . 5.51 17.58 21.27
CMC CLA ED . 4.13 20.89 20.29
CAC CLA ED . 3.06 17.89 20.43
CBC CLA ED . 3.03 17.38 19.01
ND CLA ED . 7.84 15.95 22.07
C1D CLA ED . 6.56 15.40 21.81
C2D CLA ED . 6.62 13.93 21.98
C3D CLA ED . 7.94 13.64 22.26
C4D CLA ED . 8.65 14.93 22.31
CMD CLA ED . 5.50 13.02 21.84
CAD CLA ED . 8.91 12.59 22.57
OBD CLA ED . 8.75 11.38 22.63
CBD CLA ED . 10.28 13.30 22.81
CGD CLA ED . 10.85 12.97 24.16
O1D CLA ED . 11.16 13.74 25.07
O2D CLA ED . 11.02 11.62 24.37
CED CLA ED . 12.35 11.12 24.38
C1 CLA ED . 12.51 16.55 17.45
C2 CLA ED . 11.53 16.25 16.38
C3 CLA ED . 11.16 17.11 15.40
C4 CLA ED . 11.73 18.47 15.28
C5 CLA ED . 10.17 16.70 14.38
C6 CLA ED . 8.92 17.56 14.31
C7 CLA ED . 7.78 16.72 13.79
C8 CLA ED . 6.65 17.57 13.24
C9 CLA ED . 5.52 17.68 14.24
C10 CLA ED . 6.13 16.98 11.92
C11 CLA ED . 5.38 18.01 11.11
C12 CLA ED . 5.65 17.85 9.63
C13 CLA ED . 4.38 18.06 8.81
C14 CLA ED . 3.32 17.08 9.24
C15 CLA ED . 4.66 17.92 7.32
C16 CLA ED . 5.14 16.53 6.97
C17 CLA ED . 5.52 16.41 5.51
MG CLA FD . -16.31 14.49 32.07
CHA CLA FD . -13.34 13.09 33.20
CHB CLA FD . -18.05 12.51 34.23
CHC CLA FD . -19.21 15.94 30.96
CHD CLA FD . -14.46 16.45 29.79
NA CLA FD . -15.76 13.06 33.49
C1A CLA FD . -14.47 12.62 33.82
C2A CLA FD . -14.51 11.56 34.92
C3A CLA FD . -16.02 11.34 35.16
C4A CLA FD . -16.67 12.38 34.25
CMA CLA FD . -16.44 9.93 34.81
CAA CLA FD . -13.84 12.11 36.18
CBA CLA FD . -14.44 13.43 36.63
CGA CLA FD . -13.68 14.60 36.11
O1A CLA FD . -12.56 14.99 36.41
O2A CLA FD . -14.38 15.30 35.15
NB CLA FD . -18.27 14.26 32.50
C1B CLA FD . -18.77 13.42 33.43
C2B CLA FD . -20.26 13.58 33.51
C3B CLA FD . -20.59 14.55 32.59
C4B CLA FD . -19.34 15.00 31.94
CMB CLA FD . -21.09 12.82 34.44
CAB CLA FD . -21.90 15.08 32.27
CBB CLA FD . -22.24 16.37 32.27
NC CLA FD . -16.75 15.93 30.63
C1C CLA FD . -18.01 16.38 30.34
C2C CLA FD . -17.95 17.40 29.30
C3C CLA FD . -16.60 17.54 28.96
C4C CLA FD . -15.86 16.62 29.80
CMC CLA FD . -19.10 18.10 28.75
CAC CLA FD . -16.04 18.45 27.95
CBC CLA FD . -15.40 19.67 28.57
ND CLA FD . -14.37 14.78 31.58
C1D CLA FD . -13.75 15.60 30.60
C2D CLA FD . -12.28 15.37 30.64
C3D CLA FD . -12.07 14.43 31.64
C4D CLA FD . -13.40 14.08 32.17
CMD CLA FD . -11.31 16.05 29.80
CAD CLA FD . -11.09 13.62 32.35
OBD CLA FD . -9.86 13.60 32.24
CBD CLA FD . -11.88 12.73 33.36
CGD CLA FD . -11.64 11.25 33.13
O1D CLA FD . -12.39 10.47 32.54
O2D CLA FD . -10.48 10.79 33.65
CED CLA FD . -10.36 9.38 33.85
C1 CLA FD . -14.07 16.69 34.96
C2 CLA FD . -15.11 17.21 34.03
C3 CLA FD . -15.55 18.48 34.06
C4 CLA FD . -15.03 19.47 35.03
C5 CLA FD . -16.60 18.94 33.10
C6 CLA FD . -16.47 20.40 32.69
C7 CLA FD . -17.56 20.78 31.72
C8 CLA FD . -17.69 22.29 31.59
C9 CLA FD . -18.15 22.66 30.18
MG CLA GD . -11.08 12.44 24.28
CHA CLA GD . -8.89 11.71 21.70
CHB CLA GD . -12.90 14.41 22.18
CHC CLA GD . -13.30 13.03 26.83
CHD CLA GD . -9.16 10.37 26.42
NA CLA GD . -10.88 12.97 22.27
C1A CLA GD . -9.92 12.54 21.36
C2A CLA GD . -10.15 13.16 19.99
C3A CLA GD . -11.36 14.09 20.21
C4A CLA GD . -11.77 13.81 21.65
CMA CLA GD . -10.96 15.53 20.03
CAA CLA GD . -10.49 12.09 18.96
CBA CLA GD . -10.14 12.56 17.57
CGA CLA GD . -11.38 12.97 16.84
O1A CLA GD . -12.44 12.36 16.72
O2A CLA GD . -11.26 14.21 16.24
NB CLA GD . -12.79 13.49 24.46
C1B CLA GD . -13.35 14.25 23.49
C2B CLA GD . -14.56 14.94 24.03
C3B CLA GD . -14.69 14.55 25.34
C4B CLA GD . -13.56 13.63 25.64
CMB CLA GD . -15.38 15.84 23.22
CAB CLA GD . -15.66 14.92 26.34
CBB CLA GD . -16.97 15.05 26.14
NC CLA GD . -11.19 11.81 26.27
C1C CLA GD . -12.20 12.17 27.13
C2C CLA GD . -11.98 11.55 28.43
C3C CLA GD . -10.80 10.80 28.32
C4C CLA GD . -10.33 10.97 26.96
CMC CLA GD . -12.84 11.71 29.60
CAC CLA GD . -10.19 9.99 29.39
CBC CLA GD . -10.53 8.52 29.29
ND CLA GD . -9.38 11.34 24.18
C1D CLA GD . -8.70 10.55 25.14
C2D CLA GD . -7.49 9.97 24.50
C3D CLA GD . -7.52 10.38 23.18
C4D CLA GD . -8.72 11.21 23.04
CMD CLA GD . -6.48 9.13 25.16
CAD CLA GD . -6.84 10.35 21.90
OBD CLA GD . -5.78 9.81 21.59
CBD CLA GD . -7.72 11.17 20.90
CGD CLA GD . -6.94 12.27 20.24
O1D CLA GD . -7.04 12.67 19.07
O2D CLA GD . -6.05 12.87 21.07
CED CLA GD . -5.83 14.28 20.89
C1 CLA GD . -12.34 15.13 16.46
C2 CLA GD . -11.72 16.44 16.73
C3 CLA GD . -12.44 17.55 16.97
C4 CLA GD . -13.92 17.54 16.98
C5 CLA GD . -11.76 18.85 17.24
C6 CLA GD . -12.33 19.61 18.42
C7 CLA GD . -12.12 18.88 19.73
C8 CLA GD . -11.62 19.80 20.83
C9 CLA GD . -10.14 19.59 21.07
C10 CLA GD . -12.41 19.58 22.12
C11 CLA GD . -11.80 18.53 23.02
C12 CLA GD . -12.56 18.39 24.32
C13 CLA GD . -11.63 18.35 25.52
C14 CLA GD . -11.72 17.03 26.23
C15 CLA GD . -11.92 19.49 26.48
C16 CLA GD . -10.82 19.65 27.51
C17 CLA GD . -10.30 21.08 27.54
C18 CLA GD . -9.22 21.28 28.60
C19 CLA GD . -9.57 20.59 29.89
C20 CLA GD . -8.99 22.75 28.84
MG CLA HD . -22.13 27.36 13.52
CHA CLA HD . -21.38 30.00 11.38
CHB CLA HD . -19.84 25.42 11.91
CHC CLA HD . -22.86 24.81 15.69
CHD CLA HD . -24.55 29.40 15.11
NA CLA HD . -20.84 27.69 11.90
C1A CLA HD . -20.67 28.85 11.15
C2A CLA HD . -19.63 28.66 10.05
C3A CLA HD . -19.22 27.17 10.20
C4A CLA HD . -20.01 26.71 11.43
CMA CLA HD . -19.59 26.37 8.97
CAA CLA HD . -18.43 29.57 10.24
CBA CLA HD . -17.57 29.18 11.43
CGA CLA HD . -16.62 30.29 11.74
O1A CLA HD . -16.57 31.42 11.25
O2A CLA HD . -15.73 29.97 12.71
NB CLA HD . -21.49 25.47 13.74
C1B CLA HD . -20.51 24.88 13.02
C2B CLA HD . -20.22 23.52 13.57
C3B CLA HD . -21.07 23.34 14.63
C4B CLA HD . -21.89 24.58 14.76
CMB CLA HD . -19.21 22.65 12.98
CAB CLA HD . -21.23 22.21 15.52
CBB CLA HD . -21.12 20.92 15.20
NC CLA HD . -23.47 27.14 15.09
C1C CLA HD . -23.61 26.01 15.85
C2C CLA HD . -24.64 26.20 16.86
C3C CLA HD . -25.12 27.50 16.70
C4C CLA HD . -24.38 28.09 15.59
CMC CLA HD . -25.05 25.18 17.83
CAC CLA HD . -26.17 28.17 17.49
CBC CLA HD . -27.55 27.92 16.92
ND CLA HD . -22.84 29.25 13.35
C1D CLA HD . -23.84 29.96 14.07
C2D CLA HD . -23.95 31.33 13.51
C3D CLA HD . -23.03 31.41 12.49
C4D CLA HD . -22.37 30.08 12.42
CMD CLA HD . -24.86 32.36 14.00
CAD CLA HD . -22.43 32.24 11.45
OBD CLA HD . -22.65 33.41 11.17
CBD CLA HD . -21.39 31.35 10.70
CGD CLA HD . -21.69 31.22 9.24
O1D CLA HD . -21.05 31.67 8.29
O2D CLA HD . -22.83 30.52 8.97
CED CLA HD . -23.01 30.04 7.63
MG CLA ID . -32.45 25.55 19.25
CHA CLA ID . -34.36 28.40 19.72
CHB CLA ID . -29.71 27.19 20.46
CHC CLA ID . -30.60 22.68 18.83
CHD CLA ID . -35.29 23.91 17.95
NA CLA ID . -32.12 27.49 19.97
C1A CLA ID . -33.06 28.52 20.10
C2A CLA ID . -32.41 29.78 20.67
C3A CLA ID . -30.91 29.39 20.80
C4A CLA ID . -30.89 27.91 20.40
CMA CLA ID . -30.04 30.23 19.91
CAA CLA ID . -32.99 30.08 22.04
CBA CLA ID . -32.77 28.91 22.99
CGA CLA ID . -33.76 28.92 24.11
O1A CLA ID . -34.61 29.76 24.39
O2A CLA ID . -33.65 27.81 24.90
NB CLA ID . -30.52 25.04 19.56
C1B CLA ID . -29.57 25.85 20.09
C2B CLA ID . -28.29 25.09 20.24
C3B CLA ID . -28.53 23.82 19.78
C4B CLA ID . -29.95 23.76 19.34
CMB CLA ID . -27.08 25.71 20.79
CAB CLA ID . -27.66 22.66 19.69
CBB CLA ID . -26.64 22.37 20.49
NC CLA ID . -32.88 23.65 18.52
C1C CLA ID . -31.98 22.62 18.45
C2C CLA ID . -32.62 21.44 17.90
C3C CLA ID . -33.94 21.78 17.65
C4C CLA ID . -34.11 23.17 18.04
CMC CLA ID . -31.92 20.16 17.69
CAC CLA ID . -35.00 20.91 17.10
CBC CLA ID . -35.99 20.47 18.15
ND CLA ID . -34.40 25.98 18.91
C1D CLA ID . -35.45 25.22 18.35
C2D CLA ID . -36.67 26.06 18.29
C3D CLA ID . -36.31 27.29 18.81
C4D CLA ID . -34.88 27.18 19.17
CMD CLA ID . -37.97 25.62 17.78
CAD CLA ID . -36.75 28.64 19.14
OBD CLA ID . -37.85 29.16 19.01
CBD CLA ID . -35.50 29.39 19.71
CGD CLA ID . -35.14 30.61 18.91
O1D CLA ID . -34.89 31.75 19.34
O2D CLA ID . -35.09 30.40 17.57
CED CLA ID . -34.52 31.44 16.76
C1 CLA ID . -33.59 28.03 26.33
C2 CLA ID . -32.38 27.31 26.82
C3 CLA ID . -32.43 26.37 27.78
C4 CLA ID . -33.70 25.98 28.43
C5 CLA ID . -31.19 25.68 28.23
MG CLA JD . -21.43 35.86 14.72
CHA CLA JD . -19.98 38.18 12.58
CHB CLA JD . -19.33 33.46 13.54
CHC CLA JD . -22.85 33.63 16.92
CHD CLA JD . -23.51 38.42 15.99
NA CLA JD . -19.92 35.85 13.28
C1A CLA JD . -19.45 36.91 12.50
C2A CLA JD . -18.31 36.47 11.59
C3A CLA JD . -18.18 34.95 11.87
C4A CLA JD . -19.20 34.71 12.98
CMA CLA JD . -18.45 34.12 10.65
CAA CLA JD . -17.01 37.16 11.97
CBA CLA JD . -16.91 37.34 13.47
CGA CLA JD . -15.59 36.85 13.99
O1A CLA JD . -14.59 37.50 14.30
O2A CLA JD . -15.55 35.48 14.10
NB CLA JD . -21.12 33.92 15.17
C1B CLA JD . -20.23 33.10 14.56
C2B CLA JD . -20.36 31.72 15.09
C3B CLA JD . -21.35 31.75 16.05
C4B CLA JD . -21.85 33.16 16.11
CMB CLA JD . -19.56 30.59 14.63
CAB CLA JD . -21.89 30.69 16.87
CBB CLA JD . -21.93 30.68 18.20
NC CLA JD . -22.94 36.00 16.16
C1C CLA JD . -23.37 34.96 16.94
C2C CLA JD . -24.42 35.41 17.84
C3C CLA JD . -24.59 36.77 17.60
C4C CLA JD . -23.65 37.14 16.54
CMC CLA JD . -25.12 34.56 18.81
CAC CLA JD . -25.54 37.67 18.26
CBC CLA JD . -24.86 38.61 19.23
ND CLA JD . -21.80 37.81 14.34
C1D CLA JD . -22.66 38.76 14.97
C2D CLA JD . -22.47 40.08 14.33
C3D CLA JD . -21.47 39.91 13.38
C4D CLA JD . -21.07 38.49 13.46
CMD CLA JD . -23.22 41.29 14.67
CAD CLA JD . -20.68 40.53 12.34
OBD CLA JD . -20.76 41.67 11.87
CBD CLA JD . -19.64 39.47 11.87
CGD CLA JD . -19.60 39.34 10.37
O1D CLA JD . -18.99 40.04 9.56
O2D CLA JD . -20.34 38.30 9.89
CED CLA JD . -20.11 37.89 8.54
MG CLA KD . -38.47 12.05 15.71
CHA CLA KD . -41.01 11.62 13.38
CHB CLA KD . -39.49 15.26 16.21
CHC CLA KD . -36.03 12.39 18.11
CHD CLA KD . -37.47 8.71 15.16
NA CLA KD . -39.99 13.23 14.90
C1A CLA KD . -40.95 12.86 13.95
C2A CLA KD . -41.89 14.03 13.64
C3A CLA KD . -41.32 15.19 14.49
C4A CLA KD . -40.18 14.54 15.26
CMA CLA KD . -40.86 16.36 13.65
CAA CLA KD . -43.31 13.70 14.05
CBA CLA KD . -43.57 13.96 15.52
CGA CLA KD . -43.11 12.81 16.37
O1A CLA KD . -41.99 12.60 16.83
O2A CLA KD . -44.11 11.93 16.65
NB CLA KD . -37.83 13.56 16.90
C1B CLA KD . -38.44 14.77 17.00
C2B CLA KD . -37.87 15.53 18.15
C3B CLA KD . -36.90 14.73 18.72
C4B CLA KD . -36.85 13.46 17.91
CMB CLA KD . -38.30 16.86 18.52
CAB CLA KD . -36.07 15.05 19.86
CBB CLA KD . -35.47 14.19 20.68
NC CLA KD . -36.99 10.78 16.45
C1C CLA KD . -36.09 11.13 17.42
C2C CLA KD . -35.20 10.00 17.70
C3C CLA KD . -35.62 8.95 16.89
C4C CLA KD . -36.75 9.45 16.11
CMC CLA KD . -34.11 10.02 18.67
CAC CLA KD . -35.04 7.60 16.83
CBC CLA KD . -34.30 7.32 15.54
ND CLA KD . -39.03 10.49 14.57
C1D CLA KD . -38.53 9.17 14.43
C2D CLA KD . -39.34 8.44 13.43
C3D CLA KD . -40.32 9.32 13.01
C4D CLA KD . -40.07 10.58 13.74
CMD CLA KD . -39.10 7.05 13.04
CAD CLA KD . -41.46 9.53 12.14
OBD CLA KD . -42.02 8.75 11.37
CBD CLA KD . -41.94 11.00 12.35
CGD CLA KD . -42.03 11.75 11.05
O1D CLA KD . -42.75 11.50 10.09
O2D CLA KD . -41.20 12.84 10.96
CED CLA KD . -41.64 13.94 10.16
C1 CLA KD . -45.18 12.42 17.50
C2 CLA KD . -44.55 12.81 18.78
C3 CLA KD . -44.32 11.94 19.77
C4 CLA KD . -44.69 10.50 19.66
C5 CLA KD . -43.71 12.37 21.06
C6 CLA KD . -42.61 11.44 21.53
C7 CLA KD . -42.10 11.87 22.89
C8 CLA KD . -41.08 10.90 23.47
C9 CLA KD . -41.53 9.46 23.30
C10 CLA KD . -40.84 11.19 24.95
C11 CLA KD . -39.67 10.42 25.49
MG CLA LD . -30.43 8.44 8.83
CHA CLA LD . -28.64 8.51 5.87
CHB CLA LD . -32.52 10.85 7.61
CHC CLA LD . -32.17 8.36 11.80
CHD CLA LD . -28.28 5.90 10.03
NA CLA LD . -30.53 9.50 7.03
C1A CLA LD . -29.68 9.39 5.92
C2A CLA LD . -30.12 10.34 4.80
C3A CLA LD . -31.30 11.13 5.43
C4A CLA LD . -31.49 10.45 6.79
CMA CLA LD . -30.99 12.59 5.57
CAA CLA LD . -30.58 9.57 3.58
CBA CLA LD . -31.95 10.01 3.08
CGA CLA LD . -33.01 9.10 3.60
O1A CLA LD . -34.15 8.92 3.15
O2A CLA LD . -32.63 8.40 4.70
NB CLA LD . -32.04 9.41 9.57
C1B CLA LD . -32.79 10.33 8.89
C2B CLA LD . -33.92 10.78 9.74
C3B CLA LD . -33.83 10.08 10.93
C4B CLA LD . -32.62 9.21 10.83
CMB CLA LD . -34.91 11.78 9.31
CAB CLA LD . -34.68 10.13 12.09
CBB CLA LD . -35.35 9.09 12.59
NC CLA LD . -30.23 7.34 10.59
C1C CLA LD . -31.04 7.48 11.70
C2C CLA LD . -30.60 6.57 12.74
C3C CLA LD . -29.53 5.85 12.24
C4C CLA LD . -29.30 6.34 10.88
CMC CLA LD . -31.22 6.44 14.07
CAC CLA LD . -28.76 4.79 12.93
CBC CLA LD . -27.36 5.19 13.36
ND CLA LD . -28.83 7.42 8.18
C1D CLA LD . -28.03 6.40 8.77
C2D CLA LD . -26.97 6.00 7.81
C3D CLA LD . -27.15 6.78 6.70
C4D CLA LD . -28.32 7.64 6.96
CMD CLA LD . -25.96 4.97 8.08
CAD CLA LD . -26.67 7.11 5.37
OBD CLA LD . -25.72 6.66 4.75
CBD CLA LD . -27.60 8.23 4.80
CGD CLA LD . -26.82 9.46 4.45
O1D CLA LD . -26.69 10.48 5.14
O2D CLA LD . -26.19 9.41 3.25
CED CLA LD . -25.33 10.49 2.90
C1 CLA LD . -33.71 7.85 5.51
C2 CLA LD . -33.06 7.22 6.68
C3 CLA LD . -33.34 5.96 7.07
C4 CLA LD . -34.31 5.10 6.36
C5 CLA LD . -32.67 5.37 8.26
C6 CLA LD . -33.61 5.24 9.45
C7 CLA LD . -33.03 4.31 10.50
C8 CLA LD . -33.84 4.36 11.79
C9 CLA LD . -33.17 3.52 12.85
MG CLA MD . -22.94 13.73 9.81
CHA CLA MD . -22.81 16.21 7.39
CHB CLA MD . -24.63 11.72 7.63
CHC CLA MD . -22.95 11.25 12.19
CHD CLA MD . -21.22 15.86 12.04
NA CLA MD . -23.60 13.95 7.85
C1A CLA MD . -23.44 15.06 7.01
C2A CLA MD . -24.07 14.80 5.64
C3A CLA MD . -24.80 13.46 5.83
C4A CLA MD . -24.31 12.99 7.19
CMA CLA MD . -26.31 13.63 5.79
CAA CLA MD . -22.95 14.64 4.63
CBA CLA MD . -22.64 13.19 4.29
CGA CLA MD . -21.76 12.54 5.33
O1A CLA MD . -21.31 13.03 6.36
O2A CLA MD . -21.45 11.23 5.04
NB CLA MD . -23.69 11.86 9.92
C1B CLA MD . -24.26 11.19 8.88
C2B CLA MD . -24.49 9.78 9.26
C3B CLA MD . -24.01 9.63 10.55
C4B CLA MD . -23.51 10.96 10.98
CMB CLA MD . -25.09 8.82 8.34
CAB CLA MD . -23.99 8.46 11.41
CBB CLA MD . -24.88 7.48 11.44
NC CLA MD . -22.22 13.60 11.77
C1C CLA MD . -22.35 12.49 12.56
C2C CLA MD . -21.74 12.74 13.86
C3C CLA MD . -21.24 14.04 13.83
C4C CLA MD . -21.55 14.58 12.51
CMC CLA MD . -21.69 11.77 14.96
CAC CLA MD . -20.54 14.75 14.91
CBC CLA MD . -19.06 14.44 14.90
ND CLA MD . -22.14 15.59 9.79
C1D CLA MD . -21.48 16.36 10.79
C2D CLA MD . -21.16 17.69 10.22
C3D CLA MD . -21.64 17.69 8.92
C4D CLA MD . -22.25 16.37 8.71
CMD CLA MD . -20.46 18.75 10.94
CAD CLA MD . -21.78 18.43 7.68
OBD CLA MD . -21.37 19.55 7.38
CBD CLA MD . -22.59 17.53 6.69
CGD CLA MD . -23.91 18.16 6.33
O1D CLA MD . -24.78 18.57 7.10
O2D CLA MD . -24.13 18.26 4.99
CED CLA MD . -25.49 18.46 4.56
C1 CLA MD . -22.34 10.20 5.55
C2 CLA MD . -21.67 9.49 6.66
C3 CLA MD . -21.84 8.17 6.86
C4 CLA MD . -22.69 7.37 5.95
C5 CLA MD . -21.18 7.41 7.96
C6 CLA MD . -21.14 8.10 9.31
C7 CLA MD . -20.90 7.06 10.39
C8 CLA MD . -20.63 7.65 11.77
C9 CLA MD . -19.32 8.43 11.78
C10 CLA MD . -20.59 6.56 12.83
C11 CLA MD . -21.99 6.04 13.14
C12 CLA MD . -22.00 4.54 13.35
C13 CLA MD . -23.37 4.05 13.82
C14 CLA MD . -23.32 3.71 15.29
C15 CLA MD . -23.84 2.85 13.01
C16 CLA MD . -23.81 3.13 11.52
C17 CLA MD . -23.49 1.88 10.73
C18 CLA MD . -22.80 2.17 9.40
C19 CLA MD . -22.11 3.52 9.39
C20 CLA MD . -23.77 2.07 8.25
MG CLA ND . -24.64 12.09 31.73
CHA CLA ND . -22.87 9.77 33.60
CHB CLA ND . -27.30 11.75 33.83
CHC CLA ND . -26.37 14.37 29.82
CHD CLA ND . -21.87 12.37 29.54
NA CLA ND . -25.00 10.95 33.44
C1A CLA ND . -24.13 10.05 34.07
C2A CLA ND . -24.79 9.42 35.30
C3A CLA ND . -26.22 10.03 35.29
C4A CLA ND . -26.20 10.99 34.11
CMA CLA ND . -27.28 8.98 35.12
CAA CLA ND . -24.06 9.80 36.57
CBA CLA ND . -24.60 9.07 37.78
CGA CLA ND . -25.62 9.92 38.47
O1A CLA ND . -26.61 9.58 39.13
O2A CLA ND . -25.38 11.26 38.33
NB CLA ND . -26.47 12.92 31.81
C1B CLA ND . -27.42 12.66 32.76
C2B CLA ND . -28.64 13.48 32.49
C3B CLA ND . -28.37 14.23 31.36
C4B CLA ND . -27.01 13.87 30.91
CMB CLA ND . -29.83 13.43 33.33
CAB CLA ND . -29.20 15.17 30.64
CBB CLA ND . -30.49 15.03 30.35
NC CLA ND . -24.19 13.16 30.00
C1C CLA ND . -25.05 14.05 29.38
C2C CLA ND . -24.42 14.62 28.20
C3C CLA ND . -23.15 14.06 28.12
C4C CLA ND . -23.01 13.15 29.25
CMC CLA ND . -25.05 15.59 27.30
CAC CLA ND . -22.14 14.34 27.09
CBC CLA ND . -21.01 15.19 27.62
ND CLA ND . -22.80 11.30 31.54
C1D CLA ND . -21.76 11.50 30.60
C2D CLA ND . -20.60 10.65 30.96
C3D CLA ND . -20.98 9.96 32.10
C4D CLA ND . -22.35 10.40 32.43
CMD CLA ND . -19.35 10.59 30.21
CAD CLA ND . -20.58 8.99 33.11
OBD CLA ND . -19.53 8.37 33.22
CBD CLA ND . -21.78 8.85 34.11
CGD CLA ND . -22.24 7.42 34.23
O1D CLA ND . -22.02 6.64 35.15
O2D CLA ND . -22.98 6.99 33.17
CED CLA ND . -23.22 5.58 33.06
MG CLA OD . -21.66 0.34 20.94
CHA CLA OD . -20.90 -2.64 22.54
CHB CLA OD . -18.39 0.67 20.05
CHC CLA OD . -22.50 3.15 19.15
CHD CLA OD . -25.04 -0.05 21.91
NA CLA OD . -19.94 -0.79 21.28
C1A CLA OD . -19.83 -2.02 21.95
C2A CLA OD . -18.39 -2.52 21.97
C3A CLA OD . -17.60 -1.35 21.33
C4A CLA OD . -18.70 -0.41 20.83
CMA CLA OD . -16.70 -0.67 22.33
CAA CLA OD . -18.27 -3.76 21.12
CBA CLA OD . -18.59 -3.48 19.66
CGA CLA OD . -19.38 -4.61 19.05
O1A CLA OD . -19.86 -5.60 19.59
O2A CLA OD . -19.55 -4.46 17.70
NB CLA OD . -20.64 1.66 19.82
C1B CLA OD . -19.32 1.60 19.54
C2B CLA OD . -18.95 2.70 18.60
C3B CLA OD . -20.09 3.40 18.33
C4B CLA OD . -21.19 2.76 19.11
CMB CLA OD . -17.57 2.89 18.12
CAB CLA OD . -20.30 4.55 17.49
CBB CLA OD . -19.71 4.80 16.32
NC CLA OD . -23.45 1.38 20.63
C1C CLA OD . -23.55 2.51 19.86
C2C CLA OD . -24.94 2.97 19.86
C3C CLA OD . -25.66 2.06 20.63
C4C CLA OD . -24.71 1.07 21.11
CMC CLA OD . -25.42 4.15 19.14
CAC CLA OD . -27.11 2.10 20.93
CBC CLA OD . -27.90 1.01 20.23
ND CLA OD . -22.76 -0.96 22.03
C1D CLA OD . -24.15 -1.01 22.33
C2D CLA OD . -24.40 -2.22 23.15
C3D CLA OD . -23.21 -2.89 23.25
C4D CLA OD . -22.21 -2.06 22.53
CMD CLA OD . -25.72 -2.60 23.68
CAD CLA OD . -22.50 -4.03 23.80
OBD CLA OD . -22.90 -4.95 24.50
CBD CLA OD . -21.01 -3.93 23.32
CGD CLA OD . -20.04 -4.00 24.47
O1D CLA OD . -19.76 -3.10 25.27
O2D CLA OD . -19.41 -5.19 24.58
CED CLA OD . -18.37 -5.32 25.54
C1 CLA OD . -20.04 -5.61 16.99
C2 CLA OD . -19.06 -5.90 15.91
C3 CLA OD . -19.08 -5.27 14.73
C4 CLA OD . -20.09 -4.24 14.38
C5 CLA OD . -18.07 -5.59 13.67
C6 CLA OD . -16.94 -6.46 14.18
C7 CLA OD . -15.83 -6.53 13.15
C8 CLA OD . -14.66 -7.39 13.61
C9 CLA OD . -13.42 -6.55 13.80
C10 CLA OD . -14.41 -8.49 12.57
C11 CLA OD . -13.04 -9.13 12.69
C12 CLA OD . -12.94 -10.37 11.83
C13 CLA OD . -11.55 -10.98 11.89
C14 CLA OD . -11.51 -12.28 11.10
C15 CLA OD . -11.08 -11.20 13.32
C16 CLA OD . -9.80 -12.02 13.36
C17 CLA OD . -9.33 -12.25 14.78
C18 CLA OD . -8.13 -13.17 14.83
C19 CLA OD . -7.78 -13.53 16.26
C20 CLA OD . -6.94 -12.53 14.14
MG CLA PD . -27.80 -2.37 30.11
CHA CLA PD . -27.62 -2.42 33.58
CHB CLA PD . -28.52 -5.70 30.10
CHC CLA PD . -27.96 -2.26 26.69
CHD CLA PD . -27.03 1.08 30.18
NA CLA PD . -28.06 -3.81 31.62
C1A CLA PD . -27.95 -3.63 33.01
C2A CLA PD . -28.21 -4.95 33.74
C3A CLA PD . -28.50 -5.95 32.61
C4A CLA PD . -28.36 -5.11 31.34
CMA CLA PD . -27.53 -7.11 32.63
CAA CLA PD . -29.40 -4.82 34.68
CBA CLA PD . -30.67 -5.44 34.10
CGA CLA PD . -31.85 -5.02 34.91
O1A CLA PD . -31.88 -4.45 36.01
O2A CLA PD . -33.04 -5.33 34.30
NB CLA PD . -28.22 -3.71 28.67
C1B CLA PD . -28.41 -5.04 28.86
C2B CLA PD . -28.43 -5.74 27.54
C3B CLA PD . -28.28 -4.77 26.57
C4B CLA PD . -28.14 -3.47 27.28
CMB CLA PD . -28.62 -7.20 27.44
CAB CLA PD . -28.23 -4.85 25.12
CBB CLA PD . -28.21 -5.93 24.36
NC CLA PD . -27.56 -0.86 28.69
C1C CLA PD . -27.69 -1.03 27.35
C2C CLA PD . -27.49 0.24 26.65
C3C CLA PD . -27.20 1.19 27.65
C4C CLA PD . -27.25 0.48 28.93
CMC CLA PD . -27.56 0.43 25.21
CAC CLA PD . -26.94 2.62 27.46
CBC CLA PD . -28.16 3.43 27.84
ND CLA PD . -27.39 -0.96 31.49
C1D CLA PD . -27.09 0.42 31.39
C2D CLA PD . -26.85 0.98 32.74
C3D CLA PD . -27.03 -0.08 33.62
C4D CLA PD . -27.37 -1.25 32.79
CMD CLA PD . -26.51 2.37 33.02
CAD CLA PD . -27.01 -0.51 35.01
OBD CLA PD . -26.74 0.14 36.02
CBD CLA PD . -27.42 -2.01 35.02
CGD CLA PD . -26.38 -2.85 35.73
O1D CLA PD . -26.22 -2.99 36.94
O2D CLA PD . -25.55 -3.54 34.88
CED CLA PD . -24.38 -4.12 35.43
C1 CLA PD . -34.09 -4.34 34.39
C2 CLA PD . -35.11 -4.70 33.37
C3 CLA PD . -35.75 -3.79 32.62
C4 CLA PD . -35.52 -2.34 32.76
MG CLA QD . -25.47 -10.73 25.43
CHA CLA QD . -25.31 -9.99 28.82
CHB CLA QD . -26.04 -14.00 26.18
CHC CLA QD . -25.69 -11.39 22.07
CHD CLA QD . -24.84 -7.32 24.71
NA CLA QD . -25.64 -11.79 27.22
C1A CLA QD . -25.54 -11.30 28.53
C2A CLA QD . -25.74 -12.43 29.55
C3A CLA QD . -25.81 -13.69 28.68
C4A CLA QD . -25.85 -13.14 27.25
CMA CLA QD . -24.60 -14.56 28.92
CAA CLA QD . -27.01 -12.24 30.35
CBA CLA QD . -28.15 -11.71 29.49
CGA CLA QD . -29.11 -10.94 30.36
O1A CLA QD . -28.87 -10.28 31.38
O2A CLA QD . -30.40 -11.02 29.91
NB CLA QD . -25.77 -12.39 24.33
C1B CLA QD . -26.08 -13.61 24.82
C2B CLA QD . -26.44 -14.52 23.70
C3B CLA QD . -26.34 -13.80 22.54
C4B CLA QD . -25.90 -12.42 22.92
CMB CLA QD . -26.81 -15.93 23.90
CAB CLA QD . -26.57 -14.21 21.18
CBB CLA QD . -27.45 -13.65 20.34
NC CLA QD . -25.27 -9.56 23.70
C1C CLA QD . -25.39 -10.04 22.43
C2C CLA QD . -25.19 -8.96 21.47
C3C CLA QD . -24.97 -7.80 22.21
C4C CLA QD . -25.02 -8.19 23.62
CMC CLA QD . -25.24 -9.13 20.02
CAC CLA QD . -24.71 -6.45 21.70
CBC CLA QD . -23.28 -6.26 21.23
ND CLA QD . -25.15 -9.02 26.45
C1D CLA QD . -24.90 -7.69 26.04
C2D CLA QD . -24.72 -6.84 27.23
C3D CLA QD . -24.86 -7.67 28.33
C4D CLA QD . -25.12 -9.01 27.79
CMD CLA QD . -24.45 -5.40 27.21
CAD CLA QD . -24.85 -7.77 29.78
OBD CLA QD . -24.68 -6.90 30.63
CBD CLA QD . -25.13 -9.26 30.14
CGD CLA QD . -23.99 -9.85 30.92
O1D CLA QD . -23.23 -10.74 30.57
O2D CLA QD . -23.85 -9.32 32.16
CED CLA QD . -22.91 -9.94 33.05
C1 CLA QD . -31.22 -9.86 30.18
MG CLA RD . -16.92 -12.05 19.30
CHA CLA RD . -18.36 -9.31 20.90
CHB CLA RD . -20.00 -13.47 18.98
CHC CLA RD . -15.45 -14.67 17.65
CHD CLA RD . -13.74 -10.54 19.72
NA CLA RD . -18.85 -11.47 19.85
C1A CLA RD . -19.24 -10.27 20.49
C2A CLA RD . -20.76 -10.24 20.69
C3A CLA RD . -21.23 -11.62 20.16
C4A CLA RD . -19.95 -12.24 19.61
CMA CLA RD . -21.83 -12.46 21.26
CAA CLA RD . -21.37 -9.15 19.83
CBA CLA RD . -20.67 -9.02 18.49
CGA CLA RD . -21.62 -9.14 17.34
O1A CLA RD . -22.78 -9.56 17.34
O2A CLA RD . -21.07 -8.74 16.15
NB CLA RD . -17.60 -13.72 18.43
C1B CLA RD . -18.89 -14.16 18.46
C2B CLA RD . -18.97 -15.53 17.87
C3B CLA RD . -17.69 -15.88 17.49
C4B CLA RD . -16.81 -14.73 17.84
CMB CLA RD . -20.22 -16.29 17.77
CAB CLA RD . -17.22 -17.09 16.88
CBB CLA RD . -16.62 -17.15 15.68
NC CLA RD . -14.96 -12.50 18.78
C1C CLA RD . -14.59 -13.63 18.07
C2C CLA RD . -13.15 -13.62 17.84
C3C CLA RD . -12.66 -12.47 18.46
C4C CLA RD . -13.80 -11.77 19.03
CMC CLA RD . -12.40 -14.65 17.13
CAC CLA RD . -11.26 -12.01 18.50
CBC CLA RD . -10.53 -12.56 19.70
ND CLA RD . -16.15 -10.37 20.14
C1D CLA RD . -14.82 -9.88 20.25
C2D CLA RD . -14.85 -8.59 20.98
C3D CLA RD . -16.17 -8.32 21.24
C4D CLA RD . -16.95 -9.46 20.69
CMD CLA RD . -13.66 -7.79 21.29
CAD CLA RD . -17.13 -7.41 21.85
OBD CLA RD . -16.92 -6.36 22.46
CBD CLA RD . -18.55 -8.01 21.63
CGD CLA RD . -19.27 -8.23 22.93
O1D CLA RD . -18.78 -8.56 24.02
O2D CLA RD . -20.62 -8.06 22.87
CED CLA RD . -21.38 -8.22 24.06
C1 CLA RD . -21.43 -9.48 14.96
C2 CLA RD . -20.33 -9.29 13.99
C3 CLA RD . -20.28 -9.87 12.78
C4 CLA RD . -19.15 -9.62 11.84
C5 CLA RD . -21.35 -10.81 12.31
C6 CLA RD . -20.83 -11.88 11.37
C7 CLA RD . -21.93 -12.85 10.98
C8 CLA RD . -21.50 -13.81 9.88
C9 CLA RD . -22.66 -14.68 9.45
C10 CLA RD . -20.33 -14.68 10.33
MG CLA SD . -13.68 -0.33 20.60
CHA CLA SD . -13.31 3.06 19.95
CHB CLA SD . -14.58 -0.86 17.37
CHC CLA SD . -14.21 -3.64 21.35
CHD CLA SD . -12.68 0.26 23.94
NA CLA SD . -13.86 0.91 18.94
C1A CLA SD . -13.69 2.30 18.85
C2A CLA SD . -13.93 2.80 17.43
C3A CLA SD . -14.16 1.50 16.62
C4A CLA SD . -14.22 0.42 17.71
CMA CLA SD . -15.39 1.51 15.75
CAA CLA SD . -12.75 3.57 16.85
CBA CLA SD . -13.14 4.31 15.59
CGA CLA SD . -12.06 5.25 15.18
O1A CLA SD . -10.92 4.97 14.78
O2A CLA SD . -12.42 6.56 15.28
NB CLA SD . -14.24 -1.95 19.55
C1B CLA SD . -14.66 -1.95 18.26
C2B CLA SD . -15.22 -3.28 17.89
C3B CLA SD . -15.13 -4.07 19.02
C4B CLA SD . -14.50 -3.24 20.09
CMB CLA SD . -15.74 -3.55 16.55
CAB CLA SD . -15.50 -5.44 19.26
CBB CLA SD . -15.98 -6.32 18.38
NC CLA SD . -13.45 -1.49 22.33
C1C CLA SD . -13.72 -2.83 22.41
C2C CLA SD . -13.46 -3.30 23.77
C3C CLA SD . -13.02 -2.20 24.51
C4C CLA SD . -13.02 -1.06 23.59
CMC CLA SD . -13.65 -4.69 24.23
CAC CLA SD . -12.64 -2.17 25.93
CBC CLA SD . -11.14 -2.17 26.11
ND CLA SD . -13.10 1.24 21.73
C1D CLA SD . -12.73 1.34 23.10
C2D CLA SD . -12.42 2.76 23.42
C3D CLA SD . -12.67 3.46 22.25
C4D CLA SD . -13.07 2.48 21.23
CMD CLA SD . -12.00 3.24 24.72
CAD CLA SD . -12.66 4.77 21.61
OBD CLA SD . -12.40 5.87 22.09
CBD CLA SD . -13.07 4.55 20.12
CGD CLA SD . -14.28 5.36 19.76
O1D CLA SD . -14.32 6.44 19.16
O2D CLA SD . -15.47 4.82 20.16
CED CLA SD . -16.59 5.69 20.32
C1 CLA SD . -11.35 7.52 15.34
C2 CLA SD . -10.89 7.58 16.75
C3 CLA SD . -11.57 8.23 17.70
C4 CLA SD . -12.83 8.95 17.43
C5 CLA SD . -11.07 8.27 19.11
C6 CLA SD . -9.81 7.47 19.33
C7 CLA SD . -9.65 7.13 20.80
C8 CLA SD . -8.33 6.44 21.11
C9 CLA SD . -7.19 7.10 20.37
C10 CLA SD . -8.39 4.96 20.75
C11 CLA SD . -8.56 4.11 21.99
C12 CLA SD . -7.51 4.41 23.05
C13 CLA SD . -7.19 3.19 23.90
C14 CLA SD . -8.45 2.46 24.31
C15 CLA SD . -6.38 3.57 25.13
C16 CLA SD . -6.05 2.36 25.96
C17 CLA SD . -4.86 1.60 25.39
C18 CLA SD . -3.98 1.06 26.50
C19 CLA SD . -2.76 0.36 25.94
C20 CLA SD . -3.56 2.17 27.44
MG CLA TD . -14.60 -5.52 3.34
CHA CLA TD . -17.32 -4.04 1.77
CHB CLA TD . -16.71 -6.96 5.60
CHC CLA TD . -11.92 -7.14 4.72
CHD CLA TD . -12.47 -3.95 1.00
NA CLA TD . -16.67 -5.49 3.62
C1A CLA TD . -17.62 -4.82 2.85
C2A CLA TD . -19.02 -5.08 3.39
C3A CLA TD . -18.77 -5.83 4.72
C4A CLA TD . -17.28 -6.15 4.65
CMA CLA TD . -19.13 -4.97 5.91
CAA CLA TD . -19.63 -6.05 2.40
CBA CLA TD . -20.81 -6.82 2.95
CGA CLA TD . -21.30 -7.74 1.87
O1A CLA TD . -20.92 -7.81 0.71
O2A CLA TD . -22.30 -8.56 2.29
NB CLA TD . -14.35 -6.77 4.89
C1B CLA TD . -15.35 -7.30 5.66
C2B CLA TD . -14.78 -8.30 6.61
C3B CLA TD . -13.42 -8.35 6.37
C4B CLA TD . -13.14 -7.38 5.28
CMB CLA TD . -15.62 -9.02 7.56
CAB CLA TD . -12.41 -9.16 6.98
CBB CLA TD . -12.54 -10.43 7.36
NC CLA TD . -12.55 -5.53 2.92
C1C CLA TD . -11.64 -6.28 3.62
C2C CLA TD . -10.31 -6.06 3.06
C3C CLA TD . -10.45 -5.15 2.01
C4C CLA TD . -11.87 -4.82 1.94
CMC CLA TD . -9.09 -6.72 3.53
CAC CLA TD . -9.40 -4.62 1.14
CBC CLA TD . -9.44 -5.21 -0.26
ND CLA TD . -14.77 -4.31 1.73
C1D CLA TD . -13.81 -3.70 0.88
C2D CLA TD . -14.51 -2.84 -0.11
C3D CLA TD . -15.87 -2.95 0.18
C4D CLA TD . -15.97 -3.86 1.34
CMD CLA TD . -13.86 -2.07 -1.16
CAD CLA TD . -17.21 -2.54 -0.17
OBD CLA TD . -17.59 -1.82 -1.09
CBD CLA TD . -18.17 -3.18 0.87
CGD CLA TD . -18.89 -2.13 1.67
O1D CLA TD . -18.74 -1.87 2.87
O2D CLA TD . -19.79 -1.41 0.95
CED CLA TD . -20.25 -0.19 1.54
C1 CLA TD . -23.09 -9.14 1.24
C2 CLA TD . -24.50 -9.11 1.70
C3 CLA TD . -25.04 -10.09 2.44
C4 CLA TD . -24.27 -11.28 2.86
C5 CLA TD . -26.46 -10.00 2.89
C6 CLA TD . -26.59 -9.55 4.33
C7 CLA TD . -27.87 -8.78 4.54
C8 CLA TD . -28.46 -9.05 5.91
C9 CLA TD . -27.48 -8.60 6.99
C10 CLA TD . -28.78 -10.52 6.07
C11 CLA TD . -30.25 -10.75 6.35
C12 CLA TD . -30.52 -10.95 7.82
C13 CLA TD . -31.72 -11.85 8.04
C14 CLA TD . -31.46 -13.24 7.47
C15 CLA TD . -32.99 -11.27 7.44
C16 CLA TD . -34.23 -11.92 8.03
C17 CLA TD . -34.27 -11.78 9.54
C18 CLA TD . -35.21 -12.79 10.17
C19 CLA TD . -34.76 -14.20 9.86
C20 CLA TD . -35.30 -12.58 11.67
MG CLA UD . -26.03 0.57 2.83
CHA CLA UD . -23.72 -1.86 3.67
CHB CLA UD . -26.95 0.83 6.09
CHC CLA UD . -28.27 2.99 1.93
CHD CLA UD . -24.97 0.31 -0.55
NA CLA UD . -25.42 -0.38 4.58
C1A CLA UD . -24.43 -1.37 4.73
C2A CLA UD . -24.31 -1.79 6.19
C3A CLA UD . -25.40 -0.98 6.91
C4A CLA UD . -25.99 -0.10 5.80
CMA CLA UD . -26.47 -1.87 7.51
CAA CLA UD . -22.95 -1.45 6.76
CBA CLA UD . -22.80 -1.98 8.16
CGA CLA UD . -21.36 -2.00 8.54
O1A CLA UD . -20.40 -2.46 7.92
O2A CLA UD . -21.13 -1.43 9.76
NB CLA UD . -27.35 1.71 3.82
C1B CLA UD . -27.56 1.69 5.16
C2B CLA UD . -28.60 2.70 5.53
C3B CLA UD . -28.98 3.32 4.35
C4B CLA UD . -28.19 2.68 3.25
CMB CLA UD . -29.06 2.91 6.90
CAB CLA UD . -29.94 4.35 4.09
CBB CLA UD . -30.21 5.40 4.89
NC CLA UD . -26.54 1.46 1.01
C1C CLA UD . -27.49 2.43 0.88
C2C CLA UD . -27.60 2.81 -0.54
C3C CLA UD . -26.64 2.07 -1.24
C4C CLA UD . -25.98 1.23 -0.26
CMC CLA UD . -28.54 3.79 -1.05
CAC CLA UD . -26.36 2.11 -2.68
CBC CLA UD . -27.24 1.18 -3.48
ND CLA UD . -24.72 -0.52 1.74
C1D CLA UD . -24.37 -0.51 0.36
C2D CLA UD . -23.31 -1.51 0.12
C3D CLA UD . -23.04 -2.07 1.35
C4D CLA UD . -23.92 -1.40 2.33
CMD CLA UD . -22.72 -1.82 -1.18
CAD CLA UD . -22.25 -3.04 2.08
OBD CLA UD . -21.45 -3.84 1.64
CBD CLA UD . -22.62 -2.90 3.59
CGD CLA UD . -23.05 -4.20 4.21
O1D CLA UD . -22.74 -4.65 5.31
O2D CLA UD . -23.89 -4.94 3.42
CED CLA UD . -24.52 -6.07 4.01
C1 CLA UD . -19.75 -1.25 10.13
C2 CLA UD . -19.74 -0.25 11.23
C3 CLA UD . -18.78 0.67 11.34
C4 CLA UD . -17.67 0.76 10.37
C5 CLA UD . -18.78 1.66 12.46
C6 CLA UD . -19.57 1.19 13.67
C7 CLA UD . -18.73 0.28 14.53
C8 CLA UD . -19.42 -0.04 15.86
C9 CLA UD . -18.65 -1.11 16.60
C10 CLA UD . -20.85 -0.49 15.61
C11 CLA UD . -21.54 -0.90 16.90
C12 CLA UD . -23.04 -1.04 16.70
C13 CLA UD . -23.74 -1.41 17.99
C14 CLA UD . -23.20 -2.72 18.54
C15 CLA UD . -25.25 -1.50 17.83
C16 CLA UD . -25.74 -0.78 16.59
C17 CLA UD . -26.53 0.47 16.93
C18 CLA UD . -27.84 0.54 16.18
C19 CLA UD . -27.62 0.46 14.68
C20 CLA UD . -28.59 1.80 16.53
MG CLA VD . -7.06 11.73 -2.58
CHA CLA VD . -7.37 15.02 -1.55
CHB CLA VD . -9.31 12.30 -5.07
CHC CLA VD . -6.46 8.57 -3.75
CHD CLA VD . -4.75 11.18 0.05
NA CLA VD . -8.20 13.38 -3.14
C1A CLA VD . -8.17 14.67 -2.60
C2A CLA VD . -9.19 15.58 -3.31
C3A CLA VD . -9.98 14.59 -4.20
C4A CLA VD . -9.12 13.33 -4.15
CMA CLA VD . -11.36 14.34 -3.65
CAA CLA VD . -8.49 16.66 -4.12
CBA CLA VD . -7.95 16.16 -5.44
CGA CLA VD . -6.55 15.67 -5.27
O1A CLA VD . -5.94 14.80 -5.89
O2A CLA VD . -5.88 16.33 -4.27
NB CLA VD . -7.82 10.61 -4.07
C1B CLA VD . -8.57 11.11 -5.09
C2B CLA VD . -8.52 10.19 -6.27
C3B CLA VD . -7.71 9.13 -5.91
C4B CLA VD . -7.28 9.38 -4.50
CMB CLA VD . -9.23 10.48 -7.51
CAB CLA VD . -7.30 7.95 -6.62
CBB CLA VD . -7.75 7.51 -7.80
NC CLA VD . -5.88 10.13 -1.92
C1C CLA VD . -5.82 8.92 -2.53
C2C CLA VD . -4.92 8.03 -1.79
C3C CLA VD . -4.40 8.78 -0.74
C4C CLA VD . -5.02 10.11 -0.82
CMC CLA VD . -4.62 6.64 -2.15
CAC CLA VD . -3.45 8.33 0.29
CBC CLA VD . -2.08 8.92 0.12
ND CLA VD . -6.26 12.77 -1.05
C1D CLA VD . -5.31 12.43 -0.05
C2D CLA VD . -5.05 13.62 0.80
C3D CLA VD . -5.78 14.66 0.24
C4D CLA VD . -6.52 14.07 -0.90
CMD CLA VD . -4.15 13.65 1.95
CAD CLA VD . -6.16 16.05 0.34
OBD CLA VD . -5.82 16.89 1.17
CBD CLA VD . -7.15 16.34 -0.82
CGD CLA VD . -8.43 16.95 -0.34
O1D CLA VD . -9.54 16.42 -0.26
O2D CLA VD . -8.30 18.25 0.06
CED CLA VD . -9.19 19.19 -0.53
C1 CLA VD . -4.59 15.80 -3.92
C2 CLA VD . -3.59 16.88 -4.15
C3 CLA VD . -2.74 16.86 -5.19
C4 CLA VD . -2.71 15.76 -6.18
C5 CLA VD . -1.76 17.97 -5.38
C6 CLA VD . -0.33 17.47 -5.51
C7 CLA VD . 0.20 16.97 -4.19
C8 CLA VD . 1.54 16.27 -4.36
C9 CLA VD . 1.40 14.77 -4.23
C10 CLA VD . 2.58 16.82 -3.39
C11 CLA VD . 2.89 15.90 -2.21
C12 CLA VD . 4.37 15.94 -1.87
C13 CLA VD . 4.63 15.92 -0.36
C14 CLA VD . 3.67 15.00 0.35
C15 CLA VD . 4.58 17.32 0.24
C16 CLA VD . 4.88 17.29 1.72
C17 CLA VD . 4.77 18.65 2.36
MG CLA WD . -13.08 12.73 4.10
CHA CLA WD . -15.57 14.98 3.26
CHB CLA WD . -10.81 14.62 2.43
CHC CLA WD . -10.65 10.51 5.04
CHD CLA WD . -15.48 10.82 5.87
NA CLA WD . -13.21 14.49 2.99
C1A CLA WD . -14.34 15.28 2.75
C2A CLA WD . -13.99 16.47 1.86
C3A CLA WD . -12.53 16.19 1.44
C4A CLA WD . -12.13 15.02 2.35
CMA CLA WD . -12.50 15.78 -0.01
CAA CLA WD . -14.11 17.81 2.60
CBA CLA WD . -13.22 17.87 3.81
CGA CLA WD . -14.00 18.43 4.96
O1A CLA WD . -13.76 19.42 5.65
O2A CLA WD . -15.13 17.70 5.23
NB CLA WD . -11.11 12.56 3.74
C1B CLA WD . -10.34 13.54 3.21
C2B CLA WD . -8.90 13.30 3.53
C3B CLA WD . -8.86 12.14 4.27
C4B CLA WD . -10.26 11.64 4.40
CMB CLA WD . -7.82 14.19 3.09
CAB CLA WD . -7.74 11.42 4.84
CBB CLA WD . -6.53 11.30 4.31
NC CLA WD . -13.09 10.95 5.20
C1C CLA WD . -11.99 10.19 5.40
C2C CLA WD . -12.37 8.98 6.12
C3C CLA WD . -13.72 9.10 6.46
C4C CLA WD . -14.18 10.35 5.85
CMC CLA WD . -11.46 7.90 6.45
CAC CLA WD . -14.56 8.13 7.18
CBC CLA WD . -14.93 8.60 8.56
ND CLA WD . -15.07 12.80 4.49
C1D CLA WD . -15.92 11.96 5.24
C2D CLA WD . -17.29 12.52 5.22
C3D CLA WD . -17.22 13.68 4.45
C4D CLA WD . -15.81 13.80 4.04
CMD CLA WD . -18.43 11.90 5.88
CAD CLA WD . -17.95 14.80 3.90
OBD CLA WD . -19.14 15.08 3.97
CBD CLA WD . -16.91 15.67 3.13
CGD CLA WD . -17.26 15.86 1.67
O1D CLA WD . -17.48 14.97 0.84
O2D CLA WD . -17.32 17.15 1.27
CED CLA WD . -17.87 17.41 -0.02
C1 CLA WD . -15.63 17.80 6.58
C2 CLA WD . -16.47 16.62 6.83
C3 CLA WD . -17.80 16.71 6.97
C4 CLA WD . -18.51 18.01 6.89
C5 CLA WD . -18.63 15.50 7.22
C6 CLA WD . -18.32 14.88 8.57
C7 CLA WD . -19.31 13.78 8.91
C8 CLA WD . -18.65 12.62 9.64
C9 CLA WD . -19.61 11.46 9.76
C10 CLA WD . -18.16 13.07 11.01
C11 CLA WD . -17.60 11.91 11.82
C12 CLA WD . -16.45 12.37 12.71
C13 CLA WD . -16.20 11.39 13.84
C14 CLA WD . -15.58 12.10 15.03
C15 CLA WD . -15.31 10.24 13.39
C16 CLA WD . -16.08 8.93 13.40
C17 CLA WD . -15.45 7.92 14.33
C18 CLA WD . -16.49 7.00 14.96
C19 CLA WD . -16.06 6.55 16.34
C20 CLA WD . -16.74 5.80 14.09
MG CLA XD . 1.50 1.67 10.51
CHA CLA XD . 4.59 0.35 11.36
CHB CLA XD . 1.57 3.63 13.29
CHC CLA XD . -1.44 3.14 9.50
CHD CLA XD . 1.47 -0.36 7.62
NA CLA XD . 2.86 1.91 12.08
C1A CLA XD . 4.10 1.30 12.23
C2A CLA XD . 4.80 1.78 13.50
C3A CLA XD . 3.75 2.70 14.16
C4A CLA XD . 2.64 2.78 13.11
CMA CLA XD . 3.24 2.12 15.46
CAA CLA XD . 6.02 2.59 13.13
CBA CLA XD . 5.68 3.64 12.09
CGA CLA XD . 6.89 4.45 11.72
O1A CLA XD . 7.92 4.63 12.37
O2A CLA XD . 6.79 5.06 10.50
NB CLA XD . 0.33 3.14 11.21
C1B CLA XD . 0.49 3.76 12.40
C2B CLA XD . -0.70 4.61 12.68
C3B CLA XD . -1.56 4.49 11.63
C4B CLA XD . -0.92 3.54 10.68
CMB CLA XD . -0.79 5.39 13.91
CAB CLA XD . -2.86 5.07 11.38
CBB CLA XD . -3.74 5.51 12.28
NC CLA XD . 0.24 1.40 8.87
C1C CLA XD . -0.90 2.13 8.66
C2C CLA XD . -1.51 1.75 7.39
C3C CLA XD . -0.70 0.73 6.87
C4C CLA XD . 0.40 0.53 7.80
CMC CLA XD . -2.72 2.34 6.85
CAC CLA XD . -0.90 0.02 5.59
CBC CLA XD . -0.01 0.59 4.50
ND CLA XD . 2.63 0.20 9.72
C1D CLA XD . 2.51 -0.53 8.51
C2D CLA XD . 3.68 -1.43 8.38
C3D CLA XD . 4.51 -1.13 9.45
C4D CLA XD . 3.82 -0.10 10.24
CMD CLA XD . 3.87 -2.39 7.29
CAD CLA XD . 5.75 -1.45 10.14
OBD CLA XD . 6.58 -2.32 9.90
CBD CLA XD . 5.89 -0.44 11.32
CGD CLA XD . 6.24 -1.14 12.61
O1D CLA XD . 7.32 -1.66 12.89
O2D CLA XD . 5.24 -1.19 13.53
CED CLA XD . 5.60 -1.59 14.86
C1 CLA XD . 7.47 6.31 10.36
C2 CLA XD . 6.95 6.98 9.13
C3 CLA XD . 7.45 6.75 7.91
C4 CLA XD . 8.58 5.80 7.69
C5 CLA XD . 6.89 7.45 6.72
C6 CLA XD . 7.17 6.71 5.42
C7 CLA XD . 6.64 7.49 4.23
C8 CLA XD . 5.48 6.78 3.54
C9 CLA XD . 5.71 5.29 3.47
C10 CLA XD . 5.27 7.34 2.13
C11 CLA XD . 4.14 8.34 2.11
C12 CLA XD . 4.03 9.05 0.78
C13 CLA XD . 3.00 10.15 0.81
C14 CLA XD . 1.61 9.61 0.54
C15 CLA XD . 3.33 11.27 -0.17
C16 CLA XD . 3.61 10.71 -1.55
C17 CLA XD . 3.44 11.76 -2.63
C18 CLA XD . 4.61 11.79 -3.61
C19 CLA XD . 4.27 12.59 -4.84
C20 CLA XD . 5.83 12.38 -2.93
MG CLA YD . -13.47 -21.33 12.98
CHA CLA YD . -13.74 -22.83 16.10
CHB CLA YD . -13.56 -24.39 11.50
CHC CLA YD . -13.29 -19.78 9.92
CHD CLA YD . -13.27 -18.17 14.58
NA CLA YD . -13.64 -23.28 13.71
C1A CLA YD . -13.75 -23.71 15.04
C2A CLA YD . -13.84 -25.22 15.12
C3A CLA YD . -13.62 -25.68 13.67
C4A CLA YD . -13.63 -24.36 12.88
CMA CLA YD . -12.33 -26.43 13.51
CAA CLA YD . -15.22 -25.63 15.60
CBA CLA YD . -16.09 -26.12 14.46
CGA CLA YD . -17.52 -26.21 14.88
O1A CLA YD . -17.97 -26.54 15.97
O2A CLA YD . -18.40 -25.89 13.88
NB CLA YD . -13.42 -21.97 11.07
C1B CLA YD . -13.53 -23.26 10.68
C2B CLA YD . -13.56 -23.32 9.19
C3B CLA YD . -13.49 -22.02 8.73
C4B CLA YD . -13.39 -21.14 9.93
CMB CLA YD . -13.66 -24.57 8.45
CAB CLA YD . -13.49 -21.51 7.38
CBB CLA YD . -14.43 -21.79 6.47
NC CLA YD . -13.31 -19.34 12.37
C1C CLA YD . -13.24 -18.94 11.06
C2C CLA YD . -13.11 -17.48 10.99
C3C CLA YD . -13.11 -17.03 12.31
C4C CLA YD . -13.23 -18.19 13.16
CMC CLA YD . -13.02 -16.70 9.76
CAC CLA YD . -13.01 -15.62 12.76
CBC CLA YD . -14.35 -15.01 13.07
ND CLA YD . -13.51 -20.60 14.86
C1D CLA YD . -13.41 -19.28 15.38
C2D CLA YD . -13.46 -19.34 16.86
C3D CLA YD . -13.59 -20.68 17.19
C4D CLA YD . -13.61 -21.42 15.91
CMD CLA YD . -13.37 -18.18 17.74
CAD CLA YD . -13.70 -21.65 18.25
OBD CLA YD . -13.69 -21.47 19.47
CBD CLA YD . -13.80 -23.06 17.59
CGD CLA YD . -12.70 -23.98 18.06
O1D CLA YD . -12.78 -24.88 18.90
O2D CLA YD . -11.50 -23.75 17.46
CED CLA YD . -10.53 -24.80 17.51
C1 CLA YD . -19.78 -25.78 14.25
C2 CLA YD . -20.54 -25.55 13.00
C3 CLA YD . -21.59 -24.71 12.92
C4 CLA YD . -22.06 -23.94 14.09
C5 CLA YD . -22.32 -24.52 11.64
MG CLA ZD . -14.79 -28.04 5.36
CHA CLA ZD . -13.84 -29.23 8.48
CHB CLA ZD . -12.51 -30.08 3.88
CHC CLA ZD . -15.86 -26.91 2.29
CHD CLA ZD . -17.04 -25.83 6.94
NA CLA ZD . -13.41 -29.43 6.09
C1A CLA ZD . -13.19 -29.81 7.42
C2A CLA ZD . -12.09 -30.86 7.51
C3A CLA ZD . -11.59 -30.99 6.05
C4A CLA ZD . -12.58 -30.13 5.26
CMA CLA ZD . -10.17 -30.52 5.88
CAA CLA ZD . -12.68 -32.18 7.98
CBA CLA ZD . -13.66 -32.72 6.97
CGA CLA ZD . -14.49 -33.83 7.54
O1A CLA ZD . -14.39 -34.37 8.64
O2A CLA ZD . -15.47 -34.25 6.68
NB CLA ZD . -14.29 -28.43 3.45
C1B CLA ZD . -13.34 -29.31 3.06
C2B CLA ZD . -13.26 -29.33 1.57
C3B CLA ZD . -14.20 -28.43 1.10
C4B CLA ZD . -14.87 -27.85 2.31
CMB CLA ZD . -12.30 -30.18 0.85
CAB CLA ZD . -14.56 -28.03 -0.24
CBB CLA ZD . -13.79 -28.10 -1.32
NC CLA ZD . -16.21 -26.64 4.74
C1C CLA ZD . -16.50 -26.35 3.44
C2C CLA ZD . -17.55 -25.34 3.38
C3C CLA ZD . -17.88 -25.02 4.69
C4C CLA ZD . -17.04 -25.85 5.54
CMC CLA ZD . -18.10 -24.77 2.15
CAC CLA ZD . -18.90 -24.06 5.15
CBC CLA ZD . -18.30 -22.78 5.70
ND CLA ZD . -15.37 -27.60 7.25
C1D CLA ZD . -16.26 -26.63 7.75
C2D CLA ZD . -16.22 -26.65 9.24
C3D CLA ZD . -15.35 -27.67 9.57
C4D CLA ZD . -14.83 -28.22 8.30
CMD CLA ZD . -17.00 -25.74 10.08
CAD CLA ZD . -14.69 -28.41 10.64
OBD CLA ZD . -14.85 -28.34 11.86
CBD CLA ZD . -13.69 -29.40 9.98
CGD CLA ZD . -12.27 -29.14 10.41
O1D CLA ZD . -11.44 -28.41 9.87
O2D CLA ZD . -11.91 -29.80 11.54
CED CLA ZD . -10.52 -29.84 11.88
C1 CLA ZD . -16.77 -34.45 7.26
C2 CLA ZD . -17.69 -34.85 6.15
C3 CLA ZD . -19.01 -34.59 6.18
C4 CLA ZD . -19.64 -33.88 7.31
C5 CLA ZD . -19.90 -35.01 5.06
C6 CLA ZD . -20.83 -33.89 4.61
C7 CLA ZD . -21.52 -34.26 3.32
C8 CLA ZD . -22.59 -33.25 2.93
C9 CLA ZD . -23.52 -32.97 4.09
C10 CLA ZD . -23.40 -33.74 1.73
MG CLA AE . -17.80 -25.27 -10.77
CHA CLA AE . -15.10 -25.83 -8.68
CHB CLA AE . -15.71 -25.25 -13.46
CHC CLA AE . -20.54 -24.84 -12.81
CHD CLA AE . -19.93 -25.27 -7.94
NA CLA AE . -15.74 -25.47 -11.00
C1A CLA AE . -14.78 -25.71 -10.00
C2A CLA AE . -13.37 -25.78 -10.60
C3A CLA AE . -13.60 -25.41 -12.09
C4A CLA AE . -15.12 -25.37 -12.22
CMA CLA AE . -12.99 -24.06 -12.40
CAA CLA AE . -12.76 -27.16 -10.49
CBA CLA AE . -11.34 -27.18 -11.02
CGA CLA AE . -10.49 -26.25 -10.21
O1A CLA AE . -10.68 -25.83 -9.07
O2A CLA AE . -9.36 -25.85 -10.86
NB CLA AE . -18.08 -25.03 -12.76
C1B CLA AE . -17.11 -25.19 -13.70
C2B CLA AE . -17.72 -25.29 -15.05
C3B CLA AE . -19.08 -25.18 -14.88
C4B CLA AE . -19.32 -25.00 -13.41
CMB CLA AE . -16.95 -25.46 -16.28
CAB CLA AE . -20.14 -25.19 -15.84
CBB CLA AE . -20.87 -26.26 -16.16
NC CLA AE . -19.85 -25.06 -10.43
C1C CLA AE . -20.79 -24.85 -11.41
C2C CLA AE . -22.11 -24.71 -10.82
C3C CLA AE . -21.95 -24.87 -9.44
C4C CLA AE . -20.52 -25.07 -9.20
CMC CLA AE . -23.36 -24.49 -11.57
CAC CLA AE . -23.00 -24.80 -8.40
CBC CLA AE . -23.18 -23.41 -7.86
ND CLA AE . -17.63 -25.47 -8.77
C1D CLA AE . -18.58 -25.46 -7.73
C2D CLA AE . -17.89 -25.69 -6.43
C3D CLA AE . -16.55 -25.85 -6.75
C4D CLA AE . -16.45 -25.70 -8.21
CMD CLA AE . -18.54 -25.73 -5.13
CAD CLA AE . -15.22 -26.08 -6.22
OBD CLA AE . -14.84 -26.24 -5.07
CBD CLA AE . -14.25 -26.08 -7.45
CGD CLA AE . -13.15 -25.07 -7.31
O1D CLA AE . -13.13 -23.91 -7.73
O2D CLA AE . -12.08 -25.53 -6.62
CED CLA AE . -11.29 -24.59 -5.89
C1 CLA AE . -8.35 -25.21 -10.05
C2 CLA AE . -7.03 -25.49 -10.66
C3 CLA AE . -5.94 -25.75 -9.94
C4 CLA AE . -5.97 -25.77 -8.46
C5 CLA AE . -4.62 -26.02 -10.58
C6 CLA AE . -4.72 -26.22 -12.09
C7 CLA AE . -3.39 -26.65 -12.64
C8 CLA AE . -3.14 -26.12 -14.05
C9 CLA AE . -4.23 -26.56 -14.98
C10 CLA AE . -1.78 -26.58 -14.56
C11 CLA AE . -1.53 -26.14 -15.99
C12 CLA AE . -0.07 -26.26 -16.37
C13 CLA AE . 0.74 -25.11 -15.80
C14 CLA AE . 0.74 -23.93 -16.75
C15 CLA AE . 2.18 -25.54 -15.51
C16 CLA AE . 2.88 -25.99 -16.77
C17 CLA AE . 4.38 -26.04 -16.59
C18 CLA AE . 4.95 -27.42 -16.84
C19 CLA AE . 5.09 -27.70 -18.33
C20 CLA AE . 4.11 -28.49 -16.18
MG CLA BE . -15.68 -22.39 -20.36
CHA CLA BE . -17.59 -24.12 -22.70
CHB CLA BE . -18.19 -22.70 -18.08
CHC CLA BE . -13.71 -20.77 -18.06
CHD CLA BE . -13.14 -22.01 -22.78
NA CLA BE . -17.57 -23.29 -20.40
C1A CLA BE . -18.18 -23.96 -21.47
C2A CLA BE . -19.55 -24.47 -21.06
C3A CLA BE . -19.78 -23.86 -19.65
C4A CLA BE . -18.42 -23.26 -19.32
CMA CLA BE . -20.87 -22.83 -19.66
CAA CLA BE . -19.52 -25.99 -20.97
CBA CLA BE . -18.33 -26.51 -20.19
CGA CLA BE . -18.54 -27.95 -19.83
O1A CLA BE . -18.56 -28.94 -20.58
O2A CLA BE . -18.73 -28.15 -18.49
NB CLA BE . -15.93 -21.79 -18.45
C1B CLA BE . -16.99 -22.10 -17.67
C2B CLA BE . -16.72 -21.69 -16.25
C3B CLA BE . -15.46 -21.15 -16.24
C4B CLA BE . -14.94 -21.21 -17.63
CMB CLA BE . -17.67 -21.90 -15.17
CAB CLA BE . -14.68 -20.61 -15.15
CBB CLA BE . -14.52 -21.20 -13.96
NC CLA BE . -13.78 -21.54 -20.43
C1C CLA BE . -13.17 -20.93 -19.36
C2C CLA BE . -11.86 -20.44 -19.75
C3C CLA BE . -11.68 -20.78 -21.09
C4C CLA BE . -12.90 -21.48 -21.51
CMC CLA BE . -10.93 -19.75 -18.86
CAC CLA BE . -10.51 -20.50 -21.94
CBC CLA BE . -9.42 -21.54 -21.77
ND CLA BE . -15.34 -22.97 -22.26
C1D CLA BE . -14.26 -22.72 -23.16
C2D CLA BE . -14.57 -23.32 -24.47
C3D CLA BE . -15.83 -23.89 -24.35
C4D CLA BE . -16.27 -23.62 -22.96
CMD CLA BE . -13.68 -23.30 -25.63
CAD CLA BE . -16.87 -24.64 -25.00
OBD CLA BE . -16.90 -25.12 -26.13
CBD CLA BE . -18.06 -24.75 -24.00
CGD CLA BE . -19.28 -24.09 -24.59
O1D CLA BE . -19.46 -23.80 -25.79
O2D CLA BE . -20.27 -23.77 -23.72
CED CLA BE . -21.11 -22.66 -24.03
C1 CLA BE . -18.20 -29.36 -17.92
C2 CLA BE . -18.59 -29.33 -16.49
C3 CLA BE . -18.37 -30.33 -15.63
C4 CLA BE . -17.70 -31.59 -16.02
C5 CLA BE . -18.80 -30.21 -14.21
C6 CLA BE . -17.97 -29.19 -13.44
C7 CLA BE . -18.82 -28.35 -12.52
C8 CLA BE . -19.51 -29.17 -11.44
C9 CLA BE . -21.01 -29.01 -11.55
C10 CLA BE . -19.04 -28.76 -10.06
C11 CLA BE . -19.93 -29.33 -8.97
C12 CLA BE . -19.49 -28.93 -7.58
C13 CLA BE . -20.45 -29.47 -6.53
C14 CLA BE . -21.61 -28.51 -6.32
C15 CLA BE . -19.74 -29.75 -5.21
C16 CLA BE . -20.70 -30.20 -4.13
C17 CLA BE . -21.13 -31.64 -4.32
C18 CLA BE . -22.02 -32.12 -3.19
C19 CLA BE . -21.30 -32.02 -1.85
C20 CLA BE . -22.47 -33.55 -3.42
MG CLA CE . -32.78 -3.42 3.60
CHA CLA CE . -34.80 -0.75 4.49
CHB CLA CE . -30.09 -1.33 3.44
CHC CLA CE . -30.79 -6.13 2.93
CHD CLA CE . -35.61 -5.54 3.76
NA CLA CE . -32.52 -1.37 3.90
C1A CLA CE . -33.49 -0.43 4.29
C2A CLA CE . -32.88 0.96 4.41
C3A CLA CE . -31.44 0.76 3.88
C4A CLA CE . -31.32 -0.76 3.74
CMA CLA CE . -31.28 1.44 2.54
CAA CLA CE . -32.85 1.40 5.87
CBA CLA CE . -32.23 0.34 6.76
CGA CLA CE . -32.42 0.66 8.21
O1A CLA CE . -33.41 0.51 8.91
O2A CLA CE . -31.30 1.20 8.78
NB CLA CE . -30.81 -3.69 3.26
C1B CLA CE . -29.87 -2.70 3.27
C2B CLA CE . -28.53 -3.31 3.02
C3B CLA CE . -28.72 -4.65 2.87
C4B CLA CE . -30.17 -4.92 3.01
CMB CLA CE . -27.30 -2.52 2.95
CAB CLA CE . -27.74 -5.69 2.61
CBB CLA CE . -27.71 -6.45 1.52
NC CLA CE . -33.15 -5.46 3.35
C1C CLA CE . -32.17 -6.39 3.07
C2C CLA CE . -32.77 -7.72 2.98
C3C CLA CE . -34.14 -7.55 3.23
C4C CLA CE . -34.36 -6.14 3.47
CMC CLA CE . -32.04 -8.95 2.69
CAC CLA CE . -35.15 -8.62 3.26
CBC CLA CE . -35.52 -9.01 4.67
ND CLA CE . -34.76 -3.25 3.93
C1D CLA CE . -35.81 -4.20 3.98
C2D CLA CE . -37.08 -3.51 4.31
C3D CLA CE . -36.75 -2.18 4.50
C4D CLA CE . -35.30 -2.08 4.28
CMD CLA CE . -38.39 -4.15 4.39
CAD CLA CE . -37.24 -0.84 4.80
OBD CLA CE . -38.39 -0.44 4.96
CBD CLA CE . -35.99 0.10 4.87
CGD CLA CE . -36.12 1.31 3.98
O1D CLA CE . -36.06 1.36 2.75
O2D CLA CE . -36.34 2.47 4.67
CED CLA CE . -36.94 3.55 3.96
C1 CLA CE . -30.51 0.33 9.61
C2 CLA CE . -29.37 1.14 10.12
C3 CLA CE . -28.28 0.61 10.68
C4 CLA CE . -28.11 -0.85 10.85
C5 CLA CE . -27.18 1.48 11.17
MG CLA DE . -40.26 -0.76 9.38
CHA CLA DE . -40.76 2.45 10.61
CHB CLA DE . -36.99 -0.01 8.79
CHC CLA DE . -39.82 -3.94 8.16
CHD CLA DE . -43.70 -1.42 9.88
NA CLA DE . -39.08 0.95 9.69
C1A CLA DE . -39.47 2.19 10.20
C2A CLA DE . -38.30 3.16 10.25
C3A CLA DE . -37.15 2.37 9.58
C4A CLA DE . -37.76 0.99 9.33
CMA CLA DE . -36.71 3.02 8.28
CAA CLA DE . -37.94 3.49 11.68
CBA CLA DE . -37.67 2.23 12.48
CGA CLA DE . -37.39 2.56 13.91
O1A CLA DE . -37.47 3.66 14.48
O2A CLA DE . -36.98 1.48 14.63
NB CLA DE . -38.72 -1.76 8.56
C1B CLA DE . -37.43 -1.31 8.51
C2B CLA DE . -36.52 -2.42 8.10
C3B CLA DE . -37.32 -3.54 7.93
C4B CLA DE . -38.73 -3.13 8.21
CMB CLA DE . -35.08 -2.25 7.97
CAB CLA DE . -36.94 -4.87 7.54
CBB CLA DE . -37.13 -5.96 8.29
NC CLA DE . -41.53 -2.38 9.09
C1C CLA DE . -41.14 -3.59 8.57
C2C CLA DE . -42.29 -4.49 8.49
C3C CLA DE . -43.38 -3.78 8.98
C4C CLA DE . -42.91 -2.46 9.34
CMC CLA DE . -42.24 -5.87 7.99
CAC CLA DE . -44.77 -4.26 9.09
CBC CLA DE . -45.14 -4.63 10.52
ND CLA DE . -41.86 0.19 10.17
C1D CLA DE . -43.23 -0.19 10.26
C2D CLA DE . -44.00 0.95 10.84
C3D CLA DE . -43.10 1.98 11.02
C4D CLA DE . -41.79 1.46 10.55
CMD CLA DE . -45.43 0.91 11.13
CAD CLA DE . -42.90 3.33 11.47
OBD CLA DE . -43.69 4.11 12.00
CBD CLA DE . -41.43 3.71 11.13
CGD CLA DE . -41.38 4.80 10.10
O1D CLA DE . -42.30 5.17 9.36
O2D CLA DE . -40.19 5.44 10.01
CED CLA DE . -40.21 6.81 9.66
MG CLA EE . -22.64 -3.05 -4.58
CHA CLA EE . -25.97 -3.80 -3.97
CHB CLA EE . -21.68 -5.43 -2.34
CHC CLA EE . -19.35 -2.27 -5.22
CHD CLA EE . -23.66 -0.53 -6.84
NA CLA EE . -23.69 -4.39 -3.36
C1A CLA EE . -25.07 -4.56 -3.26
C2A CLA EE . -25.41 -5.65 -2.23
C3A CLA EE . -24.03 -6.10 -1.70
C4A CLA EE . -23.04 -5.26 -2.52
CMA CLA EE . -23.89 -5.85 -0.23
CAA CLA EE . -26.18 -6.82 -2.81
CBA CLA EE . -27.14 -7.36 -1.77
CGA CLA EE . -27.53 -8.77 -2.06
O1A CLA EE . -27.82 -9.28 -3.15
O2A CLA EE . -27.61 -9.56 -0.94
NB CLA EE . -20.86 -3.71 -3.90
C1B CLA EE . -20.67 -4.72 -3.01
C2B CLA EE . -19.22 -4.98 -2.83
C3B CLA EE . -18.55 -4.09 -3.63
C4B CLA EE . -19.59 -3.27 -4.33
CMB CLA EE . -18.72 -6.01 -1.92
CAB CLA EE . -17.15 -3.87 -3.86
CBB CLA EE . -16.17 -4.06 -2.98
NC CLA EE . -21.69 -1.66 -5.81
C1C CLA EE . -20.33 -1.51 -5.91
C2C CLA EE . -20.02 -0.43 -6.85
C3C CLA EE . -21.24 0.06 -7.32
C4C CLA EE . -22.28 -0.71 -6.66
CMC CLA EE . -18.67 0.01 -7.20
CAC CLA EE . -21.43 1.16 -8.27
CBC CLA EE . -21.91 0.66 -9.62
ND CLA EE . -24.37 -2.31 -5.31
C1D CLA EE . -24.66 -1.27 -6.23
C2D CLA EE . -26.12 -1.14 -6.37
C3D CLA EE . -26.67 -2.08 -5.51
C4D CLA EE . -25.54 -2.78 -4.87
CMD CLA EE . -26.79 -0.18 -7.24
CAD CLA EE . -27.89 -2.66 -5.00
OBD CLA EE . -29.05 -2.38 -5.25
CBD CLA EE . -27.48 -3.78 -3.99
CGD CLA EE . -28.03 -3.51 -2.60
O1D CLA EE . -28.79 -4.23 -1.95
O2D CLA EE . -27.62 -2.34 -2.07
CED CLA EE . -27.74 -2.16 -0.66
C1 CLA EE . -28.77 -10.41 -0.82
C2 CLA EE . -28.57 -11.26 0.37
C3 CLA EE . -29.54 -12.04 0.87
C4 CLA EE . -30.89 -12.11 0.25
C5 CLA EE . -29.30 -12.89 2.07
C6 CLA EE . -30.51 -12.96 2.99
MG CLA FE . -22.99 -14.93 -4.70
CHA CLA FE . -24.79 -11.98 -4.94
CHB CLA FE . -20.58 -13.30 -2.89
CHC CLA FE . -21.30 -17.91 -4.36
CHD CLA FE . -25.51 -16.57 -6.55
NA CLA FE . -22.74 -12.95 -4.06
C1A CLA FE . -23.61 -11.87 -4.26
C2A CLA FE . -23.06 -10.61 -3.61
C3A CLA FE . -21.67 -11.03 -3.08
C4A CLA FE . -21.64 -12.54 -3.35
CMA CLA FE . -20.55 -10.30 -3.76
CAA CLA FE . -23.96 -10.18 -2.46
CBA CLA FE . -24.07 -11.25 -1.39
CGA CLA FE . -25.23 -12.17 -1.64
O1A CLA FE . -26.31 -11.93 -2.16
O2A CLA FE . -24.99 -13.45 -1.21
NB CLA FE . -21.27 -15.50 -3.79
C1B CLA FE . -20.44 -14.69 -3.10
C2B CLA FE . -19.30 -15.48 -2.57
C3B CLA FE . -19.48 -16.78 -2.98
C4B CLA FE . -20.75 -16.80 -3.77
CMB CLA FE . -18.22 -14.88 -1.78
CAB CLA FE . -18.71 -17.98 -2.77
CBB CLA FE . -17.98 -18.27 -1.67
NC CLA FE . -23.33 -16.87 -5.37
C1C CLA FE . -22.51 -17.94 -5.12
C2C CLA FE . -23.05 -19.14 -5.73
C3C CLA FE . -24.26 -18.77 -6.34
C4C CLA FE . -24.42 -17.34 -6.11
CMC CLA FE . -22.43 -20.47 -5.67
CAC CLA FE . -25.18 -19.64 -7.08
CBC CLA FE . -26.36 -20.07 -6.24
ND CLA FE . -24.71 -14.45 -5.62
C1D CLA FE . -25.67 -15.22 -6.34
C2D CLA FE . -26.79 -14.35 -6.74
C3D CLA FE . -26.51 -13.09 -6.24
C4D CLA FE . -25.21 -13.21 -5.54
CMD CLA FE . -27.95 -14.79 -7.51
CAD CLA FE . -26.95 -11.71 -6.10
OBD CLA FE . -27.96 -11.16 -6.53
CBD CLA FE . -25.87 -10.96 -5.25
CGD CLA FE . -25.34 -9.71 -5.89
O1D CLA FE . -25.11 -8.63 -5.35
O2D CLA FE . -25.08 -9.83 -7.23
CED CLA FE . -24.66 -8.65 -7.92
C1 CLA FE . -25.18 -14.51 -2.17
C2 CLA FE . -26.18 -15.44 -1.59
C3 CLA FE . -26.07 -16.77 -1.68
C4 CLA FE . -27.09 -17.67 -1.09
C5 CLA FE . -24.90 -17.40 -2.37
C6 CLA FE . -24.72 -18.88 -2.04
C7 CLA FE . -23.76 -19.07 -0.90
C8 CLA FE . -23.42 -20.55 -0.69
C9 CLA FE . -23.32 -20.89 0.78
C10 CLA FE . -22.12 -20.90 -1.39
C11 CLA FE . -21.82 -22.38 -1.31
C12 CLA FE . -20.71 -22.79 -2.25
C13 CLA FE . -20.76 -24.29 -2.51
C14 CLA FE . -22.07 -24.68 -3.17
C15 CLA FE . -20.56 -25.08 -1.22
C16 CLA FE . -20.85 -26.55 -1.41
C17 CLA FE . -19.59 -27.39 -1.49
C18 CLA FE . -19.05 -27.76 -0.12
C19 CLA FE . -18.11 -28.94 -0.20
C20 CLA FE . -20.18 -28.07 0.86
MG CLA GE . -16.71 -15.30 3.33
CHA CLA GE . -18.43 -12.49 2.26
CHB CLA GE . -14.41 -13.31 4.86
CHC CLA GE . -15.03 -18.12 4.33
CHD CLA GE . -19.04 -17.32 1.58
NA CLA GE . -16.49 -13.23 3.53
C1A CLA GE . -17.31 -12.22 3.00
C2A CLA GE . -16.77 -10.84 3.38
C3A CLA GE . -15.49 -11.14 4.18
C4A CLA GE . -15.44 -12.67 4.21
CMA CLA GE . -14.26 -10.57 3.52
CAA CLA GE . -17.75 -10.00 4.19
CBA CLA GE . -18.34 -10.76 5.37
CGA CLA GE . -19.52 -9.98 5.88
O1A CLA GE . -20.45 -9.50 5.23
O2A CLA GE . -19.49 -9.82 7.24
NB CLA GE . -14.99 -15.65 4.32
C1B CLA GE . -14.26 -14.70 4.97
C2B CLA GE . -13.25 -15.35 5.84
C3B CLA GE . -13.41 -16.71 5.70
C4B CLA GE . -14.52 -16.92 4.73
CMB CLA GE . -12.32 -14.61 6.68
CAB CLA GE . -12.70 -17.78 6.35
CBB CLA GE . -12.17 -18.85 5.74
NC CLA GE . -17.00 -17.35 3.03
C1C CLA GE . -16.20 -18.32 3.53
C2C CLA GE . -16.69 -19.63 3.13
C3C CLA GE . -17.81 -19.41 2.34
C4C CLA GE . -17.99 -17.96 2.26
CMC CLA GE . -16.09 -20.91 3.53
CAC CLA GE . -18.66 -20.43 1.69
CBC CLA GE . -19.94 -20.67 2.45
ND CLA GE . -18.44 -15.04 2.30
C1D CLA GE . -19.27 -15.96 1.59
C2D CLA GE . -20.35 -15.20 0.92
C3D CLA GE . -20.10 -13.86 1.17
C4D CLA GE . -18.87 -13.82 2.00
CMD CLA GE . -21.44 -15.81 0.15
CAD CLA GE . -20.54 -12.50 0.98
OBD CLA GE . -21.57 -12.07 0.49
CBD CLA GE . -19.42 -11.57 1.56
CGD CLA GE . -18.75 -10.79 0.47
O1D CLA GE . -18.54 -11.16 -0.70
O2D CLA GE . -18.33 -9.55 0.84
CED CLA GE . -17.44 -8.87 -0.05
C1 CLA GE . -20.47 -8.91 7.79
C2 CLA GE . -21.72 -9.69 8.02
C3 CLA GE . -22.91 -9.32 7.55
C4 CLA GE . -23.08 -8.07 6.75
C5 CLA GE . -24.14 -10.13 7.79
C6 CLA GE . -24.34 -10.49 9.25
C7 CLA GE . -25.80 -10.77 9.52
C8 CLA GE . -26.06 -11.35 10.90
C9 CLA GE . -27.55 -11.36 11.19
C10 CLA GE . -25.31 -10.58 11.99
C11 CLA GE . -25.93 -10.75 13.35
C12 CLA GE . -24.92 -10.49 14.46
C13 CLA GE . -25.61 -10.28 15.81
C14 CLA GE . -26.29 -11.55 16.28
C15 CLA GE . -26.62 -9.13 15.74
C16 CLA GE . -26.01 -7.83 16.21
C17 CLA GE . -25.54 -6.98 15.06
C18 CLA GE . -24.86 -5.70 15.52
C19 CLA GE . -25.62 -5.05 16.65
C20 CLA GE . -24.71 -4.72 14.37
MG CLA HE . 29.11 10.55 -6.93
CHA CLA HE . 29.74 8.49 -9.64
CHB CLA HE . 31.93 12.33 -7.64
CHC CLA HE . 28.33 12.70 -4.38
CHD CLA HE . 26.22 8.65 -6.22
NA CLA HE . 30.58 10.39 -8.40
C1A CLA HE . 30.66 9.47 -9.45
C2A CLA HE . 31.90 9.72 -10.31
C3A CLA HE . 32.66 10.80 -9.50
C4A CLA HE . 31.66 11.24 -8.45
CMA CLA HE . 33.85 10.19 -8.84
CAA CLA HE . 31.51 10.24 -11.68
CBA CLA HE . 30.64 11.49 -11.62
CGA CLA HE . 29.19 11.12 -11.57
O1A CLA HE . 28.62 10.21 -12.18
O2A CLA HE . 28.45 11.91 -10.74
NB CLA HE . 29.94 12.23 -6.20
C1B CLA HE . 31.10 12.79 -6.61
C2B CLA HE . 31.43 13.97 -5.76
C3B CLA HE . 30.42 14.08 -4.83
C4B CLA HE . 29.46 12.97 -5.09
CMB CLA HE . 32.63 14.78 -5.95
CAB CLA HE . 30.27 15.04 -3.76
CBB CLA HE . 29.27 15.92 -3.66
NC CLA HE . 27.56 10.63 -5.53
C1C CLA HE . 27.44 11.60 -4.57
C2C CLA HE . 26.24 11.36 -3.79
C3C CLA HE . 25.64 10.21 -4.30
C4C CLA HE . 26.48 9.76 -5.40
CMC CLA HE . 25.79 12.20 -2.68
CAC CLA HE . 24.40 9.57 -3.84
CBC CLA HE . 23.22 9.88 -4.75
ND CLA HE . 28.20 8.88 -7.64
C1D CLA HE . 27.00 8.22 -7.27
C2D CLA HE . 26.78 7.08 -8.19
C3D CLA HE . 27.81 7.13 -9.13
C4D CLA HE . 28.65 8.28 -8.74
CMD CLA HE . 25.67 6.14 -8.10
CAD CLA HE . 28.41 6.52 -10.29
OBD CLA HE . 28.09 5.49 -10.89
CBD CLA HE . 29.63 7.40 -10.70
CGD CLA HE . 30.91 6.61 -10.84
O1D CLA HE . 31.36 5.77 -10.05
O2D CLA HE . 31.61 6.89 -11.96
CED CLA HE . 33.03 6.76 -11.92
C1 CLA HE . 27.36 11.23 -10.07
C2 CLA HE . 26.57 12.24 -9.33
C3 CLA HE . 25.31 11.99 -8.92
C4 CLA HE . 24.64 10.69 -9.20
C5 CLA HE . 24.51 13.01 -8.19
C6 CLA HE . 25.15 13.44 -6.88
C7 CLA HE . 24.12 14.06 -5.97
C8 CLA HE . 24.52 15.45 -5.49
C9 CLA HE . 24.52 16.45 -6.63
C10 CLA HE . 25.88 15.43 -4.81
C11 CLA HE . 25.78 15.76 -3.34
C12 CLA HE . 26.12 17.20 -3.04
C13 CLA HE . 26.53 17.36 -1.59
C14 CLA HE . 25.33 17.28 -0.68
C15 CLA HE . 27.28 18.66 -1.36
C16 CLA HE . 27.60 18.86 0.11
C17 CLA HE . 28.93 19.55 0.31
C18 CLA HE . 28.81 20.74 1.26
C19 CLA HE . 30.12 21.48 1.37
C20 CLA HE . 28.35 20.27 2.63
MG CLA IE . 11.55 7.90 -4.12
CHA CLA IE . 10.76 6.77 -0.93
CHB CLA IE . 8.45 9.28 -4.39
CHC CLA IE . 12.42 9.09 -7.22
CHD CLA IE . 14.73 6.36 -3.81
NA CLA IE . 9.88 7.99 -2.85
C1A CLA IE . 9.75 7.47 -1.55
C2A CLA IE . 8.37 7.76 -0.98
C3A CLA IE . 7.62 8.44 -2.15
C4A CLA IE . 8.72 8.60 -3.22
CMA CLA IE . 6.47 7.59 -2.65
CAA CLA IE . 8.46 8.70 0.19
CBA CLA IE . 9.47 9.79 -0.07
CGA CLA IE . 8.81 11.14 -0.04
O1A CLA IE . 7.68 11.45 -0.43
O2A CLA IE . 9.60 12.11 0.51
NB CLA IE . 10.60 8.96 -5.55
C1B CLA IE . 9.35 9.48 -5.45
C2B CLA IE . 9.05 10.30 -6.65
C3B CLA IE . 10.17 10.26 -7.46
C4B CLA IE . 11.17 9.40 -6.77
CMB CLA IE . 7.78 11.00 -6.85
CAB CLA IE . 10.39 10.89 -8.73
CBB CLA IE . 10.93 10.33 -9.82
NC CLA IE . 13.26 7.74 -5.29
C1C CLA IE . 13.40 8.31 -6.53
C2C CLA IE . 14.73 8.00 -7.07
C3C CLA IE . 15.38 7.22 -6.11
C4C CLA IE . 14.44 7.07 -5.00
CMC CLA IE . 15.23 8.45 -8.37
CAC CLA IE . 16.73 6.66 -6.19
CBC CLA IE . 16.76 5.23 -6.65
ND CLA IE . 12.57 6.83 -2.74
C1D CLA IE . 13.86 6.24 -2.74
C2D CLA IE . 14.08 5.54 -1.46
C3D CLA IE . 12.93 5.73 -0.72
C4D CLA IE . 12.02 6.53 -1.56
CMD CLA IE . 15.30 4.82 -1.10
CAD CLA IE . 12.25 5.47 0.54
OBD CLA IE . 12.65 4.88 1.54
CBD CLA IE . 10.83 6.10 0.42
CGD CLA IE . 9.75 5.06 0.58
O1D CLA IE . 8.93 4.70 -0.27
O2D CLA IE . 9.72 4.48 1.81
CED CLA IE . 8.69 3.52 2.07
C1 CLA IE . 9.32 13.46 0.11
C2 CLA IE . 10.12 14.32 1.02
C3 CLA IE . 9.87 15.63 1.17
C4 CLA IE . 8.79 16.33 0.45
C5 CLA IE . 10.70 16.44 2.11
C6 CLA IE . 11.36 17.63 1.42
C7 CLA IE . 12.39 17.15 0.42
C8 CLA IE . 12.98 18.32 -0.37
C9 CLA IE . 13.80 19.20 0.53
C10 CLA IE . 11.88 19.13 -1.05
C11 CLA IE . 12.43 20.36 -1.72
C12 CLA IE . 11.69 20.69 -3.00
C13 CLA IE . 12.45 21.73 -3.82
C14 CLA IE . 11.72 23.05 -3.84
C15 CLA IE . 12.72 21.22 -5.24
C16 CLA IE . 14.11 21.61 -5.68
C17 CLA IE . 14.37 21.20 -7.12
C18 CLA IE . 15.80 21.52 -7.53
C19 CLA IE . 16.07 21.08 -8.96
C20 CLA IE . 16.07 23.01 -7.40
C1 PQN JE . 17.15 -1.50 -5.70
O1 PQN JE . 16.49 -1.67 -6.75
C2 PQN JE . 18.11 -0.37 -5.61
C2M PQN JE . 18.26 0.55 -6.79
C3 PQN JE . 18.91 -0.17 -4.37
C4 PQN JE . 18.74 -1.09 -3.22
O4 PQN JE . 19.41 -0.92 -2.19
C5 PQN JE . 17.78 -2.24 -3.32
C6 PQN JE . 17.61 -3.12 -2.26
C7 PQN JE . 16.72 -4.17 -2.37
C8 PQN JE . 15.98 -4.35 -3.54
C9 PQN JE . 16.11 -3.50 -4.63
C10 PQN JE . 17.00 -2.44 -4.56
C11 PQN JE . 19.87 1.00 -4.28
C12 PQN JE . 19.07 2.22 -3.90
C13 PQN JE . 19.55 3.19 -3.11
C14 PQN JE . 20.96 3.11 -2.57
C15 PQN JE . 18.66 4.37 -2.79
C16 PQN JE . 19.40 5.68 -2.98
C17 PQN JE . 18.49 6.83 -2.58
C18 PQN JE . 19.17 8.19 -2.70
C19 PQN JE . 20.58 8.15 -2.13
C20 PQN JE . 18.32 9.22 -1.97
C21 PQN JE . 17.03 9.51 -2.71
C22 PQN JE . 17.26 10.45 -3.89
C23 PQN JE . 15.95 10.81 -4.58
C24 PQN JE . 16.21 11.74 -5.76
C25 PQN JE . 14.99 11.45 -3.58
C26 PQN JE . 13.55 10.97 -3.80
C27 PQN JE . 12.76 11.91 -4.70
C28 PQN JE . 11.87 12.84 -3.88
C29 PQN JE . 10.94 13.65 -4.79
C30 PQN JE . 11.07 12.06 -2.85
MG CLA KE . -24.28 -20.01 21.68
CHA CLA KE . -25.42 -23.28 21.61
CHB CLA KE . -24.57 -19.83 18.29
CHC CLA KE . -23.46 -16.67 21.84
CHD CLA KE . -24.11 -20.21 25.20
NA CLA KE . -24.83 -21.37 20.20
C1A CLA KE . -25.31 -22.68 20.38
C2A CLA KE . -25.62 -23.32 19.03
C3A CLA KE . -25.14 -22.28 18.00
C4A CLA KE . -24.82 -21.06 18.87
CMA CLA KE . -23.96 -22.76 17.19
CAA CLA KE . -27.11 -23.55 18.92
CBA CLA KE . -27.53 -24.02 17.54
CGA CLA KE . -28.94 -24.51 17.62
O1A CLA KE . -29.91 -23.97 18.15
O2A CLA KE . -29.13 -25.70 16.99
NB CLA KE . -24.04 -18.53 20.32
C1B CLA KE . -24.25 -18.65 18.99
C2B CLA KE . -24.10 -17.32 18.34
C3B CLA KE . -23.78 -16.42 19.33
C4B CLA KE . -23.74 -17.18 20.62
CMB CLA KE . -24.27 -17.14 16.89
CAB CLA KE . -23.52 -15.00 19.31
CBB CLA KE . -23.44 -14.20 18.24
NC CLA KE . -23.79 -18.70 23.24
C1C CLA KE . -23.47 -17.38 23.08
C2C CLA KE . -23.22 -16.77 24.38
C3C CLA KE . -23.42 -17.76 25.34
C4C CLA KE . -23.79 -18.97 24.61
CMC CLA KE . -22.84 -15.37 24.58
CAC CLA KE . -23.30 -17.63 26.79
CBC CLA KE . -24.63 -17.78 27.50
ND CLA KE . -24.51 -21.41 23.10
C1D CLA KE . -24.45 -21.35 24.53
C2D CLA KE . -24.83 -22.67 25.09
C3D CLA KE . -25.22 -23.45 24.01
C4D CLA KE . -25.03 -22.61 22.81
CMD CLA KE . -24.82 -23.00 26.51
CAD CLA KE . -25.68 -24.75 23.57
OBD CLA KE . -25.85 -25.77 24.22
CBD CLA KE . -25.94 -24.64 22.04
CGD CLA KE . -25.36 -25.77 21.26
O1D CLA KE . -25.78 -26.24 20.19
O2D CLA KE . -24.24 -26.32 21.81
CED CLA KE . -23.76 -27.52 21.22
C1 CLA KE . -30.30 -25.79 16.15
C2 CLA KE . -30.03 -26.88 15.17
C3 CLA KE . -30.77 -27.04 14.06
C4 CLA KE . -31.91 -26.16 13.73
C5 CLA KE . -30.47 -28.14 13.09
C6 CLA KE . -29.33 -29.03 13.54
C7 CLA KE . -29.17 -30.19 12.59
C8 CLA KE . -28.25 -31.27 13.15
C9 CLA KE . -27.08 -30.66 13.89
C10 CLA KE . -27.75 -32.17 12.03
C11 CLA KE . -28.01 -33.63 12.33
C12 CLA KE . -27.74 -34.51 11.12
C13 CLA KE . -29.00 -34.78 10.32
C14 CLA KE . -29.25 -36.27 10.20
C15 CLA KE . -28.98 -34.15 8.94
C16 CLA KE . -27.63 -33.56 8.54
C17 CLA KE . -27.67 -33.05 7.12
C18 CLA KE . -28.07 -31.58 7.06
C19 CLA KE . -28.97 -31.31 5.88
C20 CLA KE . -26.83 -30.71 6.98
O1 LHG LE . 17.17 -0.49 13.41
C1 LHG LE . 16.28 -1.48 13.02
C2 LHG LE . 15.41 -0.93 11.90
O2 LHG LE . 14.17 -0.56 12.42
C3 LHG LE . 15.20 -2.03 10.85
O3 LHG LE . 15.13 -1.40 9.60
P LHG LE . 14.34 -2.17 8.39
O4 LHG LE . 13.45 -3.24 8.97
O5 LHG LE . 15.33 -2.80 7.45
O6 LHG LE . 13.41 -1.07 7.54
C4 LHG LE . 12.34 -1.59 6.75
C5 LHG LE . 11.51 -0.41 6.20
C6 LHG LE . 10.11 -0.46 6.80
O7 LHG LE . 12.13 0.81 6.53
C7 LHG LE . 11.93 1.80 5.57
O9 LHG LE . 11.44 1.53 4.52
C8 LHG LE . 12.32 3.28 5.86
C9 LHG LE . 11.71 4.23 4.81
C10 LHG LE . 11.45 5.64 5.38
O8 LHG LE . 9.90 0.72 7.52
C23 LHG LE . 8.76 0.69 8.32
O10 LHG LE . 8.28 -0.36 8.64
C24 LHG LE . 8.10 2.01 8.78
C11 LHG LE . 12.34 6.73 4.72
C12 LHG LE . 11.60 8.10 4.62
C13 LHG LE . 12.32 9.10 3.66
C14 LHG LE . 11.69 10.51 3.69
C15 LHG LE . 10.35 10.55 4.50
C16 LHG LE . 9.14 10.91 3.61
C17 LHG LE . 8.03 11.59 4.42
C18 LHG LE . 6.68 11.51 3.72
C19 LHG LE . 5.70 12.56 4.24
C20 LHG LE . 4.26 12.21 3.92
C21 LHG LE . 3.31 13.39 4.15
C25 LHG LE . 7.19 2.54 7.68
C26 LHG LE . 6.82 1.69 6.70
C27 LHG LE . 5.89 2.17 5.53
C28 LHG LE . 6.15 1.36 4.23
C29 LHG LE . 5.13 0.21 4.04
C30 LHG LE . 4.25 0.42 2.78
C31 LHG LE . 4.20 1.90 2.34
C32 LHG LE . 2.98 2.21 1.44
C33 LHG LE . 3.05 3.65 0.90
C34 LHG LE . 1.84 3.99 -0.03
C35 LHG LE . 1.98 5.34 -0.71
C36 LHG LE . 0.98 5.50 -1.86
C37 LHG LE . 0.43 6.93 -1.95
C38 LHG LE . -0.67 7.04 -3.03
O1 LHG ME . -18.97 -15.59 21.06
C1 LHG ME . -19.86 -15.94 22.05
C2 LHG ME . -19.34 -17.19 22.72
O2 LHG ME . -18.07 -17.46 22.21
C3 LHG ME . -20.27 -18.36 22.39
O3 LHG ME . -19.93 -18.84 21.14
P LHG ME . -20.12 -20.44 20.85
O4 LHG ME . -21.49 -20.88 21.30
O5 LHG ME . -19.07 -21.22 21.62
O6 LHG ME . -19.95 -20.75 19.22
C4 LHG ME . -21.14 -20.85 18.44
C5 LHG ME . -20.74 -20.71 16.96
C6 LHG ME . -21.59 -19.62 16.32
O7 LHG ME . -19.39 -20.35 16.87
C7 LHG ME . -18.58 -21.36 16.32
O9 LHG ME . -18.80 -22.49 16.56
C8 LHG ME . -17.40 -20.98 15.39
C9 LHG ME . -17.29 -21.94 14.19
C10 LHG ME . -17.17 -21.19 12.84
O8 LHG ME . -21.98 -20.05 15.05
C23 LHG ME . -21.35 -19.37 14.02
O10 LHG ME . -20.83 -18.32 14.22
C24 LHG ME . -21.30 -19.98 12.59
C11 LHG ME . -17.40 -22.14 11.62
C12 LHG ME . -17.47 -21.37 10.26
C13 LHG ME . -18.55 -21.96 9.31
C25 LHG ME . -21.38 -18.90 11.51
C1 BCR NE . -13.23 25.58 13.03
C2 BCR NE . -12.24 24.74 12.24
C3 BCR NE . -12.65 24.57 10.78
C4 BCR NE . -14.00 23.88 10.73
C5 BCR NE . -15.00 24.76 11.44
C6 BCR NE . -14.67 25.40 12.58
C7 BCR NE . -15.74 25.98 13.43
C8 BCR NE . -16.49 25.22 14.21
C9 BCR NE . -17.54 25.81 15.06
C10 BCR NE . -18.17 25.03 15.95
C11 BCR NE . -19.21 25.52 16.84
C33 BCR NE . -16.35 24.92 10.84
C31 BCR NE . -12.90 27.05 12.87
C32 BCR NE . -13.12 25.20 14.50
C34 BCR NE . -17.90 27.26 14.93
C12 BCR NE . -19.72 24.67 17.71
C13 BCR NE . -20.78 25.06 18.67
C14 BCR NE . -21.26 24.11 19.50
C15 BCR NE . -22.29 24.41 20.48
C16 BCR NE . -22.72 23.41 21.26
C17 BCR NE . -23.74 23.62 22.28
C18 BCR NE . -24.27 22.58 22.93
C19 BCR NE . -25.29 22.80 23.97
C20 BCR NE . -25.88 21.77 24.58
C21 BCR NE . -26.87 22.05 25.61
C22 BCR NE . -27.51 21.07 26.25
C23 BCR NE . -28.49 21.42 27.30
C24 BCR NE . -29.39 20.53 27.73
C25 BCR NE . -30.35 20.89 28.78
C26 BCR NE . -29.93 21.02 30.05
C27 BCR NE . -30.72 21.78 31.09
C28 BCR NE . -31.91 22.47 30.45
C29 BCR NE . -32.65 21.45 29.59
C30 BCR NE . -31.79 21.07 28.39
C35 BCR NE . -21.29 26.47 18.73
C36 BCR NE . -23.84 21.18 22.60
C37 BCR NE . -27.23 19.64 25.92
C38 BCR NE . -28.65 20.36 30.48
C39 BCR NE . -31.89 22.17 27.35
C40 BCR NE . -32.29 19.75 27.80
C1 BCR OE . -11.92 15.21 7.85
C2 BCR OE . -10.62 14.40 7.91
C3 BCR OE . -10.87 12.91 7.70
C4 BCR OE . -11.76 12.40 8.81
C5 BCR OE . -13.04 13.19 8.81
C6 BCR OE . -13.03 14.52 8.61
C7 BCR OE . -14.13 15.35 9.15
C8 BCR OE . -14.25 15.47 10.46
C9 BCR OE . -15.31 16.30 11.06
C10 BCR OE . -15.60 16.10 12.35
C11 BCR OE . -16.62 16.88 13.03
C33 BCR OE . -14.34 12.45 9.01
C31 BCR OE . -12.37 15.37 6.41
C32 BCR OE . -11.66 16.57 8.46
C34 BCR OE . -16.04 17.34 10.27
C12 BCR OE . -16.57 16.87 14.36
C13 BCR OE . -17.53 17.63 15.17
C14 BCR OE . -17.37 17.60 16.50
C15 BCR OE . -18.28 18.33 17.38
C16 BCR OE . -18.05 18.31 18.68
C17 BCR OE . -18.96 19.05 19.55
C18 BCR OE . -18.77 19.08 20.88
C19 BCR OE . -19.72 19.85 21.69
C20 BCR OE . -19.49 20.10 22.98
C21 BCR OE . -20.51 20.88 23.66
C22 BCR OE . -20.52 21.04 24.99
C23 BCR OE . -21.59 21.84 25.59
C24 BCR OE . -21.56 22.19 26.87
C25 BCR OE . -22.65 22.99 27.47
C26 BCR OE . -22.87 24.26 27.09
C27 BCR OE . -24.16 24.97 27.42
C28 BCR OE . -25.19 23.99 27.96
C29 BCR OE . -24.57 23.19 29.09
C30 BCR OE . -23.47 22.30 28.55
C35 BCR OE . -18.65 18.40 14.54
C36 BCR OE . -17.62 18.34 21.50
C37 BCR OE . -19.45 20.41 25.84
C38 BCR OE . -21.83 25.04 26.36
C39 BCR OE . -24.07 21.04 27.95
C40 BCR OE . -22.51 21.92 29.68
C1 BCR PE . -30.42 -15.71 11.85
C2 BCR PE . -31.86 -15.21 12.01
C3 BCR PE . -32.36 -14.99 13.43
C4 BCR PE . -31.28 -14.38 14.30
C5 BCR PE . -30.17 -15.41 14.29
C6 BCR PE . -29.60 -15.69 13.11
C7 BCR PE . -28.15 -15.94 12.99
C8 BCR PE . -27.26 -15.21 13.64
C9 BCR PE . -25.81 -15.48 13.51
C10 BCR PE . -24.97 -14.66 14.14
C11 BCR PE . -23.53 -14.82 14.06
C33 BCR PE . -29.79 -16.11 15.56
C31 BCR PE . -29.71 -14.83 10.83
C32 BCR PE . -30.44 -17.15 11.35
C34 BCR PE . -25.31 -16.62 12.68
C12 BCR PE . -22.78 -13.92 14.70
C13 BCR PE . -21.31 -13.96 14.69
C14 BCR PE . -20.66 -12.94 15.23
C15 BCR PE . -19.20 -12.91 15.25
C16 BCR PE . -18.60 -11.80 15.67
C17 BCR PE . -17.15 -11.74 15.68
C18 BCR PE . -16.53 -10.61 16.03
C19 BCR PE . -15.06 -10.60 16.02
C20 BCR PE . -14.37 -9.55 16.43
C21 BCR PE . -12.92 -9.66 16.36
C22 BCR PE . -12.11 -8.73 16.86
C23 BCR PE . -10.66 -8.94 16.74
C24 BCR PE . -9.79 -8.02 17.13
C25 BCR PE . -8.34 -8.25 16.98
C26 BCR PE . -7.76 -8.18 15.78
C27 BCR PE . -6.36 -8.68 15.56
C28 BCR PE . -5.53 -8.25 16.76
C29 BCR PE . -6.10 -8.90 18.00
C30 BCR PE . -7.57 -8.55 18.26
C35 BCR PE . -20.58 -15.11 14.06
C36 BCR PE . -17.31 -9.40 16.43
C37 BCR PE . -12.66 -7.51 17.54
C38 BCR PE . -8.49 -7.58 14.61
C39 BCR PE . -7.66 -7.31 19.15
C40 BCR PE . -8.22 -9.72 18.98
C1 BCR QE . -8.09 -9.09 8.52
C2 BCR QE . -6.82 -9.76 9.03
C3 BCR QE . -6.90 -9.88 10.55
C4 BCR QE . -6.83 -8.50 11.16
C5 BCR QE . -7.78 -7.55 10.46
C6 BCR QE . -8.43 -7.87 9.34
C7 BCR QE . -9.54 -7.03 8.84
C8 BCR QE . -10.73 -7.04 9.43
C9 BCR QE . -11.84 -6.22 8.94
C10 BCR QE . -13.03 -6.37 9.53
C11 BCR QE . -14.21 -5.62 9.12
C33 BCR QE . -7.96 -6.19 11.08
C31 BCR QE . -9.24 -10.08 8.60
C32 BCR QE . -7.90 -8.65 7.07
C34 BCR QE . -11.66 -5.26 7.81
C12 BCR QE . -15.37 -6.01 9.67
C13 BCR QE . -16.65 -5.36 9.36
C14 BCR QE . -17.77 -5.93 9.84
C15 BCR QE . -19.07 -5.35 9.56
C16 BCR QE . -20.15 -5.97 10.04
C17 BCR QE . -21.47 -5.42 9.76
C18 BCR QE . -22.56 -5.99 10.30
C19 BCR QE . -23.89 -5.43 9.99
C20 BCR QE . -24.99 -6.01 10.46
C21 BCR QE . -26.29 -5.44 10.12
C22 BCR QE . -27.37 -6.20 10.26
C23 BCR QE . -28.70 -5.67 9.92
C24 BCR QE . -29.32 -6.23 8.88
C25 BCR QE . -30.66 -5.81 8.40
C26 BCR QE . -31.69 -6.63 8.66
C27 BCR QE . -32.89 -6.64 7.75
C28 BCR QE . -33.21 -5.21 7.33
C29 BCR QE . -31.99 -4.59 6.68
C30 BCR QE . -30.80 -4.52 7.64
C35 BCR QE . -16.72 -4.12 8.53
C36 BCR QE . -22.44 -7.18 11.19
C37 BCR QE . -27.26 -7.60 10.77
C38 BCR QE . -31.65 -7.55 9.83
C39 BCR QE . -30.98 -3.37 8.62
C40 BCR QE . -29.54 -4.31 6.81
FE1 SF4 RE . 16.18 -12.90 -0.27
FE2 SF4 RE . 15.18 -15.48 0.99
FE3 SF4 RE . 16.76 -13.52 2.62
FE4 SF4 RE . 18.11 -15.08 0.41
S1 SF4 RE . 16.98 -15.59 2.15
S2 SF4 RE . 17.95 -13.02 0.92
S3 SF4 RE . 16.31 -14.98 -0.75
S4 SF4 RE . 14.99 -13.39 1.43
C1 XAT SE . -31.04 0.92 34.20
C2 XAT SE . -30.78 -0.56 34.06
C3 XAT SE . -31.82 -1.14 33.13
C4 XAT SE . -31.48 -0.70 31.73
C5 XAT SE . -31.21 0.80 31.56
C6 XAT SE . -31.02 1.64 32.84
C7 XAT SE . -30.01 2.74 32.67
C8 XAT SE . -30.51 3.95 32.47
C9 XAT SE . -29.75 5.19 32.30
C10 XAT SE . -30.10 5.99 31.29
C11 XAT SE . -29.48 7.28 31.04
C12 XAT SE . -30.13 8.00 30.14
C13 XAT SE . -29.76 9.37 29.76
C14 XAT SE . -30.01 9.83 28.53
C15 XAT SE . -29.72 11.22 28.27
C16 XAT SE . -30.02 1.54 35.14
C17 XAT SE . -32.41 1.13 34.82
C18 XAT SE . -30.39 1.31 30.37
C19 XAT SE . -28.64 5.57 33.24
C20 XAT SE . -29.18 10.28 30.80
O3 XAT SE . -31.78 -2.57 33.20
O4 XAT SE . -32.24 1.67 32.07
C21 XAT SE . -33.06 22.48 22.76
C22 XAT SE . -32.81 23.90 22.33
C23 XAT SE . -31.73 24.51 23.21
C24 XAT SE . -30.44 23.87 22.75
C25 XAT SE . -30.44 22.37 23.05
C26 XAT SE . -31.80 21.68 23.14
C27 XAT SE . -31.80 20.22 22.74
C28 XAT SE . -31.73 19.39 23.77
C29 XAT SE . -31.75 17.92 23.72
C30 XAT SE . -31.11 17.27 24.70
C31 XAT SE . -31.13 15.82 24.78
C32 XAT SE . -30.38 15.21 25.67
C33 XAT SE . -30.50 13.74 25.80
C34 XAT SE . -30.13 13.20 26.95
C35 XAT SE . -30.29 11.78 27.22
C36 XAT SE . -33.80 21.75 21.64
C37 XAT SE . -33.99 22.50 23.97
C38 XAT SE . -29.36 21.44 22.48
C39 XAT SE . -32.50 17.19 22.65
C40 XAT SE . -31.07 12.92 24.69
O23 XAT SE . -31.67 25.92 23.01
O24 XAT SE . -31.02 22.02 24.30
C1 LMG TE . -46.20 9.13 13.48
O1 LMG TE . -45.72 8.32 14.55
C2 LMG TE . -47.61 8.72 13.10
O2 LMG TE . -47.63 7.33 12.73
C3 LMG TE . -48.09 9.58 11.93
O3 LMG TE . -49.45 9.27 11.63
C4 LMG TE . -47.95 11.05 12.25
O4 LMG TE . -48.95 11.42 13.19
C5 LMG TE . -46.57 11.39 12.84
O5 LMG TE . -45.96 13.68 12.40
C6 LMG TE . -46.54 12.81 13.38
O6 LMG TE . -46.24 10.50 13.90
C7 LMG TE . -44.43 8.74 14.98
C8 LMG TE . -43.44 7.61 14.73
C9 LMG TE . -42.07 8.00 15.27
O7 LMG TE . -43.88 6.43 15.39
C10 LMG TE . -42.79 5.48 15.59
O9 LMG TE . -42.59 4.64 14.73
C11 LMG TE . -41.95 5.54 16.82
C12 LMG TE . -40.73 4.63 16.63
C13 LMG TE . -39.45 5.37 17.00
C14 LMG TE . -38.38 4.38 17.46
C15 LMG TE . -38.49 4.12 18.95
C16 LMG TE . -37.63 2.93 19.35
C17 LMG TE . -36.37 3.40 20.05
O8 LMG TE . -42.19 8.40 16.64
C28 LMG TE . -41.22 9.31 17.22
O10 LMG TE . -41.58 10.44 17.52
C29 LMG TE . -39.80 8.88 17.45
C30 LMG TE . -39.19 9.74 18.54
C31 LMG TE . -38.69 8.89 19.70
C32 LMG TE . -37.86 9.71 20.66
C33 LMG TE . -37.04 8.81 21.56
C34 LMG TE . -37.01 9.33 22.99
MG CLA UE . 25.71 9.53 0.24
CHA CLA UE . 26.87 12.68 1.11
CHB CLA UE . 23.12 9.89 2.43
CHC CLA UE . 24.43 6.55 -0.88
CHD CLA UE . 28.44 9.19 -1.97
NA CLA UE . 25.14 11.04 1.58
C1A CLA UE . 25.74 12.29 1.77
C2A CLA UE . 25.00 13.09 2.84
C3A CLA UE . 23.94 12.09 3.38
C4A CLA UE . 24.05 10.92 2.40
CMA CLA UE . 24.24 11.68 4.80
CAA CLA UE . 24.32 14.30 2.24
CBA CLA UE . 24.42 15.49 3.17
CGA CLA UE . 23.26 16.42 2.92
O1A CLA UE . 22.07 16.23 3.10
O2A CLA UE . 23.66 17.64 2.42
NB CLA UE . 24.09 8.42 0.70
C1B CLA UE . 23.12 8.77 1.60
C2B CLA UE . 22.03 7.76 1.56
C3B CLA UE . 22.39 6.80 0.64
C4B CLA UE . 23.72 7.21 0.08
CMB CLA UE . 20.84 7.84 2.40
CAB CLA UE . 21.70 5.62 0.21
CBB CLA UE . 22.03 4.38 0.59
NC CLA UE . 26.35 8.12 -1.15
C1C CLA UE . 25.66 6.97 -1.45
C2C CLA UE . 26.39 6.22 -2.48
C3C CLA UE . 27.53 6.96 -2.78
C4C CLA UE . 27.49 8.15 -1.93
CMC CLA UE . 25.95 4.94 -3.05
CAC CLA UE . 28.57 6.63 -3.77
CBC CLA UE . 29.80 6.03 -3.12
ND CLA UE . 27.34 10.59 -0.29
C1D CLA UE . 28.38 10.34 -1.21
C2D CLA UE . 29.32 11.49 -1.22
C3D CLA UE . 28.76 12.43 -0.38
C4D CLA UE . 27.54 11.82 0.18
CMD CLA UE . 30.54 11.58 -2.03
CAD CLA UE . 28.90 13.75 0.23
OBD CLA UE . 29.79 14.58 0.07
CBD CLA UE . 27.69 13.95 1.17
CGD CLA UE . 28.11 14.27 2.57
O1D CLA UE . 28.11 13.51 3.55
O2D CLA UE . 28.53 15.55 2.74
CED CLA UE . 28.54 16.07 4.07
C1 CLA UE . 23.41 18.78 3.26
C2 CLA UE . 24.33 19.84 2.79
C3 CLA UE . 24.04 20.69 1.80
C4 CLA UE . 22.75 20.64 1.08
C5 CLA UE . 25.02 21.73 1.37
C6 CLA UE . 24.52 23.14 1.63
C7 CLA UE . 24.65 23.51 3.09
C8 CLA UE . 25.27 24.90 3.26
C9 CLA UE . 25.78 25.09 4.67
C10 CLA UE . 24.26 25.99 2.91
C11 CLA UE . 23.34 26.32 4.06
C12 CLA UE . 21.94 26.67 3.60
C13 CLA UE . 21.75 28.17 3.40
C14 CLA UE . 22.16 28.92 4.66
C15 CLA UE . 20.31 28.49 3.03
C16 CLA UE . 20.11 29.98 2.85
C17 CLA UE . 20.88 30.52 1.66
C18 CLA UE . 21.36 31.94 1.89
C19 CLA UE . 22.47 32.30 0.93
C20 CLA UE . 20.21 32.91 1.74
MG CLA VE . -6.07 -30.88 -4.82
CHA CLA VE . -7.83 -28.55 -2.91
CHB CLA VE . -8.22 -33.32 -3.82
CHC CLA VE . -4.38 -33.11 -6.81
CHD CLA VE . -3.85 -28.31 -5.81
NA CLA VE . -7.74 -30.91 -3.56
C1A CLA VE . -8.33 -29.84 -2.87
C2A CLA VE . -9.54 -30.30 -2.06
C3A CLA VE . -9.56 -31.82 -2.30
C4A CLA VE . -8.44 -32.05 -3.31
CMA CLA VE . -9.32 -32.57 -1.02
CAA CLA VE . -10.82 -29.66 -2.57
CBA CLA VE . -11.19 -30.15 -3.95
CGA CLA VE . -11.08 -29.04 -4.94
O1A CLA VE . -11.91 -28.19 -5.25
O2A CLA VE . -9.86 -29.01 -5.56
NB CLA VE . -6.26 -32.84 -5.23
C1B CLA VE . -7.22 -33.66 -4.74
C2B CLA VE . -7.06 -35.02 -5.33
C3B CLA VE . -5.98 -34.97 -6.18
C4B CLA VE . -5.45 -33.58 -6.12
CMB CLA VE . -7.94 -36.15 -5.02
CAB CLA VE . -5.39 -36.01 -6.99
CBB CLA VE . -5.25 -35.96 -8.31
NC CLA VE . -4.41 -30.72 -6.06
C1C CLA VE . -3.89 -31.77 -6.78
C2C CLA VE . -2.73 -31.32 -7.55
C3C CLA VE . -2.58 -29.95 -7.27
C4C CLA VE . -3.64 -29.60 -6.34
CMC CLA VE . -1.93 -32.15 -8.44
CAC CLA VE . -1.56 -29.05 -7.83
CBC CLA VE . -2.02 -28.43 -9.13
ND CLA VE . -5.82 -28.91 -4.46
C1D CLA VE . -4.86 -27.97 -4.93
C2D CLA VE . -5.16 -26.65 -4.34
C3D CLA VE . -6.29 -26.81 -3.57
C4D CLA VE . -6.66 -28.24 -3.68
CMD CLA VE . -4.38 -25.44 -4.58
CAD CLA VE . -7.25 -26.17 -2.69
OBD CLA VE . -7.31 -25.00 -2.31
CBD CLA VE . -8.27 -27.27 -2.25
CGD CLA VE . -8.33 -27.42 -0.75
O1D CLA VE . -7.40 -27.63 0.03
O2D CLA VE . -9.59 -27.30 -0.24
CED CLA VE . -9.71 -27.10 1.17
C1 CLA VE . -9.83 -28.40 -6.87
C2 CLA VE . -8.43 -28.47 -7.34
C3 CLA VE . -7.97 -29.42 -8.17
C4 CLA VE . -6.55 -29.44 -8.62
C5 CLA VE . -8.86 -30.50 -8.68
C6 CLA VE . -8.67 -31.85 -7.99
C7 CLA VE . -7.70 -32.74 -8.74
C8 CLA VE . -8.37 -33.62 -9.79
C9 CLA VE . -9.24 -34.65 -9.10
C10 CLA VE . -7.33 -34.28 -10.67
C11 CLA VE . -7.66 -35.71 -11.04
C12 CLA VE . -8.14 -35.83 -12.46
C13 CLA VE . -7.03 -35.53 -13.46
C14 CLA VE . -7.35 -34.28 -14.25
C15 CLA VE . -6.76 -36.73 -14.37
C16 CLA VE . -6.38 -36.30 -15.78
C17 CLA VE . -4.92 -36.54 -16.05
C18 CLA VE . -4.72 -37.64 -17.08
C19 CLA VE . -4.41 -37.07 -18.45
C20 CLA VE . -3.61 -38.58 -16.64
MG CLA WE . 10.50 2.13 -18.66
CHA CLA WE . 7.18 3.12 -18.81
CHB CLA WE . 11.44 5.30 -19.46
CHC CLA WE . 13.74 1.21 -18.15
CHD CLA WE . 9.44 -1.15 -17.89
NA CLA WE . 9.46 3.88 -19.14
C1A CLA WE . 8.07 4.09 -19.14
C2A CLA WE . 7.75 5.52 -19.57
C3A CLA WE . 9.10 6.04 -20.09
C4A CLA WE . 10.09 5.02 -19.53
CMA CLA WE . 9.15 6.09 -21.60
CAA CLA WE . 7.19 6.33 -18.42
CBA CLA WE . 6.70 7.68 -18.87
CGA CLA WE . 7.79 8.68 -18.66
O1A CLA WE . 8.91 8.50 -18.20
O2A CLA WE . 7.44 9.94 -19.02
NB CLA WE . 12.28 3.04 -18.92
C1B CLA WE . 12.41 4.39 -18.95
C2B CLA WE . 13.69 4.82 -18.36
C3B CLA WE . 14.36 3.67 -17.99
C4B CLA WE . 13.47 2.53 -18.36
CMB CLA WE . 14.09 6.23 -18.25
CAB CLA WE . 15.64 3.47 -17.37
CBB CLA WE . 16.69 4.29 -17.43
NC CLA WE . 11.42 0.32 -18.21
C1C CLA WE . 12.78 0.16 -18.11
C2C CLA WE . 13.09 -1.24 -17.84
C3C CLA WE . 11.86 -1.90 -17.69
C4C CLA WE . 10.82 -0.90 -17.94
CMC CLA WE . 14.44 -1.80 -17.69
CAC CLA WE . 11.63 -3.34 -17.44
CBC CLA WE . 11.38 -4.12 -18.69
ND CLA WE . 8.75 1.14 -18.40
C1D CLA WE . 8.45 -0.20 -18.08
C2D CLA WE . 6.99 -0.36 -17.96
C3D CLA WE . 6.45 0.90 -18.16
C4D CLA WE . 7.59 1.79 -18.48
CMD CLA WE . 6.32 -1.61 -17.61
CAD CLA WE . 5.24 1.71 -18.23
OBD CLA WE . 4.08 1.43 -17.96
CBD CLA WE . 5.67 3.14 -18.69
CGD CLA WE . 4.99 3.56 -19.96
O1D CLA WE . 5.49 3.75 -21.06
O2D CLA WE . 3.65 3.75 -19.80
CED CLA WE . 2.83 3.65 -20.98
C1 CLA WE . 7.70 10.97 -18.05
C2 CLA WE . 7.01 12.19 -18.54
C3 CLA WE . 6.56 13.15 -17.72
C4 CLA WE . 5.86 14.34 -18.25
C5 CLA WE . 6.74 13.08 -16.25
C6 CLA WE . 7.03 14.44 -15.65
C7 CLA WE . 6.11 14.75 -14.48
C8 CLA WE . 6.10 16.24 -14.13
C9 CLA WE . 7.47 16.86 -14.31
C10 CLA WE . 5.59 16.46 -12.72
C11 CLA WE . 6.70 16.42 -11.68
C12 CLA WE . 6.67 15.15 -10.86
C13 CLA WE . 8.06 14.74 -10.40
C14 CLA WE . 8.31 13.27 -10.70
C15 CLA WE . 8.30 15.06 -8.93
C16 CLA WE . 7.08 14.76 -8.10
C17 CLA WE . 7.23 15.24 -6.67
C18 CLA WE . 7.19 16.75 -6.56
C19 CLA WE . 5.81 17.27 -6.92
C20 CLA WE . 7.57 17.20 -5.17
MG CLA XE . -0.62 -2.26 -22.57
CHA CLA XE . 2.29 -3.06 -24.28
CHB CLA XE . 0.65 -3.64 -19.75
CHC CLA XE . -3.33 -1.04 -20.85
CHD CLA XE . -1.91 -0.84 -25.53
NA CLA XE . 1.13 -3.28 -22.14
C1A CLA XE . 2.25 -3.49 -22.97
C2A CLA XE . 3.31 -4.31 -22.25
C3A CLA XE . 2.58 -4.76 -20.95
C4A CLA XE . 1.37 -3.84 -20.91
CMA CLA XE . 2.17 -6.21 -21.06
CAA CLA XE . 4.54 -3.47 -21.91
CBA CLA XE . 5.67 -4.38 -21.47
CGA CLA XE . 6.79 -3.56 -20.93
O1A CLA XE . 7.63 -3.86 -20.07
O2A CLA XE . 6.86 -2.30 -21.46
NB CLA XE . -1.25 -2.37 -20.66
C1B CLA XE . -0.49 -2.83 -19.62
C2B CLA XE . -1.08 -2.35 -18.33
C3B CLA XE . -2.19 -1.61 -18.64
C4B CLA XE . -2.33 -1.64 -20.12
CMB CLA XE . -0.51 -2.65 -17.01
CAB CLA XE . -3.14 -0.94 -17.80
CBB CLA XE . -3.75 -1.49 -16.74
NC CLA XE . -2.35 -1.22 -23.12
C1C CLA XE . -3.34 -0.87 -22.26
C2C CLA XE . -4.40 -0.17 -22.99
C3C CLA XE . -3.98 -0.08 -24.31
C4C CLA XE . -2.70 -0.74 -24.39
CMC CLA XE . -5.63 0.36 -22.38
CAC CLA XE . -4.71 0.53 -25.43
CBC CLA XE . -5.54 -0.49 -26.16
ND CLA XE . -0.07 -2.11 -24.50
C1D CLA XE . -0.68 -1.45 -25.61
C2D CLA XE . 0.23 -1.52 -26.77
C3D CLA XE . 1.40 -2.09 -26.30
C4D CLA XE . 1.16 -2.44 -24.89
CMD CLA XE . -0.09 -0.99 -28.09
CAD CLA XE . 2.72 -2.56 -26.65
OBD CLA XE . 3.30 -2.57 -27.74
CBD CLA XE . 3.37 -3.10 -25.34
CGD CLA XE . 4.00 -4.43 -25.57
O1D CLA XE . 3.63 -5.27 -26.39
O2D CLA XE . 5.10 -4.69 -24.82
CED CLA XE . 6.37 -4.32 -25.35
C1 CLA XE . 8.09 -1.59 -21.28
C2 CLA XE . 7.89 -0.26 -21.90
C3 CLA XE . 8.32 0.04 -23.14
C4 CLA XE . 9.02 -0.93 -23.99
C5 CLA XE . 8.08 1.40 -23.70
C6 CLA XE . 6.70 1.92 -23.33
C7 CLA XE . 6.18 2.89 -24.36
C8 CLA XE . 6.81 4.27 -24.21
C9 CLA XE . 5.75 5.32 -23.96
C10 CLA XE . 7.62 4.62 -25.45
C11 CLA XE . 9.07 4.87 -25.10
C12 CLA XE . 9.93 5.07 -26.32
C13 CLA XE . 11.09 6.00 -26.00
C14 CLA XE . 12.01 6.13 -27.20
C15 CLA XE . 11.87 5.51 -24.79
C16 CLA XE . 12.22 6.66 -23.87
C17 CLA XE . 13.59 6.44 -23.25
C18 CLA XE . 13.77 7.16 -21.91
C19 CLA XE . 15.24 7.32 -21.60
C20 CLA XE . 13.09 8.51 -21.91
MG CLA YE . -2.05 -13.52 -7.57
CHA CLA YE . -3.28 -15.52 -4.99
CHB CLA YE . -3.88 -15.31 -9.80
CHC CLA YE . -0.92 -11.47 -10.10
CHD CLA YE . 0.18 -12.03 -5.31
NA CLA YE . -3.39 -15.10 -7.39
C1A CLA YE . -3.80 -15.78 -6.23
C2A CLA YE . -4.78 -16.90 -6.58
C3A CLA YE . -4.75 -16.92 -8.12
C4A CLA YE . -3.99 -15.66 -8.48
CMA CLA YE . -4.00 -18.12 -8.64
CAA CLA YE . -6.17 -16.64 -6.08
CBA CLA YE . -7.02 -17.88 -6.23
CGA CLA YE . -7.55 -17.97 -7.63
O1A CLA YE . -8.32 -17.20 -8.19
O2A CLA YE . -7.09 -19.04 -8.33
NB CLA YE . -2.40 -13.36 -9.54
C1B CLA YE . -3.16 -14.21 -10.28
C2B CLA YE . -3.14 -13.84 -11.71
C3B CLA YE . -2.31 -12.75 -11.80
C4B CLA YE . -1.83 -12.42 -10.42
CMB CLA YE . -3.86 -14.59 -12.73
CAB CLA YE . -1.91 -12.01 -12.97
CBB CLA YE . -2.76 -11.62 -13.92
NC CLA YE . -0.63 -12.00 -7.67
C1C CLA YE . -0.33 -11.29 -8.81
C2C CLA YE . 0.70 -10.32 -8.52
C3C CLA YE . 1.06 -10.50 -7.17
C4C CLA YE . 0.21 -11.57 -6.64
CMC CLA YE . 1.28 -9.39 -9.48
CAC CLA YE . 2.11 -9.77 -6.46
CBC CLA YE . 1.70 -9.03 -5.22
ND CLA YE . -1.59 -13.69 -5.62
C1D CLA YE . -0.64 -13.02 -4.81
C2D CLA YE . -0.75 -13.52 -3.41
C3D CLA YE . -1.79 -14.44 -3.42
C4D CLA YE . -2.25 -14.54 -4.82
CMD CLA YE . 0.06 -13.05 -2.31
CAD CLA YE . -2.56 -15.41 -2.64
OBD CLA YE . -2.49 -15.68 -1.45
CBD CLA YE . -3.55 -16.12 -3.63
CGD CLA YE . -3.43 -17.62 -3.61
O1D CLA YE . -2.45 -18.32 -3.31
O2D CLA YE . -4.56 -18.30 -3.97
CED CLA YE . -5.56 -18.50 -2.98
C1 CLA YE . -7.81 -19.35 -9.54
C2 CLA YE . -6.92 -19.06 -10.69
C3 CLA YE . -7.14 -18.06 -11.55
C4 CLA YE . -8.29 -17.13 -11.42
C5 CLA YE . -6.21 -17.82 -12.70
C6 CLA YE . -6.90 -18.07 -14.04
C7 CLA YE . -7.45 -19.47 -14.10
C8 CLA YE . -8.46 -19.68 -15.23
C9 CLA YE . -9.31 -18.44 -15.43
C10 CLA YE . -9.35 -20.88 -14.93
C11 CLA YE . -8.62 -22.18 -15.11
C12 CLA YE . -7.97 -22.27 -16.48
C13 CLA YE . -7.68 -23.72 -16.89
C14 CLA YE . -7.23 -24.55 -15.70
C15 CLA YE . -6.64 -23.77 -18.00
C16 CLA YE . -6.32 -25.20 -18.38
C17 CLA YE . -5.69 -25.30 -19.75
C18 CLA YE . -4.17 -25.25 -19.68
C19 CLA YE . -3.64 -26.48 -18.98
C20 CLA YE . -3.59 -25.17 -21.07
MG CLA ZE . 16.23 -32.90 -23.78
CHA CLA ZE . 17.32 -35.52 -21.80
CHB CLA ZE . 18.50 -33.74 -26.17
CHC CLA ZE . 14.95 -30.43 -25.81
CHD CLA ZE . 13.92 -32.01 -21.25
NA CLA ZE . 17.69 -34.38 -23.92
C1A CLA ZE . 17.97 -35.40 -23.00
C2A CLA ZE . 19.11 -36.29 -23.51
C3A CLA ZE . 19.57 -35.58 -24.80
C4A CLA ZE . 18.51 -34.49 -25.00
CMA CLA ZE . 20.96 -35.00 -24.66
CAA CLA ZE . 18.56 -37.67 -23.81
CBA CLA ZE . 17.38 -37.63 -24.75
CGA CLA ZE . 16.21 -38.35 -24.18
O1A CLA ZE . 16.17 -39.12 -23.22
O2A CLA ZE . 15.04 -38.11 -24.86
NB CLA ZE . 16.64 -32.23 -25.64
C1B CLA ZE . 17.60 -32.71 -26.47
C2B CLA ZE . 17.59 -31.97 -27.75
C3B CLA ZE . 16.58 -31.04 -27.66
C4B CLA ZE . 15.97 -31.18 -26.31
CMB CLA ZE . 18.52 -32.26 -28.85
CAB CLA ZE . 16.12 -30.03 -28.60
CBB CLA ZE . 16.90 -29.31 -29.42
NC CLA ZE . 14.73 -31.46 -23.55
C1C CLA ZE . 14.36 -30.55 -24.50
C2C CLA ZE . 13.27 -29.73 -24.03
C3C CLA ZE . 12.98 -30.16 -22.73
C4C CLA ZE . 13.90 -31.26 -22.44
CMC CLA ZE . 12.63 -28.65 -24.78
CAC CLA ZE . 11.95 -29.63 -21.83
CBC CLA ZE . 12.31 -28.28 -21.25
ND CLA ZE . 15.75 -33.51 -21.92
C1D CLA ZE . 14.77 -33.07 -20.99
C2D CLA ZE . 14.82 -33.92 -19.78
C3D CLA ZE . 15.78 -34.88 -20.05
C4D CLA ZE . 16.32 -34.59 -21.39
CMD CLA ZE . 13.98 -33.75 -18.60
CAD CLA ZE . 16.48 -36.05 -19.54
OBD CLA ZE . 16.39 -36.60 -18.44
CBD CLA ZE . 17.46 -36.52 -20.67
CGD CLA ZE . 18.87 -36.68 -20.17
O1D CLA ZE . 19.35 -37.66 -19.57
O2D CLA ZE . 19.68 -35.63 -20.44
CED CLA ZE . 21.07 -35.78 -20.13
C1 CLA ZE . 14.03 -39.14 -24.80
C2 CLA ZE . 13.12 -38.94 -25.96
C3 CLA ZE . 12.19 -39.84 -26.32
C4 CLA ZE . 12.00 -41.11 -25.57
C5 CLA ZE . 11.29 -39.61 -27.49
C6 CLA ZE . 11.40 -38.20 -28.05
C7 CLA ZE . 11.61 -38.22 -29.55
C8 CLA ZE . 10.57 -39.06 -30.29
C9 CLA ZE . 11.04 -39.33 -31.71
C10 CLA ZE . 9.21 -38.37 -30.28
C11 CLA ZE . 8.37 -38.71 -31.49
C12 CLA ZE . 6.88 -38.52 -31.23
C13 CLA ZE . 6.09 -38.46 -32.53
C14 CLA ZE . 6.04 -37.04 -33.06
C15 CLA ZE . 4.69 -39.02 -32.36
C16 CLA ZE . 3.83 -38.73 -33.57
C17 CLA ZE . 2.44 -38.28 -33.18
C18 CLA ZE . 1.63 -37.72 -34.35
C19 CLA ZE . 2.51 -37.11 -35.42
C20 CLA ZE . 0.72 -38.78 -34.95
MG CLA AF . 25.45 -26.61 -27.88
CHA CLA AF . 26.59 -24.76 -30.58
CHB CLA AF . 22.52 -27.19 -29.53
CHC CLA AF . 24.39 -28.49 -25.22
CHD CLA AF . 28.46 -25.88 -26.18
NA CLA AF . 24.71 -26.06 -29.75
C1A CLA AF . 25.34 -25.29 -30.73
C2A CLA AF . 24.45 -25.13 -31.96
C3A CLA AF . 23.12 -25.73 -31.50
C4A CLA AF . 23.45 -26.41 -30.17
CMA CLA AF . 22.09 -24.65 -31.30
CAA CLA AF . 25.04 -26.01 -33.05
CBA CLA AF . 24.99 -25.34 -34.40
CGA CLA AF . 23.61 -25.47 -34.99
O1A CLA AF . 22.72 -26.26 -34.67
O2A CLA AF . 23.39 -24.60 -36.01
NB CLA AF . 23.77 -27.64 -27.45
C1B CLA AF . 22.71 -27.82 -28.28
C2B CLA AF . 21.73 -28.75 -27.67
C3B CLA AF . 22.25 -29.12 -26.45
C4B CLA AF . 23.56 -28.41 -26.29
CMB CLA AF . 20.48 -29.11 -28.33
CAB CLA AF . 21.73 -30.00 -25.42
CBB CLA AF . 20.90 -31.03 -25.59
NC CLA AF . 26.27 -27.09 -26.03
C1C CLA AF . 25.67 -27.87 -25.09
C2C CLA AF . 26.52 -27.98 -23.91
C3C CLA AF . 27.68 -27.25 -24.18
C4C CLA AF . 27.51 -26.69 -25.52
CMC CLA AF . 26.19 -28.73 -22.70
CAC CLA AF . 28.83 -27.05 -23.30
CBC CLA AF . 28.82 -25.68 -22.65
ND CLA AF . 27.16 -25.60 -28.23
C1D CLA AF . 28.32 -25.36 -27.44
C2D CLA AF . 29.26 -24.52 -28.20
C3D CLA AF . 28.66 -24.26 -29.42
C4D CLA AF . 27.35 -24.95 -29.38
CMD CLA AF . 30.58 -24.09 -27.72
CAD CLA AF . 28.76 -23.60 -30.71
OBD CLA AF . 29.68 -22.92 -31.16
CBD CLA AF . 27.43 -23.88 -31.48
CGD CLA AF . 26.70 -22.61 -31.82
O1D CLA AF . 25.83 -22.44 -32.68
O2D CLA AF . 27.06 -21.54 -31.06
CED CLA AF . 26.05 -20.62 -30.67
C1 CLA AF . 22.73 -23.37 -35.68
C2 CLA AF . 23.77 -22.33 -35.47
C3 CLA AF . 24.38 -21.71 -36.49
C4 CLA AF . 24.07 -22.00 -37.91
C5 CLA AF . 25.44 -20.68 -36.23
C6 CLA AF . 26.77 -21.04 -36.83
C7 CLA AF . 27.44 -22.15 -36.05
C8 CLA AF . 28.93 -22.28 -36.34
C9 CLA AF . 29.23 -21.98 -37.80
C10 CLA AF . 29.43 -23.68 -35.99
C11 CLA AF . 29.80 -23.78 -34.53
C12 CLA AF . 29.87 -25.23 -34.08
C13 CLA AF . 30.99 -25.44 -33.08
C14 CLA AF . 32.26 -25.90 -33.77
C15 CLA AF . 30.60 -26.44 -31.99
C16 CLA AF . 31.64 -26.42 -30.88
C17 CLA AF . 31.31 -27.44 -29.80
C18 CLA AF . 32.14 -28.70 -29.96
C19 CLA AF . 31.52 -29.85 -29.21
C20 CLA AF . 33.56 -28.47 -29.49
MG CLA BF . 17.19 -23.53 -31.22
CHA CLA BF . 16.77 -25.41 -28.33
CHB CLA BF . 19.97 -22.10 -29.89
CHC CLA BF . 17.70 -21.91 -34.20
CHD CLA BF . 14.33 -25.11 -32.58
NA CLA BF . 18.16 -23.71 -29.38
C1A CLA BF . 17.85 -24.56 -28.32
C2A CLA BF . 18.83 -24.37 -27.17
C3A CLA BF . 19.69 -23.16 -27.62
C4A CLA BF . 19.27 -22.97 -29.08
CMA CLA BF . 19.41 -21.94 -26.79
CAA CLA BF . 19.71 -25.60 -27.01
CBA CLA BF . 20.76 -25.41 -25.94
CGA CLA BF . 20.16 -25.67 -24.59
O1A CLA BF . 19.87 -26.75 -24.08
O2A CLA BF . 19.89 -24.53 -23.90
NB CLA BF . 18.57 -22.25 -31.91
C1B CLA BF . 19.67 -21.82 -31.24
C2B CLA BF . 20.53 -20.99 -32.13
C3B CLA BF . 19.89 -20.93 -33.35
C4B CLA BF . 18.63 -21.71 -33.22
CMB CLA BF . 21.78 -20.39 -31.67
CAB CLA BF . 20.23 -20.27 -34.59
CBB CLA BF . 21.46 -19.89 -34.99
NC CLA BF . 16.16 -23.48 -33.03
C1C CLA BF . 16.54 -22.72 -34.11
C2C CLA BF . 15.60 -22.91 -35.20
C3C CLA BF . 14.65 -23.85 -34.76
C4C CLA BF . 15.02 -24.20 -33.40
CMC CLA BF . 15.67 -22.24 -36.51
CAC CLA BF . 13.49 -24.36 -35.51
CBC CLA BF . 12.26 -23.54 -35.23
ND CLA BF . 15.78 -24.85 -30.63
C1D CLA BF . 14.67 -25.44 -31.28
C2D CLA BF . 14.01 -26.40 -30.38
C3D CLA BF . 14.78 -26.42 -29.23
C4D CLA BF . 15.88 -25.47 -29.44
CMD CLA BF . 12.80 -27.17 -30.70
CAD CLA BF . 14.93 -26.97 -27.90
OBD CLA BF . 14.20 -27.77 -27.30
CBD CLA BF . 16.25 -26.40 -27.31
CGD CLA BF . 16.04 -25.78 -25.96
O1D CLA BF . 15.83 -24.59 -25.70
O2D CLA BF . 16.11 -26.67 -24.93
CED CLA BF . 15.43 -26.35 -23.72
C1 CLA BF . 18.65 -24.51 -23.17
C2 CLA BF . 18.06 -23.16 -23.34
C3 CLA BF . 18.38 -22.14 -22.53
C4 CLA BF . 19.32 -22.31 -21.41
C5 CLA BF . 17.79 -20.78 -22.71
C6 CLA BF . 16.48 -20.82 -23.49
C7 CLA BF . 16.61 -20.05 -24.80
C8 CLA BF . 15.32 -19.33 -25.16
C9 CLA BF . 14.14 -20.28 -25.07
C10 CLA BF . 15.39 -18.72 -26.56
C11 CLA BF . 16.77 -18.18 -26.89
C12 CLA BF . 16.86 -17.67 -28.31
C13 CLA BF . 17.32 -18.78 -29.27
C14 CLA BF . 18.39 -18.26 -30.20
C15 CLA BF . 16.16 -19.34 -30.07
C16 CLA BF . 15.80 -20.74 -29.61
C17 CLA BF . 14.71 -21.34 -30.46
C18 CLA BF . 13.43 -21.58 -29.69
C19 CLA BF . 13.72 -22.14 -28.30
C20 CLA BF . 12.52 -22.51 -30.44
MG CLA CF . 2.52 -30.53 -40.13
CHA CLA CF . -0.94 -30.55 -39.77
CHB CLA CF . 2.73 -28.03 -37.83
CHC CLA CF . 5.92 -30.58 -40.50
CHD CLA CF . 2.21 -33.04 -42.61
NA CLA CF . 1.10 -29.49 -38.99
C1A CLA CF . -0.29 -29.65 -38.99
C2A CLA CF . -0.94 -28.69 -38.00
C3A CLA CF . 0.23 -27.80 -37.52
C4A CLA CF . 1.47 -28.48 -38.13
CMA CLA CF . 0.07 -26.39 -38.02
CAA CLA CF . -1.55 -29.46 -36.85
CBA CLA CF . -0.57 -30.40 -36.18
CGA CLA CF . -0.69 -31.80 -36.72
O1A CLA CF . -1.70 -32.45 -36.94
O2A CLA CF . 0.53 -32.36 -37.00
NB CLA CF . 4.03 -29.46 -39.37
C1B CLA CF . 3.93 -28.56 -38.35
C2B CLA CF . 5.29 -28.19 -37.86
C3B CLA CF . 6.18 -28.90 -38.61
C4B CLA CF . 5.40 -29.72 -39.57
CMB CLA CF . 5.50 -27.23 -36.77
CAB CLA CF . 7.63 -28.95 -38.56
CBB CLA CF . 8.36 -29.08 -37.46
NC CLA CF . 3.82 -31.61 -41.35
C1C CLA CF . 5.18 -31.46 -41.33
C2C CLA CF . 5.78 -32.36 -42.32
C3C CLA CF . 4.74 -33.07 -42.91
C4C CLA CF . 3.51 -32.59 -42.29
CMC CLA CF . 7.22 -32.46 -42.58
CAC CLA CF . 4.85 -34.08 -43.96
CBC CLA CF . 4.67 -35.48 -43.43
ND CLA CF . 1.04 -31.65 -40.97
C1D CLA CF . 1.05 -32.62 -42.00
C2D CLA CF . -0.34 -33.05 -42.27
C3D CLA CF . -1.14 -32.29 -41.44
C4D CLA CF . -0.23 -31.43 -40.67
CMD CLA CF . -0.72 -34.07 -43.24
CAD CLA CF . -2.49 -32.01 -40.99
OBD CLA CF . -3.55 -32.56 -41.31
CBD CLA CF . -2.40 -30.82 -40.00
CGD CLA CF . -3.07 -29.59 -40.55
O1D CLA CF . -2.74 -28.95 -41.55
O2D CLA CF . -4.17 -29.17 -39.86
CED CLA CF . -4.80 -27.96 -40.29
C1 CLA CF . 0.52 -33.60 -37.74
C2 CLA CF . 1.85 -33.72 -38.39
C3 CLA CF . 2.25 -34.83 -39.04
C4 CLA CF . 1.39 -36.02 -39.17
C5 CLA CF . 3.60 -34.91 -39.67
C6 CLA CF . 4.74 -34.95 -38.67
C7 CLA CF . 5.32 -33.56 -38.47
C8 CLA CF . 6.85 -33.54 -38.47
C9 CLA CF . 7.41 -34.50 -39.50
C10 CLA CF . 7.40 -33.86 -37.10
C11 CLA CF . 8.20 -32.71 -36.55
C12 CLA CF . 8.59 -32.94 -35.10
C13 CLA CF . 9.28 -31.73 -34.50
C14 CLA CF . 10.57 -31.42 -35.24
C15 CLA CF . 9.57 -31.91 -33.01
C16 CLA CF . 8.60 -32.90 -32.37
C17 CLA CF . 8.41 -32.63 -30.90
C18 CLA CF . 7.78 -33.82 -30.19
C19 CLA CF . 8.84 -34.76 -29.65
C20 CLA CF . 6.87 -33.35 -29.07
MG CLA DF . 1.20 -20.99 -37.12
CHA CLA DF . 3.66 -20.14 -39.42
CHB CLA DF . 2.49 -24.15 -36.93
CHC CLA DF . -0.98 -21.67 -34.56
CHD CLA DF . 0.01 -17.68 -37.26
NA CLA DF . 2.76 -21.99 -38.09
C1A CLA DF . 3.68 -21.44 -39.00
C2A CLA DF . 4.68 -22.51 -39.43
C3A CLA DF . 4.10 -23.81 -38.86
C4A CLA DF . 3.03 -23.30 -37.88
CMA CLA DF . 3.50 -24.68 -39.93
CAA CLA DF . 6.01 -22.17 -38.76
CBA CLA DF . 6.00 -22.35 -37.24
CGA CLA DF . 5.62 -21.11 -36.49
O1A CLA DF . 6.31 -20.12 -36.24
O2A CLA DF . 4.34 -21.07 -36.00
NB CLA DF . 0.80 -22.61 -35.98
C1B CLA DF . 1.50 -23.77 -36.00
C2B CLA DF . 1.06 -24.64 -34.87
C3B CLA DF . 0.08 -23.95 -34.20
C4B CLA DF . -0.11 -22.65 -34.91
CMB CLA DF . 1.62 -25.97 -34.61
CAB CLA DF . -0.68 -24.34 -33.04
CBB CLA DF . -0.76 -23.66 -31.90
NC CLA DF . -0.29 -19.89 -36.16
C1C CLA DF . -1.09 -20.38 -35.16
C2C CLA DF . -2.01 -19.34 -34.72
C3C CLA DF . -1.71 -18.19 -35.46
C4C CLA DF . -0.62 -18.55 -36.36
CMC CLA DF . -3.00 -19.50 -33.67
CAC CLA DF . -2.36 -16.89 -35.37
CBC CLA DF . -1.65 -15.96 -34.42
ND CLA DF . 1.57 -19.32 -38.19
C1D CLA DF . 1.05 -18.01 -38.09
C2D CLA DF . 1.78 -17.12 -39.01
C3D CLA DF . 2.78 -17.89 -39.57
C4D CLA DF . 2.63 -19.24 -38.99
CMD CLA DF . 1.47 -15.71 -39.20
CAD CLA DF . 3.90 -17.93 -40.50
OBD CLA DF . 4.30 -17.08 -41.28
CBD CLA DF . 4.56 -19.33 -40.34
CGD CLA DF . 4.85 -19.98 -41.67
O1D CLA DF . 5.73 -19.66 -42.48
O2D CLA DF . 4.02 -21.01 -42.02
CED CLA DF . 4.23 -21.64 -43.28
C1 CLA DF . 3.93 -19.78 -35.50
C2 CLA DF . 2.90 -20.01 -34.45
C3 CLA DF . 2.24 -19.00 -33.85
C4 CLA DF . 2.48 -17.59 -34.19
C5 CLA DF . 1.22 -19.27 -32.80
C6 CLA DF . 1.81 -19.35 -31.41
C7 CLA DF . 1.30 -20.59 -30.69
C8 CLA DF . 2.42 -21.57 -30.37
C9 CLA DF . 3.59 -20.85 -29.74
C10 CLA DF . 2.88 -22.30 -31.63
C11 CLA DF . 4.01 -23.27 -31.32
C12 CLA DF . 5.24 -22.99 -32.15
C13 CLA DF . 5.34 -23.92 -33.35
C14 CLA DF . 4.97 -25.34 -32.97
C15 CLA DF . 6.73 -23.88 -33.98
C16 CLA DF . 7.72 -24.71 -33.19
C17 CLA DF . 8.96 -25.03 -34.02
C18 CLA DF . 9.42 -26.47 -33.78
C19 CLA DF . 10.78 -26.72 -34.37
C20 CLA DF . 8.42 -27.43 -34.38
MG CLA EF . -7.30 -22.05 -31.48
CHA CLA EF . -5.31 -23.45 -33.94
CHB CLA EF . -7.25 -24.99 -29.77
CHC CLA EF . -9.07 -20.54 -28.95
CHD CLA EF . -7.36 -19.03 -33.31
NA CLA EF . -6.45 -23.92 -31.84
C1A CLA EF . -5.64 -24.31 -32.92
C2A CLA EF . -5.24 -25.78 -32.79
C3A CLA EF . -6.05 -26.26 -31.57
C4A CLA EF . -6.63 -24.98 -30.99
CMA CLA EF . -7.13 -27.23 -31.98
CAA CLA EF . -3.75 -25.95 -32.56
CBA CLA EF . -3.21 -27.13 -33.34
CGA CLA EF . -2.46 -28.05 -32.44
O1A CLA EF . -1.96 -29.15 -32.71
O2A CLA EF . -2.32 -27.56 -31.16
NB CLA EF . -8.06 -22.66 -29.72
C1B CLA EF . -7.84 -23.86 -29.14
C2B CLA EF . -8.34 -23.86 -27.74
C3B CLA EF . -8.87 -22.60 -27.50
C4B CLA EF . -8.70 -21.83 -28.75
CMB CLA EF . -8.25 -25.02 -26.87
CAB CLA EF . -9.48 -22.04 -26.33
CBB CLA EF . -10.21 -22.69 -25.42
NC CLA EF . -8.10 -20.14 -31.20
C1C CLA EF . -8.80 -19.75 -30.10
C2C CLA EF . -9.23 -18.36 -30.24
C3C CLA EF . -8.74 -17.92 -31.47
C4C CLA EF . -8.03 -19.05 -32.07
CMC CLA EF . -10.00 -17.61 -29.25
CAC CLA EF . -8.91 -16.59 -32.06
CBC CLA EF . -10.01 -16.57 -33.11
ND CLA EF . -6.58 -21.35 -33.23
C1D CLA EF . -6.67 -20.08 -33.86
C2D CLA EF . -5.91 -20.13 -35.13
C3D CLA EF . -5.35 -21.39 -35.20
C4D CLA EF . -5.80 -22.11 -33.99
CMD CLA EF . -5.80 -19.01 -36.06
CAD CLA EF . -4.52 -22.30 -35.97
OBD CLA EF . -3.95 -22.13 -37.04
CBD CLA EF . -4.46 -23.64 -35.19
CGD CLA EF . -4.91 -24.82 -36.02
O1D CLA EF . -6.06 -25.12 -36.34
O2D CLA EF . -3.89 -25.61 -36.42
CED CLA EF . -4.23 -26.93 -36.87
C1 CLA EF . -1.58 -28.38 -30.23
C2 CLA EF . -0.50 -27.51 -29.69
C3 CLA EF . 0.66 -27.34 -30.35
C4 CLA EF . 0.94 -28.00 -31.64
C5 CLA EF . 1.74 -26.47 -29.80
C6 CLA EF . 1.52 -26.06 -28.36
C7 CLA EF . 2.72 -25.29 -27.86
C8 CLA EF . 3.13 -25.69 -26.44
C9 CLA EF . 2.87 -24.54 -25.49
C10 CLA EF . 4.60 -26.08 -26.39
C11 CLA EF . 4.76 -27.58 -26.29
C12 CLA EF . 4.25 -28.13 -24.98
C13 CLA EF . 5.37 -28.28 -23.95
C14 CLA EF . 6.49 -29.15 -24.50
C15 CLA EF . 4.84 -28.86 -22.65
C16 CLA EF . 4.48 -30.33 -22.81
C17 CLA EF . 3.38 -30.73 -21.84
C18 CLA EF . 3.16 -32.24 -21.80
C19 CLA EF . 3.43 -32.89 -23.14
C20 CLA EF . 1.73 -32.54 -21.38
MG CLA FF . -11.05 -28.77 -26.66
CHA CLA FF . -14.52 -28.77 -26.66
CHB CLA FF . -11.05 -30.51 -29.59
CHC CLA FF . -7.62 -28.61 -26.68
CHD CLA FF . -11.10 -26.85 -23.68
NA CLA FF . -12.56 -29.51 -27.89
C1A CLA FF . -13.95 -29.40 -27.73
C2A CLA FF . -14.69 -30.08 -28.88
C3A CLA FF . -13.56 -30.81 -29.65
C4A CLA FF . -12.29 -30.23 -29.02
CMA CLA FF . -13.64 -32.30 -29.48
CAA CLA FF . -15.24 -29.01 -29.81
CBA CLA FF . -16.73 -28.76 -29.64
CGA CLA FF . -17.53 -29.60 -30.59
O1A CLA FF . -18.22 -29.23 -31.54
O2A CLA FF . -17.45 -30.93 -30.30
NB CLA FF . -9.61 -29.49 -27.87
C1B CLA FF . -9.82 -30.06 -29.08
C2B CLA FF . -8.52 -30.19 -29.81
C3B CLA FF . -7.55 -29.65 -28.99
C4B CLA FF . -8.23 -29.21 -27.74
CMB CLA FF . -8.44 -30.79 -31.15
CAB CLA FF . -6.12 -29.49 -29.14
CBB CLA FF . -5.40 -29.66 -30.25
NC CLA FF . -9.63 -27.94 -25.37
C1C CLA FF . -8.28 -28.03 -25.56
C2C CLA FF . -7.58 -27.37 -24.46
C3C CLA FF . -8.56 -26.82 -23.64
C4C CLA FF . -9.85 -27.18 -24.22
CMC CLA FF . -6.13 -27.30 -24.32
CAC CLA FF . -8.36 -26.05 -22.40
CBC CLA FF . -7.96 -24.63 -22.67
ND CLA FF . -12.44 -27.99 -25.40
C1D CLA FF . -12.32 -27.22 -24.21
C2D CLA FF . -13.67 -26.95 -23.68
C3D CLA FF . -14.55 -27.56 -24.56
C4D CLA FF . -13.73 -28.16 -25.62
CMD CLA FF . -13.96 -26.22 -22.45
CAD CLA FF . -15.93 -27.85 -24.86
OBD CLA FF . -16.95 -27.62 -24.21
CBD CLA FF . -15.96 -28.60 -26.23
CGD CLA FF . -16.62 -29.94 -26.07
O1D CLA FF . -17.17 -30.61 -26.94
O2D CLA FF . -16.58 -30.42 -24.81
CED CLA FF . -16.55 -31.85 -24.63
C1 CLA FF . -18.60 -31.52 -29.68
C2 CLA FF . -18.11 -32.72 -28.94
C3 CLA FF . -18.67 -33.92 -29.08
C4 CLA FF . -19.83 -34.16 -29.99
C5 CLA FF . -18.15 -35.10 -28.32
C6 CLA FF . -16.64 -35.07 -28.20
C7 CLA FF . -16.19 -35.93 -27.03
C8 CLA FF . -14.77 -36.46 -27.21
C9 CLA FF . -13.80 -35.32 -27.45
C10 CLA FF . -14.70 -37.45 -28.36
C11 CLA FF . -13.46 -38.31 -28.26
C12 CLA FF . -13.68 -39.70 -28.84
C13 CLA FF . -12.70 -40.69 -28.24
C14 CLA FF . -11.86 -41.34 -29.33
C15 CLA FF . -13.44 -41.75 -27.43
C16 CLA FF . -12.48 -42.82 -26.93
C17 CLA FF . -13.18 -44.15 -26.68
C18 CLA FF . -14.09 -44.10 -25.47
C19 CLA FF . -15.54 -44.22 -25.87
C20 CLA FF . -13.73 -45.20 -24.49
MG CLA GF . 31.20 -38.12 -39.89
CHA CLA GF . 33.72 -40.46 -39.50
CHB CLA GF . 33.11 -35.81 -38.27
CHC CLA GF . 28.74 -35.79 -40.47
CHD CLA GF . 29.22 -40.58 -41.47
NA CLA GF . 33.09 -38.16 -39.02
C1A CLA GF . 34.00 -39.22 -38.99
C2A CLA GF . 35.29 -38.83 -38.27
C3A CLA GF . 34.95 -37.44 -37.70
C4A CLA GF . 33.63 -37.08 -38.38
CMA CLA GF . 34.78 -37.55 -36.20
CAA CLA GF . 36.44 -38.76 -39.25
CBA CLA GF . 36.06 -37.98 -40.49
CGA CLA GF . 37.18 -37.90 -41.47
O1A CLA GF . 38.31 -38.39 -41.40
O2A CLA GF . 36.86 -37.15 -42.58
NB CLA GF . 30.97 -36.17 -39.46
C1B CLA GF . 31.88 -35.38 -38.82
C2B CLA GF . 31.38 -33.98 -38.75
C3B CLA GF . 30.15 -33.97 -39.37
C4B CLA GF . 29.86 -35.36 -39.82
CMB CLA GF . 32.12 -32.90 -38.12
CAB CLA GF . 29.23 -32.88 -39.57
NC CLA GF . 29.31 -38.19 -40.80
C1C CLA GF . 28.48 -37.11 -40.93
C2C CLA GF . 27.26 -37.51 -41.62
C3C CLA GF . 27.38 -38.87 -41.90
C4C CLA GF . 28.68 -39.29 -41.38
CMC CLA GF . 26.14 -36.62 -41.93
CAC CLA GF . 26.42 -39.74 -42.58
CBC CLA GF . 25.58 -40.56 -41.62
ND CLA GF . 31.35 -40.07 -40.37
C1D CLA GF . 30.46 -40.97 -41.02
C2D CLA GF . 31.10 -42.30 -41.09
C3D CLA GF . 32.36 -42.17 -40.53
C4D CLA GF . 32.45 -40.76 -40.10
CMD CLA GF . 30.48 -43.48 -41.69
CAD CLA GF . 33.61 -42.82 -40.15
OBD CLA GF . 33.94 -44.00 -40.29
CBD CLA GF . 34.52 -41.75 -39.51
CGD CLA GF . 34.93 -42.09 -38.10
O1D CLA GF . 34.50 -41.61 -37.05
O2D CLA GF . 35.89 -43.05 -38.02
CED CLA GF . 36.17 -43.59 -36.72
C1 CLA GF . 37.46 -37.54 -43.83
C2 CLA GF . 36.70 -36.81 -44.89
C3 CLA GF . 36.43 -37.35 -46.09
C4 CLA GF . 36.87 -38.71 -46.45
C5 CLA GF . 35.66 -36.59 -47.11
C6 CLA GF . 34.39 -37.30 -47.54
C7 CLA GF . 33.65 -36.50 -48.59
C8 CLA GF . 32.39 -37.19 -49.05
C9 CLA GF . 32.47 -37.52 -50.53
C10 CLA GF . 31.16 -36.35 -48.76
MG CLA HF . 38.79 -32.65 -45.00
CHA CLA HF . 39.60 -34.14 -41.97
CHB CLA HF . 42.09 -32.16 -45.64
CHC CLA HF . 37.93 -31.27 -48.03
CHD CLA HF . 35.36 -33.12 -44.24
NA CLA HF . 40.55 -33.09 -43.96
C1A CLA HF . 40.67 -33.72 -42.71
C2A CLA HF . 42.15 -33.85 -42.32
C3A CLA HF . 42.89 -33.09 -43.44
C4A CLA HF . 41.78 -32.76 -44.43
CMA CLA HF . 43.54 -31.85 -42.89
CAA CLA HF . 42.58 -35.31 -42.28
CBA CLA HF . 42.93 -35.85 -43.65
CGA CLA HF . 41.69 -36.23 -44.41
O1A CLA HF . 40.72 -36.89 -44.04
O2A CLA HF . 41.68 -35.73 -45.69
NB CLA HF . 39.82 -31.89 -46.56
C1B CLA HF . 41.17 -31.77 -46.62
C2B CLA HF . 41.55 -31.12 -47.91
C3B CLA HF . 40.38 -30.86 -48.58
C4B CLA HF . 39.26 -31.35 -47.73
CMB CLA HF . 42.93 -30.83 -48.28
CAB CLA HF . 40.14 -30.23 -49.86
CBB CLA HF . 40.82 -30.46 -50.98
NC CLA HF . 36.97 -32.25 -45.95
C1C CLA HF . 36.86 -31.69 -47.19
C2C CLA HF . 35.44 -31.57 -47.55
C3C CLA HF . 34.72 -32.09 -46.49
C4C CLA HF . 35.68 -32.52 -45.48
CMC CLA HF . 34.95 -31.01 -48.81
CAC CLA HF . 33.25 -32.19 -46.38
CBC CLA HF . 32.75 -33.60 -46.62
ND CLA HF . 37.68 -33.37 -43.47
C1D CLA HF . 36.27 -33.53 -43.30
C2D CLA HF . 36.02 -34.15 -41.98
C3D CLA HF . 37.26 -34.40 -41.43
C4D CLA HF . 38.25 -33.91 -42.40
CMD CLA HF . 34.69 -34.43 -41.43
CAD CLA HF . 37.99 -34.92 -40.28
OBD CLA HF . 37.57 -35.36 -39.21
CBD CLA HF . 39.51 -34.80 -40.62
CGD CLA HF . 40.28 -34.05 -39.57
O1D CLA HF . 40.81 -32.94 -39.67
O2D CLA HF . 40.40 -34.72 -38.38
CED CLA HF . 41.28 -34.17 -37.41
C1 CLA HF . 40.42 -35.80 -46.40
C2 CLA HF . 40.76 -35.78 -47.85
C3 CLA HF . 39.89 -35.41 -48.81
C4 CLA HF . 38.52 -34.98 -48.50
C5 CLA HF . 40.29 -35.42 -50.25
C6 CLA HF . 39.54 -34.39 -51.07
C7 CLA HF . 39.64 -34.70 -52.55
C8 CLA HF . 40.73 -33.89 -53.23
MG CLA IF . 32.30 -29.49 -38.74
CHA CLA IF . 29.82 -28.86 -36.41
CHB CLA IF . 30.24 -28.37 -41.21
CHC CLA IF . 34.78 -30.14 -41.02
CHD CLA IF . 34.40 -30.64 -36.12
NA CLA IF . 30.35 -28.74 -38.78
C1A CLA IF . 29.48 -28.54 -37.70
C2A CLA IF . 28.15 -27.96 -38.17
C3A CLA IF . 28.31 -27.86 -39.70
C4A CLA IF . 29.73 -28.35 -39.94
CMA CLA IF . 27.30 -28.71 -40.43
CAA CLA IF . 27.92 -26.58 -37.58
CBA CLA IF . 26.45 -26.29 -37.41
CGA CLA IF . 25.83 -25.85 -38.69
O1A CLA IF . 24.98 -26.42 -39.38
O2A CLA IF . 26.31 -24.64 -39.12
NB CLA IF . 32.49 -29.26 -40.74
C1B CLA IF . 31.52 -28.82 -41.58
C2B CLA IF . 32.01 -28.89 -42.99
C3B CLA IF . 33.30 -29.39 -42.94
C4B CLA IF . 33.61 -29.64 -41.50
CMB CLA IF . 31.18 -28.49 -44.12
CAB CLA IF . 34.23 -29.67 -43.99
CBB CLA IF . 34.39 -28.96 -45.12
NC CLA IF . 34.24 -30.25 -38.59
C1C CLA IF . 35.08 -30.42 -39.65
C2C CLA IF . 36.36 -30.97 -39.19
C3C CLA IF . 36.25 -31.11 -37.80
C4C CLA IF . 34.92 -30.65 -37.43
CMC CLA IF . 37.49 -31.30 -40.04
CAC CLA IF . 37.29 -31.64 -36.89
CBC CLA IF . 38.45 -30.72 -36.61
ND CLA IF . 32.19 -29.78 -36.74
C1D CLA IF . 33.13 -30.23 -35.79
C2D CLA IF . 32.50 -30.21 -34.44
C3D CLA IF . 31.22 -29.71 -34.63
C4D CLA IF . 31.08 -29.44 -36.08
CMD CLA IF . 33.16 -30.64 -33.21
CAD CLA IF . 29.96 -29.37 -34.00
OBD CLA IF . 29.61 -29.50 -32.82
CBD CLA IF . 29.05 -28.77 -35.11
CGD CLA IF . 27.73 -29.51 -35.23
O1D CLA IF . 26.60 -29.02 -35.23
O2D CLA IF . 27.87 -30.85 -35.37
CED CLA IF . 26.77 -31.59 -35.88
C1 CLA IF . 25.75 -24.13 -40.35
C2 CLA IF . 26.39 -22.82 -40.62
C3 CLA IF . 26.40 -22.26 -41.84
C4 CLA IF . 25.76 -22.91 -43.00
C5 CLA IF . 27.06 -20.95 -42.09
C6 CLA IF . 26.80 -19.92 -41.02
C7 CLA IF . 26.76 -18.53 -41.62
C8 CLA IF . 27.24 -17.46 -40.66
C9 CLA IF . 26.42 -17.46 -39.40
C10 CLA IF . 27.18 -16.09 -41.33
C11 CLA IF . 28.45 -15.28 -41.16
C12 CLA IF . 28.60 -14.23 -42.23
C13 CLA IF . 29.33 -12.99 -41.72
C14 CLA IF . 30.71 -13.35 -41.23
C15 CLA IF . 28.55 -12.27 -40.63
C16 CLA IF . 29.35 -11.12 -40.04
C17 CLA IF . 29.31 -9.89 -40.92
C18 CLA IF . 30.71 -9.41 -41.27
C19 CLA IF . 31.65 -9.49 -40.09
C20 CLA IF . 30.65 -7.98 -41.79
MG CLA JF . 20.15 -25.88 -55.78
CHA CLA JF . 16.89 -26.55 -56.78
CHB CLA JF . 19.02 -25.00 -52.69
CHC CLA JF . 23.41 -25.34 -54.79
CHD CLA JF . 21.28 -26.81 -58.99
NA CLA JF . 18.25 -25.79 -54.91
C1A CLA JF . 17.01 -26.13 -55.48
C2A CLA JF . 15.87 -25.90 -54.46
C3A CLA JF . 16.60 -25.33 -53.23
C4A CLA JF . 18.07 -25.37 -53.62
CMA CLA JF . 16.22 -23.90 -52.95
CAA CLA JF . 15.06 -27.14 -54.09
CBA CLA JF . 15.65 -28.49 -54.46
CGA CLA JF . 16.60 -28.99 -53.42
O1A CLA JF . 17.48 -28.38 -52.82
O2A CLA JF . 16.42 -30.32 -53.14
NB CLA JF . 21.04 -25.33 -54.05
C1B CLA JF . 20.41 -24.97 -52.92
C2B CLA JF . 21.39 -24.51 -51.90
C3B CLA JF . 22.63 -24.60 -52.48
C4B CLA JF . 22.43 -25.12 -53.86
CMB CLA JF . 20.97 -24.04 -50.57
CAB CLA JF . 23.94 -24.27 -51.97
CBB CLA JF . 24.23 -23.38 -51.01
NC CLA JF . 22.00 -26.02 -56.74
C1C CLA JF . 23.21 -25.76 -56.15
C2C CLA JF . 24.29 -25.98 -57.10
C3C CLA JF . 23.68 -26.40 -58.29
C4C CLA JF . 22.25 -26.43 -58.05
CMC CLA JF . 25.71 -25.80 -56.82
CAC CLA JF . 24.36 -26.76 -59.54
CBC CLA JF . 24.60 -25.56 -60.44
ND CLA JF . 19.33 -26.43 -57.54
C1D CLA JF . 19.92 -26.81 -58.78
C2D CLA JF . 18.84 -27.21 -59.72
C3D CLA JF . 17.66 -27.11 -59.00
C4D CLA JF . 18.03 -26.66 -57.65
CMD CLA JF . 19.04 -27.62 -61.10
CAD CLA JF . 16.21 -27.26 -59.04
OBD CLA JF . 15.47 -27.53 -59.98
CBD CLA JF . 15.69 -26.99 -57.59
CGD CLA JF . 14.55 -26.02 -57.53
O1D CLA JF . 13.51 -26.12 -56.87
O2D CLA JF . 14.69 -24.92 -58.31
CED CLA JF . 13.68 -24.68 -59.29
C1 CLA JF . 16.37 -31.24 -54.25
C2 CLA JF . 17.74 -31.77 -54.44
C3 CLA JF . 18.01 -32.83 -55.23
C4 CLA JF . 16.94 -33.54 -55.97
C5 CLA JF . 19.40 -33.35 -55.39
C6 CLA JF . 20.44 -32.55 -54.64
C7 CLA JF . 21.61 -33.43 -54.26
C8 CLA JF . 22.94 -32.85 -54.76
C9 CLA JF . 23.34 -33.51 -56.06
C10 CLA JF . 24.04 -33.04 -53.72
MG CLA KF . 28.74 -23.89 -62.81
CHA CLA KF . 28.43 -24.98 -66.09
CHB CLA KF . 28.27 -27.09 -61.72
CHC CLA KF . 29.29 -22.81 -59.60
CHD CLA KF . 29.16 -20.59 -64.00
NA CLA KF . 28.38 -25.71 -63.77
C1A CLA KF . 28.31 -25.97 -65.15
C2A CLA KF . 28.04 -27.44 -65.41
C3A CLA KF . 27.82 -28.03 -64.01
C4A CLA KF . 28.18 -26.88 -63.08
CMA CLA KF . 26.38 -28.47 -63.82
CAA CLA KF . 29.24 -28.09 -66.09
CBA CLA KF . 30.55 -27.58 -65.51
CGA CLA KF . 31.71 -28.15 -66.27
O1A CLA KF . 31.71 -28.67 -67.39
O2A CLA KF . 32.89 -28.06 -65.59
NB CLA KF . 28.78 -24.78 -61.00
C1B CLA KF . 28.58 -26.10 -60.76
C2B CLA KF . 28.70 -26.38 -59.30
C3B CLA KF . 28.98 -25.17 -58.69
C4B CLA KF . 29.04 -24.14 -59.77
CMB CLA KF . 28.51 -27.71 -58.73
CAB CLA KF . 29.21 -24.84 -57.30
CBB CLA KF . 29.86 -25.60 -56.42
NC CLA KF . 29.13 -22.03 -61.96
C1C CLA KF . 29.32 -21.82 -60.62
C2C CLA KF . 29.61 -20.42 -60.38
C3C CLA KF . 29.56 -19.77 -61.62
C4C CLA KF . 29.26 -20.80 -62.61
CMC CLA KF . 29.88 -19.83 -59.07
CAC CLA KF . 29.79 -18.34 -61.90
CBC CLA KF . 31.15 -18.07 -62.49
ND CLA KF . 28.71 -22.93 -64.59
C1D CLA KF . 28.93 -21.57 -64.94
C2D CLA KF . 28.85 -21.44 -66.41
C3D CLA KF . 28.67 -22.72 -66.90
C4D CLA KF . 28.61 -23.61 -65.73
CMD CLA KF . 28.98 -20.17 -67.14
CAD CLA KF . 28.47 -23.53 -68.08
OBD CLA KF . 28.38 -23.21 -69.26
CBD CLA KF . 28.38 -25.02 -67.60
CGD CLA KF . 27.16 -25.71 -68.13
O1D CLA KF . 27.02 -26.24 -69.24
O2D CLA KF . 26.12 -25.75 -67.25
CED CLA KF . 24.83 -26.02 -67.79
MG CLA LF . 35.00 -10.05 -59.34
CHA CLA LF . 34.39 -7.24 -61.27
CHB CLA LF . 34.07 -12.03 -61.96
CHC CLA LF . 35.77 -12.80 -57.45
CHD CLA LF . 35.81 -7.94 -56.63
NA CLA LF . 34.34 -9.67 -61.29
C1A CLA LF . 34.16 -8.43 -61.91
C2A CLA LF . 33.69 -8.60 -63.34
C3A CLA LF . 33.42 -10.11 -63.46
C4A CLA LF . 34.00 -10.67 -62.17
CMA CLA LF . 31.94 -10.41 -63.59
CAA CLA LF . 34.81 -8.22 -64.29
CBA CLA LF . 36.18 -8.45 -63.65
CGA CLA LF . 37.28 -8.60 -64.65
O1A CLA LF . 37.47 -7.97 -65.70
O2A CLA LF . 38.19 -9.56 -64.30
NB CLA LF . 34.86 -12.03 -59.62
C1B CLA LF . 34.57 -12.65 -60.80
C2B CLA LF . 34.81 -14.10 -60.69
C3B CLA LF . 35.30 -14.34 -59.42
C4B CLA LF . 35.34 -13.03 -58.71
CMB CLA LF . 34.59 -15.03 -61.81
CAB CLA LF . 35.73 -15.56 -58.79
CBB CLA LF . 36.42 -16.55 -59.36
NC CLA LF . 35.68 -10.31 -57.38
C1C CLA LF . 35.94 -11.53 -56.81
C2C CLA LF . 36.42 -11.34 -55.45
C3C CLA LF . 36.40 -9.96 -55.20
C4C CLA LF . 35.93 -9.33 -56.42
CMC CLA LF . 36.82 -12.41 -54.53
CAC CLA LF . 36.80 -9.28 -53.96
CBC CLA LF . 38.15 -8.62 -54.07
ND CLA LF . 35.20 -8.07 -58.99
C1D CLA LF . 35.47 -7.33 -57.81
C2D CLA LF . 35.36 -5.88 -58.11
C3D CLA LF . 35.00 -5.80 -59.44
C4D CLA LF . 34.86 -7.18 -59.92
CMD CLA LF . 35.64 -4.81 -57.15
CAD CLA LF . 34.68 -4.92 -60.56
OBD CLA LF . 34.76 -3.70 -60.63
CBD CLA LF . 34.17 -5.82 -61.72
CGD CLA LF . 32.71 -5.60 -62.01
O1D CLA LF . 31.83 -6.47 -62.07
O2D CLA LF . 32.36 -4.31 -62.23
CED CLA LF . 31.06 -4.09 -62.78
C1 CLA LF . 39.58 -9.26 -64.50
C2 CLA LF . 40.37 -10.06 -63.53
C3 CLA LF . 40.98 -11.21 -63.88
C4 CLA LF . 40.90 -11.75 -65.25
C5 CLA LF . 41.78 -12.02 -62.91
C6 CLA LF . 42.06 -11.31 -61.59
C7 CLA LF . 42.49 -12.32 -60.55
C8 CLA LF . 43.16 -11.67 -59.35
C9 CLA LF . 44.51 -11.09 -59.75
C10 CLA LF . 43.36 -12.69 -58.24
MG CLA MF . 28.60 -7.42 -50.54
CHA CLA MF . 25.68 -6.46 -48.95
CHB CLA MF . 27.05 -7.09 -53.55
CHC CLA MF . 31.55 -8.27 -52.08
CHD CLA MF . 30.15 -7.79 -47.37
NA CLA MF . 26.68 -6.87 -51.13
C1A CLA MF . 25.60 -6.49 -50.31
C2A CLA MF . 24.38 -6.15 -51.16
C3A CLA MF . 24.81 -6.52 -52.59
C4A CLA MF . 26.29 -6.83 -52.44
CMA CLA MF . 24.04 -7.70 -53.13
CAA CLA MF . 24.09 -4.66 -51.10
CBA CLA MF . 23.96 -4.08 -52.49
CGA CLA MF . 24.31 -2.62 -52.54
O1A CLA MF . 23.55 -1.65 -52.45
O2A CLA MF . 25.65 -2.39 -52.68
NB CLA MF . 29.20 -7.60 -52.44
C1B CLA MF . 28.42 -7.43 -53.53
C2B CLA MF . 29.19 -7.72 -54.76
C3B CLA MF . 30.47 -8.04 -54.36
C4B CLA MF . 30.49 -8.00 -52.87
CMB CLA MF . 28.57 -7.63 -56.08
CAB CLA MF . 31.62 -8.42 -55.14
CBB CLA MF . 32.77 -7.73 -55.17
NC CLA MF . 30.50 -7.96 -49.84
C1C CLA MF . 31.55 -8.27 -50.65
C2C CLA MF . 32.72 -8.59 -49.83
C3C CLA MF . 32.34 -8.44 -48.50
C4C CLA MF . 30.93 -8.04 -48.51
CMC CLA MF . 34.04 -8.97 -50.37
CAC CLA MF . 33.17 -8.65 -47.31
CBC CLA MF . 33.73 -7.34 -46.78
ND CLA MF . 28.10 -7.24 -48.58
C1D CLA MF . 28.82 -7.41 -47.38
C2D CLA MF . 27.94 -7.13 -46.24
C3D CLA MF . 26.72 -6.77 -46.78
C4D CLA MF . 26.88 -6.84 -48.25
CMD CLA MF . 28.33 -7.22 -44.83
CAD CLA MF . 25.35 -6.37 -46.52
OBD CLA MF . 24.79 -6.24 -45.45
CBD CLA MF . 24.65 -6.14 -47.90
CGD CLA MF . 23.46 -7.04 -48.04
O1D CLA MF . 23.45 -8.27 -48.14
O2D CLA MF . 22.26 -6.38 -48.05
CED CLA MF . 21.09 -7.15 -47.77
C1 CLA MF . 26.03 -1.14 -53.30
C2 CLA MF . 27.50 -1.04 -53.14
C3 CLA MF . 28.08 -0.68 -51.97
C4 CLA MF . 27.30 -0.35 -50.77
C5 CLA MF . 29.57 -0.59 -51.85
C6 CLA MF . 30.13 -1.71 -50.99
C7 CLA MF . 29.82 -3.06 -51.58
C8 CLA MF . 30.18 -4.21 -50.65
C9 CLA MF . 29.46 -4.05 -49.33
C10 CLA MF . 31.68 -4.30 -50.44
C11 CLA MF . 32.41 -4.61 -51.71
C12 CLA MF . 33.87 -4.90 -51.46
C13 CLA MF . 34.75 -4.45 -52.62
C14 CLA MF . 36.21 -4.51 -52.23
MG CLA NF . 24.27 -14.98 -47.82
CHA CLA NF . 21.05 -15.11 -49.12
CHB CLA NF . 24.13 -11.58 -47.82
CHC CLA NF . 27.44 -14.91 -46.50
CHD CLA NF . 24.40 -18.51 -47.93
NA CLA NF . 22.82 -13.59 -48.40
C1A CLA NF . 21.55 -13.85 -48.91
C2A CLA NF . 20.81 -12.54 -49.21
C3A CLA NF . 21.88 -11.47 -48.96
C4A CLA NF . 23.03 -12.25 -48.34
CMA CLA NF . 22.29 -10.78 -50.24
CAA CLA NF . 19.64 -12.38 -48.24
CBA CLA NF . 19.86 -11.25 -47.27
CGA CLA NF . 20.55 -11.73 -46.03
O1A CLA NF . 21.22 -12.74 -45.86
O2A CLA NF . 20.37 -10.88 -44.97
NB CLA NF . 25.58 -13.52 -47.38
C1B CLA NF . 25.25 -12.21 -47.25
C2B CLA NF . 26.26 -11.49 -46.44
C3B CLA NF . 27.20 -12.43 -46.06
C4B CLA NF . 26.78 -13.72 -46.66
CMB CLA NF . 26.18 -10.07 -46.13
CAB CLA NF . 28.39 -12.29 -45.26
CBB CLA NF . 29.38 -11.43 -45.52
NC CLA NF . 25.66 -16.45 -47.32
C1C CLA NF . 26.91 -16.19 -46.82
C2C CLA NF . 27.64 -17.44 -46.61
C3C CLA NF . 26.77 -18.46 -46.99
C4C CLA NF . 25.54 -17.83 -47.45
CMC CLA NF . 28.99 -17.54 -46.07
CAC CLA NF . 27.03 -19.90 -46.96
CBC CLA NF . 26.36 -20.58 -45.80
ND CLA NF . 23.02 -16.52 -48.26
C1D CLA NF . 23.22 -17.92 -48.32
C2D CLA NF . 21.98 -18.56 -48.81
C3D CLA NF . 21.10 -17.53 -49.09
C4D CLA NF . 21.82 -16.28 -48.78
CMD CLA NF . 21.78 -20.00 -48.93
CAD CLA NF . 19.77 -17.16 -49.55
OBD CLA NF . 18.80 -17.87 -49.78
CBD CLA NF . 19.76 -15.62 -49.70
CGD CLA NF . 19.65 -15.22 -51.15
O1D CLA NF . 20.47 -15.44 -52.05
O2D CLA NF . 18.52 -14.54 -51.47
CED CLA NF . 18.25 -14.32 -52.86
C1 CLA NF . 21.42 -9.91 -44.73
C2 CLA NF . 22.30 -10.49 -43.70
C3 CLA NF . 23.30 -9.80 -43.13
C4 CLA NF . 23.59 -8.39 -43.50
C5 CLA NF . 24.18 -10.40 -42.09
C6 CLA NF . 25.35 -11.14 -42.69
C7 CLA NF . 25.41 -12.56 -42.16
C8 CLA NF . 24.27 -13.43 -42.66
C9 CLA NF . 23.62 -14.13 -41.49
C10 CLA NF . 24.79 -14.44 -43.69
C11 CLA NF . 24.03 -15.75 -43.70
C12 CLA NF . 22.79 -15.70 -44.59
C13 CLA NF . 22.27 -17.09 -44.92
C14 CLA NF . 20.74 -17.09 -44.93
C15 CLA NF . 22.78 -18.16 -43.97
MG CLA OF . 39.68 -15.05 -38.94
CHA CLA OF . 42.19 -14.67 -36.58
CHB CLA OF . 37.68 -16.45 -36.57
CHC CLA OF . 37.14 -15.17 -41.24
CHD CLA OF . 41.79 -13.56 -41.36
NA CLA OF . 39.93 -15.51 -36.92
C1A CLA OF . 41.05 -15.25 -36.11
C2A CLA OF . 40.80 -15.73 -34.68
C3A CLA OF . 39.47 -16.49 -34.79
C4A CLA OF . 38.96 -16.12 -36.18
CMA CLA OF . 39.66 -17.99 -34.63
CAA CLA OF . 40.64 -14.53 -33.78
CBA CLA OF . 39.77 -13.45 -34.41
CGA CLA OF . 39.48 -12.34 -33.47
O1A CLA OF . 40.15 -11.92 -32.52
O2A CLA OF . 38.28 -11.73 -33.72
NB CLA OF . 37.80 -15.72 -38.92
C1B CLA OF . 37.13 -16.17 -37.83
C2B CLA OF . 35.68 -16.36 -38.15
C3B CLA OF . 35.53 -16.00 -39.47
C4B CLA OF . 36.87 -15.60 -39.98
CMB CLA OF . 34.71 -16.83 -37.19
CAB CLA OF . 34.33 -15.98 -40.27
CBB CLA OF . 33.72 -14.87 -40.67
NC CLA OF . 39.53 -14.50 -40.95
C1C CLA OF . 38.39 -14.65 -41.70
C2C CLA OF . 38.62 -14.18 -43.06
C3C CLA OF . 39.94 -13.70 -43.09
C4C CLA OF . 40.49 -13.90 -41.76
CMC CLA OF . 37.63 -14.19 -44.13
CAC CLA OF . 40.64 -13.11 -44.24
CBC CLA OF . 40.66 -11.60 -44.17
ND CLA OF . 41.57 -14.32 -39.03
C1D CLA OF . 42.32 -13.73 -40.09
C2D CLA OF . 43.66 -13.38 -39.59
C3D CLA OF . 43.67 -13.72 -38.25
C4D CLA OF . 42.34 -14.29 -37.96
CMD CLA OF . 44.72 -12.77 -40.40
CAD CLA OF . 44.44 -13.76 -37.02
OBD CLA OF . 45.61 -13.43 -36.81
CBD CLA OF . 43.52 -14.35 -35.91
CGD CLA OF . 44.11 -15.57 -35.27
O1D CLA OF . 43.92 -16.75 -35.58
O2D CLA OF . 44.94 -15.30 -34.23
CED CLA OF . 44.98 -16.25 -33.15
C1 CLA OF . 38.09 -10.41 -33.15
C2 CLA OF . 37.00 -9.75 -33.92
C3 CLA OF . 36.88 -8.43 -34.00
C4 CLA OF . 37.84 -7.50 -33.34
C5 CLA OF . 35.77 -7.81 -34.79
C6 CLA OF . 36.24 -7.24 -36.10
C7 CLA OF . 35.08 -6.70 -36.91
C8 CLA OF . 35.48 -6.36 -38.35
C9 CLA OF . 36.82 -5.66 -38.39
C10 CLA OF . 34.41 -5.49 -39.01
MG CLA PF . 42.82 -26.78 -50.09
CHA CLA PF . 44.83 -27.67 -47.41
CHB CLA PF . 45.56 -26.57 -52.08
CHC CLA PF . 40.79 -25.86 -52.69
CHD CLA PF . 40.02 -26.90 -47.94
NA CLA PF . 44.86 -27.10 -49.77
C1A CLA PF . 45.50 -27.46 -48.58
C2A CLA PF . 47.01 -27.59 -48.80
C3A CLA PF . 47.22 -27.17 -50.27
C4A CLA PF . 45.79 -26.94 -50.77
CMA CLA PF . 48.06 -25.92 -50.38
CAA CLA PF . 47.43 -29.05 -48.62
CBA CLA PF . 47.63 -29.77 -49.94
CGA CLA PF . 46.65 -30.89 -50.10
O1A CLA PF . 46.13 -31.59 -49.23
O2A CLA PF . 46.35 -31.16 -51.41
NB CLA PF . 43.13 -26.24 -52.00
C1B CLA PF . 44.31 -26.31 -52.66
C2B CLA PF . 44.10 -26.05 -54.12
C3B CLA PF . 42.75 -25.85 -54.30
C4B CLA PF . 42.11 -25.97 -52.95
CMB CLA PF . 45.19 -26.08 -55.08
CAB CLA PF . 41.98 -25.60 -55.49
CBB CLA PF . 42.34 -24.81 -56.50
NC CLA PF . 40.77 -26.48 -50.28
C1C CLA PF . 40.14 -26.10 -51.44
C2C CLA PF . 38.71 -25.96 -51.21
C3C CLA PF . 38.50 -26.26 -49.86
C4C CLA PF . 39.79 -26.57 -49.29
CMC CLA PF . 37.73 -25.59 -52.23
CAC CLA PF . 37.22 -26.27 -49.13
CBC CLA PF . 36.64 -27.66 -49.03
ND CLA PF . 42.41 -27.33 -48.18
C1D CLA PF . 41.23 -27.26 -47.40
C2D CLA PF . 41.54 -27.63 -46.01
C3D CLA PF . 42.90 -27.83 -45.96
C4D CLA PF . 43.41 -27.58 -47.33
CMD CLA PF . 40.55 -27.74 -44.93
CAD CLA PF . 44.04 -28.21 -45.15
OBD CLA PF . 44.06 -28.65 -44.01
CBD CLA PF . 45.31 -27.95 -46.00
CGD CLA PF . 46.00 -26.74 -45.44
O1D CLA PF . 45.47 -25.79 -44.86
O2D CLA PF . 47.34 -26.71 -45.59
CED CLA PF . 47.98 -25.47 -45.26
C1 CLA PF . 44.97 -30.99 -51.80
C2 CLA PF . 44.92 -31.12 -53.28
C3 CLA PF . 44.05 -30.44 -54.04
C4 CLA PF . 44.01 -30.57 -55.51
C5 CLA PF . 43.07 -29.50 -53.43
MG CLA QF . 50.15 -15.64 -42.97
CHA CLA QF . 52.87 -17.80 -43.04
CHB CLA QF . 52.04 -13.34 -41.32
CHC CLA QF . 47.42 -13.58 -42.84
CHD CLA QF . 48.23 -18.08 -44.67
NA CLA QF . 52.14 -15.60 -42.32
C1A CLA QF . 53.13 -16.59 -42.45
C2A CLA QF . 54.44 -16.14 -41.83
C3A CLA QF . 54.16 -14.70 -41.35
C4A CLA QF . 52.68 -14.50 -41.68
CMA CLA QF . 54.44 -14.53 -39.88
CAA CLA QF . 55.57 -16.12 -42.85
CBA CLA QF . 55.20 -15.33 -44.09
CGA CLA QF . 56.12 -15.70 -45.21
O1A CLA QF . 56.30 -16.81 -45.72
O2A CLA QF . 56.83 -14.66 -45.71
NB CLA QF . 49.80 -13.79 -42.25
C1B CLA QF . 50.69 -13.03 -41.55
C2B CLA QF . 50.02 -11.79 -41.07
C3B CLA QF . 48.71 -11.85 -41.50
C4B CLA QF . 48.55 -13.13 -42.25
CMB CLA QF . 50.72 -10.78 -40.29
CAB CLA QF . 47.60 -10.94 -41.33
CBB CLA QF . 47.43 -10.04 -40.37
NC CLA QF . 48.19 -15.80 -43.65
C1C CLA QF . 47.25 -14.83 -43.50
C2C CLA QF . 45.99 -15.26 -44.11
C3C CLA QF . 46.21 -16.54 -44.62
C4C CLA QF . 47.60 -16.87 -44.33
CMC CLA QF . 44.75 -14.47 -44.14
CAC CLA QF . 45.25 -17.39 -45.33
CBC CLA QF . 45.53 -17.43 -46.81
ND CLA QF . 50.42 -17.49 -43.72
C1D CLA QF . 49.54 -18.39 -44.39
C2D CLA QF . 50.27 -19.66 -44.69
C3D CLA QF . 51.54 -19.49 -44.18
C4D CLA QF . 51.59 -18.13 -43.59
CMD CLA QF . 49.69 -20.81 -45.36
CAD CLA QF . 52.84 -20.09 -43.97
OBD CLA QF . 53.24 -21.22 -44.28
CBD CLA QF . 53.73 -19.03 -43.25
CGD CLA QF . 54.29 -19.58 -41.95
O1D CLA QF . 55.33 -20.23 -41.80
O2D CLA QF . 53.53 -19.29 -40.87
CED CLA QF . 54.02 -19.69 -39.58
C1 CLA QF . 56.10 -13.63 -46.40
C2 CLA QF . 55.63 -14.20 -47.69
C3 CLA QF . 55.65 -13.50 -48.83
C4 CLA QF . 56.13 -12.09 -48.88
C5 CLA QF . 55.17 -14.09 -50.10
C6 CLA QF . 53.97 -13.37 -50.68
MG CLA RF . 50.63 -9.41 -35.97
CHA CLA RF . 52.67 -12.19 -36.29
CHB CLA RF . 53.25 -7.62 -34.77
CHC CLA RF . 48.56 -6.69 -35.74
CHD CLA RF . 47.93 -11.34 -37.23
NA CLA RF . 52.62 -9.85 -35.60
C1A CLA RF . 53.30 -11.07 -35.81
C2A CLA RF . 54.77 -10.95 -35.43
C3A CLA RF . 54.87 -9.55 -34.80
C4A CLA RF . 53.49 -8.93 -35.08
CMA CLA RF . 55.16 -9.63 -33.32
CAA CLA RF . 55.59 -11.01 -36.71
CBA CLA RF . 54.93 -10.24 -37.84
CGA CLA RF . 55.69 -10.32 -39.13
O1A CLA RF . 56.84 -9.96 -39.37
O2A CLA RF . 54.94 -10.86 -40.14
NB CLA RF . 50.84 -7.53 -35.28
C1B CLA RF . 52.02 -6.95 -34.97
C2B CLA RF . 51.85 -5.48 -34.84
C3B CLA RF . 50.52 -5.21 -35.11
C4B CLA RF . 49.86 -6.52 -35.40
CMB CLA RF . 52.94 -4.57 -34.51
CAB CLA RF . 49.80 -3.96 -35.16
CBB CLA RF . 49.91 -2.97 -34.27
NC CLA RF . 48.60 -9.09 -36.39
C1C CLA RF . 47.96 -7.89 -36.21
C2C CLA RF . 46.56 -8.02 -36.60
C3C CLA RF . 46.38 -9.33 -37.04
C4C CLA RF . 47.68 -9.99 -36.91
CMC CLA RF . 45.57 -6.95 -36.53
CAC CLA RF . 45.14 -9.95 -37.55
CBC CLA RF . 44.20 -10.39 -36.47
ND CLA RF . 50.32 -11.28 -36.69
C1D CLA RF . 49.15 -11.96 -37.13
C2D CLA RF . 49.50 -13.36 -37.44
C3D CLA RF . 50.84 -13.50 -37.14
C4D CLA RF . 51.30 -12.18 -36.66
CMD CLA RF . 48.57 -14.36 -37.95
CAD CLA RF . 51.98 -14.40 -37.12
OBD CLA RF . 52.08 -15.57 -37.47
CBD CLA RF . 53.17 -13.60 -36.51
CGD CLA RF . 53.59 -14.21 -35.20
O1D CLA RF . 53.61 -13.67 -34.10
O2D CLA RF . 53.97 -15.52 -35.29
CED CLA RF . 53.86 -16.33 -34.11
C1 CLA RF . 55.40 -10.62 -41.49
C2 CLA RF . 54.36 -11.18 -42.39
C3 CLA RF . 54.44 -11.16 -43.74
C4 CLA RF . 55.60 -10.58 -44.46
C5 CLA RF . 53.36 -11.73 -44.58
C6 CLA RF . 52.38 -10.69 -45.09
C7 CLA RF . 51.27 -10.44 -44.09
C8 CLA RF . 50.19 -9.52 -44.65
C9 CLA RF . 49.94 -8.37 -43.69
C10 CLA RF . 48.90 -10.28 -44.89
C11 CLA RF . 47.96 -9.51 -45.79
C12 CLA RF . 46.60 -10.19 -45.91
C13 CLA RF . 45.64 -9.70 -44.83
C14 CLA RF . 44.28 -10.34 -44.99
C15 CLA RF . 45.51 -8.18 -44.84
MG CLA SF . 42.68 -9.36 -27.81
CHA CLA SF . 43.29 -11.37 -30.58
CHB CLA SF . 44.36 -6.81 -29.30
CHC CLA SF . 41.85 -7.36 -25.16
CHD CLA SF . 41.01 -12.07 -26.28
NA CLA SF . 43.68 -9.15 -29.63
C1A CLA SF . 43.80 -10.10 -30.67
C2A CLA SF . 44.62 -9.54 -31.82
C3A CLA SF . 45.10 -8.17 -31.30
C4A CLA SF . 44.33 -8.01 -29.99
CMA CLA SF . 46.58 -8.23 -31.08
CAA CLA SF . 43.80 -9.40 -33.11
CBA CLA SF . 42.38 -8.94 -32.90
CGA CLA SF . 41.86 -8.39 -34.20
O1A CLA SF . 42.37 -7.53 -34.92
O2A CLA SF . 40.67 -8.95 -34.59
NB CLA SF . 43.03 -7.44 -27.33
C1B CLA SF . 43.73 -6.54 -28.08
C2B CLA SF . 43.74 -5.22 -27.39
C3B CLA SF . 43.03 -5.38 -26.22
C4B CLA SF . 42.58 -6.80 -26.16
CMB CLA SF . 44.42 -4.05 -27.93
CAB CLA SF . 42.75 -4.44 -25.16
CBB CLA SF . 42.22 -3.22 -25.32
NC CLA SF . 41.65 -9.68 -26.02
C1C CLA SF . 41.44 -8.71 -25.08
C2C CLA SF . 40.68 -9.28 -23.97
C3C CLA SF . 40.44 -10.62 -24.28
C4C CLA SF . 41.05 -10.86 -25.58
CMC CLA SF . 40.28 -8.53 -22.78
CAC CLA SF . 39.71 -11.60 -23.46
CBC CLA SF . 38.35 -11.96 -24.02
ND CLA SF . 42.28 -11.30 -28.23
C1D CLA SF . 41.58 -12.29 -27.52
C2D CLA SF . 41.57 -13.54 -28.32
C3D CLA SF . 42.20 -13.24 -29.51
C4D CLA SF . 42.63 -11.83 -29.40
CMD CLA SF . 40.95 -14.79 -27.90
CAD CLA SF . 42.67 -13.74 -30.79
OBD CLA SF . 42.59 -14.87 -31.27
CBD CLA SF . 43.34 -12.54 -31.53
CGD CLA SF . 44.75 -12.84 -31.97
O1D CLA SF . 45.63 -13.40 -31.32
O2D CLA SF . 45.03 -12.41 -33.24
CED CLA SF . 46.38 -12.04 -33.52
C1 CLA SF . 40.72 -9.92 -35.64
C2 CLA SF . 40.74 -9.21 -36.94
C3 CLA SF . 40.63 -9.83 -38.11
C4 CLA SF . 40.45 -11.30 -38.21
C5 CLA SF . 40.66 -9.07 -39.40
C6 CLA SF . 41.58 -9.71 -40.43
C7 CLA SF . 42.90 -8.96 -40.51
C8 CLA SF . 42.77 -7.66 -41.32
MG CLA TF . 36.84 -18.75 -32.36
CHA CLA TF . 34.59 -20.70 -34.15
CHB CLA TF . 34.68 -16.12 -32.53
CHC CLA TF . 39.17 -16.80 -30.77
CHD CLA TF . 39.01 -21.53 -32.13
NA CLA TF . 34.93 -18.49 -33.17
C1A CLA TF . 34.16 -19.42 -33.90
C2A CLA TF . 32.81 -18.81 -34.30
C3A CLA TF . 32.83 -17.41 -33.62
C4A CLA TF . 34.25 -17.32 -33.06
CMA CLA TF . 32.52 -16.30 -34.58
CAA CLA TF . 31.64 -19.62 -33.77
CBA CLA TF . 30.31 -19.15 -34.32
CGA CLA TF . 30.37 -18.93 -35.79
O1A CLA TF . 31.06 -19.53 -36.63
O2A CLA TF . 29.55 -17.93 -36.21
NB CLA TF . 36.91 -16.84 -31.74
C1B CLA TF . 35.95 -15.90 -31.97
C2B CLA TF . 36.43 -14.56 -31.53
C3B CLA TF . 37.70 -14.75 -31.03
C4B CLA TF . 38.02 -16.20 -31.16
CMB CLA TF . 35.62 -13.35 -31.65
CAB CLA TF . 38.64 -13.79 -30.47
CBB CLA TF . 38.33 -12.81 -29.62
NC CLA TF . 38.73 -19.12 -31.57
C1C CLA TF . 39.51 -18.17 -30.95
C2C CLA TF . 40.77 -18.76 -30.53
C3C CLA TF . 40.73 -20.11 -30.91
C4C CLA TF . 39.44 -20.32 -31.57
CMC CLA TF . 41.84 -18.04 -29.84
CAC CLA TF . 41.77 -21.12 -30.68
CBC CLA TF . 41.70 -21.72 -29.29
ND CLA TF . 36.85 -20.68 -32.94
C1D CLA TF . 37.80 -21.72 -32.78
C2D CLA TF . 37.30 -22.96 -33.44
C3D CLA TF . 36.09 -22.60 -34.02
C4D CLA TF . 35.84 -21.18 -33.66
CMD CLA TF . 38.01 -24.23 -33.48
CAD CLA TF . 34.94 -23.05 -34.79
OBD CLA TF . 34.73 -24.15 -35.31
CBD CLA TF . 33.96 -21.85 -34.90
CGD CLA TF . 33.68 -21.51 -36.34
O1D CLA TF . 32.86 -22.02 -37.10
O2D CLA TF . 34.45 -20.49 -36.83
CED CLA TF . 34.46 -20.30 -38.25
C1 CLA TF . 30.06 -17.06 -37.24
C2 CLA TF . 29.31 -15.79 -37.11
C3 CLA TF . 29.86 -14.58 -37.33
C4 CLA TF . 29.09 -13.34 -37.17
C5 CLA TF . 31.29 -14.44 -37.72
C6 CLA TF . 31.98 -13.32 -36.94
C7 CLA TF . 33.26 -12.88 -37.62
C8 CLA TF . 34.43 -12.73 -36.67
C9 CLA TF . 34.00 -12.79 -35.21
C10 CLA TF . 35.19 -11.44 -36.92
C11 CLA TF . 36.53 -11.71 -37.57
C12 CLA TF . 36.93 -10.61 -38.54
C13 CLA TF . 36.21 -10.71 -39.88
C14 CLA TF . 36.00 -12.15 -40.27
C15 CLA TF . 36.98 -9.99 -40.98
C16 CLA TF . 36.34 -10.22 -42.34
C17 CLA TF . 35.00 -9.52 -42.45
C18 CLA TF . 34.06 -10.25 -43.40
C19 CLA TF . 33.45 -11.47 -42.75
C20 CLA TF . 34.77 -10.64 -44.68
MG CLA UF . 25.24 -4.59 -29.01
CHA CLA UF . 24.24 -3.39 -32.10
CHB CLA UF . 28.45 -3.74 -29.74
CHC CLA UF . 26.15 -5.55 -25.85
CHD CLA UF . 21.89 -5.50 -28.33
NA CLA UF . 26.17 -3.73 -30.67
C1A CLA UF . 25.57 -3.28 -31.85
C2A CLA UF . 26.61 -2.69 -32.79
C3A CLA UF . 27.94 -3.04 -32.12
C4A CLA UF . 27.52 -3.51 -30.73
CMA CLA UF . 28.65 -4.12 -32.90
CAA CLA UF . 26.39 -1.18 -32.73
CBA CLA UF . 27.61 -0.38 -33.10
CGA CLA UF . 27.31 1.07 -32.86
O1A CLA UF . 26.21 1.59 -32.65
O2A CLA UF . 28.41 1.86 -32.89
NB CLA UF . 26.98 -4.69 -28.01
C1B CLA UF . 28.17 -4.20 -28.45
C2B CLA UF . 29.17 -4.24 -27.35
C3B CLA UF . 28.53 -4.75 -26.24
C4B CLA UF . 27.13 -5.04 -26.65
CMB CLA UF . 30.54 -3.77 -27.53
CAB CLA UF . 28.99 -5.01 -24.90
CBB CLA UF . 30.26 -5.18 -24.51
NC CLA UF . 24.20 -5.41 -27.40
C1C CLA UF . 24.77 -5.74 -26.20
C2C CLA UF . 23.77 -6.28 -25.30
C3C CLA UF . 22.56 -6.25 -25.99
C4C CLA UF . 22.84 -5.71 -27.32
CMC CLA UF . 24.02 -6.73 -23.94
CAC CLA UF . 21.24 -6.69 -25.51
CBC CLA UF . 20.37 -5.52 -25.14
ND CLA UF . 23.45 -4.49 -29.93
C1D CLA UF . 22.15 -4.93 -29.56
C2D CLA UF . 21.21 -4.66 -30.67
C3D CLA UF . 21.94 -4.04 -31.67
C4D CLA UF . 23.33 -3.98 -31.17
CMD CLA UF . 19.78 -4.96 -30.66
CAD CLA UF . 21.94 -3.47 -32.99
OBD CLA UF . 21.00 -3.30 -33.77
CBD CLA UF . 23.41 -3.05 -33.32
CGD CLA UF . 23.93 -3.79 -34.52
O1D CLA UF . 24.86 -4.60 -34.57
O2D CLA UF . 23.27 -3.50 -35.67
CED CLA UF . 23.76 -4.09 -36.88
C1 CLA UF . 28.19 3.28 -32.80
C2 CLA UF . 29.51 3.87 -32.45
C3 CLA UF . 30.26 4.52 -33.34
C4 CLA UF . 29.83 4.71 -34.75
C5 CLA UF . 31.58 5.10 -32.96
C6 CLA UF . 31.45 6.49 -32.33
C7 CLA UF . 32.80 6.96 -31.83
C8 CLA UF . 32.70 8.32 -31.14
C9 CLA UF . 33.72 9.28 -31.71
C10 CLA UF . 32.85 8.18 -29.64
C11 CLA UF . 34.28 8.34 -29.16
C12 CLA UF . 34.34 8.76 -27.71
C13 CLA UF . 35.76 8.82 -27.19
C14 CLA UF . 36.61 9.77 -28.00
C15 CLA UF . 36.40 7.43 -27.18
C16 CLA UF . 37.75 7.46 -26.48
C17 CLA UF . 38.33 6.07 -26.32
C18 CLA UF . 39.43 6.04 -25.27
C19 CLA UF . 40.36 4.85 -25.49
MG CLA VF . 25.57 -1.13 -41.84
CHA CLA VF . 26.62 -1.63 -38.58
CHB CLA VF . 28.41 -2.59 -42.97
CHC CLA VF . 24.45 -0.66 -45.04
CHD CLA VF . 22.63 0.41 -40.60
NA CLA VF . 27.24 -1.96 -40.90
C1A CLA VF . 27.49 -2.06 -39.53
C2A CLA VF . 28.85 -2.72 -39.27
C3A CLA VF . 29.45 -2.88 -40.69
C4A CLA VF . 28.30 -2.46 -41.60
CMA CLA VF . 30.68 -2.04 -40.89
CAA CLA VF . 28.71 -4.05 -38.56
CBA CLA VF . 29.93 -4.94 -38.73
CGA CLA VF . 30.32 -5.47 -37.39
O1A CLA VF . 30.66 -4.84 -36.39
O2A CLA VF . 30.28 -6.84 -37.32
NB CLA VF . 26.36 -1.42 -43.67
C1B CLA VF . 27.42 -2.24 -43.90
C2B CLA VF . 27.41 -2.73 -45.31
C3B CLA VF . 26.28 -2.18 -45.90
C4B CLA VF . 25.61 -1.35 -44.86
CMB CLA VF . 28.42 -3.63 -45.84
CAB CLA VF . 25.74 -2.31 -47.22
CBB CLA VF . 26.41 -2.62 -48.34
NC CLA VF . 23.86 -0.26 -42.66
C1C CLA VF . 23.62 -0.14 -44.01
C2C CLA VF . 22.37 0.56 -44.23
C3C CLA VF . 21.83 0.83 -42.97
C4C CLA VF . 22.78 0.32 -41.99
CMC CLA VF . 21.81 0.87 -45.55
CAC CLA VF . 20.56 1.52 -42.67
CBC CLA VF . 20.79 2.96 -42.24
ND CLA VF . 24.70 -0.79 -40.05
C1D CLA VF . 23.51 -0.10 -39.68
C2D CLA VF . 23.42 -0.05 -38.21
C3D CLA VF . 24.56 -0.65 -37.74
C4D CLA VF . 25.35 -1.06 -38.92
CMD CLA VF . 22.30 0.52 -37.46
CAD CLA VF . 25.31 -1.05 -36.57
OBD CLA VF . 24.98 -1.01 -35.40
CBD CLA VF . 26.69 -1.60 -37.06
CGD CLA VF . 27.82 -0.72 -36.61
O1D CLA VF . 27.82 0.51 -36.53
O2D CLA VF . 28.95 -1.39 -36.27
CED CLA VF . 30.08 -0.61 -35.86
C1 CLA VF . 31.50 -7.52 -36.98
C2 CLA VF . 31.51 -7.67 -35.50
C3 CLA VF . 31.20 -8.84 -34.90
C4 CLA VF . 30.83 -10.05 -35.67
C5 CLA VF . 31.21 -8.95 -33.41
C6 CLA VF . 32.40 -9.73 -32.89
C7 CLA VF . 32.44 -9.67 -31.38
C8 CLA VF . 33.65 -10.42 -30.81
C9 CLA VF . 33.37 -10.88 -29.40
C10 CLA VF . 34.89 -9.55 -30.84
C11 CLA VF . 34.76 -8.34 -29.93
C12 CLA VF . 36.03 -7.51 -29.91
C13 CLA VF . 35.76 -6.11 -29.40
C14 CLA VF . 36.96 -5.21 -29.65
C15 CLA VF . 35.39 -6.10 -27.91
C16 CLA VF . 35.35 -4.70 -27.34
C17 CLA VF . 34.11 -3.94 -27.78
C18 CLA VF . 33.99 -2.58 -27.12
C19 CLA VF . 35.05 -1.63 -27.64
C20 CLA VF . 34.09 -2.70 -25.61
MG CLA WF . 9.42 -15.16 -33.94
CHA CLA WF . 8.76 -17.41 -36.51
CHB CLA WF . 7.87 -12.70 -35.68
CHC CLA WF . 10.03 -13.02 -31.32
CHD CLA WF . 11.06 -17.75 -32.16
NA CLA WF . 8.50 -15.08 -35.81
C1A CLA WF . 8.32 -16.12 -36.73
C2A CLA WF . 7.60 -15.63 -37.98
C3A CLA WF . 7.51 -14.10 -37.76
C4A CLA WF . 7.98 -13.93 -36.31
CMA CLA WF . 8.39 -13.35 -38.72
CAA CLA WF . 6.21 -16.24 -38.09
CBA CLA WF . 5.50 -16.30 -36.76
CGA CLA WF . 4.64 -15.10 -36.59
O1A CLA WF . 4.49 -14.14 -37.34
O2A CLA WF . 3.94 -15.10 -35.41
NB CLA WF . 9.08 -13.21 -33.60
C1B CLA WF . 8.29 -12.42 -34.37
C2B CLA WF . 7.93 -11.17 -33.62
C3B CLA WF . 8.55 -11.27 -32.39
C4B CLA WF . 9.29 -12.55 -32.36
CMB CLA WF . 7.09 -10.13 -34.19
CAB CLA WF . 8.55 -10.36 -31.27
CBB CLA WF . 7.54 -9.60 -30.84
NC CLA WF . 10.41 -15.35 -32.11
C1C CLA WF . 10.57 -14.33 -31.20
C2C CLA WF . 11.34 -14.80 -30.05
C3C CLA WF . 11.60 -16.16 -30.27
C4C CLA WF . 11.02 -16.49 -31.56
CMC CLA WF . 11.72 -13.98 -28.90
CAC CLA WF . 12.36 -17.07 -29.39
CBC CLA WF . 11.48 -18.09 -28.70
ND CLA WF . 9.83 -17.13 -34.19
C1D CLA WF . 10.50 -18.08 -33.39
C2D CLA WF . 10.48 -19.39 -34.06
C3D CLA WF . 9.82 -19.19 -35.26
C4D CLA WF . 9.44 -17.76 -35.30
CMD CLA WF . 11.06 -20.61 -33.51
CAD CLA WF . 9.32 -19.81 -36.48
OBD CLA WF . 9.39 -20.97 -36.85
CBD CLA WF . 8.66 -18.68 -37.32
CGD CLA WF . 9.31 -18.59 -38.68
O1D CLA WF . 10.45 -18.21 -38.93
O2D CLA WF . 8.52 -19.00 -39.71
CED CLA WF . 9.17 -19.56 -40.85
C1 CLA WF . 4.01 -13.90 -34.61
C2 CLA WF . 5.15 -14.06 -33.68
C3 CLA WF . 4.99 -14.41 -32.40
C4 CLA WF . 3.65 -14.68 -31.81
C5 CLA WF . 6.17 -14.57 -31.49
C6 CLA WF . 6.41 -16.01 -31.06
C7 CLA WF . 6.46 -16.94 -32.25
C8 CLA WF . 7.00 -18.32 -31.91
C9 CLA WF . 6.54 -19.34 -32.92
C10 CLA WF . 6.57 -18.75 -30.51
C11 CLA WF . 7.68 -19.49 -29.78
C12 CLA WF . 7.47 -20.99 -29.83
C13 CLA WF . 7.99 -21.65 -28.57
C14 CLA WF . 9.51 -21.64 -28.54
C15 CLA WF . 7.46 -23.08 -28.41
C16 CLA WF . 8.18 -24.05 -29.31
C17 CLA WF . 8.62 -25.29 -28.58
C18 CLA WF . 7.61 -26.42 -28.63
C19 CLA WF . 8.30 -27.77 -28.57
C20 CLA WF . 6.75 -26.35 -29.87
MG CLA XF . 16.51 -16.20 -39.35
CHA CLA XF . 15.48 -15.58 -42.60
CHB CLA XF . 13.47 -17.58 -38.67
CHC CLA XF . 17.65 -17.03 -36.22
CHD CLA XF . 19.65 -14.75 -40.11
NA CLA XF . 14.76 -16.47 -40.46
C1A CLA XF . 14.54 -16.17 -41.81
C2A CLA XF . 13.12 -16.54 -42.23
C3A CLA XF . 12.44 -16.90 -40.89
C4A CLA XF . 13.63 -17.01 -39.92
CMA CLA XF . 11.49 -15.80 -40.47
CAA CLA XF . 13.12 -17.71 -43.20
CBA CLA XF . 13.17 -19.06 -42.52
CGA CLA XF . 14.53 -19.68 -42.69
O1A CLA XF . 15.63 -19.20 -42.41
O2A CLA XF . 14.47 -20.94 -43.20
NB CLA XF . 15.70 -17.08 -37.72
C1B CLA XF . 14.49 -17.70 -37.70
C2B CLA XF . 14.36 -18.52 -36.47
C3B CLA XF . 15.54 -18.37 -35.78
C4B CLA XF . 16.40 -17.45 -36.56
CMB CLA XF . 13.18 -19.31 -36.16
CAB CLA XF . 15.94 -18.96 -34.51
CBB CLA XF . 16.33 -18.28 -33.44
NC CLA XF . 18.31 -15.89 -38.34
C1C CLA XF . 18.55 -16.29 -37.06
C2C CLA XF . 19.91 -15.91 -36.66
C3C CLA XF . 20.48 -15.29 -37.77
C4C CLA XF . 19.47 -15.29 -38.82
CMC CLA XF . 20.51 -16.17 -35.36
CAC CLA XF . 21.84 -14.74 -37.87
CBC CLA XF . 22.85 -15.77 -38.32
ND CLA XF . 17.40 -15.33 -40.93
C1D CLA XF . 18.70 -14.77 -41.12
C2D CLA XF . 18.81 -14.26 -42.50
C3D CLA XF . 17.60 -14.55 -43.12
C4D CLA XF . 16.77 -15.22 -42.10
CMD CLA XF . 19.99 -13.61 -43.05
CAD CLA XF . 16.82 -14.47 -44.34
OBD CLA XF . 17.11 -13.97 -45.42
CBD CLA XF . 15.44 -15.12 -44.04
CGD CLA XF . 14.29 -14.18 -44.26
O1D CLA XF . 14.06 -13.12 -43.66
O2D CLA XF . 13.42 -14.57 -45.24
CED CLA XF . 12.24 -13.79 -45.43
C1 CLA XF . 15.50 -21.87 -42.79
C2 CLA XF . 16.55 -21.84 -43.83
C3 CLA XF . 17.49 -22.80 -43.95
C4 CLA XF . 17.57 -23.96 -43.05
C5 CLA XF . 18.51 -22.71 -45.04
C6 CLA XF . 19.86 -23.29 -44.64
C7 CLA XF . 20.77 -23.39 -45.85
C8 CLA XF . 22.22 -23.11 -45.46
C9 CLA XF . 22.38 -21.67 -44.99
C10 CLA XF . 23.15 -23.37 -46.64
C11 CLA XF . 23.40 -24.85 -46.84
C12 CLA XF . 24.52 -25.07 -47.84
C13 CLA XF . 24.49 -26.46 -48.47
C14 CLA XF . 23.97 -27.50 -47.51
C15 CLA XF . 25.88 -26.85 -48.96
C16 CLA XF . 25.82 -27.53 -50.30
C17 CLA XF . 27.21 -27.65 -50.90
C18 CLA XF . 27.21 -28.50 -52.15
C19 CLA XF . 26.79 -29.92 -51.85
C20 CLA XF . 28.59 -28.49 -52.80
MG CLA YF . 22.40 -21.28 -22.00
CHA CLA YF . 22.67 -22.64 -18.82
CHB CLA YF . 23.62 -24.17 -23.33
CHC CLA YF . 21.90 -19.99 -25.16
CHD CLA YF . 21.04 -18.34 -20.59
NA CLA YF . 23.06 -23.09 -21.18
C1A CLA YF . 23.07 -23.46 -19.83
C2A CLA YF . 23.60 -24.89 -19.67
C3A CLA YF . 23.99 -25.30 -21.10
C4A CLA YF . 23.53 -24.11 -21.96
CMA CLA YF . 25.48 -25.53 -21.21
CAA CLA YF . 22.47 -25.78 -19.19
CBA CLA YF . 21.19 -25.52 -19.96
CGA CLA YF . 20.01 -26.08 -19.23
O1A CLA YF . 19.99 -26.63 -18.13
O2A CLA YF . 18.83 -25.93 -19.90
NB CLA YF . 22.62 -21.97 -23.88
C1B CLA YF . 23.25 -23.13 -24.20
C2B CLA YF . 23.52 -23.16 -25.66
C3B CLA YF . 23.04 -21.99 -26.19
C4B CLA YF . 22.47 -21.22 -25.06
CMB CLA YF . 24.19 -24.28 -26.27
CAB CLA YF . 23.05 -21.48 -27.55
CBB CLA YF . 23.16 -22.20 -28.67
NC CLA YF . 21.63 -19.48 -22.73
C1C CLA YF . 21.51 -19.17 -24.05
C2C CLA YF . 20.89 -17.86 -24.21
C3C CLA YF . 20.66 -17.38 -22.93
C4C CLA YF . 21.12 -18.41 -22.00
CMC CLA YF . 20.60 -17.23 -25.50
CAC CLA YF . 20.02 -16.11 -22.57
CBC CLA YF . 18.52 -16.25 -22.46
ND CLA YF . 22.09 -20.53 -20.16
C1D CLA YF . 21.50 -19.32 -19.72
C2D CLA YF . 21.46 -19.33 -18.25
C3D CLA YF . 21.89 -20.57 -17.84
C4D CLA YF . 22.24 -21.29 -19.08
CMD CLA YF . 21.00 -18.24 -17.40
CAD CLA YF . 22.18 -21.43 -16.71
OBD CLA YF . 22.14 -21.19 -15.51
CBD CLA YF . 22.59 -22.82 -17.30
CGD CLA YF . 23.85 -23.32 -16.67
O1D CLA YF . 23.97 -23.79 -15.53
O2D CLA YF . 24.97 -23.23 -17.44
CED CLA YF . 26.15 -23.87 -16.96
C1 CLA YF . 17.63 -25.98 -19.10
C2 CLA YF . 16.48 -25.74 -20.02
C3 CLA YF . 15.33 -25.20 -19.59
C4 CLA YF . 15.12 -24.79 -18.18
C5 CLA YF . 14.20 -24.97 -20.53
C6 CLA YF . 13.72 -23.52 -20.52
C7 CLA YF . 12.72 -23.28 -21.63
C8 CLA YF . 12.28 -21.83 -21.69
C9 CLA YF . 11.60 -21.41 -20.40
C10 CLA YF . 11.35 -21.59 -22.88
C11 CLA YF . 10.17 -22.53 -22.86
C12 CLA YF . 8.86 -21.79 -22.91
C13 CLA YF . 8.25 -21.80 -24.31
C14 CLA YF . 8.65 -20.55 -25.07
C15 CLA YF . 6.74 -21.97 -24.24
C16 CLA YF . 5.96 -20.97 -25.08
C17 CLA YF . 4.72 -20.50 -24.35
C18 CLA YF . 3.51 -20.43 -25.26
C19 CLA YF . 3.72 -19.45 -26.39
C20 CLA YF . 2.28 -20.03 -24.46
MG CLA ZF . 40.62 -1.11 -19.69
CHA CLA ZF . 43.94 -1.79 -18.95
CHB CLA ZF . 40.75 1.64 -17.70
CHC CLA ZF . 37.35 -0.45 -20.51
CHD CLA ZF . 40.56 -3.99 -21.76
NA CLA ZF . 42.11 -0.24 -18.53
C1A CLA ZF . 43.44 -0.66 -18.36
C2A CLA ZF . 44.21 0.28 -17.43
C3A CLA ZF . 43.14 1.30 -16.97
C4A CLA ZF . 41.91 0.91 -17.79
CMA CLA ZF . 42.88 1.20 -15.49
CAA CLA ZF . 45.32 0.99 -18.18
NB CLA ZF . 39.31 0.33 -19.21
C1B CLA ZF . 39.55 1.36 -18.38
C2B CLA ZF . 38.33 2.20 -18.25
C3B CLA ZF . 37.37 1.62 -19.04
C4B CLA ZF . 37.98 0.41 -19.66
CMB CLA ZF . 38.27 3.39 -17.41
CAB CLA ZF . 36.00 2.02 -19.29
CBB CLA ZF . 35.64 3.23 -19.73
NC CLA ZF . 39.21 -2.06 -20.91
C1C CLA ZF . 37.93 -1.62 -21.10
C2C CLA ZF . 37.23 -2.52 -22.01
C3C CLA ZF . 38.13 -3.52 -22.37
C4C CLA ZF . 39.38 -3.22 -21.68
CMC CLA ZF . 35.84 -2.34 -22.42
CAC CLA ZF . 37.89 -4.64 -23.28
CBC CLA ZF . 38.50 -4.42 -24.65
ND CLA ZF . 41.88 -2.60 -20.23
C1D CLA ZF . 41.73 -3.71 -21.09
C2D CLA ZF . 42.99 -4.48 -21.09
C3D CLA ZF . 43.86 -3.81 -20.26
C4D CLA ZF . 43.13 -2.63 -19.78
CMD CLA ZF . 43.19 -5.72 -21.83
CAD CLA ZF . 45.18 -3.78 -19.65
OBD CLA ZF . 46.08 -4.61 -19.72
CBD CLA ZF . 45.28 -2.45 -18.85
CGD CLA ZF . 45.62 -2.67 -17.40
O1D CLA ZF . 46.63 -2.28 -16.80
O2D CLA ZF . 44.67 -3.35 -16.71
CED CLA ZF . 44.84 -3.50 -15.29
MG CLA AG . 37.87 8.10 -16.13
CHA CLA AG . 40.67 6.47 -14.90
CHB CLA AG . 37.14 9.22 -13.00
CHC CLA AG . 35.14 9.73 -17.43
CHD CLA AG . 38.63 6.84 -19.36
NA CLA AG . 38.78 7.86 -14.27
C1A CLA AG . 39.94 7.15 -13.95
C2A CLA AG . 40.26 7.24 -12.47
C3A CLA AG . 39.06 8.02 -11.88
C4A CLA AG . 38.26 8.41 -13.13
CMA CLA AG . 38.24 7.18 -10.94
CAA CLA AG . 41.54 8.01 -12.25
CBA CLA AG . 41.36 9.49 -12.51
CGA CLA AG . 42.51 10.05 -13.29
O1A CLA AG . 43.63 9.58 -13.44
O2A CLA AG . 42.22 11.24 -13.88
NB CLA AG . 36.39 9.20 -15.35
C1B CLA AG . 36.32 9.64 -14.06
C2B CLA AG . 35.24 10.64 -13.91
C3B CLA AG . 34.66 10.79 -15.16
C4B CLA AG . 35.39 9.88 -16.09
CMB CLA AG . 34.93 11.28 -12.63
CAB CLA AG . 33.58 11.63 -15.60
CBB CLA AG . 33.26 12.84 -15.12
NC CLA AG . 37.05 8.25 -18.05
C1C CLA AG . 35.91 8.97 -18.34
C2C CLA AG . 35.61 8.85 -19.77
C3C CLA AG . 36.60 8.04 -20.33
C4C CLA AG . 37.49 7.66 -19.23
CMC CLA AG . 34.47 9.50 -20.43
CAC CLA AG . 36.71 7.62 -21.73
CBC CLA AG . 37.92 8.22 -22.43
ND CLA AG . 39.32 7.00 -17.01
C1D CLA AG . 39.50 6.52 -18.34
C2D CLA AG . 40.72 5.68 -18.39
C3D CLA AG . 41.22 5.64 -17.10
C4D CLA AG . 40.30 6.45 -16.28
CMD CLA AG . 41.24 5.04 -19.60
CAD CLA AG . 42.27 5.14 -16.23
OBD CLA AG . 43.27 4.49 -16.51
CBD CLA AG . 41.91 5.60 -14.78
CGD CLA AG . 41.66 4.42 -13.87
O1D CLA AG . 40.58 3.93 -13.55
O2D CLA AG . 42.80 3.87 -13.37
CED CLA AG . 42.68 2.98 -12.25
C1 CLA AG . 43.19 12.29 -13.72
C2 CLA AG . 42.48 13.58 -13.87
C3 CLA AG . 42.39 14.26 -15.03
C4 CLA AG . 43.01 13.74 -16.28
MG CLA BG . 24.30 17.49 -16.50
CHA CLA BG . 25.90 15.00 -14.67
CHB CLA BG . 21.73 17.47 -14.27
CHC CLA BG . 22.81 20.00 -18.30
CHD CLA BG . 26.99 17.45 -18.78
NA CLA BG . 23.90 16.40 -14.76
C1A CLA BG . 24.69 15.40 -14.17
C2A CLA BG . 24.03 14.86 -12.89
C3A CLA BG . 22.67 15.60 -12.84
C4A CLA BG . 22.75 16.58 -14.03
CMA CLA BG . 21.50 14.66 -12.96
CAA CLA BG . 24.88 15.16 -11.68
CBA CLA BG . 24.59 16.55 -11.13
CGA CLA BG . 25.84 17.24 -10.70
O1A CLA BG . 26.55 18.01 -11.34
O2A CLA BG . 26.20 16.93 -9.41
NB CLA BG . 22.57 18.50 -16.35
C1B CLA BG . 21.69 18.41 -15.32
C2B CLA BG . 20.63 19.46 -15.45
C3B CLA BG . 20.94 20.18 -16.59
C4B CLA BG . 22.17 19.57 -17.17
CMB CLA BG . 19.56 19.60 -14.47
CAB CLA BG . 20.30 21.31 -17.21
CBB CLA BG . 19.05 21.73 -17.00
NC CLA BG . 24.82 18.52 -18.24
C1C CLA BG . 24.05 19.51 -18.81
C2C CLA BG . 24.71 20.00 -20.01
C3C CLA BG . 25.89 19.29 -20.15
C4C CLA BG . 25.95 18.35 -19.03
CMC CLA BG . 24.17 21.06 -20.88
CAC CLA BG . 26.91 19.42 -21.21
CBC CLA BG . 28.26 19.86 -20.68
ND CLA BG . 26.06 16.52 -16.72
C1D CLA BG . 27.07 16.60 -17.71
C2D CLA BG . 28.15 15.62 -17.39
C3D CLA BG . 27.74 14.98 -16.24
C4D CLA BG . 26.44 15.57 -15.86
CMD CLA BG . 29.37 15.43 -18.17
CAD CLA BG . 28.07 13.98 -15.24
OBD CLA BG . 29.08 13.28 -15.15
CBD CLA BG . 26.88 13.93 -14.24
CGD CLA BG . 26.21 12.59 -14.20
O1D CLA BG . 25.01 12.34 -14.17
O2D CLA BG . 27.08 11.54 -14.24
CED CLA BG . 26.51 10.26 -14.54
C1 CLA BG . 27.32 17.65 -8.84
C2 CLA BG . 28.55 16.96 -9.30
C3 CLA BG . 29.00 15.81 -8.78
C4 CLA BG . 28.28 15.12 -7.68
C5 CLA BG . 30.24 15.16 -9.27
C6 CLA BG . 30.98 15.98 -10.32
C7 CLA BG . 30.55 15.62 -11.72
C8 CLA BG . 30.81 16.77 -12.68
C9 CLA BG . 29.91 16.66 -13.90
C10 CLA BG . 32.27 16.81 -13.11
C11 CLA BG . 32.55 17.97 -14.03
C12 CLA BG . 34.03 18.29 -14.10
C13 CLA BG . 34.79 17.20 -14.84
C14 CLA BG . 36.27 17.33 -14.61
C15 CLA BG . 34.49 17.23 -16.34
C16 CLA BG . 34.12 15.86 -16.86
C17 CLA BG . 35.05 15.42 -17.97
C18 CLA BG . 34.30 14.75 -19.11
C19 CLA BG . 33.49 15.75 -19.90
C20 CLA BG . 33.40 13.65 -18.58
MG CLA CG . 30.14 4.87 -44.49
CHA CLA CG . 30.05 3.76 -47.77
CHB CLA CG . 28.02 2.35 -43.59
CHC CLA CG . 30.48 5.83 -41.21
CHD CLA CG . 32.27 7.51 -45.49
NA CLA CG . 29.18 3.35 -45.54
C1A CLA CG . 29.29 3.03 -46.90
C2A CLA CG . 28.42 1.84 -47.26
C3A CLA CG . 27.61 1.60 -45.97
C4A CLA CG . 28.31 2.47 -44.94
CMA CLA CG . 26.17 2.04 -46.15
CAA CLA CG . 29.29 0.65 -47.61
CBA CLA CG . 29.42 -0.31 -46.46
CGA CLA CG . 30.84 -0.57 -46.11
O1A CLA CG . 31.35 -0.67 -44.99
O2A CLA CG . 31.65 -0.69 -47.21
NB CLA CG . 29.36 4.24 -42.74
C1B CLA CG . 28.60 3.12 -42.56
C2B CLA CG . 28.45 2.84 -41.12
C3B CLA CG . 29.14 3.81 -40.43
C4B CLA CG . 29.72 4.72 -41.46
CMB CLA CG . 27.68 1.69 -40.60
CAB CLA CG . 29.32 4.03 -39.02
CBB CLA CG . 28.35 4.00 -38.11
NC CLA CG . 31.16 6.41 -43.53
C1C CLA CG . 31.14 6.64 -42.18
C2C CLA CG . 31.96 7.80 -41.85
C3C CLA CG . 32.48 8.27 -43.06
C4C CLA CG . 31.96 7.40 -44.12
CMC CLA CG . 32.17 8.32 -40.51
CAC CLA CG . 33.36 9.43 -43.25
CBC CLA CG . 34.82 9.03 -43.26
ND CLA CG . 30.97 5.55 -46.20
C1D CLA CG . 31.81 6.66 -46.48
C2D CLA CG . 32.11 6.67 -47.93
C3D CLA CG . 31.49 5.57 -48.47
C4D CLA CG . 30.79 4.92 -47.35
CMD CLA CG . 32.95 7.67 -48.61
CAD CLA CG . 31.21 4.80 -49.68
OBD CLA CG . 31.60 4.99 -50.82
CBD CLA CG . 30.28 3.63 -49.26
CGD CLA CG . 29.00 3.63 -50.04
O1D CLA CG . 27.86 3.85 -49.62
O2D CLA CG . 29.16 3.36 -51.36
CED CLA CG . 28.02 2.96 -52.11
C1 CLA CG . 32.39 -1.92 -47.35
C2 CLA CG . 33.64 -1.76 -46.57
C3 CLA CG . 34.84 -2.18 -47.01
C4 CLA CG . 35.01 -2.85 -48.32
C5 CLA CG . 36.06 -1.97 -46.19
C6 CLA CG . 36.52 -0.52 -46.20
C7 CLA CG . 37.18 -0.16 -44.89
C8 CLA CG . 38.02 1.12 -45.02
C9 CLA CG . 38.50 1.58 -43.66
C10 CLA CG . 37.22 2.22 -45.69
C11 CLA CG . 38.14 3.23 -46.32
C12 CLA CG . 39.11 2.58 -47.28
C13 CLA CG . 39.88 3.59 -48.13
C14 CLA CG . 39.49 5.01 -47.81
C15 CLA CG . 39.70 3.32 -49.61
C16 CLA CG . 40.49 4.32 -50.44
C17 CLA CG . 41.59 3.63 -51.22
C18 CLA CG . 41.04 2.95 -52.46
C19 CLA CG . 41.75 3.43 -53.71
C20 CLA CG . 41.15 1.46 -52.34
MG CLA DG . 36.19 4.75 -49.84
CHA CLA DG . 36.88 2.95 -52.73
CHB CLA DG . 34.29 2.17 -48.69
CHC CLA DG . 35.70 6.50 -46.94
CHD CLA DG . 38.08 7.45 -51.15
NA CLA DG . 35.67 2.88 -50.62
C1A CLA DG . 36.07 2.31 -51.82
C2A CLA DG . 35.46 0.92 -52.00
C3A CLA DG . 34.51 0.78 -50.78
C4A CLA DG . 34.85 2.02 -49.94
CMA CLA DG . 33.07 0.76 -51.21
CAA CLA DG . 36.55 -0.14 -51.93
CBA CLA DG . 37.58 0.21 -50.87
CGA CLA DG . 38.26 -1.03 -50.36
O1A CLA DG . 37.89 -2.20 -50.48
O2A CLA DG . 39.40 -0.76 -49.68
NB CLA DG . 35.15 4.43 -48.16
C1B CLA DG . 34.52 3.26 -47.84
C2B CLA DG . 34.08 3.29 -46.41
C3B CLA DG . 34.47 4.51 -45.90
C4B CLA DG . 35.16 5.25 -47.01
CMB CLA DG . 33.38 2.19 -45.79
CAB CLA DG . 34.31 5.03 -44.58
CBB CLA DG . 35.29 5.41 -43.77
NC CLA DG . 36.77 6.64 -49.18
C1C CLA DG . 36.45 7.16 -47.95
C2C CLA DG . 37.00 8.50 -47.81
C3C CLA DG . 37.68 8.78 -49.00
C4C CLA DG . 37.53 7.61 -49.86
CMC CLA DG . 36.84 9.35 -46.63
CAC CLA DG . 38.39 10.01 -49.35
CBC CLA DG . 39.69 10.19 -48.59
ND CLA DG . 37.27 5.17 -51.51
C1D CLA DG . 37.98 6.33 -51.92
C2D CLA DG . 38.55 6.08 -53.28
C3D CLA DG . 38.18 4.79 -53.61
C4D CLA DG . 37.36 4.27 -52.49
CMD CLA DG . 39.36 7.03 -54.03
CAD CLA DG . 38.24 3.74 -54.62
OBD CLA DG . 38.85 3.71 -55.68
CBD CLA DG . 37.37 2.56 -54.11
CGD CLA DG . 36.24 2.28 -55.05
O1D CLA DG . 36.29 1.70 -56.14
O2D CLA DG . 35.01 2.72 -54.62
CED CLA DG . 34.70 4.10 -54.78
C1 CLA DG . 39.98 -1.86 -48.95
C2 CLA DG . 40.45 -1.31 -47.64
C3 CLA DG . 40.45 -2.02 -46.51
C4 CLA DG . 39.97 -3.42 -46.48
C5 CLA DG . 40.93 -1.43 -45.23
C6 CLA DG . 41.67 -2.43 -44.36
C7 CLA DG . 42.16 -1.77 -43.08
C8 CLA DG . 42.50 -2.81 -42.01
MG CLA EG . 20.37 3.18 -36.13
CHA CLA EG . 22.36 5.29 -38.02
CHB CLA EG . 23.04 2.43 -34.16
CHC CLA EG . 18.35 1.10 -34.28
CHD CLA EG . 17.64 3.93 -38.25
NA CLA EG . 22.37 3.79 -36.10
C1A CLA EG . 23.01 4.69 -36.98
C2A CLA EG . 24.49 4.83 -36.61
C3A CLA EG . 24.66 3.91 -35.37
C4A CLA EG . 23.26 3.32 -35.18
CMA CLA EG . 25.68 2.83 -35.64
CAA CLA EG . 24.90 6.26 -36.26
CBA CLA EG . 26.40 6.31 -36.08
CGA CLA EG . 26.92 7.71 -36.04
O1A CLA EG . 26.30 8.77 -35.87
O2A CLA EG . 28.27 7.75 -36.20
NB CLA EG . 20.63 2.04 -34.49
C1B CLA EG . 21.82 1.80 -33.87
C2B CLA EG . 21.65 0.75 -32.83
C3B CLA EG . 20.32 0.37 -32.85
C4B CLA EG . 19.66 1.18 -33.91
CMB CLA EG . 22.78 0.30 -32.01
CAB CLA EG . 19.59 -0.61 -32.09
CBB CLA EG . 20.04 -1.38 -31.10
NC CLA EG . 18.36 2.64 -36.24
C1C CLA EG . 17.73 1.79 -35.37
C2C CLA EG . 16.33 1.64 -35.73
C3C CLA EG . 16.12 2.41 -36.87
C4C CLA EG . 17.39 3.04 -37.18
CMC CLA EG . 15.37 0.80 -35.01
CAC CLA EG . 14.84 2.54 -37.61
CBC CLA EG . 14.30 3.96 -37.76
ND CLA EG . 20.02 4.30 -37.77
C1D CLA EG . 18.85 4.53 -38.54
C2D CLA EG . 19.17 5.46 -39.64
C3D CLA EG . 20.51 5.78 -39.49
C4D CLA EG . 20.99 5.03 -38.30
CMD CLA EG . 18.22 5.92 -40.65
CAD CLA EG . 21.64 6.51 -40.02
OBD CLA EG . 21.70 7.23 -41.02
CBD CLA EG . 22.85 6.25 -39.09
CGD CLA EG . 24.03 5.68 -39.82
O1D CLA EG . 25.22 5.97 -39.69
O2D CLA EG . 23.69 4.73 -40.73
CED CLA EG . 24.57 3.62 -40.90
C1 CLA EG . 29.01 8.69 -35.40
C2 CLA EG . 29.37 9.82 -36.28
C3 CLA EG . 30.63 10.22 -36.47
C4 CLA EG . 30.97 11.35 -37.35
C5 CLA EG . 31.77 9.52 -35.80
C6 CLA EG . 32.90 9.23 -36.76
C7 CLA EG . 34.23 9.24 -36.03
C8 CLA EG . 34.72 7.84 -35.69
C9 CLA EG . 35.94 7.90 -34.80
C10 CLA EG . 35.01 7.04 -36.95
C11 CLA EG . 35.09 5.56 -36.67
C12 CLA EG . 33.78 5.01 -36.12
C13 CLA EG . 32.63 5.23 -37.08
MG CLA FG . 25.71 11.23 -28.91
CHA CLA FG . 24.79 10.44 -32.15
CHB CLA FG . 25.89 7.92 -28.15
CHC CLA FG . 26.72 12.07 -25.72
CHD CLA FG . 25.43 14.66 -29.72
NA CLA FG . 25.37 9.48 -29.99
C1A CLA FG . 25.00 9.37 -31.33
C2A CLA FG . 24.87 7.91 -31.74
C3A CLA FG . 25.06 7.14 -30.41
C4A CLA FG . 25.49 8.25 -29.44
CMA CLA FG . 23.77 6.50 -29.97
CAA CLA FG . 25.96 7.55 -32.74
CBA CLA FG . 27.37 7.63 -32.20
CGA CLA FG . 27.90 9.04 -32.14
O1A CLA FG . 27.67 9.99 -32.89
O2A CLA FG . 28.72 9.25 -31.07
NB CLA FG . 26.21 10.20 -27.25
C1B CLA FG . 26.28 8.84 -27.16
C2B CLA FG . 26.81 8.45 -25.83
C3B CLA FG . 27.04 9.62 -25.13
C4B CLA FG . 26.66 10.74 -26.03
CMB CLA FG . 26.98 7.05 -25.42
CAB CLA FG . 27.54 9.83 -23.79
CBB CLA FG . 28.53 9.16 -23.20
NC CLA FG . 25.99 13.04 -27.90
C1C CLA FG . 26.39 13.16 -26.59
C2C CLA FG . 26.47 14.56 -26.22
C3C CLA FG . 26.11 15.30 -27.34
C4C CLA FG . 25.81 14.34 -28.40
CMC CLA FG . 26.85 15.04 -24.89
CAC CLA FG . 26.03 16.77 -27.43
CBC CLA FG . 26.90 17.41 -28.48
ND CLA FG . 25.20 12.35 -30.51
C1D CLA FG . 25.16 13.75 -30.72
C2D CLA FG . 24.78 14.02 -32.13
C3D CLA FG . 24.64 12.79 -32.73
C4D CLA FG . 24.91 11.78 -31.68
CMD CLA FG . 24.63 15.36 -32.71
CAD CLA FG . 24.33 12.07 -33.95
OBD CLA FG . 24.03 12.49 -35.06
CBD CLA FG . 24.43 10.54 -33.62
CGD CLA FG . 23.20 9.75 -33.97
O1D CLA FG . 23.16 8.57 -34.34
O2D CLA FG . 22.03 10.43 -33.86
CED CLA FG . 20.85 9.76 -34.30
C1 CLA FG . 28.89 10.61 -30.64
C2 CLA FG . 29.85 10.56 -29.51
C3 CLA FG . 30.18 11.64 -28.78
C4 CLA FG . 29.61 12.97 -29.06
C5 CLA FG . 31.15 11.53 -27.67
C6 CLA FG . 30.51 11.82 -26.32
C7 CLA FG . 31.38 11.34 -25.18
C8 CLA FG . 31.67 12.45 -24.18
C9 CLA FG . 32.25 11.88 -22.91
C10 CLA FG . 30.41 13.25 -23.87
C11 CLA FG . 30.71 14.42 -22.96
C12 CLA FG . 30.64 15.74 -23.69
C13 CLA FG . 30.97 16.90 -22.77
C14 CLA FG . 30.23 16.78 -21.45
C15 CLA FG . 30.63 18.25 -23.42
C16 CLA FG . 31.87 19.11 -23.54
C17 CLA FG . 31.52 20.56 -23.73
C18 CLA FG . 32.62 21.33 -24.46
C19 CLA FG . 33.99 20.97 -23.92
C20 CLA FG . 32.39 22.82 -24.32
MG CLA GG . 30.42 2.73 -24.92
CHA CLA GG . 28.56 2.70 -27.85
CHB CLA GG . 29.91 -0.62 -24.59
CHC CLA GG . 32.24 2.81 -22.02
CHD CLA GG . 30.83 6.21 -25.28
NA CLA GG . 29.41 1.29 -26.06
C1A CLA GG . 28.69 1.49 -27.24
C2A CLA GG . 28.08 0.17 -27.74
C3A CLA GG . 28.43 -0.83 -26.62
C4A CLA GG . 29.32 -0.02 -25.68
CMA CLA GG . 27.20 -1.35 -25.92
CAA CLA GG . 28.69 -0.26 -29.06
CBA CLA GG . 30.16 0.09 -29.16
CGA CLA GG . 30.80 -0.67 -30.29
O1A CLA GG . 31.29 -1.80 -30.26
O2A CLA GG . 30.80 0.01 -31.47
NB CLA GG . 30.88 1.37 -23.51
C1B CLA GG . 30.73 0.03 -23.65
C2B CLA GG . 31.58 -0.69 -22.66
C3B CLA GG . 32.24 0.27 -21.93
C4B CLA GG . 31.81 1.60 -22.46
CMB CLA GG . 31.64 -2.15 -22.57
CAB CLA GG . 33.19 0.11 -20.86
CBB CLA GG . 33.05 0.61 -19.63
NC CLA GG . 31.37 4.24 -23.85
C1C CLA GG . 32.05 4.05 -22.68
C2C CLA GG . 32.55 5.34 -22.19
C3C CLA GG . 32.17 6.30 -23.11
C4C CLA GG . 31.42 5.61 -24.16
CMC CLA GG . 33.33 5.52 -20.96
CAC CLA GG . 32.43 7.75 -23.05
CBC CLA GG . 33.49 8.19 -24.04
ND CLA GG . 29.99 4.15 -26.29
C1D CLA GG . 30.16 5.56 -26.29
C2D CLA GG . 29.53 6.13 -27.50
C3D CLA GG . 28.92 5.07 -28.14
C4D CLA GG . 29.20 3.88 -27.33
CMD CLA GG . 29.59 7.54 -27.87
CAD CLA GG . 28.13 4.65 -29.28
OBD CLA GG . 27.75 5.29 -30.25
CBD CLA GG . 27.79 3.14 -29.07
CGD CLA GG . 26.31 2.94 -28.86
O1D CLA GG . 25.73 2.67 -27.80
O2D CLA GG . 25.56 3.10 -29.98
CED CLA GG . 24.16 2.88 -29.87
C1 CLA GG . 31.67 -0.50 -32.49
C2 CLA GG . 33.03 0.02 -32.23
C3 CLA GG . 33.66 0.84 -33.08
C4 CLA GG . 33.04 1.29 -34.34
C5 CLA GG . 35.02 1.36 -32.78
C6 CLA GG . 35.51 0.97 -31.40
C7 CLA GG . 36.78 1.73 -31.04
C8 CLA GG . 37.10 1.63 -29.56
C9 CLA GG . 37.96 2.79 -29.12
C10 CLA GG . 37.79 0.31 -29.25
C11 CLA GG . 38.20 0.21 -27.79
C12 CLA GG . 38.86 -1.12 -27.50
C13 CLA GG . 40.03 -1.37 -28.44
C14 CLA GG . 40.04 -2.82 -28.89
C15 CLA GG . 41.35 -1.00 -27.78
C16 CLA GG . 42.15 -0.03 -28.64
C17 CLA GG . 43.27 0.60 -27.84
C18 CLA GG . 44.27 1.33 -28.72
C19 CLA GG . 45.44 1.83 -27.91
C20 CLA GG . 44.76 0.42 -29.83
MG CLA HG . 1.04 -32.63 -7.01
CHA CLA HG . 0.14 -35.87 -7.83
CHB CLA HG . 3.30 -32.61 -9.55
CHC CLA HG . 1.84 -29.38 -6.20
CHD CLA HG . -1.33 -32.69 -4.38
NA CLA HG . 1.60 -34.03 -8.46
C1A CLA HG . 1.11 -35.33 -8.64
C2A CLA HG . 1.78 -36.01 -9.82
C3A CLA HG . 2.80 -34.96 -10.33
C4A CLA HG . 2.56 -33.77 -9.40
CMA CLA HG . 4.22 -35.47 -10.26
CAA CLA HG . 0.76 -36.27 -10.92
CBA CLA HG . 0.14 -34.99 -11.43
CGA CLA HG . -1.33 -34.96 -11.12
O1A CLA HG . -2.01 -35.78 -10.49
O2A CLA HG . -1.96 -33.86 -11.63
NB CLA HG . 2.30 -31.25 -7.75
C1B CLA HG . 3.20 -31.46 -8.76
C2B CLA HG . 4.07 -30.27 -8.91
C3B CLA HG . 3.67 -29.35 -7.97
C4B CLA HG . 2.53 -29.96 -7.22
CMB CLA HG . 5.13 -30.20 -9.91
CAB CLA HG . 4.18 -28.04 -7.69
CBB CLA HG . 4.87 -27.71 -6.59
NC CLA HG . 0.36 -31.29 -5.56
C1C CLA HG . 0.81 -30.00 -5.42
C2C CLA HG . 0.10 -29.34 -4.33
C3C CLA HG . -0.78 -30.29 -3.80
C4C CLA HG . -0.62 -31.51 -4.58
CMC CLA HG . 0.32 -27.95 -3.91
CAC CLA HG . -1.73 -30.09 -2.69
CBC CLA HG . -1.27 -30.71 -1.40
ND CLA HG . -0.28 -33.94 -6.22
C1D CLA HG . -1.19 -33.84 -5.13
C2D CLA HG . -1.91 -35.13 -4.99
C3D CLA HG . -1.44 -35.94 -6.01
C4D CLA HG . -0.43 -35.15 -6.74
CMD CLA HG . -2.92 -35.42 -3.98
CAD CLA HG . -1.52 -37.25 -6.65
OBD CLA HG . -2.24 -38.21 -6.38
CBD CLA HG . -0.50 -37.24 -7.82
CGD CLA HG . 0.54 -38.30 -7.63
O1D CLA HG . 1.71 -38.15 -7.25
O2D CLA HG . 0.12 -39.56 -7.91
CED CLA HG . 0.98 -40.65 -7.53
C1 CLA HG . -3.16 -34.11 -12.39
C2 CLA HG . -3.53 -32.81 -13.03
C3 CLA HG . -4.14 -31.83 -12.37
C4 CLA HG . -4.51 -31.94 -10.93
C5 CLA HG . -4.49 -30.55 -13.05
C6 CLA HG . -5.82 -29.97 -12.58
C7 CLA HG . -6.98 -30.61 -13.33
C8 CLA HG . -8.25 -29.75 -13.32
C9 CLA HG . -7.99 -28.35 -12.78
C10 CLA HG . -9.36 -30.42 -12.52
C11 CLA HG . -9.79 -31.71 -13.18
C12 CLA HG . -11.20 -32.11 -12.75
C13 CLA HG . -11.59 -33.46 -13.31
C14 CLA HG . -11.03 -33.70 -14.70
C15 CLA HG . -13.11 -33.62 -13.33
C16 CLA HG . -13.52 -34.96 -12.72
C17 CLA HG . -13.70 -34.84 -11.23
C18 CLA HG . -14.96 -35.57 -10.77
C19 CLA HG . -16.14 -35.21 -11.64
C20 CLA HG . -14.74 -37.06 -10.79
MG CLA IG . 1.72 -20.50 -15.95
CHA CLA IG . 4.68 -21.96 -17.03
CHB CLA IG . 1.04 -19.47 -19.11
CHC CLA IG . -1.17 -19.04 -14.79
CHD CLA IG . 2.41 -21.65 -12.68
NA CLA IG . 2.72 -20.69 -17.77
C1A CLA IG . 3.94 -21.35 -18.02
C2A CLA IG . 4.32 -21.23 -19.49
C3A CLA IG . 3.13 -20.47 -20.13
C4A CLA IG . 2.22 -20.17 -18.93
CMA CLA IG . 3.56 -19.21 -20.84
CAA CLA IG . 4.54 -22.59 -20.16
CBA CLA IG . 3.26 -23.21 -20.68
CGA CLA IG . 3.62 -24.28 -21.66
O1A CLA IG . 4.35 -24.21 -22.64
O2A CLA IG . 3.04 -25.49 -21.36
NB CLA IG . 0.23 -19.44 -16.79
C1B CLA IG . 0.11 -19.13 -18.10
C2B CLA IG . -1.16 -18.39 -18.34
C3B CLA IG . -1.79 -18.27 -17.12
C4B CLA IG . -0.91 -18.93 -16.12
CMB CLA IG . -1.59 -17.93 -19.65
CAB CLA IG . -3.05 -17.65 -16.81
CBB CLA IG . -3.29 -16.82 -15.78
NC CLA IG . 0.80 -20.36 -14.07
C1C CLA IG . -0.38 -19.71 -13.83
C2C CLA IG . -0.73 -19.80 -12.43
C3C CLA IG . 0.28 -20.56 -11.81
C4C CLA IG . 1.24 -20.92 -12.86
CMC CLA IG . -1.93 -19.20 -11.85
CAC CLA IG . 0.37 -20.95 -10.40
CBC CLA IG . 0.55 -19.77 -9.48
ND CLA IG . 3.17 -21.54 -15.01
C1D CLA IG . 3.33 -21.95 -13.65
C2D CLA IG . 4.60 -22.70 -13.52
C3D CLA IG . 5.17 -22.72 -14.78
C4D CLA IG . 4.23 -21.99 -15.67
CMD CLA IG . 5.12 -23.26 -12.27
CAD CLA IG . 6.30 -23.14 -15.59
OBD CLA IG . 7.32 -23.73 -15.26
CBD CLA IG . 6.00 -22.70 -17.06
CGD CLA IG . 7.11 -21.89 -17.67
O1D CLA IG . 7.35 -21.73 -18.87
O2D CLA IG . 7.94 -21.31 -16.77
CED CLA IG . 9.33 -21.61 -16.86
C1 CLA IG . 1.99 -25.91 -22.25
C2 CLA IG . 1.12 -26.82 -21.47
C3 CLA IG . -0.14 -27.09 -21.83
C4 CLA IG . -0.76 -26.49 -23.04
C5 CLA IG . -0.98 -28.02 -21.03
C6 CLA IG . -0.15 -29.11 -20.38
C7 CLA IG . -1.03 -30.22 -19.83
C8 CLA IG . -1.22 -30.11 -18.33
C9 CLA IG . 0.08 -29.83 -17.63
C10 CLA IG . -1.85 -31.40 -17.78
C11 CLA IG . -3.33 -31.45 -18.09
C12 CLA IG . -4.05 -30.24 -17.54
C13 CLA IG . -5.55 -30.39 -17.69
C14 CLA IG . -6.27 -29.20 -17.06
C15 CLA IG . -6.05 -31.69 -17.08
C16 CLA IG . -7.52 -31.91 -17.36
C17 CLA IG . -7.75 -32.74 -18.60
C18 CLA IG . -9.15 -32.58 -19.18
C19 CLA IG . -9.50 -33.72 -20.11
C20 CLA IG . -10.18 -32.48 -18.07
MG CLA JG . 52.56 -2.20 -31.60
CHA CLA JG . 49.88 -3.99 -30.37
CHB CLA JG . 50.58 0.57 -31.88
CHC CLA JG . 55.27 -0.45 -32.78
CHD CLA JG . 54.56 -5.11 -31.36
NA CLA JG . 50.56 -1.80 -31.17
C1A CLA JG . 49.61 -2.67 -30.64
C2A CLA JG . 48.25 -1.98 -30.47
C3A CLA JG . 48.52 -0.54 -30.94
C4A CLA JG . 49.99 -0.57 -31.36
CMA CLA JG . 47.63 -0.17 -32.10
CAA CLA JG . 47.84 -1.95 -29.00
CBA CLA JG . 48.81 -1.16 -28.17
CGA CLA JG . 48.55 -1.40 -26.71
O1A CLA JG . 49.31 -1.86 -25.86
O2A CLA JG . 47.28 -1.04 -26.33
NB CLA JG . 52.89 -0.27 -32.10
C1B CLA JG . 51.92 0.64 -32.31
C2B CLA JG . 52.45 1.78 -33.11
C3B CLA JG . 53.77 1.51 -33.36
C4B CLA JG . 54.08 0.20 -32.73
CMB CLA JG . 51.64 2.94 -33.51
CAB CLA JG . 54.73 2.25 -34.11
CBB CLA JG . 54.60 2.52 -35.42
NC CLA JG . 54.56 -2.69 -31.96
C1C CLA JG . 55.50 -1.81 -32.42
C2C CLA JG . 56.80 -2.47 -32.53
C3C CLA JG . 56.59 -3.81 -32.17
C4C CLA JG . 55.18 -3.93 -31.82
CMC CLA JG . 58.03 -1.83 -32.98
CAC CLA JG . 57.59 -4.89 -32.12
CBC CLA JG . 57.55 -5.74 -33.37
ND CLA JG . 52.33 -4.14 -31.09
C1D CLA JG . 53.23 -5.23 -31.02
C2D CLA JG . 52.50 -6.42 -30.54
C3D CLA JG . 51.20 -6.01 -30.29
C4D CLA JG . 51.16 -4.58 -30.63
CMD CLA JG . 53.10 -7.76 -30.38
CAD CLA JG . 49.87 -6.40 -29.86
OBD CLA JG . 49.44 -7.50 -29.56
CBD CLA JG . 49.00 -5.10 -29.85
CGD CLA JG . 47.77 -5.17 -30.70
O1D CLA JG . 46.60 -4.96 -30.36
O2D CLA JG . 48.02 -5.51 -32.00
CED CLA JG . 47.11 -5.03 -32.99
C1 CLA JG . 47.11 -0.70 -24.94
C2 CLA JG . 45.67 -0.91 -24.63
C3 CLA JG . 45.14 -0.61 -23.44
C4 CLA JG . 45.95 -0.03 -22.34
C5 CLA JG . 43.69 -0.83 -23.18
C6 CLA JG . 42.87 0.45 -23.24
C7 CLA JG . 41.41 0.10 -23.43
C8 CLA JG . 40.52 1.32 -23.41
C9 CLA JG . 40.58 2.01 -22.07
C10 CLA JG . 39.08 0.93 -23.73
C11 CLA JG . 38.12 2.08 -23.57
C12 CLA JG . 36.69 1.60 -23.64
C13 CLA JG . 35.87 2.43 -24.61
C14 CLA JG . 35.43 3.73 -23.97
C15 CLA JG . 34.65 1.66 -25.12
C16 CLA JG . 33.75 2.54 -25.95
C17 CLA JG . 33.71 2.12 -27.41
C18 CLA JG . 33.55 3.29 -28.36
C19 CLA JG . 33.38 4.62 -27.66
C20 CLA JG . 32.38 3.06 -29.30
C1 PQN KG . 4.84 -17.93 -6.27
O1 PQN KG . 4.57 -16.78 -6.69
C2 PQN KG . 3.84 -19.00 -6.32
C2M PQN KG . 2.47 -18.70 -6.87
C3 PQN KG . 4.15 -20.37 -5.83
C4 PQN KG . 5.50 -20.65 -5.28
O4 PQN KG . 5.77 -21.80 -4.87
C5 PQN KG . 6.51 -19.58 -5.23
C6 PQN KG . 7.78 -19.82 -4.72
C7 PQN KG . 8.71 -18.79 -4.68
C8 PQN KG . 8.40 -17.52 -5.14
C9 PQN KG . 7.15 -17.23 -5.66
C10 PQN KG . 6.20 -18.22 -5.72
C11 PQN KG . 3.12 -21.46 -5.88
C12 PQN KG . 3.03 -22.14 -7.22
C13 PQN KG . 3.27 -23.45 -7.32
C14 PQN KG . 3.63 -24.26 -6.10
C15 PQN KG . 3.17 -24.14 -8.66
C16 PQN KG . 1.87 -24.94 -8.62
C17 PQN KG . 1.87 -26.05 -9.66
C18 PQN KG . 1.80 -25.48 -11.06
C19 PQN KG . 0.47 -24.79 -11.31
C20 PQN KG . 2.03 -26.60 -12.05
C21 PQN KG . 1.02 -27.73 -11.83
C22 PQN KG . 1.29 -28.85 -12.82
C23 PQN KG . 0.39 -30.06 -12.59
C24 PQN KG . 0.35 -30.46 -11.13
C25 PQN KG . 0.88 -31.21 -13.47
C26 PQN KG . 2.22 -31.75 -12.96
C27 PQN KG . 3.37 -31.40 -13.88
C28 PQN KG . 4.70 -31.86 -13.28
C29 PQN KG . 4.80 -33.37 -13.27
C30 PQN KG . 5.87 -31.24 -14.03
C1 BCR LG . 53.10 -19.83 -48.36
C2 BCR LG . 54.18 -18.96 -47.72
C3 BCR LG . 53.83 -17.48 -47.56
C4 BCR LG . 52.40 -17.35 -47.06
C5 BCR LG . 51.56 -17.88 -48.18
C6 BCR LG . 51.79 -19.12 -48.62
C7 BCR LG . 50.77 -19.86 -49.40
C8 BCR LG . 49.58 -20.18 -48.90
C9 BCR LG . 48.66 -20.90 -49.79
C10 BCR LG . 47.36 -20.59 -49.80
C11 BCR LG . 46.46 -21.31 -50.70
C33 BCR LG . 50.50 -17.00 -48.79
C31 BCR LG . 52.81 -21.02 -47.46
C32 BCR LG . 53.62 -20.33 -49.71
C34 BCR LG . 49.18 -22.00 -50.67
C12 BCR LG . 45.29 -20.77 -51.00
C13 BCR LG . 44.38 -21.48 -51.91
C14 BCR LG . 43.23 -20.89 -52.28
C15 BCR LG . 42.32 -21.57 -53.19
C16 BCR LG . 41.30 -20.91 -53.69
C17 BCR LG . 40.41 -21.60 -54.61
C18 BCR LG . 39.32 -21.00 -55.10
C19 BCR LG . 38.47 -21.77 -56.03
C20 BCR LG . 37.42 -21.23 -56.62
C21 BCR LG . 36.69 -22.12 -57.53
C22 BCR LG . 35.73 -21.68 -58.36
C23 BCR LG . 35.09 -22.68 -59.22
C24 BCR LG . 33.92 -22.44 -59.83
C25 BCR LG . 33.32 -23.47 -60.69
C26 BCR LG . 32.83 -24.60 -60.15
C27 BCR LG . 32.53 -25.80 -61.02
C28 BCR LG . 31.81 -25.28 -62.25
C29 BCR LG . 32.72 -24.35 -63.01
C30 BCR LG . 33.30 -23.20 -62.18
C35 BCR LG . 44.73 -22.83 -52.46
C36 BCR LG . 38.97 -19.59 -54.71
C37 BCR LG . 35.36 -20.23 -58.42
C38 BCR LG . 32.52 -24.70 -58.68
C39 BCR LG . 32.47 -21.93 -62.40
C40 BCR LG . 34.72 -22.94 -62.65
C1 BCR MG . 34.62 -33.98 -53.02
C2 BCR MG . 35.09 -35.14 -53.88
C3 BCR MG . 34.05 -35.61 -54.90
C4 BCR MG . 32.81 -36.03 -54.13
C5 BCR MG . 32.28 -34.82 -53.42
C6 BCR MG . 33.11 -33.86 -52.97
C7 BCR MG . 32.51 -32.63 -52.40
C8 BCR MG . 32.25 -32.50 -51.10
C9 BCR MG . 31.63 -31.26 -50.60
C10 BCR MG . 31.04 -31.25 -49.40
C11 BCR MG . 30.40 -30.03 -48.90
C33 BCR MG . 30.80 -34.70 -53.22
C31 BCR MG . 35.17 -32.68 -53.60
C32 BCR MG . 35.16 -34.19 -51.62
C34 BCR MG . 31.66 -30.01 -51.44
C12 BCR MG . 29.76 -30.09 -47.73
C13 BCR MG . 29.06 -28.90 -47.21
C14 BCR MG . 28.12 -29.08 -46.29
C15 BCR MG . 27.36 -27.95 -45.76
C16 BCR MG . 26.43 -28.16 -44.83
C17 BCR MG . 25.66 -27.02 -44.35
C18 BCR MG . 24.71 -27.13 -43.41
C19 BCR MG . 23.99 -25.90 -43.04
C20 BCR MG . 23.04 -25.83 -42.11
C21 BCR MG . 22.46 -24.50 -41.94
C22 BCR MG . 21.68 -24.13 -40.93
C23 BCR MG . 21.16 -22.76 -40.94
C24 BCR MG . 20.69 -22.17 -39.84
C25 BCR MG . 20.18 -20.78 -39.89
C26 BCR MG . 20.93 -19.78 -40.40
C27 BCR MG . 20.28 -18.58 -41.08
C28 BCR MG . 18.77 -18.75 -41.09
C29 BCR MG . 18.31 -19.13 -39.69
C30 BCR MG . 18.80 -20.52 -39.33
C35 BCR MG . 29.39 -27.54 -47.72
C36 BCR MG . 24.40 -28.45 -42.77
C37 BCR MG . 21.34 -25.10 -39.83
C38 BCR MG . 22.42 -19.78 -40.27
C39 BCR MG . 17.85 -21.56 -39.93
C40 BCR MG . 18.86 -20.69 -37.82
C1 BCR NG . 32.08 -31.92 -60.28
C2 BCR NG . 33.60 -32.05 -60.38
C3 BCR NG . 34.16 -30.78 -61.00
C4 BCR NG . 33.74 -30.73 -62.45
C5 BCR NG . 32.25 -30.99 -62.60
C6 BCR NG . 31.50 -31.50 -61.62
C7 BCR NG . 30.05 -31.66 -61.91
C8 BCR NG . 29.07 -31.17 -61.16
C9 BCR NG . 27.68 -31.42 -61.62
C10 BCR NG . 26.62 -31.26 -60.81
C11 BCR NG . 26.75 -30.87 -59.40
C33 BCR NG . 31.60 -30.66 -63.90
C31 BCR NG . 31.74 -30.91 -59.20
C32 BCR NG . 31.50 -33.29 -59.91
C34 BCR NG . 27.45 -31.82 -63.04
C12 BCR NG . 25.63 -30.54 -58.76
C13 BCR NG . 25.61 -30.17 -57.34
C14 BCR NG . 24.43 -29.84 -56.77
C15 BCR NG . 24.35 -29.48 -55.36
C16 BCR NG . 23.15 -29.22 -54.83
C17 BCR NG . 23.05 -28.92 -53.40
C18 BCR NG . 21.86 -28.68 -52.83
C19 BCR NG . 21.81 -28.39 -51.40
C20 BCR NG . 20.69 -28.04 -50.76
C21 BCR NG . 20.77 -27.81 -49.32
C22 BCR NG . 19.85 -27.14 -48.63
C23 BCR NG . 18.66 -26.55 -49.28
C24 BCR NG . 17.67 -26.13 -48.50
C25 BCR NG . 16.43 -25.51 -49.00
C26 BCR NG . 15.52 -26.22 -49.68
C27 BCR NG . 14.32 -25.57 -50.33
C28 BCR NG . 13.92 -24.33 -49.56
C29 BCR NG . 15.12 -23.40 -49.49
C30 BCR NG . 16.23 -24.04 -48.68
C35 BCR NG . 26.87 -30.18 -56.52
C36 BCR NG . 20.61 -28.71 -53.65
C37 BCR NG . 20.03 -26.97 -47.16
C38 BCR NG . 15.62 -27.72 -49.79
C39 BCR NG . 15.88 -23.93 -47.20
C40 BCR NG . 17.53 -23.29 -48.96
C1 BCR OG . 47.45 -2.40 -41.34
C2 BCR OG . 47.83 -2.89 -42.75
C3 BCR OG . 48.02 -4.39 -42.93
C4 BCR OG . 47.07 -5.17 -42.04
C5 BCR OG . 47.44 -4.78 -40.64
C6 BCR OG . 47.39 -3.49 -40.30
C7 BCR OG . 47.23 -3.10 -38.88
C8 BCR OG . 46.10 -3.37 -38.26
C9 BCR OG . 45.87 -3.02 -36.85
C10 BCR OG . 44.82 -3.58 -36.24
C11 BCR OG . 44.46 -3.35 -34.84
C33 BCR OG . 47.89 -5.84 -39.67
C31 BCR OG . 46.08 -1.73 -41.41
C32 BCR OG . 48.49 -1.39 -40.88
C34 BCR OG . 46.78 -2.07 -36.12
C12 BCR OG . 43.65 -4.26 -34.32
C13 BCR OG . 43.16 -4.22 -32.93
C14 BCR OG . 42.37 -5.21 -32.52
C15 BCR OG . 41.83 -5.26 -31.18
C16 BCR OG . 41.12 -6.32 -30.82
C17 BCR OG . 40.55 -6.37 -29.47
C18 BCR OG . 39.84 -7.42 -29.05
C19 BCR OG . 39.30 -7.38 -27.69
C20 BCR OG . 38.42 -8.27 -27.24
C21 BCR OG . 37.98 -8.07 -25.87
C22 BCR OG . 36.89 -8.67 -25.36
C23 BCR OG . 36.53 -8.37 -23.98
C24 BCR OG . 35.36 -8.76 -23.47
C25 BCR OG . 34.97 -8.44 -22.08
C26 BCR OG . 35.51 -9.11 -21.04
C27 BCR OG . 35.15 -8.81 -19.61
C28 BCR OG . 34.58 -7.41 -19.49
C29 BCR OG . 33.44 -7.27 -20.47
C30 BCR OG . 33.93 -7.35 -21.91
C35 BCR OG . 43.54 -3.09 -32.01
C36 BCR OG . 39.62 -8.61 -29.95
C37 BCR OG . 36.07 -9.61 -26.20
C38 BCR OG . 36.50 -10.23 -21.26
C39 BCR OG . 34.54 -6.02 -22.32
C40 BCR OG . 32.76 -7.68 -22.83
C1 BCR PG . 33.68 -14.15 -23.07
C2 BCR PG . 34.83 -14.56 -22.16
C3 BCR PG . 34.53 -14.33 -20.69
C4 BCR PG . 34.17 -12.86 -20.47
C5 BCR PG . 32.94 -12.57 -21.28
C6 BCR PG . 32.83 -13.02 -22.53
C7 BCR PG . 31.86 -12.41 -23.46
C8 BCR PG . 32.06 -11.18 -23.92
C9 BCR PG . 31.10 -10.59 -24.87
C10 BCR PG . 31.55 -9.58 -25.61
C11 BCR PG . 30.73 -8.92 -26.61
C33 BCR PG . 31.83 -11.80 -20.62
C31 BCR PG . 32.76 -15.35 -23.31
C32 BCR PG . 34.27 -13.72 -24.41
C34 BCR PG . 29.71 -11.12 -25.01
C12 BCR PG . 31.45 -8.25 -27.50
C13 BCR PG . 30.90 -7.51 -28.64
C14 BCR PG . 31.75 -6.75 -29.32
C15 BCR PG . 31.32 -6.00 -30.49
C16 BCR PG . 32.30 -5.52 -31.24
C17 BCR PG . 32.00 -4.77 -32.44
C18 BCR PG . 33.01 -4.21 -33.13
C19 BCR PG . 32.67 -3.49 -34.36
C20 BCR PG . 33.61 -2.98 -35.13
C21 BCR PG . 33.16 -2.30 -36.33
C22 BCR PG . 34.02 -1.65 -37.11
C23 BCR PG . 33.48 -1.00 -38.31
C24 BCR PG . 34.25 -0.20 -39.03
C25 BCR PG . 33.73 0.47 -40.25
C26 BCR PG . 32.91 1.51 -40.17
C27 BCR PG . 32.37 2.15 -41.41
C28 BCR PG . 32.10 1.05 -42.40
C29 BCR PG . 33.40 0.35 -42.77
C30 BCR PG . 34.25 -0.06 -41.57
C35 BCR PG . 29.46 -7.64 -29.05
C36 BCR PG . 34.42 -4.32 -32.66
C37 BCR PG . 35.48 -1.59 -36.79
C38 BCR PG . 32.50 2.10 -38.85
C39 BCR PG . 35.67 0.47 -41.73
C40 BCR PG . 34.30 -1.59 -41.54
C1 BCR QG . -3.83 -20.75 -29.47
C2 BCR QG . -4.51 -19.82 -30.46
C3 BCR QG . -4.68 -18.44 -29.86
C4 BCR QG . -3.33 -17.80 -29.60
C5 BCR QG . -2.37 -18.78 -28.96
C6 BCR QG . -2.68 -20.06 -28.76
C7 BCR QG . -1.87 -20.85 -27.81
C8 BCR QG . -2.11 -20.75 -26.51
C9 BCR QG . -1.35 -21.48 -25.48
C10 BCR QG . -1.76 -21.30 -24.22
C11 BCR QG . -1.16 -21.91 -23.04
C33 BCR QG . -1.03 -18.26 -28.55
C31 BCR QG . -3.28 -21.97 -30.20
C32 BCR QG . -4.85 -21.21 -28.44
C34 BCR QG . -0.21 -22.38 -25.84
C12 BCR QG . -1.86 -21.69 -21.94
C13 BCR QG . -1.48 -22.17 -20.60
C14 BCR QG . -2.24 -21.79 -19.57
C15 BCR QG . -1.92 -22.16 -18.20
C16 BCR QG . -2.82 -22.02 -17.25
C17 BCR QG . -2.44 -22.36 -15.88
C18 BCR QG . -3.23 -22.07 -14.85
C19 BCR QG . -2.76 -22.38 -13.50
C20 BCR QG . -3.53 -22.31 -12.42
C21 BCR QG . -2.83 -22.63 -11.17
C22 BCR QG . -3.39 -22.49 -9.97
C23 BCR QG . -2.54 -22.82 -8.81
C24 BCR QG . -3.00 -22.77 -7.55
C25 BCR QG . -2.12 -23.07 -6.40
C26 BCR QG . -1.51 -24.27 -6.24
C27 BCR QG . -0.43 -24.48 -5.21
C28 BCR QG . 0.05 -23.16 -4.64
C29 BCR QG . -1.16 -22.37 -4.19
C30 BCR QG . -1.98 -21.95 -5.40
C35 BCR QG . -0.27 -23.03 -20.39
C36 BCR QG . -4.55 -21.39 -15.08
C37 BCR QG . -4.80 -22.01 -9.79
C38 BCR QG . -1.88 -25.46 -7.08
C39 BCR QG . -1.29 -20.79 -6.11
C40 BCR QG . -3.37 -21.52 -4.96
O1 LHG RG . 58.79 1.13 -30.03
C1 LHG RG . 57.72 1.91 -29.62
C2 LHG RG . 56.89 1.11 -28.63
O2 LHG RG . 57.36 -0.20 -28.60
C3 LHG RG . 55.41 1.11 -29.05
O3 LHG RG . 54.92 -0.20 -28.94
P LHG RG . 53.52 -0.43 -28.14
O4 LHG RG . 52.82 -1.65 -28.68
O5 LHG RG . 53.80 -0.64 -26.67
O6 LHG RG . 52.53 0.91 -28.32
C4 LHG RG . 51.99 1.50 -27.14
C5 LHG RG . 50.78 2.37 -27.55
C6 LHG RG . 50.79 3.65 -26.72
O7 LHG RG . 50.88 2.70 -28.91
C7 LHG RG . 49.64 2.94 -29.51
O9 LHG RG . 48.68 2.37 -29.12
C8 LHG RG . 49.51 3.95 -30.68
C9 LHG RG . 48.09 3.97 -31.27
C10 LHG RG . 47.55 5.41 -31.45
O8 LHG RG . 49.67 3.65 -25.90
C23 LHG RG . 49.44 4.88 -25.28
O10 LHG RG . 49.86 5.08 -24.18
C24 LHG RG . 48.64 5.97 -26.02
C11 LHG RG . 47.37 6.15 -30.10
C12 LHG RG . 45.89 6.12 -29.59
C25 LHG RG . 47.89 6.90 -25.05
C26 LHG RG . 47.13 7.90 -25.53
C27 LHG RG . 46.37 8.86 -24.55
C28 LHG RG . 46.20 10.28 -25.14
C29 LHG RG . 45.61 11.29 -24.11
C30 LHG RG . 46.54 11.46 -22.87
C1 BCR SG . 38.24 -26.09 -59.64
C2 BCR SG . 37.35 -27.03 -60.44
C3 BCR SG . 36.55 -26.25 -61.47
C4 BCR SG . 37.45 -25.60 -62.51
C5 BCR SG . 38.69 -25.01 -61.84
C6 BCR SG . 38.84 -25.01 -60.51
C7 BCR SG . 39.66 -23.96 -59.87
C8 BCR SG . 39.22 -22.70 -59.84
C9 BCR SG . 40.03 -21.65 -59.19
C10 BCR SG . 39.57 -20.40 -59.23
C11 BCR SG . 40.28 -19.28 -58.61
C33 BCR SG . 39.77 -24.44 -62.72
C31 BCR SG . 39.38 -26.87 -58.99
C32 BCR SG . 37.41 -25.43 -58.56
C34 BCR SG . 41.32 -21.98 -58.52
C12 BCR SG . 39.64 -18.12 -58.57
C13 BCR SG . 40.20 -16.90 -57.99
C14 BCR SG . 39.52 -15.76 -58.21
C15 BCR SG . 39.96 -14.47 -57.68
C16 BCR SG . 39.35 -13.39 -58.14
C17 BCR SG . 39.72 -12.07 -57.64
C18 BCR SG . 39.24 -10.98 -58.22
C19 BCR SG . 39.65 -9.67 -57.68
C20 BCR SG . 39.20 -8.53 -58.19
C21 BCR SG . 39.69 -7.33 -57.53
C22 BCR SG . 39.44 -6.09 -57.97
C23 BCR SG . 40.01 -5.00 -57.18
C24 BCR SG . 39.71 -3.72 -57.43
C25 BCR SG . 40.31 -2.67 -56.61
C26 BCR SG . 41.58 -2.27 -56.85
C27 BCR SG . 42.32 -1.32 -55.94
C28 BCR SG . 41.65 -1.30 -54.57
C29 BCR SG . 40.18 -0.98 -54.73
C30 BCR SG . 39.45 -2.06 -55.51
C35 BCR SG . 41.45 -16.92 -57.17
C36 BCR SG . 38.32 -11.05 -59.40
C37 BCR SG . 38.63 -5.84 -59.21
C38 BCR SG . 42.30 -2.76 -58.07
C39 BCR SG . 38.23 -1.46 -56.19
C40 BCR SG . 38.99 -3.13 -54.54
C1A DGD TG . 14.11 -24.51 -12.12
C2A DGD TG . 13.23 -23.99 -13.22
C3A DGD TG . 12.23 -25.07 -13.60
C4A DGD TG . 12.07 -25.09 -15.11
C5A DGD TG . 10.87 -25.93 -15.53
C6A DGD TG . 10.12 -25.24 -16.66
C7A DGD TG . 10.08 -26.13 -17.89
C8A DGD TG . 8.93 -25.73 -18.80
C9A DGD TG . 9.40 -25.65 -20.25
CAA DGD TG . 8.46 -26.39 -21.18
O1A DGD TG . 14.03 -25.66 -11.77
C1B DGD TG . 17.69 -22.99 -14.02
C2B DGD TG . 18.74 -22.30 -14.84
C3B DGD TG . 18.83 -22.99 -16.19
C4B DGD TG . 17.81 -22.46 -17.18
C5B DGD TG . 18.44 -21.48 -18.16
C6B DGD TG . 17.73 -20.13 -18.12
C7B DGD TG . 16.76 -19.95 -19.27
C8B DGD TG . 15.76 -18.84 -18.96
C9B DGD TG . 15.15 -18.25 -20.24
CAB DGD TG . 13.94 -17.38 -19.94
CBB DGD TG . 13.35 -16.81 -21.22
CCB DGD TG . 11.98 -17.40 -21.51
CDB DGD TG . 11.88 -17.85 -22.96
CEB DGD TG . 11.27 -16.75 -23.83
CFB DGD TG . 10.30 -17.31 -24.85
CGB DGD TG . 9.73 -16.19 -25.72
CHB DGD TG . 8.53 -16.68 -26.53
O1B DGD TG . 16.71 -23.46 -14.56
O1G DGD TG . 15.06 -23.63 -11.48
C1G DGD TG . 16.28 -24.14 -10.98
C2G DGD TG . 17.17 -24.38 -12.18
O2G DGD TG . 17.79 -23.16 -12.57
C3G DGD TG . 18.23 -25.37 -11.78
O3G DGD TG . 19.24 -24.63 -11.11
C1D DGD TG . 20.37 -25.45 -10.91
C2D DGD TG . 21.57 -24.55 -10.48
O2D DGD TG . 21.88 -23.82 -11.60
C3D DGD TG . 22.76 -25.50 -10.22
O3D DGD TG . 23.78 -24.78 -9.66
C4D DGD TG . 22.41 -26.58 -9.17
O4D DGD TG . 22.06 -26.01 -7.97
C5D DGD TG . 21.16 -27.31 -9.69
O5D DGD TG . 21.91 -29.10 -8.56
C6D DGD TG . 20.70 -28.42 -8.75
O6D DGD TG . 20.10 -26.37 -9.87
C1E DGD TG . 21.89 -30.48 -8.40
C2E DGD TG . 23.27 -30.96 -7.79
O2E DGD TG . 23.55 -30.13 -6.72
C3E DGD TG . 24.40 -30.86 -8.79
O3E DGD TG . 25.45 -31.47 -8.13
C4E DGD TG . 24.00 -31.70 -10.00
O4E DGD TG . 23.70 -32.98 -9.57
C5E DGD TG . 22.72 -31.09 -10.59
O6E DGD TG . 21.66 -31.05 -9.66
C6E DGD TG . 22.17 -31.92 -11.72
O5E DGD TG . 22.82 -31.45 -12.84
C1 BCR UG . 22.04 14.41 -24.47
C2 BCR UG . 22.51 13.05 -23.95
C3 BCR UG . 23.98 13.11 -23.59
C4 BCR UG . 24.19 14.08 -22.45
C5 BCR UG . 23.52 15.41 -22.71
C6 BCR UG . 22.52 15.54 -23.61
C7 BCR UG . 21.82 16.84 -23.79
C8 BCR UG . 22.37 17.87 -24.45
C9 BCR UG . 21.61 19.11 -24.59
C10 BCR UG . 21.90 20.19 -23.86
C11 BCR UG . 21.13 21.42 -24.02
C33 BCR UG . 24.01 16.59 -21.92
C31 BCR UG . 20.52 14.43 -24.52
C32 BCR UG . 22.62 14.64 -25.86
C34 BCR UG . 20.50 19.17 -25.60
C12 BCR UG . 21.53 22.52 -23.38
C13 BCR UG . 20.79 23.78 -23.50
C14 BCR UG . 21.07 24.76 -22.64
C15 BCR UG . 20.39 26.06 -22.64
C16 BCR UG . 20.82 26.99 -21.80
C17 BCR UG . 20.21 28.30 -21.67
C18 BCR UG . 20.78 29.21 -20.88
C19 BCR UG . 20.16 30.54 -20.70
C20 BCR UG . 20.61 31.33 -19.73
C21 BCR UG . 20.01 32.64 -19.48
C22 BCR UG . 20.53 33.46 -18.56
C23 BCR UG . 19.91 34.77 -18.30
C24 BCR UG . 20.58 35.76 -17.72
C25 BCR UG . 19.92 37.06 -17.44
C26 BCR UG . 19.21 37.18 -16.32
C27 BCR UG . 18.15 38.25 -16.13
C28 BCR UG . 18.01 39.11 -17.38
C29 BCR UG . 19.38 39.46 -17.94
C30 BCR UG . 20.12 38.22 -18.39
C35 BCR UG . 19.74 23.95 -24.56
C36 BCR UG . 22.06 28.88 -20.16
C37 BCR UG . 21.76 33.05 -17.79
C38 BCR UG . 19.46 36.23 -15.18
C39 BCR UG . 21.61 38.51 -18.46
C40 BCR UG . 19.64 37.84 -19.80
C1 BCR VG . 22.45 25.17 -17.28
C2 BCR VG . 21.65 25.48 -18.54
C3 BCR VG . 20.29 26.09 -18.26
C4 BCR VG . 19.53 25.20 -17.31
C5 BCR VG . 20.30 25.18 -16.02
C6 BCR VG . 21.61 24.95 -16.04
C7 BCR VG . 22.29 24.45 -14.82
C8 BCR VG . 22.02 23.23 -14.39
C9 BCR VG . 22.63 22.62 -13.19
C10 BCR VG . 22.05 21.52 -12.69
C11 BCR VG . 22.53 20.79 -11.53
C33 BCR VG . 19.58 25.45 -14.73
C31 BCR VG . 23.42 26.33 -16.99
C32 BCR VG . 23.24 23.91 -17.55
C34 BCR VG . 23.85 23.21 -12.56
C12 BCR VG . 21.82 19.72 -11.22
C13 BCR VG . 22.15 18.81 -10.10
C14 BCR VG . 21.48 17.65 -10.06
C15 BCR VG . 21.70 16.62 -9.06
C16 BCR VG . 21.07 15.46 -9.26
C17 BCR VG . 21.23 14.32 -8.39
C18 BCR VG . 20.52 13.21 -8.63
C19 BCR VG . 20.71 12.01 -7.78
C20 BCR VG . 20.37 10.83 -8.28
C21 BCR VG . 20.57 9.60 -7.50
C22 BCR VG . 20.35 8.42 -8.07
C23 BCR VG . 20.58 7.17 -7.33
C24 BCR VG . 21.55 6.38 -7.80
C25 BCR VG . 21.98 5.08 -7.23
C26 BCR VG . 22.59 4.97 -6.04
C27 BCR VG . 23.37 3.73 -5.68
C28 BCR VG . 22.73 2.51 -6.28
C29 BCR VG . 22.63 2.70 -7.78
C30 BCR VG . 21.72 3.87 -8.12
C35 BCR VG . 23.18 19.17 -9.08
C36 BCR VG . 19.56 13.17 -9.78
C37 BCR VG . 19.87 8.33 -9.49
C38 BCR VG . 22.56 6.07 -5.02
C39 BCR VG . 20.27 3.46 -7.98
C40 BCR VG . 22.00 4.30 -9.57
MG CLA WG . 24.01 24.19 -6.84
CHA CLA WG . 26.75 26.05 -5.80
CHB CLA WG . 23.37 26.47 -9.28
CHC CLA WG . 21.33 22.29 -7.85
CHD CLA WG . 24.69 21.84 -4.27
NA CLA WG . 24.92 25.98 -7.42
C1A CLA WG . 26.06 26.59 -6.87
C2A CLA WG . 26.39 27.88 -7.60
C3A CLA WG . 25.26 28.02 -8.64
C4A CLA WG . 24.45 26.74 -8.46
CMA CLA WG . 24.42 29.26 -8.42
CAA CLA WG . 27.74 27.80 -8.30
CBA CLA WG . 28.16 29.14 -8.86
CGA CLA WG . 28.23 30.15 -7.75
O1A CLA WG . 28.50 29.95 -6.56
O2A CLA WG . 27.95 31.42 -8.15
NB CLA WG . 22.58 24.38 -8.24
C1B CLA WG . 22.55 25.34 -9.21
C2B CLA WG . 21.49 25.02 -10.22
C3B CLA WG . 20.91 23.84 -9.82
C4B CLA WG . 21.60 23.42 -8.57
CMB CLA WG . 21.24 25.87 -11.38
CAB CLA WG . 19.86 23.05 -10.41
CBB CLA WG . 18.81 23.52 -11.10
NC CLA WG . 23.17 22.40 -6.17
C1C CLA WG . 22.07 21.80 -6.73
C2C CLA WG . 21.74 20.57 -6.01
C3C CLA WG . 22.70 20.44 -5.00
C4C CLA WG . 23.59 21.59 -5.11
CMC CLA WG . 20.62 19.70 -6.33
CAC CLA WG . 22.80 19.36 -4.01
CBC CLA WG . 22.19 19.73 -2.68
ND CLA WG . 25.40 23.91 -5.41
C1D CLA WG . 25.54 22.92 -4.39
C2D CLA WG . 26.72 23.25 -3.56
C3D CLA WG . 27.23 24.43 -4.06
C4D CLA WG . 26.36 24.82 -5.19
CMD CLA WG . 27.21 22.44 -2.44
CAD CLA WG . 28.26 25.44 -3.96
OBD CLA WG . 29.23 25.49 -3.21
CBD CLA WG . 27.95 26.54 -5.02
CGD CLA WG . 27.66 27.87 -4.36
O1D CLA WG . 26.75 28.65 -4.62
O2D CLA WG . 28.55 28.19 -3.38
CED CLA WG . 28.70 29.57 -3.06
C1 CLA WG . 28.86 31.99 -9.11
C2 CLA WG . 29.63 33.04 -8.40
C3 CLA WG . 30.59 33.77 -8.99
C4 CLA WG . 30.95 33.57 -10.42
C5 CLA WG . 31.34 34.82 -8.24
C6 CLA WG . 32.79 34.45 -8.03
C7 CLA WG . 33.64 35.67 -7.76
C8 CLA WG . 34.46 36.08 -8.96
C9 CLA WG . 35.82 35.42 -8.92
C10 CLA WG . 34.61 37.60 -9.04
C11 CLA WG . 33.27 38.27 -9.20
C12 CLA WG . 33.40 39.62 -9.88
C13 CLA WG . 32.11 40.45 -9.84
C14 CLA WG . 31.06 39.84 -8.92
C15 CLA WG . 31.52 40.63 -11.24
C16 CLA WG . 32.41 41.53 -12.08
C17 CLA WG . 31.63 42.62 -12.76
C18 CLA WG . 32.42 43.27 -13.90
C19 CLA WG . 31.74 43.08 -15.23
C20 CLA WG . 32.64 44.74 -13.63
MG CLA XG . 33.13 18.82 -34.66
CHA CLA XG . 34.23 22.05 -34.04
CHB CLA XG . 34.58 17.77 -31.77
CHC CLA XG . 32.01 15.63 -35.32
CHD CLA XG . 31.56 19.97 -37.61
NA CLA XG . 34.22 19.77 -33.16
C1A CLA XG . 34.57 21.13 -33.08
C2A CLA XG . 35.37 21.41 -31.81
C3A CLA XG . 35.50 20.03 -31.14
C4A CLA XG . 34.71 19.11 -32.07
CMA CLA XG . 36.93 19.61 -31.02
CAA CLA XG . 34.56 22.34 -30.90
CBA CLA XG . 35.38 23.55 -30.47
CGA CLA XG . 36.61 23.10 -29.75
O1A CLA XG . 36.73 22.17 -28.94
O2A CLA XG . 37.71 23.84 -30.05
NB CLA XG . 33.23 17.05 -33.70
C1B CLA XG . 33.91 16.81 -32.55
C2B CLA XG . 33.88 15.36 -32.22
C3B CLA XG . 33.15 14.74 -33.22
C4B CLA XG . 32.74 15.81 -34.18
CMB CLA XG . 34.53 14.78 -31.05
CAB CLA XG . 32.83 13.36 -33.40
CBB CLA XG . 31.60 12.85 -33.50
NC CLA XG . 32.00 17.96 -36.20
C1C CLA XG . 31.66 16.64 -36.27
C2C CLA XG . 30.87 16.39 -37.47
C3C CLA XG . 30.73 17.62 -38.12
C4C CLA XG . 31.44 18.61 -37.31
CMC CLA XG . 30.36 15.08 -37.88
CAC CLA XG . 30.02 17.89 -39.38
CBC CLA XG . 30.95 18.19 -40.53
ND CLA XG . 32.95 20.55 -35.69
C1D CLA XG . 32.27 20.89 -36.88
C2D CLA XG . 32.46 22.33 -37.15
C3D CLA XG . 33.24 22.82 -36.12
C4D CLA XG . 33.50 21.68 -35.21
CMD CLA XG . 31.94 23.04 -38.32
CAD CLA XG . 33.91 23.98 -35.55
OBD CLA XG . 34.01 25.12 -36.00
CBD CLA XG . 34.53 23.53 -34.19
CGD CLA XG . 36.00 23.80 -34.12
O1D CLA XG . 36.57 24.77 -33.63
O2D CLA XG . 36.76 22.83 -34.71
CED CLA XG . 38.15 22.81 -34.40
C1 CLA XG . 38.98 23.33 -29.62
C2 CLA XG . 39.44 22.38 -30.67
C3 CLA XG . 40.74 22.08 -30.84
C4 CLA XG . 41.81 22.67 -30.00
C5 CLA XG . 41.16 21.12 -31.90
C6 CLA XG . 41.89 19.90 -31.35
C7 CLA XG . 41.00 19.12 -30.42
C1 BCR YG . 35.66 15.52 -9.33
C2 BCR YG . 34.95 16.69 -8.66
C3 BCR YG . 34.77 17.84 -9.65
C4 BCR YG . 36.14 18.40 -9.97
C5 BCR YG . 37.06 17.29 -10.42
C6 BCR YG . 36.76 16.00 -10.27
C7 BCR YG . 37.50 14.96 -11.02
C8 BCR YG . 37.32 14.78 -12.33
C9 BCR YG . 38.08 13.75 -13.04
C10 BCR YG . 37.83 13.51 -14.33
C11 BCR YG . 38.59 12.48 -15.06
C33 BCR YG . 38.37 17.68 -11.05
C31 BCR YG . 34.64 14.71 -10.13
C32 BCR YG . 36.30 14.64 -8.27
C34 BCR YG . 39.14 12.96 -12.33
C12 BCR YG . 38.45 12.36 -16.37
C13 BCR YG . 39.21 11.33 -17.10
C14 BCR YG . 39.05 11.18 -18.41
C15 BCR YG . 38.12 12.05 -19.13
C16 BCR YG . 37.86 11.86 -20.42
C17 BCR YG . 36.94 12.78 -21.08
C18 BCR YG . 36.69 12.70 -22.40
C19 BCR YG . 35.77 13.68 -23.00
C20 BCR YG . 35.44 13.65 -24.28
C21 BCR YG . 34.54 14.69 -24.76
C22 BCR YG . 34.26 14.83 -26.06
C23 BCR YG . 33.36 15.93 -26.46
C24 BCR YG . 33.25 16.26 -27.75
C25 BCR YG . 32.38 17.36 -28.20
C26 BCR YG . 32.83 18.62 -28.14
C27 BCR YG . 31.98 19.82 -28.49
C28 BCR YG . 30.51 19.44 -28.37
C29 BCR YG . 30.24 18.23 -29.23
C30 BCR YG . 31.02 17.00 -28.76
C35 BCR YG . 40.18 10.45 -16.36
C36 BCR YG . 37.35 11.67 -23.25
C37 BCR YG . 34.86 13.91 -27.08
C38 BCR YG . 34.25 18.90 -27.73
C39 BCR YG . 31.24 16.08 -29.94
C40 BCR YG . 30.21 16.28 -27.69
C1 BCR ZG . 4.59 -30.17 -33.83
C2 BCR ZG . 4.91 -30.67 -35.22
C3 BCR ZG . 3.78 -31.56 -35.71
C4 BCR ZG . 3.77 -32.83 -34.89
C5 BCR ZG . 4.00 -32.56 -33.42
C6 BCR ZG . 4.16 -31.31 -32.94
C7 BCR ZG . 3.92 -30.97 -31.52
C8 BCR ZG . 2.73 -31.14 -30.93
C9 BCR ZG . 2.55 -30.78 -29.53
C10 BCR ZG . 1.33 -30.92 -28.98
C11 BCR ZG . 1.05 -30.57 -27.59
C33 BCR ZG . 4.09 -33.74 -32.50
C31 BCR ZG . 3.46 -29.16 -33.90
C32 BCR ZG . 5.82 -29.54 -33.19
C34 BCR ZG . 3.69 -30.23 -28.72
C12 BCR ZG . -0.22 -30.71 -27.19
C13 BCR ZG . -0.68 -30.37 -25.84
C14 BCR ZG . -1.99 -30.52 -25.56
C15 BCR ZG . -2.55 -30.19 -24.26
C16 BCR ZG . -3.85 -30.43 -24.05
C17 BCR ZG . -4.46 -30.09 -22.77
C18 BCR ZG . -5.77 -30.29 -22.57
C19 BCR ZG . -6.38 -29.89 -21.29
C20 BCR ZG . -7.68 -29.67 -21.23
C21 BCR ZG . -8.34 -29.25 -20.00
C22 BCR ZG . -9.65 -28.95 -20.04
C23 BCR ZG . -10.38 -28.50 -18.85
C24 BCR ZG . -10.53 -27.18 -18.72
C25 BCR ZG . -11.24 -26.44 -17.64
C26 BCR ZG . -11.04 -26.67 -16.33
C27 BCR ZG . -11.79 -25.86 -15.29
C28 BCR ZG . -11.94 -24.45 -15.82
C29 BCR ZG . -12.81 -24.51 -17.06
C30 BCR ZG . -12.20 -25.39 -18.15
C35 BCR ZG . 0.27 -29.86 -24.80
C36 BCR ZG . -6.62 -30.88 -23.65
C37 BCR ZG . -10.39 -29.09 -21.32
C38 BCR ZG . -10.06 -27.67 -15.78
C39 BCR ZG . -11.44 -24.50 -19.12
C40 BCR ZG . -13.32 -26.11 -18.90
MG CLA AH . -10.91 -39.22 -35.17
CHA CLA AH . -12.62 -39.08 -38.18
CHB CLA AH . -12.59 -36.45 -34.10
CHC CLA AH . -9.39 -39.56 -32.10
CHD CLA AH . -9.22 -42.11 -36.32
NA CLA AH . -12.33 -37.96 -36.03
C1A CLA AH . -12.94 -38.09 -37.29
C2A CLA AH . -13.95 -36.98 -37.53
C3A CLA AH . -13.76 -36.05 -36.30
C4A CLA AH . -12.85 -36.86 -35.39
CMA CLA AH . -13.13 -34.74 -36.69
CAA CLA AH . -15.33 -37.60 -37.54
CBA CLA AH . -16.48 -36.62 -37.59
CGA CLA AH . -17.70 -37.31 -37.06
O1A CLA AH . -18.14 -38.42 -37.37
O2A CLA AH . -18.36 -36.59 -36.11
NB CLA AH . -10.98 -38.20 -33.43
C1B CLA AH . -11.75 -37.10 -33.18
C2B CLA AH . -11.57 -36.67 -31.76
C3B CLA AH . -10.67 -37.55 -31.19
C4B CLA AH . -10.27 -38.53 -32.25
CMB CLA AH . -12.26 -35.52 -31.19
CAB CLA AH . -10.15 -37.57 -29.85
CBB CLA AH . -8.86 -37.48 -29.52
NC CLA AH . -9.52 -40.56 -34.39
C1C CLA AH . -9.02 -40.51 -33.11
C2C CLA AH . -8.09 -41.61 -32.89
C3C CLA AH . -8.05 -42.34 -34.08
C4C CLA AH . -8.95 -41.67 -35.01
CMC CLA AH . -7.36 -41.87 -31.65
CAC CLA AH . -7.26 -43.54 -34.36
CBC CLA AH . -5.99 -43.23 -35.12
ND CLA AH . -10.80 -40.31 -36.87
C1D CLA AH . -10.09 -41.48 -37.20
C2D CLA AH . -10.44 -41.89 -38.57
C3D CLA AH . -11.41 -41.01 -39.00
C4D CLA AH . -11.61 -40.06 -37.89
CMD CLA AH . -9.87 -43.03 -39.29
CAD CLA AH . -12.28 -40.59 -40.09
OBD CLA AH . -12.38 -41.04 -41.23
CBD CLA AH . -13.14 -39.41 -39.56
CGD CLA AH . -13.09 -38.19 -40.44
O1D CLA AH . -14.01 -37.65 -41.04
O2D CLA AH . -11.84 -37.67 -40.56
CED CLA AH . -11.43 -37.26 -41.86
C1 CLA AH . -19.10 -37.35 -35.13
C2 CLA AH . -18.89 -36.68 -33.83
C3 CLA AH . -17.79 -36.86 -33.08
C4 CLA AH . -17.60 -36.19 -31.77
C5 CLA AH . -16.70 -37.78 -33.50
C6 CLA AH . -16.38 -38.76 -32.38
C7 CLA AH . -14.98 -39.31 -32.55
C8 CLA AH . -14.89 -40.25 -33.75
C9 CLA AH . -15.99 -41.30 -33.68
C10 CLA AH . -13.50 -40.88 -33.81
C11 CLA AH . -13.53 -42.37 -34.02
C12 CLA AH . -12.94 -43.11 -32.84
C13 CLA AH . -11.72 -43.93 -33.23
C14 CLA AH . -11.80 -44.38 -34.68
C15 CLA AH . -11.56 -45.14 -32.32
C16 CLA AH . -11.15 -44.73 -30.92
C17 CLA AH . -10.57 -45.89 -30.15
C1 XAT BH . 12.69 18.44 7.25
C2 XAT BH . 13.15 17.74 8.51
C3 XAT BH . 12.88 18.60 9.73
C4 XAT BH . 11.38 18.52 9.95
C5 XAT BH . 10.64 19.17 8.78
C6 XAT BH . 11.35 19.18 7.40
C7 XAT BH . 10.34 19.09 6.27
C8 XAT BH . 10.44 20.08 5.39
C9 XAT BH . 9.59 20.29 4.22
C10 XAT BH . 10.10 20.91 3.16
C11 XAT BH . 9.28 21.22 2.00
C12 XAT BH . 9.68 22.30 1.35
C13 XAT BH . 8.99 22.90 0.21
C14 XAT BH . 9.59 23.92 -0.42
C15 XAT BH . 8.95 24.64 -1.50
C16 XAT BH . 12.60 17.44 6.11
C17 XAT BH . 13.74 19.47 6.88
C18 XAT BH . 9.11 19.04 8.63
C19 XAT BH . 8.15 19.86 4.23
C20 XAT BH . 7.62 22.44 -0.21
O3 XAT BH . 13.58 18.09 10.87
O4 XAT BH . 11.25 20.34 8.24
C21 XAT BH . 6.45 33.69 -9.82
C22 XAT BH . 5.76 34.77 -10.63
C23 XAT BH . 4.57 35.35 -9.90
C24 XAT BH . 5.15 36.13 -8.75
C25 XAT BH . 5.79 35.19 -7.73
C26 XAT BH . 6.38 33.87 -8.30
C27 XAT BH . 7.57 33.37 -7.48
C28 XAT BH . 7.51 32.09 -7.15
C29 XAT BH . 8.52 31.41 -6.34
C30 XAT BH . 8.20 30.20 -5.88
C31 XAT BH . 9.06 29.41 -5.02
C32 XAT BH . 8.67 28.18 -4.71
C33 XAT BH . 9.50 27.40 -3.77
C34 XAT BH . 8.91 26.36 -3.15
C35 XAT BH . 9.62 25.59 -2.15
C36 XAT BH . 7.91 33.58 -10.23
C37 XAT BH . 5.82 32.35 -10.17
C38 XAT BH . 6.60 35.69 -6.54
C39 XAT BH . 9.84 32.04 -6.04
C40 XAT BH . 10.90 27.78 -3.48
O23 XAT BH . 3.84 36.22 -10.77
O24 XAT BH . 5.12 33.93 -7.61
MG CLA CH . 14.26 22.26 -18.99
CHA CLA CH . 13.31 25.51 -19.70
CHB CLA CH . 17.33 22.86 -20.33
CHC CLA CH . 15.21 19.08 -18.09
CHD CLA CH . 11.07 21.69 -17.58
NA CLA CH . 15.14 23.93 -19.88
C1A CLA CH . 14.58 25.20 -20.07
C2A CLA CH . 15.57 26.13 -20.75
C3A CLA CH . 16.81 25.24 -20.99
C4A CLA CH . 16.42 23.91 -20.36
CMA CLA CH . 17.07 25.09 -22.47
CAA CLA CH . 15.90 27.33 -19.87
CBA CLA CH . 16.90 27.00 -18.78
CGA CLA CH . 16.99 28.13 -17.80
O1A CLA CH . 16.17 28.48 -16.95
O2A CLA CH . 18.16 28.84 -17.91
NB CLA CH . 15.97 21.20 -19.12
C1B CLA CH . 17.08 21.59 -19.79
C2B CLA CH . 18.03 20.45 -19.91
C3B CLA CH . 17.44 19.38 -19.27
C4B CLA CH . 16.12 19.83 -18.76
CMB CLA CH . 19.32 20.55 -20.58
CAB CLA CH . 17.93 18.03 -19.10
CBB CLA CH . 18.18 17.46 -17.92
NC CLA CH . 13.29 20.67 -18.03
C1C CLA CH . 13.88 19.47 -17.75
C2C CLA CH . 12.94 18.62 -17.03
C3C CLA CH . 11.76 19.35 -16.90
C4C CLA CH . 11.99 20.64 -17.52
CMC CLA CH . 13.22 17.26 -16.57
CAC CLA CH . 10.51 18.92 -16.24
CBC CLA CH . 10.41 19.48 -14.83
ND CLA CH . 12.52 23.26 -18.79
C1D CLA CH . 11.28 22.92 -18.17
C2D CLA CH . 10.35 24.07 -18.27
C3D CLA CH . 11.08 25.09 -18.86
C4D CLA CH . 12.42 24.54 -19.13
CMD CLA CH . 8.97 24.07 -17.80
CAD CLA CH . 11.05 26.45 -19.35
OBD CLA CH . 10.12 27.25 -19.42
CBD CLA CH . 12.50 26.78 -19.82
CGD CLA CH . 12.57 27.35 -21.21
O1D CLA CH . 12.54 28.52 -21.55
O2D CLA CH . 12.70 26.40 -22.20
CED CLA CH . 13.23 26.83 -23.44
C1 CLA CH . 18.28 30.03 -17.10
C2 CLA CH . 18.82 29.62 -15.77
C3 CLA CH . 20.11 29.29 -15.56
C4 CLA CH . 21.10 29.33 -16.65
C5 CLA CH . 20.58 28.90 -14.20
C6 CLA CH . 22.06 29.12 -13.98
C7 CLA CH . 22.35 30.55 -13.54
C8 CLA CH . 23.47 30.62 -12.51
C9 CLA CH . 22.96 31.27 -11.24
C10 CLA CH . 24.67 31.38 -13.06
C11 CLA CH . 25.62 31.79 -11.95
C12 CLA CH . 27.08 31.56 -12.32
C13 CLA CH . 27.61 32.68 -13.21
MG CLA DH . 11.85 36.49 -4.52
CHA CLA DH . 11.01 39.72 -5.53
CHB CLA DH . 15.06 37.00 -5.54
CHC CLA DH . 12.62 33.32 -3.45
CHD CLA DH . 8.49 35.98 -3.53
NA CLA DH . 12.85 38.10 -5.40
C1A CLA DH . 12.33 39.36 -5.74
C2A CLA DH . 13.42 40.25 -6.36
C3A CLA DH . 14.65 39.31 -6.44
C4A CLA DH . 14.17 38.04 -5.74
CMA CLA DH . 15.07 39.06 -7.86
CAA CLA DH . 13.72 41.44 -5.48
CBA CLA DH . 13.85 41.07 -4.02
NB CLA DH . 13.52 35.36 -4.53
C1B CLA DH . 14.75 35.77 -4.92
C2B CLA DH . 15.76 34.73 -4.60
C3B CLA DH . 15.09 33.68 -4.01
C4B CLA DH . 13.65 34.07 -3.96
CMB CLA DH . 17.18 34.87 -4.90
CAB CLA DH . 15.58 32.42 -3.52
CBB CLA DH . 15.38 31.95 -2.28
NC CLA DH . 10.75 34.94 -3.67
C1C CLA DH . 11.27 33.72 -3.31
C2C CLA DH . 10.23 32.87 -2.75
C3C CLA DH . 9.05 33.62 -2.76
C4C CLA DH . 9.39 34.92 -3.34
CMC CLA DH . 10.44 31.51 -2.26
CAC CLA DH . 7.72 33.21 -2.28
CBC CLA DH . 6.99 32.33 -3.27
ND CLA DH . 10.12 37.54 -4.50
C1D CLA DH . 8.81 37.21 -4.07
C2D CLA DH . 7.92 38.38 -4.29
C3D CLA DH . 8.72 39.36 -4.83
C4D CLA DH . 10.08 38.80 -4.95
CMD CLA DH . 6.51 38.41 -3.96
CAD CLA DH . 8.78 40.72 -5.33
OBD CLA DH . 7.88 41.57 -5.39
CBD CLA DH . 10.24 40.99 -5.81
CGD CLA DH . 10.33 41.43 -7.24
O1D CLA DH . 11.33 41.57 -7.94
O2D CLA DH . 9.13 41.73 -7.82
CED CLA DH . 8.99 43.02 -8.42
C1 BCR EH . -0.26 18.84 4.06
C2 BCR EH . -0.35 18.87 5.58
C3 BCR EH . -0.45 20.29 6.08
C4 BCR EH . 0.84 21.03 5.74
C5 BCR EH . 1.12 20.92 4.26
C6 BCR EH . 0.75 19.85 3.54
C7 BCR EH . 1.29 19.60 2.19
C8 BCR EH . 0.86 20.24 1.12
C9 BCR EH . 1.44 19.95 -0.21
C10 BCR EH . 2.55 20.59 -0.58
C11 BCR EH . 3.15 20.32 -1.89
C33 BCR EH . 1.87 22.06 3.64
C31 BCR EH . -1.61 19.16 3.46
C32 BCR EH . 0.18 17.45 3.61
C34 BCR EH . 0.81 18.96 -1.13
C12 BCR EH . 4.20 21.04 -2.25
C13 BCR EH . 4.87 20.83 -3.54
C14 BCR EH . 5.86 21.65 -3.90
C15 BCR EH . 6.56 21.48 -5.16
C16 BCR EH . 7.40 22.42 -5.56
C17 BCR EH . 8.12 22.22 -6.81
C18 BCR EH . 9.05 23.09 -7.23
C19 BCR EH . 9.74 22.81 -8.49
C20 BCR EH . 10.80 23.50 -8.87
C21 BCR EH . 11.43 23.12 -10.14
C22 BCR EH . 12.51 23.76 -10.61
C23 BCR EH . 13.08 23.29 -11.88
C24 BCR EH . 14.14 23.89 -12.41
C25 BCR EH . 14.70 23.38 -13.69
C26 BCR EH . 15.11 22.11 -13.76
C27 BCR EH . 15.00 21.39 -15.08
C28 BCR EH . 15.75 22.26 -16.05
C29 BCR EH . 15.06 23.61 -16.20
C30 BCR EH . 14.81 24.32 -14.87
C35 BCR EH . 4.45 19.70 -4.44
C36 BCR EH . 9.38 24.31 -6.42
C37 BCR EH . 13.12 24.90 -9.85
C38 BCR EH . 15.73 21.41 -12.59
C39 BCR EH . 13.50 25.10 -14.97
C40 BCR EH . 15.95 25.30 -14.66
C1 LMG FH . 26.40 25.63 14.51
O1 LMG FH . 26.76 26.95 14.12
C2 LMG FH . 27.41 24.68 13.89
O2 LMG FH . 27.30 24.68 12.46
C3 LMG FH . 27.13 23.27 14.38
O3 LMG FH . 28.10 22.35 13.84
C4 LMG FH . 27.15 23.24 15.90
O4 LMG FH . 28.47 23.57 16.35
C5 LMG FH . 26.16 24.25 16.45
O5 LMG FH . 26.86 23.19 18.51
C6 LMG FH . 26.17 24.32 17.97
O6 LMG FH . 26.48 25.54 15.94
C7 LMG FH . 25.67 27.86 14.23
C8 LMG FH . 25.02 27.96 12.88
C9 LMG FH . 26.13 28.07 11.84
O7 LMG FH . 24.26 26.78 12.66
C10 LMG FH . 23.20 27.00 11.70
O9 LMG FH . 22.63 26.03 11.22
C11 LMG FH . 22.82 28.40 11.30
C12 LMG FH . 21.74 28.32 10.22
C13 LMG FH . 22.37 27.98 8.88
C14 LMG FH . 21.36 27.29 7.98
C15 LMG FH . 20.01 27.15 8.66
C16 LMG FH . 18.90 27.45 7.66
C17 LMG FH . 17.55 26.97 8.18
C18 LMG FH . 16.41 27.72 7.50
O8 LMG FH . 26.52 29.43 11.74
C28 LMG FH . 26.48 30.07 10.44
O10 LMG FH . 27.42 29.92 9.69
C29 LMG FH . 25.29 30.89 10.04
C30 LMG FH . 25.12 30.82 8.53
C31 LMG FH . 25.56 32.12 7.86
C1 BCR GH . -13.91 -33.69 -2.55
C2 BCR GH . -13.85 -35.12 -2.03
C3 BCR GH . -14.71 -36.03 -2.88
C4 BCR GH . -16.16 -35.64 -2.69
C5 BCR GH . -16.35 -34.16 -2.95
C6 BCR GH . -15.33 -33.29 -2.92
C7 BCR GH . -15.59 -31.87 -3.22
C8 BCR GH . -15.59 -31.39 -4.47
C9 BCR GH . -15.87 -29.96 -4.66
C10 BCR GH . -15.66 -29.37 -5.85
C11 BCR GH . -15.15 -30.12 -6.99
C33 BCR GH . -17.74 -33.68 -3.23
C31 BCR GH . -13.02 -33.56 -3.77
C32 BCR GH . -13.44 -32.74 -1.46
C34 BCR GH . -16.39 -29.15 -3.53
C12 BCR GH . -15.13 -29.52 -8.18
C13 BCR GH . -14.64 -30.21 -9.38
C14 BCR GH . -14.98 -29.71 -10.58
C15 BCR GH . -14.53 -30.34 -11.82
C16 BCR GH . -14.60 -29.67 -12.97
C17 BCR GH . -14.16 -30.34 -14.19
C18 BCR GH . -14.32 -29.77 -15.39
C19 BCR GH . -13.86 -30.52 -16.57
C20 BCR GH . -14.09 -30.11 -17.82
C21 BCR GH . -13.58 -30.99 -18.86
C22 BCR GH . -13.76 -30.76 -20.16
C23 BCR GH . -13.18 -31.75 -21.10
C24 BCR GH . -13.60 -31.83 -22.36
C25 BCR GH . -13.04 -32.83 -23.29
C26 BCR GH . -13.40 -34.12 -23.16
C27 BCR GH . -12.70 -35.22 -23.91
C28 BCR GH . -11.31 -34.77 -24.30
C29 BCR GH . -11.42 -33.51 -25.13
C30 BCR GH . -12.09 -32.37 -24.39
C35 BCR GH . -13.77 -31.42 -9.28
C36 BCR GH . -14.96 -28.41 -15.53
C37 BCR GH . -14.51 -29.57 -20.66
C38 BCR GH . -14.58 -34.51 -22.31
C39 BCR GH . -12.92 -31.55 -25.36
C40 BCR GH . -11.00 -31.49 -23.79
MG CLA HH . -26.33 -43.92 -4.20
CHA CLA HH . -27.10 -47.29 -3.88
CHB CLA HH . -26.80 -44.14 -7.57
CHC CLA HH . -25.72 -40.55 -4.45
CHD CLA HH . -25.81 -43.77 -0.71
NA CLA HH . -26.86 -45.49 -5.49
C1A CLA HH . -27.15 -46.82 -5.17
C2A CLA HH . -27.49 -47.62 -6.41
C3A CLA HH . -27.23 -46.63 -7.57
C4A CLA HH . -26.95 -45.31 -6.84
CMA CLA HH . -26.05 -47.07 -8.40
CAA CLA HH . -28.95 -48.05 -6.40
CBA CLA HH . -29.88 -46.90 -6.13
NB CLA HH . -26.25 -42.60 -5.72
C1B CLA HH . -26.53 -42.87 -7.02
C2B CLA HH . -26.49 -41.62 -7.82
C3B CLA HH . -26.18 -40.60 -6.95
C4B CLA HH . -26.02 -41.21 -5.60
CMB CLA HH . -26.73 -41.59 -9.26
CAB CLA HH . -26.01 -39.18 -7.16
CBB CLA HH . -25.40 -38.62 -8.21
NC CLA HH . -25.84 -42.44 -2.82
C1C CLA HH . -25.63 -41.12 -3.14
C2C CLA HH . -25.31 -40.36 -1.94
C3C CLA HH . -25.33 -41.27 -0.88
C4C CLA HH . -25.67 -42.57 -1.44
CMC CLA HH . -25.02 -38.93 -1.90
CAC CLA HH . -25.08 -40.98 0.54
CBC CLA HH . -26.36 -40.91 1.35
ND CLA HH . -26.42 -45.18 -2.62
C1D CLA HH . -26.16 -44.99 -1.24
C2D CLA HH . -26.34 -46.28 -0.53
C3D CLA HH . -26.72 -47.19 -1.49
C4D CLA HH . -26.74 -46.45 -2.78
CMD CLA HH . -26.17 -46.47 0.91
CAD CLA HH . -27.09 -48.57 -1.78
OBD CLA HH . -27.21 -49.51 -1.00
CBD CLA HH . -27.32 -48.68 -3.31
CGD CLA HH . -26.39 -49.68 -3.94
O1D CLA HH . -25.24 -49.95 -3.57
O2D CLA HH . -26.89 -50.32 -5.01
CED CLA HH . -25.98 -51.02 -5.87
MG CLA IH . -17.15 -37.39 -5.54
CHA CLA IH . -18.82 -39.77 -3.67
CHB CLA IH . -20.08 -35.73 -6.06
CHC CLA IH . -15.41 -34.96 -7.25
CHD CLA IH . -14.13 -39.12 -4.95
NA CLA IH . -19.12 -37.72 -4.96
C1A CLA IH . -19.61 -38.76 -4.15
C2A CLA IH . -21.12 -38.62 -3.94
C3A CLA IH . -21.49 -37.41 -4.82
C4A CLA IH . -20.14 -36.89 -5.32
CMA CLA IH . -22.40 -37.81 -5.96
CAA CLA IH . -21.33 -38.25 -2.48
CBA CLA IH . -20.65 -36.93 -2.15
CGA CLA IH . -20.42 -36.74 -0.69
O1A CLA IH . -21.18 -36.97 0.24
O2A CLA IH . -19.18 -36.20 -0.42
NB CLA IH . -17.64 -35.67 -6.47
C1B CLA IH . -18.90 -35.17 -6.59
C2B CLA IH . -18.87 -33.92 -7.39
C3B CLA IH . -17.56 -33.69 -7.73
C4B CLA IH . -16.76 -34.81 -7.16
CMB CLA IH . -20.08 -33.15 -7.69
CAB CLA IH . -16.98 -32.63 -8.50
CBB CLA IH . -17.46 -32.14 -9.65
NC CLA IH . -15.13 -37.11 -6.02
C1C CLA IH . -14.65 -36.04 -6.72
C2C CLA IH . -13.20 -36.16 -6.86
C3C CLA IH . -12.83 -37.33 -6.21
C4C CLA IH . -14.06 -37.93 -5.68
CMC CLA IH . -12.36 -35.18 -7.54
CAC CLA IH . -11.48 -37.88 -6.03
CBC CLA IH . -11.01 -37.76 -4.60
ND CLA IH . -16.55 -39.07 -4.60
C1D CLA IH . -15.28 -39.68 -4.44
C2D CLA IH . -15.43 -40.92 -3.66
C3D CLA IH . -16.77 -41.02 -3.35
C4D CLA IH . -17.42 -39.83 -3.94
CMD CLA IH . -14.33 -41.83 -3.32
CAD CLA IH . -17.80 -41.79 -2.69
OBD CLA IH . -17.72 -42.87 -2.10
CBD CLA IH . -19.15 -41.01 -2.87
CGD CLA IH . -20.18 -41.84 -3.57
O1D CLA IH . -20.01 -42.58 -4.55
O2D CLA IH . -21.42 -41.74 -3.04
CED CLA IH . -22.49 -42.41 -3.74
C1 CLA IH . -18.98 -35.67 0.91
C2 CLA IH . -18.11 -34.49 0.79
C3 CLA IH . -17.02 -34.29 1.56
C4 CLA IH . -16.61 -35.26 2.61
C5 CLA IH . -16.17 -33.08 1.40
C6 CLA IH . -16.12 -32.21 2.65
C7 CLA IH . -17.38 -31.38 2.77
C8 CLA IH . -17.46 -30.59 4.07
C9 CLA IH . -16.65 -31.23 5.18
C10 CLA IH . -18.91 -30.42 4.51
C11 CLA IH . -19.09 -29.25 5.44
C12 CLA IH . -20.27 -28.39 5.00
C13 CLA IH . -21.31 -28.24 6.12
C14 CLA IH . -20.73 -27.49 7.30
C15 CLA IH . -21.84 -29.60 6.56
MG CLA JH . -27.25 -32.76 -12.40
CHA CLA JH . -30.02 -34.72 -13.10
CHB CLA JH . -27.89 -30.87 -15.15
CHC CLA JH . -24.56 -30.79 -11.60
CHD CLA JH . -26.62 -34.77 -9.54
NA CLA JH . -28.72 -32.82 -13.88
C1A CLA JH . -29.79 -33.71 -14.00
C2A CLA JH . -30.63 -33.39 -15.22
C3A CLA JH . -29.85 -32.25 -15.92
C4A CLA JH . -28.75 -31.93 -14.92
CMA CLA JH . -29.31 -32.68 -17.26
CAA CLA JH . -31.98 -32.85 -14.75
CBA CLA JH . -32.95 -32.69 -15.91
CGA CLA JH . -33.46 -34.04 -16.30
O1A CLA JH . -33.86 -34.42 -17.42
O2A CLA JH . -33.46 -34.93 -15.28
NB CLA JH . -26.35 -31.18 -13.25
C1B CLA JH . -26.82 -30.49 -14.33
C2B CLA JH . -26.03 -29.24 -14.52
C3B CLA JH . -25.09 -29.21 -13.52
C4B CLA JH . -25.28 -30.45 -12.70
CMB CLA JH . -26.30 -28.28 -15.58
CAB CLA JH . -24.08 -28.24 -13.22
CBB CLA JH . -23.26 -27.66 -14.11
NC CLA JH . -25.84 -32.79 -10.86
C1C CLA JH . -24.82 -31.89 -10.74
C2C CLA JH . -24.02 -32.20 -9.56
C3C CLA JH . -24.61 -33.33 -8.96
C4C CLA JH . -25.75 -33.69 -9.78
CMC CLA JH . -22.84 -31.45 -9.14
CAC CLA JH . -24.16 -34.01 -7.74
CBC CLA JH . -25.02 -33.70 -6.54
ND CLA JH . -28.10 -34.34 -11.46
C1D CLA JH . -27.71 -35.08 -10.31
C2D CLA JH . -28.68 -36.20 -10.11
C3D CLA JH . -29.58 -36.11 -11.16
C4D CLA JH . -29.17 -34.94 -11.97
CMD CLA JH . -28.64 -37.17 -9.02
CAD CLA JH . -30.77 -36.67 -11.78
OBD CLA JH . -31.45 -37.63 -11.44
CBD CLA JH . -31.05 -35.83 -13.06
CGD CLA JH . -30.97 -36.69 -14.29
O1D CLA JH . -30.09 -36.68 -15.17
O2D CLA JH . -32.00 -37.56 -14.43
CED CLA JH . -31.96 -38.49 -15.52
C1 CLA JH . -34.73 -35.22 -14.66
C1 BCR KH . 9.00 -34.17 -17.95
C2 BCR KH . 10.08 -34.56 -18.97
C3 BCR KH . 10.55 -33.39 -19.82
C4 BCR KH . 9.36 -32.84 -20.58
C5 BCR KH . 8.34 -32.37 -19.58
C6 BCR KH . 8.06 -33.10 -18.49
C7 BCR KH . 6.80 -32.82 -17.78
C8 BCR KH . 5.67 -33.38 -18.22
C9 BCR KH . 4.36 -33.18 -17.59
C10 BCR KH . 3.70 -34.25 -17.14
C11 BCR KH . 2.38 -34.15 -16.52
C33 BCR KH . 7.65 -31.07 -19.82
C31 BCR KH . 9.64 -33.68 -16.67
C32 BCR KH . 8.22 -35.42 -17.59
C34 BCR KH . 3.77 -31.81 -17.48
C12 BCR KH . 1.86 -35.27 -16.04
C13 BCR KH . 0.53 -35.29 -15.42
C14 BCR KH . 0.09 -36.43 -14.86
C15 BCR KH . -1.23 -36.49 -14.27
C16 BCR KH . -1.62 -37.59 -13.62
C17 BCR KH . -2.96 -37.63 -13.05
C18 BCR KH . -3.31 -38.54 -12.13
C19 BCR KH . -4.68 -38.51 -11.61
C20 BCR KH . -5.09 -39.31 -10.62
C21 BCR KH . -6.47 -39.19 -10.19
C22 BCR KH . -6.97 -39.99 -9.25
C23 BCR KH . -8.38 -39.83 -8.84
C24 BCR KH . -9.18 -40.90 -8.90
C25 BCR KH . -10.60 -40.84 -8.53
C26 BCR KH . -10.99 -41.35 -7.36
C27 BCR KH . -12.42 -41.78 -7.10
C28 BCR KH . -13.36 -40.84 -7.84
C29 BCR KH . -12.99 -40.81 -9.32
C30 BCR KH . -11.59 -40.27 -9.53
C35 BCR KH . -0.34 -34.07 -15.42
C36 BCR KH . -2.33 -39.56 -11.65
C37 BCR KH . -6.11 -41.03 -8.59
C38 BCR KH . -9.98 -41.52 -6.25
C39 BCR KH . -11.60 -38.74 -9.42
C40 BCR KH . -11.12 -40.66 -10.92
O1 LHG LH . 19.46 -47.24 -17.58
C1 LHG LH . 18.27 -46.99 -18.23
C2 LHG LH . 17.85 -48.25 -18.97
O2 LHG LH . 17.24 -49.14 -18.08
C3 LHG LH . 19.07 -48.90 -19.62
O3 LHG LH . 18.73 -49.37 -20.88
P LHG LH . 18.81 -48.32 -22.15
O4 LHG LH . 19.70 -47.15 -21.78
O5 LHG LH . 19.38 -49.02 -23.36
O6 LHG LH . 17.27 -47.75 -22.51
C4 LHG LH . 16.87 -46.49 -21.97
C5 LHG LH . 15.33 -46.43 -21.96
C6 LHG LH . 14.77 -47.77 -22.40
O7 LHG LH . 14.88 -46.12 -20.66
C7 LHG LH . 13.80 -45.23 -20.64
O9 LHG LH . 12.86 -45.45 -19.95
C8 LHG LH . 13.83 -43.93 -21.50
C9 LHG LH . 12.64 -43.00 -21.21
C10 LHG LH . 12.69 -41.70 -22.05
O8 LHG LH . 13.37 -47.68 -22.39
C23 LHG LH . 12.79 -47.71 -23.66
O10 LHG LH . 12.21 -48.68 -24.04
C24 LHG LH . 12.89 -46.48 -24.59
C11 LHG LH . 13.41 -40.54 -21.32
C12 LHG LH . 12.43 -39.41 -20.85
C13 LHG LH . 13.10 -38.01 -20.84
C14 LHG LH . 12.36 -37.00 -21.75
C15 LHG LH . 13.34 -36.12 -22.59
C16 LHG LH . 12.74 -35.70 -23.94
C17 LHG LH . 12.28 -34.24 -23.93
C18 LHG LH . 11.14 -33.99 -24.92
C19 LHG LH . 10.66 -32.55 -24.90
C25 LHG LH . 11.53 -46.01 -25.08
C26 LHG LH . 10.58 -45.64 -24.20
C27 LHG LH . 9.18 -45.16 -24.75
C28 LHG LH . 9.30 -43.79 -25.44
C29 LHG LH . 8.01 -43.41 -26.22
C30 LHG LH . 7.60 -44.54 -27.22
C31 LHG LH . 7.91 -44.17 -28.68
C32 LHG LH . 7.52 -42.71 -29.02
C33 LHG LH . 8.32 -42.15 -30.18
C34 LHG LH . 8.02 -42.88 -31.52
C35 LHG LH . 8.59 -42.13 -32.73
C36 LHG LH . 8.64 -43.00 -33.99
C37 LHG LH . 7.25 -43.26 -34.59
C38 LHG LH . 6.47 -41.96 -34.82
C1 BCR MH . 15.93 -35.62 -30.06
C2 BCR MH . 16.66 -35.46 -28.74
C3 BCR MH . 15.71 -35.50 -27.58
C4 BCR MH . 14.62 -34.46 -27.71
C5 BCR MH . 14.16 -34.24 -29.09
C6 BCR MH . 14.74 -34.76 -30.17
C7 BCR MH . 14.24 -34.50 -31.52
C8 BCR MH . 13.30 -35.28 -32.04
C9 BCR MH . 12.81 -35.14 -33.40
C10 BCR MH . 11.64 -35.73 -33.70
C11 BCR MH . 11.13 -35.94 -35.04
C33 BCR MH . 12.98 -33.38 -29.19
C31 BCR MH . 16.92 -35.33 -31.17
C32 BCR MH . 15.52 -37.07 -30.15
C34 BCR MH . 13.74 -34.70 -34.44
C12 BCR MH . 9.93 -36.49 -35.16
C13 BCR MH . 9.26 -36.79 -36.40
C14 BCR MH . 8.00 -37.24 -36.35
C15 BCR MH . 7.31 -37.82 -37.46
C16 BCR MH . 6.37 -38.76 -37.25
C17 BCR MH . 5.33 -38.89 -38.22
C18 BCR MH . 4.22 -39.65 -38.09
C19 BCR MH . 3.30 -39.72 -39.21
C20 BCR MH . 2.39 -40.68 -39.31
C21 BCR MH . 1.61 -40.77 -40.52
C22 BCR MH . 0.51 -41.49 -40.68
C23 BCR MH . -0.24 -41.35 -41.92
C24 BCR MH . -0.94 -42.35 -42.46
C25 BCR MH . -1.39 -42.39 -43.85
C26 BCR MH . -0.57 -42.72 -44.85
C27 BCR MH . -0.91 -42.79 -46.28
C28 BCR MH . -2.40 -42.71 -46.53
C29 BCR MH . -3.01 -41.70 -45.59
C30 BCR MH . -2.82 -42.08 -44.13
C35 BCR MH . 10.03 -36.81 -37.66
C36 BCR MH . 4.00 -40.51 -36.92
C37 BCR MH . -0.07 -42.27 -39.57
C38 BCR MH . 0.85 -43.05 -44.63
C39 BCR MH . -3.36 -40.99 -43.21
C40 BCR MH . -3.70 -43.29 -43.90
FE1 SF4 NH . 20.60 -23.70 10.27
FE2 SF4 NH . 22.85 -24.40 12.17
FE3 SF4 NH . 23.41 -22.72 9.74
FE4 SF4 NH . 22.72 -25.66 9.42
S1 SF4 NH . 24.19 -24.55 10.51
S2 SF4 NH . 21.96 -23.82 8.63
S3 SF4 NH . 21.39 -25.52 11.07
S4 SF4 NH . 22.05 -22.59 11.38
FE1 SF4 OH . 32.77 -18.28 13.58
FE2 SF4 OH . 31.17 -20.39 14.99
FE3 SF4 OH . 31.26 -17.59 16.09
FE4 SF4 OH . 33.75 -19.36 16.20
S1 SF4 OH . 31.72 -19.53 16.86
S2 SF4 OH . 33.29 -17.42 15.46
S3 SF4 OH . 33.19 -20.23 14.32
S4 SF4 OH . 30.74 -18.45 14.21
#